data_5K09
#
_entry.id   5K09
#
_cell.length_a   84.035
_cell.length_b   138.418
_cell.length_c   158.501
_cell.angle_alpha   91.480
_cell.angle_beta   97.190
_cell.angle_gamma   90.160
#
_symmetry.space_group_name_H-M   'P 1'
#
loop_
_entity.id
_entity.type
_entity.pdbx_description
1 polymer 'Catechol O-methyltransferase'
2 non-polymer 5-{3-[(4-methoxyphenyl)methyl]-1H-pyrazol-5-yl}-2,4-dimethyl-1,3-thiazole
3 non-polymer 'POTASSIUM ION'
4 non-polymer 'PHOSPHATE ION'
5 water water
#
_entity_poly.entity_id   1
_entity_poly.type   'polypeptide(L)'
_entity_poly.pdbx_seq_one_letter_code
;GDTKEQRILRYVQQNAKPGDPQSVLEAIDTYCTQKEWAMNVGDAKGQIMDAVIREYSPSLVLELGAYCGYSAVRMARLLQ
PGARLLTMEINPDCAAITQQMLNFAGLQDKVTILNGASQDLIPQLKKKYDVDTLDMVFLDHWKDRYLPDTLLLEECGLLR
KGTVLLADNVIVPGTPDFLAYVRGSSSFECTHYSSYLEYMKVVDGLEKAIYQGPSSD
;
_entity_poly.pdbx_strand_id   A,B,C,D,E,F,G,H,I,J,K,L,M,N,O,P,Q,R,S,T,U,V,W,X
#
loop_
_chem_comp.id
_chem_comp.type
_chem_comp.name
_chem_comp.formula
6PQ non-polymer 5-{3-[(4-methoxyphenyl)methyl]-1H-pyrazol-5-yl}-2,4-dimethyl-1,3-thiazole 'C16 H17 N3 O S'
K non-polymer 'POTASSIUM ION' 'K 1'
PO4 non-polymer 'PHOSPHATE ION' 'O4 P -3'
#
# COMPACT_ATOMS: atom_id res chain seq x y z
N GLY A 1 -13.27 43.94 -8.04
CA GLY A 1 -12.84 43.63 -6.70
C GLY A 1 -13.07 44.76 -5.71
N ASP A 2 -13.29 44.40 -4.45
CA ASP A 2 -13.55 45.38 -3.39
C ASP A 2 -12.71 45.03 -2.17
N THR A 3 -11.77 45.88 -1.78
CA THR A 3 -10.93 45.57 -0.61
C THR A 3 -11.76 45.69 0.66
N LYS A 4 -11.19 45.34 1.79
CA LYS A 4 -12.05 45.27 2.94
C LYS A 4 -12.11 46.63 3.62
N GLU A 5 -11.09 47.47 3.45
CA GLU A 5 -11.21 48.83 3.92
C GLU A 5 -12.32 49.55 3.16
N GLN A 6 -12.43 49.30 1.86
CA GLN A 6 -13.50 49.91 1.07
C GLN A 6 -14.85 49.46 1.58
N ARG A 7 -14.90 48.25 2.10
CA ARG A 7 -16.15 47.71 2.59
C ARG A 7 -16.50 48.33 3.94
N ILE A 8 -15.49 48.67 4.73
CA ILE A 8 -15.76 49.29 6.02
C ILE A 8 -16.31 50.69 5.78
N LEU A 9 -15.72 51.38 4.82
CA LEU A 9 -16.10 52.76 4.52
C LEU A 9 -17.49 52.80 3.91
N ARG A 10 -17.82 51.74 3.18
CA ARG A 10 -19.13 51.64 2.54
C ARG A 10 -20.19 51.30 3.61
N TYR A 11 -19.77 50.62 4.67
CA TYR A 11 -20.69 50.35 5.78
C TYR A 11 -20.96 51.64 6.55
N VAL A 12 -19.90 52.37 6.87
CA VAL A 12 -20.01 53.61 7.62
C VAL A 12 -20.96 54.59 6.92
N GLN A 13 -20.65 54.87 5.66
CA GLN A 13 -21.43 55.77 4.82
C GLN A 13 -22.91 55.39 4.75
N GLN A 14 -23.19 54.11 4.95
CA GLN A 14 -24.54 53.60 4.87
C GLN A 14 -25.25 53.54 6.22
N ASN A 15 -24.52 53.44 7.31
CA ASN A 15 -25.16 53.23 8.62
C ASN A 15 -24.84 54.25 9.70
N ALA A 16 -23.84 55.09 9.49
CA ALA A 16 -23.51 56.12 10.49
C ALA A 16 -24.19 57.47 10.23
N LYS A 17 -24.32 58.28 11.28
CA LYS A 17 -24.90 59.61 11.18
C LYS A 17 -23.84 60.61 10.74
N PRO A 18 -24.07 61.26 9.59
CA PRO A 18 -23.08 62.19 9.03
C PRO A 18 -22.73 63.36 9.95
N GLY A 19 -21.44 63.56 10.18
CA GLY A 19 -20.96 64.66 10.99
C GLY A 19 -20.80 64.30 12.45
N ASP A 20 -21.05 63.04 12.77
CA ASP A 20 -21.04 62.56 14.15
C ASP A 20 -19.96 61.49 14.36
N PRO A 21 -18.78 61.91 14.85
CA PRO A 21 -17.65 60.98 14.97
C PRO A 21 -17.98 59.74 15.80
N GLN A 22 -18.69 59.91 16.91
CA GLN A 22 -19.08 58.78 17.75
C GLN A 22 -19.88 57.74 16.95
N SER A 23 -20.78 58.20 16.09
CA SER A 23 -21.59 57.30 15.26
C SER A 23 -20.71 56.51 14.30
N VAL A 24 -19.74 57.22 13.72
CA VAL A 24 -18.76 56.63 12.83
C VAL A 24 -17.95 55.55 13.54
N LEU A 25 -17.38 55.89 14.70
CA LEU A 25 -16.63 54.93 15.50
C LEU A 25 -17.45 53.69 15.89
N GLU A 26 -18.74 53.85 16.09
CA GLU A 26 -19.59 52.72 16.46
C GLU A 26 -19.99 51.86 15.26
N ALA A 27 -20.06 52.48 14.10
CA ALA A 27 -20.34 51.74 12.89
C ALA A 27 -19.15 50.83 12.60
N ILE A 28 -17.95 51.40 12.64
CA ILE A 28 -16.73 50.63 12.41
C ILE A 28 -16.59 49.48 13.43
N ASP A 29 -16.86 49.78 14.70
CA ASP A 29 -16.75 48.79 15.77
C ASP A 29 -17.71 47.65 15.53
N THR A 30 -18.88 47.99 15.01
CA THR A 30 -19.92 47.00 14.76
C THR A 30 -19.60 46.17 13.51
N TYR A 31 -19.11 46.81 12.45
CA TYR A 31 -18.68 46.04 11.27
C TYR A 31 -17.58 45.04 11.65
N CYS A 32 -16.65 45.48 12.48
CA CYS A 32 -15.55 44.61 12.86
C CYS A 32 -16.02 43.37 13.65
N THR A 33 -16.99 43.52 14.55
CA THR A 33 -17.41 42.36 15.32
C THR A 33 -18.21 41.42 14.41
N GLN A 34 -19.04 41.98 13.53
CA GLN A 34 -19.82 41.13 12.65
C GLN A 34 -18.94 40.40 11.64
N LYS A 35 -18.14 41.13 10.89
CA LYS A 35 -17.35 40.51 9.83
C LYS A 35 -16.01 39.95 10.34
N GLU A 36 -15.89 39.83 11.67
CA GLU A 36 -14.70 39.29 12.33
C GLU A 36 -13.40 39.86 11.78
N TRP A 37 -13.00 40.98 12.37
CA TRP A 37 -11.86 41.76 11.90
C TRP A 37 -11.64 42.82 12.98
N ALA A 38 -10.63 43.67 12.85
CA ALA A 38 -10.29 44.58 13.93
C ALA A 38 -9.44 45.73 13.47
N MET A 39 -9.68 46.91 14.04
CA MET A 39 -8.86 48.09 13.80
C MET A 39 -7.56 48.06 14.59
N ASN A 40 -6.77 49.12 14.46
CA ASN A 40 -5.46 49.16 15.10
C ASN A 40 -5.51 49.41 16.60
N VAL A 41 -6.60 50.00 17.10
CA VAL A 41 -6.80 50.09 18.55
C VAL A 41 -8.18 49.57 18.90
N GLY A 42 -8.31 48.99 20.09
CA GLY A 42 -9.59 48.48 20.55
C GLY A 42 -10.29 49.49 21.43
N ASP A 43 -11.28 49.06 22.20
CA ASP A 43 -11.96 50.01 23.06
C ASP A 43 -11.12 50.35 24.29
N ALA A 44 -10.54 49.33 24.94
CA ALA A 44 -9.75 49.58 26.12
C ALA A 44 -8.61 50.55 25.82
N LYS A 45 -7.96 50.36 24.67
CA LYS A 45 -6.87 51.23 24.29
C LYS A 45 -7.39 52.60 23.92
N GLY A 46 -8.58 52.65 23.31
CA GLY A 46 -9.21 53.92 23.00
C GLY A 46 -9.39 54.78 24.26
N GLN A 47 -9.90 54.17 25.32
CA GLN A 47 -10.10 54.88 26.56
C GLN A 47 -8.78 55.40 27.13
N ILE A 48 -7.70 54.61 27.02
CA ILE A 48 -6.41 55.12 27.43
C ILE A 48 -6.04 56.35 26.59
N MET A 49 -6.15 56.22 25.26
CA MET A 49 -5.91 57.35 24.36
C MET A 49 -6.77 58.55 24.73
N ASP A 50 -8.07 58.31 24.92
CA ASP A 50 -9.02 59.36 25.29
C ASP A 50 -8.53 60.15 26.51
N ALA A 51 -8.11 59.46 27.56
CA ALA A 51 -7.63 60.11 28.77
C ALA A 51 -6.39 60.97 28.52
N VAL A 52 -5.41 60.42 27.82
CA VAL A 52 -4.18 61.16 27.51
C VAL A 52 -4.51 62.48 26.81
N ILE A 53 -5.26 62.41 25.70
CA ILE A 53 -5.66 63.60 24.94
C ILE A 53 -6.38 64.61 25.83
N ARG A 54 -7.32 64.12 26.65
CA ARG A 54 -8.05 64.97 27.57
C ARG A 54 -7.14 65.57 28.63
N GLU A 55 -6.15 64.79 29.08
CA GLU A 55 -5.27 65.30 30.12
C GLU A 55 -4.28 66.36 29.64
N TYR A 56 -3.74 66.19 28.44
CA TYR A 56 -2.68 67.09 27.97
C TYR A 56 -3.17 68.15 26.98
N SER A 57 -4.39 67.98 26.46
CA SER A 57 -5.06 68.95 25.57
C SER A 57 -4.16 69.56 24.51
N PRO A 58 -3.57 68.71 23.64
CA PRO A 58 -2.48 69.09 22.75
C PRO A 58 -2.94 69.92 21.56
N SER A 59 -2.17 70.93 21.20
CA SER A 59 -2.58 71.79 20.10
C SER A 59 -2.17 71.19 18.77
N LEU A 60 -1.18 70.30 18.79
CA LEU A 60 -0.71 69.67 17.57
C LEU A 60 -0.26 68.22 17.81
N VAL A 61 -0.95 67.31 17.15
CA VAL A 61 -0.75 65.89 17.38
C VAL A 61 -0.24 65.20 16.11
N LEU A 62 0.78 64.36 16.25
CA LEU A 62 1.25 63.54 15.14
C LEU A 62 0.89 62.08 15.42
N GLU A 63 0.25 61.44 14.45
CA GLU A 63 -0.05 60.01 14.55
C GLU A 63 0.73 59.29 13.47
N LEU A 64 1.49 58.28 13.85
CA LEU A 64 2.17 57.45 12.85
C LEU A 64 1.43 56.13 12.65
N GLY A 65 0.76 55.99 11.50
CA GLY A 65 0.08 54.73 11.18
C GLY A 65 -1.44 54.81 11.17
N ALA A 66 -2.00 55.47 10.17
CA ALA A 66 -3.42 55.84 10.16
C ALA A 66 -4.36 54.66 9.92
N TYR A 67 -3.95 53.78 9.02
CA TYR A 67 -4.81 52.72 8.51
C TYR A 67 -6.11 53.31 7.94
N CYS A 68 -7.19 53.25 8.71
CA CYS A 68 -8.50 53.58 8.18
C CYS A 68 -9.00 54.94 8.63
N GLY A 69 -8.29 55.51 9.60
CA GLY A 69 -8.71 56.75 10.19
C GLY A 69 -9.54 56.51 11.43
N TYR A 70 -9.67 55.25 11.84
CA TYR A 70 -10.38 54.94 13.09
C TYR A 70 -9.74 55.69 14.24
N SER A 71 -8.44 55.54 14.40
CA SER A 71 -7.70 56.24 15.44
C SER A 71 -7.64 57.74 15.17
N ALA A 72 -7.66 58.16 13.91
CA ALA A 72 -7.75 59.60 13.65
C ALA A 72 -9.11 60.16 14.10
N VAL A 73 -10.21 59.49 13.78
CA VAL A 73 -11.54 59.91 14.24
C VAL A 73 -11.60 59.93 15.77
N ARG A 74 -11.02 58.91 16.38
CA ARG A 74 -10.98 58.78 17.83
C ARG A 74 -10.27 60.00 18.46
N MET A 75 -9.06 60.30 18.02
CA MET A 75 -8.28 61.40 18.60
C MET A 75 -8.77 62.80 18.21
N ALA A 76 -9.11 62.98 16.94
CA ALA A 76 -9.47 64.31 16.45
C ALA A 76 -10.78 64.82 17.04
N ARG A 77 -11.70 63.91 17.38
CA ARG A 77 -12.96 64.34 17.99
C ARG A 77 -12.72 65.00 19.35
N LEU A 78 -11.59 64.69 19.98
CA LEU A 78 -11.29 65.25 21.29
C LEU A 78 -10.50 66.54 21.22
N LEU A 79 -10.01 66.86 20.02
CA LEU A 79 -9.23 68.08 19.84
C LEU A 79 -10.08 69.34 20.06
N GLN A 80 -9.50 70.30 20.78
CA GLN A 80 -10.10 71.59 20.99
C GLN A 80 -10.10 72.40 19.70
N PRO A 81 -10.93 73.46 19.62
CA PRO A 81 -10.88 74.38 18.47
C PRO A 81 -9.49 74.93 18.25
N GLY A 82 -8.94 74.69 17.05
CA GLY A 82 -7.65 75.25 16.71
C GLY A 82 -6.58 74.19 16.64
N ALA A 83 -6.82 73.08 17.33
CA ALA A 83 -5.85 71.99 17.40
C ALA A 83 -5.96 71.12 16.17
N ARG A 84 -4.83 70.57 15.74
CA ARG A 84 -4.87 69.76 14.54
C ARG A 84 -4.06 68.47 14.63
N LEU A 85 -4.49 67.47 13.89
CA LEU A 85 -3.82 66.18 13.85
C LEU A 85 -3.14 65.96 12.50
N LEU A 86 -1.83 65.72 12.53
CA LEU A 86 -1.10 65.21 11.36
C LEU A 86 -1.01 63.71 11.46
N THR A 87 -1.48 62.99 10.45
CA THR A 87 -1.36 61.54 10.49
C THR A 87 -0.70 60.99 9.22
N MET A 88 0.21 60.04 9.42
CA MET A 88 1.00 59.41 8.35
C MET A 88 0.54 58.00 8.06
N GLU A 89 0.39 57.72 6.78
CA GLU A 89 0.00 56.41 6.31
C GLU A 89 0.85 56.08 5.09
N ILE A 90 1.38 54.86 5.04
CA ILE A 90 2.35 54.52 4.01
C ILE A 90 1.68 53.91 2.79
N ASN A 91 0.50 53.31 3.01
CA ASN A 91 -0.29 52.70 1.95
C ASN A 91 -1.31 53.70 1.36
N PRO A 92 -1.09 54.13 0.12
CA PRO A 92 -1.91 55.09 -0.64
C PRO A 92 -3.40 54.86 -0.49
N ASP A 93 -3.83 53.61 -0.63
CA ASP A 93 -5.25 53.30 -0.59
C ASP A 93 -5.80 53.54 0.79
N CYS A 94 -5.06 53.12 1.81
CA CYS A 94 -5.54 53.27 3.18
C CYS A 94 -5.62 54.75 3.54
N ALA A 95 -4.60 55.50 3.16
CA ALA A 95 -4.61 56.95 3.29
C ALA A 95 -5.88 57.53 2.69
N ALA A 96 -6.21 57.12 1.46
CA ALA A 96 -7.43 57.59 0.82
C ALA A 96 -8.67 57.28 1.66
N ILE A 97 -8.84 56.02 2.05
CA ILE A 97 -9.92 55.62 2.95
C ILE A 97 -10.04 56.52 4.17
N THR A 98 -8.90 56.80 4.81
CA THR A 98 -8.85 57.63 6.01
C THR A 98 -9.43 59.02 5.78
N GLN A 99 -9.16 59.60 4.61
CA GLN A 99 -9.70 60.91 4.25
C GLN A 99 -11.22 60.89 4.11
N GLN A 100 -11.73 59.91 3.38
CA GLN A 100 -13.16 59.76 3.22
C GLN A 100 -13.77 59.52 4.58
N MET A 101 -13.01 58.83 5.42
CA MET A 101 -13.52 58.49 6.74
C MET A 101 -13.65 59.75 7.58
N LEU A 102 -12.65 60.63 7.50
CA LEU A 102 -12.68 61.88 8.25
C LEU A 102 -13.71 62.86 7.72
N ASN A 103 -13.86 62.91 6.41
CA ASN A 103 -14.87 63.71 5.76
C ASN A 103 -16.25 63.37 6.27
N PHE A 104 -16.50 62.08 6.43
CA PHE A 104 -17.82 61.64 6.81
C PHE A 104 -18.02 61.90 8.28
N ALA A 105 -16.93 62.05 9.01
CA ALA A 105 -17.06 62.23 10.45
C ALA A 105 -17.21 63.71 10.78
N GLY A 106 -16.89 64.57 9.80
CA GLY A 106 -16.93 66.02 9.98
C GLY A 106 -15.66 66.60 10.58
N LEU A 107 -14.66 65.74 10.82
CA LEU A 107 -13.40 66.18 11.42
C LEU A 107 -12.34 66.59 10.42
N GLN A 108 -12.71 66.73 9.16
CA GLN A 108 -11.72 66.88 8.10
C GLN A 108 -10.93 68.20 8.10
N ASP A 109 -11.39 69.21 8.83
CA ASP A 109 -10.70 70.49 8.85
C ASP A 109 -9.61 70.52 9.91
N LYS A 110 -9.64 69.50 10.78
CA LYS A 110 -8.68 69.38 11.88
C LYS A 110 -7.51 68.48 11.50
N VAL A 111 -7.74 67.54 10.59
CA VAL A 111 -6.74 66.53 10.29
C VAL A 111 -6.15 66.65 8.89
N THR A 112 -4.83 66.72 8.82
CA THR A 112 -4.09 66.56 7.56
C THR A 112 -3.54 65.14 7.43
N ILE A 113 -3.85 64.47 6.32
CA ILE A 113 -3.29 63.14 6.05
C ILE A 113 -2.09 63.21 5.12
N LEU A 114 -1.00 62.52 5.48
CA LEU A 114 0.19 62.45 4.61
C LEU A 114 0.50 61.01 4.17
N ASN A 115 0.45 60.77 2.86
CA ASN A 115 0.87 59.48 2.32
C ASN A 115 2.37 59.43 2.11
N GLY A 116 3.05 58.54 2.83
CA GLY A 116 4.49 58.39 2.73
C GLY A 116 5.07 57.57 3.88
N ALA A 117 6.39 57.38 3.88
CA ALA A 117 7.03 56.64 4.96
C ALA A 117 7.54 57.62 6.00
N SER A 118 7.36 57.26 7.28
CA SER A 118 7.65 58.17 8.38
C SER A 118 9.06 58.78 8.30
N GLN A 119 10.04 57.99 7.87
CA GLN A 119 11.42 58.47 7.89
C GLN A 119 11.69 59.43 6.74
N ASP A 120 10.79 59.47 5.75
CA ASP A 120 10.83 60.50 4.71
C ASP A 120 10.06 61.76 5.13
N LEU A 121 8.95 61.59 5.84
CA LEU A 121 8.02 62.71 6.09
C LEU A 121 8.42 63.56 7.30
N ILE A 122 8.92 62.89 8.32
CA ILE A 122 9.27 63.57 9.55
C ILE A 122 10.28 64.71 9.30
N PRO A 123 11.28 64.49 8.42
CA PRO A 123 12.17 65.63 8.12
C PRO A 123 11.53 66.80 7.38
N GLN A 124 10.53 66.54 6.54
CA GLN A 124 9.86 67.61 5.82
C GLN A 124 8.84 68.41 6.65
N LEU A 125 8.45 67.89 7.81
CA LEU A 125 7.39 68.50 8.63
C LEU A 125 7.59 69.99 8.92
N LYS A 126 8.79 70.38 9.34
CA LYS A 126 9.07 71.79 9.62
C LYS A 126 8.90 72.66 8.39
N LYS A 127 9.59 72.30 7.31
CA LYS A 127 9.66 73.14 6.11
C LYS A 127 8.38 73.08 5.27
N LYS A 128 7.81 71.90 5.12
CA LYS A 128 6.70 71.77 4.19
C LYS A 128 5.32 71.75 4.83
N TYR A 129 5.22 71.67 6.16
CA TYR A 129 3.88 71.67 6.80
C TYR A 129 3.76 72.68 7.94
N ASP A 130 4.79 73.51 8.09
CA ASP A 130 4.89 74.55 9.13
C ASP A 130 4.64 74.00 10.53
N VAL A 131 5.38 72.95 10.85
CA VAL A 131 5.43 72.46 12.21
C VAL A 131 6.59 73.16 12.91
N ASP A 132 6.33 73.64 14.12
CA ASP A 132 7.38 74.14 14.99
C ASP A 132 7.74 72.99 15.93
N THR A 133 6.81 72.66 16.82
CA THR A 133 6.96 71.52 17.71
C THR A 133 5.68 70.72 17.76
N LEU A 134 5.82 69.43 18.06
CA LEU A 134 4.66 68.58 18.29
C LEU A 134 4.29 68.58 19.78
N ASP A 135 3.01 68.46 20.08
CA ASP A 135 2.57 68.47 21.47
C ASP A 135 2.31 67.07 21.93
N MET A 136 2.03 66.20 20.96
CA MET A 136 1.77 64.78 21.22
C MET A 136 2.02 63.92 19.97
N VAL A 137 2.63 62.74 20.18
CA VAL A 137 2.87 61.77 19.11
C VAL A 137 2.29 60.40 19.47
N PHE A 138 1.47 59.86 18.58
CA PHE A 138 0.95 58.50 18.75
C PHE A 138 1.67 57.58 17.77
N LEU A 139 2.41 56.61 18.28
CA LEU A 139 3.09 55.63 17.43
C LEU A 139 2.34 54.30 17.36
N ASP A 140 1.90 53.94 16.16
CA ASP A 140 1.27 52.64 15.91
C ASP A 140 1.61 52.10 14.50
N HIS A 141 2.83 52.35 14.03
CA HIS A 141 3.27 51.84 12.74
C HIS A 141 4.19 50.63 12.91
N TRP A 142 5.29 50.60 12.16
CA TRP A 142 6.21 49.47 12.18
C TRP A 142 7.05 49.45 13.46
N LYS A 143 7.13 48.28 14.11
CA LYS A 143 7.74 48.21 15.43
C LYS A 143 9.23 48.56 15.42
N ASP A 144 9.92 48.25 14.33
CA ASP A 144 11.36 48.45 14.24
C ASP A 144 11.65 49.91 14.02
N ARG A 145 10.62 50.66 13.73
CA ARG A 145 10.79 52.07 13.40
C ARG A 145 10.51 53.02 14.60
N TYR A 146 9.94 52.48 15.71
CA TYR A 146 9.61 53.31 16.87
C TYR A 146 10.80 54.05 17.42
N LEU A 147 11.86 53.30 17.72
CA LEU A 147 13.04 53.92 18.31
C LEU A 147 13.76 54.86 17.34
N PRO A 148 14.05 54.41 16.11
CA PRO A 148 14.71 55.42 15.24
C PRO A 148 13.85 56.65 14.86
N ASP A 149 12.54 56.50 14.64
CA ASP A 149 11.69 57.68 14.36
C ASP A 149 11.67 58.63 15.55
N THR A 150 11.73 58.07 16.75
CA THR A 150 11.80 58.89 17.95
C THR A 150 13.04 59.79 17.95
N LEU A 151 14.20 59.22 17.67
CA LEU A 151 15.40 60.04 17.61
C LEU A 151 15.39 60.94 16.39
N LEU A 152 14.66 60.54 15.35
CA LEU A 152 14.50 61.39 14.17
C LEU A 152 13.68 62.66 14.50
N LEU A 153 12.57 62.47 15.22
CA LEU A 153 11.83 63.62 15.77
C LEU A 153 12.76 64.46 16.62
N GLU A 154 13.50 63.82 17.52
CA GLU A 154 14.45 64.48 18.42
C GLU A 154 15.45 65.31 17.63
N GLU A 155 16.07 64.71 16.62
CA GLU A 155 17.10 65.39 15.87
C GLU A 155 16.52 66.52 15.05
N CYS A 156 15.29 66.33 14.58
CA CYS A 156 14.66 67.33 13.73
C CYS A 156 14.17 68.53 14.54
N GLY A 157 14.15 68.38 15.86
CA GLY A 157 13.72 69.45 16.74
C GLY A 157 12.21 69.57 16.86
N LEU A 158 11.51 68.47 16.67
CA LEU A 158 10.05 68.45 16.70
C LEU A 158 9.47 68.15 18.08
N LEU A 159 10.33 67.85 19.05
CA LEU A 159 9.88 67.65 20.41
C LEU A 159 10.26 68.88 21.24
N ARG A 160 9.38 69.27 22.16
CA ARG A 160 9.74 70.24 23.18
C ARG A 160 9.50 69.60 24.55
N LYS A 161 10.09 70.19 25.60
CA LYS A 161 9.82 69.73 26.96
C LYS A 161 8.30 69.70 27.22
N GLY A 162 7.78 68.52 27.53
CA GLY A 162 6.34 68.36 27.68
C GLY A 162 5.65 67.59 26.58
N THR A 163 6.37 67.33 25.48
CA THR A 163 5.79 66.54 24.39
C THR A 163 5.49 65.12 24.85
N VAL A 164 4.31 64.63 24.53
CA VAL A 164 3.92 63.33 25.01
C VAL A 164 3.94 62.31 23.91
N LEU A 165 4.81 61.32 24.04
CA LEU A 165 4.78 60.16 23.15
C LEU A 165 3.88 59.08 23.75
N LEU A 166 2.96 58.56 22.95
CA LEU A 166 2.14 57.44 23.38
C LEU A 166 2.36 56.33 22.36
N ALA A 167 3.01 55.25 22.81
CA ALA A 167 3.37 54.16 21.91
C ALA A 167 2.45 52.99 22.13
N ASP A 168 1.90 52.45 21.05
CA ASP A 168 1.01 51.30 21.13
C ASP A 168 1.79 49.99 20.98
N ASN A 169 1.22 48.90 21.48
CA ASN A 169 1.79 47.56 21.34
C ASN A 169 3.22 47.41 21.85
N VAL A 170 3.60 48.11 22.91
CA VAL A 170 4.97 47.98 23.37
C VAL A 170 5.20 46.62 24.04
N ILE A 171 4.12 45.87 24.27
CA ILE A 171 4.23 44.56 24.92
C ILE A 171 3.93 43.42 23.98
N VAL A 172 2.83 43.54 23.23
CA VAL A 172 2.47 42.53 22.25
C VAL A 172 2.31 43.15 20.87
N PRO A 173 3.17 42.76 19.90
CA PRO A 173 4.24 41.77 20.00
C PRO A 173 5.49 42.32 20.70
N GLY A 174 5.47 43.60 21.03
CA GLY A 174 6.53 44.21 21.81
C GLY A 174 7.41 45.15 21.01
N THR A 175 7.87 46.22 21.65
CA THR A 175 8.85 47.14 21.07
C THR A 175 10.03 47.30 22.05
N PRO A 176 10.70 46.19 22.38
CA PRO A 176 11.64 46.18 23.50
C PRO A 176 12.84 47.15 23.38
N ASP A 177 13.34 47.36 22.16
CA ASP A 177 14.32 48.41 21.90
C ASP A 177 13.82 49.80 22.31
N PHE A 178 12.64 50.17 21.81
CA PHE A 178 12.04 51.46 22.14
C PHE A 178 11.80 51.62 23.65
N LEU A 179 11.13 50.66 24.28
CA LEU A 179 10.93 50.70 25.74
C LEU A 179 12.21 50.94 26.54
N ALA A 180 13.26 50.17 26.23
CA ALA A 180 14.50 50.27 26.97
C ALA A 180 15.07 51.69 26.92
N TYR A 181 14.98 52.31 25.73
CA TYR A 181 15.55 53.62 25.52
C TYR A 181 14.80 54.71 26.31
N VAL A 182 13.48 54.77 26.19
CA VAL A 182 12.77 55.86 26.87
C VAL A 182 12.76 55.61 28.37
N ARG A 183 12.73 54.34 28.78
CA ARG A 183 12.78 54.03 30.21
C ARG A 183 14.16 54.33 30.79
N GLY A 184 15.21 54.14 29.99
CA GLY A 184 16.57 54.40 30.46
C GLY A 184 17.11 55.79 30.23
N SER A 185 16.62 56.45 29.19
CA SER A 185 17.07 57.82 28.91
C SER A 185 16.58 58.86 29.92
N SER A 186 17.43 59.85 30.16
CA SER A 186 17.07 60.97 31.01
C SER A 186 16.17 61.95 30.27
N SER A 187 16.04 61.73 28.96
CA SER A 187 15.24 62.60 28.09
C SER A 187 13.78 62.20 28.04
N PHE A 188 13.39 61.21 28.85
CA PHE A 188 11.99 60.82 28.90
C PHE A 188 11.50 60.48 30.32
N GLU A 189 10.22 60.69 30.59
CA GLU A 189 9.65 60.31 31.87
C GLU A 189 8.43 59.42 31.66
N CYS A 190 8.64 58.12 31.82
CA CYS A 190 7.72 57.14 31.28
C CYS A 190 6.70 56.61 32.26
N THR A 191 5.61 56.12 31.70
CA THR A 191 4.49 55.56 32.45
C THR A 191 3.85 54.49 31.59
N HIS A 192 3.55 53.33 32.17
CA HIS A 192 2.94 52.27 31.40
C HIS A 192 1.47 52.04 31.74
N TYR A 193 0.64 52.04 30.71
CA TYR A 193 -0.79 51.75 30.82
C TYR A 193 -1.08 50.40 30.21
N SER A 194 -1.64 49.48 30.98
CA SER A 194 -1.87 48.14 30.48
C SER A 194 -3.25 47.97 29.87
N SER A 195 -3.29 47.27 28.75
CA SER A 195 -4.54 46.97 28.11
C SER A 195 -4.78 45.48 28.16
N TYR A 196 -5.91 45.09 28.73
CA TYR A 196 -6.22 43.67 28.86
C TYR A 196 -7.11 43.19 27.73
N LEU A 197 -6.47 42.63 26.70
CA LEU A 197 -7.17 42.12 25.50
C LEU A 197 -7.78 40.74 25.74
N GLU A 198 -7.08 39.91 26.49
CA GLU A 198 -7.62 38.61 26.83
C GLU A 198 -7.04 38.15 28.16
N TYR A 199 -7.90 37.59 28.99
CA TYR A 199 -7.55 37.26 30.37
C TYR A 199 -6.32 36.36 30.46
N MET A 200 -5.34 36.80 31.24
CA MET A 200 -4.06 36.10 31.48
C MET A 200 -3.09 36.04 30.29
N LYS A 201 -3.58 35.79 29.08
CA LYS A 201 -2.71 35.42 27.97
C LYS A 201 -2.38 36.53 26.97
N VAL A 202 -3.31 37.44 26.73
CA VAL A 202 -2.97 38.59 25.89
C VAL A 202 -3.12 39.87 26.67
N VAL A 203 -2.03 40.31 27.26
CA VAL A 203 -2.01 41.54 28.03
C VAL A 203 -0.99 42.48 27.43
N ASP A 204 -1.47 43.52 26.77
CA ASP A 204 -0.63 44.45 26.03
C ASP A 204 -0.47 45.70 26.86
N GLY A 205 -0.07 46.80 26.22
CA GLY A 205 0.05 48.06 26.92
C GLY A 205 0.56 49.18 26.03
N LEU A 206 0.22 50.41 26.39
CA LEU A 206 0.82 51.58 25.78
C LEU A 206 1.87 52.19 26.70
N GLU A 207 2.94 52.73 26.12
CA GLU A 207 3.92 53.49 26.90
C GLU A 207 3.76 54.99 26.66
N LYS A 208 3.60 55.75 27.74
CA LYS A 208 3.51 57.20 27.64
C LYS A 208 4.84 57.78 28.06
N ALA A 209 5.59 58.31 27.09
CA ALA A 209 6.92 58.83 27.36
C ALA A 209 6.96 60.33 27.19
N ILE A 210 7.19 61.04 28.29
CA ILE A 210 7.18 62.50 28.24
C ILE A 210 8.57 63.06 28.03
N TYR A 211 8.75 63.72 26.90
CA TYR A 211 10.02 64.33 26.59
C TYR A 211 10.34 65.37 27.64
N GLN A 212 11.60 65.42 28.05
CA GLN A 212 12.02 66.27 29.15
C GLN A 212 12.87 67.43 28.70
N GLY A 213 13.06 67.54 27.39
CA GLY A 213 13.85 68.60 26.80
C GLY A 213 15.33 68.29 26.86
N PRO A 214 16.14 68.94 26.02
CA PRO A 214 17.61 68.81 26.13
C PRO A 214 18.12 69.21 27.52
N SER A 215 19.32 68.76 27.90
CA SER A 215 19.86 69.09 29.21
C SER A 215 20.45 70.50 29.25
N SER A 216 20.92 70.90 30.42
CA SER A 216 21.53 72.21 30.59
C SER A 216 22.55 72.20 31.72
N ASP A 217 23.67 72.90 31.50
CA ASP A 217 24.75 72.99 32.48
C ASP A 217 25.69 74.17 32.19
N GLY B 1 -38.88 -24.30 -37.76
CA GLY B 1 -38.92 -25.00 -36.49
C GLY B 1 -39.42 -24.11 -35.36
N ASP B 2 -40.42 -24.61 -34.64
CA ASP B 2 -41.01 -23.86 -33.53
C ASP B 2 -40.42 -24.32 -32.20
N THR B 3 -39.31 -23.68 -31.81
CA THR B 3 -38.56 -24.03 -30.59
C THR B 3 -39.42 -23.88 -29.35
N LYS B 4 -38.95 -24.42 -28.23
CA LYS B 4 -39.83 -24.44 -27.08
C LYS B 4 -39.81 -23.10 -26.34
N GLU B 5 -38.72 -22.35 -26.46
CA GLU B 5 -38.67 -21.00 -25.89
C GLU B 5 -39.66 -20.10 -26.59
N GLN B 6 -39.71 -20.21 -27.91
CA GLN B 6 -40.73 -19.51 -28.71
C GLN B 6 -42.14 -19.87 -28.26
N ARG B 7 -42.32 -21.12 -27.87
CA ARG B 7 -43.64 -21.56 -27.44
C ARG B 7 -43.94 -20.97 -26.07
N ILE B 8 -42.92 -20.92 -25.22
CA ILE B 8 -43.08 -20.33 -23.88
C ILE B 8 -43.55 -18.88 -24.04
N LEU B 9 -42.86 -18.13 -24.87
CA LEU B 9 -43.19 -16.75 -25.18
C LEU B 9 -44.63 -16.59 -25.64
N ARG B 10 -45.08 -17.47 -26.54
CA ARG B 10 -46.43 -17.37 -27.07
C ARG B 10 -47.43 -17.57 -25.95
N TYR B 11 -47.13 -18.50 -25.04
CA TYR B 11 -48.03 -18.80 -23.94
C TYR B 11 -48.19 -17.59 -23.03
N VAL B 12 -47.09 -16.93 -22.74
CA VAL B 12 -47.13 -15.74 -21.92
C VAL B 12 -47.97 -14.67 -22.59
N GLN B 13 -47.72 -14.46 -23.88
CA GLN B 13 -48.38 -13.41 -24.65
C GLN B 13 -49.87 -13.60 -24.74
N GLN B 14 -50.33 -14.83 -24.51
CA GLN B 14 -51.74 -15.12 -24.68
C GLN B 14 -52.42 -15.51 -23.38
N ASN B 15 -51.68 -15.47 -22.29
CA ASN B 15 -52.27 -15.79 -20.99
C ASN B 15 -51.90 -14.81 -19.88
N ALA B 16 -50.80 -14.10 -20.04
CA ALA B 16 -50.39 -13.14 -19.03
C ALA B 16 -51.03 -11.77 -19.25
N LYS B 17 -51.15 -11.01 -18.16
CA LYS B 17 -51.60 -9.63 -18.23
C LYS B 17 -50.42 -8.69 -18.57
N PRO B 18 -50.47 -8.08 -19.76
CA PRO B 18 -49.43 -7.16 -20.21
C PRO B 18 -49.07 -6.14 -19.15
N GLY B 19 -47.79 -5.85 -18.97
CA GLY B 19 -47.37 -4.82 -18.02
C GLY B 19 -47.34 -5.29 -16.58
N ASP B 20 -47.86 -6.49 -16.33
CA ASP B 20 -47.79 -7.09 -14.99
C ASP B 20 -46.76 -8.23 -14.90
N PRO B 21 -45.58 -7.95 -14.31
CA PRO B 21 -44.47 -8.90 -14.22
C PRO B 21 -44.84 -10.19 -13.52
N GLN B 22 -45.54 -10.06 -12.39
CA GLN B 22 -46.02 -11.22 -11.64
C GLN B 22 -46.83 -12.13 -12.55
N SER B 23 -47.73 -11.54 -13.31
CA SER B 23 -48.57 -12.29 -14.24
C SER B 23 -47.72 -13.12 -15.20
N VAL B 24 -46.64 -12.51 -15.69
CA VAL B 24 -45.74 -13.19 -16.61
C VAL B 24 -45.04 -14.40 -15.98
N LEU B 25 -44.42 -14.20 -14.81
CA LEU B 25 -43.75 -15.29 -14.08
C LEU B 25 -44.67 -16.47 -13.78
N GLU B 26 -45.86 -16.19 -13.23
CA GLU B 26 -46.88 -17.22 -13.03
C GLU B 26 -47.19 -17.98 -14.31
N ALA B 27 -47.26 -17.25 -15.44
CA ALA B 27 -47.56 -17.86 -16.72
C ALA B 27 -46.45 -18.83 -17.09
N ILE B 28 -45.21 -18.37 -17.04
CA ILE B 28 -44.08 -19.23 -17.31
C ILE B 28 -44.01 -20.45 -16.36
N ASP B 29 -44.20 -20.23 -15.07
CA ASP B 29 -44.24 -21.33 -14.10
C ASP B 29 -45.35 -22.33 -14.46
N THR B 30 -46.47 -21.80 -14.96
CA THR B 30 -47.63 -22.62 -15.25
C THR B 30 -47.42 -23.46 -16.51
N TYR B 31 -46.82 -22.86 -17.53
CA TYR B 31 -46.41 -23.60 -18.71
C TYR B 31 -45.39 -24.67 -18.36
N CYS B 32 -44.39 -24.30 -17.55
CA CYS B 32 -43.33 -25.23 -17.19
C CYS B 32 -43.82 -26.50 -16.48
N THR B 33 -44.85 -26.39 -15.62
CA THR B 33 -45.37 -27.60 -14.97
C THR B 33 -46.30 -28.40 -15.89
N GLN B 34 -46.95 -27.71 -16.81
CA GLN B 34 -47.83 -28.40 -17.76
C GLN B 34 -47.00 -29.18 -18.75
N LYS B 35 -45.91 -28.57 -19.22
CA LYS B 35 -45.08 -29.17 -20.27
C LYS B 35 -43.75 -29.74 -19.74
N GLU B 36 -43.76 -30.22 -18.49
CA GLU B 36 -42.60 -30.83 -17.83
C GLU B 36 -41.26 -30.24 -18.24
N TRP B 37 -41.06 -28.98 -17.86
CA TRP B 37 -39.88 -28.21 -18.24
C TRP B 37 -39.54 -27.34 -17.03
N ALA B 38 -38.47 -26.57 -17.12
CA ALA B 38 -38.03 -25.79 -15.97
C ALA B 38 -37.19 -24.59 -16.42
N MET B 39 -37.26 -23.50 -15.67
CA MET B 39 -36.43 -22.35 -15.97
C MET B 39 -35.09 -22.50 -15.26
N ASN B 40 -34.28 -21.45 -15.27
CA ASN B 40 -32.98 -21.61 -14.64
C ASN B 40 -33.05 -21.43 -13.15
N VAL B 41 -34.10 -20.78 -12.67
CA VAL B 41 -34.38 -20.78 -11.24
C VAL B 41 -35.77 -21.25 -10.95
N GLY B 42 -35.94 -21.91 -9.81
CA GLY B 42 -37.24 -22.39 -9.37
C GLY B 42 -37.89 -21.37 -8.46
N ASP B 43 -39.02 -21.71 -7.87
CA ASP B 43 -39.67 -20.78 -6.96
C ASP B 43 -38.81 -20.57 -5.71
N ALA B 44 -38.25 -21.65 -5.20
CA ALA B 44 -37.43 -21.60 -3.99
C ALA B 44 -36.26 -20.64 -4.16
N LYS B 45 -35.49 -20.82 -5.24
CA LYS B 45 -34.34 -19.96 -5.45
C LYS B 45 -34.79 -18.56 -5.83
N GLY B 46 -35.98 -18.46 -6.38
CA GLY B 46 -36.56 -17.16 -6.68
C GLY B 46 -36.65 -16.33 -5.42
N GLN B 47 -37.23 -16.92 -4.37
CA GLN B 47 -37.35 -16.27 -3.07
C GLN B 47 -36.01 -15.79 -2.51
N ILE B 48 -34.97 -16.59 -2.60
CA ILE B 48 -33.65 -16.13 -2.19
C ILE B 48 -33.20 -14.93 -3.03
N MET B 49 -33.49 -14.95 -4.34
CA MET B 49 -33.12 -13.84 -5.24
C MET B 49 -33.81 -12.57 -4.79
N ASP B 50 -35.13 -12.67 -4.62
CA ASP B 50 -35.96 -11.54 -4.20
C ASP B 50 -35.41 -10.92 -2.94
N ALA B 51 -35.14 -11.75 -1.94
CA ALA B 51 -34.62 -11.31 -0.64
C ALA B 51 -33.26 -10.61 -0.73
N VAL B 52 -32.35 -11.15 -1.54
CA VAL B 52 -31.06 -10.50 -1.68
C VAL B 52 -31.24 -9.14 -2.36
N ILE B 53 -32.13 -9.08 -3.37
CA ILE B 53 -32.40 -7.83 -4.06
C ILE B 53 -32.97 -6.78 -3.10
N ARG B 54 -33.99 -7.18 -2.36
CA ARG B 54 -34.66 -6.31 -1.42
C ARG B 54 -33.72 -5.78 -0.35
N GLU B 55 -32.87 -6.65 0.16
CA GLU B 55 -31.94 -6.28 1.22
C GLU B 55 -30.93 -5.24 0.76
N TYR B 56 -30.38 -5.44 -0.44
CA TYR B 56 -29.24 -4.66 -0.88
C TYR B 56 -29.58 -3.52 -1.85
N SER B 57 -30.80 -3.55 -2.39
CA SER B 57 -31.33 -2.50 -3.31
C SER B 57 -30.34 -1.96 -4.31
N PRO B 58 -29.83 -2.84 -5.17
CA PRO B 58 -28.75 -2.49 -6.09
C PRO B 58 -29.22 -1.57 -7.21
N SER B 59 -28.40 -0.59 -7.57
CA SER B 59 -28.77 0.38 -8.60
C SER B 59 -28.43 -0.13 -9.98
N LEU B 60 -27.46 -1.04 -10.02
CA LEU B 60 -27.02 -1.65 -11.27
C LEU B 60 -26.66 -3.11 -11.04
N VAL B 61 -27.32 -4.00 -11.79
CA VAL B 61 -27.15 -5.45 -11.66
C VAL B 61 -26.72 -6.10 -12.95
N LEU B 62 -25.76 -7.01 -12.87
CA LEU B 62 -25.33 -7.76 -14.03
C LEU B 62 -25.77 -9.19 -13.85
N GLU B 63 -26.59 -9.67 -14.77
CA GLU B 63 -26.95 -11.08 -14.83
C GLU B 63 -26.16 -11.80 -15.94
N LEU B 64 -25.52 -12.92 -15.59
CA LEU B 64 -24.87 -13.75 -16.59
C LEU B 64 -25.67 -15.01 -16.85
N GLY B 65 -26.33 -15.08 -18.02
CA GLY B 65 -27.09 -16.26 -18.39
C GLY B 65 -28.60 -16.10 -18.35
N ALA B 66 -29.12 -15.14 -19.12
CA ALA B 66 -30.54 -14.80 -19.14
C ALA B 66 -31.46 -15.96 -19.45
N TYR B 67 -31.07 -16.76 -20.45
CA TYR B 67 -31.97 -17.72 -21.05
C TYR B 67 -33.21 -16.95 -21.55
N CYS B 68 -34.40 -17.42 -21.21
CA CYS B 68 -35.65 -16.86 -21.71
C CYS B 68 -36.00 -15.49 -21.17
N GLY B 69 -35.37 -15.08 -20.09
CA GLY B 69 -35.68 -13.82 -19.46
C GLY B 69 -36.46 -13.91 -18.14
N TYR B 70 -36.77 -15.14 -17.74
CA TYR B 70 -37.48 -15.38 -16.48
C TYR B 70 -36.80 -14.76 -15.25
N SER B 71 -35.51 -14.97 -15.10
CA SER B 71 -34.82 -14.40 -13.93
C SER B 71 -34.62 -12.87 -14.05
N ALA B 72 -34.60 -12.33 -15.26
CA ALA B 72 -34.53 -10.88 -15.45
C ALA B 72 -35.84 -10.24 -15.00
N VAL B 73 -36.94 -10.85 -15.42
CA VAL B 73 -38.26 -10.37 -15.02
C VAL B 73 -38.38 -10.46 -13.50
N ARG B 74 -37.92 -11.57 -12.94
CA ARG B 74 -38.01 -11.83 -11.51
C ARG B 74 -37.17 -10.82 -10.72
N MET B 75 -36.00 -10.44 -11.24
CA MET B 75 -35.17 -9.45 -10.56
C MET B 75 -35.63 -8.01 -10.83
N ALA B 76 -35.71 -7.62 -12.10
CA ALA B 76 -36.03 -6.24 -12.49
C ALA B 76 -37.30 -5.69 -11.85
N ARG B 77 -38.30 -6.55 -11.70
CA ARG B 77 -39.57 -6.17 -11.10
C ARG B 77 -39.38 -5.59 -9.67
N LEU B 78 -38.26 -5.93 -9.06
CA LEU B 78 -37.94 -5.53 -7.68
C LEU B 78 -36.92 -4.39 -7.63
N LEU B 79 -36.35 -4.06 -8.78
CA LEU B 79 -35.46 -2.92 -8.85
C LEU B 79 -36.21 -1.63 -8.52
N GLN B 80 -35.54 -0.70 -7.83
CA GLN B 80 -36.13 0.60 -7.55
C GLN B 80 -36.06 1.53 -8.77
N PRO B 81 -36.85 2.61 -8.77
CA PRO B 81 -36.74 3.59 -9.88
C PRO B 81 -35.31 4.12 -10.04
N GLY B 82 -34.87 4.17 -11.30
CA GLY B 82 -33.49 4.53 -11.57
C GLY B 82 -32.51 3.37 -11.60
N ALA B 83 -32.91 2.21 -11.06
CA ALA B 83 -32.04 1.04 -11.05
C ALA B 83 -32.08 0.36 -12.41
N ARG B 84 -30.98 -0.27 -12.80
CA ARG B 84 -30.95 -0.99 -14.06
C ARG B 84 -30.36 -2.39 -13.93
N LEU B 85 -30.79 -3.25 -14.83
CA LEU B 85 -30.30 -4.61 -14.94
C LEU B 85 -29.65 -4.77 -16.31
N LEU B 86 -28.39 -5.17 -16.32
CA LEU B 86 -27.68 -5.64 -17.52
C LEU B 86 -27.66 -7.16 -17.57
N THR B 87 -28.31 -7.77 -18.56
CA THR B 87 -28.25 -9.23 -18.62
C THR B 87 -27.61 -9.76 -19.92
N MET B 88 -26.75 -10.77 -19.77
CA MET B 88 -25.97 -11.33 -20.87
C MET B 88 -26.46 -12.70 -21.31
N GLU B 89 -26.54 -12.90 -22.60
CA GLU B 89 -27.03 -14.15 -23.16
C GLU B 89 -26.14 -14.52 -24.33
N ILE B 90 -25.58 -15.73 -24.30
CA ILE B 90 -24.68 -16.19 -25.36
C ILE B 90 -25.46 -16.66 -26.59
N ASN B 91 -26.68 -17.12 -26.40
CA ASN B 91 -27.53 -17.49 -27.53
C ASN B 91 -28.37 -16.36 -28.10
N PRO B 92 -28.19 -16.03 -29.38
CA PRO B 92 -28.89 -14.92 -30.06
C PRO B 92 -30.43 -15.04 -30.02
N ASP B 93 -30.94 -16.26 -30.16
CA ASP B 93 -32.38 -16.47 -30.14
C ASP B 93 -32.95 -16.26 -28.73
N CYS B 94 -32.23 -16.73 -27.73
CA CYS B 94 -32.72 -16.58 -26.37
C CYS B 94 -32.65 -15.12 -25.95
N ALA B 95 -31.70 -14.38 -26.48
CA ALA B 95 -31.62 -12.94 -26.24
C ALA B 95 -32.89 -12.27 -26.74
N ALA B 96 -33.26 -12.59 -27.98
CA ALA B 96 -34.46 -12.05 -28.60
C ALA B 96 -35.76 -12.44 -27.88
N ILE B 97 -35.86 -13.67 -27.41
CA ILE B 97 -37.01 -14.06 -26.58
C ILE B 97 -37.06 -13.22 -25.29
N THR B 98 -35.94 -13.18 -24.57
CA THR B 98 -35.80 -12.34 -23.39
C THR B 98 -36.33 -10.90 -23.61
N GLN B 99 -36.04 -10.30 -24.77
CA GLN B 99 -36.56 -8.96 -25.07
C GLN B 99 -38.09 -8.87 -25.16
N GLN B 100 -38.71 -9.76 -25.92
CA GLN B 100 -40.16 -9.82 -26.04
C GLN B 100 -40.77 -10.00 -24.68
N MET B 101 -40.09 -10.80 -23.86
CA MET B 101 -40.52 -11.09 -22.49
C MET B 101 -40.54 -9.81 -21.64
N LEU B 102 -39.43 -9.09 -21.65
CA LEU B 102 -39.35 -7.82 -20.97
C LEU B 102 -40.28 -6.73 -21.53
N ASN B 103 -40.42 -6.65 -22.85
CA ASN B 103 -41.37 -5.71 -23.44
C ASN B 103 -42.78 -6.01 -22.95
N PHE B 104 -43.11 -7.29 -22.79
CA PHE B 104 -44.45 -7.66 -22.39
C PHE B 104 -44.70 -7.39 -20.91
N ALA B 105 -43.67 -7.56 -20.10
CA ALA B 105 -43.83 -7.39 -18.66
C ALA B 105 -43.86 -5.92 -18.29
N GLY B 106 -43.38 -5.07 -19.19
CA GLY B 106 -43.35 -3.63 -18.95
C GLY B 106 -42.04 -3.21 -18.32
N LEU B 107 -41.13 -4.17 -18.18
CA LEU B 107 -39.86 -3.94 -17.50
C LEU B 107 -38.73 -3.48 -18.40
N GLN B 108 -39.02 -3.22 -19.68
CA GLN B 108 -37.98 -3.03 -20.68
C GLN B 108 -37.17 -1.74 -20.55
N ASP B 109 -37.69 -0.74 -19.87
CA ASP B 109 -36.92 0.49 -19.72
C ASP B 109 -35.88 0.30 -18.62
N LYS B 110 -36.03 -0.74 -17.84
CA LYS B 110 -35.11 -0.98 -16.74
C LYS B 110 -33.94 -1.90 -17.13
N VAL B 111 -34.08 -2.61 -18.24
CA VAL B 111 -33.19 -3.73 -18.57
C VAL B 111 -32.58 -3.71 -19.97
N THR B 112 -31.24 -3.72 -20.05
CA THR B 112 -30.52 -3.89 -21.33
C THR B 112 -30.04 -5.33 -21.53
N ILE B 113 -30.29 -5.90 -22.71
CA ILE B 113 -29.86 -7.26 -23.01
C ILE B 113 -28.63 -7.29 -23.92
N LEU B 114 -27.59 -8.02 -23.50
CA LEU B 114 -26.38 -8.10 -24.31
C LEU B 114 -26.22 -9.49 -24.86
N ASN B 115 -26.18 -9.59 -26.18
CA ASN B 115 -25.93 -10.87 -26.82
C ASN B 115 -24.43 -11.02 -27.04
N GLY B 116 -23.91 -12.15 -26.59
CA GLY B 116 -22.48 -12.40 -26.65
C GLY B 116 -22.03 -13.22 -25.46
N ALA B 117 -20.73 -13.49 -25.44
CA ALA B 117 -20.14 -14.33 -24.41
C ALA B 117 -19.56 -13.45 -23.31
N SER B 118 -19.60 -13.93 -22.08
CA SER B 118 -19.24 -13.12 -20.92
C SER B 118 -17.80 -12.60 -20.97
N GLN B 119 -16.86 -13.41 -21.45
CA GLN B 119 -15.47 -12.98 -21.41
C GLN B 119 -15.21 -11.94 -22.49
N ASP B 120 -16.12 -11.86 -23.46
CA ASP B 120 -16.03 -10.82 -24.48
C ASP B 120 -16.73 -9.52 -24.08
N LEU B 121 -17.92 -9.65 -23.49
CA LEU B 121 -18.75 -8.49 -23.17
C LEU B 121 -18.27 -7.73 -21.95
N ILE B 122 -17.77 -8.47 -20.95
CA ILE B 122 -17.39 -7.84 -19.68
C ILE B 122 -16.26 -6.80 -19.81
N PRO B 123 -15.29 -7.02 -20.71
CA PRO B 123 -14.30 -5.93 -20.78
C PRO B 123 -14.77 -4.74 -21.62
N GLN B 124 -15.87 -4.88 -22.32
CA GLN B 124 -16.48 -3.76 -23.02
C GLN B 124 -17.43 -2.91 -22.13
N LEU B 125 -17.75 -3.38 -20.92
CA LEU B 125 -18.77 -2.74 -20.09
C LEU B 125 -18.43 -1.30 -19.70
N LYS B 126 -17.17 -0.98 -19.41
CA LYS B 126 -16.83 0.39 -19.05
C LYS B 126 -17.00 1.34 -20.23
N LYS B 127 -16.42 0.99 -21.39
CA LYS B 127 -16.40 1.90 -22.53
C LYS B 127 -17.66 1.85 -23.39
N LYS B 128 -18.09 0.66 -23.77
CA LYS B 128 -19.23 0.55 -24.66
C LYS B 128 -20.60 0.64 -23.93
N TYR B 129 -20.61 0.58 -22.60
CA TYR B 129 -21.89 0.62 -21.87
C TYR B 129 -21.90 1.58 -20.68
N ASP B 130 -20.83 2.36 -20.53
CA ASP B 130 -20.65 3.36 -19.46
C ASP B 130 -20.87 2.82 -18.03
N VAL B 131 -20.53 1.57 -17.79
CA VAL B 131 -20.60 1.08 -16.43
C VAL B 131 -19.39 1.55 -15.64
N ASP B 132 -19.61 1.95 -14.41
CA ASP B 132 -18.51 2.24 -13.51
C ASP B 132 -18.29 1.04 -12.60
N THR B 133 -19.27 0.81 -11.73
CA THR B 133 -19.22 -0.34 -10.84
C THR B 133 -20.58 -1.03 -10.81
N LEU B 134 -20.55 -2.35 -10.69
CA LEU B 134 -21.77 -3.12 -10.48
C LEU B 134 -22.09 -3.17 -9.00
N ASP B 135 -23.36 -3.21 -8.64
CA ASP B 135 -23.72 -3.28 -7.22
C ASP B 135 -24.06 -4.72 -6.87
N MET B 136 -24.36 -5.50 -7.90
CA MET B 136 -24.66 -6.90 -7.70
C MET B 136 -24.55 -7.66 -9.02
N VAL B 137 -24.01 -8.87 -8.95
CA VAL B 137 -23.83 -9.76 -10.10
C VAL B 137 -24.58 -11.04 -9.86
N PHE B 138 -25.33 -11.52 -10.82
CA PHE B 138 -25.99 -12.81 -10.65
C PHE B 138 -25.39 -13.83 -11.64
N LEU B 139 -24.81 -14.89 -11.10
CA LEU B 139 -24.07 -15.85 -11.89
C LEU B 139 -24.89 -17.12 -12.11
N ASP B 140 -25.31 -17.36 -13.34
CA ASP B 140 -26.06 -18.57 -13.66
C ASP B 140 -25.78 -19.07 -15.08
N HIS B 141 -24.56 -18.83 -15.57
CA HIS B 141 -24.13 -19.32 -16.87
C HIS B 141 -23.23 -20.56 -16.73
N TRP B 142 -22.19 -20.67 -17.56
CA TRP B 142 -21.40 -21.88 -17.64
C TRP B 142 -20.59 -22.07 -16.38
N LYS B 143 -20.70 -23.25 -15.78
CA LYS B 143 -20.06 -23.54 -14.51
C LYS B 143 -18.53 -23.30 -14.55
N ASP B 144 -17.89 -23.53 -15.68
CA ASP B 144 -16.44 -23.38 -15.71
C ASP B 144 -16.04 -21.91 -15.85
N ARG B 145 -17.02 -21.04 -16.00
CA ARG B 145 -16.70 -19.65 -16.25
C ARG B 145 -16.88 -18.76 -15.03
N TYR B 146 -17.52 -19.29 -13.97
CA TYR B 146 -17.77 -18.50 -12.76
C TYR B 146 -16.47 -17.91 -12.21
N LEU B 147 -15.47 -18.77 -12.02
CA LEU B 147 -14.24 -18.29 -11.38
C LEU B 147 -13.45 -17.31 -12.28
N PRO B 148 -13.14 -17.72 -13.53
CA PRO B 148 -12.41 -16.74 -14.34
C PRO B 148 -13.20 -15.45 -14.65
N ASP B 149 -14.51 -15.53 -14.87
CA ASP B 149 -15.31 -14.29 -15.06
C ASP B 149 -15.29 -13.38 -13.81
N THR B 150 -15.47 -13.97 -12.63
CA THR B 150 -15.28 -13.21 -11.39
C THR B 150 -13.97 -12.41 -11.42
N LEU B 151 -12.86 -13.08 -11.71
CA LEU B 151 -11.57 -12.42 -11.66
C LEU B 151 -11.45 -11.37 -12.76
N LEU B 152 -12.12 -11.62 -13.88
CA LEU B 152 -12.19 -10.66 -14.97
C LEU B 152 -12.99 -9.40 -14.56
N LEU B 153 -14.06 -9.58 -13.77
CA LEU B 153 -14.77 -8.46 -13.15
C LEU B 153 -13.88 -7.66 -12.22
N GLU B 154 -13.09 -8.35 -11.40
CA GLU B 154 -12.12 -7.70 -10.53
C GLU B 154 -11.14 -6.86 -11.32
N GLU B 155 -10.52 -7.47 -12.32
CA GLU B 155 -9.47 -6.83 -13.11
C GLU B 155 -9.99 -5.67 -13.96
N CYS B 156 -11.26 -5.72 -14.35
CA CYS B 156 -11.84 -4.64 -15.14
C CYS B 156 -12.26 -3.46 -14.25
N GLY B 157 -12.31 -3.73 -12.94
CA GLY B 157 -12.60 -2.74 -11.93
C GLY B 157 -14.08 -2.49 -11.80
N LEU B 158 -14.88 -3.53 -12.00
CA LEU B 158 -16.32 -3.40 -11.97
C LEU B 158 -16.90 -3.77 -10.60
N LEU B 159 -16.06 -4.26 -9.69
CA LEU B 159 -16.47 -4.53 -8.31
C LEU B 159 -16.00 -3.41 -7.41
N ARG B 160 -16.87 -3.01 -6.49
CA ARG B 160 -16.50 -2.06 -5.44
C ARG B 160 -16.81 -2.68 -4.09
N LYS B 161 -16.27 -2.09 -3.02
CA LYS B 161 -16.55 -2.59 -1.67
C LYS B 161 -18.07 -2.56 -1.44
N GLY B 162 -18.63 -3.69 -1.07
CA GLY B 162 -20.08 -3.78 -0.95
C GLY B 162 -20.77 -4.53 -2.07
N THR B 163 -20.06 -4.78 -3.16
CA THR B 163 -20.67 -5.44 -4.32
C THR B 163 -21.06 -6.88 -3.96
N VAL B 164 -22.14 -7.35 -4.55
CA VAL B 164 -22.74 -8.59 -4.14
C VAL B 164 -22.75 -9.56 -5.30
N LEU B 165 -21.91 -10.58 -5.23
CA LEU B 165 -22.00 -11.71 -6.14
C LEU B 165 -23.00 -12.70 -5.59
N LEU B 166 -23.87 -13.19 -6.45
CA LEU B 166 -24.82 -14.20 -6.04
C LEU B 166 -24.73 -15.24 -7.12
N ALA B 167 -24.24 -16.40 -6.74
CA ALA B 167 -23.89 -17.43 -7.70
C ALA B 167 -24.80 -18.62 -7.55
N ASP B 168 -25.40 -19.07 -8.65
CA ASP B 168 -26.33 -20.18 -8.58
C ASP B 168 -25.63 -21.51 -8.86
N ASN B 169 -26.21 -22.59 -8.36
CA ASN B 169 -25.78 -23.94 -8.67
C ASN B 169 -24.38 -24.30 -8.18
N VAL B 170 -23.94 -23.64 -7.12
CA VAL B 170 -22.60 -23.86 -6.58
C VAL B 170 -22.47 -25.24 -5.91
N ILE B 171 -23.58 -25.97 -5.82
CA ILE B 171 -23.55 -27.34 -5.26
C ILE B 171 -23.99 -28.40 -6.29
N VAL B 172 -24.97 -28.09 -7.13
CA VAL B 172 -25.47 -29.05 -8.12
C VAL B 172 -25.59 -28.40 -9.50
N PRO B 173 -24.79 -28.87 -10.47
CA PRO B 173 -23.76 -29.91 -10.39
C PRO B 173 -22.50 -29.44 -9.64
N GLY B 174 -22.46 -28.18 -9.26
CA GLY B 174 -21.40 -27.68 -8.41
C GLY B 174 -20.43 -26.79 -9.15
N THR B 175 -19.97 -25.75 -8.46
CA THR B 175 -18.90 -24.89 -8.95
C THR B 175 -17.77 -24.78 -7.93
N PRO B 176 -17.15 -25.93 -7.57
CA PRO B 176 -16.19 -25.99 -6.47
C PRO B 176 -14.97 -25.04 -6.54
N ASP B 177 -14.33 -24.93 -7.70
CA ASP B 177 -13.25 -23.96 -7.90
C ASP B 177 -13.63 -22.55 -7.46
N PHE B 178 -14.78 -22.05 -7.94
CA PHE B 178 -15.33 -20.76 -7.54
C PHE B 178 -15.56 -20.69 -6.03
N LEU B 179 -16.20 -21.70 -5.46
CA LEU B 179 -16.51 -21.72 -4.03
C LEU B 179 -15.24 -21.63 -3.22
N ALA B 180 -14.24 -22.42 -3.62
CA ALA B 180 -12.96 -22.42 -2.94
C ALA B 180 -12.39 -21.01 -2.96
N TYR B 181 -12.41 -20.41 -4.15
CA TYR B 181 -11.89 -19.05 -4.31
C TYR B 181 -12.57 -18.03 -3.39
N VAL B 182 -13.90 -17.88 -3.44
CA VAL B 182 -14.50 -16.77 -2.67
C VAL B 182 -14.53 -17.06 -1.16
N ARG B 183 -14.72 -18.31 -0.77
CA ARG B 183 -14.66 -18.65 0.65
C ARG B 183 -13.21 -18.58 1.20
N GLY B 184 -12.22 -18.72 0.33
CA GLY B 184 -10.84 -18.75 0.76
C GLY B 184 -10.13 -17.41 0.73
N SER B 185 -10.74 -16.48 0.00
CA SER B 185 -10.11 -15.20 -0.32
C SER B 185 -10.50 -14.10 0.65
N SER B 186 -9.53 -13.27 1.02
CA SER B 186 -9.81 -12.20 1.94
C SER B 186 -10.68 -11.09 1.33
N SER B 187 -10.90 -11.16 0.02
CA SER B 187 -11.62 -10.12 -0.72
C SER B 187 -13.13 -10.34 -0.75
N PHE B 188 -13.60 -11.48 -0.23
CA PHE B 188 -15.04 -11.74 -0.20
C PHE B 188 -15.51 -12.21 1.19
N GLU B 189 -16.74 -11.83 1.54
CA GLU B 189 -17.40 -12.33 2.73
C GLU B 189 -18.60 -13.16 2.34
N CYS B 190 -18.53 -14.46 2.57
CA CYS B 190 -19.48 -15.39 1.96
C CYS B 190 -20.56 -15.92 2.90
N THR B 191 -21.69 -16.22 2.31
CA THR B 191 -22.81 -16.81 3.01
C THR B 191 -23.45 -17.80 2.08
N HIS B 192 -23.86 -18.94 2.60
CA HIS B 192 -24.45 -19.93 1.74
C HIS B 192 -25.93 -20.06 2.02
N TYR B 193 -26.72 -19.95 0.97
CA TYR B 193 -28.14 -20.16 1.05
C TYR B 193 -28.45 -21.49 0.39
N SER B 194 -29.28 -22.30 1.04
CA SER B 194 -29.63 -23.64 0.55
C SER B 194 -30.96 -23.68 -0.15
N SER B 195 -31.10 -24.67 -1.02
CA SER B 195 -32.22 -24.73 -1.93
C SER B 195 -32.71 -26.17 -2.04
N TYR B 196 -33.82 -26.49 -1.37
CA TYR B 196 -34.27 -27.87 -1.33
C TYR B 196 -35.16 -28.17 -2.53
N LEU B 197 -34.56 -28.80 -3.54
CA LEU B 197 -35.27 -29.17 -4.76
C LEU B 197 -35.94 -30.52 -4.58
N GLU B 198 -35.30 -31.39 -3.82
CA GLU B 198 -35.88 -32.68 -3.49
C GLU B 198 -35.34 -33.14 -2.13
N TYR B 199 -36.21 -33.72 -1.30
CA TYR B 199 -35.82 -34.21 0.02
C TYR B 199 -34.61 -35.14 0.00
N MET B 200 -33.62 -34.83 0.82
CA MET B 200 -32.35 -35.58 0.94
C MET B 200 -31.40 -35.56 -0.29
N LYS B 201 -31.91 -35.91 -1.46
CA LYS B 201 -31.02 -36.21 -2.55
C LYS B 201 -30.68 -35.04 -3.47
N VAL B 202 -31.58 -34.07 -3.63
CA VAL B 202 -31.25 -32.90 -4.45
C VAL B 202 -31.27 -31.60 -3.65
N VAL B 203 -30.19 -31.31 -2.95
CA VAL B 203 -30.11 -30.06 -2.20
C VAL B 203 -29.02 -29.16 -2.77
N ASP B 204 -29.43 -28.12 -3.48
CA ASP B 204 -28.50 -27.20 -4.12
C ASP B 204 -28.36 -25.99 -3.23
N GLY B 205 -27.68 -24.95 -3.72
CA GLY B 205 -27.51 -23.74 -2.96
C GLY B 205 -27.08 -22.56 -3.80
N LEU B 206 -27.16 -21.36 -3.20
CA LEU B 206 -26.59 -20.17 -3.81
C LEU B 206 -25.50 -19.62 -2.93
N GLU B 207 -24.44 -19.10 -3.53
CA GLU B 207 -23.45 -18.42 -2.71
C GLU B 207 -23.62 -16.92 -2.89
N LYS B 208 -23.61 -16.22 -1.78
CA LYS B 208 -23.56 -14.78 -1.77
C LYS B 208 -22.18 -14.39 -1.30
N ALA B 209 -21.38 -13.84 -2.21
CA ALA B 209 -20.05 -13.39 -1.85
C ALA B 209 -20.01 -11.87 -1.93
N ILE B 210 -19.50 -11.22 -0.90
CA ILE B 210 -19.53 -9.78 -0.91
C ILE B 210 -18.13 -9.20 -0.98
N TYR B 211 -17.83 -8.59 -2.13
CA TYR B 211 -16.54 -7.97 -2.35
C TYR B 211 -16.19 -6.95 -1.26
N GLN B 212 -14.95 -7.02 -0.78
CA GLN B 212 -14.47 -6.17 0.30
C GLN B 212 -13.49 -5.14 -0.21
N GLY B 213 -13.43 -4.99 -1.51
CA GLY B 213 -12.46 -4.09 -2.12
C GLY B 213 -11.05 -4.65 -2.15
N PRO B 214 -10.15 -3.93 -2.84
CA PRO B 214 -8.72 -4.25 -2.83
C PRO B 214 -8.00 -3.57 -1.66
N SER B 215 -6.73 -3.93 -1.41
CA SER B 215 -5.91 -3.25 -0.41
C SER B 215 -4.43 -3.25 -0.79
N GLY C 1 43.95 32.72 0.32
CA GLY C 1 42.64 32.25 0.74
C GLY C 1 41.90 31.42 -0.31
N ASP C 2 41.37 30.28 0.12
CA ASP C 2 40.53 29.44 -0.74
C ASP C 2 39.31 28.95 0.04
N THR C 3 38.14 29.52 -0.27
CA THR C 3 36.98 29.46 0.62
C THR C 3 36.01 28.29 0.41
N LYS C 4 34.96 28.28 1.22
CA LYS C 4 33.98 27.21 1.17
C LYS C 4 33.26 27.26 -0.18
N GLU C 5 32.81 28.45 -0.54
CA GLU C 5 32.08 28.66 -1.78
C GLU C 5 32.93 28.29 -2.99
N GLN C 6 34.18 28.74 -2.99
CA GLN C 6 35.13 28.39 -4.05
C GLN C 6 35.29 26.88 -4.21
N ARG C 7 35.49 26.18 -3.08
CA ARG C 7 35.63 24.75 -3.11
C ARG C 7 34.38 24.06 -3.67
N ILE C 8 33.20 24.59 -3.35
CA ILE C 8 31.94 24.05 -3.87
C ILE C 8 31.88 24.23 -5.38
N LEU C 9 32.29 25.40 -5.83
CA LEU C 9 32.28 25.69 -7.25
C LEU C 9 33.19 24.70 -7.95
N ARG C 10 34.44 24.62 -7.50
CA ARG C 10 35.41 23.75 -8.14
C ARG C 10 34.85 22.34 -8.24
N TYR C 11 34.19 21.91 -7.17
CA TYR C 11 33.63 20.56 -7.13
C TYR C 11 32.69 20.37 -8.28
N VAL C 12 31.75 21.29 -8.41
CA VAL C 12 30.85 21.27 -9.55
C VAL C 12 31.62 21.22 -10.88
N GLN C 13 32.61 22.09 -11.04
CA GLN C 13 33.33 22.22 -12.32
C GLN C 13 34.11 20.95 -12.65
N GLN C 14 34.49 20.20 -11.62
CA GLN C 14 35.19 18.96 -11.80
C GLN C 14 34.27 17.79 -12.13
N ASN C 15 33.04 17.84 -11.62
CA ASN C 15 32.22 16.64 -11.57
C ASN C 15 30.93 16.65 -12.38
N ALA C 16 30.26 17.80 -12.46
CA ALA C 16 28.94 17.85 -13.08
C ALA C 16 29.01 17.90 -14.62
N LYS C 17 28.00 17.36 -15.27
CA LYS C 17 27.87 17.45 -16.73
C LYS C 17 27.52 18.88 -17.14
N PRO C 18 28.34 19.47 -18.00
CA PRO C 18 28.19 20.87 -18.38
C PRO C 18 26.93 21.11 -19.19
N GLY C 19 26.31 22.28 -19.01
CA GLY C 19 25.08 22.63 -19.68
C GLY C 19 23.89 21.86 -19.15
N ASP C 20 24.09 21.18 -18.01
CA ASP C 20 23.04 20.35 -17.43
C ASP C 20 22.71 20.77 -15.98
N PRO C 21 21.74 21.68 -15.81
CA PRO C 21 21.37 22.24 -14.51
C PRO C 21 21.00 21.20 -13.44
N GLN C 22 20.26 20.16 -13.82
CA GLN C 22 19.91 19.12 -12.86
C GLN C 22 21.19 18.52 -12.28
N SER C 23 22.14 18.22 -13.16
CA SER C 23 23.45 17.72 -12.77
C SER C 23 24.15 18.64 -11.79
N VAL C 24 24.28 19.92 -12.17
CA VAL C 24 24.90 20.93 -11.30
C VAL C 24 24.25 20.97 -9.91
N LEU C 25 22.91 20.91 -9.86
CA LEU C 25 22.22 20.89 -8.57
C LEU C 25 22.63 19.67 -7.74
N GLU C 26 22.61 18.50 -8.36
CA GLU C 26 22.97 17.27 -7.68
C GLU C 26 24.43 17.29 -7.25
N ALA C 27 25.29 17.95 -8.04
CA ALA C 27 26.69 18.07 -7.66
C ALA C 27 26.81 18.81 -6.32
N ILE C 28 26.29 20.03 -6.27
CA ILE C 28 26.27 20.80 -5.03
C ILE C 28 25.63 20.01 -3.88
N ASP C 29 24.51 19.33 -4.17
CA ASP C 29 23.82 18.55 -3.13
C ASP C 29 24.77 17.54 -2.54
N THR C 30 25.48 16.85 -3.41
CA THR C 30 26.43 15.82 -3.02
C THR C 30 27.58 16.40 -2.19
N TYR C 31 28.19 17.48 -2.70
CA TYR C 31 29.32 18.07 -2.01
C TYR C 31 28.91 18.52 -0.60
N CYS C 32 27.74 19.13 -0.51
CA CYS C 32 27.27 19.67 0.75
C CYS C 32 27.01 18.56 1.80
N THR C 33 26.47 17.41 1.40
CA THR C 33 26.27 16.36 2.39
C THR C 33 27.60 15.75 2.82
N GLN C 34 28.56 15.67 1.89
CA GLN C 34 29.89 15.16 2.22
C GLN C 34 30.63 16.08 3.17
N LYS C 35 30.41 17.38 3.03
CA LYS C 35 31.22 18.34 3.75
C LYS C 35 30.45 19.06 4.85
N GLU C 36 29.29 18.52 5.20
CA GLU C 36 28.48 19.02 6.31
C GLU C 36 28.24 20.53 6.20
N TRP C 37 27.59 20.93 5.12
CA TRP C 37 27.31 22.33 4.81
C TRP C 37 25.94 22.37 4.10
N ALA C 38 25.39 23.56 3.90
CA ALA C 38 24.02 23.67 3.41
C ALA C 38 23.86 24.84 2.44
N MET C 39 23.07 24.65 1.38
CA MET C 39 22.73 25.80 0.54
C MET C 39 21.65 26.61 1.26
N ASN C 40 21.03 27.54 0.55
CA ASN C 40 20.06 28.42 1.18
C ASN C 40 18.64 27.91 0.97
N VAL C 41 18.48 26.95 0.06
CA VAL C 41 17.24 26.18 0.05
C VAL C 41 17.61 24.72 -0.17
N GLY C 42 16.85 23.79 0.39
CA GLY C 42 17.14 22.38 0.21
C GLY C 42 16.30 21.79 -0.89
N ASP C 43 16.08 20.48 -0.85
CA ASP C 43 15.29 19.84 -1.90
C ASP C 43 13.81 19.92 -1.52
N ALA C 44 13.55 20.02 -0.23
CA ALA C 44 12.19 20.24 0.26
C ALA C 44 11.63 21.54 -0.28
N LYS C 45 12.28 22.64 0.06
CA LYS C 45 11.88 23.94 -0.42
C LYS C 45 12.04 24.05 -1.92
N GLY C 46 13.04 23.36 -2.46
CA GLY C 46 13.33 23.39 -3.88
C GLY C 46 12.18 22.88 -4.71
N GLN C 47 11.51 21.83 -4.24
CA GLN C 47 10.41 21.27 -5.00
C GLN C 47 9.21 22.21 -4.98
N ILE C 48 9.10 23.02 -3.93
CA ILE C 48 8.04 24.02 -3.80
C ILE C 48 8.29 25.19 -4.77
N MET C 49 9.48 25.76 -4.72
CA MET C 49 9.92 26.69 -5.74
C MET C 49 9.61 26.15 -7.15
N ASP C 50 9.85 24.86 -7.35
CA ASP C 50 9.61 24.23 -8.63
C ASP C 50 8.15 24.37 -9.00
N ALA C 51 7.28 23.84 -8.14
CA ALA C 51 5.84 23.84 -8.38
C ALA C 51 5.29 25.24 -8.66
N VAL C 52 5.85 26.22 -7.95
CA VAL C 52 5.37 27.57 -8.07
C VAL C 52 5.74 28.11 -9.46
N ILE C 53 7.01 27.97 -9.84
CA ILE C 53 7.47 28.45 -11.15
C ILE C 53 6.77 27.76 -12.32
N ARG C 54 6.53 26.45 -12.21
CA ARG C 54 5.77 25.74 -13.22
C ARG C 54 4.33 26.25 -13.32
N GLU C 55 3.73 26.58 -12.18
CA GLU C 55 2.34 27.00 -12.16
C GLU C 55 2.11 28.36 -12.80
N TYR C 56 2.96 29.32 -12.46
CA TYR C 56 2.76 30.71 -12.89
C TYR C 56 3.58 31.08 -14.13
N SER C 57 4.51 30.23 -14.51
CA SER C 57 5.31 30.40 -15.74
C SER C 57 5.81 31.81 -16.01
N PRO C 58 6.44 32.46 -15.01
CA PRO C 58 6.76 33.89 -15.06
C PRO C 58 7.83 34.29 -16.09
N SER C 59 7.66 35.45 -16.69
CA SER C 59 8.56 35.89 -17.75
C SER C 59 9.77 36.71 -17.25
N LEU C 60 9.66 37.24 -16.04
CA LEU C 60 10.75 38.00 -15.45
C LEU C 60 10.77 37.78 -13.95
N VAL C 61 11.80 37.13 -13.45
CA VAL C 61 11.88 36.76 -12.04
C VAL C 61 13.01 37.53 -11.34
N LEU C 62 12.74 38.03 -10.14
CA LEU C 62 13.76 38.67 -9.32
C LEU C 62 14.01 37.87 -8.07
N GLU C 63 15.28 37.49 -7.84
CA GLU C 63 15.72 36.78 -6.65
C GLU C 63 16.54 37.70 -5.75
N LEU C 64 16.18 37.76 -4.46
CA LEU C 64 16.96 38.53 -3.49
C LEU C 64 17.76 37.62 -2.54
N GLY C 65 19.07 37.58 -2.76
CA GLY C 65 19.95 36.71 -2.00
C GLY C 65 20.28 35.49 -2.83
N ALA C 66 21.35 35.58 -3.61
CA ALA C 66 21.71 34.54 -4.56
C ALA C 66 22.56 33.46 -3.92
N TYR C 67 23.42 33.88 -3.00
CA TYR C 67 24.51 33.07 -2.48
C TYR C 67 25.35 32.56 -3.65
N CYS C 68 25.37 31.25 -3.86
CA CYS C 68 26.31 30.65 -4.80
C CYS C 68 25.69 30.31 -6.14
N GLY C 69 24.39 30.57 -6.25
CA GLY C 69 23.69 30.34 -7.49
C GLY C 69 22.82 29.11 -7.49
N TYR C 70 22.73 28.42 -6.35
CA TYR C 70 21.97 27.18 -6.25
C TYR C 70 20.50 27.45 -6.55
N SER C 71 19.95 28.47 -5.90
CA SER C 71 18.56 28.79 -6.12
C SER C 71 18.34 29.41 -7.51
N ALA C 72 19.31 30.14 -8.03
CA ALA C 72 19.21 30.66 -9.40
C ALA C 72 19.20 29.54 -10.44
N VAL C 73 20.10 28.57 -10.27
CA VAL C 73 20.14 27.38 -11.10
C VAL C 73 18.85 26.59 -10.96
N ARG C 74 18.32 26.52 -9.73
CA ARG C 74 17.07 25.83 -9.45
C ARG C 74 15.91 26.40 -10.27
N MET C 75 15.81 27.73 -10.26
CA MET C 75 14.70 28.45 -10.84
C MET C 75 14.83 28.66 -12.34
N ALA C 76 15.96 29.22 -12.76
CA ALA C 76 16.13 29.57 -14.16
C ALA C 76 16.07 28.35 -15.07
N ARG C 77 16.37 27.19 -14.51
CA ARG C 77 16.32 25.95 -15.27
C ARG C 77 14.90 25.63 -15.74
N LEU C 78 13.91 26.20 -15.05
CA LEU C 78 12.49 25.98 -15.37
C LEU C 78 11.86 27.09 -16.19
N LEU C 79 12.57 28.19 -16.39
CA LEU C 79 12.10 29.31 -17.19
C LEU C 79 11.99 28.99 -18.69
N GLN C 80 10.84 29.33 -19.26
CA GLN C 80 10.56 29.23 -20.70
C GLN C 80 11.60 29.95 -21.56
N PRO C 81 11.70 29.58 -22.85
CA PRO C 81 12.54 30.35 -23.77
C PRO C 81 12.06 31.80 -23.90
N GLY C 82 12.94 32.75 -23.62
CA GLY C 82 12.56 34.14 -23.63
C GLY C 82 12.52 34.76 -22.25
N ALA C 83 12.21 33.94 -21.25
CA ALA C 83 12.12 34.39 -19.87
C ALA C 83 13.50 34.66 -19.27
N ARG C 84 13.52 35.53 -18.26
CA ARG C 84 14.75 35.99 -17.63
C ARG C 84 14.71 35.93 -16.09
N LEU C 85 15.89 36.01 -15.50
CA LEU C 85 16.06 36.05 -14.07
C LEU C 85 17.02 37.15 -13.70
N LEU C 86 16.58 37.96 -12.74
CA LEU C 86 17.40 38.99 -12.14
C LEU C 86 17.72 38.60 -10.74
N THR C 87 19.00 38.48 -10.39
CA THR C 87 19.33 38.02 -9.06
C THR C 87 20.30 38.94 -8.33
N MET C 88 19.97 39.28 -7.09
CA MET C 88 20.77 40.21 -6.31
C MET C 88 21.57 39.52 -5.22
N GLU C 89 22.84 39.88 -5.13
CA GLU C 89 23.74 39.32 -4.14
C GLU C 89 24.61 40.43 -3.58
N ILE C 90 24.59 40.61 -2.25
CA ILE C 90 25.32 41.72 -1.63
C ILE C 90 26.82 41.46 -1.58
N ASN C 91 27.22 40.19 -1.56
CA ASN C 91 28.64 39.86 -1.51
C ASN C 91 29.29 39.71 -2.90
N PRO C 92 30.32 40.52 -3.17
CA PRO C 92 31.07 40.50 -4.43
C PRO C 92 31.58 39.10 -4.81
N ASP C 93 32.33 38.47 -3.90
CA ASP C 93 32.81 37.11 -4.13
C ASP C 93 31.68 36.15 -4.50
N CYS C 94 30.58 36.20 -3.77
CA CYS C 94 29.53 35.23 -3.99
C CYS C 94 28.82 35.45 -5.33
N ALA C 95 28.73 36.71 -5.76
CA ALA C 95 28.14 37.03 -7.06
C ALA C 95 28.95 36.43 -8.20
N ALA C 96 30.26 36.34 -7.99
CA ALA C 96 31.17 35.77 -8.98
C ALA C 96 31.14 34.24 -9.00
N ILE C 97 31.12 33.59 -7.83
CA ILE C 97 30.87 32.15 -7.76
C ILE C 97 29.56 31.86 -8.49
N THR C 98 28.58 32.72 -8.29
CA THR C 98 27.27 32.58 -8.91
C THR C 98 27.34 32.67 -10.43
N GLN C 99 28.16 33.60 -10.93
CA GLN C 99 28.32 33.74 -12.38
C GLN C 99 28.84 32.46 -13.01
N GLN C 100 29.93 31.93 -12.45
CA GLN C 100 30.54 30.72 -12.98
C GLN C 100 29.63 29.51 -12.82
N MET C 101 28.92 29.48 -11.71
CA MET C 101 27.94 28.43 -11.46
C MET C 101 26.86 28.38 -12.54
N LEU C 102 26.26 29.55 -12.83
CA LEU C 102 25.21 29.66 -13.83
C LEU C 102 25.72 29.36 -15.24
N ASN C 103 26.91 29.85 -15.56
CA ASN C 103 27.51 29.57 -16.85
C ASN C 103 27.81 28.09 -17.07
N PHE C 104 28.23 27.39 -16.01
CA PHE C 104 28.50 25.97 -16.14
C PHE C 104 27.22 25.20 -16.43
N ALA C 105 26.11 25.67 -15.87
CA ALA C 105 24.85 24.96 -16.04
C ALA C 105 24.16 25.40 -17.32
N GLY C 106 24.86 26.23 -18.11
CA GLY C 106 24.36 26.73 -19.38
C GLY C 106 23.15 27.64 -19.22
N LEU C 107 23.33 28.78 -18.55
CA LEU C 107 22.19 29.55 -18.10
C LEU C 107 22.41 31.05 -18.03
N GLN C 108 23.57 31.52 -18.46
CA GLN C 108 23.91 32.92 -18.23
C GLN C 108 23.23 33.80 -19.26
N ASP C 109 22.70 33.16 -20.30
CA ASP C 109 21.80 33.83 -21.24
C ASP C 109 20.48 34.21 -20.54
N LYS C 110 20.12 33.46 -19.51
CA LYS C 110 18.86 33.63 -18.81
C LYS C 110 18.99 34.38 -17.48
N VAL C 111 20.20 34.49 -16.93
CA VAL C 111 20.34 35.20 -15.67
C VAL C 111 21.29 36.39 -15.77
N THR C 112 20.94 37.44 -15.05
CA THR C 112 21.77 38.61 -14.86
C THR C 112 22.01 38.82 -13.36
N ILE C 113 23.28 38.98 -12.98
CA ILE C 113 23.61 39.12 -11.57
C ILE C 113 23.97 40.55 -11.18
N LEU C 114 23.17 41.13 -10.30
CA LEU C 114 23.43 42.45 -9.76
C LEU C 114 24.13 42.35 -8.42
N ASN C 115 25.36 42.85 -8.35
CA ASN C 115 26.04 42.95 -7.07
C ASN C 115 25.77 44.28 -6.37
N GLY C 116 24.99 44.24 -5.31
CA GLY C 116 24.71 45.39 -4.47
C GLY C 116 23.70 45.06 -3.40
N ALA C 117 23.30 46.06 -2.60
CA ALA C 117 22.25 45.86 -1.62
C ALA C 117 20.88 46.08 -2.26
N SER C 118 19.90 45.32 -1.80
CA SER C 118 18.57 45.35 -2.38
C SER C 118 17.96 46.76 -2.36
N GLN C 119 18.07 47.45 -1.22
CA GLN C 119 17.52 48.81 -1.08
C GLN C 119 18.12 49.80 -2.10
N ASP C 120 19.38 49.59 -2.45
CA ASP C 120 20.07 50.40 -3.45
C ASP C 120 19.69 50.02 -4.85
N LEU C 121 19.61 48.71 -5.10
CA LEU C 121 19.44 48.21 -6.44
C LEU C 121 18.00 48.23 -6.95
N ILE C 122 17.02 48.04 -6.07
CA ILE C 122 15.64 47.93 -6.52
C ILE C 122 15.12 49.21 -7.21
N PRO C 123 15.44 50.40 -6.68
CA PRO C 123 14.98 51.60 -7.39
C PRO C 123 15.61 51.80 -8.77
N GLN C 124 16.68 51.07 -9.07
CA GLN C 124 17.38 51.21 -10.34
C GLN C 124 16.89 50.26 -11.45
N LEU C 125 16.10 49.26 -11.09
CA LEU C 125 15.66 48.25 -12.06
C LEU C 125 14.95 48.80 -13.29
N LYS C 126 14.11 49.84 -13.11
CA LYS C 126 13.35 50.38 -14.23
C LYS C 126 14.24 51.15 -15.18
N LYS C 127 14.99 52.11 -14.67
CA LYS C 127 15.79 53.00 -15.53
C LYS C 127 17.11 52.39 -15.96
N LYS C 128 17.72 51.59 -15.10
CA LYS C 128 19.05 51.04 -15.39
C LYS C 128 19.02 49.63 -15.98
N TYR C 129 17.91 48.89 -15.84
CA TYR C 129 17.84 47.53 -16.39
C TYR C 129 16.58 47.23 -17.21
N ASP C 130 15.92 48.28 -17.71
CA ASP C 130 14.77 48.16 -18.61
C ASP C 130 13.68 47.20 -18.11
N VAL C 131 13.34 47.33 -16.83
CA VAL C 131 12.29 46.52 -16.25
C VAL C 131 10.97 47.26 -16.24
N ASP C 132 9.93 46.61 -16.75
CA ASP C 132 8.58 47.11 -16.60
C ASP C 132 8.00 46.63 -15.27
N THR C 133 7.54 45.38 -15.25
CA THR C 133 7.11 44.77 -14.00
C THR C 133 7.68 43.36 -13.82
N LEU C 134 7.84 42.98 -12.55
CA LEU C 134 8.22 41.63 -12.21
C LEU C 134 7.00 40.71 -12.33
N ASP C 135 7.24 39.46 -12.72
CA ASP C 135 6.17 38.48 -12.74
C ASP C 135 6.24 37.61 -11.49
N MET C 136 7.41 37.62 -10.84
CA MET C 136 7.62 36.83 -9.63
C MET C 136 8.87 37.29 -8.88
N VAL C 137 8.79 37.27 -7.56
CA VAL C 137 9.93 37.66 -6.74
C VAL C 137 10.21 36.61 -5.67
N PHE C 138 11.48 36.19 -5.56
CA PHE C 138 11.90 35.25 -4.53
C PHE C 138 12.75 35.94 -3.45
N LEU C 139 12.29 35.86 -2.20
CA LEU C 139 12.95 36.54 -1.10
C LEU C 139 13.69 35.54 -0.20
N ASP C 140 14.98 35.81 0.01
CA ASP C 140 15.82 34.94 0.84
C ASP C 140 17.08 35.68 1.28
N HIS C 141 16.95 36.98 1.51
CA HIS C 141 18.05 37.76 2.04
C HIS C 141 17.82 38.04 3.51
N TRP C 142 18.22 39.22 3.99
CA TRP C 142 18.11 39.56 5.40
C TRP C 142 16.67 39.64 5.84
N LYS C 143 16.34 39.01 6.97
CA LYS C 143 14.94 38.90 7.36
C LYS C 143 14.32 40.25 7.69
N ASP C 144 15.10 41.16 8.27
CA ASP C 144 14.60 42.49 8.62
C ASP C 144 14.51 43.41 7.38
N ARG C 145 14.56 42.83 6.18
CA ARG C 145 14.40 43.64 4.98
C ARG C 145 13.26 43.13 4.07
N TYR C 146 12.76 41.93 4.35
CA TYR C 146 11.63 41.41 3.56
C TYR C 146 10.47 42.40 3.49
N LEU C 147 10.10 42.99 4.62
CA LEU C 147 8.96 43.89 4.65
C LEU C 147 9.21 45.21 3.92
N PRO C 148 10.27 45.94 4.30
CA PRO C 148 10.41 47.22 3.59
C PRO C 148 10.91 47.13 2.13
N ASP C 149 11.43 45.99 1.69
CA ASP C 149 11.75 45.82 0.26
C ASP C 149 10.49 45.46 -0.53
N THR C 150 9.53 44.78 0.11
CA THR C 150 8.23 44.52 -0.52
C THR C 150 7.54 45.85 -0.79
N LEU C 151 7.44 46.68 0.24
CA LEU C 151 6.90 48.02 0.05
C LEU C 151 7.69 48.81 -0.98
N LEU C 152 8.99 48.58 -1.03
CA LEU C 152 9.81 49.32 -1.98
C LEU C 152 9.44 48.95 -3.41
N LEU C 153 9.32 47.65 -3.66
CA LEU C 153 8.79 47.17 -4.93
C LEU C 153 7.44 47.81 -5.30
N GLU C 154 6.58 48.03 -4.30
CA GLU C 154 5.28 48.65 -4.55
C GLU C 154 5.51 50.07 -5.02
N GLU C 155 6.22 50.84 -4.20
CA GLU C 155 6.37 52.25 -4.43
C GLU C 155 7.13 52.52 -5.70
N CYS C 156 7.87 51.53 -6.18
CA CYS C 156 8.64 51.68 -7.40
C CYS C 156 7.91 51.20 -8.65
N GLY C 157 6.66 50.72 -8.47
CA GLY C 157 5.83 50.30 -9.59
C GLY C 157 6.24 49.00 -10.27
N LEU C 158 6.95 48.15 -9.53
CA LEU C 158 7.53 46.94 -10.08
C LEU C 158 6.59 45.74 -10.04
N LEU C 159 5.67 45.75 -9.09
CA LEU C 159 4.69 44.68 -8.98
C LEU C 159 3.48 45.02 -9.83
N ARG C 160 2.83 44.00 -10.38
CA ARG C 160 1.54 44.21 -11.05
C ARG C 160 0.52 43.15 -10.60
N LYS C 161 -0.73 43.34 -10.97
CA LYS C 161 -1.77 42.42 -10.53
C LYS C 161 -1.38 41.03 -11.01
N GLY C 162 -1.09 40.15 -10.06
CA GLY C 162 -0.76 38.77 -10.37
C GLY C 162 0.66 38.39 -10.01
N THR C 163 1.51 39.39 -9.80
CA THR C 163 2.90 39.15 -9.40
C THR C 163 3.02 38.20 -8.21
N VAL C 164 3.90 37.21 -8.34
CA VAL C 164 4.05 36.24 -7.25
C VAL C 164 5.24 36.60 -6.35
N LEU C 165 4.95 36.82 -5.06
CA LEU C 165 5.97 36.89 -4.02
C LEU C 165 6.07 35.54 -3.34
N LEU C 166 7.26 34.95 -3.36
CA LEU C 166 7.51 33.71 -2.65
C LEU C 166 8.62 33.98 -1.65
N ALA C 167 8.34 33.78 -0.37
CA ALA C 167 9.27 34.22 0.65
C ALA C 167 9.70 33.07 1.55
N ASP C 168 11.01 32.98 1.79
CA ASP C 168 11.58 31.84 2.48
C ASP C 168 11.96 32.16 3.92
N ASN C 169 11.86 31.14 4.78
CA ASN C 169 12.22 31.19 6.21
C ASN C 169 11.33 32.08 7.02
N VAL C 170 10.03 32.05 6.73
CA VAL C 170 9.06 32.92 7.37
C VAL C 170 8.66 32.41 8.76
N ILE C 171 8.98 31.15 9.06
CA ILE C 171 8.82 30.61 10.42
C ILE C 171 10.16 30.43 11.16
N VAL C 172 11.14 29.87 10.46
CA VAL C 172 12.48 29.61 11.01
C VAL C 172 13.54 30.34 10.20
N PRO C 173 14.16 31.37 10.79
CA PRO C 173 13.94 31.93 12.13
C PRO C 173 12.66 32.76 12.27
N GLY C 174 12.03 33.12 11.16
CA GLY C 174 10.81 33.91 11.17
C GLY C 174 10.89 35.29 10.57
N THR C 175 9.91 35.62 9.72
CA THR C 175 9.71 36.99 9.25
C THR C 175 8.29 37.38 9.61
N PRO C 176 8.05 37.66 10.90
CA PRO C 176 6.69 37.85 11.45
C PRO C 176 6.02 39.17 11.02
N ASP C 177 6.80 40.23 10.85
CA ASP C 177 6.30 41.51 10.33
C ASP C 177 5.88 41.44 8.85
N PHE C 178 6.64 40.69 8.05
CA PHE C 178 6.30 40.54 6.65
C PHE C 178 5.05 39.69 6.51
N LEU C 179 4.94 38.65 7.33
CA LEU C 179 3.77 37.78 7.30
C LEU C 179 2.53 38.55 7.69
N ALA C 180 2.62 39.24 8.83
CA ALA C 180 1.55 40.09 9.33
C ALA C 180 1.03 41.00 8.23
N TYR C 181 1.97 41.59 7.49
CA TYR C 181 1.62 42.49 6.43
C TYR C 181 0.90 41.81 5.26
N VAL C 182 1.53 40.83 4.63
CA VAL C 182 0.92 40.30 3.41
C VAL C 182 -0.34 39.51 3.76
N ARG C 183 -0.39 38.96 4.96
CA ARG C 183 -1.59 38.24 5.41
C ARG C 183 -2.73 39.20 5.80
N GLY C 184 -2.40 40.39 6.31
CA GLY C 184 -3.39 41.39 6.67
C GLY C 184 -3.87 42.25 5.49
N SER C 185 -2.93 42.72 4.69
CA SER C 185 -3.23 43.64 3.61
C SER C 185 -4.17 43.04 2.58
N SER C 186 -4.98 43.90 1.98
CA SER C 186 -5.85 43.52 0.88
C SER C 186 -5.03 43.40 -0.40
N SER C 187 -3.84 44.00 -0.38
CA SER C 187 -2.92 43.98 -1.52
C SER C 187 -2.48 42.57 -1.90
N PHE C 188 -2.54 41.63 -0.97
CA PHE C 188 -1.99 40.30 -1.27
C PHE C 188 -2.94 39.16 -1.03
N GLU C 189 -2.78 38.07 -1.78
CA GLU C 189 -3.46 36.84 -1.45
C GLU C 189 -2.42 35.74 -1.17
N CYS C 190 -2.43 35.26 0.08
CA CYS C 190 -1.33 34.48 0.59
C CYS C 190 -1.65 33.01 0.82
N THR C 191 -0.64 32.20 0.55
CA THR C 191 -0.68 30.76 0.80
C THR C 191 0.60 30.35 1.52
N HIS C 192 0.44 29.55 2.57
CA HIS C 192 1.59 28.99 3.26
C HIS C 192 1.98 27.61 2.74
N TYR C 193 3.28 27.39 2.58
CA TYR C 193 3.78 26.09 2.19
C TYR C 193 4.72 25.60 3.28
N SER C 194 4.33 24.57 4.00
CA SER C 194 5.20 24.07 5.04
C SER C 194 6.40 23.30 4.50
N SER C 195 7.54 23.49 5.17
CA SER C 195 8.77 22.80 4.82
C SER C 195 9.34 22.06 6.01
N TYR C 196 9.18 20.73 6.00
CA TYR C 196 9.61 19.89 7.09
C TYR C 196 11.11 19.56 6.98
N LEU C 197 11.92 20.22 7.80
CA LEU C 197 13.36 20.00 7.82
C LEU C 197 13.79 18.92 8.81
N GLU C 198 13.06 18.79 9.90
CA GLU C 198 13.35 17.79 10.92
C GLU C 198 12.05 17.52 11.66
N TYR C 199 11.67 16.25 11.74
CA TYR C 199 10.43 15.83 12.40
C TYR C 199 10.22 16.57 13.73
N MET C 200 9.05 17.16 13.89
CA MET C 200 8.62 17.91 15.09
C MET C 200 9.30 19.26 15.39
N LYS C 201 10.62 19.36 15.24
CA LYS C 201 11.33 20.48 15.84
C LYS C 201 11.85 21.54 14.87
N VAL C 202 11.96 21.22 13.60
CA VAL C 202 12.38 22.23 12.63
C VAL C 202 11.41 22.24 11.48
N VAL C 203 10.27 22.90 11.68
CA VAL C 203 9.33 23.09 10.59
C VAL C 203 9.31 24.53 10.13
N ASP C 204 9.90 24.75 8.97
CA ASP C 204 9.95 26.07 8.35
C ASP C 204 8.85 26.15 7.32
N GLY C 205 8.85 27.20 6.52
CA GLY C 205 7.88 27.28 5.47
C GLY C 205 8.07 28.47 4.57
N LEU C 206 7.39 28.44 3.42
CA LEU C 206 7.41 29.55 2.49
C LEU C 206 6.01 30.17 2.38
N GLU C 207 5.97 31.49 2.20
CA GLU C 207 4.70 32.16 1.94
C GLU C 207 4.66 32.60 0.49
N LYS C 208 3.62 32.17 -0.22
CA LYS C 208 3.35 32.72 -1.54
C LYS C 208 2.39 33.90 -1.38
N ALA C 209 2.80 35.08 -1.82
CA ALA C 209 1.94 36.25 -1.69
C ALA C 209 1.72 36.87 -3.06
N ILE C 210 0.52 36.71 -3.61
CA ILE C 210 0.23 37.23 -4.94
C ILE C 210 -0.35 38.64 -4.88
N TYR C 211 0.36 39.59 -5.47
CA TYR C 211 -0.06 40.98 -5.50
C TYR C 211 -1.39 41.18 -6.23
N GLN C 212 -2.35 41.84 -5.58
CA GLN C 212 -3.66 42.04 -6.15
C GLN C 212 -3.73 43.38 -6.84
N GLY C 213 -2.61 44.10 -6.81
CA GLY C 213 -2.53 45.39 -7.46
C GLY C 213 -3.24 46.45 -6.67
N PRO C 214 -3.18 47.70 -7.14
CA PRO C 214 -3.83 48.82 -6.45
C PRO C 214 -5.35 48.75 -6.57
N SER C 215 -6.06 49.65 -5.90
CA SER C 215 -7.51 49.68 -5.92
C SER C 215 -8.08 50.83 -6.75
N SER C 216 -9.24 50.61 -7.36
CA SER C 216 -9.91 51.65 -8.15
C SER C 216 -11.42 51.54 -8.00
N GLY D 1 -11.01 40.40 50.83
CA GLY D 1 -11.21 41.46 49.87
C GLY D 1 -12.30 41.15 48.85
N ASP D 2 -12.86 42.20 48.27
CA ASP D 2 -13.92 42.05 47.26
C ASP D 2 -13.35 41.96 45.85
N THR D 3 -13.12 40.74 45.37
CA THR D 3 -12.41 40.52 44.12
C THR D 3 -13.19 41.05 42.90
N LYS D 4 -12.53 41.11 41.74
CA LYS D 4 -13.19 41.67 40.58
C LYS D 4 -14.02 40.63 39.85
N GLU D 5 -13.77 39.36 40.16
CA GLU D 5 -14.64 38.28 39.70
C GLU D 5 -15.96 38.39 40.42
N GLN D 6 -15.89 38.76 41.70
CA GLN D 6 -17.09 38.89 42.50
C GLN D 6 -17.95 40.04 41.97
N ARG D 7 -17.30 41.12 41.54
CA ARG D 7 -18.06 42.26 41.06
C ARG D 7 -18.74 41.89 39.74
N ILE D 8 -18.01 41.22 38.85
CA ILE D 8 -18.57 40.76 37.57
C ILE D 8 -19.81 39.91 37.79
N LEU D 9 -19.72 38.98 38.73
CA LEU D 9 -20.84 38.11 39.03
C LEU D 9 -22.03 38.92 39.52
N ARG D 10 -21.78 39.85 40.43
CA ARG D 10 -22.85 40.68 40.97
C ARG D 10 -23.49 41.48 39.83
N TYR D 11 -22.69 41.91 38.86
CA TYR D 11 -23.23 42.70 37.77
C TYR D 11 -24.23 41.85 36.99
N VAL D 12 -23.81 40.65 36.65
CA VAL D 12 -24.69 39.72 35.95
C VAL D 12 -25.94 39.47 36.78
N GLN D 13 -25.78 39.42 38.10
CA GLN D 13 -26.89 39.10 39.00
C GLN D 13 -27.83 40.29 39.21
N GLN D 14 -27.42 41.46 38.74
CA GLN D 14 -28.25 42.63 38.86
C GLN D 14 -28.93 42.99 37.53
N ASN D 15 -28.23 42.79 36.42
CA ASN D 15 -28.67 43.35 35.14
C ASN D 15 -29.17 42.32 34.12
N ALA D 16 -28.60 41.13 34.15
CA ALA D 16 -28.93 40.09 33.18
C ALA D 16 -30.27 39.43 33.47
N LYS D 17 -30.87 38.83 32.45
CA LYS D 17 -32.10 38.09 32.64
C LYS D 17 -31.78 36.66 33.05
N PRO D 18 -32.41 36.18 34.14
CA PRO D 18 -32.19 34.81 34.59
C PRO D 18 -32.56 33.76 33.53
N GLY D 19 -31.78 32.70 33.46
CA GLY D 19 -32.07 31.61 32.54
C GLY D 19 -31.81 31.95 31.08
N ASP D 20 -31.15 33.09 30.86
CA ASP D 20 -30.81 33.55 29.51
C ASP D 20 -29.28 33.62 29.31
N PRO D 21 -28.70 32.56 28.73
CA PRO D 21 -27.27 32.53 28.41
C PRO D 21 -26.84 33.73 27.56
N GLN D 22 -27.64 34.06 26.56
CA GLN D 22 -27.35 35.23 25.72
C GLN D 22 -27.22 36.50 26.57
N SER D 23 -28.23 36.77 27.41
CA SER D 23 -28.23 37.97 28.24
C SER D 23 -27.04 37.99 29.21
N VAL D 24 -26.75 36.85 29.82
CA VAL D 24 -25.63 36.73 30.76
C VAL D 24 -24.32 37.10 30.08
N LEU D 25 -24.04 36.48 28.94
CA LEU D 25 -22.84 36.81 28.16
C LEU D 25 -22.78 38.31 27.84
N GLU D 26 -23.79 38.85 27.18
CA GLU D 26 -23.86 40.29 26.89
C GLU D 26 -23.56 41.14 28.13
N ALA D 27 -24.06 40.72 29.29
CA ALA D 27 -23.83 41.45 30.53
C ALA D 27 -22.35 41.50 30.88
N ILE D 28 -21.68 40.35 30.80
CA ILE D 28 -20.26 40.25 31.10
C ILE D 28 -19.44 41.11 30.12
N ASP D 29 -19.75 41.03 28.84
CA ASP D 29 -19.06 41.87 27.83
C ASP D 29 -19.18 43.34 28.21
N THR D 30 -20.39 43.75 28.59
CA THR D 30 -20.65 45.13 28.98
C THR D 30 -19.78 45.58 30.15
N TYR D 31 -19.75 44.77 31.19
CA TYR D 31 -18.99 45.12 32.37
C TYR D 31 -17.51 45.26 32.03
N CYS D 32 -17.00 44.32 31.25
CA CYS D 32 -15.59 44.30 30.92
C CYS D 32 -15.16 45.52 30.10
N THR D 33 -15.97 45.94 29.14
CA THR D 33 -15.59 47.12 28.37
C THR D 33 -15.69 48.42 29.19
N GLN D 34 -16.54 48.44 30.21
CA GLN D 34 -16.62 49.60 31.10
C GLN D 34 -15.45 49.63 32.08
N LYS D 35 -15.21 48.48 32.71
CA LYS D 35 -14.22 48.39 33.77
C LYS D 35 -12.85 47.97 33.24
N GLU D 36 -12.73 47.98 31.91
CA GLU D 36 -11.47 47.70 31.20
C GLU D 36 -10.82 46.42 31.68
N TRP D 37 -11.27 45.32 31.07
CA TRP D 37 -10.94 43.97 31.49
C TRP D 37 -11.38 43.10 30.32
N ALA D 38 -11.20 41.79 30.46
CA ALA D 38 -11.56 40.87 29.39
C ALA D 38 -11.63 39.44 29.90
N MET D 39 -12.50 38.63 29.30
CA MET D 39 -12.63 37.23 29.65
C MET D 39 -11.53 36.38 29.01
N ASN D 40 -11.62 35.06 29.16
CA ASN D 40 -10.60 34.19 28.59
C ASN D 40 -10.78 34.06 27.08
N VAL D 41 -11.99 34.18 26.59
CA VAL D 41 -12.20 34.32 25.15
C VAL D 41 -12.95 35.61 24.86
N GLY D 42 -12.69 36.18 23.69
CA GLY D 42 -13.38 37.38 23.26
C GLY D 42 -14.60 37.03 22.44
N ASP D 43 -15.06 37.97 21.62
CA ASP D 43 -16.20 37.71 20.75
C ASP D 43 -15.81 36.87 19.55
N ALA D 44 -14.73 37.25 18.87
CA ALA D 44 -14.30 36.55 17.69
C ALA D 44 -14.07 35.07 17.99
N LYS D 45 -13.32 34.79 19.06
CA LYS D 45 -13.04 33.41 19.42
C LYS D 45 -14.32 32.69 19.80
N GLY D 46 -15.26 33.43 20.38
CA GLY D 46 -16.56 32.87 20.72
C GLY D 46 -17.30 32.37 19.48
N GLN D 47 -17.41 33.23 18.47
CA GLN D 47 -18.04 32.84 17.22
C GLN D 47 -17.40 31.60 16.57
N ILE D 48 -16.08 31.48 16.67
CA ILE D 48 -15.36 30.27 16.25
C ILE D 48 -15.77 29.07 17.08
N MET D 49 -15.76 29.23 18.40
CA MET D 49 -16.26 28.25 19.35
C MET D 49 -17.68 27.81 19.02
N ASP D 50 -18.54 28.79 18.74
CA ASP D 50 -19.94 28.52 18.39
C ASP D 50 -20.01 27.64 17.14
N ALA D 51 -19.25 28.01 16.11
CA ALA D 51 -19.22 27.27 14.84
C ALA D 51 -18.85 25.81 15.04
N VAL D 52 -17.75 25.59 15.76
CA VAL D 52 -17.25 24.26 16.05
C VAL D 52 -18.27 23.42 16.86
N ILE D 53 -18.89 23.99 17.90
CA ILE D 53 -19.92 23.25 18.65
C ILE D 53 -21.12 22.88 17.78
N ARG D 54 -21.52 23.77 16.88
CA ARG D 54 -22.68 23.50 16.04
C ARG D 54 -22.38 22.44 14.99
N GLU D 55 -21.15 22.44 14.49
CA GLU D 55 -20.77 21.51 13.44
C GLU D 55 -20.67 20.07 13.95
N TYR D 56 -20.30 19.90 15.22
CA TYR D 56 -20.03 18.56 15.71
C TYR D 56 -21.09 18.03 16.67
N SER D 57 -21.90 18.93 17.22
CA SER D 57 -22.96 18.56 18.18
C SER D 57 -22.46 17.60 19.24
N PRO D 58 -21.44 18.01 20.01
CA PRO D 58 -20.89 17.09 21.01
C PRO D 58 -21.88 16.70 22.11
N SER D 59 -21.79 15.46 22.60
CA SER D 59 -22.63 14.98 23.69
C SER D 59 -21.93 15.09 25.03
N LEU D 60 -20.63 15.30 24.99
CA LEU D 60 -19.84 15.39 26.21
C LEU D 60 -18.58 16.19 25.96
N VAL D 61 -18.46 17.32 26.65
CA VAL D 61 -17.40 18.27 26.41
C VAL D 61 -16.61 18.48 27.67
N LEU D 62 -15.29 18.55 27.52
CA LEU D 62 -14.40 18.83 28.64
C LEU D 62 -13.70 20.14 28.38
N GLU D 63 -13.89 21.11 29.26
CA GLU D 63 -13.17 22.37 29.13
C GLU D 63 -12.08 22.47 30.19
N LEU D 64 -10.83 22.64 29.75
CA LEU D 64 -9.72 22.93 30.66
C LEU D 64 -9.44 24.44 30.84
N GLY D 65 -9.95 25.03 31.93
CA GLY D 65 -9.66 26.42 32.26
C GLY D 65 -10.88 27.35 32.28
N ALA D 66 -11.77 27.13 33.24
CA ALA D 66 -13.09 27.79 33.33
C ALA D 66 -13.07 29.32 33.53
N TYR D 67 -12.19 29.77 34.41
CA TYR D 67 -12.20 31.13 34.96
C TYR D 67 -13.54 31.39 35.64
N CYS D 68 -14.36 32.26 35.04
CA CYS D 68 -15.63 32.68 35.62
C CYS D 68 -16.81 31.97 34.99
N GLY D 69 -16.55 31.19 33.95
CA GLY D 69 -17.61 30.44 33.30
C GLY D 69 -18.16 31.14 32.07
N TYR D 70 -17.51 32.23 31.67
CA TYR D 70 -17.86 32.91 30.44
C TYR D 70 -17.85 31.92 29.28
N SER D 71 -16.77 31.15 29.16
CA SER D 71 -16.67 30.21 28.07
C SER D 71 -17.56 28.99 28.28
N ALA D 72 -17.82 28.65 29.54
CA ALA D 72 -18.66 27.51 29.85
C ALA D 72 -20.12 27.84 29.51
N VAL D 73 -20.56 29.03 29.87
CA VAL D 73 -21.87 29.53 29.46
C VAL D 73 -21.94 29.62 27.95
N ARG D 74 -20.88 30.14 27.32
CA ARG D 74 -20.87 30.24 25.86
C ARG D 74 -21.02 28.88 25.18
N MET D 75 -20.37 27.85 25.72
CA MET D 75 -20.40 26.52 25.10
C MET D 75 -21.66 25.71 25.43
N ALA D 76 -22.15 25.85 26.66
CA ALA D 76 -23.26 25.00 27.09
C ALA D 76 -24.60 25.42 26.46
N ARG D 77 -24.71 26.68 26.08
CA ARG D 77 -25.96 27.19 25.56
C ARG D 77 -26.28 26.57 24.21
N LEU D 78 -25.27 26.07 23.52
CA LEU D 78 -25.46 25.46 22.20
C LEU D 78 -25.61 23.95 22.29
N LEU D 79 -25.31 23.38 23.45
CA LEU D 79 -25.46 21.95 23.66
C LEU D 79 -26.91 21.54 23.51
N GLN D 80 -27.13 20.34 23.00
CA GLN D 80 -28.48 19.84 22.78
C GLN D 80 -28.97 19.07 23.99
N PRO D 81 -30.31 18.99 24.15
CA PRO D 81 -30.99 18.20 25.18
C PRO D 81 -30.28 16.87 25.50
N GLY D 82 -29.77 16.75 26.72
CA GLY D 82 -29.00 15.56 27.10
C GLY D 82 -27.50 15.77 27.17
N ALA D 83 -26.95 16.59 26.28
CA ALA D 83 -25.52 16.82 26.24
C ALA D 83 -25.01 17.48 27.52
N ARG D 84 -23.75 17.22 27.86
CA ARG D 84 -23.18 17.73 29.11
C ARG D 84 -21.78 18.34 28.96
N LEU D 85 -21.46 19.31 29.81
CA LEU D 85 -20.13 19.93 29.84
C LEU D 85 -19.43 19.63 31.15
N LEU D 86 -18.16 19.28 31.08
CA LEU D 86 -17.32 19.17 32.26
C LEU D 86 -16.30 20.28 32.18
N THR D 87 -16.15 21.02 33.26
CA THR D 87 -15.24 22.15 33.22
C THR D 87 -14.33 22.09 34.42
N MET D 88 -13.05 22.35 34.22
CA MET D 88 -12.05 22.25 35.27
C MET D 88 -11.48 23.61 35.56
N GLU D 89 -11.41 23.93 36.84
CA GLU D 89 -10.83 25.19 37.28
C GLU D 89 -9.91 24.91 38.45
N ILE D 90 -8.71 25.49 38.42
CA ILE D 90 -7.71 25.13 39.43
C ILE D 90 -7.95 25.93 40.70
N ASN D 91 -8.67 27.03 40.57
CA ASN D 91 -8.88 28.00 41.64
C ASN D 91 -10.27 27.87 42.28
N PRO D 92 -10.32 27.57 43.60
CA PRO D 92 -11.59 27.29 44.27
C PRO D 92 -12.55 28.44 44.12
N ASP D 93 -12.05 29.66 44.29
CA ASP D 93 -12.88 30.85 44.18
C ASP D 93 -13.56 30.96 42.82
N CYS D 94 -12.75 30.92 41.78
CA CYS D 94 -13.26 31.05 40.43
C CYS D 94 -14.27 29.94 40.14
N ALA D 95 -14.05 28.77 40.71
CA ALA D 95 -14.98 27.66 40.53
C ALA D 95 -16.32 27.93 41.22
N ALA D 96 -16.29 28.72 42.29
CA ALA D 96 -17.54 29.10 42.96
C ALA D 96 -18.28 30.11 42.08
N ILE D 97 -17.55 31.12 41.60
CA ILE D 97 -18.11 32.14 40.73
C ILE D 97 -18.74 31.51 39.50
N THR D 98 -18.04 30.52 38.93
CA THR D 98 -18.49 29.85 37.72
C THR D 98 -19.80 29.11 37.99
N GLN D 99 -19.92 28.58 39.19
CA GLN D 99 -21.14 27.84 39.55
C GLN D 99 -22.36 28.74 39.57
N GLN D 100 -22.22 29.92 40.17
CA GLN D 100 -23.33 30.83 40.28
C GLN D 100 -23.62 31.42 38.92
N MET D 101 -22.57 31.65 38.15
CA MET D 101 -22.71 32.18 36.80
C MET D 101 -23.53 31.24 35.93
N LEU D 102 -23.21 29.95 35.99
CA LEU D 102 -23.96 28.98 35.21
C LEU D 102 -25.39 28.84 35.73
N ASN D 103 -25.55 28.87 37.05
CA ASN D 103 -26.87 28.72 37.65
C ASN D 103 -27.80 29.83 37.20
N PHE D 104 -27.27 31.06 37.21
CA PHE D 104 -28.04 32.23 36.80
C PHE D 104 -28.36 32.19 35.30
N ALA D 105 -27.45 31.63 34.50
CA ALA D 105 -27.66 31.50 33.06
C ALA D 105 -28.61 30.35 32.77
N GLY D 106 -28.92 29.58 33.80
CA GLY D 106 -29.88 28.50 33.70
C GLY D 106 -29.32 27.17 33.26
N LEU D 107 -28.00 27.00 33.34
CA LEU D 107 -27.36 25.79 32.83
C LEU D 107 -26.81 24.82 33.89
N GLN D 108 -27.30 24.92 35.12
CA GLN D 108 -26.83 24.10 36.25
C GLN D 108 -26.74 22.59 35.95
N ASP D 109 -27.67 22.12 35.14
CA ASP D 109 -27.82 20.68 34.90
C ASP D 109 -26.98 20.19 33.74
N LYS D 110 -26.61 21.10 32.85
CA LYS D 110 -25.76 20.71 31.72
C LYS D 110 -24.27 20.67 32.12
N VAL D 111 -23.90 21.50 33.08
CA VAL D 111 -22.50 21.64 33.43
C VAL D 111 -22.17 21.10 34.81
N THR D 112 -21.03 20.42 34.90
CA THR D 112 -20.40 20.10 36.17
C THR D 112 -19.08 20.84 36.30
N ILE D 113 -18.83 21.44 37.45
CA ILE D 113 -17.52 22.03 37.71
C ILE D 113 -16.65 21.19 38.62
N LEU D 114 -15.46 20.86 38.14
CA LEU D 114 -14.46 20.18 38.95
C LEU D 114 -13.34 21.16 39.34
N ASN D 115 -13.10 21.26 40.64
CA ASN D 115 -12.04 22.10 41.15
C ASN D 115 -10.79 21.29 41.42
N GLY D 116 -9.70 21.61 40.74
CA GLY D 116 -8.44 20.90 40.89
C GLY D 116 -7.62 21.04 39.64
N ALA D 117 -6.43 20.44 39.63
CA ALA D 117 -5.54 20.54 38.48
C ALA D 117 -5.92 19.53 37.39
N SER D 118 -5.66 19.89 36.14
CA SER D 118 -5.91 19.01 35.00
C SER D 118 -5.23 17.65 35.14
N GLN D 119 -3.94 17.65 35.49
CA GLN D 119 -3.20 16.39 35.60
C GLN D 119 -3.75 15.49 36.70
N ASP D 120 -4.51 16.05 37.64
CA ASP D 120 -5.04 15.26 38.74
C ASP D 120 -6.48 14.76 38.48
N LEU D 121 -7.27 15.55 37.76
CA LEU D 121 -8.68 15.20 37.55
C LEU D 121 -8.92 14.34 36.32
N ILE D 122 -8.03 14.44 35.33
CA ILE D 122 -8.18 13.65 34.13
C ILE D 122 -8.03 12.15 34.41
N PRO D 123 -7.04 11.75 35.23
CA PRO D 123 -7.07 10.33 35.58
C PRO D 123 -8.31 9.88 36.37
N GLN D 124 -8.98 10.80 37.06
CA GLN D 124 -10.19 10.43 37.79
C GLN D 124 -11.46 10.55 36.94
N LEU D 125 -11.32 10.87 35.66
CA LEU D 125 -12.50 11.12 34.83
C LEU D 125 -13.28 9.84 34.58
N LYS D 126 -12.58 8.74 34.29
CA LYS D 126 -13.27 7.53 33.91
C LYS D 126 -13.91 6.83 35.12
N LYS D 127 -13.26 6.90 36.28
CA LYS D 127 -13.76 6.19 37.46
C LYS D 127 -14.71 7.03 38.33
N LYS D 128 -14.29 8.23 38.71
CA LYS D 128 -15.06 9.08 39.62
C LYS D 128 -16.24 9.81 38.98
N TYR D 129 -16.26 9.91 37.65
CA TYR D 129 -17.29 10.71 36.99
C TYR D 129 -17.99 9.92 35.88
N ASP D 130 -17.68 8.63 35.83
CA ASP D 130 -18.22 7.69 34.85
C ASP D 130 -18.32 8.26 33.42
N VAL D 131 -17.15 8.43 32.80
CA VAL D 131 -17.06 9.01 31.47
C VAL D 131 -16.46 8.01 30.52
N ASP D 132 -17.14 7.71 29.41
CA ASP D 132 -16.58 6.75 28.47
C ASP D 132 -15.59 7.44 27.53
N THR D 133 -16.09 8.33 26.69
CA THR D 133 -15.21 9.13 25.84
C THR D 133 -15.66 10.58 25.78
N LEU D 134 -14.68 11.46 25.71
CA LEU D 134 -14.90 12.86 25.41
C LEU D 134 -15.23 13.02 23.93
N ASP D 135 -16.19 13.90 23.64
CA ASP D 135 -16.55 14.21 22.27
C ASP D 135 -15.87 15.50 21.82
N MET D 136 -15.49 16.32 22.80
CA MET D 136 -14.80 17.57 22.50
C MET D 136 -14.07 18.13 23.71
N VAL D 137 -12.84 18.62 23.50
CA VAL D 137 -12.11 19.28 24.58
C VAL D 137 -11.80 20.74 24.24
N PHE D 138 -12.06 21.65 25.17
CA PHE D 138 -11.60 23.02 24.97
C PHE D 138 -10.41 23.30 25.87
N LEU D 139 -9.23 23.49 25.28
CA LEU D 139 -8.04 23.78 26.06
C LEU D 139 -7.80 25.27 26.14
N ASP D 140 -7.92 25.82 27.35
CA ASP D 140 -7.58 27.21 27.59
C ASP D 140 -7.04 27.40 29.01
N HIS D 141 -6.13 26.52 29.43
CA HIS D 141 -5.51 26.67 30.73
C HIS D 141 -4.07 27.04 30.51
N TRP D 142 -3.17 26.58 31.38
CA TRP D 142 -1.73 26.89 31.29
C TRP D 142 -1.11 26.44 30.00
N LYS D 143 -0.38 27.34 29.32
CA LYS D 143 0.16 27.04 27.99
C LYS D 143 0.95 25.74 27.99
N ASP D 144 1.93 25.60 28.88
CA ASP D 144 2.78 24.42 28.82
C ASP D 144 2.16 23.20 29.48
N ARG D 145 0.83 23.13 29.57
CA ARG D 145 0.19 21.89 29.97
C ARG D 145 -0.66 21.37 28.82
N TYR D 146 -0.77 22.15 27.75
CA TYR D 146 -1.50 21.69 26.57
C TYR D 146 -0.96 20.36 26.06
N LEU D 147 0.36 20.29 25.81
CA LEU D 147 0.94 19.05 25.26
C LEU D 147 0.84 17.87 26.24
N PRO D 148 1.31 18.00 27.49
CA PRO D 148 1.13 16.79 28.32
C PRO D 148 -0.34 16.43 28.65
N ASP D 149 -1.27 17.38 28.66
CA ASP D 149 -2.66 17.01 29.00
C ASP D 149 -3.34 16.34 27.83
N THR D 150 -2.83 16.59 26.63
CA THR D 150 -3.34 15.93 25.46
C THR D 150 -2.91 14.47 25.49
N LEU D 151 -1.63 14.23 25.78
CA LEU D 151 -1.12 12.87 25.89
C LEU D 151 -1.75 12.12 27.04
N LEU D 152 -1.98 12.83 28.14
CA LEU D 152 -2.64 12.27 29.30
C LEU D 152 -4.07 11.87 28.93
N LEU D 153 -4.73 12.69 28.12
CA LEU D 153 -6.05 12.34 27.61
C LEU D 153 -5.98 11.03 26.82
N GLU D 154 -5.09 10.99 25.81
CA GLU D 154 -4.85 9.80 24.97
C GLU D 154 -4.62 8.51 25.77
N GLU D 155 -3.53 8.48 26.53
CA GLU D 155 -3.20 7.36 27.40
C GLU D 155 -4.36 6.88 28.26
N CYS D 156 -5.11 7.81 28.86
CA CYS D 156 -6.23 7.42 29.72
C CYS D 156 -7.46 6.98 28.92
N GLY D 157 -7.34 6.97 27.59
CA GLY D 157 -8.38 6.48 26.70
C GLY D 157 -9.67 7.28 26.66
N LEU D 158 -9.55 8.61 26.74
CA LEU D 158 -10.72 9.46 26.73
C LEU D 158 -11.02 10.00 25.33
N LEU D 159 -10.04 9.98 24.45
CA LEU D 159 -10.27 10.38 23.08
C LEU D 159 -10.74 9.17 22.28
N ARG D 160 -11.75 9.37 21.44
CA ARG D 160 -12.10 8.35 20.47
C ARG D 160 -11.89 8.95 19.07
N LYS D 161 -12.11 8.14 18.04
CA LYS D 161 -11.92 8.63 16.69
C LYS D 161 -12.97 9.69 16.39
N GLY D 162 -12.52 10.90 16.09
CA GLY D 162 -13.44 11.99 15.78
C GLY D 162 -13.62 13.02 16.88
N THR D 163 -12.93 12.81 18.01
CA THR D 163 -13.02 13.75 19.11
C THR D 163 -12.33 15.06 18.73
N VAL D 164 -13.05 16.16 18.90
CA VAL D 164 -12.51 17.47 18.52
C VAL D 164 -11.74 18.12 19.66
N LEU D 165 -10.47 18.42 19.42
CA LEU D 165 -9.72 19.27 20.35
C LEU D 165 -9.72 20.67 19.81
N LEU D 166 -10.19 21.61 20.63
CA LEU D 166 -10.12 23.01 20.28
C LEU D 166 -9.20 23.73 21.26
N ALA D 167 -8.06 24.18 20.78
CA ALA D 167 -7.04 24.79 21.63
C ALA D 167 -6.99 26.26 21.40
N ASP D 168 -6.91 27.04 22.48
CA ASP D 168 -6.89 28.49 22.36
C ASP D 168 -5.50 29.09 22.67
N ASN D 169 -5.24 30.26 22.12
CA ASN D 169 -3.98 30.98 22.27
C ASN D 169 -2.76 30.24 21.74
N VAL D 170 -2.95 29.45 20.70
CA VAL D 170 -1.83 28.71 20.13
C VAL D 170 -0.84 29.62 19.39
N ILE D 171 -1.20 30.87 19.14
CA ILE D 171 -0.22 31.77 18.53
C ILE D 171 0.24 32.87 19.49
N VAL D 172 -0.69 33.46 20.24
CA VAL D 172 -0.34 34.47 21.26
C VAL D 172 -0.83 34.06 22.66
N PRO D 173 0.10 33.83 23.62
CA PRO D 173 1.56 33.89 23.55
C PRO D 173 2.13 32.72 22.72
N GLY D 174 1.34 31.66 22.58
CA GLY D 174 1.67 30.61 21.64
C GLY D 174 1.93 29.30 22.34
N THR D 175 1.40 28.23 21.78
CA THR D 175 1.71 26.91 22.28
C THR D 175 2.44 26.08 21.22
N PRO D 176 3.73 26.39 20.98
CA PRO D 176 4.56 25.86 19.88
C PRO D 176 4.78 24.34 19.95
N ASP D 177 4.95 23.81 21.16
CA ASP D 177 5.13 22.38 21.36
C ASP D 177 3.81 21.65 21.12
N PHE D 178 2.70 22.23 21.56
CA PHE D 178 1.42 21.58 21.36
C PHE D 178 1.08 21.50 19.87
N LEU D 179 1.23 22.63 19.18
CA LEU D 179 1.01 22.69 17.74
C LEU D 179 1.88 21.71 16.96
N ALA D 180 3.19 21.79 17.17
CA ALA D 180 4.13 20.89 16.48
C ALA D 180 3.66 19.45 16.63
N TYR D 181 3.25 19.08 17.84
CA TYR D 181 2.81 17.73 18.10
C TYR D 181 1.59 17.35 17.25
N VAL D 182 0.49 18.10 17.36
CA VAL D 182 -0.75 17.70 16.68
C VAL D 182 -0.64 17.92 15.18
N ARG D 183 0.09 18.96 14.76
CA ARG D 183 0.22 19.26 13.32
C ARG D 183 1.11 18.24 12.58
N GLY D 184 1.99 17.56 13.30
CA GLY D 184 2.89 16.60 12.69
C GLY D 184 2.61 15.14 13.02
N SER D 185 1.69 14.91 13.96
CA SER D 185 1.32 13.54 14.32
C SER D 185 0.20 13.01 13.43
N SER D 186 0.36 11.76 13.01
CA SER D 186 -0.66 11.07 12.24
C SER D 186 -1.94 10.85 13.04
N SER D 187 -1.89 11.12 14.34
CA SER D 187 -3.04 10.90 15.23
C SER D 187 -4.08 12.02 15.14
N PHE D 188 -3.66 13.21 14.71
CA PHE D 188 -4.56 14.35 14.65
C PHE D 188 -4.70 15.00 13.26
N GLU D 189 -5.90 15.41 12.91
CA GLU D 189 -6.12 16.19 11.69
C GLU D 189 -6.49 17.64 12.01
N CYS D 190 -5.65 18.57 11.61
CA CYS D 190 -5.74 19.94 12.15
C CYS D 190 -6.17 21.02 11.19
N THR D 191 -7.00 21.92 11.70
CA THR D 191 -7.33 23.17 11.04
C THR D 191 -6.99 24.34 11.95
N HIS D 192 -6.44 25.41 11.40
CA HIS D 192 -6.19 26.60 12.20
C HIS D 192 -7.29 27.65 11.93
N TYR D 193 -7.84 28.25 12.98
CA TYR D 193 -8.80 29.36 12.86
C TYR D 193 -8.19 30.63 13.42
N SER D 194 -8.03 31.63 12.58
CA SER D 194 -7.38 32.84 13.03
C SER D 194 -8.33 33.76 13.75
N SER D 195 -7.75 34.51 14.67
CA SER D 195 -8.50 35.34 15.59
C SER D 195 -7.94 36.74 15.59
N TYR D 196 -8.56 37.63 14.82
CA TYR D 196 -8.02 38.98 14.64
C TYR D 196 -8.35 39.94 15.78
N LEU D 197 -7.45 40.06 16.75
CA LEU D 197 -7.69 40.86 17.97
C LEU D 197 -7.29 42.32 17.79
N GLU D 198 -6.31 42.58 16.93
CA GLU D 198 -5.88 43.94 16.65
C GLU D 198 -5.09 44.01 15.34
N TYR D 199 -5.46 44.94 14.47
CA TYR D 199 -4.93 45.02 13.12
C TYR D 199 -3.41 44.87 13.10
N MET D 200 -2.90 43.98 12.24
CA MET D 200 -1.47 43.79 12.00
C MET D 200 -0.66 43.19 13.16
N LYS D 201 -1.06 43.45 14.39
CA LYS D 201 -0.15 43.22 15.51
C LYS D 201 -0.61 42.19 16.56
N VAL D 202 -1.91 42.06 16.78
CA VAL D 202 -2.36 40.98 17.66
C VAL D 202 -3.26 40.06 16.87
N VAL D 203 -2.64 39.11 16.19
CA VAL D 203 -3.36 38.09 15.46
C VAL D 203 -3.09 36.76 16.12
N ASP D 204 -4.11 36.20 16.74
CA ASP D 204 -4.02 34.96 17.49
C ASP D 204 -4.77 33.92 16.70
N GLY D 205 -5.10 32.80 17.34
CA GLY D 205 -5.78 31.76 16.62
C GLY D 205 -6.08 30.56 17.48
N LEU D 206 -6.99 29.74 16.99
CA LEU D 206 -7.36 28.50 17.64
C LEU D 206 -7.00 27.33 16.72
N GLU D 207 -6.45 26.26 17.29
CA GLU D 207 -6.24 25.07 16.50
C GLU D 207 -7.34 24.05 16.77
N LYS D 208 -7.99 23.57 15.72
CA LYS D 208 -8.86 22.41 15.86
C LYS D 208 -8.11 21.16 15.46
N ALA D 209 -7.91 20.26 16.41
CA ALA D 209 -7.26 18.99 16.10
C ALA D 209 -8.22 17.86 16.37
N ILE D 210 -8.50 17.10 15.33
CA ILE D 210 -9.43 16.00 15.44
C ILE D 210 -8.68 14.67 15.54
N TYR D 211 -8.73 14.08 16.72
CA TYR D 211 -8.12 12.79 16.99
C TYR D 211 -8.67 11.77 16.01
N GLN D 212 -7.87 10.78 15.68
CA GLN D 212 -8.20 9.83 14.60
C GLN D 212 -8.19 8.39 15.09
N GLY D 213 -8.18 8.22 16.40
CA GLY D 213 -8.09 6.89 17.00
C GLY D 213 -6.66 6.40 17.00
N PRO D 214 -6.41 5.26 17.64
CA PRO D 214 -5.08 4.63 17.54
C PRO D 214 -4.80 4.10 16.12
N SER D 215 -3.66 3.44 15.94
CA SER D 215 -3.25 2.88 14.64
C SER D 215 -2.61 1.51 14.79
N GLY E 1 37.64 15.08 40.47
CA GLY E 1 37.22 16.41 40.07
C GLY E 1 37.08 17.37 41.24
N ASP E 2 37.72 18.53 41.13
CA ASP E 2 37.60 19.58 42.14
C ASP E 2 36.72 20.71 41.63
N THR E 3 35.43 20.63 41.92
CA THR E 3 34.44 21.55 41.36
C THR E 3 34.72 23.00 41.75
N LYS E 4 34.13 23.95 41.02
CA LYS E 4 34.35 25.35 41.34
C LYS E 4 33.51 25.80 42.56
N GLU E 5 32.45 25.06 42.90
CA GLU E 5 31.72 25.37 44.11
C GLU E 5 32.56 24.99 45.35
N GLN E 6 33.40 23.97 45.19
CA GLN E 6 34.33 23.58 46.25
C GLN E 6 35.48 24.57 46.34
N ARG E 7 35.88 25.14 45.21
CA ARG E 7 36.95 26.13 45.20
C ARG E 7 36.48 27.43 45.85
N ILE E 8 35.19 27.67 45.82
CA ILE E 8 34.62 28.86 46.46
C ILE E 8 34.53 28.67 47.97
N LEU E 9 34.09 27.49 48.40
CA LEU E 9 34.03 27.22 49.82
C LEU E 9 35.45 27.30 50.41
N ARG E 10 36.45 26.92 49.63
CA ARG E 10 37.83 27.02 50.10
C ARG E 10 38.30 28.46 50.17
N TYR E 11 37.99 29.25 49.14
CA TYR E 11 38.38 30.65 49.15
C TYR E 11 37.76 31.36 50.35
N VAL E 12 36.50 31.05 50.65
CA VAL E 12 35.81 31.65 51.79
C VAL E 12 36.50 31.29 53.10
N GLN E 13 36.80 30.01 53.26
CA GLN E 13 37.37 29.50 54.49
C GLN E 13 38.74 30.09 54.81
N GLN E 14 39.43 30.57 53.77
CA GLN E 14 40.81 31.06 53.92
C GLN E 14 40.97 32.56 53.72
N ASN E 15 39.85 33.28 53.61
CA ASN E 15 39.87 34.74 53.45
C ASN E 15 38.79 35.49 54.26
N ALA E 16 37.80 34.75 54.77
CA ALA E 16 36.71 35.39 55.50
C ALA E 16 36.79 35.18 57.01
N LYS E 17 36.12 36.04 57.77
CA LYS E 17 36.03 35.88 59.21
C LYS E 17 34.89 34.94 59.56
N PRO E 18 35.19 33.86 60.28
CA PRO E 18 34.12 32.94 60.73
C PRO E 18 33.11 33.65 61.64
N GLY E 19 31.82 33.40 61.42
CA GLY E 19 30.76 34.01 62.21
C GLY E 19 30.39 35.43 61.81
N ASP E 20 30.86 35.86 60.65
CA ASP E 20 30.56 37.19 60.11
C ASP E 20 30.10 37.08 58.66
N PRO E 21 28.77 36.93 58.47
CA PRO E 21 28.16 36.70 57.17
C PRO E 21 28.57 37.75 56.14
N GLN E 22 28.76 38.98 56.60
CA GLN E 22 29.27 40.04 55.76
C GLN E 22 30.58 39.63 55.08
N SER E 23 31.61 39.34 55.89
CA SER E 23 32.94 39.00 55.37
C SER E 23 32.89 37.80 54.44
N VAL E 24 32.00 36.85 54.75
CA VAL E 24 31.82 35.68 53.89
C VAL E 24 31.35 36.13 52.52
N LEU E 25 30.28 36.94 52.50
CA LEU E 25 29.71 37.45 51.26
C LEU E 25 30.78 38.13 50.42
N GLU E 26 31.44 39.12 51.03
CA GLU E 26 32.43 39.90 50.33
C GLU E 26 33.58 39.06 49.78
N ALA E 27 33.74 37.85 50.30
CA ALA E 27 34.78 36.93 49.84
C ALA E 27 34.34 36.19 48.58
N ILE E 28 33.12 35.69 48.63
CA ILE E 28 32.44 35.13 47.47
C ILE E 28 32.36 36.18 46.36
N ASP E 29 31.99 37.41 46.74
CA ASP E 29 32.03 38.55 45.82
C ASP E 29 33.37 38.62 45.14
N THR E 30 34.42 38.66 45.95
CA THR E 30 35.77 38.86 45.46
C THR E 30 36.23 37.70 44.58
N TYR E 31 35.85 36.49 44.97
CA TYR E 31 36.23 35.31 44.20
C TYR E 31 35.64 35.38 42.79
N CYS E 32 34.36 35.74 42.69
CA CYS E 32 33.68 35.74 41.42
C CYS E 32 34.30 36.74 40.43
N THR E 33 34.61 37.93 40.93
CA THR E 33 35.15 38.99 40.08
C THR E 33 36.57 38.69 39.62
N GLN E 34 37.14 37.60 40.13
CA GLN E 34 38.51 37.26 39.80
C GLN E 34 38.60 35.97 39.00
N LYS E 35 37.74 35.01 39.31
CA LYS E 35 37.71 33.76 38.57
C LYS E 35 36.54 33.73 37.58
N GLU E 36 36.16 34.91 37.10
CA GLU E 36 35.15 35.07 36.06
C GLU E 36 33.89 34.27 36.36
N TRP E 37 33.11 34.71 37.34
CA TRP E 37 31.96 33.94 37.79
C TRP E 37 30.94 34.86 38.43
N ALA E 38 29.76 34.33 38.72
CA ALA E 38 28.66 35.13 39.28
C ALA E 38 27.72 34.28 40.10
N MET E 39 27.16 34.85 41.17
CA MET E 39 26.20 34.14 41.99
C MET E 39 24.80 34.24 41.41
N ASN E 40 23.77 33.84 42.17
CA ASN E 40 22.41 33.87 41.64
C ASN E 40 21.77 35.22 41.89
N VAL E 41 22.50 36.10 42.54
CA VAL E 41 22.05 37.45 42.75
C VAL E 41 23.24 38.37 42.80
N GLY E 42 23.30 39.31 41.87
CA GLY E 42 24.32 40.35 41.89
C GLY E 42 24.04 41.38 42.97
N ASP E 43 24.89 42.40 43.05
CA ASP E 43 24.78 43.36 44.14
C ASP E 43 23.50 44.16 44.06
N ALA E 44 23.09 44.50 42.84
CA ALA E 44 21.89 45.31 42.64
C ALA E 44 20.66 44.61 43.22
N LYS E 45 20.55 43.30 42.96
CA LYS E 45 19.44 42.49 43.46
C LYS E 45 19.59 42.15 44.95
N GLY E 46 20.83 42.01 45.41
CA GLY E 46 21.06 41.76 46.82
C GLY E 46 20.45 42.85 47.68
N GLN E 47 20.68 44.10 47.27
CA GLN E 47 20.15 45.26 47.98
C GLN E 47 18.63 45.25 48.07
N ILE E 48 17.96 44.93 46.97
CA ILE E 48 16.50 44.80 46.97
C ILE E 48 16.05 43.68 47.92
N MET E 49 16.78 42.58 47.94
CA MET E 49 16.51 41.52 48.88
C MET E 49 16.57 42.08 50.29
N ASP E 50 17.68 42.75 50.58
CA ASP E 50 17.90 43.35 51.89
C ASP E 50 16.73 44.22 52.29
N ALA E 51 16.45 45.23 51.46
CA ALA E 51 15.34 46.16 51.69
C ALA E 51 14.03 45.47 52.10
N VAL E 52 13.63 44.47 51.32
CA VAL E 52 12.39 43.74 51.56
C VAL E 52 12.40 42.99 52.87
N ILE E 53 13.44 42.19 53.11
CA ILE E 53 13.59 41.46 54.38
C ILE E 53 13.41 42.37 55.60
N ARG E 54 14.06 43.53 55.58
CA ARG E 54 13.97 44.47 56.68
C ARG E 54 12.55 44.99 56.85
N GLU E 55 11.98 45.52 55.77
CA GLU E 55 10.63 46.08 55.84
C GLU E 55 9.58 45.08 56.34
N TYR E 56 9.74 43.80 56.04
CA TYR E 56 8.71 42.82 56.34
C TYR E 56 9.04 41.80 57.44
N SER E 57 10.14 42.00 58.15
CA SER E 57 10.57 41.13 59.27
C SER E 57 9.96 39.72 59.32
N PRO E 58 10.24 38.90 58.30
CA PRO E 58 9.61 37.56 58.27
C PRO E 58 10.12 36.62 59.36
N SER E 59 9.20 35.93 60.01
CA SER E 59 9.54 34.98 61.07
C SER E 59 9.98 33.65 60.48
N LEU E 60 9.63 33.41 59.23
CA LEU E 60 10.09 32.21 58.54
C LEU E 60 10.11 32.39 57.02
N VAL E 61 11.27 32.09 56.43
CA VAL E 61 11.45 32.29 54.99
C VAL E 61 11.71 30.96 54.28
N LEU E 62 11.13 30.80 53.10
CA LEU E 62 11.43 29.65 52.25
C LEU E 62 12.16 30.10 51.00
N GLU E 63 13.34 29.54 50.78
CA GLU E 63 14.10 29.89 49.59
C GLU E 63 14.24 28.72 48.61
N LEU E 64 13.75 28.90 47.40
CA LEU E 64 13.90 27.90 46.35
C LEU E 64 15.11 28.19 45.49
N GLY E 65 16.09 27.29 45.48
CA GLY E 65 17.27 27.42 44.64
C GLY E 65 18.46 28.05 45.36
N ALA E 66 18.94 27.37 46.39
CA ALA E 66 20.00 27.91 47.25
C ALA E 66 21.36 28.09 46.57
N TYR E 67 21.71 27.16 45.68
CA TYR E 67 23.03 27.08 45.02
C TYR E 67 24.17 26.94 46.05
N CYS E 68 25.04 27.93 46.12
CA CYS E 68 26.20 27.89 47.00
C CYS E 68 25.81 28.32 48.40
N GLY E 69 24.70 29.05 48.50
CA GLY E 69 24.21 29.56 49.77
C GLY E 69 24.47 31.04 49.92
N TYR E 70 24.94 31.66 48.85
CA TYR E 70 25.19 33.10 48.81
C TYR E 70 23.93 33.88 49.16
N SER E 71 22.80 33.52 48.55
CA SER E 71 21.56 34.23 48.82
C SER E 71 21.01 33.89 50.20
N ALA E 72 21.30 32.70 50.71
CA ALA E 72 20.83 32.29 52.04
C ALA E 72 21.56 33.07 53.14
N VAL E 73 22.86 33.19 52.98
CA VAL E 73 23.65 34.02 53.89
C VAL E 73 23.10 35.44 53.90
N ARG E 74 22.95 36.01 52.69
CA ARG E 74 22.45 37.36 52.52
C ARG E 74 21.17 37.58 53.31
N MET E 75 20.23 36.66 53.20
CA MET E 75 18.92 36.78 53.83
C MET E 75 18.94 36.47 55.32
N ALA E 76 19.54 35.34 55.70
CA ALA E 76 19.53 34.91 57.10
C ALA E 76 20.16 35.93 58.02
N ARG E 77 21.13 36.68 57.49
CA ARG E 77 21.91 37.62 58.31
C ARG E 77 21.05 38.79 58.80
N LEU E 78 19.95 39.04 58.09
CA LEU E 78 19.01 40.12 58.40
C LEU E 78 17.80 39.60 59.16
N LEU E 79 17.76 38.29 59.36
CA LEU E 79 16.74 37.72 60.23
C LEU E 79 17.07 38.03 61.69
N GLN E 80 16.01 38.17 62.48
CA GLN E 80 16.14 38.43 63.90
C GLN E 80 16.01 37.11 64.66
N PRO E 81 16.42 37.07 65.93
CA PRO E 81 16.35 35.81 66.69
C PRO E 81 14.94 35.22 66.70
N GLY E 82 14.83 33.92 66.46
CA GLY E 82 13.54 33.26 66.39
C GLY E 82 13.08 32.98 64.96
N ALA E 83 13.84 33.50 63.99
CA ALA E 83 13.48 33.27 62.60
C ALA E 83 14.22 32.07 62.03
N ARG E 84 13.50 31.26 61.27
CA ARG E 84 14.09 30.15 60.53
C ARG E 84 14.14 30.48 59.04
N LEU E 85 15.07 29.87 58.33
CA LEU E 85 15.10 29.98 56.89
C LEU E 85 15.22 28.60 56.29
N LEU E 86 14.09 28.02 55.87
CA LEU E 86 14.18 26.83 55.06
C LEU E 86 14.80 27.20 53.73
N THR E 87 15.50 26.27 53.09
CA THR E 87 16.01 26.52 51.76
C THR E 87 16.13 25.21 51.01
N MET E 88 15.72 25.22 49.75
CA MET E 88 15.68 24.00 48.97
C MET E 88 16.68 24.03 47.82
N GLU E 89 17.46 22.95 47.69
CA GLU E 89 18.40 22.79 46.58
C GLU E 89 18.33 21.37 46.02
N ILE E 90 18.27 21.25 44.70
CA ILE E 90 18.03 19.97 44.04
C ILE E 90 19.30 19.13 43.91
N ASN E 91 20.44 19.80 43.74
CA ASN E 91 21.72 19.12 43.55
C ASN E 91 22.38 18.75 44.88
N PRO E 92 22.60 17.45 45.12
CA PRO E 92 23.15 17.00 46.41
C PRO E 92 24.47 17.69 46.77
N ASP E 93 25.32 17.94 45.79
CA ASP E 93 26.63 18.55 46.03
C ASP E 93 26.51 19.99 46.57
N CYS E 94 25.71 20.81 45.90
CA CYS E 94 25.56 22.22 46.27
C CYS E 94 24.89 22.39 47.63
N ALA E 95 23.89 21.56 47.89
CA ALA E 95 23.22 21.58 49.17
C ALA E 95 24.24 21.38 50.29
N ALA E 96 25.19 20.46 50.04
CA ALA E 96 26.27 20.16 50.96
C ALA E 96 27.26 21.32 51.13
N ILE E 97 27.65 21.94 50.02
CA ILE E 97 28.44 23.16 50.07
C ILE E 97 27.70 24.28 50.82
N THR E 98 26.42 24.45 50.53
CA THR E 98 25.60 25.45 51.19
C THR E 98 25.62 25.27 52.72
N GLN E 99 25.57 24.01 53.16
CA GLN E 99 25.59 23.71 54.59
C GLN E 99 26.87 24.18 55.22
N GLN E 100 27.99 23.80 54.63
CA GLN E 100 29.30 24.19 55.15
C GLN E 100 29.46 25.70 55.07
N MET E 101 28.80 26.31 54.10
CA MET E 101 28.89 27.75 53.91
C MET E 101 28.21 28.45 55.06
N LEU E 102 26.96 28.10 55.32
CA LEU E 102 26.22 28.62 56.47
C LEU E 102 26.97 28.45 57.77
N ASN E 103 27.46 27.24 58.00
CA ASN E 103 28.22 26.88 59.19
C ASN E 103 29.37 27.83 59.44
N PHE E 104 30.10 28.16 58.36
CA PHE E 104 31.23 29.06 58.48
C PHE E 104 30.77 30.46 58.85
N ALA E 105 29.63 30.88 58.31
CA ALA E 105 29.09 32.20 58.62
C ALA E 105 28.32 32.24 59.93
N GLY E 106 28.36 31.15 60.68
CA GLY E 106 27.70 31.09 61.98
C GLY E 106 26.19 31.24 61.88
N LEU E 107 25.61 30.57 60.89
CA LEU E 107 24.18 30.68 60.66
C LEU E 107 23.52 29.31 60.66
N GLN E 108 24.16 28.36 61.35
CA GLN E 108 23.72 26.97 61.33
C GLN E 108 22.33 26.79 61.95
N ASP E 109 22.00 27.66 62.89
CA ASP E 109 20.79 27.48 63.69
C ASP E 109 19.62 28.31 63.17
N LYS E 110 19.92 29.26 62.29
CA LYS E 110 18.87 30.06 61.67
C LYS E 110 18.36 29.40 60.39
N VAL E 111 19.18 28.53 59.82
CA VAL E 111 18.92 27.99 58.49
C VAL E 111 18.92 26.46 58.40
N THR E 112 17.85 25.91 57.83
CA THR E 112 17.77 24.49 57.54
C THR E 112 17.84 24.28 56.02
N ILE E 113 18.63 23.29 55.58
CA ILE E 113 18.76 23.02 54.16
C ILE E 113 18.09 21.74 53.74
N LEU E 114 17.19 21.86 52.76
CA LEU E 114 16.48 20.71 52.24
C LEU E 114 17.02 20.36 50.88
N ASN E 115 17.41 19.11 50.70
CA ASN E 115 17.92 18.67 49.40
C ASN E 115 16.91 17.79 48.69
N GLY E 116 16.50 18.24 47.51
CA GLY E 116 15.51 17.56 46.71
C GLY E 116 14.79 18.55 45.82
N ALA E 117 13.83 18.05 45.07
CA ALA E 117 13.06 18.89 44.16
C ALA E 117 12.04 19.70 44.93
N SER E 118 11.77 20.90 44.45
CA SER E 118 10.80 21.78 45.08
C SER E 118 9.45 21.10 45.18
N GLN E 119 9.00 20.49 44.08
CA GLN E 119 7.66 19.91 44.02
C GLN E 119 7.45 18.70 44.95
N ASP E 120 8.53 18.17 45.52
CA ASP E 120 8.41 16.99 46.38
C ASP E 120 8.58 17.35 47.86
N LEU E 121 9.26 18.47 48.12
CA LEU E 121 9.56 18.91 49.48
C LEU E 121 8.47 19.83 50.02
N ILE E 122 7.94 20.68 49.15
CA ILE E 122 6.91 21.62 49.57
C ILE E 122 5.71 20.97 50.28
N PRO E 123 5.20 19.84 49.76
CA PRO E 123 4.02 19.33 50.46
C PRO E 123 4.34 18.65 51.79
N GLN E 124 5.60 18.31 52.05
CA GLN E 124 6.00 17.70 53.31
C GLN E 124 6.32 18.73 54.39
N LEU E 125 6.15 20.01 54.08
CA LEU E 125 6.64 21.07 54.95
C LEU E 125 5.95 21.14 56.30
N LYS E 126 4.63 21.20 56.30
CA LYS E 126 3.89 21.33 57.55
C LYS E 126 4.02 20.07 58.41
N LYS E 127 3.97 18.91 57.76
CA LYS E 127 3.98 17.64 58.48
C LYS E 127 5.35 17.26 59.04
N LYS E 128 6.40 17.37 58.22
CA LYS E 128 7.73 16.91 58.64
C LYS E 128 8.71 18.02 59.04
N TYR E 129 8.24 19.26 59.19
CA TYR E 129 9.13 20.34 59.60
C TYR E 129 8.44 21.38 60.48
N ASP E 130 7.37 20.94 61.17
CA ASP E 130 6.57 21.78 62.07
C ASP E 130 6.42 23.22 61.56
N VAL E 131 6.09 23.35 60.28
CA VAL E 131 5.86 24.66 59.69
C VAL E 131 4.38 25.03 59.85
N ASP E 132 4.10 26.31 60.02
CA ASP E 132 2.72 26.79 60.10
C ASP E 132 2.35 27.44 58.79
N THR E 133 2.76 28.69 58.65
CA THR E 133 2.68 29.36 57.36
C THR E 133 3.98 30.12 57.09
N LEU E 134 4.33 30.20 55.81
CA LEU E 134 5.49 30.94 55.37
C LEU E 134 5.20 32.43 55.37
N ASP E 135 6.18 33.24 55.78
CA ASP E 135 5.99 34.67 55.79
C ASP E 135 6.57 35.27 54.53
N MET E 136 7.58 34.61 53.98
CA MET E 136 8.22 35.07 52.76
C MET E 136 8.88 33.94 51.97
N VAL E 137 8.68 33.96 50.65
CA VAL E 137 9.29 32.98 49.77
C VAL E 137 10.18 33.62 48.74
N PHE E 138 11.43 33.18 48.66
CA PHE E 138 12.29 33.65 47.61
C PHE E 138 12.34 32.61 46.50
N LEU E 139 12.10 33.05 45.27
CA LEU E 139 12.04 32.13 44.16
C LEU E 139 13.20 32.34 43.21
N ASP E 140 14.04 31.32 43.06
CA ASP E 140 15.17 31.43 42.14
C ASP E 140 15.60 30.08 41.54
N HIS E 141 14.65 29.15 41.38
CA HIS E 141 14.95 27.87 40.77
C HIS E 141 14.59 27.81 39.27
N TRP E 142 14.01 26.70 38.82
CA TRP E 142 13.69 26.55 37.41
C TRP E 142 12.50 27.45 37.04
N LYS E 143 12.61 28.16 35.92
CA LYS E 143 11.65 29.20 35.57
C LYS E 143 10.28 28.60 35.34
N ASP E 144 10.23 27.40 34.77
CA ASP E 144 8.97 26.81 34.40
C ASP E 144 8.29 26.20 35.62
N ARG E 145 8.84 26.44 36.80
CA ARG E 145 8.24 25.92 38.02
C ARG E 145 7.74 27.02 38.95
N TYR E 146 8.03 28.29 38.63
CA TYR E 146 7.51 29.40 39.43
C TYR E 146 5.99 29.35 39.52
N LEU E 147 5.32 29.19 38.37
CA LEU E 147 3.87 29.19 38.40
C LEU E 147 3.33 28.00 39.22
N PRO E 148 3.67 26.76 38.83
CA PRO E 148 2.99 25.67 39.55
C PRO E 148 3.47 25.44 40.98
N ASP E 149 4.66 25.92 41.34
CA ASP E 149 5.10 25.77 42.71
C ASP E 149 4.40 26.80 43.59
N THR E 150 3.97 27.89 42.96
CA THR E 150 3.27 28.94 43.69
C THR E 150 1.89 28.44 44.03
N LEU E 151 1.25 27.74 43.11
CA LEU E 151 -0.07 27.17 43.38
C LEU E 151 0.06 26.00 44.34
N LEU E 152 1.17 25.27 44.26
CA LEU E 152 1.43 24.20 45.20
C LEU E 152 1.50 24.78 46.61
N LEU E 153 2.24 25.87 46.77
CA LEU E 153 2.30 26.54 48.05
C LEU E 153 0.89 26.89 48.48
N GLU E 154 0.16 27.58 47.61
CA GLU E 154 -1.25 27.92 47.87
C GLU E 154 -2.06 26.72 48.35
N GLU E 155 -2.27 25.76 47.45
CA GLU E 155 -3.09 24.59 47.74
C GLU E 155 -2.69 23.82 49.01
N CYS E 156 -1.39 23.78 49.30
CA CYS E 156 -0.92 23.06 50.48
C CYS E 156 -1.13 23.90 51.75
N GLY E 157 -1.61 25.13 51.59
CA GLY E 157 -1.96 25.99 52.70
C GLY E 157 -0.82 26.76 53.36
N LEU E 158 0.34 26.81 52.73
CA LEU E 158 1.51 27.38 53.41
C LEU E 158 1.55 28.91 53.33
N LEU E 159 0.59 29.50 52.63
CA LEU E 159 0.51 30.96 52.52
C LEU E 159 -0.64 31.53 53.34
N ARG E 160 -0.37 32.63 54.04
CA ARG E 160 -1.40 33.35 54.75
C ARG E 160 -1.48 34.77 54.21
N LYS E 161 -2.52 35.49 54.58
CA LYS E 161 -2.65 36.87 54.14
C LYS E 161 -1.41 37.64 54.56
N GLY E 162 -0.73 38.23 53.58
CA GLY E 162 0.45 39.03 53.89
C GLY E 162 1.75 38.28 53.73
N THR E 163 1.67 37.02 53.32
CA THR E 163 2.86 36.26 52.93
C THR E 163 3.51 36.90 51.69
N VAL E 164 4.84 37.00 51.69
CA VAL E 164 5.54 37.73 50.64
C VAL E 164 6.35 36.86 49.66
N LEU E 165 5.89 36.78 48.42
CA LEU E 165 6.71 36.10 47.40
C LEU E 165 7.62 37.09 46.71
N LEU E 166 8.91 36.79 46.69
CA LEU E 166 9.86 37.56 45.91
C LEU E 166 10.49 36.67 44.83
N ALA E 167 10.26 37.02 43.56
CA ALA E 167 10.68 36.18 42.44
C ALA E 167 11.79 36.83 41.61
N ASP E 168 12.90 36.12 41.45
CA ASP E 168 14.06 36.61 40.70
C ASP E 168 13.89 36.28 39.21
N ASN E 169 14.51 37.09 38.36
CA ASN E 169 14.60 36.85 36.92
C ASN E 169 13.28 36.71 36.19
N VAL E 170 12.34 37.61 36.50
CA VAL E 170 11.04 37.58 35.85
C VAL E 170 11.07 38.26 34.47
N ILE E 171 12.15 39.00 34.16
CA ILE E 171 12.27 39.62 32.85
C ILE E 171 13.31 38.90 31.98
N VAL E 172 14.47 38.61 32.59
CA VAL E 172 15.57 37.90 31.93
C VAL E 172 15.95 36.65 32.72
N PRO E 173 15.78 35.46 32.14
CA PRO E 173 15.22 35.19 30.82
C PRO E 173 13.71 35.38 30.78
N GLY E 174 13.11 35.55 31.95
CA GLY E 174 11.70 35.85 32.07
C GLY E 174 10.83 34.71 32.58
N THR E 175 9.87 35.03 33.44
CA THR E 175 8.84 34.07 33.84
C THR E 175 7.43 34.58 33.52
N PRO E 176 7.11 34.72 32.21
CA PRO E 176 5.88 35.40 31.81
C PRO E 176 4.59 34.74 32.31
N ASP E 177 4.61 33.41 32.47
CA ASP E 177 3.48 32.66 33.01
C ASP E 177 3.19 33.07 34.45
N PHE E 178 4.23 33.13 35.25
CA PHE E 178 4.12 33.51 36.64
C PHE E 178 3.63 34.95 36.78
N LEU E 179 4.19 35.85 35.98
CA LEU E 179 3.80 37.26 36.02
C LEU E 179 2.34 37.45 35.62
N ALA E 180 1.93 36.79 34.55
CA ALA E 180 0.53 36.86 34.13
C ALA E 180 -0.39 36.50 35.31
N TYR E 181 -0.01 35.48 36.06
CA TYR E 181 -0.86 34.98 37.14
C TYR E 181 -0.84 35.84 38.40
N VAL E 182 0.33 36.24 38.88
CA VAL E 182 0.35 37.08 40.09
C VAL E 182 -0.23 38.47 39.81
N ARG E 183 0.01 39.00 38.61
CA ARG E 183 -0.49 40.34 38.30
C ARG E 183 -1.98 40.30 38.05
N GLY E 184 -2.47 39.22 37.45
CA GLY E 184 -3.86 39.11 37.09
C GLY E 184 -4.76 38.53 38.17
N SER E 185 -4.15 37.87 39.16
CA SER E 185 -4.93 37.27 40.23
C SER E 185 -5.27 38.34 41.25
N SER E 186 -6.50 38.26 41.76
CA SER E 186 -6.92 39.13 42.82
C SER E 186 -6.44 38.57 44.14
N SER E 187 -5.75 37.43 44.08
CA SER E 187 -5.17 36.79 45.26
C SER E 187 -3.81 37.38 45.64
N PHE E 188 -3.21 38.13 44.73
CA PHE E 188 -1.88 38.71 44.92
C PHE E 188 -1.81 40.20 44.63
N GLU E 189 -1.00 40.93 45.38
CA GLU E 189 -0.73 42.33 45.07
C GLU E 189 0.75 42.55 44.74
N CYS E 190 1.02 43.05 43.53
CA CYS E 190 2.40 43.02 43.00
C CYS E 190 3.04 44.39 42.80
N THR E 191 4.34 44.41 43.11
CA THR E 191 5.25 45.53 42.83
C THR E 191 6.47 45.00 42.07
N HIS E 192 6.95 45.72 41.06
CA HIS E 192 8.13 45.28 40.33
C HIS E 192 9.34 46.14 40.67
N TYR E 193 10.49 45.51 40.85
CA TYR E 193 11.74 46.23 41.09
C TYR E 193 12.72 45.97 39.96
N SER E 194 13.08 47.03 39.25
CA SER E 194 14.03 46.91 38.15
C SER E 194 15.41 46.71 38.70
N SER E 195 16.15 45.83 38.04
CA SER E 195 17.53 45.58 38.38
C SER E 195 18.41 45.86 37.15
N TYR E 196 19.14 46.98 37.16
CA TYR E 196 19.97 47.34 36.00
C TYR E 196 21.32 46.62 35.99
N LEU E 197 21.40 45.57 35.18
CA LEU E 197 22.59 44.72 35.07
C LEU E 197 23.59 45.28 34.06
N GLU E 198 23.08 45.85 32.99
CA GLU E 198 23.92 46.43 31.97
C GLU E 198 23.08 47.46 31.21
N TYR E 199 23.68 48.59 30.84
CA TYR E 199 22.96 49.72 30.21
C TYR E 199 22.12 49.33 29.03
N MET E 200 20.83 49.64 29.09
CA MET E 200 19.88 49.43 27.99
C MET E 200 19.61 47.96 27.63
N LYS E 201 20.64 47.12 27.59
CA LYS E 201 20.48 45.81 26.96
C LYS E 201 20.28 44.64 27.95
N VAL E 202 20.62 44.85 29.22
CA VAL E 202 20.31 43.85 30.22
C VAL E 202 19.67 44.51 31.43
N VAL E 203 18.37 44.69 31.33
CA VAL E 203 17.55 45.17 32.42
C VAL E 203 16.67 44.02 32.89
N ASP E 204 16.91 43.55 34.11
CA ASP E 204 16.15 42.45 34.70
C ASP E 204 15.42 42.96 35.93
N GLY E 205 14.63 42.12 36.57
CA GLY E 205 13.91 42.57 37.73
C GLY E 205 13.30 41.48 38.57
N LEU E 206 13.03 41.83 39.83
CA LEU E 206 12.31 40.97 40.75
C LEU E 206 10.89 41.45 40.88
N GLU E 207 9.97 40.52 41.08
CA GLU E 207 8.61 40.87 41.34
C GLU E 207 8.25 40.46 42.76
N LYS E 208 7.89 41.43 43.58
CA LYS E 208 7.34 41.17 44.90
C LYS E 208 5.84 41.01 44.77
N ALA E 209 5.30 39.90 45.27
CA ALA E 209 3.87 39.63 45.21
C ALA E 209 3.38 39.19 46.58
N ILE E 210 2.44 39.93 47.12
CA ILE E 210 1.94 39.67 48.47
C ILE E 210 0.59 38.96 48.46
N TYR E 211 0.59 37.71 48.93
CA TYR E 211 -0.62 36.92 48.99
C TYR E 211 -1.67 37.68 49.81
N GLN E 212 -2.90 37.69 49.31
CA GLN E 212 -3.98 38.43 49.94
C GLN E 212 -5.02 37.50 50.54
N GLY E 213 -4.62 36.27 50.83
CA GLY E 213 -5.49 35.29 51.46
C GLY E 213 -6.59 34.77 50.55
N PRO E 214 -7.24 33.68 50.95
CA PRO E 214 -8.38 33.08 50.23
C PRO E 214 -9.58 34.04 50.10
N SER E 215 -10.69 33.56 49.53
CA SER E 215 -11.88 34.41 49.31
C SER E 215 -13.16 33.57 49.14
N GLY F 1 -63.06 2.90 -34.44
CA GLY F 1 -62.35 3.09 -35.70
C GLY F 1 -60.89 2.72 -35.59
N ASP F 2 -60.15 2.89 -36.68
CA ASP F 2 -58.71 2.59 -36.72
C ASP F 2 -57.91 3.88 -36.81
N THR F 3 -57.33 4.33 -35.70
CA THR F 3 -56.73 5.69 -35.64
C THR F 3 -55.49 5.83 -36.51
N LYS F 4 -55.12 7.06 -36.84
CA LYS F 4 -54.00 7.26 -37.74
C LYS F 4 -52.64 7.02 -37.04
N GLU F 5 -52.60 7.12 -35.72
CA GLU F 5 -51.35 6.79 -35.02
C GLU F 5 -51.13 5.29 -35.08
N GLN F 6 -52.21 4.54 -34.92
CA GLN F 6 -52.18 3.10 -35.06
C GLN F 6 -51.73 2.72 -36.47
N ARG F 7 -52.21 3.49 -37.45
CA ARG F 7 -51.85 3.26 -38.84
C ARG F 7 -50.38 3.58 -39.07
N ILE F 8 -49.90 4.68 -38.51
CA ILE F 8 -48.51 5.08 -38.70
C ILE F 8 -47.60 4.01 -38.11
N LEU F 9 -47.96 3.53 -36.92
CA LEU F 9 -47.19 2.47 -36.30
C LEU F 9 -47.23 1.23 -37.18
N ARG F 10 -48.42 0.85 -37.59
CA ARG F 10 -48.60 -0.36 -38.39
C ARG F 10 -47.78 -0.25 -39.69
N TYR F 11 -47.50 0.97 -40.14
CA TYR F 11 -46.72 1.15 -41.36
C TYR F 11 -45.27 0.85 -41.08
N VAL F 12 -44.81 1.34 -39.94
CA VAL F 12 -43.42 1.23 -39.53
C VAL F 12 -43.08 -0.23 -39.29
N GLN F 13 -43.96 -0.90 -38.56
CA GLN F 13 -43.79 -2.29 -38.21
C GLN F 13 -43.63 -3.14 -39.46
N GLN F 14 -44.23 -2.70 -40.56
CA GLN F 14 -44.24 -3.53 -41.76
C GLN F 14 -43.30 -3.05 -42.88
N ASN F 15 -42.55 -1.98 -42.65
CA ASN F 15 -41.71 -1.40 -43.71
C ASN F 15 -40.35 -0.93 -43.28
N ALA F 16 -40.02 -1.12 -42.01
CA ALA F 16 -38.75 -0.62 -41.53
C ALA F 16 -37.94 -1.75 -40.92
N LYS F 17 -36.62 -1.64 -40.97
CA LYS F 17 -35.76 -2.68 -40.41
C LYS F 17 -35.91 -2.61 -38.93
N PRO F 18 -36.34 -3.71 -38.32
CA PRO F 18 -36.43 -3.71 -36.85
C PRO F 18 -35.06 -3.44 -36.26
N GLY F 19 -35.00 -2.64 -35.22
CA GLY F 19 -33.74 -2.38 -34.54
C GLY F 19 -33.00 -1.18 -35.09
N ASP F 20 -33.57 -0.52 -36.10
CA ASP F 20 -32.88 0.57 -36.76
C ASP F 20 -33.67 1.87 -36.76
N PRO F 21 -33.33 2.78 -35.84
CA PRO F 21 -34.01 4.06 -35.68
C PRO F 21 -34.17 4.83 -36.97
N GLN F 22 -33.13 4.87 -37.79
CA GLN F 22 -33.14 5.68 -39.01
C GLN F 22 -34.18 5.12 -39.99
N SER F 23 -34.20 3.80 -40.12
CA SER F 23 -35.24 3.12 -40.89
C SER F 23 -36.64 3.52 -40.38
N VAL F 24 -36.85 3.42 -39.06
CA VAL F 24 -38.09 3.82 -38.41
C VAL F 24 -38.49 5.29 -38.70
N LEU F 25 -37.59 6.22 -38.45
CA LEU F 25 -37.80 7.61 -38.83
C LEU F 25 -38.19 7.76 -40.32
N GLU F 26 -37.37 7.24 -41.22
CA GLU F 26 -37.65 7.36 -42.64
C GLU F 26 -38.99 6.73 -43.05
N ALA F 27 -39.37 5.65 -42.39
CA ALA F 27 -40.66 5.05 -42.66
C ALA F 27 -41.78 6.03 -42.28
N ILE F 28 -41.62 6.72 -41.16
CA ILE F 28 -42.65 7.65 -40.73
C ILE F 28 -42.70 8.84 -41.66
N ASP F 29 -41.52 9.36 -42.00
CA ASP F 29 -41.42 10.46 -42.93
C ASP F 29 -42.13 10.09 -44.23
N THR F 30 -41.94 8.86 -44.68
CA THR F 30 -42.49 8.43 -45.95
C THR F 30 -44.01 8.24 -45.87
N TYR F 31 -44.49 7.73 -44.74
CA TYR F 31 -45.93 7.58 -44.56
C TYR F 31 -46.59 8.96 -44.54
N CYS F 32 -45.96 9.91 -43.86
CA CYS F 32 -46.54 11.24 -43.65
C CYS F 32 -46.69 12.01 -44.94
N THR F 33 -45.69 11.94 -45.83
CA THR F 33 -45.84 12.66 -47.08
C THR F 33 -46.82 11.97 -48.01
N GLN F 34 -46.87 10.64 -47.99
CA GLN F 34 -47.92 9.95 -48.74
C GLN F 34 -49.31 10.30 -48.17
N LYS F 35 -49.51 10.08 -46.88
CA LYS F 35 -50.85 10.21 -46.31
C LYS F 35 -51.11 11.59 -45.69
N GLU F 36 -50.70 12.65 -46.40
CA GLU F 36 -51.18 14.01 -46.13
C GLU F 36 -51.10 14.47 -44.67
N TRP F 37 -49.96 14.22 -44.01
CA TRP F 37 -49.87 14.37 -42.56
C TRP F 37 -48.45 14.77 -42.10
N ALA F 38 -48.29 15.16 -40.83
CA ALA F 38 -46.98 15.58 -40.33
C ALA F 38 -46.78 15.22 -38.86
N MET F 39 -45.54 15.00 -38.47
CA MET F 39 -45.23 14.75 -37.06
C MET F 39 -45.11 16.08 -36.34
N ASN F 40 -44.60 16.05 -35.13
CA ASN F 40 -44.47 17.25 -34.32
C ASN F 40 -43.15 17.99 -34.58
N VAL F 41 -42.22 17.36 -35.28
CA VAL F 41 -41.07 18.09 -35.78
C VAL F 41 -40.85 17.64 -37.19
N GLY F 42 -40.44 18.56 -38.05
CA GLY F 42 -40.21 18.22 -39.43
C GLY F 42 -38.77 17.85 -39.62
N ASP F 43 -38.31 17.91 -40.88
CA ASP F 43 -36.95 17.56 -41.14
C ASP F 43 -36.02 18.66 -40.66
N ALA F 44 -36.36 19.90 -40.98
CA ALA F 44 -35.48 21.03 -40.67
C ALA F 44 -35.25 21.13 -39.17
N LYS F 45 -36.32 21.00 -38.39
CA LYS F 45 -36.23 21.13 -36.95
C LYS F 45 -35.42 19.97 -36.36
N GLY F 46 -35.67 18.77 -36.87
CA GLY F 46 -34.87 17.60 -36.55
C GLY F 46 -33.35 17.79 -36.62
N GLN F 47 -32.86 18.47 -37.65
CA GLN F 47 -31.42 18.71 -37.75
C GLN F 47 -30.95 19.64 -36.65
N ILE F 48 -31.76 20.66 -36.34
CA ILE F 48 -31.48 21.53 -35.20
C ILE F 48 -31.49 20.72 -33.89
N MET F 49 -32.49 19.84 -33.72
CA MET F 49 -32.52 18.94 -32.58
C MET F 49 -31.25 18.09 -32.51
N ASP F 50 -30.94 17.44 -33.62
CA ASP F 50 -29.79 16.55 -33.67
C ASP F 50 -28.53 17.34 -33.33
N ALA F 51 -28.45 18.59 -33.78
CA ALA F 51 -27.24 19.38 -33.55
C ALA F 51 -27.08 19.74 -32.08
N VAL F 52 -28.17 20.09 -31.41
CA VAL F 52 -28.15 20.42 -30.00
C VAL F 52 -27.67 19.22 -29.18
N ILE F 53 -28.25 18.06 -29.45
CA ILE F 53 -27.97 16.83 -28.66
C ILE F 53 -26.53 16.33 -28.82
N ARG F 54 -26.00 16.41 -30.05
CA ARG F 54 -24.59 16.11 -30.28
C ARG F 54 -23.70 17.09 -29.52
N GLU F 55 -24.00 18.39 -29.61
CA GLU F 55 -23.18 19.42 -28.96
C GLU F 55 -23.09 19.28 -27.43
N TYR F 56 -24.20 18.94 -26.79
CA TYR F 56 -24.25 18.98 -25.32
C TYR F 56 -24.21 17.59 -24.69
N SER F 57 -24.43 16.57 -25.52
CA SER F 57 -24.28 15.15 -25.11
C SER F 57 -24.95 14.84 -23.78
N PRO F 58 -26.25 15.13 -23.66
CA PRO F 58 -26.95 15.09 -22.35
C PRO F 58 -27.09 13.69 -21.78
N SER F 59 -27.02 13.56 -20.47
CA SER F 59 -27.06 12.22 -19.88
C SER F 59 -28.49 11.84 -19.49
N LEU F 60 -29.31 12.86 -19.23
CA LEU F 60 -30.74 12.69 -18.96
C LEU F 60 -31.55 13.78 -19.67
N VAL F 61 -32.49 13.36 -20.51
CA VAL F 61 -33.28 14.30 -21.28
C VAL F 61 -34.74 14.20 -20.84
N LEU F 62 -35.43 15.33 -20.82
CA LEU F 62 -36.86 15.31 -20.54
C LEU F 62 -37.57 15.92 -21.71
N GLU F 63 -38.42 15.14 -22.36
CA GLU F 63 -39.26 15.57 -23.47
C GLU F 63 -40.71 15.76 -23.01
N LEU F 64 -41.26 16.95 -23.23
CA LEU F 64 -42.68 17.19 -22.96
C LEU F 64 -43.48 17.17 -24.26
N GLY F 65 -44.21 16.09 -24.49
CA GLY F 65 -45.01 15.95 -25.69
C GLY F 65 -44.49 14.88 -26.63
N ALA F 66 -44.77 13.63 -26.32
CA ALA F 66 -44.24 12.51 -27.09
C ALA F 66 -44.95 12.30 -28.43
N TYR F 67 -46.22 12.67 -28.48
CA TYR F 67 -47.11 12.25 -29.56
C TYR F 67 -46.91 10.77 -29.86
N CYS F 68 -46.23 10.47 -30.97
CA CYS F 68 -46.13 9.11 -31.46
C CYS F 68 -44.76 8.45 -31.30
N GLY F 69 -43.82 9.17 -30.70
CA GLY F 69 -42.50 8.65 -30.48
C GLY F 69 -41.45 9.11 -31.48
N TYR F 70 -41.89 9.75 -32.56
CA TYR F 70 -40.99 10.21 -33.62
C TYR F 70 -39.86 11.05 -33.09
N SER F 71 -40.19 12.10 -32.35
CA SER F 71 -39.16 12.93 -31.72
C SER F 71 -38.34 12.15 -30.69
N ALA F 72 -38.96 11.19 -30.00
CA ALA F 72 -38.21 10.42 -29.02
C ALA F 72 -37.18 9.50 -29.70
N VAL F 73 -37.59 8.82 -30.76
CA VAL F 73 -36.68 8.02 -31.56
C VAL F 73 -35.58 8.91 -32.14
N ARG F 74 -35.97 10.05 -32.69
CA ARG F 74 -35.02 11.05 -33.16
C ARG F 74 -33.93 11.34 -32.10
N MET F 75 -34.35 11.65 -30.87
CA MET F 75 -33.40 12.00 -29.81
C MET F 75 -32.69 10.81 -29.20
N ALA F 76 -33.43 9.76 -28.88
CA ALA F 76 -32.84 8.59 -28.23
C ALA F 76 -31.76 7.95 -29.08
N ARG F 77 -31.93 8.01 -30.40
CA ARG F 77 -30.95 7.41 -31.30
C ARG F 77 -29.57 8.06 -31.23
N LEU F 78 -29.47 9.22 -30.59
CA LEU F 78 -28.23 10.00 -30.54
C LEU F 78 -27.61 10.03 -29.16
N LEU F 79 -28.32 9.47 -28.18
CA LEU F 79 -27.84 9.42 -26.82
C LEU F 79 -26.73 8.40 -26.65
N GLN F 80 -25.65 8.83 -25.99
CA GLN F 80 -24.52 7.96 -25.68
C GLN F 80 -24.95 6.82 -24.78
N PRO F 81 -24.19 5.70 -24.78
CA PRO F 81 -24.50 4.58 -23.88
C PRO F 81 -24.59 5.00 -22.41
N GLY F 82 -25.72 4.70 -21.76
CA GLY F 82 -25.93 5.15 -20.39
C GLY F 82 -26.80 6.39 -20.27
N ALA F 83 -26.97 7.13 -21.36
CA ALA F 83 -27.88 8.26 -21.37
C ALA F 83 -29.31 7.77 -21.35
N ARG F 84 -30.23 8.63 -20.93
CA ARG F 84 -31.65 8.26 -20.86
C ARG F 84 -32.58 9.42 -21.24
N LEU F 85 -33.78 9.05 -21.65
CA LEU F 85 -34.77 10.00 -22.10
C LEU F 85 -36.05 9.72 -21.34
N LEU F 86 -36.54 10.71 -20.59
CA LEU F 86 -37.86 10.62 -19.98
C LEU F 86 -38.81 11.40 -20.85
N THR F 87 -39.92 10.79 -21.26
CA THR F 87 -40.83 11.44 -22.21
C THR F 87 -42.26 11.37 -21.70
N MET F 88 -42.94 12.52 -21.73
CA MET F 88 -44.28 12.64 -21.18
C MET F 88 -45.34 12.83 -22.24
N GLU F 89 -46.41 12.05 -22.13
CA GLU F 89 -47.53 12.18 -23.06
C GLU F 89 -48.86 12.15 -22.30
N ILE F 90 -49.70 13.14 -22.58
CA ILE F 90 -50.94 13.28 -21.84
C ILE F 90 -52.02 12.31 -22.32
N ASN F 91 -52.00 12.00 -23.62
CA ASN F 91 -52.92 11.01 -24.21
C ASN F 91 -52.43 9.58 -24.05
N PRO F 92 -53.19 8.76 -23.30
CA PRO F 92 -52.80 7.38 -23.02
C PRO F 92 -52.53 6.57 -24.27
N ASP F 93 -53.31 6.78 -25.32
CA ASP F 93 -53.18 5.97 -26.53
C ASP F 93 -51.85 6.28 -27.20
N CYS F 94 -51.53 7.57 -27.30
CA CYS F 94 -50.27 7.96 -27.91
C CYS F 94 -49.09 7.46 -27.08
N ALA F 95 -49.30 7.40 -25.77
CA ALA F 95 -48.26 6.93 -24.89
C ALA F 95 -47.99 5.49 -25.27
N ALA F 96 -49.07 4.71 -25.42
CA ALA F 96 -48.95 3.30 -25.79
C ALA F 96 -48.27 3.14 -27.15
N ILE F 97 -48.74 3.90 -28.13
CA ILE F 97 -48.14 3.89 -29.46
C ILE F 97 -46.65 4.21 -29.36
N THR F 98 -46.30 5.22 -28.55
CA THR F 98 -44.90 5.64 -28.44
C THR F 98 -44.04 4.50 -27.93
N GLN F 99 -44.58 3.67 -27.04
CA GLN F 99 -43.80 2.56 -26.51
C GLN F 99 -43.48 1.58 -27.63
N GLN F 100 -44.51 1.17 -28.36
CA GLN F 100 -44.38 0.25 -29.48
C GLN F 100 -43.39 0.78 -30.50
N MET F 101 -43.42 2.08 -30.72
CA MET F 101 -42.48 2.69 -31.64
C MET F 101 -41.05 2.44 -31.17
N LEU F 102 -40.78 2.70 -29.89
CA LEU F 102 -39.43 2.56 -29.34
C LEU F 102 -39.01 1.10 -29.29
N ASN F 103 -39.95 0.25 -28.91
CA ASN F 103 -39.72 -1.20 -28.90
C ASN F 103 -39.29 -1.69 -30.25
N PHE F 104 -39.94 -1.19 -31.30
CA PHE F 104 -39.59 -1.63 -32.65
C PHE F 104 -38.25 -1.07 -33.07
N ALA F 105 -37.90 0.13 -32.58
CA ALA F 105 -36.67 0.77 -33.01
C ALA F 105 -35.48 0.28 -32.21
N GLY F 106 -35.76 -0.46 -31.13
CA GLY F 106 -34.72 -1.00 -30.26
C GLY F 106 -34.10 0.01 -29.31
N LEU F 107 -34.82 1.09 -29.05
CA LEU F 107 -34.38 2.09 -28.08
C LEU F 107 -35.11 1.99 -26.72
N GLN F 108 -35.88 0.91 -26.51
CA GLN F 108 -36.72 0.81 -25.32
C GLN F 108 -35.96 0.82 -23.99
N ASP F 109 -34.72 0.37 -23.98
CA ASP F 109 -33.92 0.40 -22.76
C ASP F 109 -33.45 1.81 -22.38
N LYS F 110 -33.49 2.76 -23.30
CA LYS F 110 -32.94 4.09 -23.03
C LYS F 110 -34.05 5.08 -22.71
N VAL F 111 -35.29 4.71 -22.96
CA VAL F 111 -36.37 5.69 -22.92
C VAL F 111 -37.49 5.27 -22.00
N THR F 112 -37.78 6.10 -21.01
CA THR F 112 -38.95 5.87 -20.15
C THR F 112 -40.08 6.82 -20.52
N ILE F 113 -41.26 6.26 -20.77
CA ILE F 113 -42.47 7.02 -21.15
C ILE F 113 -43.40 7.23 -19.98
N LEU F 114 -43.72 8.48 -19.69
CA LEU F 114 -44.67 8.80 -18.62
C LEU F 114 -46.00 9.26 -19.19
N ASN F 115 -47.06 8.51 -18.93
CA ASN F 115 -48.41 8.93 -19.31
C ASN F 115 -48.97 9.88 -18.24
N GLY F 116 -49.52 11.00 -18.68
CA GLY F 116 -50.01 11.98 -17.74
C GLY F 116 -49.68 13.39 -18.14
N ALA F 117 -50.12 14.36 -17.33
CA ALA F 117 -49.93 15.76 -17.65
C ALA F 117 -48.68 16.30 -16.96
N SER F 118 -47.91 17.12 -17.69
CA SER F 118 -46.64 17.63 -17.18
C SER F 118 -46.68 18.22 -15.77
N GLN F 119 -47.70 19.02 -15.47
CA GLN F 119 -47.78 19.66 -14.15
C GLN F 119 -48.07 18.66 -13.02
N ASP F 120 -48.55 17.46 -13.35
CA ASP F 120 -48.71 16.45 -12.32
C ASP F 120 -47.45 15.60 -12.17
N LEU F 121 -46.73 15.40 -13.27
CA LEU F 121 -45.62 14.44 -13.32
C LEU F 121 -44.27 15.05 -12.98
N ILE F 122 -44.08 16.31 -13.34
CA ILE F 122 -42.85 16.99 -13.01
C ILE F 122 -42.55 16.95 -11.49
N PRO F 123 -43.54 17.25 -10.64
CA PRO F 123 -43.16 17.21 -9.22
C PRO F 123 -42.91 15.81 -8.68
N GLN F 124 -43.24 14.79 -9.45
CA GLN F 124 -43.00 13.41 -9.03
C GLN F 124 -41.67 12.85 -9.54
N LEU F 125 -40.94 13.61 -10.33
CA LEU F 125 -39.73 13.09 -10.95
C LEU F 125 -38.65 12.79 -9.92
N LYS F 126 -38.55 13.61 -8.88
CA LYS F 126 -37.52 13.38 -7.87
C LYS F 126 -37.86 12.12 -7.08
N LYS F 127 -39.10 11.99 -6.64
CA LYS F 127 -39.48 10.84 -5.84
C LYS F 127 -39.63 9.55 -6.66
N LYS F 128 -40.57 9.50 -7.58
CA LYS F 128 -40.89 8.24 -8.23
C LYS F 128 -39.99 7.82 -9.39
N TYR F 129 -38.94 8.59 -9.71
CA TYR F 129 -38.08 8.24 -10.86
C TYR F 129 -36.58 8.54 -10.67
N ASP F 130 -36.16 8.68 -9.41
CA ASP F 130 -34.81 9.09 -9.03
C ASP F 130 -34.15 10.11 -9.98
N VAL F 131 -34.82 11.22 -10.24
CA VAL F 131 -34.19 12.24 -11.06
C VAL F 131 -33.49 13.25 -10.18
N ASP F 132 -32.20 13.44 -10.38
CA ASP F 132 -31.51 14.50 -9.65
C ASP F 132 -31.70 15.79 -10.44
N THR F 133 -30.98 15.90 -11.55
CA THR F 133 -31.20 17.01 -12.47
C THR F 133 -31.31 16.54 -13.90
N LEU F 134 -32.03 17.33 -14.67
CA LEU F 134 -32.10 17.16 -16.12
C LEU F 134 -30.94 17.87 -16.80
N ASP F 135 -30.40 17.25 -17.84
CA ASP F 135 -29.31 17.85 -18.60
C ASP F 135 -29.87 18.67 -19.74
N MET F 136 -31.04 18.27 -20.21
CA MET F 136 -31.68 18.94 -21.33
C MET F 136 -33.19 18.69 -21.29
N VAL F 137 -33.96 19.75 -21.59
CA VAL F 137 -35.42 19.62 -21.72
C VAL F 137 -35.85 20.08 -23.10
N PHE F 138 -36.56 19.22 -23.82
CA PHE F 138 -37.17 19.57 -25.09
C PHE F 138 -38.68 19.78 -24.92
N LEU F 139 -39.16 21.00 -25.16
CA LEU F 139 -40.57 21.35 -24.95
C LEU F 139 -41.38 21.41 -26.23
N ASP F 140 -42.40 20.55 -26.33
CA ASP F 140 -43.28 20.58 -27.50
C ASP F 140 -44.73 20.21 -27.15
N HIS F 141 -45.20 20.65 -25.99
CA HIS F 141 -46.57 20.37 -25.55
C HIS F 141 -47.47 21.63 -25.65
N TRP F 142 -48.41 21.85 -24.73
CA TRP F 142 -49.30 23.02 -24.85
C TRP F 142 -48.58 24.34 -24.62
N LYS F 143 -48.83 25.32 -25.48
CA LYS F 143 -48.12 26.60 -25.41
C LYS F 143 -48.32 27.29 -24.07
N ASP F 144 -49.55 27.20 -23.56
CA ASP F 144 -49.94 27.87 -22.32
C ASP F 144 -49.15 27.29 -21.15
N ARG F 145 -48.54 26.13 -21.36
CA ARG F 145 -47.83 25.45 -20.28
C ARG F 145 -46.30 25.61 -20.31
N TYR F 146 -45.71 26.11 -21.40
CA TYR F 146 -44.25 26.31 -21.46
C TYR F 146 -43.68 27.10 -20.30
N LEU F 147 -44.15 28.32 -20.11
CA LEU F 147 -43.61 29.17 -19.08
C LEU F 147 -43.87 28.57 -17.69
N PRO F 148 -45.11 28.19 -17.37
CA PRO F 148 -45.25 27.63 -16.02
C PRO F 148 -44.53 26.29 -15.81
N ASP F 149 -44.33 25.47 -16.84
CA ASP F 149 -43.57 24.23 -16.65
C ASP F 149 -42.09 24.49 -16.48
N THR F 150 -41.60 25.57 -17.06
CA THR F 150 -40.21 25.97 -16.88
C THR F 150 -39.94 26.38 -15.44
N LEU F 151 -40.83 27.20 -14.89
CA LEU F 151 -40.73 27.62 -13.49
C LEU F 151 -40.96 26.47 -12.53
N LEU F 152 -41.83 25.54 -12.92
CA LEU F 152 -42.05 24.34 -12.11
C LEU F 152 -40.78 23.50 -12.02
N LEU F 153 -40.07 23.38 -13.13
CA LEU F 153 -38.79 22.69 -13.15
C LEU F 153 -37.78 23.39 -12.23
N GLU F 154 -37.75 24.73 -12.27
CA GLU F 154 -36.84 25.51 -11.42
C GLU F 154 -37.06 25.22 -9.95
N GLU F 155 -38.29 25.47 -9.50
CA GLU F 155 -38.71 25.27 -8.11
C GLU F 155 -38.46 23.85 -7.60
N CYS F 156 -38.73 22.88 -8.45
CA CYS F 156 -38.59 21.50 -8.07
C CYS F 156 -37.13 21.06 -8.05
N GLY F 157 -36.23 21.99 -8.33
CA GLY F 157 -34.79 21.71 -8.33
C GLY F 157 -34.32 20.69 -9.36
N LEU F 158 -34.89 20.75 -10.56
CA LEU F 158 -34.62 19.78 -11.61
C LEU F 158 -33.67 20.30 -12.68
N LEU F 159 -33.31 21.58 -12.57
CA LEU F 159 -32.35 22.18 -13.50
C LEU F 159 -31.05 22.55 -12.79
N ARG F 160 -29.95 22.46 -13.52
CA ARG F 160 -28.67 22.91 -12.98
C ARG F 160 -27.96 23.76 -14.01
N LYS F 161 -26.94 24.50 -13.57
CA LYS F 161 -26.14 25.30 -14.48
C LYS F 161 -25.65 24.44 -15.62
N GLY F 162 -26.09 24.78 -16.83
CA GLY F 162 -25.73 24.01 -18.01
C GLY F 162 -26.92 23.38 -18.71
N THR F 163 -28.02 23.23 -17.99
CA THR F 163 -29.20 22.55 -18.52
C THR F 163 -29.77 23.27 -19.72
N VAL F 164 -29.81 22.55 -20.83
CA VAL F 164 -30.34 23.08 -22.05
C VAL F 164 -31.87 22.93 -22.10
N LEU F 165 -32.57 24.05 -22.27
CA LEU F 165 -33.97 24.02 -22.69
C LEU F 165 -34.04 24.22 -24.17
N LEU F 166 -34.78 23.37 -24.86
CA LEU F 166 -35.02 23.59 -26.28
C LEU F 166 -36.53 23.67 -26.53
N ALA F 167 -37.03 24.88 -26.76
CA ALA F 167 -38.47 25.05 -26.91
C ALA F 167 -38.88 25.08 -28.38
N ASP F 168 -39.80 24.20 -28.76
CA ASP F 168 -40.33 24.21 -30.12
C ASP F 168 -41.51 25.19 -30.25
N ASN F 169 -41.74 25.61 -31.50
CA ASN F 169 -42.87 26.45 -31.92
C ASN F 169 -42.96 27.80 -31.23
N VAL F 170 -41.80 28.37 -30.88
CA VAL F 170 -41.80 29.62 -30.16
C VAL F 170 -42.31 30.78 -31.03
N ILE F 171 -42.38 30.57 -32.35
CA ILE F 171 -42.75 31.64 -33.27
C ILE F 171 -44.11 31.42 -33.95
N VAL F 172 -44.39 30.18 -34.31
CA VAL F 172 -45.64 29.79 -34.96
C VAL F 172 -46.18 28.58 -34.21
N PRO F 173 -47.33 28.70 -33.55
CA PRO F 173 -48.20 29.87 -33.40
C PRO F 173 -47.63 30.88 -32.42
N GLY F 174 -46.53 30.53 -31.77
CA GLY F 174 -45.87 31.41 -30.83
C GLY F 174 -45.99 30.98 -29.37
N THR F 175 -44.98 31.36 -28.58
CA THR F 175 -45.05 31.23 -27.14
C THR F 175 -44.42 32.49 -26.59
N PRO F 176 -45.08 33.63 -26.82
CA PRO F 176 -44.44 34.92 -26.52
C PRO F 176 -44.13 35.12 -25.04
N ASP F 177 -44.99 34.61 -24.15
CA ASP F 177 -44.71 34.71 -22.71
C ASP F 177 -43.45 33.96 -22.31
N PHE F 178 -43.32 32.71 -22.74
CA PHE F 178 -42.08 31.95 -22.52
C PHE F 178 -40.85 32.68 -23.08
N LEU F 179 -40.97 33.16 -24.32
CA LEU F 179 -39.86 33.81 -24.97
C LEU F 179 -39.39 35.02 -24.20
N ALA F 180 -40.34 35.82 -23.73
CA ALA F 180 -40.02 37.03 -22.99
C ALA F 180 -39.29 36.69 -21.69
N TYR F 181 -39.78 35.66 -20.99
CA TYR F 181 -39.19 35.29 -19.70
C TYR F 181 -37.76 34.82 -19.88
N VAL F 182 -37.55 33.76 -20.66
CA VAL F 182 -36.19 33.24 -20.87
C VAL F 182 -35.24 34.31 -21.45
N ARG F 183 -35.68 35.08 -22.43
CA ARG F 183 -34.83 36.15 -22.98
C ARG F 183 -34.52 37.31 -21.99
N GLY F 184 -35.50 37.63 -21.13
CA GLY F 184 -35.35 38.72 -20.18
C GLY F 184 -34.76 38.35 -18.83
N SER F 185 -34.90 37.09 -18.44
CA SER F 185 -34.32 36.62 -17.18
C SER F 185 -32.81 36.43 -17.23
N SER F 186 -32.14 36.72 -16.12
CA SER F 186 -30.72 36.42 -16.01
C SER F 186 -30.50 34.92 -15.78
N SER F 187 -31.56 34.21 -15.42
CA SER F 187 -31.52 32.78 -15.17
C SER F 187 -31.19 31.98 -16.43
N PHE F 188 -31.31 32.59 -17.60
CA PHE F 188 -31.09 31.87 -18.84
C PHE F 188 -30.21 32.59 -19.84
N GLU F 189 -29.44 31.83 -20.62
CA GLU F 189 -28.71 32.38 -21.74
C GLU F 189 -29.35 31.80 -22.98
N CYS F 190 -29.83 32.67 -23.88
CA CYS F 190 -30.71 32.23 -24.96
C CYS F 190 -30.16 32.42 -26.36
N THR F 191 -30.71 31.63 -27.28
CA THR F 191 -30.29 31.63 -28.68
C THR F 191 -31.40 31.06 -29.54
N HIS F 192 -31.75 31.78 -30.61
CA HIS F 192 -32.82 31.37 -31.50
C HIS F 192 -32.32 30.53 -32.67
N TYR F 193 -33.05 29.47 -32.98
CA TYR F 193 -32.77 28.68 -34.17
C TYR F 193 -34.00 28.75 -35.07
N SER F 194 -33.87 29.43 -36.20
CA SER F 194 -34.97 29.56 -37.13
C SER F 194 -35.20 28.32 -37.97
N SER F 195 -36.45 27.89 -38.06
CA SER F 195 -36.86 26.77 -38.91
C SER F 195 -37.73 27.21 -40.08
N TYR F 196 -37.25 27.07 -41.33
CA TYR F 196 -37.99 27.54 -42.50
C TYR F 196 -38.87 26.48 -43.11
N LEU F 197 -40.17 26.58 -42.84
CA LEU F 197 -41.18 25.63 -43.28
C LEU F 197 -41.78 25.99 -44.63
N GLU F 198 -41.81 27.27 -44.94
CA GLU F 198 -42.37 27.72 -46.21
C GLU F 198 -41.89 29.11 -46.48
N TYR F 199 -41.32 29.30 -47.67
CA TYR F 199 -40.69 30.54 -48.08
C TYR F 199 -41.48 31.77 -47.66
N MET F 200 -40.80 32.74 -47.05
CA MET F 200 -41.40 34.01 -46.67
C MET F 200 -42.52 34.03 -45.62
N LYS F 201 -43.43 33.06 -45.65
CA LYS F 201 -44.63 33.16 -44.81
C LYS F 201 -44.65 32.30 -43.54
N VAL F 202 -44.27 31.03 -43.66
CA VAL F 202 -44.22 30.17 -42.49
C VAL F 202 -42.79 29.95 -42.01
N VAL F 203 -42.28 30.88 -41.22
CA VAL F 203 -40.94 30.75 -40.65
C VAL F 203 -41.03 30.66 -39.13
N ASP F 204 -41.05 29.41 -38.64
CA ASP F 204 -41.05 29.08 -37.21
C ASP F 204 -39.63 29.13 -36.66
N GLY F 205 -39.45 28.72 -35.41
CA GLY F 205 -38.12 28.63 -34.83
C GLY F 205 -38.12 27.83 -33.54
N LEU F 206 -36.95 27.35 -33.12
CA LEU F 206 -36.78 26.88 -31.75
C LEU F 206 -35.94 27.86 -30.93
N GLU F 207 -36.19 27.89 -29.63
CA GLU F 207 -35.38 28.68 -28.71
C GLU F 207 -34.59 27.73 -27.81
N LYS F 208 -33.27 27.98 -27.75
CA LYS F 208 -32.41 27.22 -26.88
C LYS F 208 -32.11 28.05 -25.66
N ALA F 209 -32.69 27.69 -24.52
CA ALA F 209 -32.43 28.45 -23.31
C ALA F 209 -31.56 27.67 -22.33
N ILE F 210 -30.32 28.12 -22.16
CA ILE F 210 -29.41 27.48 -21.22
C ILE F 210 -29.46 28.07 -19.81
N TYR F 211 -29.95 27.26 -18.87
CA TYR F 211 -30.05 27.67 -17.49
C TYR F 211 -28.68 28.00 -16.88
N GLN F 212 -28.61 29.12 -16.18
CA GLN F 212 -27.35 29.64 -15.63
C GLN F 212 -27.14 29.29 -14.18
N GLY F 213 -28.12 28.59 -13.60
CA GLY F 213 -28.07 28.28 -12.18
C GLY F 213 -28.43 29.48 -11.35
N PRO F 214 -28.88 29.23 -10.10
CA PRO F 214 -29.15 30.29 -9.13
C PRO F 214 -27.94 31.21 -8.90
N SER F 215 -28.19 32.44 -8.44
CA SER F 215 -27.13 33.44 -8.24
C SER F 215 -26.68 33.55 -6.78
N SER F 216 -25.54 34.22 -6.57
CA SER F 216 -25.04 34.53 -5.23
C SER F 216 -24.08 35.73 -5.28
N GLY G 1 -6.95 5.05 9.30
CA GLY G 1 -6.27 5.28 8.03
C GLY G 1 -4.95 4.52 7.89
N ASP G 2 -4.16 4.95 6.92
CA ASP G 2 -2.84 4.35 6.68
C ASP G 2 -1.74 5.42 6.86
N THR G 3 -1.08 5.41 8.01
CA THR G 3 -0.25 6.55 8.43
C THR G 3 1.00 6.66 7.58
N LYS G 4 1.73 7.75 7.72
CA LYS G 4 2.89 7.94 6.88
C LYS G 4 4.07 7.17 7.47
N GLU G 5 4.05 6.93 8.77
CA GLU G 5 5.06 6.07 9.39
C GLU G 5 4.86 4.66 8.90
N GLN G 6 3.61 4.21 8.89
CA GLN G 6 3.31 2.92 8.31
C GLN G 6 3.82 2.87 6.87
N ARG G 7 3.76 4.00 6.20
CA ARG G 7 4.14 4.07 4.79
C ARG G 7 5.66 4.01 4.65
N ILE G 8 6.36 4.78 5.48
CA ILE G 8 7.83 4.79 5.49
C ILE G 8 8.36 3.38 5.76
N LEU G 9 7.79 2.74 6.76
CA LEU G 9 8.19 1.40 7.13
C LEU G 9 8.04 0.45 5.96
N ARG G 10 6.90 0.52 5.29
CA ARG G 10 6.64 -0.33 4.12
C ARG G 10 7.63 -0.04 2.98
N TYR G 11 8.07 1.20 2.86
CA TYR G 11 8.99 1.53 1.81
C TYR G 11 10.28 0.76 2.05
N VAL G 12 10.68 0.69 3.32
CA VAL G 12 11.90 -0.01 3.68
C VAL G 12 11.71 -1.51 3.45
N GLN G 13 10.56 -2.04 3.83
CA GLN G 13 10.38 -3.48 3.76
C GLN G 13 10.25 -3.93 2.31
N GLN G 14 10.12 -2.95 1.41
CA GLN G 14 10.01 -3.22 -0.03
C GLN G 14 11.33 -3.07 -0.75
N ASN G 15 12.18 -2.15 -0.29
CA ASN G 15 13.29 -1.71 -1.11
C ASN G 15 14.64 -1.86 -0.46
N ALA G 16 14.69 -1.85 0.87
CA ALA G 16 15.97 -1.99 1.54
C ALA G 16 16.40 -3.47 1.59
N LYS G 17 17.72 -3.68 1.59
CA LYS G 17 18.27 -5.00 1.83
C LYS G 17 18.06 -5.40 3.29
N PRO G 18 17.53 -6.60 3.55
CA PRO G 18 17.42 -6.99 4.96
C PRO G 18 18.80 -7.22 5.57
N GLY G 19 18.89 -7.10 6.89
CA GLY G 19 20.16 -7.22 7.58
C GLY G 19 21.18 -6.13 7.26
N ASP G 20 20.76 -5.09 6.56
CA ASP G 20 21.68 -4.01 6.15
C ASP G 20 21.24 -2.65 6.68
N PRO G 21 21.73 -2.26 7.85
CA PRO G 21 21.33 -0.96 8.41
C PRO G 21 21.58 0.20 7.45
N GLN G 22 22.67 0.15 6.69
CA GLN G 22 23.04 1.24 5.82
C GLN G 22 21.98 1.38 4.71
N SER G 23 21.45 0.24 4.31
CA SER G 23 20.44 0.18 3.27
C SER G 23 19.16 0.76 3.82
N VAL G 24 18.78 0.30 5.01
CA VAL G 24 17.59 0.76 5.69
C VAL G 24 17.59 2.27 5.90
N LEU G 25 18.72 2.82 6.29
CA LEU G 25 18.84 4.26 6.43
C LEU G 25 18.62 5.01 5.11
N GLU G 26 19.29 4.56 4.04
CA GLU G 26 19.18 5.19 2.72
C GLU G 26 17.75 5.15 2.17
N ALA G 27 17.10 4.02 2.40
CA ALA G 27 15.74 3.82 1.92
C ALA G 27 14.81 4.85 2.56
N ILE G 28 14.99 5.11 3.86
CA ILE G 28 14.23 6.14 4.56
C ILE G 28 14.60 7.52 4.04
N ASP G 29 15.90 7.80 3.97
CA ASP G 29 16.39 9.09 3.47
C ASP G 29 15.79 9.41 2.11
N THR G 30 15.65 8.38 1.29
CA THR G 30 15.14 8.53 -0.08
C THR G 30 13.63 8.80 -0.09
N TYR G 31 12.90 8.09 0.77
CA TYR G 31 11.46 8.23 0.85
C TYR G 31 11.07 9.60 1.40
N CYS G 32 11.84 10.09 2.36
CA CYS G 32 11.57 11.40 2.92
C CYS G 32 11.75 12.47 1.86
N THR G 33 12.77 12.35 1.03
CA THR G 33 13.02 13.35 0.01
C THR G 33 11.97 13.29 -1.10
N GLN G 34 11.62 12.07 -1.49
CA GLN G 34 10.54 11.89 -2.46
C GLN G 34 9.26 12.49 -1.92
N LYS G 35 8.98 12.24 -0.64
CA LYS G 35 7.67 12.52 -0.06
C LYS G 35 7.60 13.80 0.78
N GLU G 36 8.56 14.70 0.57
CA GLU G 36 8.64 15.97 1.30
C GLU G 36 8.30 15.79 2.78
N TRP G 37 9.17 15.03 3.45
CA TRP G 37 9.04 14.70 4.85
C TRP G 37 10.46 14.65 5.40
N ALA G 38 10.60 14.60 6.72
CA ALA G 38 11.92 14.57 7.35
C ALA G 38 11.91 13.58 8.49
N MET G 39 13.06 13.36 9.09
CA MET G 39 13.14 12.36 10.14
C MET G 39 13.58 12.99 11.44
N ASN G 40 13.76 12.13 12.43
CA ASN G 40 14.24 12.51 13.74
C ASN G 40 15.52 13.36 13.69
N VAL G 41 16.49 12.94 12.89
CA VAL G 41 17.76 13.67 12.71
C VAL G 41 18.20 13.62 11.25
N GLY G 42 19.08 14.52 10.87
CA GLY G 42 19.49 14.60 9.49
C GLY G 42 20.61 13.65 9.14
N ASP G 43 21.43 14.05 8.19
CA ASP G 43 22.63 13.30 7.93
C ASP G 43 23.80 14.05 8.55
N ALA G 44 23.70 15.38 8.58
CA ALA G 44 24.72 16.20 9.23
C ALA G 44 24.80 15.74 10.66
N LYS G 45 23.63 15.57 11.28
CA LYS G 45 23.58 15.19 12.67
C LYS G 45 23.94 13.73 12.82
N GLY G 46 23.46 12.91 11.89
CA GLY G 46 23.76 11.50 11.90
C GLY G 46 25.25 11.28 11.96
N GLN G 47 25.97 12.04 11.14
CA GLN G 47 27.43 12.00 11.11
C GLN G 47 28.06 12.40 12.46
N ILE G 48 27.46 13.37 13.14
CA ILE G 48 27.93 13.76 14.48
C ILE G 48 27.66 12.66 15.51
N MET G 49 26.53 11.97 15.35
CA MET G 49 26.19 10.87 16.22
C MET G 49 27.20 9.77 16.01
N ASP G 50 27.43 9.46 14.74
CA ASP G 50 28.34 8.39 14.35
C ASP G 50 29.72 8.60 14.93
N ALA G 51 30.23 9.82 14.84
CA ALA G 51 31.54 10.14 15.39
C ALA G 51 31.60 9.91 16.90
N VAL G 52 30.61 10.45 17.62
CA VAL G 52 30.57 10.32 19.07
C VAL G 52 30.49 8.86 19.52
N ILE G 53 29.58 8.08 18.92
CA ILE G 53 29.49 6.65 19.19
C ILE G 53 30.86 6.02 18.97
N ARG G 54 31.46 6.34 17.83
CA ARG G 54 32.75 5.79 17.46
C ARG G 54 33.87 6.08 18.49
N GLU G 55 33.93 7.31 18.97
CA GLU G 55 34.95 7.71 19.92
C GLU G 55 34.82 6.99 21.27
N TYR G 56 33.60 6.80 21.75
CA TYR G 56 33.42 6.35 23.13
C TYR G 56 33.00 4.89 23.22
N SER G 57 32.76 4.28 22.06
CA SER G 57 32.32 2.88 21.93
C SER G 57 31.49 2.41 23.13
N PRO G 58 30.30 2.99 23.30
CA PRO G 58 29.50 2.67 24.48
C PRO G 58 28.95 1.26 24.46
N SER G 59 28.86 0.63 25.62
CA SER G 59 28.37 -0.72 25.73
C SER G 59 26.87 -0.74 26.03
N LEU G 60 26.37 0.38 26.58
CA LEU G 60 24.96 0.56 26.90
C LEU G 60 24.52 1.99 26.61
N VAL G 61 23.54 2.13 25.71
CA VAL G 61 23.10 3.45 25.28
C VAL G 61 21.61 3.64 25.55
N LEU G 62 21.26 4.77 26.13
CA LEU G 62 19.85 5.11 26.29
C LEU G 62 19.46 6.16 25.27
N GLU G 63 18.32 5.95 24.61
CA GLU G 63 17.75 6.94 23.70
C GLU G 63 16.32 7.34 24.11
N LEU G 64 16.05 8.64 24.16
CA LEU G 64 14.69 9.12 24.42
C LEU G 64 14.12 9.74 23.15
N GLY G 65 13.03 9.17 22.64
CA GLY G 65 12.39 9.66 21.43
C GLY G 65 12.71 8.83 20.20
N ALA G 66 12.47 7.52 20.31
CA ALA G 66 12.69 6.61 19.19
C ALA G 66 12.03 7.06 17.88
N TYR G 67 10.78 7.49 17.95
CA TYR G 67 9.97 7.84 16.78
C TYR G 67 9.88 6.63 15.88
N CYS G 68 10.65 6.61 14.79
CA CYS G 68 10.53 5.52 13.83
C CYS G 68 11.64 4.50 13.93
N GLY G 69 12.70 4.88 14.61
CA GLY G 69 13.83 3.99 14.78
C GLY G 69 15.01 4.41 13.93
N TYR G 70 14.84 5.49 13.17
CA TYR G 70 15.92 5.97 12.32
C TYR G 70 17.14 6.25 13.18
N SER G 71 16.92 6.98 14.27
CA SER G 71 18.01 7.30 15.17
C SER G 71 18.61 6.05 15.83
N ALA G 72 17.77 5.05 16.12
CA ALA G 72 18.21 3.80 16.75
C ALA G 72 18.98 2.90 15.78
N VAL G 73 18.56 2.90 14.53
CA VAL G 73 19.27 2.18 13.48
C VAL G 73 20.61 2.84 13.20
N ARG G 74 20.62 4.17 13.11
CA ARG G 74 21.87 4.91 12.89
C ARG G 74 22.88 4.63 14.01
N MET G 75 22.40 4.38 15.22
CA MET G 75 23.28 4.16 16.38
C MET G 75 23.63 2.68 16.62
N ALA G 76 22.62 1.82 16.74
CA ALA G 76 22.87 0.43 17.08
C ALA G 76 23.82 -0.24 16.08
N ARG G 77 23.82 0.27 14.85
CA ARG G 77 24.65 -0.30 13.80
C ARG G 77 26.13 -0.06 14.02
N LEU G 78 26.47 0.81 14.96
CA LEU G 78 27.87 1.13 15.18
C LEU G 78 28.34 0.58 16.52
N LEU G 79 27.41 -0.06 17.21
CA LEU G 79 27.74 -0.70 18.48
C LEU G 79 28.50 -2.00 18.26
N GLN G 80 29.58 -2.18 19.03
CA GLN G 80 30.27 -3.46 19.21
C GLN G 80 29.30 -4.64 19.38
N PRO G 81 29.75 -5.85 19.01
CA PRO G 81 28.90 -7.01 19.34
C PRO G 81 28.74 -7.15 20.86
N GLY G 82 27.54 -7.48 21.33
CA GLY G 82 27.30 -7.63 22.75
C GLY G 82 26.93 -6.35 23.49
N ALA G 83 26.95 -5.21 22.78
CA ALA G 83 26.51 -3.94 23.35
C ALA G 83 25.00 -3.76 23.11
N ARG G 84 24.34 -3.04 24.01
CA ARG G 84 22.89 -2.87 23.94
C ARG G 84 22.39 -1.42 23.88
N LEU G 85 21.32 -1.22 23.10
CA LEU G 85 20.66 0.06 23.01
C LEU G 85 19.26 -0.02 23.56
N LEU G 86 18.96 0.82 24.55
CA LEU G 86 17.62 0.96 25.08
C LEU G 86 17.02 2.24 24.55
N THR G 87 15.84 2.14 23.92
CA THR G 87 15.22 3.33 23.33
C THR G 87 13.76 3.49 23.76
N MET G 88 13.38 4.73 24.06
CA MET G 88 12.06 5.03 24.62
C MET G 88 11.16 5.80 23.70
N GLU G 89 10.01 5.23 23.39
CA GLU G 89 9.00 5.94 22.60
C GLU G 89 7.72 6.14 23.41
N ILE G 90 7.14 7.33 23.31
CA ILE G 90 5.92 7.63 24.06
C ILE G 90 4.67 7.16 23.33
N ASN G 91 4.76 7.06 22.02
CA ASN G 91 3.63 6.68 21.17
C ASN G 91 3.64 5.19 20.81
N PRO G 92 2.56 4.46 21.13
CA PRO G 92 2.51 3.00 20.96
C PRO G 92 2.68 2.56 19.51
N ASP G 93 2.12 3.32 18.58
CA ASP G 93 2.16 2.99 17.15
C ASP G 93 3.57 3.16 16.60
N CYS G 94 4.21 4.26 16.99
CA CYS G 94 5.59 4.50 16.56
C CYS G 94 6.53 3.47 17.19
N ALA G 95 6.27 3.09 18.44
CA ALA G 95 7.00 1.98 19.05
C ALA G 95 6.90 0.72 18.19
N ALA G 96 5.67 0.37 17.80
CA ALA G 96 5.47 -0.78 16.91
C ALA G 96 6.22 -0.65 15.55
N ILE G 97 6.14 0.53 14.94
CA ILE G 97 6.86 0.78 13.69
C ILE G 97 8.36 0.64 13.93
N THR G 98 8.81 1.17 15.06
CA THR G 98 10.23 1.19 15.37
C THR G 98 10.75 -0.23 15.48
N GLN G 99 9.92 -1.10 16.06
CA GLN G 99 10.31 -2.49 16.26
C GLN G 99 10.53 -3.21 14.96
N GLN G 100 9.66 -2.97 13.97
CA GLN G 100 9.77 -3.66 12.68
C GLN G 100 10.91 -3.08 11.87
N MET G 101 11.10 -1.77 11.98
CA MET G 101 12.22 -1.09 11.36
C MET G 101 13.51 -1.74 11.79
N LEU G 102 13.61 -1.97 13.09
CA LEU G 102 14.83 -2.47 13.71
C LEU G 102 15.07 -3.91 13.36
N ASN G 103 14.02 -4.72 13.43
CA ASN G 103 14.16 -6.12 13.07
C ASN G 103 14.54 -6.27 11.60
N PHE G 104 13.97 -5.43 10.75
CA PHE G 104 14.35 -5.46 9.34
C PHE G 104 15.83 -5.15 9.18
N ALA G 105 16.34 -4.24 10.01
CA ALA G 105 17.73 -3.83 9.89
C ALA G 105 18.71 -4.87 10.45
N GLY G 106 18.17 -5.97 10.98
CA GLY G 106 18.97 -7.03 11.59
C GLY G 106 19.56 -6.60 12.92
N LEU G 107 18.76 -5.91 13.71
CA LEU G 107 19.23 -5.30 14.95
C LEU G 107 18.36 -5.60 16.17
N GLN G 108 17.34 -6.45 16.02
CA GLN G 108 16.44 -6.73 17.14
C GLN G 108 17.18 -7.25 18.38
N ASP G 109 18.33 -7.88 18.18
CA ASP G 109 19.09 -8.39 19.30
C ASP G 109 19.83 -7.29 20.04
N LYS G 110 20.21 -6.22 19.35
CA LYS G 110 21.01 -5.16 19.95
C LYS G 110 20.16 -4.11 20.65
N VAL G 111 18.88 -4.05 20.29
CA VAL G 111 18.01 -2.96 20.74
C VAL G 111 16.76 -3.45 21.47
N THR G 112 16.41 -2.73 22.53
CA THR G 112 15.19 -2.98 23.29
C THR G 112 14.32 -1.72 23.30
N ILE G 113 13.03 -1.87 22.98
CA ILE G 113 12.16 -0.68 22.95
C ILE G 113 11.25 -0.53 24.17
N LEU G 114 11.31 0.66 24.75
CA LEU G 114 10.50 0.99 25.92
C LEU G 114 9.35 1.91 25.52
N ASN G 115 8.14 1.39 25.61
CA ASN G 115 6.95 2.19 25.34
C ASN G 115 6.42 2.82 26.62
N GLY G 116 6.59 4.14 26.72
CA GLY G 116 6.18 4.88 27.90
C GLY G 116 6.75 6.27 27.85
N ALA G 117 6.53 7.02 28.93
CA ALA G 117 7.14 8.34 29.08
C ALA G 117 8.43 8.19 29.88
N SER G 118 9.41 9.03 29.61
CA SER G 118 10.73 8.90 30.23
C SER G 118 10.68 8.96 31.76
N GLN G 119 9.95 9.91 32.33
CA GLN G 119 9.95 10.05 33.79
C GLN G 119 9.31 8.82 34.45
N ASP G 120 8.51 8.07 33.70
CA ASP G 120 7.90 6.84 34.20
C ASP G 120 8.85 5.65 34.04
N LEU G 121 9.59 5.64 32.94
CA LEU G 121 10.42 4.48 32.59
C LEU G 121 11.83 4.57 33.15
N ILE G 122 12.42 5.76 33.14
CA ILE G 122 13.78 5.95 33.66
C ILE G 122 13.99 5.33 35.05
N PRO G 123 13.07 5.58 36.02
CA PRO G 123 13.35 5.01 37.34
C PRO G 123 12.98 3.52 37.50
N GLN G 124 12.56 2.90 36.41
CA GLN G 124 12.35 1.44 36.38
C GLN G 124 13.59 0.75 35.86
N LEU G 125 14.49 1.51 35.26
CA LEU G 125 15.59 0.94 34.51
C LEU G 125 16.49 0.00 35.31
N LYS G 126 16.72 0.32 36.57
CA LYS G 126 17.65 -0.48 37.38
C LYS G 126 17.06 -1.83 37.80
N LYS G 127 15.89 -1.81 38.42
CA LYS G 127 15.28 -3.06 38.88
C LYS G 127 14.59 -3.82 37.72
N LYS G 128 13.76 -3.13 36.95
CA LYS G 128 13.01 -3.77 35.86
C LYS G 128 13.80 -4.09 34.59
N TYR G 129 15.03 -3.60 34.45
CA TYR G 129 15.76 -3.77 33.18
C TYR G 129 17.26 -4.07 33.33
N ASP G 130 17.68 -4.39 34.54
CA ASP G 130 19.06 -4.82 34.81
C ASP G 130 20.10 -3.87 34.25
N VAL G 131 19.99 -2.61 34.63
CA VAL G 131 20.95 -1.60 34.21
C VAL G 131 21.83 -1.22 35.39
N ASP G 132 23.14 -1.25 35.17
CA ASP G 132 24.04 -0.67 36.15
C ASP G 132 24.13 0.81 35.86
N THR G 133 24.99 1.16 34.91
CA THR G 133 25.10 2.53 34.50
C THR G 133 25.02 2.63 32.99
N LEU G 134 24.65 3.82 32.51
CA LEU G 134 24.61 4.07 31.09
C LEU G 134 25.98 4.56 30.65
N ASP G 135 26.33 4.28 29.41
CA ASP G 135 27.58 4.74 28.83
C ASP G 135 27.32 5.95 27.95
N MET G 136 26.12 6.02 27.41
CA MET G 136 25.73 7.15 26.58
C MET G 136 24.22 7.33 26.56
N VAL G 137 23.78 8.58 26.62
CA VAL G 137 22.37 8.92 26.47
C VAL G 137 22.15 9.86 25.27
N PHE G 138 21.26 9.49 24.36
CA PHE G 138 20.86 10.39 23.29
C PHE G 138 19.46 10.99 23.57
N LEU G 139 19.41 12.31 23.71
CA LEU G 139 18.15 13.00 24.02
C LEU G 139 17.55 13.64 22.78
N ASP G 140 16.33 13.22 22.42
CA ASP G 140 15.61 13.86 21.31
C ASP G 140 14.09 13.75 21.46
N HIS G 141 13.62 13.86 22.70
CA HIS G 141 12.19 13.93 22.97
C HIS G 141 11.79 15.37 23.27
N TRP G 142 10.80 15.54 24.14
CA TRP G 142 10.24 16.86 24.44
C TRP G 142 11.28 17.78 25.05
N LYS G 143 11.42 19.00 24.52
CA LYS G 143 12.43 19.93 25.03
C LYS G 143 12.25 20.23 26.54
N ASP G 144 11.02 20.17 27.02
CA ASP G 144 10.69 20.52 28.40
C ASP G 144 11.38 19.61 29.38
N ARG G 145 11.65 18.38 28.94
CA ARG G 145 12.10 17.33 29.84
C ARG G 145 13.61 17.06 29.79
N TYR G 146 14.33 17.69 28.85
CA TYR G 146 15.79 17.51 28.78
C TYR G 146 16.42 17.73 30.14
N LEU G 147 16.10 18.87 30.75
CA LEU G 147 16.68 19.19 32.05
C LEU G 147 16.19 18.24 33.16
N PRO G 148 14.85 18.14 33.36
CA PRO G 148 14.45 17.28 34.48
C PRO G 148 14.80 15.79 34.33
N ASP G 149 14.91 15.29 33.11
CA ASP G 149 15.23 13.88 32.93
C ASP G 149 16.73 13.65 33.17
N THR G 150 17.55 14.62 32.83
CA THR G 150 18.98 14.54 33.12
C THR G 150 19.15 14.39 34.61
N LEU G 151 18.52 15.30 35.35
CA LEU G 151 18.54 15.22 36.80
C LEU G 151 17.93 13.92 37.27
N LEU G 152 16.85 13.48 36.64
CA LEU G 152 16.20 12.24 37.05
C LEU G 152 17.16 11.05 36.92
N LEU G 153 17.96 11.06 35.85
CA LEU G 153 19.05 10.09 35.68
C LEU G 153 20.06 10.18 36.82
N GLU G 154 20.58 11.39 37.05
CA GLU G 154 21.57 11.63 38.09
C GLU G 154 21.13 11.00 39.41
N GLU G 155 19.99 11.44 39.92
CA GLU G 155 19.44 10.96 41.19
C GLU G 155 19.23 9.44 41.20
N CYS G 156 18.93 8.88 40.04
CA CYS G 156 18.67 7.44 39.94
C CYS G 156 19.96 6.63 39.84
N GLY G 157 21.08 7.34 39.86
CA GLY G 157 22.39 6.73 39.77
C GLY G 157 22.62 5.93 38.51
N LEU G 158 22.16 6.46 37.37
CA LEU G 158 22.32 5.78 36.09
C LEU G 158 23.52 6.30 35.32
N LEU G 159 24.05 7.43 35.76
CA LEU G 159 25.23 8.02 35.13
C LEU G 159 26.48 7.76 35.96
N ARG G 160 27.62 7.70 35.30
CA ARG G 160 28.90 7.54 35.96
C ARG G 160 29.96 8.37 35.26
N LYS G 161 31.14 8.49 35.88
CA LYS G 161 32.16 9.37 35.35
C LYS G 161 32.51 8.96 33.95
N GLY G 162 32.00 9.68 32.95
CA GLY G 162 32.30 9.36 31.57
C GLY G 162 31.08 9.08 30.71
N THR G 163 29.94 8.86 31.36
CA THR G 163 28.67 8.78 30.65
C THR G 163 28.57 9.98 29.70
N VAL G 164 28.14 9.74 28.49
CA VAL G 164 28.09 10.83 27.53
C VAL G 164 26.66 11.23 27.21
N LEU G 165 26.32 12.48 27.51
CA LEU G 165 25.05 13.05 27.07
C LEU G 165 25.21 13.66 25.68
N LEU G 166 24.35 13.23 24.76
CA LEU G 166 24.26 13.87 23.47
C LEU G 166 22.84 14.37 23.27
N ALA G 167 22.68 15.70 23.30
CA ALA G 167 21.35 16.33 23.17
C ALA G 167 21.14 16.98 21.81
N ASP G 168 20.01 16.67 21.17
CA ASP G 168 19.67 17.28 19.89
C ASP G 168 18.77 18.52 20.01
N ASN G 169 18.91 19.44 19.06
CA ASN G 169 18.06 20.63 18.94
C ASN G 169 18.24 21.66 20.05
N VAL G 170 19.46 21.75 20.59
CA VAL G 170 19.70 22.66 21.70
C VAL G 170 19.70 24.12 21.23
N ILE G 171 19.70 24.34 19.92
CA ILE G 171 19.54 25.70 19.38
C ILE G 171 18.17 25.94 18.73
N VAL G 172 17.65 24.96 18.02
CA VAL G 172 16.45 25.14 17.21
C VAL G 172 15.50 23.98 17.42
N PRO G 173 14.33 24.25 18.01
CA PRO G 173 13.80 25.48 18.58
C PRO G 173 14.58 25.97 19.78
N GLY G 174 15.28 25.06 20.47
CA GLY G 174 16.18 25.42 21.54
C GLY G 174 15.92 24.61 22.78
N THR G 175 16.95 24.34 23.56
CA THR G 175 16.78 23.75 24.89
C THR G 175 17.62 24.56 25.89
N PRO G 176 17.20 25.80 26.12
CA PRO G 176 18.05 26.79 26.80
C PRO G 176 18.31 26.47 28.28
N ASP G 177 17.30 25.94 28.99
CA ASP G 177 17.47 25.57 30.39
C ASP G 177 18.49 24.45 30.55
N PHE G 178 18.38 23.44 29.69
CA PHE G 178 19.32 22.33 29.68
C PHE G 178 20.74 22.81 29.40
N LEU G 179 20.88 23.67 28.40
CA LEU G 179 22.23 24.14 28.03
C LEU G 179 22.85 24.88 29.18
N ALA G 180 22.06 25.69 29.87
CA ALA G 180 22.55 26.45 31.01
C ALA G 180 23.01 25.50 32.11
N TYR G 181 22.23 24.46 32.34
CA TYR G 181 22.56 23.51 33.38
C TYR G 181 23.86 22.75 33.13
N VAL G 182 24.01 22.12 31.96
CA VAL G 182 25.19 21.27 31.76
C VAL G 182 26.43 22.14 31.58
N ARG G 183 26.27 23.31 30.98
CA ARG G 183 27.41 24.20 30.77
C ARG G 183 27.84 24.92 32.04
N GLY G 184 26.88 25.20 32.93
CA GLY G 184 27.16 25.86 34.19
C GLY G 184 27.63 24.91 35.29
N SER G 185 26.97 23.77 35.39
CA SER G 185 27.28 22.78 36.42
C SER G 185 28.66 22.21 36.24
N SER G 186 29.30 21.89 37.36
CA SER G 186 30.60 21.26 37.34
C SER G 186 30.48 19.76 37.05
N SER G 187 29.27 19.23 37.22
CA SER G 187 29.00 17.81 36.99
C SER G 187 29.12 17.41 35.53
N PHE G 188 29.23 18.37 34.62
CA PHE G 188 29.36 18.09 33.19
C PHE G 188 30.46 18.88 32.53
N GLU G 189 31.04 18.30 31.50
CA GLU G 189 32.06 18.97 30.69
C GLU G 189 31.58 19.01 29.25
N CYS G 190 31.44 20.22 28.71
CA CYS G 190 30.61 20.45 27.53
C CYS G 190 31.35 20.80 26.26
N THR G 191 30.77 20.35 25.15
CA THR G 191 31.27 20.64 23.81
C THR G 191 30.10 20.84 22.86
N HIS G 192 30.15 21.90 22.05
CA HIS G 192 29.06 22.12 21.11
C HIS G 192 29.45 21.71 19.70
N TYR G 193 28.56 20.96 19.05
CA TYR G 193 28.74 20.58 17.66
C TYR G 193 27.65 21.19 16.80
N SER G 194 28.01 22.20 16.00
CA SER G 194 27.06 22.80 15.05
C SER G 194 26.59 21.86 13.95
N SER G 195 25.35 22.05 13.52
CA SER G 195 24.75 21.28 12.44
C SER G 195 24.00 22.21 11.49
N TYR G 196 24.54 22.45 10.30
CA TYR G 196 23.97 23.47 9.40
C TYR G 196 22.88 22.87 8.51
N LEU G 197 21.64 23.24 8.80
CA LEU G 197 20.49 22.70 8.07
C LEU G 197 20.14 23.57 6.85
N GLU G 198 20.43 24.85 6.95
CA GLU G 198 20.24 25.76 5.84
C GLU G 198 21.15 26.96 6.04
N TYR G 199 21.74 27.42 4.93
CA TYR G 199 22.72 28.52 4.96
C TYR G 199 22.18 29.72 5.71
N MET G 200 22.95 30.16 6.71
CA MET G 200 22.68 31.37 7.50
C MET G 200 21.44 31.35 8.43
N LYS G 201 20.35 30.73 8.02
CA LYS G 201 19.11 30.89 8.77
C LYS G 201 18.67 29.68 9.61
N VAL G 202 19.17 28.50 9.29
CA VAL G 202 18.85 27.34 10.11
C VAL G 202 20.10 26.62 10.58
N VAL G 203 20.68 27.13 11.67
CA VAL G 203 21.91 26.57 12.24
C VAL G 203 21.62 26.00 13.62
N ASP G 204 21.23 24.73 13.64
CA ASP G 204 21.05 24.01 14.90
C ASP G 204 22.40 23.49 15.42
N GLY G 205 22.37 22.63 16.43
CA GLY G 205 23.57 22.12 17.05
C GLY G 205 23.23 21.02 18.03
N LEU G 206 24.18 20.12 18.26
CA LEU G 206 24.06 19.15 19.33
C LEU G 206 25.01 19.53 20.45
N GLU G 207 24.65 19.17 21.68
CA GLU G 207 25.54 19.38 22.81
C GLU G 207 26.04 18.03 23.35
N LYS G 208 27.36 17.92 23.50
CA LYS G 208 27.98 16.76 24.13
C LYS G 208 28.29 17.11 25.58
N ALA G 209 27.65 16.43 26.51
CA ALA G 209 27.87 16.70 27.92
C ALA G 209 28.42 15.44 28.57
N ILE G 210 29.66 15.50 29.03
CA ILE G 210 30.25 14.31 29.63
C ILE G 210 30.22 14.42 31.14
N TYR G 211 29.41 13.57 31.76
CA TYR G 211 29.27 13.53 33.21
C TYR G 211 30.63 13.36 33.89
N GLN G 212 30.73 13.78 35.15
CA GLN G 212 32.03 13.77 35.83
C GLN G 212 32.00 13.10 37.21
N GLY G 213 30.89 12.45 37.55
CA GLY G 213 30.74 11.82 38.85
C GLY G 213 30.44 12.83 39.93
N PRO G 214 30.04 12.34 41.11
CA PRO G 214 29.76 13.20 42.27
C PRO G 214 30.97 14.04 42.75
N SER G 215 30.78 14.78 43.84
CA SER G 215 31.85 15.62 44.39
C SER G 215 32.94 14.76 45.01
N SER G 216 34.19 15.14 44.78
CA SER G 216 35.33 14.30 45.15
C SER G 216 36.11 14.83 46.35
N ASP G 217 35.53 14.72 47.54
CA ASP G 217 36.24 15.09 48.77
C ASP G 217 35.61 14.42 49.99
N GLY H 1 15.72 -40.73 -29.75
CA GLY H 1 14.90 -41.90 -29.45
C GLY H 1 13.62 -41.97 -30.28
N ASP H 2 13.04 -43.17 -30.36
CA ASP H 2 11.82 -43.37 -31.14
C ASP H 2 10.57 -43.32 -30.27
N THR H 3 9.67 -42.39 -30.59
CA THR H 3 8.40 -42.33 -29.87
C THR H 3 7.52 -43.49 -30.29
N LYS H 4 6.48 -43.77 -29.50
CA LYS H 4 5.70 -44.97 -29.77
C LYS H 4 4.79 -44.75 -30.96
N GLU H 5 4.45 -43.49 -31.23
CA GLU H 5 3.72 -43.14 -32.45
C GLU H 5 4.56 -43.48 -33.70
N GLN H 6 5.82 -43.05 -33.69
CA GLN H 6 6.76 -43.35 -34.77
C GLN H 6 6.81 -44.86 -35.00
N ARG H 7 6.82 -45.61 -33.91
CA ARG H 7 6.91 -47.05 -34.01
C ARG H 7 5.63 -47.67 -34.58
N ILE H 8 4.47 -47.11 -34.25
CA ILE H 8 3.21 -47.56 -34.87
C ILE H 8 3.27 -47.27 -36.38
N LEU H 9 3.65 -46.05 -36.74
CA LEU H 9 3.75 -45.67 -38.13
C LEU H 9 4.60 -46.66 -38.86
N ARG H 10 5.79 -46.89 -38.30
CA ARG H 10 6.78 -47.77 -38.90
C ARG H 10 6.19 -49.16 -39.13
N TYR H 11 5.41 -49.63 -38.17
CA TYR H 11 4.82 -50.95 -38.30
C TYR H 11 3.86 -51.03 -39.47
N VAL H 12 3.01 -50.02 -39.59
CA VAL H 12 2.12 -49.95 -40.74
C VAL H 12 2.92 -49.98 -42.05
N GLN H 13 3.93 -49.12 -42.13
CA GLN H 13 4.77 -48.98 -43.31
C GLN H 13 5.54 -50.29 -43.66
N GLN H 14 5.85 -51.10 -42.65
CA GLN H 14 6.47 -52.41 -42.90
C GLN H 14 5.44 -53.50 -43.26
N ASN H 15 4.24 -53.42 -42.71
CA ASN H 15 3.34 -54.57 -42.75
C ASN H 15 2.04 -54.40 -43.54
N ALA H 16 1.48 -53.20 -43.56
CA ALA H 16 0.18 -52.98 -44.19
C ALA H 16 0.30 -52.94 -45.71
N LYS H 17 -0.75 -53.37 -46.41
CA LYS H 17 -0.81 -53.23 -47.86
C LYS H 17 -1.09 -51.76 -48.21
N PRO H 18 -0.21 -51.15 -49.02
CA PRO H 18 -0.37 -49.72 -49.30
C PRO H 18 -1.65 -49.39 -50.07
N GLY H 19 -2.25 -48.24 -49.76
CA GLY H 19 -3.49 -47.81 -50.40
C GLY H 19 -4.74 -48.58 -50.00
N ASP H 20 -4.63 -49.35 -48.92
CA ASP H 20 -5.73 -50.17 -48.39
C ASP H 20 -5.96 -49.82 -46.92
N PRO H 21 -6.95 -48.95 -46.63
CA PRO H 21 -7.15 -48.43 -45.27
C PRO H 21 -7.47 -49.51 -44.24
N GLN H 22 -8.38 -50.42 -44.60
CA GLN H 22 -8.62 -51.63 -43.82
C GLN H 22 -7.32 -52.32 -43.40
N SER H 23 -6.40 -52.50 -44.34
CA SER H 23 -5.09 -53.10 -44.07
C SER H 23 -4.36 -52.29 -43.02
N VAL H 24 -4.17 -51.00 -43.29
CA VAL H 24 -3.63 -50.07 -42.31
C VAL H 24 -4.34 -50.16 -40.94
N LEU H 25 -5.67 -50.07 -40.92
CA LEU H 25 -6.44 -50.10 -39.66
C LEU H 25 -6.17 -51.37 -38.89
N GLU H 26 -6.18 -52.50 -39.57
CA GLU H 26 -5.99 -53.78 -38.91
C GLU H 26 -4.57 -53.92 -38.34
N ALA H 27 -3.60 -53.30 -39.01
CA ALA H 27 -2.21 -53.37 -38.56
C ALA H 27 -2.05 -52.58 -37.28
N ILE H 28 -2.67 -51.41 -37.25
CA ILE H 28 -2.59 -50.54 -36.08
C ILE H 28 -3.19 -51.26 -34.88
N ASP H 29 -4.30 -51.96 -35.09
CA ASP H 29 -4.88 -52.79 -34.03
C ASP H 29 -3.90 -53.86 -33.56
N THR H 30 -3.26 -54.51 -34.52
CA THR H 30 -2.34 -55.60 -34.21
C THR H 30 -1.17 -55.11 -33.39
N TYR H 31 -0.63 -53.96 -33.77
CA TYR H 31 0.49 -53.41 -33.03
C TYR H 31 0.05 -53.06 -31.63
N CYS H 32 -1.14 -52.50 -31.52
CA CYS H 32 -1.60 -52.02 -30.24
C CYS H 32 -1.87 -53.15 -29.26
N THR H 33 -2.47 -54.26 -29.73
CA THR H 33 -2.70 -55.40 -28.84
C THR H 33 -1.38 -55.96 -28.35
N GLN H 34 -0.37 -56.02 -29.22
CA GLN H 34 0.91 -56.61 -28.83
C GLN H 34 1.70 -55.71 -27.90
N LYS H 35 1.64 -54.41 -28.14
CA LYS H 35 2.42 -53.47 -27.36
C LYS H 35 1.61 -52.79 -26.25
N GLU H 36 0.50 -53.43 -25.84
CA GLU H 36 -0.27 -52.99 -24.68
C GLU H 36 -0.58 -51.50 -24.78
N TRP H 37 -1.53 -51.16 -25.63
CA TRP H 37 -1.75 -49.78 -26.03
C TRP H 37 -3.08 -49.71 -26.78
N ALA H 38 -3.56 -48.52 -27.02
CA ALA H 38 -4.91 -48.37 -27.53
C ALA H 38 -5.03 -47.11 -28.36
N MET H 39 -5.85 -47.19 -29.39
CA MET H 39 -5.93 -46.09 -30.31
C MET H 39 -6.98 -45.07 -29.87
N ASN H 40 -7.34 -44.22 -30.79
CA ASN H 40 -8.22 -43.10 -30.54
C ASN H 40 -9.61 -43.57 -30.17
N VAL H 41 -10.08 -44.58 -30.87
CA VAL H 41 -11.42 -45.11 -30.74
C VAL H 41 -11.30 -46.62 -30.78
N GLY H 42 -12.21 -47.35 -30.15
CA GLY H 42 -12.14 -48.80 -30.16
C GLY H 42 -12.63 -49.38 -31.47
N ASP H 43 -13.10 -50.63 -31.43
CA ASP H 43 -13.79 -51.20 -32.59
C ASP H 43 -15.27 -50.96 -32.37
N ALA H 44 -15.68 -51.11 -31.12
CA ALA H 44 -17.05 -50.86 -30.74
C ALA H 44 -17.39 -49.48 -31.21
N LYS H 45 -16.61 -48.50 -30.75
CA LYS H 45 -16.84 -47.11 -31.14
C LYS H 45 -16.69 -46.94 -32.65
N GLY H 46 -15.76 -47.68 -33.24
CA GLY H 46 -15.50 -47.59 -34.67
C GLY H 46 -16.68 -47.98 -35.55
N GLN H 47 -17.42 -49.01 -35.13
CA GLN H 47 -18.55 -49.48 -35.93
C GLN H 47 -19.66 -48.46 -35.92
N ILE H 48 -19.67 -47.64 -34.87
CA ILE H 48 -20.68 -46.62 -34.69
C ILE H 48 -20.37 -45.40 -35.56
N MET H 49 -19.09 -45.03 -35.65
CA MET H 49 -18.69 -43.97 -36.58
C MET H 49 -18.96 -44.40 -38.02
N ASP H 50 -18.70 -45.67 -38.32
CA ASP H 50 -18.97 -46.20 -39.64
C ASP H 50 -20.44 -46.03 -39.96
N ALA H 51 -21.30 -46.42 -39.02
CA ALA H 51 -22.75 -46.37 -39.23
C ALA H 51 -23.25 -44.95 -39.46
N VAL H 52 -22.65 -43.99 -38.75
CA VAL H 52 -23.12 -42.62 -38.86
C VAL H 52 -22.74 -42.07 -40.23
N ILE H 53 -21.44 -42.12 -40.56
CA ILE H 53 -20.98 -41.69 -41.88
C ILE H 53 -21.74 -42.35 -43.01
N ARG H 54 -21.97 -43.65 -42.93
CA ARG H 54 -22.72 -44.33 -43.98
C ARG H 54 -24.11 -43.71 -44.14
N GLU H 55 -24.80 -43.51 -43.02
CA GLU H 55 -26.17 -43.00 -43.05
C GLU H 55 -26.29 -41.56 -43.54
N TYR H 56 -25.27 -40.73 -43.35
CA TYR H 56 -25.41 -39.31 -43.66
C TYR H 56 -24.56 -38.81 -44.82
N SER H 57 -23.77 -39.69 -45.40
CA SER H 57 -22.90 -39.38 -46.56
C SER H 57 -22.36 -37.96 -46.60
N PRO H 58 -21.63 -37.55 -45.55
CA PRO H 58 -21.18 -36.16 -45.47
C PRO H 58 -20.22 -35.79 -46.59
N SER H 59 -20.34 -34.57 -47.12
CA SER H 59 -19.45 -34.06 -48.15
C SER H 59 -18.22 -33.35 -47.58
N LEU H 60 -18.31 -32.96 -46.31
CA LEU H 60 -17.19 -32.30 -45.66
C LEU H 60 -17.21 -32.56 -44.16
N VAL H 61 -16.21 -33.29 -43.68
CA VAL H 61 -16.20 -33.70 -42.29
C VAL H 61 -15.07 -33.00 -41.53
N LEU H 62 -15.33 -32.63 -40.28
CA LEU H 62 -14.33 -31.98 -39.44
C LEU H 62 -14.02 -32.84 -38.22
N GLU H 63 -12.74 -33.17 -38.05
CA GLU H 63 -12.30 -33.97 -36.90
C GLU H 63 -11.53 -33.10 -35.91
N LEU H 64 -11.90 -33.15 -34.63
CA LEU H 64 -11.10 -32.47 -33.62
C LEU H 64 -10.38 -33.52 -32.80
N GLY H 65 -9.06 -33.63 -33.00
CA GLY H 65 -8.28 -34.64 -32.31
C GLY H 65 -7.88 -35.82 -33.18
N ALA H 66 -6.84 -35.61 -34.00
CA ALA H 66 -6.40 -36.61 -34.97
C ALA H 66 -5.64 -37.78 -34.32
N TYR H 67 -4.89 -37.44 -33.27
CA TYR H 67 -3.84 -38.31 -32.76
C TYR H 67 -3.00 -38.78 -33.97
N CYS H 68 -3.13 -40.05 -34.34
CA CYS H 68 -2.22 -40.66 -35.29
C CYS H 68 -2.83 -40.86 -36.65
N GLY H 69 -4.14 -40.64 -36.73
CA GLY H 69 -4.83 -40.75 -38.00
C GLY H 69 -5.69 -41.99 -38.05
N TYR H 70 -5.76 -42.71 -36.94
CA TYR H 70 -6.51 -43.94 -36.92
C TYR H 70 -7.97 -43.63 -37.17
N SER H 71 -8.51 -42.64 -36.47
CA SER H 71 -9.89 -42.28 -36.68
C SER H 71 -10.08 -41.51 -38.00
N ALA H 72 -9.06 -40.79 -38.45
CA ALA H 72 -9.14 -40.11 -39.75
C ALA H 72 -9.21 -41.15 -40.87
N VAL H 73 -8.40 -42.18 -40.75
CA VAL H 73 -8.37 -43.23 -41.74
C VAL H 73 -9.68 -43.97 -41.72
N ARG H 74 -10.25 -44.14 -40.53
CA ARG H 74 -11.50 -44.87 -40.38
C ARG H 74 -12.61 -44.12 -41.10
N MET H 75 -12.68 -42.82 -40.86
CA MET H 75 -13.79 -42.03 -41.38
C MET H 75 -13.62 -41.73 -42.85
N ALA H 76 -12.43 -41.33 -43.24
CA ALA H 76 -12.19 -40.86 -44.60
C ALA H 76 -12.34 -41.97 -45.63
N ARG H 77 -12.17 -43.21 -45.21
CA ARG H 77 -12.20 -44.32 -46.14
C ARG H 77 -13.62 -44.62 -46.58
N LEU H 78 -14.59 -44.07 -45.85
CA LEU H 78 -16.01 -44.27 -46.16
C LEU H 78 -16.63 -43.07 -46.88
N LEU H 79 -15.89 -41.96 -46.93
CA LEU H 79 -16.31 -40.81 -47.72
C LEU H 79 -16.37 -41.11 -49.22
N GLN H 80 -17.28 -40.42 -49.91
CA GLN H 80 -17.48 -40.60 -51.34
C GLN H 80 -16.49 -39.77 -52.13
N PRO H 81 -16.37 -40.03 -53.45
CA PRO H 81 -15.52 -39.22 -54.34
C PRO H 81 -15.84 -37.73 -54.30
N GLY H 82 -14.84 -36.91 -53.99
CA GLY H 82 -15.04 -35.48 -53.93
C GLY H 82 -15.32 -34.98 -52.53
N ALA H 83 -15.75 -35.88 -51.63
CA ALA H 83 -15.97 -35.54 -50.23
C ALA H 83 -14.65 -35.41 -49.49
N ARG H 84 -14.59 -34.47 -48.56
CA ARG H 84 -13.33 -34.17 -47.92
C ARG H 84 -13.40 -34.23 -46.40
N LEU H 85 -12.22 -34.37 -45.80
CA LEU H 85 -12.07 -34.43 -44.35
C LEU H 85 -11.00 -33.42 -43.92
N LEU H 86 -11.34 -32.62 -42.93
CA LEU H 86 -10.42 -31.71 -42.26
C LEU H 86 -10.18 -32.26 -40.87
N THR H 87 -8.93 -32.38 -40.47
CA THR H 87 -8.67 -32.90 -39.15
C THR H 87 -7.66 -32.01 -38.44
N MET H 88 -7.94 -31.76 -37.16
CA MET H 88 -7.12 -30.89 -36.34
C MET H 88 -6.32 -31.64 -35.28
N GLU H 89 -5.02 -31.34 -35.25
CA GLU H 89 -4.11 -31.95 -34.30
C GLU H 89 -3.28 -30.86 -33.63
N ILE H 90 -3.38 -30.78 -32.31
CA ILE H 90 -2.70 -29.73 -31.56
C ILE H 90 -1.18 -29.95 -31.53
N ASN H 91 -0.76 -31.18 -31.85
CA ASN H 91 0.64 -31.58 -31.72
C ASN H 91 1.38 -31.85 -33.03
N PRO H 92 2.39 -31.03 -33.36
CA PRO H 92 3.17 -31.09 -34.62
C PRO H 92 3.60 -32.49 -35.02
N ASP H 93 4.16 -33.24 -34.08
CA ASP H 93 4.66 -34.59 -34.36
C ASP H 93 3.54 -35.52 -34.78
N CYS H 94 2.44 -35.47 -34.04
CA CYS H 94 1.30 -36.32 -34.35
C CYS H 94 0.69 -35.96 -35.68
N ALA H 95 0.69 -34.66 -36.00
CA ALA H 95 0.16 -34.21 -37.28
C ALA H 95 1.00 -34.80 -38.40
N ALA H 96 2.31 -34.89 -38.17
CA ALA H 96 3.23 -35.46 -39.13
C ALA H 96 3.10 -37.00 -39.22
N ILE H 97 2.91 -37.68 -38.10
CA ILE H 97 2.56 -39.09 -38.14
C ILE H 97 1.30 -39.26 -38.97
N THR H 98 0.32 -38.39 -38.73
CA THR H 98 -0.98 -38.55 -39.33
C THR H 98 -0.88 -38.33 -40.85
N GLN H 99 0.00 -37.42 -41.28
CA GLN H 99 0.22 -37.18 -42.71
C GLN H 99 0.67 -38.45 -43.41
N GLN H 100 1.63 -39.13 -42.80
CA GLN H 100 2.21 -40.31 -43.39
C GLN H 100 1.26 -41.47 -43.34
N MET H 101 0.53 -41.58 -42.25
CA MET H 101 -0.43 -42.66 -42.12
C MET H 101 -1.48 -42.54 -43.21
N LEU H 102 -2.05 -41.35 -43.33
CA LEU H 102 -3.10 -41.10 -44.31
C LEU H 102 -2.57 -41.39 -45.70
N ASN H 103 -1.35 -40.93 -45.97
CA ASN H 103 -0.75 -41.13 -47.27
C ASN H 103 -0.51 -42.61 -47.56
N PHE H 104 -0.09 -43.36 -46.56
CA PHE H 104 0.12 -44.79 -46.76
C PHE H 104 -1.21 -45.47 -47.07
N ALA H 105 -2.30 -44.86 -46.62
CA ALA H 105 -3.64 -45.42 -46.84
C ALA H 105 -4.22 -44.99 -48.19
N GLY H 106 -3.51 -44.11 -48.88
CA GLY H 106 -3.95 -43.61 -50.16
C GLY H 106 -5.10 -42.63 -50.00
N LEU H 107 -4.97 -41.74 -49.02
CA LEU H 107 -6.05 -40.81 -48.69
C LEU H 107 -5.58 -39.36 -48.59
N GLN H 108 -4.35 -39.08 -48.99
CA GLN H 108 -3.80 -37.73 -48.88
C GLN H 108 -4.66 -36.69 -49.63
N ASP H 109 -5.36 -37.17 -50.66
CA ASP H 109 -6.17 -36.30 -51.49
C ASP H 109 -7.52 -36.03 -50.85
N LYS H 110 -7.98 -36.95 -50.02
CA LYS H 110 -9.25 -36.79 -49.30
C LYS H 110 -9.14 -35.99 -47.98
N VAL H 111 -7.98 -36.02 -47.34
CA VAL H 111 -7.80 -35.38 -46.04
C VAL H 111 -6.80 -34.21 -46.04
N THR H 112 -7.07 -33.22 -45.20
CA THR H 112 -6.19 -32.08 -45.00
C THR H 112 -5.94 -31.91 -43.51
N ILE H 113 -4.69 -31.99 -43.07
CA ILE H 113 -4.39 -31.91 -41.65
C ILE H 113 -3.94 -30.53 -41.18
N LEU H 114 -4.82 -29.83 -40.46
CA LEU H 114 -4.48 -28.55 -39.86
C LEU H 114 -3.79 -28.77 -38.51
N ASN H 115 -2.62 -28.19 -38.32
CA ASN H 115 -1.87 -28.36 -37.09
C ASN H 115 -1.98 -27.11 -36.24
N GLY H 116 -2.78 -27.21 -35.18
CA GLY H 116 -3.07 -26.08 -34.30
C GLY H 116 -4.11 -26.42 -33.24
N ALA H 117 -4.51 -25.40 -32.47
CA ALA H 117 -5.56 -25.56 -31.44
C ALA H 117 -6.93 -25.22 -32.01
N SER H 118 -7.98 -25.90 -31.56
CA SER H 118 -9.26 -25.78 -32.23
C SER H 118 -9.81 -24.35 -32.19
N GLN H 119 -9.63 -23.66 -31.07
CA GLN H 119 -10.19 -22.32 -30.93
C GLN H 119 -9.47 -21.31 -31.80
N ASP H 120 -8.28 -21.70 -32.26
CA ASP H 120 -7.44 -20.84 -33.08
C ASP H 120 -7.75 -21.10 -34.54
N LEU H 121 -7.84 -22.38 -34.89
CA LEU H 121 -8.13 -22.81 -36.27
C LEU H 121 -9.58 -22.60 -36.71
N ILE H 122 -10.56 -23.01 -35.90
CA ILE H 122 -11.97 -22.97 -36.32
C ILE H 122 -12.37 -21.61 -36.91
N PRO H 123 -12.01 -20.48 -36.28
CA PRO H 123 -12.28 -19.18 -36.93
C PRO H 123 -11.69 -18.99 -38.33
N GLN H 124 -10.49 -19.53 -38.59
CA GLN H 124 -9.84 -19.34 -39.89
C GLN H 124 -10.40 -20.26 -41.00
N LEU H 125 -11.38 -21.10 -40.67
CA LEU H 125 -11.83 -22.11 -41.60
C LEU H 125 -12.48 -21.55 -42.85
N LYS H 126 -13.24 -20.46 -42.68
CA LYS H 126 -14.01 -19.88 -43.78
C LYS H 126 -13.13 -19.10 -44.74
N LYS H 127 -12.32 -18.20 -44.20
CA LYS H 127 -11.38 -17.44 -45.01
C LYS H 127 -10.24 -18.32 -45.56
N LYS H 128 -9.46 -18.92 -44.66
CA LYS H 128 -8.22 -19.59 -45.04
C LYS H 128 -8.40 -20.92 -45.78
N TYR H 129 -9.41 -21.69 -45.39
CA TYR H 129 -9.56 -23.04 -45.93
C TYR H 129 -10.81 -23.19 -46.81
N ASP H 130 -11.38 -22.05 -47.19
CA ASP H 130 -12.50 -21.97 -48.13
C ASP H 130 -13.65 -22.93 -47.79
N VAL H 131 -14.09 -22.88 -46.54
CA VAL H 131 -15.20 -23.70 -46.08
C VAL H 131 -16.50 -22.91 -46.07
N ASP H 132 -17.53 -23.50 -46.66
CA ASP H 132 -18.88 -22.96 -46.55
C ASP H 132 -19.49 -23.45 -45.23
N THR H 133 -19.98 -24.68 -45.22
CA THR H 133 -20.46 -25.31 -44.00
C THR H 133 -19.94 -26.72 -43.85
N LEU H 134 -20.00 -27.22 -42.64
CA LEU H 134 -19.60 -28.58 -42.32
C LEU H 134 -20.83 -29.45 -42.36
N ASP H 135 -20.68 -30.65 -42.91
CA ASP H 135 -21.79 -31.59 -42.96
C ASP H 135 -21.75 -32.51 -41.75
N MET H 136 -20.57 -32.63 -41.14
CA MET H 136 -20.34 -33.49 -39.98
C MET H 136 -19.06 -33.10 -39.20
N VAL H 137 -19.12 -33.22 -37.88
CA VAL H 137 -18.01 -32.88 -36.99
C VAL H 137 -17.80 -33.97 -35.96
N PHE H 138 -16.59 -34.52 -35.89
CA PHE H 138 -16.30 -35.55 -34.90
C PHE H 138 -15.45 -34.95 -33.78
N LEU H 139 -15.92 -35.08 -32.55
CA LEU H 139 -15.24 -34.46 -31.41
C LEU H 139 -14.59 -35.50 -30.53
N ASP H 140 -13.27 -35.42 -30.41
CA ASP H 140 -12.50 -36.34 -29.56
C ASP H 140 -11.20 -35.69 -29.10
N HIS H 141 -11.21 -34.37 -28.92
CA HIS H 141 -10.08 -33.68 -28.31
C HIS H 141 -10.32 -33.44 -26.82
N TRP H 142 -9.86 -32.31 -26.31
CA TRP H 142 -10.02 -31.97 -24.90
C TRP H 142 -11.48 -31.89 -24.46
N LYS H 143 -11.82 -32.71 -23.46
CA LYS H 143 -13.14 -32.75 -22.86
C LYS H 143 -13.67 -31.35 -22.48
N ASP H 144 -12.80 -30.51 -21.95
CA ASP H 144 -13.22 -29.21 -21.43
C ASP H 144 -13.39 -28.17 -22.56
N ARG H 145 -13.38 -28.64 -23.81
CA ARG H 145 -13.57 -27.72 -24.93
C ARG H 145 -14.69 -28.14 -25.88
N TYR H 146 -15.41 -29.23 -25.59
CA TYR H 146 -16.46 -29.66 -26.50
C TYR H 146 -17.52 -28.59 -26.58
N LEU H 147 -17.87 -28.03 -25.41
CA LEU H 147 -18.96 -27.07 -25.38
C LEU H 147 -18.57 -25.75 -26.06
N PRO H 148 -17.54 -25.06 -25.56
CA PRO H 148 -17.24 -23.79 -26.25
C PRO H 148 -16.85 -23.94 -27.74
N ASP H 149 -16.21 -25.04 -28.15
CA ASP H 149 -15.97 -25.25 -29.58
C ASP H 149 -17.29 -25.42 -30.35
N THR H 150 -18.28 -26.05 -29.73
CA THR H 150 -19.57 -26.17 -30.43
C THR H 150 -20.19 -24.78 -30.61
N LEU H 151 -20.11 -23.95 -29.58
CA LEU H 151 -20.65 -22.62 -29.70
C LEU H 151 -19.82 -21.81 -30.67
N LEU H 152 -18.52 -22.05 -30.66
CA LEU H 152 -17.60 -21.41 -31.61
C LEU H 152 -18.02 -21.73 -33.05
N LEU H 153 -18.34 -22.99 -33.29
CA LEU H 153 -18.81 -23.45 -34.58
C LEU H 153 -20.06 -22.71 -35.01
N GLU H 154 -21.06 -22.66 -34.12
CA GLU H 154 -22.29 -21.92 -34.37
C GLU H 154 -22.00 -20.47 -34.77
N GLU H 155 -21.41 -19.71 -33.85
CA GLU H 155 -21.04 -18.32 -34.09
C GLU H 155 -20.35 -18.11 -35.43
N CYS H 156 -19.46 -19.01 -35.82
CA CYS H 156 -18.68 -18.78 -37.03
C CYS H 156 -19.47 -19.17 -38.28
N GLY H 157 -20.71 -19.59 -38.07
CA GLY H 157 -21.60 -19.92 -39.18
C GLY H 157 -21.24 -21.20 -39.91
N LEU H 158 -20.52 -22.10 -39.24
CA LEU H 158 -20.06 -23.35 -39.84
C LEU H 158 -21.05 -24.51 -39.79
N LEU H 159 -22.12 -24.41 -39.00
CA LEU H 159 -23.11 -25.47 -38.96
C LEU H 159 -24.33 -25.09 -39.77
N ARG H 160 -24.91 -26.07 -40.47
CA ARG H 160 -26.17 -25.87 -41.19
C ARG H 160 -27.24 -26.83 -40.70
N LYS H 161 -28.49 -26.59 -41.04
CA LYS H 161 -29.54 -27.49 -40.61
C LYS H 161 -29.23 -28.89 -41.17
N GLY H 162 -29.00 -29.83 -40.26
CA GLY H 162 -28.71 -31.19 -40.65
C GLY H 162 -27.27 -31.65 -40.42
N THR H 163 -26.42 -30.70 -40.04
CA THR H 163 -25.03 -30.99 -39.70
C THR H 163 -24.95 -31.97 -38.55
N VAL H 164 -24.06 -32.95 -38.65
CA VAL H 164 -23.99 -33.98 -37.63
C VAL H 164 -22.79 -33.80 -36.72
N LEU H 165 -23.07 -33.56 -35.43
CA LEU H 165 -22.06 -33.60 -34.39
C LEU H 165 -22.12 -34.97 -33.78
N LEU H 166 -20.98 -35.64 -33.78
CA LEU H 166 -20.83 -36.95 -33.18
C LEU H 166 -19.70 -36.85 -32.16
N ALA H 167 -20.05 -36.87 -30.89
CA ALA H 167 -19.06 -36.57 -29.86
C ALA H 167 -18.71 -37.82 -29.06
N ASP H 168 -17.43 -37.99 -28.77
CA ASP H 168 -16.95 -39.20 -28.14
C ASP H 168 -16.55 -38.95 -26.70
N ASN H 169 -16.58 -40.03 -25.90
CA ASN H 169 -16.14 -40.03 -24.51
C ASN H 169 -16.99 -39.17 -23.61
N VAL H 170 -18.29 -39.12 -23.91
CA VAL H 170 -19.22 -38.25 -23.17
C VAL H 170 -19.69 -38.88 -21.86
N ILE H 171 -19.27 -40.12 -21.59
CA ILE H 171 -19.56 -40.73 -20.31
C ILE H 171 -18.28 -40.98 -19.51
N VAL H 172 -17.26 -41.48 -20.20
CA VAL H 172 -15.96 -41.79 -19.62
C VAL H 172 -14.87 -41.04 -20.37
N PRO H 173 -14.22 -40.07 -19.73
CA PRO H 173 -14.47 -39.60 -18.37
C PRO H 173 -15.73 -38.74 -18.24
N GLY H 174 -16.35 -38.40 -19.37
CA GLY H 174 -17.58 -37.65 -19.37
C GLY H 174 -17.50 -36.22 -19.88
N THR H 175 -18.51 -35.81 -20.65
CA THR H 175 -18.61 -34.40 -21.01
C THR H 175 -19.99 -33.87 -20.64
N PRO H 176 -20.25 -33.70 -19.32
CA PRO H 176 -21.58 -33.34 -18.79
C PRO H 176 -22.10 -31.99 -19.28
N ASP H 177 -21.25 -30.97 -19.31
CA ASP H 177 -21.60 -29.65 -19.84
C ASP H 177 -22.05 -29.73 -21.30
N PHE H 178 -21.34 -30.51 -22.10
CA PHE H 178 -21.68 -30.64 -23.50
C PHE H 178 -23.01 -31.34 -23.66
N LEU H 179 -23.20 -32.43 -22.92
CA LEU H 179 -24.42 -33.20 -23.01
C LEU H 179 -25.60 -32.37 -22.60
N ALA H 180 -25.42 -31.61 -21.52
CA ALA H 180 -26.47 -30.77 -20.98
C ALA H 180 -26.92 -29.79 -22.04
N TYR H 181 -25.94 -29.24 -22.75
CA TYR H 181 -26.23 -28.26 -23.76
C TYR H 181 -26.95 -28.82 -24.99
N VAL H 182 -26.38 -29.84 -25.63
CA VAL H 182 -26.96 -30.30 -26.88
C VAL H 182 -28.30 -30.95 -26.61
N ARG H 183 -28.47 -31.51 -25.42
CA ARG H 183 -29.73 -32.17 -25.10
C ARG H 183 -30.82 -31.18 -24.71
N GLY H 184 -30.43 -30.07 -24.09
CA GLY H 184 -31.38 -29.10 -23.60
C GLY H 184 -31.69 -27.95 -24.56
N SER H 185 -31.01 -27.94 -25.69
CA SER H 185 -31.20 -26.85 -26.65
C SER H 185 -32.16 -27.27 -27.74
N SER H 186 -32.93 -26.31 -28.24
CA SER H 186 -33.83 -26.63 -29.34
C SER H 186 -33.05 -26.64 -30.65
N SER H 187 -31.78 -26.26 -30.56
CA SER H 187 -30.87 -26.24 -31.71
C SER H 187 -30.33 -27.63 -32.07
N PHE H 188 -30.52 -28.63 -31.21
CA PHE H 188 -29.97 -29.95 -31.43
C PHE H 188 -30.96 -31.07 -31.19
N GLU H 189 -30.92 -32.08 -32.04
CA GLU H 189 -31.63 -33.33 -31.78
C GLU H 189 -30.62 -34.43 -31.50
N CYS H 190 -30.70 -35.02 -30.30
CA CYS H 190 -29.65 -35.90 -29.82
C CYS H 190 -30.01 -37.36 -29.76
N THR H 191 -28.98 -38.17 -29.96
CA THR H 191 -29.07 -39.60 -29.79
C THR H 191 -27.81 -40.10 -29.09
N HIS H 192 -27.99 -41.00 -28.13
CA HIS H 192 -26.85 -41.57 -27.44
C HIS H 192 -26.61 -42.96 -27.98
N TYR H 193 -25.34 -43.26 -28.25
CA TYR H 193 -24.92 -44.61 -28.62
C TYR H 193 -24.03 -45.13 -27.53
N SER H 194 -24.42 -46.27 -26.94
CA SER H 194 -23.61 -46.86 -25.89
C SER H 194 -22.47 -47.73 -26.42
N SER H 195 -21.34 -47.67 -25.73
CA SER H 195 -20.11 -48.30 -26.15
C SER H 195 -19.54 -49.21 -25.04
N TYR H 196 -19.81 -50.51 -25.11
CA TYR H 196 -19.41 -51.43 -24.04
C TYR H 196 -17.94 -51.81 -24.14
N LEU H 197 -17.12 -51.15 -23.32
CA LEU H 197 -15.69 -51.40 -23.31
C LEU H 197 -15.35 -52.59 -22.39
N GLU H 198 -15.97 -52.60 -21.21
CA GLU H 198 -15.79 -53.72 -20.30
C GLU H 198 -17.09 -53.95 -19.53
N TYR H 199 -17.45 -55.23 -19.38
CA TYR H 199 -18.69 -55.62 -18.72
C TYR H 199 -18.88 -54.87 -17.42
N MET H 200 -20.10 -54.34 -17.21
CA MET H 200 -20.50 -53.63 -15.99
C MET H 200 -19.72 -52.37 -15.63
N LYS H 201 -18.41 -52.35 -15.81
CA LYS H 201 -17.66 -51.29 -15.16
C LYS H 201 -17.16 -50.23 -16.12
N VAL H 202 -17.09 -50.54 -17.40
CA VAL H 202 -16.66 -49.52 -18.35
C VAL H 202 -17.63 -49.45 -19.50
N VAL H 203 -18.61 -48.57 -19.35
CA VAL H 203 -19.58 -48.31 -20.40
C VAL H 203 -19.51 -46.83 -20.78
N ASP H 204 -18.95 -46.58 -21.94
CA ASP H 204 -18.81 -45.22 -22.46
C ASP H 204 -19.87 -45.02 -23.52
N GLY H 205 -19.81 -43.91 -24.25
CA GLY H 205 -20.80 -43.67 -25.27
C GLY H 205 -20.45 -42.51 -26.18
N LEU H 206 -21.10 -42.48 -27.34
CA LEU H 206 -21.03 -41.32 -28.21
C LEU H 206 -22.41 -40.66 -28.22
N GLU H 207 -22.44 -39.36 -28.48
CA GLU H 207 -23.69 -38.63 -28.61
C GLU H 207 -23.86 -38.11 -30.04
N LYS H 208 -24.94 -38.48 -30.73
CA LYS H 208 -25.21 -37.88 -32.04
C LYS H 208 -26.12 -36.70 -31.86
N ALA H 209 -25.57 -35.52 -32.07
CA ALA H 209 -26.31 -34.28 -31.93
C ALA H 209 -26.45 -33.61 -33.28
N ILE H 210 -27.67 -33.60 -33.81
CA ILE H 210 -27.92 -33.00 -35.12
C ILE H 210 -28.45 -31.58 -35.04
N TYR H 211 -27.63 -30.62 -35.48
CA TYR H 211 -27.99 -29.20 -35.48
C TYR H 211 -29.27 -28.95 -36.26
N GLN H 212 -30.18 -28.18 -35.67
CA GLN H 212 -31.50 -27.97 -36.25
C GLN H 212 -31.62 -26.61 -36.91
N GLY H 213 -30.51 -25.88 -36.98
CA GLY H 213 -30.56 -24.58 -37.60
C GLY H 213 -30.97 -23.52 -36.59
N PRO H 214 -30.73 -22.25 -36.93
CA PRO H 214 -31.17 -21.13 -36.09
C PRO H 214 -32.70 -20.93 -36.17
N SER H 215 -33.20 -19.83 -35.61
CA SER H 215 -34.63 -19.55 -35.45
C SER H 215 -35.53 -19.86 -36.65
N SER H 216 -36.71 -20.44 -36.35
CA SER H 216 -37.72 -20.80 -37.36
C SER H 216 -37.13 -21.58 -38.54
N GLY I 1 -22.80 39.18 -54.48
CA GLY I 1 -22.48 37.82 -54.05
C GLY I 1 -23.25 36.74 -54.80
N ASP I 2 -23.22 35.52 -54.23
CA ASP I 2 -23.88 34.36 -54.85
C ASP I 2 -25.16 33.95 -54.11
N THR I 3 -26.28 34.58 -54.47
CA THR I 3 -27.57 34.39 -53.80
C THR I 3 -28.02 32.95 -53.76
N LYS I 4 -28.79 32.59 -52.75
CA LYS I 4 -29.15 31.20 -52.57
C LYS I 4 -30.08 30.75 -53.69
N GLU I 5 -30.79 31.69 -54.29
CA GLU I 5 -31.61 31.39 -55.47
C GLU I 5 -30.73 30.92 -56.63
N GLN I 6 -29.58 31.59 -56.82
CA GLN I 6 -28.68 31.23 -57.91
C GLN I 6 -28.14 29.82 -57.68
N ARG I 7 -27.90 29.49 -56.41
CA ARG I 7 -27.33 28.19 -56.08
C ARG I 7 -28.37 27.09 -56.22
N ILE I 8 -29.62 27.40 -55.93
CA ILE I 8 -30.67 26.40 -56.08
C ILE I 8 -30.79 26.06 -57.54
N LEU I 9 -30.80 27.09 -58.37
CA LEU I 9 -30.96 26.91 -59.81
C LEU I 9 -29.76 26.14 -60.37
N ARG I 10 -28.56 26.50 -59.93
CA ARG I 10 -27.37 25.77 -60.35
C ARG I 10 -27.47 24.29 -60.00
N TYR I 11 -28.00 23.99 -58.81
CA TYR I 11 -28.08 22.60 -58.36
C TYR I 11 -28.94 21.82 -59.34
N VAL I 12 -30.07 22.39 -59.72
CA VAL I 12 -30.95 21.82 -60.73
C VAL I 12 -30.21 21.54 -62.04
N GLN I 13 -29.55 22.58 -62.57
CA GLN I 13 -28.86 22.53 -63.85
C GLN I 13 -27.70 21.55 -63.84
N GLN I 14 -27.38 21.06 -62.65
CA GLN I 14 -26.29 20.13 -62.48
C GLN I 14 -26.77 18.71 -62.27
N ASN I 15 -28.01 18.54 -61.83
CA ASN I 15 -28.40 17.22 -61.37
C ASN I 15 -29.71 16.71 -61.95
N ALA I 16 -30.68 17.60 -62.14
CA ALA I 16 -31.96 17.16 -62.67
C ALA I 16 -31.86 16.78 -64.15
N LYS I 17 -32.79 15.96 -64.61
CA LYS I 17 -32.83 15.60 -66.03
C LYS I 17 -33.52 16.71 -66.79
N PRO I 18 -32.99 17.07 -67.96
CA PRO I 18 -33.53 18.17 -68.77
C PRO I 18 -34.89 17.82 -69.39
N GLY I 19 -35.81 18.76 -69.38
CA GLY I 19 -37.13 18.54 -69.96
C GLY I 19 -37.98 17.62 -69.14
N ASP I 20 -37.62 17.45 -67.88
CA ASP I 20 -38.35 16.58 -66.97
C ASP I 20 -38.81 17.37 -65.75
N PRO I 21 -40.05 17.92 -65.82
CA PRO I 21 -40.54 18.82 -64.76
C PRO I 21 -40.51 18.13 -63.41
N GLN I 22 -40.90 16.86 -63.39
CA GLN I 22 -40.85 16.05 -62.17
C GLN I 22 -39.45 15.90 -61.61
N SER I 23 -38.46 15.71 -62.49
CA SER I 23 -37.07 15.62 -62.08
C SER I 23 -36.59 16.94 -61.49
N VAL I 24 -37.03 18.05 -62.09
CA VAL I 24 -36.60 19.37 -61.69
C VAL I 24 -37.15 19.67 -60.31
N LEU I 25 -38.39 19.27 -60.06
CA LEU I 25 -39.00 19.47 -58.74
C LEU I 25 -38.25 18.70 -57.64
N GLU I 26 -38.12 17.38 -57.81
CA GLU I 26 -37.42 16.53 -56.83
C GLU I 26 -36.00 17.04 -56.51
N ALA I 27 -35.34 17.62 -57.50
CA ALA I 27 -34.00 18.17 -57.29
C ALA I 27 -34.06 19.37 -56.34
N ILE I 28 -35.06 20.23 -56.52
CA ILE I 28 -35.25 21.40 -55.66
C ILE I 28 -35.64 20.98 -54.25
N ASP I 29 -36.51 19.99 -54.14
CA ASP I 29 -36.85 19.45 -52.84
C ASP I 29 -35.62 18.87 -52.15
N THR I 30 -34.80 18.16 -52.92
CA THR I 30 -33.58 17.59 -52.38
C THR I 30 -32.63 18.68 -51.85
N TYR I 31 -32.37 19.70 -52.66
CA TYR I 31 -31.50 20.78 -52.25
C TYR I 31 -32.04 21.49 -51.02
N CYS I 32 -33.34 21.80 -51.03
CA CYS I 32 -33.96 22.57 -49.93
C CYS I 32 -33.89 21.87 -48.58
N THR I 33 -34.01 20.54 -48.56
CA THR I 33 -33.88 19.85 -47.28
C THR I 33 -32.40 19.75 -46.85
N GLN I 34 -31.48 19.70 -47.82
CA GLN I 34 -30.04 19.64 -47.50
C GLN I 34 -29.49 20.97 -46.97
N LYS I 35 -30.02 22.07 -47.47
CA LYS I 35 -29.51 23.39 -47.13
C LYS I 35 -30.51 24.14 -46.27
N GLU I 36 -31.44 23.37 -45.70
CA GLU I 36 -32.44 23.84 -44.75
C GLU I 36 -33.06 25.15 -45.17
N TRP I 37 -33.94 24.99 -46.14
CA TRP I 37 -34.66 26.06 -46.81
C TRP I 37 -35.96 25.43 -47.28
N ALA I 38 -36.87 26.24 -47.81
CA ALA I 38 -38.15 25.73 -48.25
C ALA I 38 -38.62 26.50 -49.45
N MET I 39 -39.42 25.88 -50.31
CA MET I 39 -39.96 26.64 -51.42
C MET I 39 -41.23 27.40 -51.01
N ASN I 40 -41.95 27.90 -52.01
CA ASN I 40 -43.07 28.78 -51.76
C ASN I 40 -44.35 27.94 -51.62
N VAL I 41 -44.31 26.69 -52.07
CA VAL I 41 -45.28 25.67 -51.61
C VAL I 41 -44.53 24.41 -51.16
N GLY I 42 -45.07 23.74 -50.15
CA GLY I 42 -44.47 22.52 -49.63
C GLY I 42 -44.90 21.37 -50.52
N ASP I 43 -44.80 20.14 -50.04
CA ASP I 43 -45.26 19.04 -50.86
C ASP I 43 -46.76 18.84 -50.71
N ALA I 44 -47.25 18.95 -49.48
CA ALA I 44 -48.67 18.76 -49.19
C ALA I 44 -49.53 19.73 -50.03
N LYS I 45 -49.20 21.02 -49.98
CA LYS I 45 -49.91 22.01 -50.79
C LYS I 45 -49.78 21.68 -52.27
N GLY I 46 -48.64 21.11 -52.64
CA GLY I 46 -48.41 20.70 -54.02
C GLY I 46 -49.40 19.67 -54.53
N GLN I 47 -49.80 18.75 -53.67
CA GLN I 47 -50.74 17.73 -54.06
C GLN I 47 -52.15 18.30 -54.26
N ILE I 48 -52.45 19.36 -53.51
CA ILE I 48 -53.72 20.04 -53.62
C ILE I 48 -53.76 20.83 -54.92
N MET I 49 -52.62 21.42 -55.30
CA MET I 49 -52.53 22.16 -56.55
C MET I 49 -52.72 21.22 -57.73
N ASP I 50 -51.99 20.11 -57.73
CA ASP I 50 -52.16 19.09 -58.76
C ASP I 50 -53.64 18.73 -58.93
N ALA I 51 -54.27 18.27 -57.85
CA ALA I 51 -55.66 17.82 -57.88
C ALA I 51 -56.59 18.86 -58.48
N VAL I 52 -56.35 20.13 -58.15
CA VAL I 52 -57.22 21.20 -58.60
C VAL I 52 -57.00 21.46 -60.08
N ILE I 53 -55.75 21.50 -60.53
CA ILE I 53 -55.47 21.68 -61.97
C ILE I 53 -55.99 20.53 -62.83
N ARG I 54 -55.87 19.30 -62.31
CA ARG I 54 -56.36 18.12 -63.03
C ARG I 54 -57.89 18.12 -63.13
N GLU I 55 -58.55 18.47 -62.03
CA GLU I 55 -60.01 18.48 -61.98
C GLU I 55 -60.61 19.48 -62.96
N TYR I 56 -60.00 20.66 -63.02
CA TYR I 56 -60.58 21.76 -63.79
C TYR I 56 -59.96 21.96 -65.17
N SER I 57 -58.81 21.31 -65.43
CA SER I 57 -58.00 21.51 -66.65
C SER I 57 -58.14 22.90 -67.23
N PRO I 58 -57.61 23.91 -66.52
CA PRO I 58 -57.74 25.29 -67.00
C PRO I 58 -56.86 25.49 -68.23
N SER I 59 -57.32 26.30 -69.18
CA SER I 59 -56.60 26.53 -70.42
C SER I 59 -55.64 27.72 -70.33
N LEU I 60 -55.98 28.69 -69.50
CA LEU I 60 -55.06 29.78 -69.17
C LEU I 60 -55.03 29.98 -67.63
N VAL I 61 -53.84 29.91 -67.05
CA VAL I 61 -53.65 30.11 -65.59
C VAL I 61 -52.83 31.37 -65.29
N LEU I 62 -53.20 32.09 -64.25
CA LEU I 62 -52.41 33.22 -63.76
C LEU I 62 -51.84 32.92 -62.37
N GLU I 63 -50.53 33.09 -62.21
CA GLU I 63 -49.91 32.90 -60.92
C GLU I 63 -49.38 34.23 -60.40
N LEU I 64 -49.60 34.50 -59.12
CA LEU I 64 -49.06 35.71 -58.51
C LEU I 64 -48.02 35.35 -57.44
N GLY I 65 -46.77 35.69 -57.70
CA GLY I 65 -45.67 35.37 -56.81
C GLY I 65 -44.85 34.15 -57.24
N ALA I 66 -44.22 34.27 -58.41
CA ALA I 66 -43.46 33.18 -58.99
C ALA I 66 -42.32 32.66 -58.11
N TYR I 67 -41.61 33.58 -57.47
CA TYR I 67 -40.34 33.26 -56.82
C TYR I 67 -39.40 32.54 -57.80
N CYS I 68 -38.99 31.32 -57.45
CA CYS I 68 -37.92 30.61 -58.16
C CYS I 68 -38.42 29.72 -59.29
N GLY I 69 -39.73 29.56 -59.39
CA GLY I 69 -40.34 28.77 -60.43
C GLY I 69 -40.85 27.41 -60.00
N TYR I 70 -40.87 27.17 -58.69
CA TYR I 70 -41.25 25.86 -58.21
C TYR I 70 -42.72 25.65 -58.51
N SER I 71 -43.55 26.61 -58.11
CA SER I 71 -44.98 26.44 -58.30
C SER I 71 -45.36 26.57 -59.78
N ALA I 72 -44.52 27.22 -60.59
CA ALA I 72 -44.78 27.30 -62.03
C ALA I 72 -44.48 25.97 -62.74
N VAL I 73 -43.34 25.38 -62.42
CA VAL I 73 -43.00 24.05 -62.93
C VAL I 73 -44.08 23.07 -62.50
N ARG I 74 -44.39 23.10 -61.22
CA ARG I 74 -45.40 22.23 -60.64
C ARG I 74 -46.72 22.32 -61.40
N MET I 75 -47.16 23.53 -61.72
CA MET I 75 -48.45 23.70 -62.39
C MET I 75 -48.40 23.44 -63.91
N ALA I 76 -47.39 23.96 -64.58
CA ALA I 76 -47.34 23.91 -66.04
C ALA I 76 -47.14 22.49 -66.58
N ARG I 77 -46.60 21.59 -65.76
CA ARG I 77 -46.38 20.22 -66.19
C ARG I 77 -47.69 19.46 -66.33
N LEU I 78 -48.76 20.04 -65.76
CA LEU I 78 -50.08 19.41 -65.70
C LEU I 78 -51.03 20.00 -66.72
N LEU I 79 -50.67 21.17 -67.24
CA LEU I 79 -51.39 21.80 -68.33
C LEU I 79 -51.42 20.93 -69.59
N GLN I 80 -52.58 20.88 -70.22
CA GLN I 80 -52.79 20.20 -71.50
C GLN I 80 -52.01 20.93 -72.61
N PRO I 81 -51.86 20.27 -73.78
CA PRO I 81 -51.28 20.95 -74.94
C PRO I 81 -52.12 22.14 -75.39
N GLY I 82 -51.48 23.30 -75.53
CA GLY I 82 -52.18 24.51 -75.94
C GLY I 82 -52.43 25.45 -74.78
N ALA I 83 -52.58 24.87 -73.60
CA ALA I 83 -52.81 25.64 -72.38
C ALA I 83 -51.54 26.38 -71.97
N ARG I 84 -51.72 27.59 -71.44
CA ARG I 84 -50.61 28.44 -71.05
C ARG I 84 -50.73 28.94 -69.61
N LEU I 85 -49.62 29.40 -69.04
CA LEU I 85 -49.60 29.94 -67.68
C LEU I 85 -48.83 31.25 -67.64
N LEU I 86 -49.52 32.36 -67.33
CA LEU I 86 -48.83 33.61 -67.03
C LEU I 86 -48.41 33.66 -65.56
N THR I 87 -47.18 34.07 -65.27
CA THR I 87 -46.73 34.14 -63.89
C THR I 87 -46.04 35.49 -63.57
N MET I 88 -46.45 36.11 -62.46
CA MET I 88 -45.93 37.42 -62.06
C MET I 88 -44.99 37.31 -60.89
N GLU I 89 -43.91 38.06 -60.96
CA GLU I 89 -42.88 38.02 -59.95
C GLU I 89 -42.32 39.43 -59.80
N ILE I 90 -42.40 39.97 -58.59
CA ILE I 90 -42.04 41.35 -58.39
C ILE I 90 -40.52 41.54 -58.47
N ASN I 91 -39.74 40.53 -58.11
CA ASN I 91 -38.29 40.68 -58.12
C ASN I 91 -37.62 40.27 -59.45
N PRO I 92 -36.84 41.18 -60.03
CA PRO I 92 -36.29 40.93 -61.37
C PRO I 92 -35.34 39.74 -61.36
N ASP I 93 -34.60 39.56 -60.27
CA ASP I 93 -33.62 38.47 -60.20
C ASP I 93 -34.31 37.12 -60.14
N CYS I 94 -35.35 37.03 -59.30
CA CYS I 94 -36.14 35.81 -59.22
C CYS I 94 -36.79 35.45 -60.57
N ALA I 95 -37.23 36.46 -61.31
CA ALA I 95 -37.82 36.25 -62.62
C ALA I 95 -36.83 35.62 -63.60
N ALA I 96 -35.59 36.10 -63.58
CA ALA I 96 -34.52 35.53 -64.40
C ALA I 96 -34.27 34.06 -64.03
N ILE I 97 -34.23 33.77 -62.73
CA ILE I 97 -34.11 32.41 -62.24
C ILE I 97 -35.29 31.55 -62.75
N THR I 98 -36.48 32.12 -62.67
CA THR I 98 -37.69 31.40 -63.05
C THR I 98 -37.65 31.00 -64.53
N GLN I 99 -37.18 31.91 -65.38
CA GLN I 99 -37.03 31.60 -66.80
C GLN I 99 -36.12 30.40 -67.02
N GLN I 100 -34.93 30.43 -66.41
CA GLN I 100 -34.00 29.32 -66.51
C GLN I 100 -34.57 28.04 -65.92
N MET I 101 -35.26 28.16 -64.79
CA MET I 101 -35.88 27.00 -64.13
C MET I 101 -36.91 26.37 -65.05
N LEU I 102 -37.74 27.22 -65.65
CA LEU I 102 -38.79 26.75 -66.53
C LEU I 102 -38.21 26.22 -67.82
N ASN I 103 -37.13 26.85 -68.27
CA ASN I 103 -36.50 26.40 -69.49
C ASN I 103 -35.88 25.05 -69.31
N PHE I 104 -35.17 24.86 -68.20
CA PHE I 104 -34.52 23.60 -67.95
C PHE I 104 -35.54 22.48 -67.87
N ALA I 105 -36.74 22.81 -67.37
CA ALA I 105 -37.82 21.85 -67.24
C ALA I 105 -38.52 21.56 -68.57
N GLY I 106 -38.08 22.22 -69.62
CA GLY I 106 -38.71 22.08 -70.92
C GLY I 106 -40.15 22.55 -70.92
N LEU I 107 -40.38 23.65 -70.22
CA LEU I 107 -41.71 24.24 -70.08
C LEU I 107 -41.74 25.68 -70.58
N GLN I 108 -40.78 26.05 -71.41
CA GLN I 108 -40.63 27.44 -71.86
C GLN I 108 -41.81 27.93 -72.71
N ASP I 109 -42.39 27.05 -73.51
CA ASP I 109 -43.43 27.48 -74.43
C ASP I 109 -44.76 27.62 -73.73
N LYS I 110 -44.91 26.93 -72.61
CA LYS I 110 -46.15 26.99 -71.81
C LYS I 110 -46.24 28.21 -70.88
N VAL I 111 -45.12 28.78 -70.49
CA VAL I 111 -45.12 29.81 -69.47
C VAL I 111 -44.52 31.14 -69.94
N THR I 112 -45.19 32.21 -69.55
CA THR I 112 -44.72 33.56 -69.75
C THR I 112 -44.42 34.19 -68.40
N ILE I 113 -43.37 34.99 -68.31
CA ILE I 113 -43.05 35.59 -67.02
C ILE I 113 -43.08 37.11 -67.08
N LEU I 114 -44.01 37.69 -66.33
CA LEU I 114 -44.10 39.13 -66.25
C LEU I 114 -43.38 39.58 -64.99
N ASN I 115 -42.56 40.61 -65.11
CA ASN I 115 -41.84 41.16 -63.97
C ASN I 115 -42.33 42.55 -63.62
N GLY I 116 -42.93 42.68 -62.45
CA GLY I 116 -43.53 43.93 -62.03
C GLY I 116 -44.50 43.64 -60.91
N ALA I 117 -45.20 44.67 -60.45
CA ALA I 117 -46.18 44.48 -59.39
C ALA I 117 -47.53 44.03 -59.94
N SER I 118 -48.19 43.11 -59.23
CA SER I 118 -49.52 42.63 -59.64
C SER I 118 -50.51 43.75 -59.93
N GLN I 119 -50.52 44.81 -59.12
CA GLN I 119 -51.47 45.89 -59.36
C GLN I 119 -51.11 46.67 -60.63
N ASP I 120 -49.87 46.55 -61.10
CA ASP I 120 -49.49 47.26 -62.32
C ASP I 120 -49.73 46.39 -63.54
N LEU I 121 -49.38 45.11 -63.42
CA LEU I 121 -49.49 44.17 -64.52
C LEU I 121 -50.91 43.71 -64.83
N ILE I 122 -51.75 43.64 -63.81
CA ILE I 122 -53.08 43.07 -64.03
C ILE I 122 -53.92 43.92 -65.00
N PRO I 123 -53.91 45.26 -64.85
CA PRO I 123 -54.66 46.02 -65.85
C PRO I 123 -54.15 45.86 -67.30
N GLN I 124 -52.84 45.65 -67.49
CA GLN I 124 -52.28 45.51 -68.83
C GLN I 124 -52.55 44.15 -69.48
N LEU I 125 -53.08 43.21 -68.70
CA LEU I 125 -53.21 41.84 -69.19
C LEU I 125 -54.05 41.76 -70.47
N LYS I 126 -55.17 42.48 -70.52
CA LYS I 126 -56.08 42.31 -71.63
C LYS I 126 -55.53 42.79 -73.00
N LYS I 127 -54.73 43.86 -73.01
CA LYS I 127 -54.27 44.40 -74.28
C LYS I 127 -52.81 44.05 -74.61
N LYS I 128 -51.96 43.99 -73.59
CA LYS I 128 -50.52 43.75 -73.81
C LYS I 128 -50.17 42.27 -73.87
N TYR I 129 -51.07 41.42 -73.42
CA TYR I 129 -50.82 39.97 -73.40
C TYR I 129 -52.01 39.24 -74.03
N ASP I 130 -52.93 40.03 -74.58
CA ASP I 130 -54.04 39.56 -75.38
C ASP I 130 -54.88 38.48 -74.67
N VAL I 131 -55.13 38.71 -73.39
CA VAL I 131 -55.90 37.78 -72.57
C VAL I 131 -57.38 38.11 -72.60
N ASP I 132 -58.22 37.10 -72.75
CA ASP I 132 -59.66 37.31 -72.60
C ASP I 132 -60.08 37.02 -71.16
N THR I 133 -60.09 35.75 -70.78
CA THR I 133 -60.47 35.37 -69.43
C THR I 133 -59.56 34.30 -68.85
N LEU I 134 -59.12 34.54 -67.61
CA LEU I 134 -58.35 33.56 -66.86
C LEU I 134 -59.28 32.46 -66.39
N ASP I 135 -58.80 31.21 -66.43
CA ASP I 135 -59.62 30.10 -66.01
C ASP I 135 -59.18 29.67 -64.62
N MET I 136 -57.96 30.06 -64.25
CA MET I 136 -57.41 29.79 -62.92
C MET I 136 -56.43 30.87 -62.44
N VAL I 137 -56.56 31.28 -61.17
CA VAL I 137 -55.55 32.12 -60.52
C VAL I 137 -54.97 31.45 -59.28
N PHE I 138 -53.65 31.39 -59.21
CA PHE I 138 -52.99 30.95 -57.99
C PHE I 138 -52.42 32.20 -57.33
N LEU I 139 -52.91 32.47 -56.11
CA LEU I 139 -52.47 33.64 -55.33
C LEU I 139 -51.48 33.22 -54.27
N ASP I 140 -50.25 33.72 -54.38
CA ASP I 140 -49.25 33.46 -53.37
C ASP I 140 -48.26 34.61 -53.33
N HIS I 141 -48.76 35.83 -53.48
CA HIS I 141 -47.88 36.99 -53.35
C HIS I 141 -48.13 37.60 -51.98
N TRP I 142 -48.19 38.94 -51.90
CA TRP I 142 -48.31 39.62 -50.60
C TRP I 142 -49.71 39.47 -50.03
N LYS I 143 -49.80 39.13 -48.75
CA LYS I 143 -51.11 38.81 -48.16
C LYS I 143 -52.05 40.00 -48.28
N ASP I 144 -51.56 41.19 -47.96
CA ASP I 144 -52.43 42.35 -47.87
C ASP I 144 -52.89 42.80 -49.25
N ARG I 145 -52.49 42.08 -50.29
CA ARG I 145 -52.89 42.43 -51.65
C ARG I 145 -53.69 41.30 -52.30
N TYR I 146 -54.17 40.36 -51.50
CA TYR I 146 -55.06 39.31 -52.00
C TYR I 146 -56.39 39.91 -52.38
N LEU I 147 -57.09 40.45 -51.38
CA LEU I 147 -58.41 41.09 -51.57
C LEU I 147 -58.40 42.15 -52.67
N PRO I 148 -57.51 43.18 -52.59
CA PRO I 148 -57.59 44.18 -53.65
C PRO I 148 -57.14 43.70 -55.05
N ASP I 149 -56.37 42.62 -55.17
CA ASP I 149 -56.05 42.11 -56.51
C ASP I 149 -57.20 41.28 -57.07
N THR I 150 -57.91 40.58 -56.19
CA THR I 150 -59.10 39.84 -56.61
C THR I 150 -60.14 40.83 -57.16
N LEU I 151 -60.23 42.01 -56.56
CA LEU I 151 -61.21 42.97 -57.03
C LEU I 151 -60.73 43.69 -58.27
N LEU I 152 -59.42 43.81 -58.40
CA LEU I 152 -58.83 44.33 -59.63
C LEU I 152 -59.12 43.38 -60.80
N LEU I 153 -58.98 42.09 -60.55
CA LEU I 153 -59.33 41.06 -61.52
C LEU I 153 -60.77 41.20 -61.98
N GLU I 154 -61.70 41.30 -61.02
CA GLU I 154 -63.12 41.44 -61.31
C GLU I 154 -63.45 42.66 -62.21
N GLU I 155 -62.94 43.83 -61.84
CA GLU I 155 -63.22 45.05 -62.59
C GLU I 155 -62.66 45.02 -64.00
N CYS I 156 -61.53 44.33 -64.18
CA CYS I 156 -60.88 44.26 -65.48
C CYS I 156 -61.48 43.18 -66.38
N GLY I 157 -62.53 42.51 -65.90
CA GLY I 157 -63.26 41.53 -66.69
C GLY I 157 -62.50 40.25 -67.01
N LEU I 158 -61.53 39.92 -66.16
CA LEU I 158 -60.63 38.81 -66.42
C LEU I 158 -61.14 37.48 -65.89
N LEU I 159 -62.10 37.53 -64.98
CA LEU I 159 -62.75 36.31 -64.51
C LEU I 159 -64.01 36.03 -65.30
N ARG I 160 -64.32 34.74 -65.47
CA ARG I 160 -65.58 34.32 -66.05
C ARG I 160 -66.21 33.30 -65.11
N LYS I 161 -67.48 32.98 -65.33
CA LYS I 161 -68.16 32.01 -64.48
C LYS I 161 -67.42 30.66 -64.54
N GLY I 162 -66.85 30.26 -63.40
CA GLY I 162 -66.13 29.00 -63.29
C GLY I 162 -64.63 29.18 -63.06
N THR I 163 -64.17 30.41 -63.23
CA THR I 163 -62.80 30.75 -62.93
C THR I 163 -62.46 30.40 -61.50
N VAL I 164 -61.43 29.57 -61.35
CA VAL I 164 -61.02 29.09 -60.06
C VAL I 164 -59.91 29.97 -59.50
N LEU I 165 -60.15 30.49 -58.30
CA LEU I 165 -59.11 31.14 -57.52
C LEU I 165 -58.54 30.15 -56.52
N LEU I 166 -57.21 30.01 -56.49
CA LEU I 166 -56.57 29.17 -55.50
C LEU I 166 -55.65 30.02 -54.63
N ALA I 167 -56.11 30.32 -53.42
CA ALA I 167 -55.34 31.14 -52.51
C ALA I 167 -54.53 30.32 -51.53
N ASP I 168 -53.22 30.56 -51.50
CA ASP I 168 -52.35 29.92 -50.53
C ASP I 168 -52.13 30.79 -49.30
N ASN I 169 -51.83 30.13 -48.18
CA ASN I 169 -51.56 30.80 -46.92
C ASN I 169 -52.73 31.61 -46.33
N VAL I 170 -53.96 31.12 -46.56
CA VAL I 170 -55.13 31.80 -46.05
C VAL I 170 -55.24 31.71 -44.50
N ILE I 171 -54.54 30.76 -43.89
CA ILE I 171 -54.56 30.64 -42.43
C ILE I 171 -53.23 31.01 -41.76
N VAL I 172 -52.12 30.60 -42.36
CA VAL I 172 -50.82 31.01 -41.83
C VAL I 172 -50.03 31.68 -42.93
N PRO I 173 -49.64 32.94 -42.71
CA PRO I 173 -49.92 33.75 -41.52
C PRO I 173 -51.37 34.21 -41.41
N GLY I 174 -52.14 34.02 -42.48
CA GLY I 174 -53.53 34.40 -42.54
C GLY I 174 -53.83 35.43 -43.61
N THR I 175 -54.96 35.25 -44.30
CA THR I 175 -55.53 36.32 -45.11
C THR I 175 -57.01 36.46 -44.75
N PRO I 176 -57.30 36.93 -43.54
CA PRO I 176 -58.67 36.96 -43.02
C PRO I 176 -59.62 37.85 -43.84
N ASP I 177 -59.14 39.00 -44.33
CA ASP I 177 -59.91 39.86 -45.22
C ASP I 177 -60.31 39.15 -46.51
N PHE I 178 -59.32 38.60 -47.21
CA PHE I 178 -59.61 37.91 -48.46
C PHE I 178 -60.58 36.73 -48.23
N LEU I 179 -60.35 35.99 -47.16
CA LEU I 179 -61.25 34.90 -46.81
C LEU I 179 -62.69 35.37 -46.56
N ALA I 180 -62.83 36.48 -45.84
CA ALA I 180 -64.16 37.02 -45.53
C ALA I 180 -64.90 37.44 -46.79
N TYR I 181 -64.17 38.06 -47.72
CA TYR I 181 -64.78 38.53 -48.95
C TYR I 181 -65.36 37.36 -49.73
N VAL I 182 -64.51 36.37 -50.07
CA VAL I 182 -64.95 35.26 -50.93
C VAL I 182 -65.94 34.37 -50.21
N ARG I 183 -65.76 34.13 -48.91
CA ARG I 183 -66.70 33.29 -48.21
C ARG I 183 -68.05 34.00 -47.99
N GLY I 184 -68.00 35.31 -47.77
CA GLY I 184 -69.23 36.09 -47.65
C GLY I 184 -69.92 36.44 -48.95
N SER I 185 -69.15 36.65 -50.02
CA SER I 185 -69.72 37.11 -51.28
C SER I 185 -70.47 36.02 -52.04
N SER I 186 -71.53 36.43 -52.73
CA SER I 186 -72.34 35.55 -53.56
C SER I 186 -71.64 35.31 -54.88
N SER I 187 -70.67 36.17 -55.17
CA SER I 187 -69.86 36.06 -56.38
C SER I 187 -68.93 34.82 -56.36
N PHE I 188 -68.76 34.19 -55.20
CA PHE I 188 -67.81 33.10 -55.09
C PHE I 188 -68.39 31.90 -54.37
N GLU I 189 -67.96 30.71 -54.79
CA GLU I 189 -68.32 29.47 -54.13
C GLU I 189 -67.02 28.85 -53.58
N CYS I 190 -66.95 28.71 -52.26
CA CYS I 190 -65.67 28.42 -51.63
C CYS I 190 -65.51 27.02 -51.07
N THR I 191 -64.25 26.59 -50.98
CA THR I 191 -63.86 25.32 -50.37
C THR I 191 -62.49 25.44 -49.74
N HIS I 192 -62.35 24.89 -48.54
CA HIS I 192 -61.09 24.98 -47.83
C HIS I 192 -60.35 23.64 -47.92
N TYR I 193 -59.06 23.71 -48.22
CA TYR I 193 -58.22 22.52 -48.18
C TYR I 193 -57.17 22.71 -47.12
N SER I 194 -57.30 21.94 -46.05
CA SER I 194 -56.32 22.01 -45.01
C SER I 194 -55.01 21.40 -45.48
N SER I 195 -53.96 21.71 -44.74
CA SER I 195 -52.59 21.53 -45.18
C SER I 195 -51.73 21.36 -43.94
N TYR I 196 -51.49 20.11 -43.56
CA TYR I 196 -50.85 19.80 -42.28
C TYR I 196 -49.32 19.82 -42.36
N LEU I 197 -48.74 20.89 -41.83
CA LEU I 197 -47.30 21.15 -41.91
C LEU I 197 -46.56 20.66 -40.67
N GLU I 198 -47.26 20.66 -39.54
CA GLU I 198 -46.70 20.19 -38.28
C GLU I 198 -47.82 19.90 -37.29
N TYR I 199 -47.82 18.66 -36.79
CA TYR I 199 -48.87 18.15 -35.90
C TYR I 199 -49.31 19.20 -34.87
N MET I 200 -50.61 19.43 -34.81
CA MET I 200 -51.21 20.36 -33.84
C MET I 200 -50.84 21.85 -33.92
N LYS I 201 -49.73 22.24 -34.54
CA LYS I 201 -49.29 23.62 -34.34
C LYS I 201 -49.04 24.42 -35.60
N VAL I 202 -48.72 23.75 -36.71
CA VAL I 202 -48.65 24.44 -37.99
C VAL I 202 -49.59 23.77 -38.96
N VAL I 203 -50.84 24.24 -38.94
CA VAL I 203 -51.87 23.74 -39.84
C VAL I 203 -52.34 24.90 -40.67
N ASP I 204 -52.02 24.85 -41.96
CA ASP I 204 -52.33 25.91 -42.90
C ASP I 204 -53.44 25.48 -43.86
N GLY I 205 -53.81 26.35 -44.79
CA GLY I 205 -54.78 25.94 -45.78
C GLY I 205 -54.73 26.68 -47.09
N LEU I 206 -55.36 26.10 -48.09
CA LEU I 206 -55.68 26.79 -49.33
C LEU I 206 -57.18 27.01 -49.43
N GLU I 207 -57.58 28.13 -50.01
CA GLU I 207 -58.98 28.38 -50.31
C GLU I 207 -59.25 28.23 -51.81
N LYS I 208 -60.21 27.39 -52.17
CA LYS I 208 -60.66 27.36 -53.55
C LYS I 208 -61.92 28.20 -53.72
N ALA I 209 -61.77 29.35 -54.38
CA ALA I 209 -62.88 30.26 -54.61
C ALA I 209 -63.28 30.29 -56.09
N ILE I 210 -64.43 29.69 -56.41
CA ILE I 210 -64.92 29.63 -57.78
C ILE I 210 -65.84 30.80 -58.09
N TYR I 211 -65.38 31.70 -58.95
CA TYR I 211 -66.17 32.88 -59.31
C TYR I 211 -67.49 32.48 -60.02
N GLN I 212 -68.51 33.35 -59.98
CA GLN I 212 -69.83 32.94 -60.46
C GLN I 212 -70.41 33.86 -61.52
N GLY I 213 -69.63 34.84 -61.98
CA GLY I 213 -70.10 35.81 -62.95
C GLY I 213 -70.95 36.85 -62.25
N PRO I 214 -71.26 37.96 -62.94
CA PRO I 214 -72.22 38.91 -62.39
C PRO I 214 -73.68 38.43 -62.59
N SER I 215 -74.66 39.33 -62.44
CA SER I 215 -76.06 39.02 -62.73
C SER I 215 -76.51 39.65 -64.05
N GLY J 1 52.13 -73.76 21.10
CA GLY J 1 52.72 -72.43 21.15
C GLY J 1 54.23 -72.51 21.23
N ASP J 2 54.87 -72.68 20.08
CA ASP J 2 56.32 -72.78 20.05
C ASP J 2 56.98 -71.42 19.79
N THR J 3 57.46 -70.77 20.85
CA THR J 3 57.90 -69.36 20.77
C THR J 3 59.05 -69.14 19.81
N LYS J 4 59.30 -67.89 19.48
CA LYS J 4 60.30 -67.62 18.47
C LYS J 4 61.71 -67.78 19.08
N GLU J 5 61.82 -67.53 20.39
CA GLU J 5 63.11 -67.66 21.06
C GLU J 5 63.49 -69.12 21.15
N GLN J 6 62.48 -69.95 21.39
CA GLN J 6 62.68 -71.39 21.40
C GLN J 6 63.15 -71.83 20.02
N ARG J 7 62.55 -71.28 18.97
CA ARG J 7 62.93 -71.65 17.62
C ARG J 7 64.33 -71.17 17.31
N ILE J 8 64.72 -70.02 17.86
CA ILE J 8 66.08 -69.54 17.60
C ILE J 8 67.07 -70.51 18.24
N LEU J 9 66.83 -70.91 19.48
CA LEU J 9 67.72 -71.83 20.18
C LEU J 9 67.85 -73.16 19.43
N ARG J 10 66.74 -73.66 18.90
CA ARG J 10 66.76 -74.95 18.25
C ARG J 10 67.55 -74.85 16.95
N TYR J 11 67.49 -73.69 16.32
CA TYR J 11 68.26 -73.51 15.11
C TYR J 11 69.73 -73.59 15.45
N VAL J 12 70.13 -72.84 16.47
CA VAL J 12 71.53 -72.83 16.89
C VAL J 12 72.00 -74.23 17.23
N GLN J 13 71.18 -74.98 17.95
CA GLN J 13 71.57 -76.32 18.34
C GLN J 13 71.75 -77.27 17.17
N GLN J 14 70.94 -77.07 16.13
CA GLN J 14 70.97 -77.98 15.00
C GLN J 14 71.94 -77.54 13.90
N ASN J 15 72.42 -76.30 13.96
CA ASN J 15 73.27 -75.77 12.90
C ASN J 15 74.56 -75.11 13.35
N ALA J 16 74.75 -74.92 14.64
CA ALA J 16 76.04 -74.39 15.08
C ALA J 16 76.89 -75.53 15.61
N LYS J 17 78.19 -75.29 15.74
CA LYS J 17 79.13 -76.24 16.34
C LYS J 17 79.25 -75.94 17.82
N PRO J 18 78.97 -76.93 18.65
CA PRO J 18 79.03 -76.70 20.09
C PRO J 18 80.42 -76.29 20.54
N GLY J 19 80.51 -75.49 21.60
CA GLY J 19 81.78 -75.07 22.16
C GLY J 19 82.39 -73.91 21.40
N ASP J 20 81.72 -73.54 20.30
CA ASP J 20 82.21 -72.47 19.44
C ASP J 20 81.28 -71.27 19.45
N PRO J 21 81.60 -70.27 20.28
CA PRO J 21 80.79 -69.06 20.38
C PRO J 21 80.64 -68.31 19.05
N GLN J 22 81.70 -68.21 18.25
CA GLN J 22 81.63 -67.50 16.98
C GLN J 22 80.66 -68.18 16.03
N SER J 23 80.57 -69.50 16.13
CA SER J 23 79.62 -70.29 15.33
C SER J 23 78.18 -70.05 15.80
N VAL J 24 78.00 -69.92 17.11
CA VAL J 24 76.69 -69.66 17.68
C VAL J 24 76.23 -68.24 17.31
N LEU J 25 77.15 -67.28 17.36
CA LEU J 25 76.80 -65.93 16.99
C LEU J 25 76.34 -65.88 15.55
N GLU J 26 77.10 -66.50 14.65
CA GLU J 26 76.74 -66.58 13.24
C GLU J 26 75.43 -67.31 12.98
N ALA J 27 75.17 -68.37 13.73
CA ALA J 27 73.92 -69.10 13.55
C ALA J 27 72.73 -68.20 13.90
N ILE J 28 72.79 -67.52 15.05
CA ILE J 28 71.73 -66.58 15.43
C ILE J 28 71.54 -65.49 14.37
N ASP J 29 72.65 -64.91 13.92
CA ASP J 29 72.62 -63.88 12.90
C ASP J 29 71.89 -64.39 11.69
N THR J 30 72.26 -65.61 11.29
CA THR J 30 71.77 -66.17 10.04
C THR J 30 70.28 -66.47 10.14
N TYR J 31 69.84 -66.92 11.31
CA TYR J 31 68.42 -67.17 11.51
C TYR J 31 67.65 -65.86 11.40
N CYS J 32 68.24 -64.80 11.95
CA CYS J 32 67.59 -63.50 12.00
C CYS J 32 67.38 -62.86 10.64
N THR J 33 68.29 -63.08 9.70
CA THR J 33 68.08 -62.49 8.38
C THR J 33 67.13 -63.32 7.52
N GLN J 34 67.13 -64.63 7.73
CA GLN J 34 66.22 -65.53 7.01
C GLN J 34 64.80 -65.40 7.51
N LYS J 35 64.64 -65.28 8.82
CA LYS J 35 63.31 -65.14 9.41
C LYS J 35 62.99 -63.68 9.75
N GLU J 36 63.77 -62.75 9.21
CA GLU J 36 63.51 -61.30 9.30
C GLU J 36 63.18 -60.80 10.70
N TRP J 37 64.05 -61.13 11.63
CA TRP J 37 63.91 -60.74 13.02
C TRP J 37 65.25 -60.09 13.37
N ALA J 38 65.37 -59.54 14.56
CA ALA J 38 66.60 -58.86 14.92
C ALA J 38 66.89 -59.05 16.40
N MET J 39 68.16 -59.11 16.73
CA MET J 39 68.58 -59.43 18.07
C MET J 39 68.66 -58.19 18.89
N ASN J 40 69.12 -58.38 20.11
CA ASN J 40 69.36 -57.35 21.10
C ASN J 40 70.34 -56.26 20.59
N VAL J 41 71.41 -56.68 19.91
CA VAL J 41 72.34 -55.77 19.24
C VAL J 41 72.75 -56.38 17.92
N GLY J 42 72.92 -55.53 16.91
CA GLY J 42 73.34 -55.99 15.60
C GLY J 42 74.84 -56.09 15.51
N ASP J 43 75.36 -56.27 14.30
CA ASP J 43 76.80 -56.42 14.13
C ASP J 43 77.57 -55.12 14.40
N ALA J 44 77.05 -54.00 13.91
CA ALA J 44 77.73 -52.72 14.07
C ALA J 44 78.00 -52.41 15.55
N LYS J 45 76.97 -52.56 16.38
CA LYS J 45 77.13 -52.31 17.82
C LYS J 45 77.98 -53.39 18.48
N GLY J 46 77.85 -54.63 18.00
CA GLY J 46 78.71 -55.71 18.44
C GLY J 46 80.19 -55.40 18.36
N GLN J 47 80.62 -54.88 17.22
CA GLN J 47 82.00 -54.45 17.05
C GLN J 47 82.39 -53.33 18.04
N ILE J 48 81.44 -52.52 18.46
CA ILE J 48 81.74 -51.51 19.49
C ILE J 48 81.83 -52.15 20.89
N MET J 49 81.01 -53.17 21.12
CA MET J 49 81.07 -53.88 22.39
C MET J 49 82.41 -54.60 22.47
N ASP J 50 82.75 -55.32 21.41
CA ASP J 50 84.02 -56.04 21.33
C ASP J 50 85.18 -55.11 21.66
N ALA J 51 85.14 -53.91 21.10
CA ALA J 51 86.23 -52.96 21.26
C ALA J 51 86.38 -52.52 22.71
N VAL J 52 85.28 -52.22 23.36
CA VAL J 52 85.34 -51.73 24.73
C VAL J 52 85.89 -52.82 25.63
N ILE J 53 85.33 -54.03 25.48
CA ILE J 53 85.75 -55.18 26.30
C ILE J 53 87.24 -55.50 26.14
N ARG J 54 87.74 -55.36 24.94
CA ARG J 54 89.16 -55.57 24.74
C ARG J 54 89.94 -54.45 25.44
N GLU J 55 89.50 -53.20 25.27
CA GLU J 55 90.29 -52.08 25.75
C GLU J 55 90.42 -52.10 27.25
N TYR J 56 89.36 -52.53 27.93
CA TYR J 56 89.27 -52.42 29.39
C TYR J 56 89.40 -53.75 30.12
N SER J 57 89.30 -54.85 29.38
CA SER J 57 89.47 -56.21 29.91
C SER J 57 88.93 -56.41 31.32
N PRO J 58 87.61 -56.24 31.48
CA PRO J 58 86.96 -56.29 32.79
C PRO J 58 87.00 -57.67 33.40
N SER J 59 87.22 -57.75 34.71
CA SER J 59 87.20 -59.03 35.43
C SER J 59 85.78 -59.41 35.83
N LEU J 60 84.89 -58.43 35.88
CA LEU J 60 83.51 -58.68 36.25
C LEU J 60 82.59 -57.68 35.56
N VAL J 61 81.69 -58.19 34.72
CA VAL J 61 80.80 -57.38 33.90
C VAL J 61 79.37 -57.63 34.31
N LEU J 62 78.56 -56.57 34.36
CA LEU J 62 77.13 -56.70 34.61
C LEU J 62 76.34 -56.28 33.38
N GLU J 63 75.49 -57.17 32.89
CA GLU J 63 74.65 -56.88 31.74
C GLU J 63 73.17 -56.87 32.15
N LEU J 64 72.47 -55.77 31.90
CA LEU J 64 71.02 -55.68 32.16
C LEU J 64 70.20 -55.87 30.88
N GLY J 65 69.50 -57.00 30.75
CA GLY J 65 68.72 -57.24 29.55
C GLY J 65 69.33 -58.27 28.59
N ALA J 66 69.59 -59.46 29.13
CA ALA J 66 70.11 -60.59 28.36
C ALA J 66 69.29 -61.00 27.12
N TYR J 67 67.98 -60.80 27.18
CA TYR J 67 67.06 -61.34 26.17
C TYR J 67 67.33 -62.82 25.89
N CYS J 68 68.07 -63.13 24.82
CA CYS J 68 68.25 -64.52 24.40
C CYS J 68 69.64 -65.06 24.64
N GLY J 69 70.56 -64.20 25.05
CA GLY J 69 71.92 -64.61 25.33
C GLY J 69 72.89 -64.24 24.22
N TYR J 70 72.39 -63.62 23.17
CA TYR J 70 73.25 -63.20 22.07
C TYR J 70 74.35 -62.24 22.52
N SER J 71 74.00 -61.22 23.29
CA SER J 71 74.99 -60.20 23.67
C SER J 71 75.87 -60.70 24.81
N ALA J 72 75.33 -61.62 25.59
CA ALA J 72 76.10 -62.28 26.62
C ALA J 72 77.11 -63.21 25.95
N VAL J 73 76.69 -63.96 24.94
CA VAL J 73 77.65 -64.80 24.21
C VAL J 73 78.74 -63.93 23.62
N ARG J 74 78.31 -62.81 23.06
CA ARG J 74 79.18 -61.90 22.36
C ARG J 74 80.25 -61.40 23.32
N MET J 75 79.82 -61.10 24.53
CA MET J 75 80.73 -60.54 25.52
C MET J 75 81.56 -61.61 26.20
N ALA J 76 80.90 -62.64 26.72
CA ALA J 76 81.56 -63.67 27.50
C ALA J 76 82.71 -64.31 26.74
N ARG J 77 82.57 -64.39 25.42
CA ARG J 77 83.60 -64.98 24.55
C ARG J 77 84.91 -64.18 24.47
N LEU J 78 84.92 -62.99 25.06
CA LEU J 78 86.12 -62.15 25.07
C LEU J 78 86.65 -62.00 26.48
N LEU J 79 85.92 -62.52 27.45
CA LEU J 79 86.39 -62.44 28.82
C LEU J 79 87.59 -63.34 28.97
N GLN J 80 88.58 -62.86 29.72
CA GLN J 80 89.80 -63.62 29.98
C GLN J 80 89.61 -64.67 31.09
N PRO J 81 90.58 -65.58 31.28
CA PRO J 81 90.30 -66.63 32.28
C PRO J 81 90.06 -66.08 33.68
N GLY J 82 88.99 -66.54 34.33
CA GLY J 82 88.62 -66.06 35.65
C GLY J 82 87.71 -64.84 35.64
N ALA J 83 87.49 -64.27 34.45
CA ALA J 83 86.55 -63.18 34.30
C ALA J 83 85.14 -63.72 34.30
N ARG J 84 84.22 -63.01 34.94
CA ARG J 84 82.84 -63.45 35.03
C ARG J 84 81.88 -62.46 34.39
N LEU J 85 80.69 -62.93 34.05
CA LEU J 85 79.67 -62.04 33.58
C LEU J 85 78.35 -62.30 34.30
N LEU J 86 77.83 -61.31 35.01
CA LEU J 86 76.45 -61.34 35.53
C LEU J 86 75.48 -60.72 34.55
N THR J 87 74.45 -61.46 34.18
CA THR J 87 73.51 -60.92 33.23
C THR J 87 72.09 -61.09 33.75
N MET J 88 71.31 -60.01 33.73
CA MET J 88 69.96 -60.01 34.29
C MET J 88 68.84 -60.04 33.25
N GLU J 89 67.90 -60.95 33.42
CA GLU J 89 66.76 -61.06 32.54
C GLU J 89 65.47 -61.07 33.34
N ILE J 90 64.57 -60.15 33.00
CA ILE J 90 63.30 -60.04 33.70
C ILE J 90 62.29 -61.13 33.31
N ASN J 91 62.44 -61.70 32.12
CA ASN J 91 61.53 -62.75 31.67
C ASN J 91 62.12 -64.15 31.88
N PRO J 92 61.41 -64.99 32.66
CA PRO J 92 61.90 -66.32 33.08
C PRO J 92 62.26 -67.20 31.90
N ASP J 93 61.35 -67.25 30.92
CA ASP J 93 61.56 -68.02 29.70
C ASP J 93 62.84 -67.62 28.99
N CYS J 94 63.04 -66.33 28.78
CA CYS J 94 64.21 -65.84 28.03
C CYS J 94 65.50 -66.13 28.79
N ALA J 95 65.47 -65.92 30.11
CA ALA J 95 66.58 -66.28 30.98
C ALA J 95 66.97 -67.72 30.71
N ALA J 96 65.98 -68.60 30.76
CA ALA J 96 66.18 -70.03 30.53
C ALA J 96 66.81 -70.34 29.18
N ILE J 97 66.31 -69.69 28.12
CA ILE J 97 66.86 -69.79 26.77
C ILE J 97 68.32 -69.38 26.80
N THR J 98 68.58 -68.25 27.47
CA THR J 98 69.94 -67.72 27.59
C THR J 98 70.87 -68.78 28.17
N GLN J 99 70.42 -69.46 29.20
CA GLN J 99 71.21 -70.51 29.82
C GLN J 99 71.53 -71.61 28.81
N GLN J 100 70.54 -71.92 27.97
CA GLN J 100 70.74 -73.00 27.03
C GLN J 100 71.65 -72.53 25.91
N MET J 101 71.62 -71.22 25.64
CA MET J 101 72.43 -70.62 24.60
C MET J 101 73.89 -70.64 25.05
N LEU J 102 74.12 -70.22 26.28
CA LEU J 102 75.46 -70.18 26.84
C LEU J 102 76.02 -71.58 27.02
N ASN J 103 75.17 -72.53 27.41
CA ASN J 103 75.58 -73.93 27.50
C ASN J 103 76.12 -74.42 26.18
N PHE J 104 75.37 -74.21 25.12
CA PHE J 104 75.80 -74.66 23.81
C PHE J 104 77.10 -73.96 23.39
N ALA J 105 77.26 -72.70 23.77
CA ALA J 105 78.42 -71.93 23.32
C ALA J 105 79.69 -72.35 24.07
N GLY J 106 79.52 -73.01 25.21
CA GLY J 106 80.65 -73.40 26.06
C GLY J 106 81.08 -72.31 27.03
N LEU J 107 80.24 -71.32 27.23
CA LEU J 107 80.63 -70.19 28.05
C LEU J 107 79.96 -70.21 29.41
N GLN J 108 79.31 -71.31 29.75
CA GLN J 108 78.42 -71.35 30.91
C GLN J 108 79.19 -71.21 32.22
N ASP J 109 80.45 -71.62 32.22
CA ASP J 109 81.28 -71.54 33.41
C ASP J 109 81.71 -70.10 33.69
N LYS J 110 81.51 -69.22 32.72
CA LYS J 110 81.90 -67.81 32.85
C LYS J 110 80.73 -66.90 33.23
N VAL J 111 79.51 -67.39 33.01
CA VAL J 111 78.33 -66.52 33.06
C VAL J 111 77.28 -66.96 34.07
N THR J 112 76.97 -66.08 35.02
CA THR J 112 75.81 -66.29 35.88
C THR J 112 74.63 -65.48 35.33
N ILE J 113 73.52 -66.16 35.09
CA ILE J 113 72.26 -65.54 34.67
C ILE J 113 71.32 -65.33 35.85
N LEU J 114 70.98 -64.08 36.12
CA LEU J 114 70.02 -63.76 37.18
C LEU J 114 68.66 -63.40 36.62
N ASN J 115 67.63 -64.09 37.08
CA ASN J 115 66.28 -63.81 36.64
C ASN J 115 65.51 -62.93 37.64
N GLY J 116 65.17 -61.72 37.23
CA GLY J 116 64.47 -60.79 38.10
C GLY J 116 64.63 -59.36 37.61
N ALA J 117 64.05 -58.41 38.33
CA ALA J 117 64.06 -57.01 37.90
C ALA J 117 65.29 -56.31 38.43
N SER J 118 65.90 -55.47 37.61
CA SER J 118 67.20 -54.92 37.95
C SER J 118 67.15 -54.21 39.30
N GLN J 119 66.09 -53.45 39.56
CA GLN J 119 66.02 -52.70 40.82
C GLN J 119 65.80 -53.63 42.01
N ASP J 120 65.37 -54.86 41.77
CA ASP J 120 65.29 -55.86 42.85
C ASP J 120 66.61 -56.61 43.03
N LEU J 121 67.34 -56.82 41.95
CA LEU J 121 68.52 -57.68 41.98
C LEU J 121 69.83 -56.95 42.27
N ILE J 122 69.93 -55.70 41.83
CA ILE J 122 71.15 -54.95 42.06
C ILE J 122 71.48 -54.85 43.56
N PRO J 123 70.49 -54.52 44.42
CA PRO J 123 70.80 -54.50 45.86
C PRO J 123 71.12 -55.85 46.48
N GLN J 124 70.83 -56.95 45.80
CA GLN J 124 71.28 -58.28 46.27
C GLN J 124 72.68 -58.69 45.80
N LEU J 125 73.37 -57.87 45.01
CA LEU J 125 74.62 -58.32 44.40
C LEU J 125 75.75 -58.51 45.41
N LYS J 126 75.86 -57.66 46.42
CA LYS J 126 76.96 -57.82 47.38
C LYS J 126 76.70 -59.01 48.29
N LYS J 127 75.49 -59.10 48.83
CA LYS J 127 75.19 -60.12 49.85
C LYS J 127 74.88 -61.51 49.27
N LYS J 128 74.22 -61.57 48.12
CA LYS J 128 73.80 -62.87 47.58
C LYS J 128 74.64 -63.36 46.41
N TYR J 129 75.49 -62.51 45.84
CA TYR J 129 76.31 -62.93 44.71
C TYR J 129 77.76 -62.48 44.89
N ASP J 130 78.07 -62.08 46.12
CA ASP J 130 79.42 -61.75 46.54
C ASP J 130 80.17 -60.85 45.55
N VAL J 131 79.47 -59.82 45.08
CA VAL J 131 80.10 -58.84 44.21
C VAL J 131 80.59 -57.67 45.02
N ASP J 132 81.89 -57.37 44.91
CA ASP J 132 82.45 -56.22 45.60
C ASP J 132 82.19 -54.99 44.75
N THR J 133 82.86 -54.92 43.61
CA THR J 133 82.59 -53.88 42.64
C THR J 133 82.60 -54.44 41.22
N LEU J 134 81.89 -53.76 40.34
CA LEU J 134 81.80 -54.10 38.94
C LEU J 134 82.87 -53.38 38.15
N ASP J 135 83.32 -54.00 37.06
CA ASP J 135 84.36 -53.40 36.24
C ASP J 135 83.74 -52.79 35.00
N MET J 136 82.54 -53.24 34.70
CA MET J 136 81.83 -52.83 33.51
C MET J 136 80.36 -53.19 33.58
N VAL J 137 79.51 -52.20 33.30
CA VAL J 137 78.08 -52.39 33.19
C VAL J 137 77.59 -52.10 31.77
N PHE J 138 76.92 -53.07 31.16
CA PHE J 138 76.31 -52.89 29.86
C PHE J 138 74.79 -52.82 30.01
N LEU J 139 74.22 -51.67 29.63
CA LEU J 139 72.80 -51.40 29.85
C LEU J 139 72.02 -51.47 28.54
N ASP J 140 71.07 -52.38 28.47
CA ASP J 140 70.20 -52.45 27.31
C ASP J 140 68.85 -53.02 27.69
N HIS J 141 68.33 -52.55 28.84
CA HIS J 141 67.01 -52.93 29.32
C HIS J 141 66.06 -51.76 29.16
N TRP J 142 65.04 -51.66 30.02
CA TRP J 142 64.01 -50.63 29.86
C TRP J 142 64.60 -49.20 29.86
N LYS J 143 64.25 -48.41 28.86
CA LYS J 143 64.84 -47.07 28.68
C LYS J 143 64.64 -46.19 29.93
N ASP J 144 63.45 -46.24 30.50
CA ASP J 144 63.10 -45.40 31.63
C ASP J 144 63.75 -45.93 32.92
N ARG J 145 64.65 -46.91 32.81
CA ARG J 145 65.31 -47.43 34.00
C ARG J 145 66.83 -47.23 34.01
N TYR J 146 67.41 -46.78 32.89
CA TYR J 146 68.85 -46.52 32.82
C TYR J 146 69.32 -45.58 33.92
N LEU J 147 68.66 -44.43 34.04
CA LEU J 147 69.10 -43.44 35.02
C LEU J 147 68.87 -43.92 36.46
N PRO J 148 67.64 -44.37 36.80
CA PRO J 148 67.52 -44.82 38.20
C PRO J 148 68.44 -46.00 38.58
N ASP J 149 68.62 -46.99 37.72
CA ASP J 149 69.50 -48.11 38.06
C ASP J 149 70.96 -47.71 38.14
N THR J 150 71.34 -46.63 37.46
CA THR J 150 72.73 -46.16 37.51
C THR J 150 73.04 -45.59 38.89
N LEU J 151 72.13 -44.77 39.40
CA LEU J 151 72.25 -44.24 40.76
C LEU J 151 72.14 -45.35 41.79
N LEU J 152 71.33 -46.36 41.48
CA LEU J 152 71.19 -47.50 42.36
C LEU J 152 72.51 -48.26 42.48
N LEU J 153 73.26 -48.34 41.38
CA LEU J 153 74.60 -48.94 41.40
C LEU J 153 75.54 -48.11 42.24
N GLU J 154 75.47 -46.79 42.08
CA GLU J 154 76.24 -45.87 42.94
C GLU J 154 75.88 -46.07 44.42
N GLU J 155 74.58 -46.07 44.73
CA GLU J 155 74.10 -46.14 46.12
C GLU J 155 74.63 -47.37 46.82
N CYS J 156 74.78 -48.44 46.05
CA CYS J 156 75.08 -49.75 46.59
C CYS J 156 76.58 -50.02 46.66
N GLY J 157 77.35 -49.02 46.24
CA GLY J 157 78.79 -49.09 46.29
C GLY J 157 79.38 -50.05 45.27
N LEU J 158 78.70 -50.20 44.13
CA LEU J 158 79.10 -51.20 43.15
C LEU J 158 80.02 -50.67 42.05
N LEU J 159 80.08 -49.36 41.85
CA LEU J 159 81.02 -48.79 40.88
C LEU J 159 82.30 -48.38 41.58
N ARG J 160 83.39 -48.34 40.85
CA ARG J 160 84.66 -47.85 41.39
C ARG J 160 85.34 -47.04 40.32
N LYS J 161 86.36 -46.28 40.72
CA LYS J 161 87.03 -45.38 39.78
C LYS J 161 87.58 -46.21 38.63
N GLY J 162 87.00 -46.04 37.45
CA GLY J 162 87.41 -46.77 36.27
C GLY J 162 86.36 -47.71 35.76
N THR J 163 85.27 -47.87 36.52
CA THR J 163 84.16 -48.72 36.10
C THR J 163 83.64 -48.16 34.80
N VAL J 164 83.32 -49.04 33.86
CA VAL J 164 82.83 -48.60 32.57
C VAL J 164 81.34 -48.88 32.39
N LEU J 165 80.55 -47.83 32.15
CA LEU J 165 79.18 -48.04 31.70
C LEU J 165 79.10 -47.95 30.17
N LEU J 166 78.47 -48.94 29.58
CA LEU J 166 78.21 -48.91 28.16
C LEU J 166 76.70 -49.02 27.97
N ALA J 167 76.11 -47.95 27.45
CA ALA J 167 74.66 -47.82 27.37
C ALA J 167 74.23 -47.93 25.92
N ASP J 168 73.29 -48.82 25.64
CA ASP J 168 72.82 -48.99 24.28
C ASP J 168 71.57 -48.14 24.08
N ASN J 169 71.36 -47.69 22.85
CA ASN J 169 70.13 -47.02 22.42
C ASN J 169 69.90 -45.63 23.01
N VAL J 170 70.98 -44.92 23.30
CA VAL J 170 70.87 -43.60 23.91
C VAL J 170 70.26 -42.58 22.93
N ILE J 171 70.17 -42.95 21.65
CA ILE J 171 69.68 -42.05 20.61
C ILE J 171 68.36 -42.51 19.98
N VAL J 172 68.25 -43.79 19.69
CA VAL J 172 67.01 -44.36 19.15
C VAL J 172 66.64 -45.54 20.01
N PRO J 173 65.50 -45.47 20.72
CA PRO J 173 64.56 -44.35 20.74
C PRO J 173 64.97 -43.21 21.66
N GLY J 174 66.15 -43.30 22.24
CA GLY J 174 66.62 -42.28 23.16
C GLY J 174 66.52 -42.63 24.63
N THR J 175 67.57 -42.29 25.37
CA THR J 175 67.55 -42.30 26.82
C THR J 175 67.98 -40.92 27.24
N PRO J 176 67.15 -39.89 26.97
CA PRO J 176 67.63 -38.50 27.00
C PRO J 176 67.95 -37.95 28.39
N ASP J 177 67.30 -38.45 29.44
CA ASP J 177 67.65 -38.09 30.81
C ASP J 177 68.95 -38.75 31.30
N PHE J 178 69.14 -40.04 31.03
CA PHE J 178 70.40 -40.73 31.35
C PHE J 178 71.58 -40.03 30.70
N LEU J 179 71.42 -39.64 29.44
CA LEU J 179 72.48 -38.95 28.73
C LEU J 179 72.82 -37.66 29.43
N ALA J 180 71.81 -36.83 29.68
CA ALA J 180 72.06 -35.56 30.33
C ALA J 180 72.80 -35.78 31.66
N TYR J 181 72.38 -36.78 32.43
CA TYR J 181 73.03 -37.03 33.72
C TYR J 181 74.51 -37.35 33.59
N VAL J 182 74.89 -38.34 32.77
CA VAL J 182 76.29 -38.79 32.79
C VAL J 182 77.21 -37.77 32.13
N ARG J 183 76.71 -37.11 31.09
CA ARG J 183 77.46 -36.04 30.43
C ARG J 183 77.59 -34.78 31.31
N GLY J 184 76.57 -34.50 32.13
CA GLY J 184 76.54 -33.32 32.99
C GLY J 184 77.11 -33.52 34.39
N SER J 185 77.19 -34.76 34.85
CA SER J 185 77.80 -35.10 36.13
C SER J 185 79.31 -35.18 36.07
N SER J 186 79.98 -34.58 37.05
CA SER J 186 81.44 -34.65 37.13
C SER J 186 81.92 -36.05 37.55
N SER J 187 80.99 -36.93 37.87
CA SER J 187 81.35 -38.27 38.30
C SER J 187 81.47 -39.24 37.12
N PHE J 188 81.21 -38.76 35.91
CA PHE J 188 81.39 -39.57 34.70
C PHE J 188 82.16 -38.85 33.60
N GLU J 189 83.05 -39.58 32.95
CA GLU J 189 83.73 -39.11 31.76
C GLU J 189 83.18 -39.83 30.53
N CYS J 190 82.57 -39.07 29.63
CA CYS J 190 81.76 -39.65 28.58
C CYS J 190 82.31 -39.55 27.17
N THR J 191 82.02 -40.58 26.38
CA THR J 191 82.42 -40.65 24.98
C THR J 191 81.25 -41.27 24.22
N HIS J 192 80.91 -40.73 23.05
CA HIS J 192 79.78 -41.30 22.30
C HIS J 192 80.26 -42.13 21.12
N TYR J 193 79.60 -43.25 20.90
CA TYR J 193 79.90 -44.10 19.77
C TYR J 193 78.67 -44.20 18.87
N SER J 194 78.81 -43.73 17.63
CA SER J 194 77.71 -43.81 16.68
C SER J 194 77.59 -45.18 16.03
N SER J 195 76.35 -45.65 15.93
CA SER J 195 76.01 -46.89 15.27
C SER J 195 75.08 -46.61 14.08
N TYR J 196 75.59 -46.75 12.85
CA TYR J 196 74.79 -46.42 11.67
C TYR J 196 74.00 -47.61 11.17
N LEU J 197 72.73 -47.69 11.58
CA LEU J 197 71.84 -48.79 11.25
C LEU J 197 71.20 -48.61 9.88
N GLU J 198 70.93 -47.37 9.51
CA GLU J 198 70.37 -47.08 8.20
C GLU J 198 70.75 -45.67 7.81
N TYR J 199 71.18 -45.50 6.55
CA TYR J 199 71.68 -44.21 6.05
C TYR J 199 70.76 -43.03 6.34
N MET J 200 71.34 -42.03 7.00
CA MET J 200 70.70 -40.73 7.26
C MET J 200 69.56 -40.72 8.28
N LYS J 201 68.80 -41.80 8.36
CA LYS J 201 67.56 -41.74 9.12
C LYS J 201 67.60 -42.53 10.44
N VAL J 202 68.37 -43.60 10.49
CA VAL J 202 68.48 -44.36 11.72
C VAL J 202 69.92 -44.42 12.21
N VAL J 203 70.35 -43.33 12.83
CA VAL J 203 71.68 -43.25 13.46
C VAL J 203 71.56 -43.24 14.98
N ASP J 204 71.69 -44.43 15.57
CA ASP J 204 71.69 -44.63 17.00
C ASP J 204 73.10 -44.47 17.57
N GLY J 205 73.29 -44.85 18.83
CA GLY J 205 74.57 -44.69 19.45
C GLY J 205 74.70 -45.48 20.73
N LEU J 206 75.94 -45.71 21.17
CA LEU J 206 76.20 -46.17 22.53
C LEU J 206 76.94 -45.09 23.26
N GLU J 207 76.64 -44.91 24.54
CA GLU J 207 77.41 -44.00 25.34
C GLU J 207 78.32 -44.78 26.29
N LYS J 208 79.62 -44.46 26.25
CA LYS J 208 80.56 -45.02 27.20
C LYS J 208 80.81 -43.98 28.29
N ALA J 209 80.31 -44.25 29.48
CA ALA J 209 80.54 -43.39 30.61
C ALA J 209 81.48 -44.09 31.61
N ILE J 210 82.65 -43.49 31.84
CA ILE J 210 83.60 -43.99 32.84
C ILE J 210 83.47 -43.29 34.20
N TYR J 211 83.22 -44.07 35.26
CA TYR J 211 83.06 -43.53 36.61
C TYR J 211 84.37 -43.01 37.15
N GLN J 212 84.34 -41.80 37.71
CA GLN J 212 85.55 -41.16 38.22
C GLN J 212 85.71 -41.41 39.70
N GLY J 213 84.68 -42.00 40.31
CA GLY J 213 84.73 -42.36 41.71
C GLY J 213 83.88 -41.44 42.56
N PRO J 214 83.62 -41.85 43.81
CA PRO J 214 83.01 -40.96 44.80
C PRO J 214 83.87 -39.71 45.00
N SER J 215 83.25 -38.53 45.10
CA SER J 215 83.99 -37.27 45.16
C SER J 215 84.21 -36.74 46.59
N SER J 216 83.58 -37.40 47.58
CA SER J 216 83.65 -37.02 49.00
C SER J 216 83.30 -35.55 49.24
N GLY K 1 -10.17 -3.85 5.64
CA GLY K 1 -9.24 -3.63 6.75
C GLY K 1 -7.93 -4.40 6.65
N ASP K 2 -7.85 -5.51 7.36
CA ASP K 2 -6.61 -6.28 7.44
C ASP K 2 -6.75 -7.74 7.02
N THR K 3 -6.34 -8.05 5.81
CA THR K 3 -6.39 -9.40 5.28
C THR K 3 -5.47 -10.30 6.09
N LYS K 4 -5.69 -11.61 6.05
CA LYS K 4 -4.81 -12.47 6.84
C LYS K 4 -3.48 -12.65 6.12
N GLU K 5 -3.44 -12.40 4.83
CA GLU K 5 -2.17 -12.41 4.14
C GLU K 5 -1.29 -11.32 4.74
N GLN K 6 -1.83 -10.11 4.87
CA GLN K 6 -1.14 -9.00 5.52
C GLN K 6 -0.68 -9.36 6.93
N ARG K 7 -1.55 -10.01 7.69
CA ARG K 7 -1.23 -10.45 9.05
C ARG K 7 -0.07 -11.45 9.08
N ILE K 8 -0.07 -12.40 8.15
CA ILE K 8 1.03 -13.35 8.03
C ILE K 8 2.34 -12.63 7.74
N LEU K 9 2.33 -11.78 6.72
CA LEU K 9 3.46 -10.91 6.41
C LEU K 9 3.98 -10.14 7.61
N ARG K 10 3.07 -9.57 8.37
CA ARG K 10 3.46 -8.78 9.54
C ARG K 10 4.11 -9.67 10.59
N TYR K 11 3.60 -10.88 10.75
CA TYR K 11 4.15 -11.75 11.78
C TYR K 11 5.57 -12.09 11.41
N VAL K 12 5.80 -12.34 10.12
CA VAL K 12 7.15 -12.57 9.63
C VAL K 12 8.03 -11.33 9.82
N GLN K 13 7.54 -10.17 9.40
CA GLN K 13 8.32 -8.94 9.51
C GLN K 13 8.63 -8.56 10.96
N GLN K 14 7.83 -9.06 11.89
CA GLN K 14 8.04 -8.83 13.32
C GLN K 14 8.93 -9.86 14.01
N ASN K 15 8.97 -11.08 13.46
CA ASN K 15 9.51 -12.19 14.21
C ASN K 15 10.68 -12.90 13.56
N ALA K 16 10.54 -13.17 12.26
CA ALA K 16 11.57 -13.85 11.49
C ALA K 16 12.88 -13.07 11.50
N LYS K 17 14.00 -13.79 11.41
CA LYS K 17 15.30 -13.15 11.22
C LYS K 17 15.44 -12.68 9.79
N PRO K 18 15.81 -11.41 9.61
CA PRO K 18 15.87 -10.86 8.26
C PRO K 18 16.99 -11.46 7.44
N GLY K 19 16.73 -11.74 6.17
CA GLY K 19 17.73 -12.32 5.29
C GLY K 19 17.85 -13.82 5.41
N ASP K 20 17.09 -14.42 6.33
CA ASP K 20 17.19 -15.86 6.61
C ASP K 20 15.95 -16.61 6.13
N PRO K 21 16.01 -17.17 4.93
CA PRO K 21 14.82 -17.77 4.32
C PRO K 21 14.22 -18.91 5.14
N GLN K 22 15.05 -19.64 5.87
CA GLN K 22 14.57 -20.72 6.71
C GLN K 22 13.74 -20.13 7.84
N SER K 23 14.19 -19.01 8.41
CA SER K 23 13.49 -18.35 9.51
C SER K 23 12.14 -17.80 9.06
N VAL K 24 12.10 -17.29 7.83
CA VAL K 24 10.86 -16.80 7.25
C VAL K 24 9.87 -17.95 7.10
N LEU K 25 10.36 -19.11 6.66
CA LEU K 25 9.47 -20.25 6.45
C LEU K 25 8.93 -20.75 7.78
N GLU K 26 9.81 -20.84 8.75
CA GLU K 26 9.43 -21.27 10.08
C GLU K 26 8.39 -20.32 10.69
N ALA K 27 8.67 -19.02 10.60
CA ALA K 27 7.76 -18.00 11.08
C ALA K 27 6.37 -18.12 10.44
N ILE K 28 6.32 -18.49 9.17
CA ILE K 28 5.03 -18.64 8.49
C ILE K 28 4.32 -19.89 9.00
N ASP K 29 5.08 -20.97 9.17
CA ASP K 29 4.52 -22.22 9.64
C ASP K 29 3.95 -22.07 11.04
N THR K 30 4.71 -21.41 11.91
CA THR K 30 4.28 -21.14 13.27
C THR K 30 2.92 -20.42 13.27
N TYR K 31 2.90 -19.27 12.61
CA TYR K 31 1.72 -18.43 12.55
C TYR K 31 0.53 -19.24 12.05
N CYS K 32 0.75 -19.99 10.97
CA CYS K 32 -0.33 -20.73 10.34
C CYS K 32 -0.98 -21.76 11.26
N THR K 33 -0.20 -22.45 12.08
CA THR K 33 -0.78 -23.47 12.93
C THR K 33 -1.42 -22.86 14.18
N GLN K 34 -1.03 -21.63 14.52
CA GLN K 34 -1.70 -20.93 15.62
C GLN K 34 -3.05 -20.41 15.15
N LYS K 35 -3.10 -19.95 13.91
CA LYS K 35 -4.29 -19.34 13.38
C LYS K 35 -5.07 -20.29 12.47
N GLU K 36 -4.75 -21.57 12.58
CA GLU K 36 -5.48 -22.65 11.92
C GLU K 36 -5.67 -22.42 10.43
N TRP K 37 -4.62 -21.89 9.82
CA TRP K 37 -4.60 -21.56 8.41
C TRP K 37 -3.57 -22.45 7.72
N ALA K 38 -3.66 -22.60 6.41
CA ALA K 38 -2.66 -23.41 5.73
C ALA K 38 -2.18 -22.71 4.49
N MET K 39 -0.97 -23.04 4.11
CA MET K 39 -0.32 -22.39 3.01
C MET K 39 -0.51 -23.15 1.70
N ASN K 40 0.06 -22.55 0.67
CA ASN K 40 0.31 -23.12 -0.64
C ASN K 40 0.72 -24.62 -0.67
N VAL K 41 1.78 -24.97 0.06
CA VAL K 41 2.27 -26.34 0.08
C VAL K 41 2.58 -26.72 1.52
N GLY K 42 2.29 -27.98 1.87
CA GLY K 42 2.68 -28.53 3.17
C GLY K 42 4.19 -28.63 3.38
N ASP K 43 4.60 -29.51 4.30
CA ASP K 43 6.03 -29.68 4.57
C ASP K 43 6.55 -30.89 3.83
N ALA K 44 5.72 -31.94 3.79
CA ALA K 44 6.00 -33.09 2.95
C ALA K 44 6.17 -32.66 1.50
N LYS K 45 5.22 -31.86 1.00
CA LYS K 45 5.33 -31.28 -0.35
C LYS K 45 6.55 -30.40 -0.47
N GLY K 46 6.79 -29.57 0.54
CA GLY K 46 7.99 -28.76 0.57
C GLY K 46 9.30 -29.53 0.47
N GLN K 47 9.35 -30.72 1.04
CA GLN K 47 10.56 -31.51 1.01
C GLN K 47 10.77 -32.13 -0.36
N ILE K 48 9.67 -32.46 -1.03
CA ILE K 48 9.73 -32.99 -2.38
C ILE K 48 10.23 -31.93 -3.32
N MET K 49 9.71 -30.73 -3.12
CA MET K 49 10.15 -29.55 -3.85
C MET K 49 11.65 -29.31 -3.64
N ASP K 50 12.08 -29.32 -2.38
CA ASP K 50 13.47 -29.09 -2.04
C ASP K 50 14.36 -30.12 -2.75
N ALA K 51 13.87 -31.36 -2.86
CA ALA K 51 14.63 -32.44 -3.48
C ALA K 51 14.80 -32.23 -4.99
N VAL K 52 13.70 -31.93 -5.66
CA VAL K 52 13.71 -31.70 -7.10
C VAL K 52 14.61 -30.52 -7.47
N ILE K 53 14.54 -29.45 -6.69
CA ILE K 53 15.41 -28.29 -6.90
C ILE K 53 16.87 -28.63 -6.76
N ARG K 54 17.22 -29.38 -5.72
CA ARG K 54 18.58 -29.85 -5.54
C ARG K 54 19.03 -30.72 -6.70
N GLU K 55 18.20 -31.67 -7.09
CA GLU K 55 18.57 -32.61 -8.12
C GLU K 55 18.82 -31.96 -9.48
N TYR K 56 17.93 -31.07 -9.94
CA TYR K 56 18.06 -30.53 -11.29
C TYR K 56 18.75 -29.18 -11.36
N SER K 57 18.98 -28.57 -10.21
CA SER K 57 19.73 -27.32 -10.12
C SER K 57 19.33 -26.30 -11.17
N PRO K 58 18.04 -25.96 -11.25
CA PRO K 58 17.58 -25.05 -12.32
C PRO K 58 18.22 -23.66 -12.29
N SER K 59 18.44 -23.10 -13.47
CA SER K 59 19.00 -21.76 -13.62
C SER K 59 17.90 -20.72 -13.81
N LEU K 60 16.80 -21.17 -14.40
CA LEU K 60 15.60 -20.38 -14.52
C LEU K 60 14.42 -21.25 -14.14
N VAL K 61 13.68 -20.81 -13.13
CA VAL K 61 12.47 -21.48 -12.68
C VAL K 61 11.24 -20.61 -12.89
N LEU K 62 10.16 -21.19 -13.40
CA LEU K 62 8.88 -20.50 -13.51
C LEU K 62 7.86 -21.10 -12.54
N GLU K 63 7.25 -20.25 -11.72
CA GLU K 63 6.19 -20.70 -10.81
C GLU K 63 4.83 -20.07 -11.14
N LEU K 64 3.82 -20.92 -11.29
CA LEU K 64 2.44 -20.47 -11.47
C LEU K 64 1.64 -20.59 -10.16
N GLY K 65 1.23 -19.44 -9.62
CA GLY K 65 0.44 -19.40 -8.41
C GLY K 65 1.23 -19.12 -7.13
N ALA K 66 1.78 -17.91 -7.06
CA ALA K 66 2.64 -17.52 -5.93
C ALA K 66 1.94 -17.56 -4.58
N TYR K 67 0.67 -17.15 -4.55
CA TYR K 67 -0.07 -16.85 -3.33
C TYR K 67 0.70 -15.79 -2.53
N CYS K 68 1.08 -16.14 -1.31
CA CYS K 68 1.78 -15.26 -0.38
C CYS K 68 3.29 -15.22 -0.57
N GLY K 69 3.83 -16.18 -1.30
CA GLY K 69 5.27 -16.23 -1.54
C GLY K 69 6.01 -17.33 -0.79
N TYR K 70 5.27 -18.19 -0.11
CA TYR K 70 5.87 -19.26 0.68
C TYR K 70 6.65 -20.20 -0.22
N SER K 71 5.98 -20.72 -1.25
CA SER K 71 6.64 -21.61 -2.19
C SER K 71 7.75 -20.92 -2.95
N ALA K 72 7.68 -19.60 -3.07
CA ALA K 72 8.76 -18.90 -3.74
C ALA K 72 9.99 -18.84 -2.86
N VAL K 73 9.79 -18.48 -1.58
CA VAL K 73 10.89 -18.40 -0.62
C VAL K 73 11.51 -19.78 -0.53
N ARG K 74 10.66 -20.78 -0.36
CA ARG K 74 11.08 -22.16 -0.36
C ARG K 74 12.06 -22.43 -1.50
N MET K 75 11.57 -22.35 -2.74
CA MET K 75 12.40 -22.66 -3.92
C MET K 75 13.64 -21.80 -4.07
N ALA K 76 13.49 -20.48 -4.01
CA ALA K 76 14.61 -19.59 -4.35
C ALA K 76 15.78 -19.71 -3.37
N ARG K 77 15.51 -20.16 -2.14
CA ARG K 77 16.58 -20.24 -1.16
C ARG K 77 17.56 -21.34 -1.53
N LEU K 78 17.17 -22.19 -2.45
CA LEU K 78 18.04 -23.27 -2.93
C LEU K 78 18.64 -23.03 -4.32
N LEU K 79 18.30 -21.90 -4.94
CA LEU K 79 18.81 -21.66 -6.27
C LEU K 79 20.28 -21.30 -6.17
N GLN K 80 21.04 -21.77 -7.15
CA GLN K 80 22.45 -21.46 -7.24
C GLN K 80 22.63 -19.95 -7.42
N PRO K 81 23.75 -19.39 -6.93
CA PRO K 81 23.87 -17.95 -7.13
C PRO K 81 24.02 -17.63 -8.61
N GLY K 82 23.14 -16.76 -9.10
CA GLY K 82 23.09 -16.45 -10.52
C GLY K 82 21.78 -16.95 -11.08
N ALA K 83 21.23 -17.98 -10.46
CA ALA K 83 19.95 -18.53 -10.87
C ALA K 83 18.84 -17.55 -10.53
N ARG K 84 17.70 -17.75 -11.19
CA ARG K 84 16.59 -16.82 -11.10
C ARG K 84 15.29 -17.56 -11.08
N LEU K 85 14.27 -16.88 -10.59
CA LEU K 85 12.93 -17.43 -10.54
C LEU K 85 11.95 -16.37 -11.03
N LEU K 86 11.07 -16.79 -11.93
CA LEU K 86 9.92 -16.00 -12.34
C LEU K 86 8.68 -16.57 -11.64
N THR K 87 7.87 -15.72 -11.05
CA THR K 87 6.67 -16.20 -10.37
C THR K 87 5.44 -15.40 -10.78
N MET K 88 4.38 -16.13 -11.13
CA MET K 88 3.13 -15.51 -11.56
C MET K 88 2.05 -15.58 -10.50
N GLU K 89 1.41 -14.44 -10.25
CA GLU K 89 0.36 -14.31 -9.25
C GLU K 89 -0.79 -13.44 -9.81
N ILE K 90 -2.00 -14.00 -9.89
CA ILE K 90 -3.06 -13.28 -10.59
C ILE K 90 -3.60 -12.11 -9.76
N ASN K 91 -3.60 -12.27 -8.45
CA ASN K 91 -4.12 -11.27 -7.52
C ASN K 91 -3.06 -10.23 -7.15
N PRO K 92 -3.38 -8.93 -7.30
CA PRO K 92 -2.36 -7.88 -7.18
C PRO K 92 -1.87 -7.74 -5.76
N ASP K 93 -2.75 -7.93 -4.78
CA ASP K 93 -2.39 -7.72 -3.39
C ASP K 93 -1.43 -8.80 -2.91
N CYS K 94 -1.79 -10.07 -3.14
CA CYS K 94 -0.93 -11.20 -2.87
C CYS K 94 0.44 -11.05 -3.51
N ALA K 95 0.46 -10.60 -4.76
CA ALA K 95 1.72 -10.30 -5.43
C ALA K 95 2.62 -9.36 -4.60
N ALA K 96 2.03 -8.25 -4.13
CA ALA K 96 2.78 -7.26 -3.34
C ALA K 96 3.27 -7.83 -2.00
N ILE K 97 2.41 -8.62 -1.35
CA ILE K 97 2.80 -9.40 -0.18
C ILE K 97 4.02 -10.28 -0.50
N THR K 98 3.91 -11.01 -1.61
CA THR K 98 4.95 -11.93 -2.05
C THR K 98 6.26 -11.15 -2.28
N GLN K 99 6.12 -9.95 -2.81
CA GLN K 99 7.29 -9.15 -3.06
C GLN K 99 8.02 -8.84 -1.76
N GLN K 100 7.26 -8.44 -0.75
CA GLN K 100 7.82 -8.12 0.57
C GLN K 100 8.33 -9.36 1.29
N MET K 101 7.66 -10.49 1.06
CA MET K 101 8.02 -11.74 1.70
C MET K 101 9.42 -12.13 1.27
N LEU K 102 9.63 -12.07 -0.03
CA LEU K 102 10.90 -12.40 -0.64
C LEU K 102 11.98 -11.41 -0.20
N ASN K 103 11.65 -10.12 -0.26
CA ASN K 103 12.65 -9.11 0.05
C ASN K 103 13.10 -9.23 1.50
N PHE K 104 12.21 -9.67 2.37
CA PHE K 104 12.58 -9.90 3.75
C PHE K 104 13.54 -11.08 3.84
N ALA K 105 13.22 -12.14 3.11
CA ALA K 105 13.95 -13.39 3.18
C ALA K 105 15.32 -13.30 2.50
N GLY K 106 15.69 -12.11 2.05
CA GLY K 106 17.00 -11.89 1.46
C GLY K 106 17.07 -12.25 -0.02
N LEU K 107 15.91 -12.52 -0.60
CA LEU K 107 15.84 -13.14 -1.90
C LEU K 107 15.43 -12.25 -3.08
N GLN K 108 15.39 -10.94 -2.87
CA GLN K 108 14.86 -10.02 -3.89
C GLN K 108 15.55 -10.14 -5.26
N ASP K 109 16.88 -10.18 -5.26
CA ASP K 109 17.65 -10.23 -6.51
C ASP K 109 17.39 -11.49 -7.33
N LYS K 110 17.01 -12.56 -6.67
CA LYS K 110 16.83 -13.83 -7.35
C LYS K 110 15.46 -14.00 -7.98
N VAL K 111 14.47 -13.23 -7.51
CA VAL K 111 13.08 -13.40 -7.96
C VAL K 111 12.48 -12.19 -8.65
N THR K 112 11.63 -12.48 -9.63
CA THR K 112 10.81 -11.49 -10.30
C THR K 112 9.34 -11.93 -10.22
N ILE K 113 8.49 -11.03 -9.73
CA ILE K 113 7.06 -11.33 -9.56
C ILE K 113 6.21 -10.72 -10.65
N LEU K 114 5.31 -11.52 -11.22
CA LEU K 114 4.54 -11.03 -12.35
C LEU K 114 3.08 -11.03 -12.00
N ASN K 115 2.47 -9.85 -12.04
CA ASN K 115 1.06 -9.75 -11.69
C ASN K 115 0.20 -9.98 -12.91
N GLY K 116 -0.62 -11.02 -12.87
CA GLY K 116 -1.47 -11.32 -13.99
C GLY K 116 -1.76 -12.79 -14.19
N ALA K 117 -2.58 -13.09 -15.20
CA ALA K 117 -2.97 -14.46 -15.50
C ALA K 117 -1.93 -15.17 -16.34
N SER K 118 -1.72 -16.45 -16.05
CA SER K 118 -0.72 -17.24 -16.73
C SER K 118 -0.82 -17.14 -18.26
N GLN K 119 -2.05 -17.21 -18.78
CA GLN K 119 -2.26 -17.29 -20.20
C GLN K 119 -1.92 -15.99 -20.89
N ASP K 120 -1.92 -14.90 -20.13
CA ASP K 120 -1.59 -13.60 -20.68
C ASP K 120 -0.12 -13.32 -20.53
N LEU K 121 0.45 -13.79 -19.44
CA LEU K 121 1.85 -13.51 -19.15
C LEU K 121 2.83 -14.43 -19.88
N ILE K 122 2.49 -15.71 -20.01
CA ILE K 122 3.40 -16.69 -20.63
C ILE K 122 3.87 -16.28 -22.04
N PRO K 123 2.95 -15.86 -22.93
CA PRO K 123 3.42 -15.54 -24.28
C PRO K 123 4.25 -14.26 -24.36
N GLN K 124 4.50 -13.61 -23.23
CA GLN K 124 5.36 -12.43 -23.20
C GLN K 124 6.71 -12.71 -22.59
N LEU K 125 6.98 -13.95 -22.15
CA LEU K 125 8.22 -14.20 -21.42
C LEU K 125 9.43 -14.07 -22.36
N LYS K 126 9.31 -14.56 -23.59
CA LYS K 126 10.44 -14.43 -24.51
C LYS K 126 10.69 -12.97 -24.82
N LYS K 127 9.68 -12.26 -25.33
CA LYS K 127 9.91 -10.88 -25.78
C LYS K 127 10.19 -9.89 -24.66
N LYS K 128 9.35 -9.92 -23.62
CA LYS K 128 9.37 -8.89 -22.57
C LYS K 128 10.28 -9.19 -21.40
N TYR K 129 10.55 -10.47 -21.17
CA TYR K 129 11.35 -10.85 -20.00
C TYR K 129 12.61 -11.58 -20.41
N ASP K 130 12.93 -11.45 -21.70
CA ASP K 130 14.18 -11.94 -22.28
C ASP K 130 14.50 -13.37 -21.84
N VAL K 131 13.46 -14.21 -21.86
CA VAL K 131 13.59 -15.61 -21.52
C VAL K 131 13.89 -16.44 -22.74
N ASP K 132 14.98 -17.19 -22.71
CA ASP K 132 15.21 -18.18 -23.75
C ASP K 132 14.35 -19.39 -23.44
N THR K 133 14.85 -20.30 -22.59
CA THR K 133 14.03 -21.44 -22.20
C THR K 133 14.04 -21.67 -20.70
N LEU K 134 12.95 -22.22 -20.20
CA LEU K 134 12.79 -22.54 -18.79
C LEU K 134 13.52 -23.82 -18.43
N ASP K 135 14.02 -23.92 -17.20
CA ASP K 135 14.65 -25.16 -16.76
C ASP K 135 13.69 -25.95 -15.91
N MET K 136 12.77 -25.24 -15.26
CA MET K 136 11.81 -25.87 -14.34
C MET K 136 10.53 -25.05 -14.19
N VAL K 137 9.40 -25.72 -14.26
CA VAL K 137 8.13 -25.04 -14.02
C VAL K 137 7.42 -25.67 -12.83
N PHE K 138 7.01 -24.86 -11.86
CA PHE K 138 6.19 -25.35 -10.74
C PHE K 138 4.74 -24.95 -10.93
N LEU K 139 3.85 -25.94 -10.97
CA LEU K 139 2.46 -25.62 -11.22
C LEU K 139 1.62 -25.72 -9.97
N ASP K 140 0.99 -24.61 -9.58
CA ASP K 140 0.08 -24.59 -8.44
C ASP K 140 -1.01 -23.51 -8.56
N HIS K 141 -1.35 -23.14 -9.80
CA HIS K 141 -2.43 -22.18 -10.04
C HIS K 141 -3.78 -22.92 -10.20
N TRP K 142 -4.69 -22.41 -11.02
CA TRP K 142 -6.02 -23.01 -11.20
C TRP K 142 -5.93 -24.37 -11.87
N LYS K 143 -6.67 -25.37 -11.40
CA LYS K 143 -6.51 -26.73 -11.93
C LYS K 143 -6.77 -26.80 -13.43
N ASP K 144 -7.86 -26.20 -13.91
CA ASP K 144 -8.23 -26.29 -15.33
C ASP K 144 -7.24 -25.58 -16.28
N ARG K 145 -6.19 -24.96 -15.74
CA ARG K 145 -5.23 -24.31 -16.59
C ARG K 145 -3.89 -25.06 -16.68
N TYR K 146 -3.73 -26.12 -15.89
CA TYR K 146 -2.50 -26.91 -15.95
C TYR K 146 -2.24 -27.39 -17.35
N LEU K 147 -3.23 -28.08 -17.93
CA LEU K 147 -3.00 -28.67 -19.24
C LEU K 147 -2.79 -27.58 -20.29
N PRO K 148 -3.73 -26.63 -20.44
CA PRO K 148 -3.49 -25.67 -21.52
C PRO K 148 -2.32 -24.72 -21.31
N ASP K 149 -1.94 -24.43 -20.07
CA ASP K 149 -0.72 -23.64 -19.88
C ASP K 149 0.52 -24.49 -20.22
N THR K 150 0.43 -25.79 -20.06
CA THR K 150 1.54 -26.67 -20.43
C THR K 150 1.77 -26.59 -21.93
N LEU K 151 0.68 -26.76 -22.66
CA LEU K 151 0.71 -26.60 -24.10
C LEU K 151 1.09 -25.22 -24.53
N LEU K 152 0.74 -24.24 -23.74
CA LEU K 152 1.12 -22.88 -24.07
C LEU K 152 2.63 -22.77 -23.98
N LEU K 153 3.19 -23.34 -22.92
CA LEU K 153 4.63 -23.32 -22.70
C LEU K 153 5.33 -24.01 -23.87
N GLU K 154 4.81 -25.15 -24.30
CA GLU K 154 5.30 -25.84 -25.49
C GLU K 154 5.22 -24.98 -26.76
N GLU K 155 4.02 -24.52 -27.09
CA GLU K 155 3.78 -23.80 -28.33
C GLU K 155 4.64 -22.54 -28.40
N CYS K 156 5.10 -22.06 -27.24
CA CYS K 156 5.83 -20.79 -27.17
C CYS K 156 7.35 -20.97 -27.21
N GLY K 157 7.78 -22.23 -27.34
CA GLY K 157 9.20 -22.57 -27.34
C GLY K 157 9.95 -22.39 -26.02
N LEU K 158 9.25 -22.49 -24.89
CA LEU K 158 9.86 -22.18 -23.61
C LEU K 158 10.37 -23.42 -22.89
N LEU K 159 10.03 -24.59 -23.41
CA LEU K 159 10.55 -25.80 -22.82
C LEU K 159 11.66 -26.36 -23.71
N ARG K 160 12.61 -27.02 -23.07
CA ARG K 160 13.70 -27.66 -23.76
C ARG K 160 13.85 -29.06 -23.20
N LYS K 161 14.57 -29.92 -23.91
CA LYS K 161 14.77 -31.28 -23.42
C LYS K 161 15.40 -31.21 -22.04
N GLY K 162 14.78 -31.85 -21.07
CA GLY K 162 15.29 -31.81 -19.71
C GLY K 162 14.60 -30.85 -18.77
N THR K 163 13.77 -29.95 -19.31
CA THR K 163 12.96 -29.04 -18.50
C THR K 163 12.00 -29.85 -17.62
N VAL K 164 12.02 -29.56 -16.32
CA VAL K 164 11.19 -30.26 -15.34
C VAL K 164 9.83 -29.57 -15.12
N LEU K 165 8.73 -30.28 -15.33
CA LEU K 165 7.43 -29.81 -14.83
C LEU K 165 7.15 -30.46 -13.49
N LEU K 166 6.84 -29.66 -12.49
CA LEU K 166 6.42 -30.18 -11.19
C LEU K 166 5.04 -29.61 -10.86
N ALA K 167 4.02 -30.45 -11.02
CA ALA K 167 2.65 -30.02 -10.86
C ALA K 167 2.06 -30.47 -9.53
N ASP K 168 1.52 -29.52 -8.78
CA ASP K 168 0.97 -29.81 -7.48
C ASP K 168 -0.51 -30.18 -7.56
N ASN K 169 -0.96 -30.93 -6.56
CA ASN K 169 -2.38 -31.24 -6.35
C ASN K 169 -3.04 -32.03 -7.48
N VAL K 170 -2.27 -32.91 -8.11
CA VAL K 170 -2.71 -33.67 -9.27
C VAL K 170 -3.64 -34.82 -8.89
N ILE K 171 -3.77 -35.06 -7.58
CA ILE K 171 -4.68 -36.10 -7.07
C ILE K 171 -5.84 -35.47 -6.29
N VAL K 172 -5.53 -34.50 -5.44
CA VAL K 172 -6.50 -33.81 -4.58
C VAL K 172 -6.48 -32.29 -4.78
N PRO K 173 -7.58 -31.70 -5.29
CA PRO K 173 -8.83 -32.23 -5.83
C PRO K 173 -8.66 -32.97 -7.16
N GLY K 174 -7.48 -32.93 -7.75
CA GLY K 174 -7.18 -33.68 -8.95
C GLY K 174 -6.92 -32.81 -10.17
N THR K 175 -5.96 -33.23 -11.00
CA THR K 175 -5.80 -32.63 -12.34
C THR K 175 -5.75 -33.73 -13.40
N PRO K 176 -6.83 -34.51 -13.52
CA PRO K 176 -6.89 -35.71 -14.35
C PRO K 176 -6.46 -35.55 -15.80
N ASP K 177 -6.83 -34.44 -16.44
CA ASP K 177 -6.52 -34.27 -17.85
C ASP K 177 -5.03 -34.02 -18.07
N PHE K 178 -4.45 -33.13 -17.25
CA PHE K 178 -3.02 -32.85 -17.29
C PHE K 178 -2.22 -34.14 -17.09
N LEU K 179 -2.59 -34.92 -16.08
CA LEU K 179 -1.97 -36.21 -15.82
C LEU K 179 -2.08 -37.15 -17.00
N ALA K 180 -3.29 -37.25 -17.56
CA ALA K 180 -3.50 -38.15 -18.68
C ALA K 180 -2.59 -37.73 -19.82
N TYR K 181 -2.44 -36.42 -19.97
CA TYR K 181 -1.61 -35.90 -21.02
C TYR K 181 -0.13 -36.22 -20.81
N VAL K 182 0.48 -35.69 -19.75
CA VAL K 182 1.92 -35.84 -19.59
C VAL K 182 2.30 -37.30 -19.44
N ARG K 183 1.38 -38.14 -18.99
CA ARG K 183 1.69 -39.56 -18.83
C ARG K 183 1.57 -40.38 -20.11
N GLY K 184 0.66 -39.97 -20.99
CA GLY K 184 0.46 -40.66 -22.27
C GLY K 184 1.29 -40.11 -23.42
N SER K 185 1.67 -38.84 -23.34
CA SER K 185 2.45 -38.20 -24.38
C SER K 185 3.89 -38.69 -24.38
N SER K 186 4.44 -38.89 -25.57
CA SER K 186 5.83 -39.27 -25.70
C SER K 186 6.80 -38.10 -25.41
N SER K 187 6.26 -36.93 -25.09
CA SER K 187 7.10 -35.75 -24.87
C SER K 187 7.45 -35.55 -23.41
N PHE K 188 6.89 -36.37 -22.52
CA PHE K 188 7.16 -36.24 -21.08
C PHE K 188 7.44 -37.57 -20.43
N GLU K 189 8.49 -37.62 -19.62
CA GLU K 189 8.75 -38.78 -18.77
C GLU K 189 8.35 -38.48 -17.32
N CYS K 190 7.50 -39.32 -16.72
CA CYS K 190 6.83 -38.96 -15.46
C CYS K 190 7.12 -39.79 -14.21
N THR K 191 7.51 -39.10 -13.15
CA THR K 191 7.60 -39.69 -11.81
C THR K 191 6.52 -39.08 -10.90
N HIS K 192 5.90 -39.88 -10.05
CA HIS K 192 4.89 -39.37 -9.13
C HIS K 192 5.32 -39.44 -7.67
N TYR K 193 4.95 -38.43 -6.91
CA TYR K 193 5.37 -38.30 -5.54
C TYR K 193 4.21 -38.11 -4.58
N SER K 194 3.80 -39.19 -3.94
CA SER K 194 2.74 -39.14 -2.94
C SER K 194 2.98 -38.16 -1.81
N SER K 195 1.89 -37.60 -1.34
CA SER K 195 1.88 -36.73 -0.17
C SER K 195 0.85 -37.24 0.83
N TYR K 196 1.33 -37.74 1.96
CA TYR K 196 0.42 -38.27 2.98
C TYR K 196 0.02 -37.15 3.90
N LEU K 197 -1.18 -36.65 3.66
CA LEU K 197 -1.71 -35.45 4.32
C LEU K 197 -2.52 -35.82 5.54
N GLU K 198 -3.11 -37.01 5.47
CA GLU K 198 -3.90 -37.57 6.56
C GLU K 198 -4.18 -39.07 6.34
N TYR K 199 -3.78 -39.89 7.30
CA TYR K 199 -3.88 -41.35 7.20
C TYR K 199 -5.12 -41.86 6.48
N MET K 200 -4.92 -42.66 5.44
CA MET K 200 -5.98 -43.25 4.61
C MET K 200 -6.81 -42.30 3.74
N LYS K 201 -7.16 -41.12 4.23
CA LYS K 201 -8.25 -40.37 3.60
C LYS K 201 -7.83 -39.11 2.85
N VAL K 202 -6.65 -38.60 3.12
CA VAL K 202 -6.13 -37.52 2.28
C VAL K 202 -4.74 -37.85 1.78
N VAL K 203 -4.66 -38.49 0.62
CA VAL K 203 -3.38 -38.72 -0.03
C VAL K 203 -3.34 -37.98 -1.35
N ASP K 204 -2.42 -37.04 -1.44
CA ASP K 204 -2.24 -36.21 -2.61
C ASP K 204 -0.88 -36.55 -3.23
N GLY K 205 -0.54 -35.92 -4.35
CA GLY K 205 0.78 -36.12 -4.88
C GLY K 205 1.23 -34.98 -5.77
N LEU K 206 2.51 -34.97 -6.07
CA LEU K 206 3.04 -34.11 -7.10
C LEU K 206 3.48 -34.99 -8.26
N GLU K 207 3.30 -34.49 -9.49
CA GLU K 207 3.83 -35.19 -10.65
C GLU K 207 5.03 -34.45 -11.21
N LYS K 208 6.08 -35.20 -11.48
CA LYS K 208 7.24 -34.64 -12.14
C LYS K 208 7.27 -35.16 -13.55
N ALA K 209 7.04 -34.28 -14.50
CA ALA K 209 7.14 -34.66 -15.90
C ALA K 209 8.31 -33.91 -16.55
N ILE K 210 9.29 -34.66 -17.05
CA ILE K 210 10.40 -34.03 -17.75
C ILE K 210 10.14 -33.97 -19.27
N TYR K 211 10.29 -32.78 -19.82
CA TYR K 211 10.11 -32.55 -21.25
C TYR K 211 11.23 -33.21 -22.04
N GLN K 212 10.87 -33.93 -23.09
CA GLN K 212 11.84 -34.70 -23.86
C GLN K 212 12.24 -33.98 -25.14
N GLY K 213 11.78 -32.75 -25.29
CA GLY K 213 11.99 -32.03 -26.53
C GLY K 213 10.99 -32.50 -27.56
N PRO K 214 11.00 -31.89 -28.75
CA PRO K 214 10.19 -32.31 -29.91
C PRO K 214 10.45 -33.76 -30.37
N SER K 215 9.89 -34.13 -31.51
CA SER K 215 9.99 -35.50 -32.03
C SER K 215 9.62 -35.58 -33.52
N GLY L 1 34.49 -46.41 -6.79
CA GLY L 1 34.03 -47.09 -5.60
C GLY L 1 32.92 -46.35 -4.91
N ASP L 2 33.10 -46.05 -3.62
CA ASP L 2 32.22 -45.12 -2.92
C ASP L 2 32.91 -44.56 -1.67
N THR L 3 33.53 -43.39 -1.81
CA THR L 3 34.26 -42.77 -0.71
C THR L 3 33.36 -42.59 0.51
N LYS L 4 33.95 -42.50 1.70
CA LYS L 4 33.09 -42.42 2.87
C LYS L 4 32.50 -41.01 3.02
N GLU L 5 33.11 -40.02 2.40
CA GLU L 5 32.52 -38.68 2.30
C GLU L 5 31.27 -38.75 1.46
N GLN L 6 31.30 -39.55 0.40
CA GLN L 6 30.11 -39.78 -0.38
C GLN L 6 29.01 -40.47 0.42
N ARG L 7 29.41 -41.22 1.43
CA ARG L 7 28.47 -41.92 2.28
C ARG L 7 27.91 -40.97 3.32
N ILE L 8 28.77 -40.06 3.77
CA ILE L 8 28.35 -39.03 4.71
C ILE L 8 27.33 -38.14 4.03
N LEU L 9 27.69 -37.61 2.87
CA LEU L 9 26.80 -36.74 2.13
C LEU L 9 25.46 -37.43 1.92
N ARG L 10 25.48 -38.70 1.53
CA ARG L 10 24.23 -39.39 1.23
C ARG L 10 23.41 -39.52 2.48
N TYR L 11 24.10 -39.73 3.60
CA TYR L 11 23.43 -39.80 4.87
C TYR L 11 22.69 -38.48 5.12
N VAL L 12 23.36 -37.36 4.87
CA VAL L 12 22.79 -36.04 5.16
C VAL L 12 21.57 -35.76 4.29
N GLN L 13 21.66 -36.08 3.01
CA GLN L 13 20.54 -35.85 2.11
C GLN L 13 19.29 -36.61 2.54
N GLN L 14 19.49 -37.70 3.25
CA GLN L 14 18.40 -38.62 3.56
C GLN L 14 17.94 -38.56 5.02
N ASN L 15 18.56 -37.70 5.84
CA ASN L 15 18.13 -37.59 7.24
C ASN L 15 18.01 -36.15 7.74
N ALA L 16 18.68 -35.23 7.07
CA ALA L 16 18.62 -33.86 7.50
C ALA L 16 17.49 -33.15 6.79
N LYS L 17 17.01 -32.08 7.40
CA LYS L 17 16.03 -31.20 6.79
C LYS L 17 16.74 -30.20 5.89
N PRO L 18 16.35 -30.17 4.60
CA PRO L 18 17.01 -29.29 3.63
C PRO L 18 16.86 -27.80 4.00
N GLY L 19 17.92 -27.03 3.80
CA GLY L 19 17.92 -25.62 4.14
C GLY L 19 18.20 -25.32 5.61
N ASP L 20 18.41 -26.36 6.41
CA ASP L 20 18.64 -26.23 7.86
C ASP L 20 20.05 -26.67 8.28
N PRO L 21 21.00 -25.72 8.32
CA PRO L 21 22.38 -26.01 8.74
C PRO L 21 22.47 -26.82 10.03
N GLN L 22 21.71 -26.47 11.06
CA GLN L 22 21.83 -27.20 12.33
C GLN L 22 21.52 -28.68 12.12
N SER L 23 20.42 -28.96 11.43
CA SER L 23 20.05 -30.32 11.05
C SER L 23 21.17 -31.08 10.32
N VAL L 24 21.88 -30.39 9.44
CA VAL L 24 22.97 -31.00 8.70
C VAL L 24 24.09 -31.36 9.68
N LEU L 25 24.44 -30.41 10.52
CA LEU L 25 25.51 -30.61 11.48
C LEU L 25 25.20 -31.80 12.39
N GLU L 26 23.94 -31.95 12.78
CA GLU L 26 23.54 -33.02 13.69
C GLU L 26 23.50 -34.37 12.98
N ALA L 27 23.22 -34.36 11.68
CA ALA L 27 23.17 -35.59 10.90
C ALA L 27 24.58 -36.13 10.73
N ILE L 28 25.50 -35.23 10.39
CA ILE L 28 26.91 -35.59 10.25
C ILE L 28 27.43 -36.12 11.56
N ASP L 29 27.07 -35.44 12.65
CA ASP L 29 27.43 -35.85 14.01
C ASP L 29 26.93 -37.24 14.35
N THR L 30 25.77 -37.61 13.79
CA THR L 30 25.16 -38.89 14.10
C THR L 30 25.71 -39.99 13.19
N TYR L 31 25.99 -39.66 11.91
CA TYR L 31 26.65 -40.61 11.03
C TYR L 31 27.99 -41.01 11.65
N CYS L 32 28.63 -40.07 12.32
CA CYS L 32 29.95 -40.30 12.89
C CYS L 32 29.96 -41.16 14.14
N THR L 33 29.08 -40.90 15.09
CA THR L 33 29.10 -41.72 16.28
C THR L 33 28.67 -43.14 15.93
N GLN L 34 27.98 -43.30 14.82
CA GLN L 34 27.53 -44.61 14.38
C GLN L 34 28.54 -45.35 13.51
N LYS L 35 29.08 -44.66 12.52
CA LYS L 35 30.01 -45.28 11.58
C LYS L 35 31.49 -45.03 11.96
N GLU L 36 31.76 -45.01 13.26
CA GLU L 36 33.11 -44.84 13.81
C GLU L 36 34.04 -43.96 12.97
N TRP L 37 33.60 -42.72 12.76
CA TRP L 37 34.40 -41.74 12.05
C TRP L 37 34.34 -40.42 12.85
N ALA L 38 35.02 -39.40 12.36
CA ALA L 38 35.02 -38.11 13.02
C ALA L 38 35.32 -37.01 12.02
N MET L 39 35.20 -35.78 12.49
CA MET L 39 35.21 -34.66 11.58
C MET L 39 36.35 -33.68 11.87
N ASN L 40 36.49 -32.72 10.96
CA ASN L 40 37.37 -31.57 11.11
C ASN L 40 37.47 -31.03 12.56
N VAL L 41 36.32 -30.74 13.18
CA VAL L 41 36.25 -30.24 14.54
C VAL L 41 35.20 -31.03 15.29
N GLY L 42 35.37 -31.16 16.61
CA GLY L 42 34.39 -31.85 17.43
C GLY L 42 33.34 -30.90 17.94
N ASP L 43 32.65 -31.28 18.99
CA ASP L 43 31.65 -30.38 19.52
C ASP L 43 32.32 -29.37 20.44
N ALA L 44 33.22 -29.88 21.26
CA ALA L 44 34.07 -29.05 22.10
C ALA L 44 34.59 -27.86 21.31
N LYS L 45 35.35 -28.13 20.26
CA LYS L 45 35.94 -27.08 19.47
C LYS L 45 34.89 -26.24 18.75
N GLY L 46 33.83 -26.89 18.28
CA GLY L 46 32.74 -26.20 17.62
C GLY L 46 32.20 -25.02 18.42
N GLN L 47 32.02 -25.22 19.73
CA GLN L 47 31.52 -24.18 20.61
C GLN L 47 32.53 -23.06 20.79
N ILE L 48 33.81 -23.38 20.75
CA ILE L 48 34.81 -22.32 20.81
C ILE L 48 34.69 -21.48 19.54
N MET L 49 34.54 -22.14 18.40
CA MET L 49 34.39 -21.48 17.11
C MET L 49 33.17 -20.58 17.10
N ASP L 50 32.04 -21.15 17.53
CA ASP L 50 30.76 -20.47 17.61
C ASP L 50 30.88 -19.16 18.39
N ALA L 51 31.51 -19.25 19.55
CA ALA L 51 31.64 -18.11 20.43
C ALA L 51 32.51 -17.02 19.83
N VAL L 52 33.60 -17.42 19.16
CA VAL L 52 34.50 -16.46 18.52
C VAL L 52 33.80 -15.77 17.36
N ILE L 53 32.99 -16.51 16.59
CA ILE L 53 32.19 -15.90 15.52
C ILE L 53 31.26 -14.82 16.08
N ARG L 54 30.59 -15.14 17.18
CA ARG L 54 29.67 -14.19 17.80
C ARG L 54 30.37 -12.97 18.37
N GLU L 55 31.54 -13.18 18.98
CA GLU L 55 32.22 -12.09 19.66
C GLU L 55 32.76 -11.04 18.69
N TYR L 56 33.10 -11.44 17.48
CA TYR L 56 33.73 -10.52 16.52
C TYR L 56 32.88 -10.28 15.29
N SER L 57 31.99 -11.23 15.02
CA SER L 57 30.94 -11.04 14.02
C SER L 57 31.48 -10.68 12.64
N PRO L 58 32.40 -11.49 12.10
CA PRO L 58 33.12 -11.10 10.88
C PRO L 58 32.20 -11.00 9.68
N SER L 59 32.64 -10.24 8.68
CA SER L 59 31.89 -10.06 7.46
C SER L 59 32.49 -10.95 6.38
N LEU L 60 33.81 -11.08 6.40
CA LEU L 60 34.49 -11.95 5.46
C LEU L 60 35.38 -12.96 6.20
N VAL L 61 35.13 -14.25 5.96
CA VAL L 61 35.94 -15.28 6.60
C VAL L 61 36.66 -16.19 5.60
N LEU L 62 37.94 -16.46 5.89
CA LEU L 62 38.73 -17.47 5.19
C LEU L 62 38.90 -18.70 6.06
N GLU L 63 38.50 -19.86 5.55
CA GLU L 63 38.82 -21.13 6.21
C GLU L 63 39.83 -21.93 5.38
N LEU L 64 40.87 -22.45 6.04
CA LEU L 64 41.86 -23.29 5.39
C LEU L 64 41.72 -24.74 5.86
N GLY L 65 41.16 -25.62 5.02
CA GLY L 65 40.98 -27.01 5.37
C GLY L 65 39.53 -27.47 5.52
N ALA L 66 38.74 -27.30 4.47
CA ALA L 66 37.29 -27.51 4.50
C ALA L 66 36.84 -28.93 4.74
N TYR L 67 37.61 -29.88 4.23
CA TYR L 67 37.23 -31.30 4.21
C TYR L 67 35.83 -31.49 3.57
N CYS L 68 34.78 -31.71 4.34
CA CYS L 68 33.44 -31.82 3.74
C CYS L 68 32.62 -30.59 4.00
N GLY L 69 33.30 -29.51 4.38
CA GLY L 69 32.63 -28.29 4.77
C GLY L 69 31.77 -28.40 6.02
N TYR L 70 32.06 -29.34 6.91
CA TYR L 70 31.34 -29.43 8.19
C TYR L 70 31.60 -28.18 9.01
N SER L 71 32.87 -27.79 9.08
CA SER L 71 33.22 -26.56 9.76
C SER L 71 32.71 -25.31 9.02
N ALA L 72 32.51 -25.44 7.71
CA ALA L 72 32.06 -24.31 6.89
C ALA L 72 30.58 -24.11 7.15
N VAL L 73 29.85 -25.22 7.20
CA VAL L 73 28.44 -25.18 7.52
C VAL L 73 28.26 -24.62 8.92
N ARG L 74 29.24 -24.86 9.77
CA ARG L 74 29.15 -24.47 11.17
C ARG L 74 29.42 -22.98 11.36
N MET L 75 30.37 -22.43 10.62
CA MET L 75 30.70 -21.02 10.74
C MET L 75 29.69 -20.18 10.00
N ALA L 76 29.39 -20.58 8.77
CA ALA L 76 28.47 -19.83 7.93
C ALA L 76 27.13 -19.60 8.63
N ARG L 77 26.62 -20.63 9.28
CA ARG L 77 25.33 -20.56 9.96
C ARG L 77 25.23 -19.43 11.00
N LEU L 78 26.35 -18.81 11.36
CA LEU L 78 26.38 -17.75 12.37
C LEU L 78 26.76 -16.38 11.79
N LEU L 79 27.10 -16.37 10.49
CA LEU L 79 27.37 -15.14 9.78
C LEU L 79 26.10 -14.29 9.53
N GLN L 80 26.26 -12.98 9.67
CA GLN L 80 25.22 -12.02 9.33
C GLN L 80 24.87 -12.10 7.84
N PRO L 81 23.62 -11.77 7.48
CA PRO L 81 23.03 -11.64 6.15
C PRO L 81 23.96 -11.48 4.93
N GLY L 82 24.64 -10.34 4.81
CA GLY L 82 25.46 -10.08 3.64
C GLY L 82 26.93 -10.42 3.78
N ALA L 83 27.22 -11.45 4.56
CA ALA L 83 28.59 -11.82 4.87
C ALA L 83 28.99 -13.10 4.15
N ARG L 84 30.21 -13.09 3.65
CA ARG L 84 30.73 -14.13 2.78
C ARG L 84 31.69 -15.04 3.58
N LEU L 85 31.74 -16.33 3.24
CA LEU L 85 32.76 -17.23 3.79
C LEU L 85 33.49 -17.94 2.66
N LEU L 86 34.79 -17.66 2.57
CA LEU L 86 35.68 -18.35 1.65
C LEU L 86 36.42 -19.53 2.31
N THR L 87 36.24 -20.72 1.77
CA THR L 87 36.98 -21.85 2.30
C THR L 87 37.79 -22.57 1.21
N MET L 88 38.98 -23.05 1.58
CA MET L 88 39.87 -23.71 0.63
C MET L 88 40.08 -25.18 0.94
N GLU L 89 39.89 -26.02 -0.07
CA GLU L 89 40.17 -27.44 0.05
C GLU L 89 41.19 -27.87 -1.01
N ILE L 90 42.13 -28.74 -0.67
CA ILE L 90 43.19 -29.11 -1.62
C ILE L 90 42.80 -30.32 -2.47
N ASN L 91 41.92 -31.16 -1.92
CA ASN L 91 41.41 -32.32 -2.62
C ASN L 91 40.16 -32.00 -3.46
N PRO L 92 40.21 -32.36 -4.75
CA PRO L 92 39.10 -32.01 -5.63
C PRO L 92 37.79 -32.67 -5.22
N ASP L 93 37.83 -33.93 -4.80
CA ASP L 93 36.61 -34.65 -4.44
C ASP L 93 36.01 -34.07 -3.18
N CYS L 94 36.86 -33.73 -2.23
CA CYS L 94 36.36 -33.19 -0.97
C CYS L 94 35.76 -31.81 -1.21
N ALA L 95 36.39 -31.04 -2.10
CA ALA L 95 35.83 -29.76 -2.53
C ALA L 95 34.44 -29.96 -3.13
N ALA L 96 34.28 -31.00 -3.95
CA ALA L 96 32.98 -31.32 -4.51
C ALA L 96 31.92 -31.64 -3.44
N ILE L 97 32.26 -32.55 -2.54
CA ILE L 97 31.37 -32.92 -1.44
C ILE L 97 30.96 -31.69 -0.64
N THR L 98 31.90 -30.78 -0.40
CA THR L 98 31.61 -29.53 0.34
C THR L 98 30.53 -28.70 -0.37
N GLN L 99 30.65 -28.53 -1.69
CA GLN L 99 29.63 -27.79 -2.41
C GLN L 99 28.28 -28.39 -2.21
N GLN L 100 28.21 -29.71 -2.27
CA GLN L 100 26.93 -30.39 -2.17
C GLN L 100 26.37 -30.27 -0.75
N MET L 101 27.28 -30.24 0.21
CA MET L 101 26.90 -30.05 1.60
C MET L 101 26.32 -28.65 1.77
N LEU L 102 27.02 -27.64 1.26
CA LEU L 102 26.52 -26.28 1.39
C LEU L 102 25.21 -26.14 0.65
N ASN L 103 25.13 -26.78 -0.51
CA ASN L 103 23.91 -26.75 -1.29
C ASN L 103 22.78 -27.26 -0.45
N PHE L 104 23.04 -28.33 0.27
CA PHE L 104 21.98 -28.92 1.06
C PHE L 104 21.62 -27.99 2.22
N ALA L 105 22.66 -27.45 2.87
CA ALA L 105 22.46 -26.60 4.03
C ALA L 105 21.80 -25.25 3.67
N GLY L 106 21.62 -24.98 2.39
CA GLY L 106 21.09 -23.71 1.92
C GLY L 106 22.09 -22.57 2.02
N LEU L 107 23.37 -22.89 2.10
CA LEU L 107 24.42 -21.88 2.31
C LEU L 107 25.19 -21.52 1.04
N GLN L 108 24.70 -22.01 -0.09
CA GLN L 108 25.34 -21.76 -1.39
C GLN L 108 25.56 -20.28 -1.77
N ASP L 109 24.91 -19.34 -1.09
CA ASP L 109 25.10 -17.93 -1.37
C ASP L 109 26.06 -17.24 -0.41
N LYS L 110 26.16 -17.75 0.81
CA LYS L 110 27.10 -17.21 1.78
C LYS L 110 28.50 -17.75 1.54
N VAL L 111 28.60 -19.03 1.17
CA VAL L 111 29.87 -19.75 1.10
C VAL L 111 30.37 -20.13 -0.30
N THR L 112 31.61 -19.75 -0.60
CA THR L 112 32.32 -20.20 -1.80
C THR L 112 33.51 -21.11 -1.45
N ILE L 113 33.64 -22.24 -2.16
CA ILE L 113 34.80 -23.14 -2.01
C ILE L 113 35.80 -23.01 -3.16
N LEU L 114 37.08 -22.92 -2.82
CA LEU L 114 38.13 -22.90 -3.80
C LEU L 114 38.94 -24.19 -3.70
N ASN L 115 39.08 -24.90 -4.82
CA ASN L 115 39.95 -26.07 -4.85
C ASN L 115 41.38 -25.67 -5.19
N GLY L 116 42.30 -25.97 -4.30
CA GLY L 116 43.70 -25.67 -4.56
C GLY L 116 44.51 -25.58 -3.30
N ALA L 117 45.80 -25.34 -3.44
CA ALA L 117 46.66 -25.17 -2.30
C ALA L 117 46.59 -23.75 -1.78
N SER L 118 46.55 -23.59 -0.45
CA SER L 118 46.51 -22.29 0.17
C SER L 118 47.64 -21.33 -0.26
N GLN L 119 48.86 -21.86 -0.47
CA GLN L 119 49.96 -20.98 -0.88
C GLN L 119 49.80 -20.50 -2.32
N ASP L 120 48.91 -21.15 -3.07
CA ASP L 120 48.64 -20.76 -4.45
C ASP L 120 47.36 -19.91 -4.57
N LEU L 121 46.34 -20.27 -3.79
CA LEU L 121 45.06 -19.56 -3.84
C LEU L 121 45.12 -18.21 -3.13
N ILE L 122 45.86 -18.12 -2.04
CA ILE L 122 45.88 -16.89 -1.23
C ILE L 122 46.31 -15.67 -2.08
N PRO L 123 47.46 -15.76 -2.77
CA PRO L 123 47.85 -14.53 -3.48
C PRO L 123 46.97 -14.17 -4.68
N GLN L 124 45.87 -14.90 -4.84
CA GLN L 124 44.88 -14.60 -5.88
C GLN L 124 43.61 -13.98 -5.32
N LEU L 125 43.48 -13.94 -3.99
CA LEU L 125 42.23 -13.50 -3.36
C LEU L 125 41.85 -12.06 -3.67
N LYS L 126 42.81 -11.14 -3.59
CA LYS L 126 42.53 -9.74 -3.89
C LYS L 126 42.10 -9.53 -5.34
N LYS L 127 42.89 -10.04 -6.30
CA LYS L 127 42.59 -9.79 -7.72
C LYS L 127 41.42 -10.62 -8.25
N LYS L 128 41.48 -11.94 -8.06
CA LYS L 128 40.53 -12.85 -8.72
C LYS L 128 39.20 -13.02 -7.96
N TYR L 129 39.17 -12.67 -6.68
CA TYR L 129 37.97 -12.90 -5.89
C TYR L 129 37.43 -11.68 -5.13
N ASP L 130 37.91 -10.48 -5.47
CA ASP L 130 37.40 -9.23 -4.88
C ASP L 130 37.45 -9.18 -3.35
N VAL L 131 38.63 -9.40 -2.79
CA VAL L 131 38.83 -9.30 -1.35
C VAL L 131 39.72 -8.10 -1.04
N ASP L 132 39.39 -7.35 0.00
CA ASP L 132 40.31 -6.32 0.46
C ASP L 132 41.06 -6.83 1.69
N THR L 133 40.34 -6.97 2.80
CA THR L 133 40.93 -7.57 3.99
C THR L 133 40.04 -8.70 4.47
N LEU L 134 40.61 -9.60 5.25
CA LEU L 134 39.84 -10.61 5.93
C LEU L 134 39.52 -10.10 7.32
N ASP L 135 38.42 -10.57 7.88
CA ASP L 135 38.08 -10.23 9.26
C ASP L 135 38.46 -11.39 10.16
N MET L 136 38.34 -12.61 9.62
CA MET L 136 38.66 -13.80 10.38
C MET L 136 39.23 -14.88 9.48
N VAL L 137 40.26 -15.56 9.97
CA VAL L 137 40.84 -16.70 9.26
C VAL L 137 40.81 -17.92 10.16
N PHE L 138 40.31 -19.03 9.64
CA PHE L 138 40.31 -20.29 10.38
C PHE L 138 41.32 -21.25 9.76
N LEU L 139 42.35 -21.64 10.53
CA LEU L 139 43.43 -22.49 10.02
C LEU L 139 43.31 -23.93 10.53
N ASP L 140 43.09 -24.88 9.64
CA ASP L 140 42.96 -26.28 10.05
C ASP L 140 43.33 -27.24 8.92
N HIS L 141 44.43 -26.88 8.23
CA HIS L 141 45.01 -27.66 7.15
C HIS L 141 46.37 -28.18 7.61
N TRP L 142 47.40 -28.10 6.78
CA TRP L 142 48.68 -28.70 7.16
C TRP L 142 49.43 -27.83 8.17
N LYS L 143 49.94 -28.45 9.24
CA LYS L 143 50.57 -27.66 10.32
C LYS L 143 51.82 -26.94 9.85
N ASP L 144 52.51 -27.57 8.90
CA ASP L 144 53.74 -27.06 8.32
C ASP L 144 53.54 -25.70 7.70
N ARG L 145 52.30 -25.39 7.36
CA ARG L 145 52.04 -24.21 6.56
C ARG L 145 51.22 -23.17 7.31
N TYR L 146 50.88 -23.42 8.57
CA TYR L 146 50.25 -22.41 9.43
C TYR L 146 51.09 -21.16 9.48
N LEU L 147 52.36 -21.32 9.83
CA LEU L 147 53.25 -20.18 9.99
C LEU L 147 53.54 -19.51 8.66
N PRO L 148 53.99 -20.27 7.64
CA PRO L 148 54.19 -19.54 6.38
C PRO L 148 52.92 -18.98 5.70
N ASP L 149 51.74 -19.56 5.92
CA ASP L 149 50.50 -18.97 5.36
C ASP L 149 50.14 -17.70 6.10
N THR L 150 50.41 -17.69 7.40
CA THR L 150 50.20 -16.49 8.20
C THR L 150 51.06 -15.35 7.68
N LEU L 151 52.31 -15.65 7.36
CA LEU L 151 53.19 -14.58 6.88
C LEU L 151 52.80 -14.17 5.48
N LEU L 152 52.31 -15.13 4.71
CA LEU L 152 51.88 -14.87 3.35
C LEU L 152 50.63 -14.00 3.36
N LEU L 153 49.75 -14.23 4.33
CA LEU L 153 48.55 -13.42 4.46
C LEU L 153 48.90 -11.98 4.77
N GLU L 154 49.93 -11.79 5.60
CA GLU L 154 50.37 -10.45 5.99
C GLU L 154 50.98 -9.72 4.80
N GLU L 155 51.90 -10.38 4.11
CA GLU L 155 52.59 -9.79 2.96
C GLU L 155 51.62 -9.36 1.88
N CYS L 156 50.53 -10.11 1.75
CA CYS L 156 49.55 -9.84 0.70
C CYS L 156 48.53 -8.79 1.12
N GLY L 157 48.73 -8.21 2.30
CA GLY L 157 47.90 -7.10 2.77
C GLY L 157 46.48 -7.51 3.06
N LEU L 158 46.28 -8.78 3.39
CA LEU L 158 44.95 -9.33 3.63
C LEU L 158 44.53 -9.22 5.10
N LEU L 159 45.47 -8.88 5.97
CA LEU L 159 45.15 -8.72 7.37
C LEU L 159 45.07 -7.24 7.72
N ARG L 160 44.31 -6.93 8.76
CA ARG L 160 44.17 -5.56 9.23
C ARG L 160 44.02 -5.58 10.74
N LYS L 161 44.08 -4.43 11.37
CA LYS L 161 43.96 -4.37 12.81
C LYS L 161 42.63 -4.99 13.24
N GLY L 162 42.71 -6.09 13.98
CA GLY L 162 41.53 -6.72 14.51
C GLY L 162 41.18 -7.98 13.74
N THR L 163 41.94 -8.27 12.69
CA THR L 163 41.74 -9.55 12.02
C THR L 163 41.97 -10.69 13.00
N VAL L 164 41.02 -11.60 13.06
CA VAL L 164 41.07 -12.71 14.00
C VAL L 164 41.51 -14.01 13.38
N LEU L 165 42.76 -14.41 13.63
CA LEU L 165 43.24 -15.77 13.33
C LEU L 165 42.79 -16.73 14.40
N LEU L 166 42.08 -17.77 14.00
CA LEU L 166 41.75 -18.85 14.91
C LEU L 166 42.41 -20.11 14.39
N ALA L 167 43.35 -20.64 15.16
CA ALA L 167 44.15 -21.76 14.65
C ALA L 167 43.90 -23.05 15.44
N ASP L 168 43.31 -24.05 14.79
CA ASP L 168 43.07 -25.33 15.44
C ASP L 168 44.32 -26.24 15.56
N ASN L 169 44.25 -27.17 16.51
CA ASN L 169 45.25 -28.20 16.71
C ASN L 169 46.62 -27.65 17.01
N VAL L 170 46.70 -26.58 17.78
CA VAL L 170 48.01 -26.03 18.11
C VAL L 170 48.70 -26.78 19.27
N ILE L 171 48.07 -27.84 19.77
CA ILE L 171 48.70 -28.63 20.82
C ILE L 171 48.86 -30.09 20.41
N VAL L 172 47.82 -30.62 19.79
CA VAL L 172 47.78 -32.00 19.31
C VAL L 172 47.46 -32.05 17.83
N PRO L 173 48.42 -32.45 16.97
CA PRO L 173 49.82 -32.85 17.21
C PRO L 173 50.71 -31.67 17.54
N GLY L 174 50.19 -30.48 17.33
CA GLY L 174 50.90 -29.27 17.72
C GLY L 174 51.36 -28.49 16.52
N THR L 175 51.55 -27.20 16.71
CA THR L 175 52.08 -26.30 15.69
C THR L 175 52.97 -25.37 16.47
N PRO L 176 54.04 -25.91 17.06
CA PRO L 176 54.77 -25.09 18.04
C PRO L 176 55.51 -23.92 17.42
N ASP L 177 55.87 -24.00 16.14
CA ASP L 177 56.46 -22.83 15.46
C ASP L 177 55.46 -21.66 15.39
N PHE L 178 54.29 -21.95 14.83
CA PHE L 178 53.20 -20.98 14.75
C PHE L 178 52.91 -20.33 16.12
N LEU L 179 52.61 -21.13 17.14
CA LEU L 179 52.44 -20.60 18.50
C LEU L 179 53.58 -19.69 18.93
N ALA L 180 54.82 -20.10 18.70
CA ALA L 180 55.96 -19.27 19.08
C ALA L 180 55.92 -17.91 18.41
N TYR L 181 55.66 -17.90 17.10
CA TYR L 181 55.63 -16.66 16.34
C TYR L 181 54.55 -15.71 16.82
N VAL L 182 53.31 -16.17 16.85
CA VAL L 182 52.23 -15.27 17.21
C VAL L 182 52.37 -14.89 18.69
N ARG L 183 52.76 -15.83 19.55
CA ARG L 183 52.89 -15.48 20.95
C ARG L 183 54.02 -14.50 21.17
N GLY L 184 55.01 -14.54 20.29
CA GLY L 184 56.22 -13.75 20.47
C GLY L 184 56.26 -12.48 19.68
N SER L 185 55.57 -12.47 18.53
CA SER L 185 55.49 -11.28 17.68
C SER L 185 54.60 -10.21 18.29
N SER L 186 54.99 -8.96 18.11
CA SER L 186 54.19 -7.83 18.57
C SER L 186 52.94 -7.68 17.70
N SER L 187 52.99 -8.27 16.51
CA SER L 187 51.92 -8.15 15.54
C SER L 187 50.68 -8.92 15.93
N PHE L 188 50.75 -9.64 17.05
CA PHE L 188 49.62 -10.48 17.44
C PHE L 188 49.36 -10.45 18.92
N GLU L 189 48.08 -10.37 19.28
CA GLU L 189 47.60 -10.51 20.65
C GLU L 189 46.90 -11.84 20.76
N CYS L 190 47.40 -12.70 21.64
CA CYS L 190 47.01 -14.11 21.65
C CYS L 190 46.24 -14.59 22.89
N THR L 191 45.36 -15.54 22.66
CA THR L 191 44.60 -16.18 23.72
C THR L 191 44.44 -17.67 23.44
N HIS L 192 44.72 -18.51 24.42
CA HIS L 192 44.58 -19.93 24.22
C HIS L 192 43.25 -20.48 24.76
N TYR L 193 42.60 -21.32 23.97
CA TYR L 193 41.37 -21.97 24.41
C TYR L 193 41.59 -23.48 24.48
N SER L 194 41.66 -24.00 25.68
CA SER L 194 41.82 -25.44 25.84
C SER L 194 40.56 -26.12 25.35
N SER L 195 40.72 -27.37 24.99
CA SER L 195 39.71 -28.17 24.34
C SER L 195 39.84 -29.62 24.81
N TYR L 196 38.98 -30.04 25.72
CA TYR L 196 39.14 -31.35 26.33
C TYR L 196 38.46 -32.43 25.50
N LEU L 197 39.29 -33.27 24.87
CA LEU L 197 38.80 -34.35 24.02
C LEU L 197 38.71 -35.64 24.80
N GLU L 198 39.57 -35.78 25.81
CA GLU L 198 39.55 -36.97 26.65
C GLU L 198 40.27 -36.66 27.96
N TYR L 199 39.67 -37.07 29.07
CA TYR L 199 40.18 -36.71 30.39
C TYR L 199 41.66 -37.04 30.54
N MET L 200 42.43 -36.05 30.99
CA MET L 200 43.86 -36.20 31.28
C MET L 200 44.79 -36.37 30.06
N LYS L 201 44.37 -37.13 29.07
CA LYS L 201 45.32 -37.58 28.07
C LYS L 201 45.23 -36.90 26.69
N VAL L 202 44.04 -36.49 26.28
CA VAL L 202 43.90 -35.77 25.01
C VAL L 202 43.32 -34.38 25.25
N VAL L 203 44.20 -33.44 25.54
CA VAL L 203 43.78 -32.07 25.77
C VAL L 203 44.39 -31.16 24.74
N ASP L 204 43.65 -30.89 23.67
CA ASP L 204 44.09 -30.00 22.60
C ASP L 204 43.74 -28.54 22.91
N GLY L 205 43.71 -27.71 21.87
CA GLY L 205 43.42 -26.31 22.02
C GLY L 205 43.45 -25.54 20.72
N LEU L 206 42.60 -24.52 20.61
CA LEU L 206 42.67 -23.56 19.52
C LEU L 206 43.45 -22.34 19.96
N GLU L 207 44.15 -21.71 19.03
CA GLU L 207 44.80 -20.44 19.36
C GLU L 207 44.13 -19.30 18.62
N LYS L 208 43.69 -18.29 19.37
CA LYS L 208 43.15 -17.06 18.81
C LYS L 208 44.21 -15.97 18.79
N ALA L 209 44.62 -15.56 17.60
CA ALA L 209 45.63 -14.52 17.46
C ALA L 209 45.08 -13.35 16.66
N ILE L 210 45.06 -12.17 17.28
CA ILE L 210 44.45 -11.00 16.67
C ILE L 210 45.49 -10.02 16.17
N TYR L 211 45.38 -9.66 14.89
CA TYR L 211 46.44 -8.90 14.25
C TYR L 211 46.36 -7.43 14.66
N GLN L 212 47.52 -6.80 14.89
CA GLN L 212 47.53 -5.44 15.39
C GLN L 212 47.98 -4.45 14.32
N GLY L 213 48.14 -4.92 13.09
CA GLY L 213 48.63 -4.08 12.01
C GLY L 213 50.13 -3.84 12.12
N PRO L 214 50.74 -3.25 11.08
CA PRO L 214 52.18 -2.95 11.08
C PRO L 214 52.58 -1.89 12.14
N SER L 215 53.80 -1.38 12.05
CA SER L 215 54.33 -0.49 13.08
C SER L 215 53.87 0.95 12.91
N SER L 216 54.17 1.79 13.91
CA SER L 216 53.79 3.19 13.93
C SER L 216 54.90 4.11 13.38
N GLY M 1 35.81 -26.18 47.04
CA GLY M 1 34.50 -25.56 47.03
C GLY M 1 33.38 -26.48 46.58
N ASP M 2 33.45 -26.91 45.31
CA ASP M 2 32.50 -27.86 44.73
C ASP M 2 33.00 -28.32 43.37
N THR M 3 33.48 -29.57 43.31
CA THR M 3 34.27 -30.02 42.16
C THR M 3 33.45 -30.35 40.91
N LYS M 4 34.15 -30.45 39.79
CA LYS M 4 33.58 -30.79 38.49
C LYS M 4 32.97 -32.18 38.53
N GLU M 5 33.62 -33.08 39.24
CA GLU M 5 33.18 -34.45 39.31
C GLU M 5 31.89 -34.53 40.12
N GLN M 6 31.80 -33.74 41.18
CA GLN M 6 30.59 -33.68 42.02
C GLN M 6 29.38 -33.19 41.22
N ARG M 7 29.60 -32.23 40.34
CA ARG M 7 28.51 -31.70 39.54
C ARG M 7 28.01 -32.73 38.51
N ILE M 8 28.91 -33.49 37.90
CA ILE M 8 28.53 -34.58 37.00
C ILE M 8 27.69 -35.63 37.73
N LEU M 9 28.12 -36.05 38.91
CA LEU M 9 27.38 -37.05 39.64
C LEU M 9 25.98 -36.48 39.98
N ARG M 10 25.93 -35.20 40.32
CA ARG M 10 24.64 -34.57 40.63
C ARG M 10 23.72 -34.59 39.42
N TYR M 11 24.25 -34.19 38.27
CA TYR M 11 23.46 -34.15 37.05
C TYR M 11 22.92 -35.55 36.77
N VAL M 12 23.74 -36.58 36.95
CA VAL M 12 23.29 -37.96 36.76
C VAL M 12 22.18 -38.30 37.74
N GLN M 13 22.31 -37.83 38.97
CA GLN M 13 21.39 -38.24 40.02
C GLN M 13 20.06 -37.50 39.87
N GLN M 14 20.09 -36.30 39.31
CA GLN M 14 18.86 -35.54 39.04
C GLN M 14 18.16 -36.04 37.79
N ASN M 15 18.93 -36.53 36.83
CA ASN M 15 18.40 -36.67 35.47
C ASN M 15 18.35 -38.07 34.89
N ALA M 16 19.28 -38.94 35.23
CA ALA M 16 19.29 -40.27 34.63
C ALA M 16 18.15 -41.14 35.15
N LYS M 17 17.76 -42.15 34.39
CA LYS M 17 16.87 -43.17 34.89
C LYS M 17 17.70 -44.05 35.81
N PRO M 18 17.20 -44.28 37.04
CA PRO M 18 17.96 -45.04 38.03
C PRO M 18 18.04 -46.53 37.71
N GLY M 19 19.20 -47.14 37.91
CA GLY M 19 19.39 -48.57 37.69
C GLY M 19 19.27 -48.92 36.22
N ASP M 20 19.69 -47.98 35.38
CA ASP M 20 19.64 -48.10 33.92
C ASP M 20 20.96 -47.55 33.38
N PRO M 21 21.93 -48.45 33.14
CA PRO M 21 23.28 -47.97 32.86
C PRO M 21 23.33 -47.16 31.58
N GLN M 22 22.52 -47.50 30.58
CA GLN M 22 22.55 -46.75 29.32
C GLN M 22 22.13 -45.30 29.55
N SER M 23 21.15 -45.09 30.44
CA SER M 23 20.67 -43.74 30.75
C SER M 23 21.73 -42.91 31.49
N VAL M 24 22.46 -43.56 32.40
CA VAL M 24 23.52 -42.89 33.14
C VAL M 24 24.64 -42.42 32.23
N LEU M 25 25.07 -43.31 31.33
CA LEU M 25 26.09 -43.02 30.32
C LEU M 25 25.68 -41.84 29.45
N GLU M 26 24.47 -41.90 28.91
CA GLU M 26 23.97 -40.80 28.10
C GLU M 26 23.89 -39.51 28.92
N ALA M 27 23.54 -39.63 30.20
CA ALA M 27 23.51 -38.49 31.10
C ALA M 27 24.91 -37.86 31.26
N ILE M 28 25.91 -38.67 31.60
CA ILE M 28 27.26 -38.17 31.73
C ILE M 28 27.70 -37.48 30.44
N ASP M 29 27.42 -38.11 29.30
CA ASP M 29 27.80 -37.56 28.00
C ASP M 29 27.19 -36.19 27.77
N THR M 30 25.89 -36.11 27.98
CA THR M 30 25.14 -34.87 27.78
C THR M 30 25.73 -33.76 28.64
N TYR M 31 26.07 -34.08 29.88
CA TYR M 31 26.63 -33.07 30.75
C TYR M 31 27.99 -32.62 30.24
N CYS M 32 28.73 -33.56 29.65
CA CYS M 32 30.09 -33.25 29.18
C CYS M 32 30.08 -32.43 27.90
N THR M 33 29.20 -32.77 26.97
CA THR M 33 29.09 -31.98 25.74
C THR M 33 28.63 -30.56 26.08
N GLN M 34 27.89 -30.41 27.17
CA GLN M 34 27.42 -29.10 27.56
C GLN M 34 28.49 -28.31 28.31
N LYS M 35 29.16 -28.95 29.25
CA LYS M 35 30.09 -28.24 30.13
C LYS M 35 31.55 -28.27 29.68
N GLU M 36 31.78 -28.56 28.39
CA GLU M 36 33.11 -28.50 27.80
C GLU M 36 34.09 -29.34 28.61
N TRP M 37 33.85 -30.65 28.65
CA TRP M 37 34.61 -31.57 29.47
C TRP M 37 34.52 -32.95 28.81
N ALA M 38 35.33 -33.90 29.28
CA ALA M 38 35.40 -35.22 28.65
C ALA M 38 35.76 -36.28 29.64
N MET M 39 35.24 -37.48 29.45
CA MET M 39 35.62 -38.58 30.32
C MET M 39 36.86 -39.35 29.85
N ASN M 40 37.42 -40.10 30.80
CA ASN M 40 38.20 -41.32 30.60
C ASN M 40 38.28 -41.79 29.14
N VAL M 41 37.13 -42.20 28.60
CA VAL M 41 37.03 -42.65 27.22
C VAL M 41 35.85 -41.97 26.55
N GLY M 42 35.88 -41.92 25.22
CA GLY M 42 34.75 -41.43 24.46
C GLY M 42 33.73 -42.51 24.19
N ASP M 43 32.88 -42.28 23.20
CA ASP M 43 31.89 -43.29 22.84
C ASP M 43 32.52 -44.14 21.77
N ALA M 44 33.24 -43.49 20.88
CA ALA M 44 34.05 -44.17 19.87
C ALA M 44 34.86 -45.30 20.50
N LYS M 45 35.64 -44.96 21.52
CA LYS M 45 36.44 -45.97 22.20
C LYS M 45 35.56 -46.98 22.91
N GLY M 46 34.44 -46.49 23.47
CA GLY M 46 33.49 -47.31 24.19
C GLY M 46 32.88 -48.43 23.36
N GLN M 47 32.64 -48.16 22.09
CA GLN M 47 32.09 -49.18 21.19
C GLN M 47 33.07 -50.32 20.98
N ILE M 48 34.36 -50.00 21.08
CA ILE M 48 35.41 -50.99 20.99
C ILE M 48 35.42 -51.78 22.27
N MET M 49 35.38 -51.06 23.39
CA MET M 49 35.32 -51.70 24.72
C MET M 49 34.16 -52.69 24.80
N ASP M 50 32.97 -52.24 24.37
CA ASP M 50 31.79 -53.11 24.26
C ASP M 50 32.09 -54.38 23.45
N ALA M 51 32.71 -54.21 22.29
CA ALA M 51 32.94 -55.31 21.35
C ALA M 51 33.90 -56.37 21.89
N VAL M 52 34.90 -55.92 22.64
CA VAL M 52 35.86 -56.81 23.25
C VAL M 52 35.19 -57.62 24.34
N ILE M 53 34.47 -56.95 25.23
CA ILE M 53 33.73 -57.64 26.30
C ILE M 53 32.75 -58.67 25.72
N ARG M 54 31.98 -58.26 24.73
CA ARG M 54 30.98 -59.17 24.18
C ARG M 54 31.64 -60.43 23.61
N GLU M 55 32.71 -60.24 22.84
CA GLU M 55 33.39 -61.38 22.23
C GLU M 55 34.03 -62.34 23.23
N TYR M 56 34.53 -61.83 24.35
CA TYR M 56 35.29 -62.66 25.27
C TYR M 56 34.54 -63.07 26.53
N SER M 57 33.40 -62.46 26.77
CA SER M 57 32.54 -62.75 27.93
C SER M 57 33.31 -63.08 29.22
N PRO M 58 34.07 -62.10 29.75
CA PRO M 58 34.91 -62.30 30.93
C PRO M 58 34.14 -62.41 32.27
N SER M 59 34.60 -63.33 33.13
CA SER M 59 34.05 -63.54 34.47
C SER M 59 34.59 -62.50 35.45
N LEU M 60 35.83 -62.09 35.26
CA LEU M 60 36.44 -61.11 36.16
C LEU M 60 37.31 -60.11 35.39
N VAL M 61 36.92 -58.84 35.45
CA VAL M 61 37.63 -57.78 34.78
C VAL M 61 38.38 -56.95 35.81
N LEU M 62 39.53 -56.42 35.43
CA LEU M 62 40.23 -55.48 36.29
C LEU M 62 40.46 -54.19 35.52
N GLU M 63 39.92 -53.09 36.04
CA GLU M 63 40.10 -51.78 35.42
C GLU M 63 41.14 -51.00 36.20
N LEU M 64 42.06 -50.38 35.48
CA LEU M 64 43.05 -49.54 36.12
C LEU M 64 42.86 -48.08 35.72
N GLY M 65 42.37 -47.26 36.65
CA GLY M 65 42.12 -45.85 36.40
C GLY M 65 40.64 -45.57 36.18
N ALA M 66 39.86 -45.73 37.25
CA ALA M 66 38.40 -45.70 37.18
C ALA M 66 37.82 -44.36 36.77
N TYR M 67 38.47 -43.28 37.21
CA TYR M 67 37.91 -41.92 37.22
C TYR M 67 36.54 -41.87 37.92
N CYS M 68 35.54 -41.30 37.26
CA CYS M 68 34.21 -41.14 37.87
C CYS M 68 33.42 -42.42 37.81
N GLY M 69 33.92 -43.39 37.07
CA GLY M 69 33.22 -44.64 36.90
C GLY M 69 32.46 -44.73 35.60
N TYR M 70 32.73 -43.80 34.68
CA TYR M 70 32.12 -43.87 33.35
C TYR M 70 32.56 -45.16 32.63
N SER M 71 33.86 -45.47 32.61
CA SER M 71 34.31 -46.67 31.91
C SER M 71 33.89 -47.88 32.70
N ALA M 72 33.85 -47.71 34.02
CA ALA M 72 33.35 -48.76 34.89
C ALA M 72 31.91 -49.12 34.54
N VAL M 73 31.04 -48.12 34.46
CA VAL M 73 29.62 -48.34 34.14
C VAL M 73 29.50 -49.01 32.76
N ARG M 74 30.30 -48.54 31.81
CA ARG M 74 30.24 -49.02 30.44
C ARG M 74 30.60 -50.51 30.35
N MET M 75 31.67 -50.91 31.03
CA MET M 75 32.08 -52.31 31.06
C MET M 75 31.12 -53.18 31.87
N ALA M 76 30.80 -52.73 33.09
CA ALA M 76 30.01 -53.52 34.03
C ALA M 76 28.61 -53.86 33.52
N ARG M 77 28.01 -52.97 32.76
CA ARG M 77 26.66 -53.24 32.26
C ARG M 77 26.59 -54.46 31.34
N LEU M 78 27.71 -54.82 30.72
CA LEU M 78 27.72 -55.90 29.73
C LEU M 78 28.15 -57.26 30.31
N LEU M 79 28.41 -57.31 31.60
CA LEU M 79 28.91 -58.54 32.22
C LEU M 79 27.79 -59.54 32.48
N GLN M 80 28.10 -60.82 32.25
CA GLN M 80 27.12 -61.89 32.49
C GLN M 80 26.84 -62.00 33.98
N PRO M 81 25.60 -62.33 34.35
CA PRO M 81 25.25 -62.47 35.75
C PRO M 81 26.19 -63.41 36.49
N GLY M 82 26.94 -62.86 37.42
CA GLY M 82 27.97 -63.60 38.12
C GLY M 82 29.33 -62.96 37.92
N ALA M 83 29.54 -62.38 36.75
CA ALA M 83 30.79 -61.69 36.46
C ALA M 83 30.99 -60.45 37.34
N ARG M 84 32.24 -60.11 37.60
CA ARG M 84 32.57 -59.04 38.54
C ARG M 84 33.71 -58.24 37.98
N LEU M 85 33.81 -57.00 38.42
CA LEU M 85 34.84 -56.11 37.93
C LEU M 85 35.50 -55.41 39.10
N LEU M 86 36.83 -55.53 39.20
CA LEU M 86 37.62 -54.74 40.13
C LEU M 86 38.11 -53.50 39.46
N THR M 87 37.90 -52.35 40.09
CA THR M 87 38.42 -51.14 39.51
C THR M 87 39.31 -50.43 40.51
N MET M 88 40.46 -49.95 40.04
CA MET M 88 41.39 -49.23 40.90
C MET M 88 41.38 -47.74 40.58
N GLU M 89 41.48 -46.93 41.63
CA GLU M 89 41.46 -45.48 41.49
C GLU M 89 42.33 -44.87 42.58
N ILE M 90 43.24 -44.00 42.19
CA ILE M 90 44.23 -43.49 43.12
C ILE M 90 43.69 -42.29 43.94
N ASN M 91 42.67 -41.61 43.40
CA ASN M 91 42.05 -40.48 44.10
C ASN M 91 40.83 -40.89 44.93
N PRO M 92 40.82 -40.54 46.22
CA PRO M 92 39.78 -40.85 47.21
C PRO M 92 38.44 -40.27 46.84
N ASP M 93 38.41 -38.97 46.51
CA ASP M 93 37.21 -38.31 46.03
C ASP M 93 36.57 -39.06 44.87
N CYS M 94 37.36 -39.27 43.82
CA CYS M 94 36.87 -39.93 42.61
C CYS M 94 36.36 -41.35 42.91
N ALA M 95 37.05 -42.06 43.78
CA ALA M 95 36.62 -43.42 44.14
C ALA M 95 35.22 -43.41 44.75
N ALA M 96 34.92 -42.39 45.56
CA ALA M 96 33.60 -42.27 46.20
C ALA M 96 32.50 -41.89 45.19
N ILE M 97 32.86 -41.05 44.23
CA ILE M 97 31.98 -40.72 43.12
C ILE M 97 31.68 -41.97 42.30
N THR M 98 32.71 -42.77 42.05
CA THR M 98 32.57 -44.00 41.28
C THR M 98 31.57 -44.92 41.97
N GLN M 99 31.66 -45.00 43.29
CA GLN M 99 30.72 -45.79 44.09
C GLN M 99 29.27 -45.36 43.83
N GLN M 100 29.01 -44.05 43.88
CA GLN M 100 27.65 -43.56 43.71
C GLN M 100 27.16 -43.71 42.27
N MET M 101 28.02 -43.36 41.33
CA MET M 101 27.67 -43.54 39.93
C MET M 101 27.24 -44.98 39.67
N LEU M 102 28.04 -45.92 40.14
CA LEU M 102 27.75 -47.33 39.93
C LEU M 102 26.48 -47.75 40.64
N ASN M 103 26.28 -47.24 41.85
CA ASN M 103 25.09 -47.59 42.61
C ASN M 103 23.85 -47.04 41.93
N PHE M 104 23.92 -45.80 41.44
CA PHE M 104 22.80 -45.27 40.68
C PHE M 104 22.46 -46.07 39.43
N ALA M 105 23.45 -46.70 38.81
CA ALA M 105 23.23 -47.46 37.57
C ALA M 105 22.78 -48.90 37.80
N GLY M 106 22.70 -49.31 39.06
CA GLY M 106 22.23 -50.64 39.43
C GLY M 106 23.30 -51.73 39.42
N LEU M 107 24.57 -51.31 39.35
CA LEU M 107 25.70 -52.23 39.20
C LEU M 107 26.57 -52.40 40.43
N GLN M 108 26.07 -51.97 41.59
CA GLN M 108 26.79 -52.08 42.85
C GLN M 108 27.28 -53.50 43.13
N ASP M 109 26.43 -54.47 42.83
CA ASP M 109 26.74 -55.86 43.10
C ASP M 109 27.92 -56.33 42.27
N LYS M 110 28.04 -55.79 41.07
CA LYS M 110 29.02 -56.26 40.11
C LYS M 110 30.42 -55.67 40.26
N VAL M 111 30.56 -54.55 40.96
CA VAL M 111 31.84 -53.86 41.00
C VAL M 111 32.40 -53.76 42.42
N THR M 112 33.72 -53.79 42.53
CA THR M 112 34.41 -53.47 43.76
C THR M 112 35.41 -52.36 43.48
N ILE M 113 35.40 -51.31 44.28
CA ILE M 113 36.28 -50.17 44.01
C ILE M 113 37.42 -50.15 45.00
N LEU M 114 38.63 -50.45 44.51
CA LEU M 114 39.82 -50.38 45.34
C LEU M 114 40.41 -49.00 45.19
N ASN M 115 40.71 -48.34 46.31
CA ASN M 115 41.30 -47.02 46.27
C ASN M 115 42.77 -47.00 46.69
N GLY M 116 43.64 -46.85 45.72
CA GLY M 116 45.08 -46.82 45.96
C GLY M 116 45.78 -47.00 44.64
N ALA M 117 47.11 -46.97 44.68
CA ALA M 117 47.95 -47.09 43.48
C ALA M 117 48.00 -48.52 42.99
N SER M 118 48.06 -48.69 41.67
CA SER M 118 48.12 -50.01 41.04
C SER M 118 49.24 -50.89 41.60
N GLN M 119 50.46 -50.36 41.66
CA GLN M 119 51.63 -51.15 42.09
C GLN M 119 51.51 -51.64 43.54
N ASP M 120 50.71 -50.94 44.33
CA ASP M 120 50.51 -51.30 45.73
C ASP M 120 49.38 -52.31 45.87
N LEU M 121 48.27 -52.05 45.16
CA LEU M 121 47.09 -52.92 45.19
C LEU M 121 47.21 -54.24 44.41
N ILE M 122 47.91 -54.26 43.27
CA ILE M 122 47.96 -55.46 42.43
C ILE M 122 48.53 -56.70 43.17
N PRO M 123 49.66 -56.54 43.90
CA PRO M 123 50.09 -57.69 44.73
C PRO M 123 49.09 -58.13 45.81
N GLN M 124 48.31 -57.20 46.36
CA GLN M 124 47.30 -57.53 47.37
C GLN M 124 46.11 -58.30 46.81
N LEU M 125 46.04 -58.43 45.49
CA LEU M 125 44.85 -58.99 44.85
C LEU M 125 44.61 -60.45 45.18
N LYS M 126 45.65 -61.27 45.13
CA LYS M 126 45.44 -62.71 45.29
C LYS M 126 45.04 -63.05 46.71
N LYS M 127 45.64 -62.38 47.69
CA LYS M 127 45.40 -62.72 49.08
C LYS M 127 44.26 -61.94 49.74
N LYS M 128 44.16 -60.64 49.48
CA LYS M 128 43.16 -59.81 50.15
C LYS M 128 41.82 -59.72 49.42
N TYR M 129 41.81 -59.95 48.11
CA TYR M 129 40.57 -59.84 47.34
C TYR M 129 40.21 -61.18 46.69
N ASP M 130 40.85 -62.24 47.21
CA ASP M 130 40.63 -63.64 46.79
C ASP M 130 40.48 -63.87 45.29
N VAL M 131 41.34 -63.23 44.50
CA VAL M 131 41.33 -63.37 43.06
C VAL M 131 42.18 -64.55 42.65
N ASP M 132 41.71 -65.36 41.71
CA ASP M 132 42.59 -66.37 41.14
C ASP M 132 43.29 -65.82 39.93
N THR M 133 42.56 -65.74 38.81
CA THR M 133 43.10 -65.10 37.62
C THR M 133 42.12 -64.09 37.03
N LEU M 134 42.67 -63.01 36.49
CA LEU M 134 41.90 -62.02 35.75
C LEU M 134 41.61 -62.52 34.33
N ASP M 135 40.38 -62.30 33.87
CA ASP M 135 39.99 -62.66 32.51
C ASP M 135 40.31 -61.55 31.52
N MET M 136 40.29 -60.33 32.03
CA MET M 136 40.53 -59.16 31.21
C MET M 136 40.99 -57.98 32.07
N VAL M 137 41.94 -57.22 31.54
CA VAL M 137 42.42 -56.02 32.21
C VAL M 137 42.27 -54.80 31.33
N PHE M 138 41.54 -53.78 31.77
CA PHE M 138 41.49 -52.53 31.00
C PHE M 138 42.44 -51.50 31.59
N LEU M 139 43.47 -51.14 30.85
CA LEU M 139 44.45 -50.18 31.33
C LEU M 139 44.09 -48.76 30.88
N ASP M 140 43.90 -47.86 31.82
CA ASP M 140 43.76 -46.45 31.44
C ASP M 140 44.31 -45.54 32.52
N HIS M 141 45.37 -45.99 33.20
CA HIS M 141 45.93 -45.16 34.25
C HIS M 141 47.14 -44.41 33.74
N TRP M 142 48.08 -44.15 34.63
CA TRP M 142 49.30 -43.41 34.29
C TRP M 142 50.04 -43.99 33.11
N LYS M 143 50.38 -43.10 32.17
CA LYS M 143 51.11 -43.44 30.95
C LYS M 143 52.23 -44.47 31.16
N ASP M 144 53.26 -44.12 31.91
CA ASP M 144 54.39 -45.02 31.99
C ASP M 144 54.35 -45.96 33.20
N ARG M 145 53.16 -46.33 33.63
CA ARG M 145 53.03 -47.47 34.54
C ARG M 145 52.38 -48.64 33.81
N TYR M 146 52.03 -48.44 32.54
CA TYR M 146 51.46 -49.52 31.72
C TYR M 146 52.37 -50.74 31.71
N LEU M 147 53.60 -50.54 31.24
CA LEU M 147 54.50 -51.66 31.08
C LEU M 147 54.80 -52.35 32.42
N PRO M 148 55.31 -51.61 33.43
CA PRO M 148 55.62 -52.35 34.66
C PRO M 148 54.43 -52.97 35.36
N ASP M 149 53.23 -52.43 35.19
CA ASP M 149 52.09 -53.01 35.88
C ASP M 149 51.68 -54.27 35.14
N THR M 150 52.03 -54.32 33.85
CA THR M 150 51.78 -55.51 33.05
C THR M 150 52.71 -56.63 33.52
N LEU M 151 53.96 -56.27 33.77
CA LEU M 151 54.91 -57.24 34.26
C LEU M 151 54.54 -57.68 35.67
N LEU M 152 54.11 -56.72 36.49
CA LEU M 152 53.71 -57.02 37.86
C LEU M 152 52.52 -57.98 37.85
N LEU M 153 51.65 -57.86 36.85
CA LEU M 153 50.53 -58.78 36.74
C LEU M 153 51.03 -60.19 36.44
N GLU M 154 52.06 -60.31 35.61
CA GLU M 154 52.67 -61.62 35.32
C GLU M 154 53.36 -62.21 36.53
N GLU M 155 54.25 -61.41 37.12
CA GLU M 155 54.97 -61.77 38.32
C GLU M 155 54.04 -62.32 39.40
N CYS M 156 52.84 -61.77 39.51
CA CYS M 156 51.93 -62.17 40.60
C CYS M 156 51.00 -63.28 40.18
N GLY M 157 51.20 -63.81 38.96
CA GLY M 157 50.39 -64.88 38.43
C GLY M 157 48.90 -64.58 38.29
N LEU M 158 48.58 -63.38 37.83
CA LEU M 158 47.19 -62.97 37.69
C LEU M 158 46.65 -63.18 36.28
N LEU M 159 47.56 -63.36 35.32
CA LEU M 159 47.15 -63.64 33.95
C LEU M 159 47.19 -65.14 33.68
N ARG M 160 46.17 -65.63 32.98
CA ARG M 160 46.18 -66.99 32.44
C ARG M 160 46.13 -66.90 30.93
N LYS M 161 46.32 -68.04 30.27
CA LYS M 161 46.31 -68.09 28.81
C LYS M 161 44.95 -67.62 28.31
N GLY M 162 44.94 -66.60 27.47
CA GLY M 162 43.69 -66.10 26.94
C GLY M 162 43.13 -64.93 27.72
N THR M 163 43.88 -64.47 28.72
CA THR M 163 43.52 -63.26 29.43
C THR M 163 43.68 -62.10 28.47
N VAL M 164 42.74 -61.17 28.48
CA VAL M 164 42.80 -60.05 27.56
C VAL M 164 43.24 -58.76 28.22
N LEU M 165 44.35 -58.20 27.76
CA LEU M 165 44.65 -56.82 28.10
C LEU M 165 44.12 -55.93 26.98
N LEU M 166 43.48 -54.82 27.38
CA LEU M 166 43.01 -53.79 26.47
C LEU M 166 43.54 -52.47 26.99
N ALA M 167 44.47 -51.87 26.26
CA ALA M 167 45.14 -50.68 26.77
C ALA M 167 44.77 -49.43 25.99
N ASP M 168 44.43 -48.36 26.70
CA ASP M 168 43.93 -47.18 26.04
C ASP M 168 45.03 -46.14 25.95
N ASN M 169 44.92 -45.27 24.95
CA ASN M 169 45.88 -44.18 24.69
C ASN M 169 47.30 -44.63 24.31
N VAL M 170 47.40 -45.70 23.52
CA VAL M 170 48.68 -46.24 23.11
C VAL M 170 49.31 -45.41 21.99
N ILE M 171 48.53 -44.55 21.36
CA ILE M 171 49.06 -43.65 20.33
C ILE M 171 49.06 -42.16 20.75
N VAL M 172 48.00 -41.72 21.42
CA VAL M 172 47.96 -40.35 21.93
C VAL M 172 47.61 -40.37 23.41
N PRO M 173 48.52 -39.88 24.27
CA PRO M 173 49.88 -39.35 24.03
C PRO M 173 50.90 -40.44 23.66
N GLY M 174 50.48 -41.70 23.75
CA GLY M 174 51.29 -42.83 23.35
C GLY M 174 51.91 -43.59 24.50
N THR M 175 51.91 -44.91 24.39
CA THR M 175 52.63 -45.78 25.32
C THR M 175 53.63 -46.66 24.59
N PRO M 176 54.68 -46.05 24.02
CA PRO M 176 55.59 -46.80 23.13
C PRO M 176 56.26 -48.03 23.77
N ASP M 177 56.67 -47.93 25.04
CA ASP M 177 57.37 -49.03 25.70
C ASP M 177 56.46 -50.23 25.87
N PHE M 178 55.25 -49.96 26.32
CA PHE M 178 54.24 -50.99 26.45
C PHE M 178 54.02 -51.70 25.11
N LEU M 179 53.76 -50.91 24.07
CA LEU M 179 53.47 -51.45 22.74
C LEU M 179 54.61 -52.32 22.24
N ALA M 180 55.82 -51.75 22.29
CA ALA M 180 57.02 -52.49 21.90
C ALA M 180 57.01 -53.84 22.60
N TYR M 181 56.85 -53.81 23.90
CA TYR M 181 56.88 -55.02 24.68
C TYR M 181 55.79 -56.01 24.25
N VAL M 182 54.51 -55.64 24.36
CA VAL M 182 53.45 -56.62 24.05
C VAL M 182 53.52 -57.12 22.62
N ARG M 183 53.86 -56.27 21.66
CA ARG M 183 53.95 -56.73 20.27
C ARG M 183 55.19 -57.61 20.04
N GLY M 184 56.33 -57.22 20.62
CA GLY M 184 57.56 -57.96 20.47
C GLY M 184 57.65 -59.27 21.22
N SER M 185 56.97 -59.34 22.37
CA SER M 185 57.00 -60.52 23.22
C SER M 185 56.26 -61.69 22.59
N SER M 186 56.68 -62.91 22.89
CA SER M 186 55.97 -64.09 22.42
C SER M 186 54.87 -64.50 23.38
N SER M 187 54.80 -63.79 24.51
CA SER M 187 53.73 -63.94 25.52
C SER M 187 52.39 -63.31 25.11
N PHE M 188 52.39 -62.44 24.10
CA PHE M 188 51.17 -61.72 23.73
C PHE M 188 50.85 -61.76 22.25
N GLU M 189 49.56 -61.90 21.95
CA GLU M 189 49.04 -61.80 20.59
C GLU M 189 48.26 -60.48 20.48
N CYS M 190 48.73 -59.58 19.64
CA CYS M 190 48.23 -58.20 19.65
C CYS M 190 47.49 -57.73 18.41
N THR M 191 46.30 -57.17 18.66
CA THR M 191 45.51 -56.50 17.65
C THR M 191 45.43 -55.00 17.93
N HIS M 192 45.49 -54.16 16.92
CA HIS M 192 45.30 -52.74 17.15
C HIS M 192 43.91 -52.24 16.73
N TYR M 193 43.27 -51.46 17.60
CA TYR M 193 42.02 -50.83 17.22
C TYR M 193 42.20 -49.32 17.08
N SER M 194 42.17 -48.85 15.84
CA SER M 194 42.19 -47.43 15.55
C SER M 194 40.96 -46.69 16.11
N SER M 195 41.20 -45.50 16.67
CA SER M 195 40.13 -44.72 17.27
C SER M 195 40.12 -43.26 16.83
N TYR M 196 39.29 -42.93 15.85
CA TYR M 196 39.33 -41.59 15.25
C TYR M 196 38.57 -40.53 16.04
N LEU M 197 39.34 -39.67 16.70
CA LEU M 197 38.81 -38.62 17.57
C LEU M 197 38.54 -37.36 16.78
N GLU M 198 39.38 -37.13 15.78
CA GLU M 198 39.23 -35.96 14.94
C GLU M 198 39.99 -36.16 13.63
N TYR M 199 39.28 -35.96 12.52
CA TYR M 199 39.82 -36.19 11.17
C TYR M 199 41.28 -35.75 11.01
N MET M 200 42.13 -36.71 10.63
CA MET M 200 43.55 -36.50 10.30
C MET M 200 44.52 -36.16 11.41
N LYS M 201 44.13 -35.36 12.39
CA LYS M 201 45.12 -34.90 13.35
C LYS M 201 45.01 -35.52 14.75
N VAL M 202 43.90 -36.19 15.05
CA VAL M 202 43.85 -36.87 16.34
C VAL M 202 43.34 -38.27 16.14
N VAL M 203 44.28 -39.18 15.90
CA VAL M 203 43.97 -40.60 15.79
C VAL M 203 44.64 -41.36 16.89
N ASP M 204 43.86 -41.93 17.78
CA ASP M 204 44.40 -42.68 18.89
C ASP M 204 44.06 -44.14 18.65
N GLY M 205 44.35 -45.00 19.61
CA GLY M 205 43.97 -46.38 19.46
C GLY M 205 44.08 -47.13 20.75
N LEU M 206 43.38 -48.26 20.80
CA LEU M 206 43.47 -49.19 21.91
C LEU M 206 44.22 -50.43 21.46
N GLU M 207 45.13 -50.91 22.30
CA GLU M 207 45.84 -52.14 21.98
C GLU M 207 45.21 -53.30 22.73
N LYS M 208 44.77 -54.31 21.98
CA LYS M 208 44.31 -55.56 22.57
C LYS M 208 45.42 -56.59 22.51
N ALA M 209 45.91 -56.99 23.69
CA ALA M 209 47.01 -57.94 23.77
C ALA M 209 46.54 -59.16 24.52
N ILE M 210 46.49 -60.31 23.85
CA ILE M 210 46.04 -61.53 24.53
C ILE M 210 47.20 -62.41 25.03
N TYR M 211 47.23 -62.62 26.34
CA TYR M 211 48.28 -63.40 27.01
C TYR M 211 48.27 -64.84 26.52
N GLN M 212 49.46 -65.37 26.19
CA GLN M 212 49.57 -66.73 25.67
C GLN M 212 50.00 -67.75 26.72
N GLY M 213 50.14 -67.31 27.97
CA GLY M 213 50.62 -68.17 29.04
C GLY M 213 52.13 -68.26 28.92
N PRO M 214 52.77 -68.91 29.90
CA PRO M 214 54.21 -69.20 29.82
C PRO M 214 54.59 -70.18 28.68
N SER M 215 55.74 -70.83 28.82
CA SER M 215 56.19 -71.85 27.86
C SER M 215 57.04 -72.93 28.53
N GLY N 1 9.83 -58.14 8.95
CA GLY N 1 10.13 -56.73 9.11
C GLY N 1 9.12 -56.00 9.98
N ASP N 2 9.59 -55.01 10.74
CA ASP N 2 8.72 -54.27 11.63
C ASP N 2 7.86 -53.24 10.91
N THR N 3 6.63 -53.08 11.37
CA THR N 3 5.66 -52.24 10.67
C THR N 3 5.81 -50.76 10.99
N LYS N 4 5.12 -49.94 10.20
CA LYS N 4 5.13 -48.51 10.41
C LYS N 4 4.53 -48.18 11.78
N GLU N 5 3.45 -48.86 12.15
CA GLU N 5 2.81 -48.59 13.44
C GLU N 5 3.73 -49.01 14.58
N GLN N 6 4.42 -50.14 14.44
CA GLN N 6 5.33 -50.60 15.48
C GLN N 6 6.51 -49.66 15.68
N ARG N 7 6.99 -49.07 14.59
CA ARG N 7 8.08 -48.10 14.63
C ARG N 7 7.67 -46.81 15.36
N ILE N 8 6.43 -46.39 15.19
CA ILE N 8 5.94 -45.20 15.90
C ILE N 8 5.81 -45.50 17.41
N LEU N 9 5.35 -46.69 17.75
CA LEU N 9 5.33 -47.11 19.13
C LEU N 9 6.73 -47.10 19.72
N ARG N 10 7.71 -47.52 18.93
CA ARG N 10 9.08 -47.59 19.44
C ARG N 10 9.70 -46.20 19.52
N TYR N 11 9.27 -45.29 18.66
CA TYR N 11 9.76 -43.91 18.72
C TYR N 11 9.21 -43.24 19.96
N VAL N 12 7.89 -43.33 20.14
CA VAL N 12 7.21 -42.79 21.32
C VAL N 12 7.85 -43.27 22.60
N GLN N 13 8.14 -44.57 22.67
CA GLN N 13 8.66 -45.17 23.88
C GLN N 13 10.08 -44.69 24.19
N GLN N 14 10.86 -44.46 23.15
CA GLN N 14 12.25 -44.09 23.36
C GLN N 14 12.44 -42.59 23.50
N ASN N 15 11.38 -41.81 23.31
CA ASN N 15 11.58 -40.37 23.16
C ASN N 15 10.66 -39.46 23.99
N ALA N 16 9.48 -39.96 24.41
CA ALA N 16 8.49 -39.16 25.15
C ALA N 16 8.43 -39.49 26.64
N LYS N 17 7.95 -38.54 27.43
CA LYS N 17 7.84 -38.70 28.89
C LYS N 17 6.69 -39.65 29.27
N PRO N 18 6.99 -40.70 30.04
CA PRO N 18 5.96 -41.67 30.40
C PRO N 18 4.86 -41.04 31.24
N GLY N 19 3.61 -41.35 30.92
CA GLY N 19 2.48 -40.80 31.65
C GLY N 19 2.22 -39.34 31.32
N ASP N 20 2.69 -38.91 30.15
CA ASP N 20 2.40 -37.58 29.63
C ASP N 20 1.80 -37.69 28.23
N PRO N 21 0.48 -37.54 28.14
CA PRO N 21 -0.22 -37.59 26.86
C PRO N 21 0.33 -36.56 25.86
N GLN N 22 0.64 -35.36 26.35
CA GLN N 22 1.15 -34.30 25.48
C GLN N 22 2.46 -34.73 24.79
N SER N 23 3.42 -35.17 25.63
CA SER N 23 4.72 -35.63 25.17
C SER N 23 4.57 -36.74 24.15
N VAL N 24 3.54 -37.56 24.34
CA VAL N 24 3.33 -38.67 23.42
C VAL N 24 2.77 -38.15 22.11
N LEU N 25 1.82 -37.21 22.20
CA LEU N 25 1.28 -36.60 21.00
C LEU N 25 2.37 -35.94 20.16
N GLU N 26 3.27 -35.20 20.81
CA GLU N 26 4.35 -34.51 20.09
C GLU N 26 5.41 -35.47 19.54
N ALA N 27 5.71 -36.53 20.28
CA ALA N 27 6.57 -37.59 19.77
C ALA N 27 6.05 -38.07 18.40
N ILE N 28 4.78 -38.47 18.36
CA ILE N 28 4.19 -39.00 17.15
C ILE N 28 4.19 -37.93 16.05
N ASP N 29 3.97 -36.68 16.45
CA ASP N 29 4.01 -35.55 15.50
C ASP N 29 5.38 -35.41 14.87
N THR N 30 6.42 -35.58 15.67
CA THR N 30 7.78 -35.47 15.19
C THR N 30 8.09 -36.60 14.22
N TYR N 31 7.87 -37.84 14.65
CA TYR N 31 8.08 -39.00 13.79
C TYR N 31 7.43 -38.80 12.44
N CYS N 32 6.17 -38.37 12.46
CA CYS N 32 5.40 -38.18 11.23
C CYS N 32 6.05 -37.20 10.24
N THR N 33 6.42 -35.99 10.68
CA THR N 33 7.04 -35.03 9.76
C THR N 33 8.47 -35.46 9.41
N GLN N 34 9.00 -36.38 10.22
CA GLN N 34 10.33 -36.92 10.02
C GLN N 34 10.30 -38.02 8.96
N LYS N 35 9.27 -38.86 8.99
CA LYS N 35 9.27 -40.08 8.18
C LYS N 35 8.13 -40.17 7.17
N GLU N 36 7.77 -39.03 6.56
CA GLU N 36 6.79 -38.93 5.45
C GLU N 36 5.46 -39.66 5.69
N TRP N 37 4.77 -39.31 6.77
CA TRP N 37 3.56 -40.02 7.17
C TRP N 37 2.60 -39.07 7.89
N ALA N 38 1.36 -39.48 8.11
CA ALA N 38 0.44 -38.60 8.81
C ALA N 38 -0.52 -39.39 9.70
N MET N 39 -1.02 -38.76 10.75
CA MET N 39 -2.05 -39.43 11.55
C MET N 39 -3.43 -39.08 11.05
N ASN N 40 -4.32 -40.06 11.12
CA ASN N 40 -5.72 -39.88 11.48
C ASN N 40 -6.27 -38.44 11.50
N VAL N 41 -5.64 -37.55 12.25
CA VAL N 41 -6.04 -36.14 12.36
C VAL N 41 -4.82 -35.28 12.54
N GLY N 42 -4.82 -34.08 11.95
CA GLY N 42 -3.69 -33.17 12.06
C GLY N 42 -3.84 -32.18 13.20
N ASP N 43 -3.05 -31.11 13.16
CA ASP N 43 -3.11 -30.11 14.21
C ASP N 43 -4.42 -29.32 14.11
N ALA N 44 -4.79 -28.92 12.89
CA ALA N 44 -5.98 -28.10 12.70
C ALA N 44 -7.23 -28.83 13.16
N LYS N 45 -7.38 -30.08 12.73
CA LYS N 45 -8.51 -30.88 13.15
C LYS N 45 -8.43 -31.16 14.64
N GLY N 46 -7.21 -31.23 15.15
CA GLY N 46 -7.01 -31.55 16.55
C GLY N 46 -7.57 -30.48 17.46
N GLN N 47 -7.35 -29.22 17.08
CA GLN N 47 -7.80 -28.14 17.94
C GLN N 47 -9.34 -28.06 17.97
N ILE N 48 -9.98 -28.30 16.83
CA ILE N 48 -11.44 -28.47 16.77
C ILE N 48 -11.90 -29.58 17.69
N MET N 49 -11.20 -30.71 17.65
CA MET N 49 -11.54 -31.85 18.51
C MET N 49 -11.44 -31.44 19.98
N ASP N 50 -10.33 -30.81 20.36
CA ASP N 50 -10.14 -30.34 21.72
C ASP N 50 -11.31 -29.43 22.16
N ALA N 51 -11.52 -28.36 21.40
CA ALA N 51 -12.58 -27.39 21.68
C ALA N 51 -13.97 -28.00 21.80
N VAL N 52 -14.26 -29.06 21.05
CA VAL N 52 -15.57 -29.68 21.13
C VAL N 52 -15.63 -30.55 22.38
N ILE N 53 -14.49 -31.11 22.78
CA ILE N 53 -14.48 -31.87 24.03
C ILE N 53 -14.70 -30.92 25.21
N ARG N 54 -14.01 -29.80 25.18
CA ARG N 54 -14.07 -28.87 26.30
C ARG N 54 -15.45 -28.28 26.46
N GLU N 55 -16.13 -28.01 25.36
CA GLU N 55 -17.43 -27.35 25.44
C GLU N 55 -18.50 -28.27 26.06
N TYR N 56 -18.41 -29.57 25.82
CA TYR N 56 -19.46 -30.50 26.19
C TYR N 56 -19.09 -31.44 27.32
N SER N 57 -17.79 -31.54 27.59
CA SER N 57 -17.27 -32.40 28.66
C SER N 57 -18.00 -33.73 28.76
N PRO N 58 -17.94 -34.55 27.70
CA PRO N 58 -18.69 -35.81 27.76
C PRO N 58 -18.15 -36.75 28.85
N SER N 59 -19.00 -37.63 29.34
CA SER N 59 -18.62 -38.59 30.37
C SER N 59 -18.30 -39.92 29.71
N LEU N 60 -18.94 -40.17 28.58
CA LEU N 60 -18.68 -41.37 27.82
C LEU N 60 -18.58 -40.98 26.36
N VAL N 61 -17.50 -41.43 25.72
CA VAL N 61 -17.22 -41.08 24.32
C VAL N 61 -16.99 -42.33 23.49
N LEU N 62 -17.55 -42.36 22.30
CA LEU N 62 -17.31 -43.47 21.39
C LEU N 62 -16.53 -43.00 20.19
N GLU N 63 -15.37 -43.62 19.97
CA GLU N 63 -14.57 -43.33 18.76
C GLU N 63 -14.60 -44.48 17.78
N LEU N 64 -15.03 -44.23 16.54
CA LEU N 64 -14.97 -45.26 15.50
C LEU N 64 -13.75 -45.03 14.61
N GLY N 65 -12.70 -45.82 14.85
CA GLY N 65 -11.50 -45.75 14.05
C GLY N 65 -10.24 -45.32 14.80
N ALA N 66 -9.83 -46.13 15.77
CA ALA N 66 -8.65 -45.85 16.59
C ALA N 66 -7.36 -45.57 15.81
N TYR N 67 -7.04 -46.47 14.86
CA TYR N 67 -5.72 -46.57 14.23
C TYR N 67 -4.66 -46.85 15.30
N CYS N 68 -3.84 -45.85 15.64
CA CYS N 68 -2.74 -46.07 16.57
C CYS N 68 -3.02 -45.58 17.98
N GLY N 69 -4.09 -44.82 18.14
CA GLY N 69 -4.40 -44.23 19.43
C GLY N 69 -3.96 -42.78 19.54
N TYR N 70 -3.38 -42.23 18.48
CA TYR N 70 -3.16 -40.78 18.44
C TYR N 70 -4.42 -40.00 18.82
N SER N 71 -5.52 -40.33 18.16
CA SER N 71 -6.77 -39.65 18.43
C SER N 71 -7.29 -40.03 19.82
N ALA N 72 -7.19 -41.31 20.19
CA ALA N 72 -7.64 -41.73 21.52
C ALA N 72 -6.86 -40.99 22.60
N VAL N 73 -5.55 -40.86 22.41
CA VAL N 73 -4.76 -40.08 23.34
C VAL N 73 -5.19 -38.61 23.34
N ARG N 74 -5.28 -38.00 22.16
CA ARG N 74 -5.66 -36.59 22.05
C ARG N 74 -6.95 -36.28 22.82
N MET N 75 -8.00 -37.05 22.58
CA MET N 75 -9.27 -36.90 23.29
C MET N 75 -9.22 -37.26 24.79
N ALA N 76 -8.70 -38.45 25.11
CA ALA N 76 -8.73 -38.95 26.49
C ALA N 76 -7.98 -38.04 27.43
N ARG N 77 -6.93 -37.38 26.95
CA ARG N 77 -6.20 -36.46 27.79
C ARG N 77 -7.07 -35.26 28.24
N LEU N 78 -8.27 -35.10 27.66
CA LEU N 78 -9.19 -33.98 27.99
C LEU N 78 -10.45 -34.42 28.73
N LEU N 79 -10.69 -35.72 28.79
CA LEU N 79 -11.79 -36.23 29.58
C LEU N 79 -11.59 -35.86 31.04
N GLN N 80 -12.69 -35.69 31.76
CA GLN N 80 -12.61 -35.36 33.17
C GLN N 80 -12.55 -36.64 34.01
N PRO N 81 -12.07 -36.52 35.26
CA PRO N 81 -12.06 -37.63 36.23
C PRO N 81 -13.35 -38.44 36.22
N GLY N 82 -13.26 -39.74 35.95
CA GLY N 82 -14.44 -40.57 35.89
C GLY N 82 -14.97 -40.81 34.48
N ALA N 83 -14.69 -39.87 33.57
CA ALA N 83 -15.15 -39.99 32.19
C ALA N 83 -14.36 -41.07 31.49
N ARG N 84 -15.04 -41.83 30.64
CA ARG N 84 -14.38 -42.91 29.91
C ARG N 84 -14.53 -42.74 28.41
N LEU N 85 -13.52 -43.23 27.67
CA LEU N 85 -13.57 -43.29 26.20
C LEU N 85 -13.64 -44.74 25.75
N LEU N 86 -14.54 -45.05 24.84
CA LEU N 86 -14.55 -46.35 24.18
C LEU N 86 -14.12 -46.18 22.73
N THR N 87 -13.05 -46.84 22.33
CA THR N 87 -12.61 -46.69 20.96
C THR N 87 -12.54 -48.02 20.21
N MET N 88 -13.09 -48.02 19.00
CA MET N 88 -13.15 -49.21 18.16
C MET N 88 -12.16 -49.17 17.00
N GLU N 89 -11.49 -50.31 16.82
CA GLU N 89 -10.53 -50.47 15.75
C GLU N 89 -10.75 -51.84 15.12
N ILE N 90 -10.69 -51.91 13.79
CA ILE N 90 -11.04 -53.15 13.11
C ILE N 90 -9.85 -54.08 12.96
N ASN N 91 -8.67 -53.48 12.82
CA ASN N 91 -7.40 -54.21 12.65
C ASN N 91 -6.75 -54.63 13.97
N PRO N 92 -6.63 -55.95 14.22
CA PRO N 92 -6.11 -56.43 15.50
C PRO N 92 -4.74 -55.85 15.85
N ASP N 93 -3.90 -55.67 14.83
CA ASP N 93 -2.54 -55.20 15.05
C ASP N 93 -2.53 -53.76 15.55
N CYS N 94 -3.34 -52.91 14.91
CA CYS N 94 -3.45 -51.51 15.32
C CYS N 94 -4.07 -51.37 16.70
N ALA N 95 -5.10 -52.14 16.99
CA ALA N 95 -5.67 -52.19 18.32
C ALA N 95 -4.60 -52.48 19.38
N ALA N 96 -3.72 -53.43 19.08
CA ALA N 96 -2.64 -53.76 19.98
C ALA N 96 -1.68 -52.58 20.18
N ILE N 97 -1.35 -51.89 19.10
CA ILE N 97 -0.50 -50.71 19.22
C ILE N 97 -1.18 -49.67 20.08
N THR N 98 -2.47 -49.46 19.84
CA THR N 98 -3.28 -48.47 20.55
C THR N 98 -3.24 -48.71 22.05
N GLN N 99 -3.27 -49.98 22.43
CA GLN N 99 -3.22 -50.35 23.83
C GLN N 99 -1.91 -49.93 24.48
N GLN N 100 -0.81 -50.08 23.74
CA GLN N 100 0.51 -49.82 24.31
C GLN N 100 0.73 -48.33 24.39
N MET N 101 0.15 -47.66 23.40
CA MET N 101 0.29 -46.23 23.25
C MET N 101 -0.46 -45.55 24.39
N LEU N 102 -1.63 -46.09 24.72
CA LEU N 102 -2.40 -45.56 25.85
C LEU N 102 -1.68 -45.87 27.12
N ASN N 103 -1.09 -47.07 27.19
CA ASN N 103 -0.37 -47.49 28.37
C ASN N 103 0.76 -46.53 28.66
N PHE N 104 1.49 -46.16 27.62
CA PHE N 104 2.64 -45.29 27.78
C PHE N 104 2.22 -43.85 28.11
N ALA N 105 1.01 -43.49 27.71
CA ALA N 105 0.48 -42.14 27.93
C ALA N 105 -0.06 -41.97 29.34
N GLY N 106 -0.28 -43.08 30.03
CA GLY N 106 -0.86 -43.07 31.37
C GLY N 106 -2.36 -42.88 31.33
N LEU N 107 -2.98 -43.46 30.31
CA LEU N 107 -4.39 -43.27 30.01
C LEU N 107 -5.15 -44.58 29.83
N GLN N 108 -4.58 -45.69 30.27
CA GLN N 108 -5.22 -47.01 30.12
C GLN N 108 -6.45 -47.16 30.99
N ASP N 109 -6.53 -46.34 32.03
CA ASP N 109 -7.67 -46.38 32.93
C ASP N 109 -8.86 -45.64 32.29
N LYS N 110 -8.55 -44.60 31.52
CA LYS N 110 -9.60 -43.78 30.93
C LYS N 110 -10.14 -44.36 29.62
N VAL N 111 -9.39 -45.27 29.00
CA VAL N 111 -9.78 -45.79 27.69
C VAL N 111 -9.93 -47.30 27.63
N THR N 112 -11.04 -47.76 27.07
CA THR N 112 -11.26 -49.16 26.70
C THR N 112 -11.16 -49.29 25.18
N ILE N 113 -10.40 -50.29 24.71
CA ILE N 113 -10.20 -50.54 23.27
C ILE N 113 -10.96 -51.77 22.81
N LEU N 114 -11.72 -51.63 21.73
CA LEU N 114 -12.48 -52.75 21.18
C LEU N 114 -11.96 -53.12 19.81
N ASN N 115 -11.73 -54.42 19.59
CA ASN N 115 -11.25 -54.91 18.31
C ASN N 115 -12.41 -55.57 17.57
N GLY N 116 -12.74 -55.01 16.41
CA GLY N 116 -13.81 -55.57 15.60
C GLY N 116 -14.43 -54.53 14.70
N ALA N 117 -15.47 -54.93 13.97
CA ALA N 117 -16.26 -54.00 13.15
C ALA N 117 -17.36 -53.28 13.96
N SER N 118 -17.56 -52.01 13.64
CA SER N 118 -18.58 -51.15 14.27
C SER N 118 -20.00 -51.72 14.24
N GLN N 119 -20.38 -52.42 13.16
CA GLN N 119 -21.72 -52.99 13.07
C GLN N 119 -21.84 -54.22 13.97
N ASP N 120 -20.70 -54.73 14.40
CA ASP N 120 -20.69 -55.87 15.32
C ASP N 120 -20.69 -55.40 16.77
N LEU N 121 -19.88 -54.40 17.05
CA LEU N 121 -19.62 -54.03 18.42
C LEU N 121 -20.73 -53.14 18.97
N ILE N 122 -21.13 -52.12 18.21
CA ILE N 122 -22.18 -51.21 18.64
C ILE N 122 -23.41 -51.94 19.23
N PRO N 123 -23.92 -52.99 18.56
CA PRO N 123 -25.09 -53.62 19.18
C PRO N 123 -24.76 -54.29 20.51
N GLN N 124 -23.48 -54.56 20.75
CA GLN N 124 -23.07 -55.23 21.97
C GLN N 124 -22.72 -54.24 23.08
N LEU N 125 -22.66 -52.95 22.74
CA LEU N 125 -22.26 -51.93 23.70
C LEU N 125 -23.09 -51.96 24.97
N LYS N 126 -24.40 -52.15 24.83
CA LYS N 126 -25.27 -52.09 26.00
C LYS N 126 -25.10 -53.33 26.87
N LYS N 127 -25.39 -54.51 26.31
CA LYS N 127 -25.32 -55.74 27.09
C LYS N 127 -23.92 -56.05 27.64
N LYS N 128 -22.88 -55.92 26.82
CA LYS N 128 -21.55 -56.41 27.18
C LYS N 128 -20.55 -55.39 27.75
N TYR N 129 -20.73 -54.10 27.47
CA TYR N 129 -19.76 -53.11 27.95
C TYR N 129 -20.45 -52.11 28.86
N ASP N 130 -21.67 -52.49 29.25
CA ASP N 130 -22.43 -51.81 30.29
C ASP N 130 -22.57 -50.31 30.03
N VAL N 131 -23.15 -49.99 28.89
CA VAL N 131 -23.30 -48.63 28.43
C VAL N 131 -24.77 -48.31 28.38
N ASP N 132 -25.10 -47.08 28.79
CA ASP N 132 -26.47 -46.61 28.74
C ASP N 132 -26.66 -45.73 27.51
N THR N 133 -26.17 -44.50 27.59
CA THR N 133 -26.15 -43.63 26.43
C THR N 133 -24.77 -43.03 26.26
N LEU N 134 -24.43 -42.70 25.02
CA LEU N 134 -23.19 -42.01 24.69
C LEU N 134 -23.38 -40.51 24.83
N ASP N 135 -22.35 -39.82 25.27
CA ASP N 135 -22.44 -38.38 25.34
C ASP N 135 -21.91 -37.78 24.05
N MET N 136 -21.05 -38.55 23.40
CA MET N 136 -20.31 -38.08 22.24
C MET N 136 -19.76 -39.26 21.41
N VAL N 137 -19.79 -39.10 20.09
CA VAL N 137 -19.31 -40.09 19.16
C VAL N 137 -18.35 -39.43 18.21
N PHE N 138 -17.16 -39.99 18.04
CA PHE N 138 -16.26 -39.50 16.99
C PHE N 138 -16.14 -40.49 15.82
N LEU N 139 -16.38 -40.00 14.60
CA LEU N 139 -16.38 -40.87 13.44
C LEU N 139 -15.18 -40.60 12.52
N ASP N 140 -14.36 -41.64 12.29
CA ASP N 140 -13.20 -41.50 11.44
C ASP N 140 -12.80 -42.85 10.90
N HIS N 141 -13.79 -43.71 10.71
CA HIS N 141 -13.57 -45.03 10.11
C HIS N 141 -13.97 -44.94 8.65
N TRP N 142 -14.49 -46.03 8.10
CA TRP N 142 -14.87 -46.10 6.69
C TRP N 142 -16.00 -45.14 6.31
N LYS N 143 -15.79 -44.29 5.30
CA LYS N 143 -16.77 -43.28 4.85
C LYS N 143 -18.16 -43.84 4.60
N ASP N 144 -18.24 -45.04 4.04
CA ASP N 144 -19.54 -45.60 3.63
C ASP N 144 -20.32 -46.18 4.80
N ARG N 145 -19.75 -46.12 6.00
CA ARG N 145 -20.44 -46.64 7.17
C ARG N 145 -20.87 -45.55 8.16
N TYR N 146 -20.52 -44.29 7.90
CA TYR N 146 -21.01 -43.18 8.73
C TYR N 146 -22.54 -43.14 8.83
N LEU N 147 -23.22 -43.22 7.70
CA LEU N 147 -24.66 -43.15 7.74
C LEU N 147 -25.24 -44.37 8.44
N PRO N 148 -24.94 -45.60 7.96
CA PRO N 148 -25.65 -46.71 8.59
C PRO N 148 -25.28 -46.94 10.06
N ASP N 149 -24.06 -46.62 10.46
CA ASP N 149 -23.68 -46.76 11.86
C ASP N 149 -24.44 -45.75 12.69
N THR N 150 -24.68 -44.56 12.12
CA THR N 150 -25.43 -43.52 12.83
C THR N 150 -26.83 -44.00 13.13
N LEU N 151 -27.49 -44.61 12.15
CA LEU N 151 -28.79 -45.16 12.42
C LEU N 151 -28.73 -46.36 13.32
N LEU N 152 -27.61 -47.06 13.31
CA LEU N 152 -27.50 -48.22 14.19
C LEU N 152 -27.45 -47.73 15.65
N LEU N 153 -26.61 -46.73 15.87
CA LEU N 153 -26.53 -46.03 17.13
C LEU N 153 -27.90 -45.49 17.57
N GLU N 154 -28.72 -45.06 16.62
CA GLU N 154 -30.08 -44.66 16.91
C GLU N 154 -30.94 -45.85 17.33
N GLU N 155 -31.13 -46.82 16.44
CA GLU N 155 -32.00 -47.95 16.75
C GLU N 155 -31.52 -48.76 17.98
N CYS N 156 -30.27 -48.57 18.41
CA CYS N 156 -29.77 -49.31 19.57
C CYS N 156 -30.05 -48.60 20.90
N GLY N 157 -30.59 -47.39 20.83
CA GLY N 157 -30.84 -46.58 22.00
C GLY N 157 -29.67 -45.76 22.53
N LEU N 158 -28.50 -45.88 21.91
CA LEU N 158 -27.26 -45.35 22.49
C LEU N 158 -27.11 -43.84 22.45
N LEU N 159 -27.99 -43.16 21.72
CA LEU N 159 -27.95 -41.69 21.66
C LEU N 159 -29.06 -41.09 22.53
N ARG N 160 -28.77 -39.92 23.10
CA ARG N 160 -29.80 -39.20 23.84
C ARG N 160 -29.86 -37.74 23.38
N LYS N 161 -30.84 -37.00 23.86
CA LYS N 161 -30.93 -35.59 23.51
C LYS N 161 -29.67 -34.89 24.02
N GLY N 162 -28.91 -34.30 23.11
CA GLY N 162 -27.70 -33.60 23.51
C GLY N 162 -26.42 -34.37 23.26
N THR N 163 -26.56 -35.60 22.76
CA THR N 163 -25.41 -36.37 22.30
C THR N 163 -24.78 -35.71 21.08
N VAL N 164 -23.47 -35.62 21.07
CA VAL N 164 -22.75 -34.98 19.99
C VAL N 164 -22.08 -35.95 19.03
N LEU N 165 -22.47 -35.91 17.76
CA LEU N 165 -21.70 -36.62 16.73
C LEU N 165 -20.65 -35.68 16.19
N LEU N 166 -19.43 -36.18 16.09
CA LEU N 166 -18.38 -35.43 15.45
C LEU N 166 -17.79 -36.31 14.37
N ALA N 167 -18.16 -35.99 13.14
CA ALA N 167 -17.75 -36.76 11.97
C ALA N 167 -16.61 -36.06 11.25
N ASP N 168 -15.62 -36.86 10.84
CA ASP N 168 -14.43 -36.34 10.18
C ASP N 168 -14.41 -36.71 8.71
N ASN N 169 -13.69 -35.91 7.93
CA ASN N 169 -13.49 -36.11 6.49
C ASN N 169 -14.78 -36.10 5.69
N VAL N 170 -15.69 -35.21 6.08
CA VAL N 170 -17.00 -35.13 5.45
C VAL N 170 -16.97 -34.42 4.09
N ILE N 171 -15.88 -33.70 3.79
CA ILE N 171 -15.70 -33.06 2.49
C ILE N 171 -14.67 -33.81 1.62
N VAL N 172 -13.54 -34.14 2.22
CA VAL N 172 -12.43 -34.82 1.53
C VAL N 172 -12.14 -36.12 2.25
N PRO N 173 -12.40 -37.25 1.59
CA PRO N 173 -12.96 -37.43 0.25
C PRO N 173 -14.49 -37.33 0.25
N GLY N 174 -15.07 -37.03 1.41
CA GLY N 174 -16.48 -36.75 1.51
C GLY N 174 -17.38 -37.85 2.02
N THR N 175 -18.38 -37.45 2.81
CA THR N 175 -19.47 -38.32 3.25
C THR N 175 -20.80 -37.66 2.91
N PRO N 176 -21.13 -37.58 1.62
CA PRO N 176 -22.28 -36.80 1.16
C PRO N 176 -23.61 -37.32 1.67
N ASP N 177 -23.70 -38.64 1.81
CA ASP N 177 -24.93 -39.29 2.25
C ASP N 177 -25.26 -39.02 3.74
N PHE N 178 -24.23 -39.12 4.57
CA PHE N 178 -24.36 -38.86 5.98
C PHE N 178 -24.69 -37.38 6.21
N LEU N 179 -23.96 -36.51 5.50
CA LEU N 179 -24.21 -35.09 5.58
C LEU N 179 -25.65 -34.74 5.21
N ALA N 180 -26.21 -35.46 4.23
CA ALA N 180 -27.57 -35.17 3.77
C ALA N 180 -28.55 -35.57 4.84
N TYR N 181 -28.23 -36.66 5.53
CA TYR N 181 -29.11 -37.17 6.56
C TYR N 181 -29.13 -36.27 7.78
N VAL N 182 -27.97 -35.97 8.37
CA VAL N 182 -28.01 -35.18 9.60
C VAL N 182 -28.43 -33.74 9.32
N ARG N 183 -28.01 -33.16 8.19
CA ARG N 183 -28.50 -31.81 7.89
C ARG N 183 -29.97 -31.87 7.48
N GLY N 184 -30.38 -32.98 6.89
CA GLY N 184 -31.75 -33.11 6.45
C GLY N 184 -32.71 -33.38 7.58
N SER N 185 -32.32 -34.26 8.50
CA SER N 185 -33.22 -34.81 9.53
C SER N 185 -33.59 -33.82 10.64
N SER N 186 -34.80 -33.96 11.16
CA SER N 186 -35.28 -33.16 12.29
C SER N 186 -34.62 -33.60 13.59
N SER N 187 -33.98 -34.77 13.56
CA SER N 187 -33.31 -35.38 14.72
C SER N 187 -31.95 -34.77 15.10
N PHE N 188 -31.37 -33.95 14.21
CA PHE N 188 -30.02 -33.43 14.41
C PHE N 188 -29.92 -31.93 14.12
N GLU N 189 -29.23 -31.22 14.99
CA GLU N 189 -28.93 -29.80 14.76
C GLU N 189 -27.43 -29.68 14.39
N CYS N 190 -27.14 -29.25 13.16
CA CYS N 190 -25.76 -29.36 12.66
C CYS N 190 -24.98 -28.05 12.57
N THR N 191 -23.68 -28.17 12.81
CA THR N 191 -22.70 -27.09 12.65
C THR N 191 -21.49 -27.61 11.88
N HIS N 192 -21.09 -26.93 10.82
CA HIS N 192 -19.90 -27.37 10.09
C HIS N 192 -18.64 -26.65 10.62
N TYR N 193 -17.51 -27.36 10.64
CA TYR N 193 -16.23 -26.75 11.01
C TYR N 193 -15.20 -27.01 9.91
N SER N 194 -14.79 -25.93 9.24
CA SER N 194 -13.84 -26.02 8.13
C SER N 194 -12.42 -26.31 8.62
N SER N 195 -11.70 -27.09 7.84
CA SER N 195 -10.33 -27.47 8.18
C SER N 195 -9.38 -27.19 7.02
N TYR N 196 -8.53 -26.20 7.18
CA TYR N 196 -7.64 -25.83 6.09
C TYR N 196 -6.34 -26.62 6.13
N LEU N 197 -6.24 -27.64 5.28
CA LEU N 197 -5.05 -28.49 5.17
C LEU N 197 -4.09 -27.94 4.14
N GLU N 198 -4.64 -27.29 3.11
CA GLU N 198 -3.84 -26.61 2.11
C GLU N 198 -4.62 -25.47 1.45
N TYR N 199 -3.95 -24.35 1.24
CA TYR N 199 -4.59 -23.14 0.75
C TYR N 199 -5.32 -23.42 -0.55
N MET N 200 -6.62 -23.10 -0.53
CA MET N 200 -7.54 -23.21 -1.67
C MET N 200 -7.90 -24.63 -2.13
N LYS N 201 -6.98 -25.59 -2.02
CA LYS N 201 -7.19 -26.86 -2.72
C LYS N 201 -7.55 -28.03 -1.80
N VAL N 202 -7.15 -27.97 -0.54
CA VAL N 202 -7.46 -29.06 0.38
C VAL N 202 -8.08 -28.48 1.64
N VAL N 203 -9.39 -28.33 1.56
CA VAL N 203 -10.17 -27.75 2.62
C VAL N 203 -11.18 -28.82 3.01
N ASP N 204 -10.90 -29.52 4.10
CA ASP N 204 -11.77 -30.58 4.60
C ASP N 204 -12.60 -29.99 5.72
N GLY N 205 -13.37 -30.82 6.40
CA GLY N 205 -14.12 -30.32 7.54
C GLY N 205 -14.71 -31.39 8.41
N LEU N 206 -15.10 -30.99 9.62
CA LEU N 206 -15.82 -31.85 10.53
C LEU N 206 -17.24 -31.37 10.66
N GLU N 207 -18.20 -32.28 10.64
CA GLU N 207 -19.59 -31.94 10.95
C GLU N 207 -19.90 -32.30 12.41
N LYS N 208 -20.43 -31.33 13.16
CA LYS N 208 -20.95 -31.59 14.50
C LYS N 208 -22.46 -31.71 14.49
N ALA N 209 -23.01 -32.92 14.59
CA ALA N 209 -24.46 -33.06 14.65
C ALA N 209 -24.90 -33.47 16.04
N ILE N 210 -25.70 -32.61 16.66
CA ILE N 210 -26.22 -32.87 18.00
C ILE N 210 -27.60 -33.53 17.94
N TYR N 211 -27.72 -34.71 18.52
CA TYR N 211 -28.96 -35.45 18.54
C TYR N 211 -30.01 -34.70 19.35
N GLN N 212 -31.26 -34.74 18.88
CA GLN N 212 -32.34 -34.00 19.51
C GLN N 212 -33.31 -34.98 20.13
N GLY N 213 -32.82 -36.18 20.38
CA GLY N 213 -33.62 -37.24 20.96
C GLY N 213 -34.74 -37.65 20.03
N PRO N 214 -35.45 -38.71 20.40
CA PRO N 214 -36.65 -39.16 19.67
C PRO N 214 -37.78 -38.12 19.70
N SER N 215 -37.99 -37.37 18.62
CA SER N 215 -38.97 -36.28 18.60
C SER N 215 -40.41 -36.78 18.75
N SER N 216 -41.30 -35.91 19.24
CA SER N 216 -42.62 -36.26 19.76
C SER N 216 -43.42 -37.33 18.98
N GLY O 1 91.03 -36.21 -1.14
CA GLY O 1 90.47 -37.31 -0.38
C GLY O 1 89.31 -38.02 -1.08
N ASP O 2 89.16 -39.30 -0.78
CA ASP O 2 88.14 -40.14 -1.40
C ASP O 2 86.88 -40.30 -0.55
N THR O 3 85.74 -39.84 -1.03
CA THR O 3 84.50 -40.01 -0.26
C THR O 3 84.20 -41.49 -0.10
N LYS O 4 83.42 -41.82 0.92
CA LYS O 4 83.20 -43.20 1.24
C LYS O 4 82.22 -43.83 0.27
N GLU O 5 81.50 -42.98 -0.46
CA GLU O 5 80.68 -43.47 -1.56
C GLU O 5 81.60 -43.95 -2.67
N GLN O 6 82.65 -43.18 -2.95
CA GLN O 6 83.65 -43.55 -3.94
C GLN O 6 84.27 -44.89 -3.55
N ARG O 7 84.50 -45.07 -2.25
CA ARG O 7 85.18 -46.26 -1.77
C ARG O 7 84.26 -47.48 -1.85
N ILE O 8 82.99 -47.26 -1.57
CA ILE O 8 81.98 -48.30 -1.74
C ILE O 8 81.89 -48.73 -3.20
N LEU O 9 81.85 -47.77 -4.10
CA LEU O 9 81.82 -48.10 -5.53
C LEU O 9 83.05 -48.91 -5.91
N ARG O 10 84.23 -48.43 -5.52
CA ARG O 10 85.48 -49.07 -5.89
C ARG O 10 85.54 -50.50 -5.37
N TYR O 11 84.98 -50.73 -4.18
CA TYR O 11 84.96 -52.08 -3.63
C TYR O 11 84.13 -52.98 -4.52
N VAL O 12 82.98 -52.48 -4.97
CA VAL O 12 82.09 -53.24 -5.81
C VAL O 12 82.74 -53.54 -7.17
N GLN O 13 83.32 -52.51 -7.78
CA GLN O 13 84.04 -52.67 -9.05
C GLN O 13 85.21 -53.66 -8.98
N GLN O 14 85.77 -53.82 -7.79
CA GLN O 14 86.90 -54.73 -7.55
C GLN O 14 86.52 -56.16 -7.24
N ASN O 15 85.28 -56.40 -6.83
CA ASN O 15 84.97 -57.64 -6.11
C ASN O 15 83.73 -58.37 -6.58
N ALA O 16 82.78 -57.61 -7.11
CA ALA O 16 81.51 -58.16 -7.52
C ALA O 16 81.57 -58.72 -8.93
N LYS O 17 80.81 -59.78 -9.21
CA LYS O 17 80.68 -60.28 -10.58
C LYS O 17 79.92 -59.26 -11.43
N PRO O 18 80.52 -58.82 -12.55
CA PRO O 18 79.86 -57.85 -13.43
C PRO O 18 78.58 -58.39 -14.02
N GLY O 19 77.57 -57.54 -14.16
CA GLY O 19 76.31 -57.88 -14.79
C GLY O 19 75.41 -58.70 -13.91
N ASP O 20 75.71 -58.71 -12.62
CA ASP O 20 75.03 -59.53 -11.62
C ASP O 20 74.56 -58.69 -10.40
N PRO O 21 73.30 -58.23 -10.45
CA PRO O 21 72.63 -57.48 -9.38
C PRO O 21 72.83 -58.07 -7.97
N GLN O 22 72.51 -59.34 -7.81
CA GLN O 22 72.71 -60.05 -6.53
C GLN O 22 74.14 -59.90 -6.02
N SER O 23 75.12 -60.13 -6.88
CA SER O 23 76.53 -60.01 -6.54
C SER O 23 76.90 -58.61 -6.07
N VAL O 24 76.39 -57.59 -6.77
CA VAL O 24 76.67 -56.20 -6.44
C VAL O 24 76.09 -55.79 -5.08
N LEU O 25 74.87 -56.26 -4.79
CA LEU O 25 74.26 -55.99 -3.49
C LEU O 25 75.11 -56.58 -2.37
N GLU O 26 75.50 -57.84 -2.57
CA GLU O 26 76.20 -58.56 -1.55
C GLU O 26 77.57 -57.95 -1.30
N ALA O 27 78.21 -57.42 -2.33
CA ALA O 27 79.45 -56.68 -2.14
C ALA O 27 79.20 -55.45 -1.27
N ILE O 28 78.14 -54.71 -1.57
CA ILE O 28 77.80 -53.52 -0.79
C ILE O 28 77.53 -53.90 0.66
N ASP O 29 76.69 -54.91 0.84
CA ASP O 29 76.41 -55.42 2.19
C ASP O 29 77.69 -55.82 2.95
N THR O 30 78.64 -56.45 2.27
CA THR O 30 79.87 -56.87 2.93
C THR O 30 80.75 -55.68 3.28
N TYR O 31 80.90 -54.74 2.36
CA TYR O 31 81.72 -53.57 2.67
C TYR O 31 81.11 -52.79 3.82
N CYS O 32 79.78 -52.72 3.87
CA CYS O 32 79.10 -52.00 4.94
C CYS O 32 79.32 -52.61 6.32
N THR O 33 79.22 -53.93 6.44
CA THR O 33 79.47 -54.61 7.72
C THR O 33 80.92 -54.44 8.19
N GLN O 34 81.86 -54.56 7.25
CA GLN O 34 83.27 -54.40 7.59
C GLN O 34 83.61 -52.95 7.92
N LYS O 35 83.11 -52.01 7.13
CA LYS O 35 83.50 -50.62 7.31
C LYS O 35 82.52 -49.85 8.17
N GLU O 36 81.64 -50.57 8.87
CA GLU O 36 80.70 -49.99 9.82
C GLU O 36 79.95 -48.78 9.25
N TRP O 37 78.87 -49.09 8.55
CA TRP O 37 78.12 -48.15 7.73
C TRP O 37 76.84 -48.86 7.33
N ALA O 38 75.93 -48.14 6.71
CA ALA O 38 74.66 -48.75 6.33
C ALA O 38 74.10 -48.07 5.11
N MET O 39 73.31 -48.81 4.36
CA MET O 39 72.77 -48.22 3.15
C MET O 39 71.45 -47.51 3.40
N ASN O 40 70.92 -47.03 2.29
CA ASN O 40 69.57 -46.54 2.11
C ASN O 40 68.51 -47.40 2.83
N VAL O 41 68.56 -48.72 2.61
CA VAL O 41 67.67 -49.68 3.25
C VAL O 41 68.50 -50.91 3.58
N GLY O 42 67.99 -51.75 4.48
CA GLY O 42 68.74 -52.91 4.92
C GLY O 42 68.31 -54.15 4.17
N ASP O 43 68.67 -55.32 4.70
CA ASP O 43 68.17 -56.54 4.11
C ASP O 43 66.70 -56.71 4.46
N ALA O 44 66.35 -56.33 5.69
CA ALA O 44 64.99 -56.41 6.17
C ALA O 44 64.02 -55.67 5.25
N LYS O 45 64.23 -54.37 5.12
CA LYS O 45 63.35 -53.57 4.29
C LYS O 45 63.47 -54.05 2.84
N GLY O 46 64.67 -54.47 2.47
CA GLY O 46 64.92 -55.01 1.15
C GLY O 46 63.97 -56.13 0.73
N GLN O 47 63.64 -57.02 1.66
CA GLN O 47 62.77 -58.13 1.33
C GLN O 47 61.35 -57.65 1.12
N ILE O 48 60.98 -56.56 1.79
CA ILE O 48 59.65 -55.97 1.67
C ILE O 48 59.52 -55.31 0.30
N MET O 49 60.56 -54.60 -0.16
CA MET O 49 60.57 -54.04 -1.51
C MET O 49 60.46 -55.11 -2.57
N ASP O 50 61.26 -56.17 -2.41
CA ASP O 50 61.29 -57.26 -3.40
C ASP O 50 59.90 -57.86 -3.51
N ALA O 51 59.26 -58.08 -2.38
CA ALA O 51 57.92 -58.67 -2.36
C ALA O 51 56.89 -57.79 -3.05
N VAL O 52 57.05 -56.47 -2.90
CA VAL O 52 56.14 -55.51 -3.50
C VAL O 52 56.29 -55.53 -5.01
N ILE O 53 57.50 -55.28 -5.48
CA ILE O 53 57.85 -55.33 -6.90
C ILE O 53 57.40 -56.61 -7.57
N ARG O 54 57.65 -57.74 -6.92
CA ARG O 54 57.29 -59.03 -7.47
C ARG O 54 55.77 -59.23 -7.54
N GLU O 55 55.03 -58.54 -6.66
CA GLU O 55 53.60 -58.75 -6.59
C GLU O 55 52.86 -57.88 -7.59
N TYR O 56 53.21 -56.60 -7.64
CA TYR O 56 52.52 -55.64 -8.49
C TYR O 56 53.18 -55.49 -9.87
N SER O 57 54.35 -56.10 -10.00
CA SER O 57 55.05 -56.21 -11.28
C SER O 57 54.96 -54.93 -12.09
N PRO O 58 55.38 -53.81 -11.52
CA PRO O 58 55.12 -52.49 -12.12
C PRO O 58 55.91 -52.23 -13.41
N SER O 59 55.28 -51.66 -14.43
CA SER O 59 56.00 -51.34 -15.68
C SER O 59 56.84 -50.08 -15.58
N LEU O 60 56.57 -49.24 -14.57
CA LEU O 60 57.32 -48.01 -14.41
C LEU O 60 57.44 -47.63 -12.94
N VAL O 61 58.66 -47.41 -12.47
CA VAL O 61 58.89 -47.11 -11.06
C VAL O 61 59.62 -45.79 -10.86
N LEU O 62 59.17 -45.00 -9.89
CA LEU O 62 59.86 -43.77 -9.50
C LEU O 62 60.45 -43.90 -8.10
N GLU O 63 61.73 -43.58 -7.96
CA GLU O 63 62.37 -43.66 -6.65
C GLU O 63 62.86 -42.28 -6.22
N LEU O 64 62.35 -41.80 -5.09
CA LEU O 64 62.79 -40.51 -4.58
C LEU O 64 63.92 -40.76 -3.58
N GLY O 65 65.11 -40.26 -3.88
CA GLY O 65 66.28 -40.47 -3.04
C GLY O 65 67.09 -41.73 -3.35
N ALA O 66 68.07 -41.62 -4.24
CA ALA O 66 68.77 -42.77 -4.80
C ALA O 66 70.00 -43.18 -3.99
N TYR O 67 70.57 -42.22 -3.28
CA TYR O 67 71.87 -42.38 -2.62
C TYR O 67 72.85 -42.98 -3.61
N CYS O 68 73.37 -44.17 -3.31
CA CYS O 68 74.44 -44.79 -4.10
C CYS O 68 73.93 -45.69 -5.22
N GLY O 69 72.66 -46.05 -5.16
CA GLY O 69 72.09 -46.95 -6.13
C GLY O 69 71.65 -48.30 -5.57
N TYR O 70 72.03 -48.57 -4.33
CA TYR O 70 71.69 -49.83 -3.68
C TYR O 70 70.21 -50.15 -3.78
N SER O 71 69.33 -49.15 -3.64
CA SER O 71 67.93 -49.53 -3.71
C SER O 71 67.51 -49.59 -5.18
N ALA O 72 68.15 -48.78 -6.01
CA ALA O 72 67.90 -48.87 -7.45
C ALA O 72 68.20 -50.26 -7.94
N VAL O 73 69.40 -50.76 -7.60
CA VAL O 73 69.85 -52.06 -8.07
C VAL O 73 68.92 -53.13 -7.57
N ARG O 74 68.49 -52.97 -6.33
CA ARG O 74 67.67 -53.99 -5.72
C ARG O 74 66.27 -54.07 -6.36
N MET O 75 65.70 -52.91 -6.68
CA MET O 75 64.40 -52.83 -7.31
C MET O 75 64.43 -53.20 -8.80
N ALA O 76 65.36 -52.63 -9.55
CA ALA O 76 65.41 -52.81 -11.01
C ALA O 76 65.87 -54.21 -11.45
N ARG O 77 66.40 -54.98 -10.52
CA ARG O 77 66.81 -56.34 -10.83
C ARG O 77 65.61 -57.27 -10.91
N LEU O 78 64.45 -56.77 -10.51
CA LEU O 78 63.23 -57.56 -10.51
C LEU O 78 62.20 -56.98 -11.48
N LEU O 79 62.57 -55.91 -12.17
CA LEU O 79 61.72 -55.43 -13.24
C LEU O 79 61.73 -56.44 -14.39
N GLN O 80 60.54 -56.76 -14.88
CA GLN O 80 60.34 -57.58 -16.07
C GLN O 80 60.92 -56.90 -17.32
N PRO O 81 61.30 -57.69 -18.35
CA PRO O 81 61.84 -57.12 -19.59
C PRO O 81 60.95 -56.05 -20.23
N GLY O 82 61.48 -54.83 -20.32
CA GLY O 82 60.75 -53.72 -20.91
C GLY O 82 60.33 -52.65 -19.91
N ALA O 83 60.34 -53.00 -18.63
CA ALA O 83 60.00 -52.04 -17.57
C ALA O 83 61.16 -51.10 -17.28
N ARG O 84 60.85 -49.93 -16.72
CA ARG O 84 61.83 -48.86 -16.46
C ARG O 84 61.85 -48.42 -15.00
N LEU O 85 63.01 -47.93 -14.54
CA LEU O 85 63.09 -47.28 -13.24
C LEU O 85 63.54 -45.85 -13.42
N LEU O 86 62.77 -44.89 -12.88
CA LEU O 86 63.22 -43.51 -12.77
C LEU O 86 63.65 -43.29 -11.33
N THR O 87 64.84 -42.74 -11.13
CA THR O 87 65.28 -42.48 -9.77
C THR O 87 65.83 -41.06 -9.70
N MET O 88 65.56 -40.39 -8.59
CA MET O 88 65.89 -38.97 -8.42
C MET O 88 66.84 -38.80 -7.26
N GLU O 89 67.90 -38.04 -7.47
CA GLU O 89 68.91 -37.81 -6.45
C GLU O 89 69.38 -36.35 -6.42
N ILE O 90 69.29 -35.72 -5.26
CA ILE O 90 69.51 -34.29 -5.16
C ILE O 90 70.99 -33.97 -5.19
N ASN O 91 71.82 -34.99 -5.00
CA ASN O 91 73.27 -34.82 -4.89
C ASN O 91 74.01 -35.24 -6.17
N PRO O 92 74.68 -34.28 -6.83
CA PRO O 92 75.32 -34.52 -8.14
C PRO O 92 76.30 -35.67 -8.11
N ASP O 93 77.07 -35.79 -7.02
CA ASP O 93 78.12 -36.81 -6.95
C ASP O 93 77.57 -38.19 -6.69
N CYS O 94 76.47 -38.27 -5.97
CA CYS O 94 75.86 -39.56 -5.68
C CYS O 94 75.14 -40.08 -6.92
N ALA O 95 74.63 -39.16 -7.73
CA ALA O 95 74.00 -39.56 -8.96
C ALA O 95 75.03 -40.19 -9.90
N ALA O 96 76.27 -39.68 -9.86
CA ALA O 96 77.34 -40.23 -10.69
C ALA O 96 77.73 -41.65 -10.26
N ILE O 97 77.79 -41.87 -8.95
CA ILE O 97 78.05 -43.18 -8.37
C ILE O 97 76.90 -44.12 -8.69
N THR O 98 75.69 -43.59 -8.82
CA THR O 98 74.54 -44.44 -9.07
C THR O 98 74.54 -44.98 -10.50
N GLN O 99 74.98 -44.19 -11.47
CA GLN O 99 74.97 -44.74 -12.82
C GLN O 99 76.13 -45.69 -12.98
N GLN O 100 77.23 -45.42 -12.27
CA GLN O 100 78.37 -46.33 -12.27
C GLN O 100 78.04 -47.66 -11.60
N MET O 101 77.20 -47.60 -10.56
CA MET O 101 76.80 -48.76 -9.79
C MET O 101 75.86 -49.61 -10.63
N LEU O 102 74.89 -48.93 -11.25
CA LEU O 102 73.89 -49.59 -12.09
C LEU O 102 74.51 -50.20 -13.35
N ASN O 103 75.46 -49.51 -13.97
CA ASN O 103 76.06 -50.05 -15.18
C ASN O 103 76.81 -51.33 -14.83
N PHE O 104 77.56 -51.30 -13.73
CA PHE O 104 78.26 -52.50 -13.31
C PHE O 104 77.31 -53.68 -13.10
N ALA O 105 76.08 -53.39 -12.66
CA ALA O 105 75.09 -54.44 -12.42
C ALA O 105 74.36 -54.88 -13.71
N GLY O 106 74.55 -54.12 -14.78
CA GLY O 106 73.95 -54.47 -16.06
C GLY O 106 72.53 -53.97 -16.13
N LEU O 107 72.27 -52.90 -15.40
CA LEU O 107 70.95 -52.31 -15.32
C LEU O 107 70.92 -50.92 -15.91
N GLN O 108 71.97 -50.54 -16.64
CA GLN O 108 72.07 -49.19 -17.19
C GLN O 108 70.92 -48.88 -18.15
N ASP O 109 70.39 -49.93 -18.79
CA ASP O 109 69.36 -49.73 -19.80
C ASP O 109 67.94 -49.75 -19.26
N LYS O 110 67.82 -50.11 -17.98
CA LYS O 110 66.53 -50.17 -17.29
C LYS O 110 66.28 -48.98 -16.40
N VAL O 111 67.31 -48.17 -16.18
CA VAL O 111 67.19 -47.08 -15.23
C VAL O 111 67.67 -45.75 -15.78
N THR O 112 66.82 -44.74 -15.62
CA THR O 112 67.13 -43.36 -15.89
C THR O 112 67.44 -42.65 -14.58
N ILE O 113 68.46 -41.81 -14.53
CA ILE O 113 68.78 -41.11 -13.29
C ILE O 113 68.61 -39.61 -13.40
N LEU O 114 67.61 -39.07 -12.73
CA LEU O 114 67.38 -37.63 -12.78
C LEU O 114 68.12 -36.96 -11.63
N ASN O 115 68.96 -35.97 -11.94
CA ASN O 115 69.64 -35.24 -10.87
C ASN O 115 68.99 -33.88 -10.61
N GLY O 116 68.62 -33.64 -9.36
CA GLY O 116 67.93 -32.42 -8.99
C GLY O 116 66.97 -32.72 -7.86
N ALA O 117 66.15 -31.74 -7.47
CA ALA O 117 65.23 -31.96 -6.35
C ALA O 117 63.85 -32.39 -6.84
N SER O 118 63.21 -33.24 -6.03
CA SER O 118 61.98 -33.91 -6.41
C SER O 118 60.81 -32.97 -6.79
N GLN O 119 60.71 -31.81 -6.17
CA GLN O 119 59.60 -30.91 -6.50
C GLN O 119 59.88 -30.16 -7.81
N ASP O 120 61.14 -30.10 -8.22
CA ASP O 120 61.49 -29.48 -9.51
C ASP O 120 61.39 -30.49 -10.65
N LEU O 121 61.64 -31.76 -10.33
CA LEU O 121 61.69 -32.83 -11.31
C LEU O 121 60.33 -33.47 -11.59
N ILE O 122 59.53 -33.65 -10.55
CA ILE O 122 58.21 -34.27 -10.72
C ILE O 122 57.32 -33.58 -11.78
N PRO O 123 57.28 -32.23 -11.82
CA PRO O 123 56.45 -31.57 -12.85
C PRO O 123 57.01 -31.63 -14.27
N GLN O 124 58.19 -32.22 -14.45
CA GLN O 124 58.77 -32.38 -15.78
C GLN O 124 58.61 -33.79 -16.32
N LEU O 125 58.17 -34.72 -15.47
CA LEU O 125 58.10 -36.13 -15.85
C LEU O 125 57.25 -36.41 -17.08
N LYS O 126 56.13 -35.70 -17.21
CA LYS O 126 55.23 -35.93 -18.33
C LYS O 126 55.76 -35.32 -19.62
N LYS O 127 56.53 -34.25 -19.49
CA LYS O 127 57.00 -33.49 -20.65
C LYS O 127 58.41 -33.84 -21.09
N LYS O 128 59.35 -33.79 -20.16
CA LYS O 128 60.75 -34.02 -20.47
C LYS O 128 61.11 -35.51 -20.47
N TYR O 129 60.33 -36.35 -19.81
CA TYR O 129 60.65 -37.77 -19.74
C TYR O 129 59.52 -38.68 -20.25
N ASP O 130 58.59 -38.07 -20.97
CA ASP O 130 57.50 -38.76 -21.68
C ASP O 130 56.81 -39.83 -20.84
N VAL O 131 56.60 -39.51 -19.56
CA VAL O 131 55.87 -40.40 -18.66
C VAL O 131 54.38 -40.13 -18.79
N ASP O 132 53.58 -41.18 -18.81
CA ASP O 132 52.15 -41.01 -18.75
C ASP O 132 51.65 -41.18 -17.30
N THR O 133 51.60 -42.41 -16.79
CA THR O 133 51.37 -42.64 -15.35
C THR O 133 52.35 -43.63 -14.73
N LEU O 134 52.73 -43.36 -13.49
CA LEU O 134 53.56 -44.23 -12.67
C LEU O 134 52.81 -45.45 -12.14
N ASP O 135 53.49 -46.59 -12.14
CA ASP O 135 52.92 -47.84 -11.64
C ASP O 135 53.29 -48.09 -10.17
N MET O 136 54.40 -47.51 -9.75
CA MET O 136 54.87 -47.60 -8.38
C MET O 136 55.82 -46.45 -8.05
N VAL O 137 55.76 -45.96 -6.81
CA VAL O 137 56.68 -44.94 -6.33
C VAL O 137 57.31 -45.40 -5.03
N PHE O 138 58.63 -45.23 -4.91
CA PHE O 138 59.37 -45.52 -3.70
C PHE O 138 59.90 -44.22 -3.09
N LEU O 139 59.45 -43.95 -1.86
CA LEU O 139 59.78 -42.72 -1.18
C LEU O 139 60.81 -42.99 -0.10
N ASP O 140 61.96 -42.36 -0.24
CA ASP O 140 63.02 -42.45 0.75
C ASP O 140 63.89 -41.20 0.74
N HIS O 141 63.31 -40.05 0.41
CA HIS O 141 64.05 -38.79 0.50
C HIS O 141 63.74 -38.11 1.83
N TRP O 142 63.74 -36.78 1.83
CA TRP O 142 63.41 -35.98 3.02
C TRP O 142 62.02 -36.29 3.54
N LYS O 143 61.86 -36.38 4.86
CA LYS O 143 60.61 -36.91 5.37
C LYS O 143 59.48 -35.93 5.15
N ASP O 144 59.75 -34.64 5.32
CA ASP O 144 58.70 -33.65 5.11
C ASP O 144 58.62 -33.22 3.64
N ARG O 145 58.93 -34.13 2.72
CA ARG O 145 58.54 -33.97 1.33
C ARG O 145 57.68 -35.15 0.91
N TYR O 146 57.52 -36.13 1.79
CA TYR O 146 56.64 -37.26 1.49
C TYR O 146 55.23 -36.79 1.17
N LEU O 147 54.59 -36.08 2.10
CA LEU O 147 53.22 -35.61 1.87
C LEU O 147 53.13 -34.63 0.68
N PRO O 148 53.86 -33.49 0.71
CA PRO O 148 53.74 -32.57 -0.43
C PRO O 148 54.07 -33.17 -1.82
N ASP O 149 55.12 -33.98 -1.92
CA ASP O 149 55.43 -34.62 -3.20
C ASP O 149 54.36 -35.62 -3.59
N THR O 150 53.68 -36.21 -2.60
CA THR O 150 52.61 -37.14 -2.92
C THR O 150 51.46 -36.37 -3.57
N LEU O 151 51.16 -35.20 -3.03
CA LEU O 151 50.09 -34.41 -3.60
C LEU O 151 50.55 -33.91 -4.93
N LEU O 152 51.82 -33.52 -5.03
CA LEU O 152 52.33 -33.00 -6.27
C LEU O 152 52.14 -34.05 -7.37
N LEU O 153 52.33 -35.32 -7.01
CA LEU O 153 52.14 -36.42 -7.94
C LEU O 153 50.68 -36.56 -8.36
N GLU O 154 49.76 -36.34 -7.43
CA GLU O 154 48.35 -36.38 -7.77
C GLU O 154 47.97 -35.30 -8.78
N GLU O 155 48.44 -34.08 -8.55
CA GLU O 155 47.97 -32.91 -9.29
C GLU O 155 48.52 -32.94 -10.72
N CYS O 156 49.67 -33.60 -10.88
CA CYS O 156 50.32 -33.75 -12.18
C CYS O 156 49.75 -34.92 -12.95
N GLY O 157 48.75 -35.59 -12.39
CA GLY O 157 48.12 -36.73 -13.02
C GLY O 157 49.09 -37.87 -13.29
N LEU O 158 49.99 -38.12 -12.34
CA LEU O 158 51.02 -39.15 -12.48
C LEU O 158 50.64 -40.48 -11.82
N LEU O 159 49.64 -40.44 -10.95
CA LEU O 159 49.12 -41.65 -10.35
C LEU O 159 47.82 -42.07 -11.01
N ARG O 160 47.62 -43.38 -11.10
CA ARG O 160 46.37 -43.96 -11.59
C ARG O 160 45.89 -44.99 -10.58
N LYS O 161 44.64 -45.43 -10.74
CA LYS O 161 44.09 -46.42 -9.83
C LYS O 161 44.90 -47.70 -9.90
N GLY O 162 45.58 -48.01 -8.81
CA GLY O 162 46.38 -49.22 -8.72
C GLY O 162 47.84 -48.89 -8.46
N THR O 163 48.21 -47.62 -8.64
CA THR O 163 49.58 -47.18 -8.46
C THR O 163 49.97 -47.49 -7.04
N VAL O 164 51.23 -47.81 -6.81
CA VAL O 164 51.63 -48.20 -5.48
C VAL O 164 52.65 -47.22 -4.91
N LEU O 165 52.31 -46.61 -3.78
CA LEU O 165 53.28 -45.83 -3.03
C LEU O 165 53.94 -46.76 -2.04
N LEU O 166 55.25 -46.64 -1.87
CA LEU O 166 55.94 -47.45 -0.88
C LEU O 166 56.83 -46.50 -0.15
N ALA O 167 56.54 -46.35 1.15
CA ALA O 167 57.14 -45.28 1.91
C ALA O 167 58.03 -45.85 3.02
N ASP O 168 59.26 -45.37 3.08
CA ASP O 168 60.17 -45.85 4.08
C ASP O 168 60.28 -44.88 5.25
N ASN O 169 60.62 -45.43 6.41
CA ASN O 169 60.87 -44.68 7.64
C ASN O 169 59.62 -43.94 8.11
N VAL O 170 58.47 -44.58 7.95
CA VAL O 170 57.23 -43.98 8.38
C VAL O 170 57.15 -44.05 9.89
N ILE O 171 58.00 -44.88 10.51
CA ILE O 171 58.02 -44.93 11.97
C ILE O 171 59.29 -44.34 12.55
N VAL O 172 60.44 -44.72 12.00
CA VAL O 172 61.72 -44.21 12.48
C VAL O 172 62.48 -43.53 11.38
N PRO O 173 62.71 -42.21 11.49
CA PRO O 173 62.39 -41.29 12.58
C PRO O 173 60.91 -40.91 12.60
N GLY O 174 60.18 -41.29 11.56
CA GLY O 174 58.75 -41.07 11.50
C GLY O 174 58.33 -40.05 10.46
N THR O 175 57.37 -40.44 9.61
CA THR O 175 56.65 -39.50 8.75
C THR O 175 55.16 -39.44 9.14
N PRO O 176 54.85 -38.89 10.33
CA PRO O 176 53.49 -38.89 10.87
C PRO O 176 52.50 -38.11 10.00
N ASP O 177 52.96 -37.01 9.41
CA ASP O 177 52.16 -36.23 8.46
C ASP O 177 51.68 -37.09 7.31
N PHE O 178 52.65 -37.75 6.65
CA PHE O 178 52.34 -38.58 5.50
C PHE O 178 51.45 -39.77 5.86
N LEU O 179 51.73 -40.41 6.98
CA LEU O 179 50.92 -41.54 7.39
C LEU O 179 49.46 -41.17 7.62
N ALA O 180 49.23 -40.06 8.33
CA ALA O 180 47.86 -39.59 8.60
C ALA O 180 47.09 -39.44 7.30
N TYR O 181 47.72 -38.74 6.35
CA TYR O 181 47.10 -38.48 5.06
C TYR O 181 46.65 -39.74 4.30
N VAL O 182 47.57 -40.65 3.97
CA VAL O 182 47.20 -41.83 3.16
C VAL O 182 46.28 -42.78 3.91
N ARG O 183 46.40 -42.85 5.22
CA ARG O 183 45.50 -43.65 6.04
C ARG O 183 44.12 -43.02 6.24
N GLY O 184 44.08 -41.69 6.29
CA GLY O 184 42.82 -40.99 6.45
C GLY O 184 42.05 -40.90 5.14
N SER O 185 42.76 -40.57 4.07
CA SER O 185 42.14 -40.31 2.79
C SER O 185 41.53 -41.54 2.15
N SER O 186 40.38 -41.35 1.52
CA SER O 186 39.70 -42.37 0.70
C SER O 186 40.45 -42.68 -0.61
N SER O 187 41.39 -41.83 -0.99
CA SER O 187 42.14 -42.02 -2.23
C SER O 187 43.20 -43.13 -2.10
N PHE O 188 43.53 -43.52 -0.88
CA PHE O 188 44.54 -44.56 -0.71
C PHE O 188 44.03 -45.75 0.08
N GLU O 189 44.65 -46.90 -0.15
CA GLU O 189 44.35 -48.09 0.61
C GLU O 189 45.68 -48.56 1.20
N CYS O 190 45.71 -48.72 2.51
CA CYS O 190 46.99 -48.81 3.19
C CYS O 190 47.27 -50.11 3.92
N THR O 191 48.53 -50.52 3.82
CA THR O 191 49.00 -51.70 4.49
C THR O 191 50.34 -51.34 5.07
N HIS O 192 50.57 -51.74 6.31
CA HIS O 192 51.83 -51.46 6.98
C HIS O 192 52.67 -52.72 7.12
N TYR O 193 53.96 -52.59 6.80
CA TYR O 193 54.88 -53.71 6.93
C TYR O 193 55.95 -53.35 7.94
N SER O 194 55.98 -54.10 9.04
CA SER O 194 56.97 -53.86 10.09
C SER O 194 58.35 -54.30 9.67
N SER O 195 59.34 -53.67 10.27
CA SER O 195 60.73 -53.81 9.88
C SER O 195 61.67 -53.82 11.11
N TYR O 196 62.06 -55.00 11.55
CA TYR O 196 62.80 -55.16 12.79
C TYR O 196 64.31 -54.99 12.64
N LEU O 197 64.80 -53.83 13.07
CA LEU O 197 66.23 -53.50 12.98
C LEU O 197 66.96 -53.87 14.27
N GLU O 198 66.18 -54.13 15.33
CA GLU O 198 66.72 -54.32 16.66
C GLU O 198 65.63 -54.69 17.63
N TYR O 199 65.83 -55.76 18.38
CA TYR O 199 64.79 -56.27 19.28
C TYR O 199 64.29 -55.15 20.19
N MET O 200 62.98 -54.96 20.13
CA MET O 200 62.26 -54.11 21.08
C MET O 200 62.46 -52.61 20.88
N LYS O 201 63.66 -52.17 20.54
CA LYS O 201 63.92 -50.73 20.63
C LYS O 201 64.00 -49.96 19.31
N VAL O 202 64.27 -50.65 18.21
CA VAL O 202 64.32 -50.00 16.89
C VAL O 202 63.47 -50.79 15.92
N VAL O 203 62.19 -50.49 15.92
CA VAL O 203 61.27 -51.09 14.97
C VAL O 203 60.81 -50.02 13.99
N ASP O 204 61.07 -50.27 12.71
CA ASP O 204 60.65 -49.36 11.66
C ASP O 204 59.48 -49.98 10.94
N GLY O 205 59.11 -49.40 9.82
CA GLY O 205 58.02 -49.95 9.06
C GLY O 205 57.95 -49.27 7.72
N LEU O 206 57.45 -49.97 6.73
CA LEU O 206 57.15 -49.35 5.46
C LEU O 206 55.65 -49.29 5.30
N GLU O 207 55.20 -48.28 4.58
CA GLU O 207 53.78 -48.13 4.30
C GLU O 207 53.54 -48.36 2.83
N LYS O 208 52.51 -49.15 2.55
CA LYS O 208 52.08 -49.35 1.18
C LYS O 208 50.78 -48.60 0.98
N ALA O 209 50.85 -47.51 0.22
CA ALA O 209 49.62 -46.79 -0.14
C ALA O 209 49.24 -47.09 -1.58
N ILE O 210 48.10 -47.73 -1.78
CA ILE O 210 47.60 -47.99 -3.13
C ILE O 210 46.55 -46.97 -3.54
N TYR O 211 46.93 -46.12 -4.48
CA TYR O 211 46.07 -45.06 -4.95
C TYR O 211 44.81 -45.57 -5.64
N GLN O 212 43.67 -44.95 -5.34
CA GLN O 212 42.38 -45.48 -5.78
C GLN O 212 41.79 -44.68 -6.91
N GLY O 213 42.53 -43.67 -7.38
CA GLY O 213 42.06 -42.77 -8.41
C GLY O 213 40.86 -41.95 -7.98
N PRO O 214 40.30 -41.18 -8.91
CA PRO O 214 39.12 -40.33 -8.68
C PRO O 214 37.93 -41.09 -8.09
N SER O 215 36.90 -40.36 -7.67
CA SER O 215 35.73 -40.98 -7.04
C SER O 215 34.58 -41.16 -8.02
N SER O 216 33.76 -42.17 -7.77
CA SER O 216 32.64 -42.54 -8.65
C SER O 216 31.54 -41.48 -8.70
N GLY P 1 -21.57 34.53 -12.11
CA GLY P 1 -21.59 35.89 -12.61
C GLY P 1 -22.37 36.82 -11.70
N ASP P 2 -22.84 37.92 -12.26
CA ASP P 2 -23.68 38.87 -11.51
C ASP P 2 -24.94 39.20 -12.30
N THR P 3 -26.11 38.80 -11.80
CA THR P 3 -27.37 39.14 -12.45
C THR P 3 -27.52 40.65 -12.52
N LYS P 4 -28.26 41.15 -13.49
CA LYS P 4 -28.40 42.58 -13.61
C LYS P 4 -29.25 43.11 -12.46
N GLU P 5 -30.12 42.27 -11.92
CA GLU P 5 -30.84 42.62 -10.69
C GLU P 5 -29.85 42.89 -9.56
N GLN P 6 -28.77 42.11 -9.54
CA GLN P 6 -27.73 42.31 -8.55
C GLN P 6 -26.89 43.55 -8.86
N ARG P 7 -26.67 43.81 -10.15
CA ARG P 7 -25.92 44.98 -10.58
C ARG P 7 -26.71 46.24 -10.29
N ILE P 8 -28.03 46.12 -10.35
CA ILE P 8 -28.92 47.23 -10.06
C ILE P 8 -28.89 47.53 -8.58
N LEU P 9 -28.99 46.49 -7.76
CA LEU P 9 -28.93 46.66 -6.31
C LEU P 9 -27.62 47.32 -5.87
N ARG P 10 -26.52 46.91 -6.47
CA ARG P 10 -25.21 47.50 -6.17
C ARG P 10 -25.17 48.99 -6.54
N TYR P 11 -25.62 49.33 -7.75
CA TYR P 11 -25.64 50.71 -8.18
C TYR P 11 -26.37 51.57 -7.15
N VAL P 12 -27.54 51.08 -6.72
CA VAL P 12 -28.34 51.79 -5.73
C VAL P 12 -27.64 51.89 -4.39
N GLN P 13 -27.25 50.75 -3.83
CA GLN P 13 -26.57 50.71 -2.54
C GLN P 13 -25.42 51.71 -2.46
N GLN P 14 -24.73 51.88 -3.58
CA GLN P 14 -23.63 52.82 -3.63
C GLN P 14 -24.11 54.26 -3.88
N ASN P 15 -25.01 54.45 -4.85
CA ASN P 15 -25.34 55.80 -5.32
C ASN P 15 -26.60 56.48 -4.75
N ALA P 16 -27.40 55.75 -3.98
CA ALA P 16 -28.60 56.35 -3.42
C ALA P 16 -28.35 56.72 -1.95
N LYS P 17 -28.95 57.81 -1.50
CA LYS P 17 -28.94 58.13 -0.07
C LYS P 17 -29.72 57.07 0.68
N PRO P 18 -29.11 56.44 1.68
CA PRO P 18 -29.80 55.45 2.52
C PRO P 18 -31.08 56.03 3.12
N GLY P 19 -32.08 55.18 3.31
CA GLY P 19 -33.34 55.60 3.92
C GLY P 19 -34.27 56.43 3.05
N ASP P 20 -33.80 56.91 1.91
CA ASP P 20 -34.59 57.82 1.07
C ASP P 20 -35.11 57.19 -0.22
N PRO P 21 -36.36 56.69 -0.19
CA PRO P 21 -36.99 56.00 -1.32
C PRO P 21 -36.92 56.76 -2.64
N GLN P 22 -36.86 58.09 -2.58
CA GLN P 22 -36.81 58.87 -3.80
C GLN P 22 -35.45 58.67 -4.48
N SER P 23 -34.39 58.75 -3.69
CA SER P 23 -33.03 58.57 -4.21
C SER P 23 -32.92 57.19 -4.86
N VAL P 24 -33.50 56.19 -4.20
CA VAL P 24 -33.51 54.82 -4.71
C VAL P 24 -34.22 54.76 -6.06
N LEU P 25 -35.40 55.34 -6.15
CA LEU P 25 -36.15 55.34 -7.41
C LEU P 25 -35.39 56.06 -8.51
N GLU P 26 -34.84 57.22 -8.18
CA GLU P 26 -34.07 57.99 -9.16
C GLU P 26 -32.80 57.23 -9.52
N ALA P 27 -32.25 56.51 -8.55
CA ALA P 27 -31.06 55.70 -8.77
C ALA P 27 -31.35 54.66 -9.83
N ILE P 28 -32.41 53.90 -9.55
CA ILE P 28 -32.82 52.78 -10.37
C ILE P 28 -33.10 53.25 -11.80
N ASP P 29 -33.79 54.38 -11.92
CA ASP P 29 -34.16 54.96 -13.20
C ASP P 29 -32.94 55.37 -14.00
N THR P 30 -31.94 55.88 -13.29
CA THR P 30 -30.70 56.32 -13.92
C THR P 30 -29.96 55.15 -14.54
N TYR P 31 -29.81 54.07 -13.76
CA TYR P 31 -29.10 52.89 -14.24
C TYR P 31 -29.79 52.33 -15.48
N CYS P 32 -31.12 52.28 -15.42
CA CYS P 32 -31.92 51.74 -16.52
C CYS P 32 -31.71 52.50 -17.83
N THR P 33 -31.42 53.80 -17.75
CA THR P 33 -31.31 54.61 -18.96
C THR P 33 -29.92 54.53 -19.59
N GLN P 34 -28.89 54.39 -18.77
CA GLN P 34 -27.54 54.31 -19.34
C GLN P 34 -27.09 52.88 -19.60
N LYS P 35 -27.78 51.90 -19.00
CA LYS P 35 -27.47 50.51 -19.28
C LYS P 35 -28.47 49.88 -20.24
N GLU P 36 -29.40 50.70 -20.72
CA GLU P 36 -30.45 50.26 -21.66
C GLU P 36 -31.22 49.07 -21.11
N TRP P 37 -32.07 49.35 -20.12
CA TRP P 37 -32.92 48.35 -19.49
C TRP P 37 -34.19 49.09 -19.05
N ALA P 38 -35.19 48.40 -18.54
CA ALA P 38 -36.44 49.07 -18.16
C ALA P 38 -37.19 48.33 -17.07
N MET P 39 -37.83 49.07 -16.19
CA MET P 39 -38.40 48.44 -15.02
C MET P 39 -39.82 47.86 -15.22
N ASN P 40 -40.38 47.36 -14.12
CA ASN P 40 -41.79 47.00 -14.00
C ASN P 40 -42.72 47.98 -14.72
N VAL P 41 -42.71 49.23 -14.24
CA VAL P 41 -43.47 50.32 -14.82
C VAL P 41 -42.56 51.47 -15.17
N GLY P 42 -42.96 52.26 -16.16
CA GLY P 42 -42.20 53.44 -16.54
C GLY P 42 -42.75 54.71 -15.89
N ASP P 43 -42.18 55.86 -16.27
CA ASP P 43 -42.55 57.13 -15.66
C ASP P 43 -44.06 57.42 -15.75
N ALA P 44 -44.61 57.43 -16.97
CA ALA P 44 -46.03 57.69 -17.18
C ALA P 44 -46.92 56.81 -16.31
N LYS P 45 -46.69 55.50 -16.39
CA LYS P 45 -47.45 54.55 -15.60
C LYS P 45 -47.19 54.75 -14.11
N GLY P 46 -46.01 55.26 -13.76
CA GLY P 46 -45.67 55.48 -12.37
C GLY P 46 -46.56 56.54 -11.76
N GLN P 47 -46.70 57.65 -12.48
CA GLN P 47 -47.53 58.74 -12.01
C GLN P 47 -49.00 58.32 -11.86
N ILE P 48 -49.48 57.40 -12.69
CA ILE P 48 -50.85 56.93 -12.53
C ILE P 48 -50.98 56.13 -11.24
N MET P 49 -49.93 55.39 -10.89
CA MET P 49 -49.90 54.68 -9.62
C MET P 49 -49.93 55.66 -8.47
N ASP P 50 -48.93 56.55 -8.43
CA ASP P 50 -48.82 57.56 -7.38
C ASP P 50 -50.16 58.25 -7.13
N ALA P 51 -50.84 58.61 -8.22
CA ALA P 51 -52.12 59.27 -8.15
C ALA P 51 -53.18 58.43 -7.47
N VAL P 52 -53.35 57.19 -7.93
CA VAL P 52 -54.37 56.30 -7.37
C VAL P 52 -54.17 56.08 -5.88
N ILE P 53 -52.93 55.83 -5.47
CA ILE P 53 -52.62 55.60 -4.06
C ILE P 53 -53.02 56.80 -3.20
N ARG P 54 -52.68 58.00 -3.67
CA ARG P 54 -52.98 59.23 -2.96
C ARG P 54 -54.48 59.48 -2.80
N GLU P 55 -55.26 59.19 -3.84
CA GLU P 55 -56.69 59.43 -3.80
C GLU P 55 -57.42 58.40 -2.95
N TYR P 56 -56.88 57.19 -2.87
CA TYR P 56 -57.58 56.11 -2.20
C TYR P 56 -57.04 55.76 -0.82
N SER P 57 -55.87 56.30 -0.47
CA SER P 57 -55.22 56.08 0.83
C SER P 57 -55.44 54.69 1.42
N PRO P 58 -54.98 53.64 0.72
CA PRO P 58 -55.20 52.26 1.20
C PRO P 58 -54.41 51.94 2.46
N SER P 59 -54.95 51.05 3.27
CA SER P 59 -54.27 50.65 4.49
C SER P 59 -53.55 49.32 4.28
N LEU P 60 -54.03 48.52 3.34
CA LEU P 60 -53.40 47.24 3.04
C LEU P 60 -53.39 46.95 1.54
N VAL P 61 -52.22 47.04 0.92
CA VAL P 61 -52.10 46.87 -0.52
C VAL P 61 -51.44 45.55 -0.91
N LEU P 62 -51.99 44.88 -1.91
CA LEU P 62 -51.38 43.67 -2.41
C LEU P 62 -50.84 43.91 -3.80
N GLU P 63 -49.58 43.56 -4.03
CA GLU P 63 -48.94 43.69 -5.34
C GLU P 63 -48.57 42.33 -5.90
N LEU P 64 -49.02 42.06 -7.11
CA LEU P 64 -48.68 40.80 -7.76
C LEU P 64 -47.59 41.04 -8.80
N GLY P 65 -46.34 40.72 -8.44
CA GLY P 65 -45.25 40.77 -9.39
C GLY P 65 -44.22 41.85 -9.11
N ALA P 66 -43.49 41.68 -8.01
CA ALA P 66 -42.60 42.72 -7.49
C ALA P 66 -41.38 43.04 -8.36
N TYR P 67 -40.96 42.07 -9.18
CA TYR P 67 -39.68 42.12 -9.89
C TYR P 67 -38.59 42.47 -8.87
N CYS P 68 -38.02 43.67 -8.98
CA CYS P 68 -36.95 44.11 -8.09
C CYS P 68 -37.49 44.87 -6.90
N GLY P 69 -38.77 45.22 -6.97
CA GLY P 69 -39.37 46.03 -5.92
C GLY P 69 -39.31 47.50 -6.25
N TYR P 70 -39.00 47.83 -7.49
CA TYR P 70 -39.07 49.20 -7.94
C TYR P 70 -40.48 49.73 -7.78
N SER P 71 -41.46 48.93 -8.21
CA SER P 71 -42.86 49.31 -8.10
C SER P 71 -43.32 49.22 -6.66
N ALA P 72 -42.64 48.38 -5.88
CA ALA P 72 -43.00 48.22 -4.49
C ALA P 72 -42.46 49.38 -3.65
N VAL P 73 -41.32 49.93 -4.08
CA VAL P 73 -40.80 51.14 -3.44
C VAL P 73 -41.67 52.33 -3.85
N ARG P 74 -42.00 52.38 -5.14
CA ARG P 74 -42.83 53.44 -5.69
C ARG P 74 -44.14 53.59 -4.90
N MET P 75 -44.79 52.48 -4.58
CA MET P 75 -46.07 52.53 -3.89
C MET P 75 -45.92 52.78 -2.39
N ALA P 76 -44.99 52.08 -1.75
CA ALA P 76 -44.88 52.08 -0.29
C ALA P 76 -44.48 53.45 0.27
N ARG P 77 -43.73 54.23 -0.51
CA ARG P 77 -43.27 55.53 -0.07
C ARG P 77 -44.41 56.53 0.11
N LEU P 78 -45.63 56.14 -0.29
CA LEU P 78 -46.79 57.02 -0.18
C LEU P 78 -47.80 56.51 0.84
N LEU P 79 -47.62 55.26 1.26
CA LEU P 79 -48.47 54.70 2.31
C LEU P 79 -48.31 55.47 3.61
N GLN P 80 -49.32 55.39 4.46
CA GLN P 80 -49.34 56.12 5.72
C GLN P 80 -48.85 55.24 6.88
N PRO P 81 -48.57 55.85 8.04
CA PRO P 81 -48.22 55.07 9.23
C PRO P 81 -49.29 54.03 9.56
N GLY P 82 -48.87 52.78 9.75
CA GLY P 82 -49.80 51.70 10.03
C GLY P 82 -50.25 50.99 8.76
N ALA P 83 -50.23 51.70 7.63
CA ALA P 83 -50.54 51.06 6.36
C ALA P 83 -49.42 50.12 5.97
N ARG P 84 -49.78 48.99 5.36
CA ARG P 84 -48.80 48.01 4.99
C ARG P 84 -49.10 47.41 3.62
N LEU P 85 -48.06 46.92 2.96
CA LEU P 85 -48.13 46.43 1.60
C LEU P 85 -47.64 44.99 1.49
N LEU P 86 -48.45 44.11 0.92
CA LEU P 86 -47.97 42.77 0.62
C LEU P 86 -47.51 42.69 -0.83
N THR P 87 -46.43 41.99 -1.08
CA THR P 87 -45.94 41.88 -2.43
C THR P 87 -45.47 40.44 -2.71
N MET P 88 -45.82 39.94 -3.89
CA MET P 88 -45.49 38.57 -4.26
C MET P 88 -44.57 38.52 -5.48
N GLU P 89 -43.45 37.83 -5.35
CA GLU P 89 -42.57 37.58 -6.48
C GLU P 89 -42.40 36.07 -6.58
N ILE P 90 -42.38 35.54 -7.80
CA ILE P 90 -42.32 34.09 -7.97
C ILE P 90 -40.88 33.60 -8.06
N ASN P 91 -40.01 34.41 -8.66
CA ASN P 91 -38.59 34.10 -8.66
C ASN P 91 -37.95 34.43 -7.31
N PRO P 92 -37.26 33.45 -6.71
CA PRO P 92 -36.64 33.63 -5.39
C PRO P 92 -35.49 34.64 -5.38
N ASP P 93 -34.65 34.63 -6.40
CA ASP P 93 -33.54 35.57 -6.47
C ASP P 93 -34.04 37.01 -6.46
N CYS P 94 -35.10 37.27 -7.22
CA CYS P 94 -35.70 38.60 -7.32
C CYS P 94 -36.31 39.08 -6.01
N ALA P 95 -37.18 38.25 -5.42
CA ALA P 95 -37.73 38.53 -4.10
C ALA P 95 -36.62 38.83 -3.10
N ALA P 96 -35.52 38.08 -3.19
CA ALA P 96 -34.36 38.35 -2.35
C ALA P 96 -33.79 39.74 -2.64
N ILE P 97 -33.72 40.11 -3.92
CA ILE P 97 -33.26 41.44 -4.31
C ILE P 97 -34.20 42.53 -3.78
N THR P 98 -35.50 42.29 -3.91
CA THR P 98 -36.52 43.24 -3.46
C THR P 98 -36.41 43.49 -1.97
N GLN P 99 -36.27 42.43 -1.20
CA GLN P 99 -36.19 42.56 0.24
C GLN P 99 -35.05 43.50 0.60
N GLN P 100 -33.94 43.40 -0.11
CA GLN P 100 -32.80 44.28 0.14
C GLN P 100 -33.05 45.68 -0.44
N MET P 101 -33.77 45.75 -1.55
CA MET P 101 -34.07 47.05 -2.14
C MET P 101 -34.91 47.86 -1.16
N LEU P 102 -35.93 47.21 -0.60
CA LEU P 102 -36.76 47.82 0.44
C LEU P 102 -35.99 48.16 1.71
N ASN P 103 -35.01 47.32 2.08
CA ASN P 103 -34.16 47.57 3.26
C ASN P 103 -33.37 48.86 3.12
N PHE P 104 -32.87 49.10 1.92
CA PHE P 104 -32.07 50.29 1.68
C PHE P 104 -32.90 51.57 1.68
N ALA P 105 -34.21 51.44 1.45
CA ALA P 105 -35.10 52.60 1.39
C ALA P 105 -35.77 52.91 2.74
N GLY P 106 -35.69 51.97 3.67
CA GLY P 106 -36.27 52.15 4.99
C GLY P 106 -37.70 51.65 5.08
N LEU P 107 -38.15 50.96 4.04
CA LEU P 107 -39.53 50.56 3.93
C LEU P 107 -39.83 49.13 4.38
N GLN P 108 -38.83 48.46 4.98
CA GLN P 108 -38.98 47.04 5.33
C GLN P 108 -40.06 46.82 6.38
N ASP P 109 -40.30 47.85 7.20
CA ASP P 109 -41.32 47.76 8.22
C ASP P 109 -42.71 48.02 7.65
N LYS P 110 -42.77 48.61 6.46
CA LYS P 110 -44.05 48.83 5.77
C LYS P 110 -44.39 47.68 4.82
N VAL P 111 -43.38 46.92 4.42
CA VAL P 111 -43.59 45.89 3.40
C VAL P 111 -43.28 44.46 3.87
N THR P 112 -44.11 43.52 3.44
CA THR P 112 -43.86 42.09 3.59
C THR P 112 -43.81 41.42 2.20
N ILE P 113 -42.71 40.76 1.88
CA ILE P 113 -42.54 40.12 0.56
C ILE P 113 -42.73 38.63 0.56
N LEU P 114 -43.66 38.15 -0.26
CA LEU P 114 -43.92 36.73 -0.32
C LEU P 114 -43.27 36.14 -1.56
N ASN P 115 -42.63 34.99 -1.38
CA ASN P 115 -42.03 34.27 -2.50
C ASN P 115 -42.86 33.05 -2.88
N GLY P 116 -43.61 33.16 -3.98
CA GLY P 116 -44.37 32.05 -4.50
C GLY P 116 -45.22 32.43 -5.69
N ALA P 117 -46.14 31.54 -6.06
CA ALA P 117 -47.09 31.82 -7.11
C ALA P 117 -48.32 32.46 -6.52
N SER P 118 -48.95 33.35 -7.29
CA SER P 118 -50.14 34.03 -6.87
C SER P 118 -51.21 33.04 -6.43
N GLN P 119 -51.36 31.95 -7.17
CA GLN P 119 -52.47 31.05 -6.93
C GLN P 119 -52.25 30.22 -5.68
N ASP P 120 -51.00 30.09 -5.26
CA ASP P 120 -50.69 29.33 -4.05
C ASP P 120 -50.73 30.22 -2.81
N LEU P 121 -50.26 31.46 -2.96
CA LEU P 121 -50.16 32.37 -1.83
C LEU P 121 -51.48 33.04 -1.46
N ILE P 122 -52.31 33.37 -2.45
CA ILE P 122 -53.53 34.11 -2.20
C ILE P 122 -54.52 33.44 -1.20
N PRO P 123 -54.70 32.10 -1.28
CA PRO P 123 -55.64 31.55 -0.28
C PRO P 123 -55.07 31.53 1.14
N GLN P 124 -53.75 31.61 1.26
CA GLN P 124 -53.08 31.57 2.55
C GLN P 124 -53.10 32.91 3.29
N LEU P 125 -53.44 33.98 2.57
CA LEU P 125 -53.42 35.32 3.15
C LEU P 125 -54.22 35.46 4.44
N LYS P 126 -55.40 34.85 4.48
CA LYS P 126 -56.25 34.98 5.66
C LYS P 126 -55.66 34.23 6.86
N LYS P 127 -55.46 32.93 6.71
CA LYS P 127 -54.98 32.12 7.81
C LYS P 127 -53.58 32.54 8.28
N LYS P 128 -52.62 32.57 7.37
CA LYS P 128 -51.21 32.75 7.73
C LYS P 128 -50.72 34.19 7.95
N TYR P 129 -51.09 35.12 7.08
CA TYR P 129 -50.58 36.48 7.17
C TYR P 129 -51.59 37.46 7.74
N ASP P 130 -52.51 36.94 8.56
CA ASP P 130 -53.61 37.70 9.18
C ASP P 130 -54.09 38.89 8.36
N VAL P 131 -54.74 38.61 7.24
CA VAL P 131 -55.28 39.63 6.39
C VAL P 131 -56.80 39.58 6.40
N ASP P 132 -57.41 40.71 6.70
CA ASP P 132 -58.87 40.84 6.67
C ASP P 132 -59.36 40.94 5.23
N THR P 133 -59.28 42.15 4.70
CA THR P 133 -59.59 42.40 3.29
C THR P 133 -58.51 43.32 2.76
N LEU P 134 -58.43 43.41 1.44
CA LEU P 134 -57.46 44.27 0.80
C LEU P 134 -58.14 45.55 0.40
N ASP P 135 -57.44 46.67 0.51
CA ASP P 135 -58.03 47.93 0.10
C ASP P 135 -57.67 48.19 -1.36
N MET P 136 -56.46 47.80 -1.73
CA MET P 136 -55.99 47.98 -3.11
C MET P 136 -55.16 46.79 -3.57
N VAL P 137 -55.30 46.46 -4.85
CA VAL P 137 -54.54 45.38 -5.49
C VAL P 137 -53.86 45.86 -6.76
N PHE P 138 -52.54 45.70 -6.87
CA PHE P 138 -51.83 46.04 -8.09
C PHE P 138 -51.41 44.76 -8.82
N LEU P 139 -51.84 44.62 -10.07
CA LEU P 139 -51.51 43.43 -10.88
C LEU P 139 -50.50 43.77 -11.97
N ASP P 140 -49.35 43.11 -11.96
CA ASP P 140 -48.37 43.30 -13.04
C ASP P 140 -47.59 42.01 -13.30
N HIS P 141 -48.19 40.86 -12.98
CA HIS P 141 -47.52 39.58 -13.18
C HIS P 141 -47.97 38.94 -14.48
N TRP P 142 -48.05 37.61 -14.52
CA TRP P 142 -48.39 36.89 -15.76
C TRP P 142 -49.77 37.27 -16.29
N LYS P 143 -49.77 37.81 -17.50
CA LYS P 143 -50.97 38.20 -18.22
C LYS P 143 -52.09 37.15 -18.14
N ASP P 144 -51.70 35.89 -18.24
CA ASP P 144 -52.64 34.77 -18.36
C ASP P 144 -53.38 34.53 -17.05
N ARG P 145 -52.87 35.12 -15.98
CA ARG P 145 -53.36 34.82 -14.64
C ARG P 145 -54.15 35.98 -13.99
N TYR P 146 -54.32 37.11 -14.71
CA TYR P 146 -55.08 38.25 -14.18
C TYR P 146 -56.51 37.85 -13.84
N LEU P 147 -57.20 37.31 -14.83
CA LEU P 147 -58.59 36.96 -14.62
C LEU P 147 -58.76 35.90 -13.54
N PRO P 148 -58.07 34.74 -13.65
CA PRO P 148 -58.38 33.72 -12.63
C PRO P 148 -57.95 34.10 -11.22
N ASP P 149 -56.90 34.91 -11.07
CA ASP P 149 -56.52 35.37 -9.74
C ASP P 149 -57.58 36.31 -9.14
N THR P 150 -58.16 37.18 -9.96
CA THR P 150 -59.19 38.10 -9.49
C THR P 150 -60.38 37.33 -8.90
N LEU P 151 -60.76 36.25 -9.54
CA LEU P 151 -61.82 35.43 -8.98
C LEU P 151 -61.34 34.66 -7.76
N LEU P 152 -60.05 34.36 -7.71
CA LEU P 152 -59.53 33.71 -6.53
C LEU P 152 -59.62 34.72 -5.38
N LEU P 153 -59.28 35.97 -5.70
CA LEU P 153 -59.46 37.06 -4.76
C LEU P 153 -60.89 37.11 -4.28
N GLU P 154 -61.83 37.30 -5.22
CA GLU P 154 -63.29 37.31 -4.92
C GLU P 154 -63.71 36.20 -3.96
N GLU P 155 -63.35 34.97 -4.31
CA GLU P 155 -63.80 33.76 -3.64
C GLU P 155 -63.07 33.46 -2.32
N CYS P 156 -61.92 34.09 -2.11
CA CYS P 156 -61.21 33.90 -0.85
C CYS P 156 -61.62 34.95 0.18
N GLY P 157 -62.50 35.87 -0.21
CA GLY P 157 -63.04 36.87 0.70
C GLY P 157 -62.16 38.08 0.95
N LEU P 158 -61.18 38.32 0.08
CA LEU P 158 -60.20 39.37 0.33
C LEU P 158 -60.57 40.71 -0.33
N LEU P 159 -61.72 40.77 -0.98
CA LEU P 159 -62.19 42.02 -1.58
C LEU P 159 -63.41 42.53 -0.83
N ARG P 160 -63.50 43.86 -0.71
CA ARG P 160 -64.64 44.51 -0.08
C ARG P 160 -65.09 45.71 -0.91
N LYS P 161 -66.30 46.21 -0.65
CA LYS P 161 -66.83 47.30 -1.46
C LYS P 161 -65.87 48.49 -1.40
N GLY P 162 -65.32 48.82 -2.56
CA GLY P 162 -64.39 49.93 -2.66
C GLY P 162 -62.96 49.48 -2.83
N THR P 163 -62.72 48.18 -2.74
CA THR P 163 -61.39 47.66 -3.03
C THR P 163 -61.01 48.07 -4.44
N VAL P 164 -59.83 48.64 -4.58
CA VAL P 164 -59.37 49.09 -5.89
C VAL P 164 -58.38 48.12 -6.54
N LEU P 165 -58.79 47.48 -7.64
CA LEU P 165 -57.85 46.70 -8.47
C LEU P 165 -57.23 47.59 -9.54
N LEU P 166 -55.93 47.80 -9.49
CA LEU P 166 -55.25 48.51 -10.56
C LEU P 166 -54.42 47.52 -11.40
N ALA P 167 -54.86 47.25 -12.62
CA ALA P 167 -54.18 46.29 -13.50
C ALA P 167 -53.27 47.01 -14.49
N ASP P 168 -52.18 46.34 -14.84
CA ASP P 168 -51.18 46.88 -15.76
C ASP P 168 -51.17 46.12 -17.09
N ASN P 169 -50.69 46.80 -18.14
CA ASN P 169 -50.47 46.18 -19.45
C ASN P 169 -51.69 45.52 -20.04
N VAL P 170 -52.85 46.04 -19.70
CA VAL P 170 -54.12 45.49 -20.16
C VAL P 170 -54.32 45.76 -21.65
N ILE P 171 -53.46 46.57 -22.24
CA ILE P 171 -53.52 46.80 -23.69
C ILE P 171 -52.30 46.22 -24.39
N VAL P 172 -51.11 46.53 -23.90
CA VAL P 172 -49.88 45.99 -24.49
C VAL P 172 -49.11 45.13 -23.47
N PRO P 173 -48.97 43.82 -23.73
CA PRO P 173 -49.47 43.01 -24.85
C PRO P 173 -50.97 42.79 -24.73
N GLY P 174 -51.50 43.12 -23.56
CA GLY P 174 -52.93 43.11 -23.38
C GLY P 174 -53.39 41.96 -22.53
N THR P 175 -54.54 42.18 -21.91
CA THR P 175 -55.15 41.18 -21.07
C THR P 175 -56.64 41.18 -21.35
N PRO P 176 -57.02 40.88 -22.60
CA PRO P 176 -58.41 41.06 -23.04
C PRO P 176 -59.45 40.28 -22.24
N ASP P 177 -59.11 39.12 -21.69
CA ASP P 177 -60.08 38.34 -20.92
C ASP P 177 -60.43 38.98 -19.56
N PHE P 178 -59.40 39.45 -18.86
CA PHE P 178 -59.58 40.25 -17.66
C PHE P 178 -60.47 41.46 -17.97
N LEU P 179 -60.08 42.22 -18.99
CA LEU P 179 -60.79 43.44 -19.37
C LEU P 179 -62.29 43.26 -19.63
N ALA P 180 -62.69 42.22 -20.34
CA ALA P 180 -64.10 41.98 -20.60
C ALA P 180 -64.82 41.72 -19.29
N TYR P 181 -64.23 40.89 -18.43
CA TYR P 181 -64.86 40.50 -17.18
C TYR P 181 -65.19 41.71 -16.30
N VAL P 182 -64.17 42.39 -15.79
CA VAL P 182 -64.41 43.53 -14.91
C VAL P 182 -65.25 44.63 -15.58
N ARG P 183 -65.15 44.78 -16.90
CA ARG P 183 -65.96 45.78 -17.60
C ARG P 183 -67.42 45.35 -17.77
N GLY P 184 -67.64 44.05 -17.99
CA GLY P 184 -68.98 43.55 -18.18
C GLY P 184 -69.65 43.04 -16.92
N SER P 185 -68.87 42.94 -15.84
CA SER P 185 -69.39 42.44 -14.58
C SER P 185 -70.09 43.56 -13.83
N SER P 186 -71.18 43.20 -13.16
CA SER P 186 -71.89 44.13 -12.30
C SER P 186 -71.11 44.40 -11.03
N SER P 187 -70.13 43.55 -10.75
CA SER P 187 -69.36 43.63 -9.52
C SER P 187 -68.22 44.65 -9.57
N PHE P 188 -67.98 45.27 -10.72
CA PHE P 188 -66.85 46.18 -10.87
C PHE P 188 -67.21 47.48 -11.55
N GLU P 189 -66.53 48.55 -11.17
CA GLU P 189 -66.70 49.86 -11.83
C GLU P 189 -65.39 50.37 -12.41
N CYS P 190 -65.23 50.21 -13.73
CA CYS P 190 -63.93 50.37 -14.38
C CYS P 190 -63.62 51.74 -14.97
N THR P 191 -62.38 52.17 -14.78
CA THR P 191 -61.82 53.36 -15.43
C THR P 191 -60.54 52.98 -16.17
N HIS P 192 -60.35 53.49 -17.39
CA HIS P 192 -59.13 53.17 -18.13
C HIS P 192 -58.18 54.37 -18.21
N TYR P 193 -56.98 54.19 -17.68
CA TYR P 193 -55.92 55.19 -17.74
C TYR P 193 -54.93 54.83 -18.86
N SER P 194 -54.77 55.73 -19.81
CA SER P 194 -53.91 55.46 -20.97
C SER P 194 -52.49 55.91 -20.70
N SER P 195 -51.54 55.13 -21.22
CA SER P 195 -50.14 55.36 -20.98
C SER P 195 -49.37 55.46 -22.29
N TYR P 196 -48.89 56.63 -22.65
CA TYR P 196 -48.26 56.84 -23.97
C TYR P 196 -46.79 56.53 -23.88
N LEU P 197 -46.44 55.34 -24.33
CA LEU P 197 -45.05 54.89 -24.28
C LEU P 197 -44.32 55.37 -25.53
N GLU P 198 -45.04 55.43 -26.66
CA GLU P 198 -44.46 55.89 -27.91
C GLU P 198 -45.51 56.29 -28.95
N TYR P 199 -45.29 57.44 -29.59
CA TYR P 199 -46.30 58.11 -30.41
C TYR P 199 -46.91 57.23 -31.48
N MET P 200 -48.24 57.14 -31.48
CA MET P 200 -49.04 56.33 -32.42
C MET P 200 -48.98 54.81 -32.25
N LYS P 201 -47.82 54.28 -31.83
CA LYS P 201 -47.57 52.85 -32.00
C LYS P 201 -47.45 52.02 -30.72
N VAL P 202 -47.08 52.64 -29.61
CA VAL P 202 -47.04 51.91 -28.36
C VAL P 202 -47.86 52.64 -27.31
N VAL P 203 -49.15 52.32 -27.27
CA VAL P 203 -50.05 52.99 -26.36
C VAL P 203 -50.69 51.96 -25.46
N ASP P 204 -50.25 51.94 -24.21
CA ASP P 204 -50.73 50.97 -23.24
C ASP P 204 -51.66 51.64 -22.24
N GLY P 205 -52.09 50.89 -21.25
CA GLY P 205 -52.93 51.45 -20.23
C GLY P 205 -53.12 50.61 -18.98
N LEU P 206 -53.71 51.24 -17.98
CA LEU P 206 -54.03 50.57 -16.73
C LEU P 206 -55.53 50.58 -16.56
N GLU P 207 -56.08 49.47 -16.08
CA GLU P 207 -57.49 49.43 -15.73
C GLU P 207 -57.62 49.64 -14.24
N LYS P 208 -58.52 50.54 -13.86
CA LYS P 208 -58.86 50.72 -12.48
C LYS P 208 -60.24 50.13 -12.29
N ALA P 209 -60.31 48.98 -11.64
CA ALA P 209 -61.59 48.31 -11.44
C ALA P 209 -61.90 48.25 -9.97
N ILE P 210 -63.02 48.86 -9.58
CA ILE P 210 -63.38 48.98 -8.17
C ILE P 210 -64.48 47.99 -7.81
N TYR P 211 -64.18 47.05 -6.91
CA TYR P 211 -65.14 46.00 -6.52
C TYR P 211 -66.36 46.61 -5.84
N GLN P 212 -67.49 45.91 -5.92
CA GLN P 212 -68.75 46.46 -5.44
C GLN P 212 -69.44 45.57 -4.42
N GLY P 213 -68.70 44.61 -3.87
CA GLY P 213 -69.28 43.65 -2.95
C GLY P 213 -70.16 42.64 -3.66
N PRO P 214 -70.45 41.51 -2.99
CA PRO P 214 -71.48 40.59 -3.51
C PRO P 214 -72.88 41.21 -3.45
N SER P 215 -73.86 40.58 -4.07
CA SER P 215 -75.22 41.13 -4.10
C SER P 215 -76.29 40.03 -4.14
N GLY Q 1 -39.15 -29.72 20.54
CA GLY Q 1 -38.94 -29.81 19.11
C GLY Q 1 -40.17 -30.27 18.36
N ASP Q 2 -40.90 -29.31 17.78
CA ASP Q 2 -42.06 -29.57 16.90
C ASP Q 2 -41.63 -29.60 15.42
N THR Q 3 -41.42 -30.81 14.90
CA THR Q 3 -40.70 -30.98 13.64
C THR Q 3 -41.50 -30.57 12.41
N LYS Q 4 -40.83 -30.47 11.27
CA LYS Q 4 -41.50 -29.88 10.13
C LYS Q 4 -42.36 -30.92 9.43
N GLU Q 5 -42.10 -32.19 9.70
CA GLU Q 5 -42.97 -33.25 9.22
C GLU Q 5 -44.30 -33.20 10.00
N GLN Q 6 -44.21 -32.83 11.28
CA GLN Q 6 -45.40 -32.62 12.07
C GLN Q 6 -46.17 -31.42 11.51
N ARG Q 7 -45.46 -30.34 11.25
CA ARG Q 7 -46.11 -29.13 10.76
C ARG Q 7 -46.80 -29.35 9.39
N ILE Q 8 -46.23 -30.20 8.54
CA ILE Q 8 -46.83 -30.45 7.23
C ILE Q 8 -48.11 -31.26 7.36
N LEU Q 9 -47.99 -32.37 8.06
CA LEU Q 9 -49.15 -33.19 8.35
C LEU Q 9 -50.30 -32.33 8.92
N ARG Q 10 -49.94 -31.40 9.80
CA ARG Q 10 -50.90 -30.52 10.45
C ARG Q 10 -51.55 -29.57 9.44
N TYR Q 11 -50.74 -29.02 8.54
CA TYR Q 11 -51.29 -28.16 7.49
C TYR Q 11 -52.26 -28.95 6.62
N VAL Q 12 -51.95 -30.21 6.35
CA VAL Q 12 -52.85 -31.04 5.57
C VAL Q 12 -54.13 -31.32 6.36
N GLN Q 13 -53.96 -31.62 7.65
CA GLN Q 13 -55.09 -32.01 8.48
C GLN Q 13 -56.06 -30.84 8.73
N GLN Q 14 -55.54 -29.61 8.58
CA GLN Q 14 -56.34 -28.41 8.66
C GLN Q 14 -56.96 -28.01 7.33
N ASN Q 15 -56.22 -28.16 6.22
CA ASN Q 15 -56.57 -27.49 4.96
C ASN Q 15 -57.03 -28.38 3.79
N ALA Q 16 -56.69 -29.67 3.79
CA ALA Q 16 -57.15 -30.56 2.72
C ALA Q 16 -58.58 -31.10 2.97
N LYS Q 17 -59.18 -31.63 1.92
CA LYS Q 17 -60.47 -32.30 2.04
C LYS Q 17 -60.26 -33.77 2.42
N PRO Q 18 -60.87 -34.23 3.51
CA PRO Q 18 -60.67 -35.63 3.88
C PRO Q 18 -61.14 -36.59 2.80
N GLY Q 19 -60.37 -37.67 2.59
CA GLY Q 19 -60.74 -38.73 1.68
C GLY Q 19 -60.35 -38.47 0.24
N ASP Q 20 -59.68 -37.34 0.02
CA ASP Q 20 -59.30 -36.88 -1.32
C ASP Q 20 -57.78 -36.81 -1.49
N PRO Q 21 -57.19 -37.86 -2.09
CA PRO Q 21 -55.73 -37.85 -2.33
C PRO Q 21 -55.24 -36.66 -3.13
N GLN Q 22 -56.00 -36.22 -4.14
CA GLN Q 22 -55.57 -35.06 -4.90
C GLN Q 22 -55.40 -33.82 -4.00
N SER Q 23 -56.39 -33.56 -3.15
CA SER Q 23 -56.33 -32.47 -2.16
C SER Q 23 -55.14 -32.55 -1.19
N VAL Q 24 -54.91 -33.72 -0.59
CA VAL Q 24 -53.77 -33.91 0.30
C VAL Q 24 -52.47 -33.56 -0.42
N LEU Q 25 -52.30 -34.11 -1.63
CA LEU Q 25 -51.17 -33.79 -2.49
C LEU Q 25 -50.98 -32.28 -2.72
N GLU Q 26 -52.06 -31.59 -3.11
CA GLU Q 26 -51.96 -30.15 -3.35
C GLU Q 26 -51.56 -29.39 -2.08
N ALA Q 27 -52.23 -29.69 -0.97
CA ALA Q 27 -51.89 -29.11 0.32
C ALA Q 27 -50.40 -29.26 0.65
N ILE Q 28 -49.89 -30.50 0.58
CA ILE Q 28 -48.46 -30.75 0.77
C ILE Q 28 -47.61 -29.91 -0.20
N ASP Q 29 -48.05 -29.79 -1.46
CA ASP Q 29 -47.30 -28.98 -2.40
C ASP Q 29 -47.29 -27.51 -1.92
N THR Q 30 -48.43 -27.02 -1.46
CA THR Q 30 -48.53 -25.60 -1.13
C THR Q 30 -47.72 -25.27 0.12
N TYR Q 31 -47.75 -26.15 1.10
CA TYR Q 31 -46.94 -25.95 2.29
C TYR Q 31 -45.45 -25.89 1.92
N CYS Q 32 -44.99 -26.84 1.11
CA CYS Q 32 -43.56 -26.89 0.75
C CYS Q 32 -43.12 -25.62 0.03
N THR Q 33 -43.90 -25.20 -0.96
CA THR Q 33 -43.62 -23.94 -1.68
C THR Q 33 -43.56 -22.73 -0.73
N GLN Q 34 -44.53 -22.59 0.17
CA GLN Q 34 -44.51 -21.47 1.12
C GLN Q 34 -43.31 -21.52 2.08
N LYS Q 35 -42.99 -22.72 2.53
CA LYS Q 35 -41.99 -22.89 3.58
C LYS Q 35 -40.61 -23.31 3.08
N GLU Q 36 -40.35 -23.14 1.80
CA GLU Q 36 -39.04 -23.43 1.22
C GLU Q 36 -38.55 -24.84 1.54
N TRP Q 37 -39.16 -25.82 0.90
CA TRP Q 37 -38.99 -27.22 1.28
C TRP Q 37 -39.42 -28.10 0.11
N ALA Q 38 -39.17 -29.38 0.20
CA ALA Q 38 -39.52 -30.28 -0.90
C ALA Q 38 -39.73 -31.67 -0.36
N MET Q 39 -40.56 -32.44 -1.04
CA MET Q 39 -40.80 -33.81 -0.63
C MET Q 39 -39.86 -34.83 -1.28
N ASN Q 40 -40.29 -36.07 -1.15
CA ASN Q 40 -39.68 -37.23 -1.75
C ASN Q 40 -39.50 -37.09 -3.29
N VAL Q 41 -40.54 -36.60 -3.96
CA VAL Q 41 -40.55 -36.47 -5.41
C VAL Q 41 -41.18 -35.15 -5.78
N GLY Q 42 -40.73 -34.54 -6.86
CA GLY Q 42 -41.36 -33.34 -7.37
C GLY Q 42 -42.71 -33.66 -8.00
N ASP Q 43 -43.25 -32.70 -8.76
CA ASP Q 43 -44.46 -32.97 -9.53
C ASP Q 43 -44.09 -33.53 -10.88
N ALA Q 44 -42.96 -33.07 -11.41
CA ALA Q 44 -42.37 -33.66 -12.60
C ALA Q 44 -42.16 -35.18 -12.43
N LYS Q 45 -41.52 -35.60 -11.33
CA LYS Q 45 -41.28 -37.02 -11.17
C LYS Q 45 -42.58 -37.75 -10.90
N GLY Q 46 -43.49 -37.05 -10.24
CA GLY Q 46 -44.78 -37.60 -9.89
C GLY Q 46 -45.57 -37.98 -11.13
N GLN Q 47 -45.43 -37.22 -12.21
CA GLN Q 47 -46.19 -37.54 -13.40
C GLN Q 47 -45.66 -38.80 -14.06
N ILE Q 48 -44.35 -39.00 -14.01
CA ILE Q 48 -43.72 -40.23 -14.42
C ILE Q 48 -44.24 -41.42 -13.61
N MET Q 49 -44.25 -41.26 -12.29
CA MET Q 49 -44.81 -42.28 -11.41
C MET Q 49 -46.23 -42.64 -11.81
N ASP Q 50 -47.06 -41.64 -12.06
CA ASP Q 50 -48.48 -41.86 -12.37
C ASP Q 50 -48.60 -42.72 -13.62
N ALA Q 51 -47.89 -42.32 -14.68
CA ALA Q 51 -47.89 -43.05 -15.95
C ALA Q 51 -47.44 -44.52 -15.79
N VAL Q 52 -46.37 -44.75 -15.05
CA VAL Q 52 -45.94 -46.11 -14.81
C VAL Q 52 -47.00 -46.96 -14.07
N ILE Q 53 -47.67 -46.38 -13.05
CA ILE Q 53 -48.72 -47.08 -12.30
C ILE Q 53 -49.92 -47.40 -13.20
N ARG Q 54 -50.26 -46.46 -14.07
CA ARG Q 54 -51.37 -46.63 -14.98
C ARG Q 54 -51.08 -47.67 -16.06
N GLU Q 55 -49.88 -47.65 -16.61
CA GLU Q 55 -49.54 -48.60 -17.68
C GLU Q 55 -49.58 -50.03 -17.16
N TYR Q 56 -49.13 -50.25 -15.93
CA TYR Q 56 -48.94 -51.61 -15.46
C TYR Q 56 -49.98 -52.11 -14.49
N SER Q 57 -50.88 -51.23 -14.05
CA SER Q 57 -51.94 -51.58 -13.08
C SER Q 57 -51.53 -52.64 -12.05
N PRO Q 58 -50.46 -52.37 -11.31
CA PRO Q 58 -49.90 -53.40 -10.43
C PRO Q 58 -50.81 -53.70 -9.24
N SER Q 59 -51.00 -54.98 -8.88
CA SER Q 59 -51.86 -55.35 -7.75
C SER Q 59 -51.14 -55.28 -6.41
N LEU Q 60 -49.83 -55.47 -6.40
CA LEU Q 60 -49.06 -55.31 -5.17
C LEU Q 60 -47.83 -54.47 -5.45
N VAL Q 61 -47.73 -53.33 -4.78
CA VAL Q 61 -46.62 -52.42 -4.95
C VAL Q 61 -45.83 -52.30 -3.67
N LEU Q 62 -44.51 -52.34 -3.79
CA LEU Q 62 -43.60 -52.10 -2.67
C LEU Q 62 -42.79 -50.82 -2.86
N GLU Q 63 -42.87 -49.90 -1.90
CA GLU Q 63 -42.10 -48.68 -1.93
C GLU Q 63 -40.97 -48.72 -0.90
N LEU Q 64 -39.76 -48.33 -1.30
CA LEU Q 64 -38.67 -48.23 -0.34
C LEU Q 64 -38.38 -46.76 0.00
N GLY Q 65 -38.80 -46.34 1.20
CA GLY Q 65 -38.57 -44.98 1.68
C GLY Q 65 -39.82 -44.10 1.65
N ALA Q 66 -40.72 -44.27 2.61
CA ALA Q 66 -41.97 -43.52 2.61
C ALA Q 66 -41.79 -42.02 2.89
N TYR Q 67 -40.81 -41.71 3.76
CA TYR Q 67 -40.67 -40.39 4.33
C TYR Q 67 -41.99 -39.99 5.02
N CYS Q 68 -42.75 -39.09 4.39
CA CYS Q 68 -43.98 -38.55 4.99
C CYS Q 68 -45.23 -39.16 4.42
N GLY Q 69 -45.10 -39.88 3.32
CA GLY Q 69 -46.24 -40.47 2.65
C GLY Q 69 -46.66 -39.73 1.39
N TYR Q 70 -45.90 -38.74 0.97
CA TYR Q 70 -46.25 -38.01 -0.25
C TYR Q 70 -46.29 -38.95 -1.44
N SER Q 71 -45.29 -39.81 -1.54
CA SER Q 71 -45.25 -40.69 -2.71
C SER Q 71 -46.20 -41.85 -2.53
N ALA Q 72 -46.50 -42.22 -1.28
CA ALA Q 72 -47.40 -43.34 -1.06
C ALA Q 72 -48.84 -42.94 -1.41
N VAL Q 73 -49.19 -41.70 -1.10
CA VAL Q 73 -50.50 -41.15 -1.45
C VAL Q 73 -50.58 -41.02 -2.96
N ARG Q 74 -49.51 -40.51 -3.55
CA ARG Q 74 -49.44 -40.33 -4.99
C ARG Q 74 -49.65 -41.64 -5.75
N MET Q 75 -49.05 -42.71 -5.25
CA MET Q 75 -49.16 -44.03 -5.88
C MET Q 75 -50.50 -44.70 -5.58
N ALA Q 76 -50.82 -44.85 -4.31
CA ALA Q 76 -51.98 -45.63 -3.88
C ALA Q 76 -53.33 -45.08 -4.38
N ARG Q 77 -53.35 -43.80 -4.75
CA ARG Q 77 -54.58 -43.22 -5.24
C ARG Q 77 -54.92 -43.75 -6.63
N LEU Q 78 -53.92 -44.29 -7.33
CA LEU Q 78 -54.13 -44.85 -8.66
C LEU Q 78 -54.27 -46.36 -8.63
N LEU Q 79 -54.12 -46.96 -7.44
CA LEU Q 79 -54.26 -48.40 -7.30
C LEU Q 79 -55.69 -48.84 -7.52
N GLN Q 80 -55.85 -49.95 -8.23
CA GLN Q 80 -57.16 -50.49 -8.51
C GLN Q 80 -57.86 -50.96 -7.23
N PRO Q 81 -59.19 -51.11 -7.29
CA PRO Q 81 -59.90 -51.80 -6.21
C PRO Q 81 -59.25 -53.13 -5.92
N GLY Q 82 -58.91 -53.41 -4.67
CA GLY Q 82 -58.33 -54.70 -4.30
C GLY Q 82 -56.81 -54.72 -4.18
N ALA Q 83 -56.15 -53.84 -4.93
CA ALA Q 83 -54.69 -53.76 -4.94
C ALA Q 83 -54.14 -53.10 -3.69
N ARG Q 84 -52.88 -53.39 -3.37
CA ARG Q 84 -52.27 -52.87 -2.14
C ARG Q 84 -50.89 -52.28 -2.34
N LEU Q 85 -50.45 -51.56 -1.33
CA LEU Q 85 -49.14 -50.94 -1.33
C LEU Q 85 -48.46 -51.28 -0.02
N LEU Q 86 -47.18 -51.60 -0.09
CA LEU Q 86 -46.36 -51.84 1.08
C LEU Q 86 -45.23 -50.83 1.06
N THR Q 87 -45.13 -50.00 2.10
CA THR Q 87 -44.08 -49.01 2.10
C THR Q 87 -43.19 -49.17 3.33
N MET Q 88 -41.90 -48.87 3.15
CA MET Q 88 -40.91 -49.05 4.20
C MET Q 88 -40.24 -47.74 4.57
N GLU Q 89 -40.25 -47.44 5.86
CA GLU Q 89 -39.72 -46.19 6.39
C GLU Q 89 -38.84 -46.52 7.58
N ILE Q 90 -37.58 -46.14 7.51
CA ILE Q 90 -36.66 -46.56 8.57
C ILE Q 90 -36.89 -45.73 9.82
N ASN Q 91 -37.52 -44.57 9.64
CA ASN Q 91 -37.76 -43.64 10.75
C ASN Q 91 -39.13 -43.79 11.41
N PRO Q 92 -39.14 -44.20 12.69
CA PRO Q 92 -40.35 -44.41 13.48
C PRO Q 92 -41.28 -43.23 13.40
N ASP Q 93 -40.73 -42.02 13.56
CA ASP Q 93 -41.54 -40.82 13.49
C ASP Q 93 -42.21 -40.66 12.13
N CYS Q 94 -41.40 -40.57 11.07
CA CYS Q 94 -41.89 -40.43 9.71
C CYS Q 94 -42.93 -41.48 9.35
N ALA Q 95 -42.73 -42.69 9.84
CA ALA Q 95 -43.70 -43.75 9.60
C ALA Q 95 -45.05 -43.39 10.23
N ALA Q 96 -45.01 -42.89 11.48
CA ALA Q 96 -46.21 -42.48 12.19
C ALA Q 96 -46.96 -41.38 11.44
N ILE Q 97 -46.24 -40.30 11.10
CA ILE Q 97 -46.71 -39.26 10.18
C ILE Q 97 -47.34 -39.86 8.92
N THR Q 98 -46.66 -40.85 8.34
CA THR Q 98 -47.10 -41.43 7.08
C THR Q 98 -48.46 -42.11 7.24
N GLN Q 99 -48.73 -42.72 8.39
CA GLN Q 99 -49.97 -43.48 8.47
C GLN Q 99 -51.11 -42.51 8.60
N GLN Q 100 -50.86 -41.40 9.30
CA GLN Q 100 -51.88 -40.37 9.46
C GLN Q 100 -52.14 -39.70 8.12
N MET Q 101 -51.07 -39.45 7.39
CA MET Q 101 -51.16 -38.86 6.06
C MET Q 101 -52.01 -39.75 5.14
N LEU Q 102 -51.76 -41.05 5.20
CA LEU Q 102 -52.49 -42.01 4.39
C LEU Q 102 -53.93 -42.09 4.82
N ASN Q 103 -54.14 -41.99 6.13
CA ASN Q 103 -55.48 -42.09 6.71
C ASN Q 103 -56.34 -40.91 6.34
N PHE Q 104 -55.78 -39.71 6.37
CA PHE Q 104 -56.53 -38.53 5.96
C PHE Q 104 -56.93 -38.64 4.50
N ALA Q 105 -56.04 -39.15 3.66
CA ALA Q 105 -56.30 -39.23 2.23
C ALA Q 105 -57.28 -40.35 1.87
N GLY Q 106 -57.79 -41.05 2.87
CA GLY Q 106 -58.77 -42.11 2.65
C GLY Q 106 -58.17 -43.38 2.08
N LEU Q 107 -56.88 -43.56 2.32
CA LEU Q 107 -56.14 -44.64 1.70
C LEU Q 107 -55.63 -45.70 2.69
N GLN Q 108 -56.09 -45.62 3.93
CA GLN Q 108 -55.68 -46.53 5.01
C GLN Q 108 -55.73 -47.99 4.60
N ASP Q 109 -56.76 -48.35 3.83
CA ASP Q 109 -57.01 -49.75 3.50
C ASP Q 109 -56.00 -50.26 2.50
N LYS Q 110 -55.63 -49.39 1.57
CA LYS Q 110 -54.75 -49.78 0.50
C LYS Q 110 -53.29 -49.94 0.96
N VAL Q 111 -52.88 -49.17 1.96
CA VAL Q 111 -51.47 -49.16 2.33
C VAL Q 111 -51.16 -49.88 3.65
N THR Q 112 -50.00 -50.50 3.71
CA THR Q 112 -49.45 -51.05 4.93
C THR Q 112 -48.09 -50.42 5.13
N ILE Q 113 -47.80 -49.91 6.33
CA ILE Q 113 -46.50 -49.31 6.57
C ILE Q 113 -45.60 -50.16 7.47
N LEU Q 114 -44.38 -50.40 7.00
CA LEU Q 114 -43.45 -51.22 7.74
C LEU Q 114 -42.33 -50.34 8.27
N ASN Q 115 -42.17 -50.33 9.58
CA ASN Q 115 -41.09 -49.59 10.20
C ASN Q 115 -39.87 -50.50 10.28
N GLY Q 116 -38.70 -49.96 9.95
CA GLY Q 116 -37.47 -50.73 10.00
C GLY Q 116 -36.68 -50.61 8.71
N ALA Q 117 -35.58 -51.34 8.60
CA ALA Q 117 -34.71 -51.20 7.43
C ALA Q 117 -35.08 -52.18 6.35
N SER Q 118 -34.83 -51.81 5.11
CA SER Q 118 -35.11 -52.66 3.97
C SER Q 118 -34.44 -54.04 4.04
N GLN Q 119 -33.12 -54.05 4.28
CA GLN Q 119 -32.41 -55.32 4.33
C GLN Q 119 -32.96 -56.23 5.42
N ASP Q 120 -33.54 -55.66 6.49
CA ASP Q 120 -34.15 -56.47 7.56
C ASP Q 120 -35.56 -56.92 7.19
N LEU Q 121 -36.34 -56.02 6.58
CA LEU Q 121 -37.74 -56.25 6.28
C LEU Q 121 -37.99 -57.14 5.07
N ILE Q 122 -37.23 -56.92 3.99
CA ILE Q 122 -37.46 -57.64 2.74
C ILE Q 122 -37.47 -59.16 2.93
N PRO Q 123 -36.53 -59.73 3.72
CA PRO Q 123 -36.63 -61.18 3.93
C PRO Q 123 -37.93 -61.63 4.60
N GLN Q 124 -38.60 -60.72 5.31
CA GLN Q 124 -39.82 -61.07 6.03
C GLN Q 124 -41.12 -61.02 5.21
N LEU Q 125 -41.08 -60.45 4.01
CA LEU Q 125 -42.31 -60.20 3.25
C LEU Q 125 -43.10 -61.47 2.96
N LYS Q 126 -42.41 -62.56 2.67
CA LYS Q 126 -43.10 -63.79 2.29
C LYS Q 126 -43.80 -64.48 3.48
N LYS Q 127 -43.13 -64.59 4.63
CA LYS Q 127 -43.74 -65.27 5.77
C LYS Q 127 -44.59 -64.37 6.69
N LYS Q 128 -44.01 -63.28 7.20
CA LYS Q 128 -44.73 -62.39 8.10
C LYS Q 128 -45.87 -61.63 7.43
N TYR Q 129 -45.73 -61.32 6.14
CA TYR Q 129 -46.70 -60.46 5.45
C TYR Q 129 -47.35 -61.11 4.23
N ASP Q 130 -47.19 -62.42 4.10
CA ASP Q 130 -47.90 -63.22 3.09
C ASP Q 130 -47.79 -62.69 1.66
N VAL Q 131 -46.59 -62.28 1.27
CA VAL Q 131 -46.36 -61.86 -0.10
C VAL Q 131 -45.95 -63.05 -0.96
N ASP Q 132 -46.62 -63.27 -2.08
CA ASP Q 132 -46.10 -64.18 -3.07
C ASP Q 132 -45.08 -63.40 -3.89
N THR Q 133 -45.52 -62.68 -4.92
CA THR Q 133 -44.62 -61.82 -5.66
C THR Q 133 -45.09 -60.37 -5.66
N LEU Q 134 -44.12 -59.46 -5.77
CA LEU Q 134 -44.41 -58.05 -5.98
C LEU Q 134 -44.69 -57.80 -7.46
N ASP Q 135 -45.62 -56.91 -7.75
CA ASP Q 135 -45.93 -56.56 -9.13
C ASP Q 135 -45.20 -55.30 -9.57
N MET Q 136 -44.75 -54.50 -8.59
CA MET Q 136 -43.99 -53.28 -8.86
C MET Q 136 -43.23 -52.81 -7.60
N VAL Q 137 -42.05 -52.22 -7.80
CA VAL Q 137 -41.22 -51.73 -6.69
C VAL Q 137 -40.74 -50.32 -7.01
N PHE Q 138 -40.89 -49.41 -6.04
CA PHE Q 138 -40.42 -48.04 -6.21
C PHE Q 138 -39.27 -47.83 -5.24
N LEU Q 139 -38.10 -47.46 -5.76
CA LEU Q 139 -36.89 -47.30 -4.96
C LEU Q 139 -36.55 -45.85 -4.72
N ASP Q 140 -36.62 -45.43 -3.46
CA ASP Q 140 -36.23 -44.06 -3.12
C ASP Q 140 -35.58 -43.99 -1.74
N HIS Q 141 -34.82 -45.01 -1.36
CA HIS Q 141 -34.24 -44.96 -0.03
C HIS Q 141 -32.77 -44.63 -0.17
N TRP Q 142 -31.89 -45.34 0.53
CA TRP Q 142 -30.46 -45.05 0.44
C TRP Q 142 -29.89 -45.51 -0.91
N LYS Q 143 -29.10 -44.67 -1.57
CA LYS Q 143 -28.60 -45.01 -2.92
C LYS Q 143 -27.72 -46.29 -2.93
N ASP Q 144 -26.89 -46.45 -1.91
CA ASP Q 144 -26.02 -47.61 -1.84
C ASP Q 144 -26.80 -48.89 -1.49
N ARG Q 145 -28.09 -48.78 -1.21
CA ARG Q 145 -28.88 -49.98 -0.98
C ARG Q 145 -29.68 -50.45 -2.19
N TYR Q 146 -29.72 -49.68 -3.29
CA TYR Q 146 -30.50 -50.08 -4.48
C TYR Q 146 -30.02 -51.40 -5.08
N LEU Q 147 -28.73 -51.51 -5.31
CA LEU Q 147 -28.21 -52.73 -5.92
C LEU Q 147 -28.41 -53.90 -4.98
N PRO Q 148 -27.86 -53.81 -3.74
CA PRO Q 148 -28.05 -54.98 -2.87
C PRO Q 148 -29.52 -55.32 -2.56
N ASP Q 149 -30.42 -54.34 -2.51
CA ASP Q 149 -31.81 -54.64 -2.17
C ASP Q 149 -32.53 -55.26 -3.36
N THR Q 150 -32.04 -54.98 -4.56
CA THR Q 150 -32.60 -55.58 -5.77
C THR Q 150 -32.28 -57.06 -5.86
N LEU Q 151 -31.02 -57.37 -5.63
CA LEU Q 151 -30.58 -58.75 -5.60
C LEU Q 151 -31.26 -59.50 -4.48
N LEU Q 152 -31.43 -58.80 -3.36
CA LEU Q 152 -32.09 -59.36 -2.20
C LEU Q 152 -33.54 -59.72 -2.51
N LEU Q 153 -34.22 -58.88 -3.29
CA LEU Q 153 -35.56 -59.21 -3.81
C LEU Q 153 -35.52 -60.44 -4.71
N GLU Q 154 -34.53 -60.50 -5.60
CA GLU Q 154 -34.32 -61.64 -6.48
C GLU Q 154 -34.11 -62.94 -5.70
N GLU Q 155 -33.24 -62.88 -4.70
CA GLU Q 155 -32.88 -64.06 -3.93
C GLU Q 155 -34.06 -64.58 -3.11
N CYS Q 156 -34.97 -63.68 -2.75
CA CYS Q 156 -36.11 -64.05 -1.92
C CYS Q 156 -37.30 -64.46 -2.78
N GLY Q 157 -37.13 -64.38 -4.09
CA GLY Q 157 -38.18 -64.77 -5.01
C GLY Q 157 -39.42 -63.89 -4.98
N LEU Q 158 -39.22 -62.61 -4.72
CA LEU Q 158 -40.32 -61.65 -4.65
C LEU Q 158 -40.62 -60.98 -6.00
N LEU Q 159 -39.66 -60.99 -6.92
CA LEU Q 159 -39.88 -60.51 -8.29
C LEU Q 159 -40.33 -61.66 -9.18
N ARG Q 160 -41.19 -61.35 -10.14
CA ARG Q 160 -41.63 -62.31 -11.12
C ARG Q 160 -41.49 -61.68 -12.49
N LYS Q 161 -41.70 -62.44 -13.56
CA LYS Q 161 -41.56 -61.90 -14.90
C LYS Q 161 -42.58 -60.80 -15.15
N GLY Q 162 -42.10 -59.61 -15.51
CA GLY Q 162 -42.96 -58.46 -15.76
C GLY Q 162 -43.00 -57.46 -14.62
N THR Q 163 -42.44 -57.86 -13.47
CA THR Q 163 -42.34 -56.97 -12.33
C THR Q 163 -41.60 -55.68 -12.70
N VAL Q 164 -42.22 -54.55 -12.41
CA VAL Q 164 -41.63 -53.25 -12.69
C VAL Q 164 -40.80 -52.72 -11.52
N LEU Q 165 -39.52 -52.48 -11.74
CA LEU Q 165 -38.74 -51.70 -10.80
C LEU Q 165 -38.64 -50.28 -11.30
N LEU Q 166 -38.95 -49.31 -10.45
CA LEU Q 166 -38.87 -47.90 -10.81
C LEU Q 166 -38.01 -47.21 -9.79
N ALA Q 167 -36.77 -46.86 -10.17
CA ALA Q 167 -35.84 -46.25 -9.21
C ALA Q 167 -35.71 -44.76 -9.43
N ASP Q 168 -35.72 -44.03 -8.33
CA ASP Q 168 -35.55 -42.58 -8.37
C ASP Q 168 -34.08 -42.18 -8.17
N ASN Q 169 -33.74 -41.00 -8.66
CA ASN Q 169 -32.46 -40.36 -8.36
C ASN Q 169 -31.26 -41.11 -8.89
N VAL Q 170 -31.46 -41.80 -10.01
CA VAL Q 170 -30.39 -42.61 -10.59
C VAL Q 170 -29.40 -41.72 -11.32
N ILE Q 171 -29.70 -40.43 -11.42
CA ILE Q 171 -28.71 -39.49 -11.97
C ILE Q 171 -28.18 -38.52 -10.92
N VAL Q 172 -29.08 -37.87 -10.18
CA VAL Q 172 -28.69 -36.91 -9.12
C VAL Q 172 -29.27 -37.33 -7.76
N PRO Q 173 -28.39 -37.67 -6.80
CA PRO Q 173 -26.93 -37.61 -6.85
C PRO Q 173 -26.33 -38.69 -7.75
N GLY Q 174 -27.07 -39.77 -7.98
CA GLY Q 174 -26.67 -40.81 -8.90
C GLY Q 174 -26.57 -42.18 -8.27
N THR Q 175 -27.16 -43.18 -8.88
CA THR Q 175 -26.92 -44.57 -8.48
C THR Q 175 -26.22 -45.36 -9.57
N PRO Q 176 -24.93 -45.05 -9.81
CA PRO Q 176 -24.22 -45.62 -10.96
C PRO Q 176 -24.09 -47.17 -10.93
N ASP Q 177 -23.84 -47.75 -9.77
CA ASP Q 177 -23.76 -49.21 -9.63
C ASP Q 177 -25.07 -49.90 -9.98
N PHE Q 178 -26.19 -49.38 -9.46
CA PHE Q 178 -27.50 -49.94 -9.76
C PHE Q 178 -27.80 -49.89 -11.26
N LEU Q 179 -27.61 -48.72 -11.88
CA LEU Q 179 -27.88 -48.58 -13.31
C LEU Q 179 -27.02 -49.52 -14.15
N ALA Q 180 -25.71 -49.53 -13.87
CA ALA Q 180 -24.78 -50.46 -14.49
C ALA Q 180 -25.35 -51.87 -14.47
N TYR Q 181 -25.80 -52.30 -13.29
CA TYR Q 181 -26.29 -53.66 -13.13
C TYR Q 181 -27.54 -53.94 -13.96
N VAL Q 182 -28.62 -53.19 -13.72
CA VAL Q 182 -29.86 -53.49 -14.44
C VAL Q 182 -29.75 -53.22 -15.93
N ARG Q 183 -29.00 -52.21 -16.34
CA ARG Q 183 -28.79 -52.02 -17.78
C ARG Q 183 -28.01 -53.21 -18.37
N GLY Q 184 -26.83 -53.48 -17.83
CA GLY Q 184 -26.00 -54.60 -18.25
C GLY Q 184 -26.61 -55.99 -18.17
N SER Q 185 -27.42 -56.23 -17.15
CA SER Q 185 -27.97 -57.57 -16.90
C SER Q 185 -29.09 -57.96 -17.86
N SER Q 186 -29.06 -59.22 -18.30
CA SER Q 186 -30.11 -59.78 -19.16
C SER Q 186 -31.43 -59.99 -18.42
N SER Q 187 -31.36 -59.95 -17.09
CA SER Q 187 -32.52 -60.07 -16.22
C SER Q 187 -33.46 -58.86 -16.30
N PHE Q 188 -33.00 -57.75 -16.88
CA PHE Q 188 -33.80 -56.53 -16.86
C PHE Q 188 -33.89 -55.79 -18.19
N GLU Q 189 -35.11 -55.39 -18.55
CA GLU Q 189 -35.34 -54.50 -19.69
C GLU Q 189 -35.58 -53.07 -19.20
N CYS Q 190 -34.69 -52.15 -19.53
CA CYS Q 190 -34.72 -50.81 -18.94
C CYS Q 190 -35.17 -49.71 -19.88
N THR Q 191 -36.10 -48.88 -19.40
CA THR Q 191 -36.32 -47.57 -19.99
C THR Q 191 -35.81 -46.49 -19.01
N HIS Q 192 -35.25 -45.40 -19.53
CA HIS Q 192 -34.92 -44.22 -18.70
C HIS Q 192 -35.91 -43.08 -18.93
N TYR Q 193 -36.19 -42.30 -17.88
CA TYR Q 193 -37.11 -41.15 -17.97
C TYR Q 193 -36.48 -39.91 -17.38
N SER Q 194 -36.26 -38.91 -18.22
CA SER Q 194 -35.66 -37.66 -17.75
C SER Q 194 -36.63 -36.81 -16.94
N SER Q 195 -36.06 -36.08 -15.99
CA SER Q 195 -36.80 -35.27 -15.05
C SER Q 195 -36.16 -33.87 -14.97
N TYR Q 196 -36.75 -32.88 -15.62
CA TYR Q 196 -36.11 -31.57 -15.65
C TYR Q 196 -36.46 -30.72 -14.45
N LEU Q 197 -35.57 -30.69 -13.46
CA LEU Q 197 -35.78 -29.90 -12.26
C LEU Q 197 -35.34 -28.45 -12.47
N GLU Q 198 -34.32 -28.24 -13.29
CA GLU Q 198 -33.81 -26.90 -13.54
C GLU Q 198 -33.13 -26.83 -14.89
N TYR Q 199 -33.33 -25.74 -15.62
CA TYR Q 199 -32.79 -25.62 -16.97
C TYR Q 199 -31.29 -25.93 -17.00
N MET Q 200 -30.86 -26.78 -17.94
CA MET Q 200 -29.43 -27.07 -18.16
C MET Q 200 -28.59 -27.64 -17.00
N LYS Q 201 -29.01 -27.50 -15.75
CA LYS Q 201 -28.10 -27.82 -14.63
C LYS Q 201 -28.66 -28.82 -13.59
N VAL Q 202 -29.96 -29.03 -13.56
CA VAL Q 202 -30.46 -30.11 -12.72
C VAL Q 202 -31.39 -31.00 -13.51
N VAL Q 203 -30.81 -31.97 -14.19
CA VAL Q 203 -31.61 -32.97 -14.89
C VAL Q 203 -31.43 -34.32 -14.20
N ASP Q 204 -32.46 -34.78 -13.50
CA ASP Q 204 -32.37 -36.07 -12.84
C ASP Q 204 -33.09 -37.08 -13.71
N GLY Q 205 -33.58 -38.17 -13.12
CA GLY Q 205 -34.31 -39.12 -13.91
C GLY Q 205 -34.62 -40.37 -13.15
N LEU Q 206 -35.59 -41.12 -13.65
CA LEU Q 206 -35.94 -42.43 -13.12
C LEU Q 206 -35.58 -43.52 -14.10
N GLU Q 207 -35.25 -44.70 -13.58
CA GLU Q 207 -35.01 -45.82 -14.45
C GLU Q 207 -36.14 -46.81 -14.21
N LYS Q 208 -36.84 -47.18 -15.27
CA LYS Q 208 -37.77 -48.30 -15.20
C LYS Q 208 -37.02 -49.56 -15.64
N ALA Q 209 -36.92 -50.55 -14.76
CA ALA Q 209 -36.29 -51.81 -15.11
C ALA Q 209 -37.29 -52.92 -14.88
N ILE Q 210 -37.62 -53.63 -15.96
CA ILE Q 210 -38.64 -54.68 -15.89
C ILE Q 210 -37.98 -56.05 -15.81
N TYR Q 211 -38.10 -56.69 -14.65
CA TYR Q 211 -37.55 -58.02 -14.43
C TYR Q 211 -38.08 -59.04 -15.41
N GLN Q 212 -37.18 -59.76 -16.07
CA GLN Q 212 -37.54 -60.69 -17.14
C GLN Q 212 -37.52 -62.12 -16.66
N GLY Q 213 -37.41 -62.31 -15.35
CA GLY Q 213 -37.46 -63.65 -14.76
C GLY Q 213 -36.21 -64.47 -15.01
N PRO Q 214 -36.13 -65.65 -14.37
CA PRO Q 214 -35.04 -66.59 -14.65
C PRO Q 214 -34.96 -67.02 -16.13
N SER Q 215 -33.83 -67.62 -16.51
CA SER Q 215 -33.65 -68.11 -17.87
C SER Q 215 -33.79 -69.64 -17.93
N SER Q 216 -33.79 -70.18 -19.14
CA SER Q 216 -33.98 -71.62 -19.32
C SER Q 216 -33.38 -72.12 -20.64
N GLY R 1 -37.51 -65.95 -23.22
CA GLY R 1 -36.32 -65.18 -22.90
C GLY R 1 -35.03 -65.95 -23.12
N ASP R 2 -34.22 -65.49 -24.09
CA ASP R 2 -32.94 -66.12 -24.39
C ASP R 2 -31.77 -65.18 -24.10
N THR R 3 -31.18 -65.27 -22.91
CA THR R 3 -30.19 -64.30 -22.45
C THR R 3 -28.95 -64.30 -23.34
N LYS R 4 -28.21 -63.20 -23.33
CA LYS R 4 -27.07 -63.11 -24.21
C LYS R 4 -25.93 -64.01 -23.74
N GLU R 5 -25.87 -64.27 -22.44
CA GLU R 5 -24.87 -65.20 -21.91
C GLU R 5 -25.11 -66.56 -22.51
N GLN R 6 -26.38 -66.90 -22.67
CA GLN R 6 -26.73 -68.17 -23.28
C GLN R 6 -26.24 -68.19 -24.73
N ARG R 7 -26.44 -67.07 -25.44
CA ARG R 7 -26.00 -66.96 -26.82
C ARG R 7 -24.47 -67.07 -26.94
N ILE R 8 -23.77 -66.53 -25.95
CA ILE R 8 -22.31 -66.61 -25.92
C ILE R 8 -21.90 -68.07 -25.72
N LEU R 9 -22.44 -68.71 -24.69
CA LEU R 9 -22.14 -70.12 -24.44
C LEU R 9 -22.44 -70.99 -25.67
N ARG R 10 -23.51 -70.66 -26.37
CA ARG R 10 -23.89 -71.40 -27.57
C ARG R 10 -22.88 -71.17 -28.68
N TYR R 11 -22.56 -69.90 -28.90
CA TYR R 11 -21.61 -69.57 -29.93
C TYR R 11 -20.31 -70.32 -29.69
N VAL R 12 -19.92 -70.48 -28.43
CA VAL R 12 -18.71 -71.22 -28.08
C VAL R 12 -18.80 -72.71 -28.42
N GLN R 13 -19.91 -73.33 -28.03
CA GLN R 13 -20.08 -74.76 -28.24
C GLN R 13 -20.16 -75.09 -29.72
N GLN R 14 -20.53 -74.11 -30.54
CA GLN R 14 -20.71 -74.33 -31.97
C GLN R 14 -19.53 -73.86 -32.83
N ASN R 15 -18.51 -73.29 -32.21
CA ASN R 15 -17.40 -72.78 -33.00
C ASN R 15 -16.01 -73.05 -32.44
N ALA R 16 -15.95 -73.59 -31.23
CA ALA R 16 -14.67 -73.76 -30.55
C ALA R 16 -14.32 -75.23 -30.39
N LYS R 17 -13.01 -75.50 -30.34
CA LYS R 17 -12.48 -76.86 -30.15
C LYS R 17 -12.60 -77.29 -28.70
N PRO R 18 -13.39 -78.35 -28.45
CA PRO R 18 -13.60 -78.83 -27.08
C PRO R 18 -12.27 -79.23 -26.44
N GLY R 19 -12.05 -78.79 -25.20
CA GLY R 19 -10.83 -79.11 -24.49
C GLY R 19 -9.70 -78.10 -24.72
N ASP R 20 -9.97 -77.11 -25.56
CA ASP R 20 -8.97 -76.09 -25.89
C ASP R 20 -9.34 -74.70 -25.32
N PRO R 21 -8.79 -74.38 -24.14
CA PRO R 21 -8.95 -73.08 -23.48
C PRO R 21 -8.68 -71.86 -24.38
N GLN R 22 -7.63 -71.89 -25.17
CA GLN R 22 -7.33 -70.75 -26.03
C GLN R 22 -8.46 -70.55 -27.04
N SER R 23 -8.94 -71.67 -27.57
CA SER R 23 -10.02 -71.66 -28.57
C SER R 23 -11.35 -71.16 -27.97
N VAL R 24 -11.62 -71.53 -26.71
CA VAL R 24 -12.80 -71.06 -26.00
C VAL R 24 -12.76 -69.54 -25.84
N LEU R 25 -11.59 -69.04 -25.44
CA LEU R 25 -11.37 -67.61 -25.28
C LEU R 25 -11.56 -66.84 -26.57
N GLU R 26 -10.95 -67.32 -27.65
CA GLU R 26 -11.00 -66.65 -28.94
C GLU R 26 -12.41 -66.56 -29.46
N ALA R 27 -13.18 -67.62 -29.24
CA ALA R 27 -14.57 -67.64 -29.66
C ALA R 27 -15.29 -66.46 -29.03
N ILE R 28 -15.17 -66.37 -27.71
CA ILE R 28 -15.83 -65.33 -26.94
C ILE R 28 -15.41 -63.91 -27.38
N ASP R 29 -14.12 -63.69 -27.60
CA ASP R 29 -13.64 -62.39 -28.08
C ASP R 29 -14.28 -62.06 -29.41
N THR R 30 -14.36 -63.06 -30.29
CA THR R 30 -14.93 -62.88 -31.62
C THR R 30 -16.42 -62.59 -31.51
N TYR R 31 -17.12 -63.35 -30.66
CA TYR R 31 -18.54 -63.10 -30.48
C TYR R 31 -18.75 -61.69 -29.93
N CYS R 32 -17.80 -61.22 -29.13
CA CYS R 32 -17.96 -59.94 -28.47
C CYS R 32 -17.74 -58.76 -29.41
N THR R 33 -16.91 -58.92 -30.43
CA THR R 33 -16.76 -57.84 -31.41
C THR R 33 -17.88 -57.89 -32.44
N GLN R 34 -18.37 -59.10 -32.71
CA GLN R 34 -19.44 -59.30 -33.67
C GLN R 34 -20.74 -58.68 -33.18
N LYS R 35 -21.06 -58.97 -31.93
CA LYS R 35 -22.34 -58.56 -31.35
C LYS R 35 -22.15 -57.39 -30.37
N GLU R 36 -21.02 -56.71 -30.52
CA GLU R 36 -20.69 -55.50 -29.75
C GLU R 36 -21.03 -55.60 -28.25
N TRP R 37 -20.34 -56.50 -27.56
CA TRP R 37 -20.44 -56.70 -26.12
C TRP R 37 -19.00 -56.73 -25.57
N ALA R 38 -18.83 -57.05 -24.29
CA ALA R 38 -17.48 -57.19 -23.75
C ALA R 38 -17.47 -58.10 -22.53
N MET R 39 -16.29 -58.64 -22.21
CA MET R 39 -16.16 -59.40 -20.98
C MET R 39 -15.66 -58.54 -19.82
N ASN R 40 -15.49 -59.17 -18.66
CA ASN R 40 -15.04 -58.43 -17.49
C ASN R 40 -13.56 -58.03 -17.59
N VAL R 41 -12.79 -58.70 -18.45
CA VAL R 41 -11.40 -58.32 -18.65
C VAL R 41 -11.09 -58.31 -20.14
N GLY R 42 -10.30 -57.34 -20.55
CA GLY R 42 -9.97 -57.16 -21.95
C GLY R 42 -8.68 -57.85 -22.28
N ASP R 43 -8.20 -57.63 -23.50
CA ASP R 43 -6.95 -58.26 -23.91
C ASP R 43 -5.79 -57.77 -23.04
N ALA R 44 -5.75 -56.45 -22.80
CA ALA R 44 -4.66 -55.83 -22.06
C ALA R 44 -4.60 -56.32 -20.62
N LYS R 45 -5.76 -56.50 -19.99
CA LYS R 45 -5.78 -56.91 -18.59
C LYS R 45 -5.52 -58.40 -18.49
N GLY R 46 -5.98 -59.13 -19.50
CA GLY R 46 -5.73 -60.55 -19.59
C GLY R 46 -4.25 -60.86 -19.64
N GLN R 47 -3.48 -60.02 -20.31
CA GLN R 47 -2.05 -60.23 -20.41
C GLN R 47 -1.37 -59.87 -19.11
N ILE R 48 -1.99 -59.00 -18.33
CA ILE R 48 -1.46 -58.69 -17.00
C ILE R 48 -1.78 -59.82 -16.02
N MET R 49 -3.00 -60.38 -16.11
CA MET R 49 -3.41 -61.50 -15.25
C MET R 49 -2.48 -62.67 -15.52
N ASP R 50 -2.26 -62.91 -16.80
CA ASP R 50 -1.42 -63.99 -17.28
C ASP R 50 0.00 -63.88 -16.74
N ALA R 51 0.56 -62.68 -16.79
CA ALA R 51 1.91 -62.45 -16.28
C ALA R 51 2.01 -62.81 -14.81
N VAL R 52 1.04 -62.33 -14.01
CA VAL R 52 1.05 -62.50 -12.56
C VAL R 52 0.96 -63.98 -12.18
N ILE R 53 0.01 -64.70 -12.78
CA ILE R 53 -0.13 -66.12 -12.51
C ILE R 53 1.18 -66.86 -12.81
N ARG R 54 1.75 -66.57 -13.97
CA ARG R 54 3.05 -67.12 -14.33
C ARG R 54 4.13 -66.79 -13.30
N GLU R 55 4.16 -65.55 -12.81
CA GLU R 55 5.22 -65.15 -11.89
C GLU R 55 5.10 -65.80 -10.50
N TYR R 56 3.90 -66.21 -10.12
CA TYR R 56 3.67 -66.69 -8.75
C TYR R 56 3.26 -68.16 -8.70
N SER R 57 2.74 -68.68 -9.81
CA SER R 57 2.30 -70.07 -9.90
C SER R 57 1.44 -70.49 -8.72
N PRO R 58 0.32 -69.77 -8.48
CA PRO R 58 -0.51 -70.07 -7.31
C PRO R 58 -1.05 -71.48 -7.30
N SER R 59 -0.99 -72.12 -6.15
CA SER R 59 -1.52 -73.47 -6.01
C SER R 59 -3.03 -73.41 -5.82
N LEU R 60 -3.53 -72.34 -5.20
CA LEU R 60 -4.98 -72.16 -5.01
C LEU R 60 -5.42 -70.72 -5.29
N VAL R 61 -6.29 -70.54 -6.27
CA VAL R 61 -6.72 -69.20 -6.65
C VAL R 61 -8.19 -68.96 -6.32
N LEU R 62 -8.48 -67.79 -5.78
CA LEU R 62 -9.85 -67.40 -5.54
C LEU R 62 -10.21 -66.25 -6.45
N GLU R 63 -11.30 -66.42 -7.18
CA GLU R 63 -11.86 -65.35 -8.02
C GLU R 63 -13.23 -64.95 -7.49
N LEU R 64 -13.46 -63.65 -7.36
CA LEU R 64 -14.75 -63.09 -6.95
C LEU R 64 -15.44 -62.38 -8.09
N GLY R 65 -16.49 -63.01 -8.63
CA GLY R 65 -17.23 -62.42 -9.72
C GLY R 65 -16.92 -63.08 -11.05
N ALA R 66 -17.41 -64.29 -11.22
CA ALA R 66 -17.15 -65.10 -12.41
C ALA R 66 -17.72 -64.52 -13.71
N TYR R 67 -18.91 -63.94 -13.63
CA TYR R 67 -19.73 -63.62 -14.81
C TYR R 67 -19.80 -64.86 -15.72
N CYS R 68 -19.16 -64.84 -16.88
CA CYS R 68 -19.30 -65.94 -17.82
C CYS R 68 -18.25 -67.02 -17.64
N GLY R 69 -17.25 -66.74 -16.83
CA GLY R 69 -16.13 -67.67 -16.66
C GLY R 69 -14.99 -67.37 -17.62
N TYR R 70 -15.16 -66.35 -18.45
CA TYR R 70 -14.08 -65.89 -19.33
C TYR R 70 -12.75 -65.75 -18.58
N SER R 71 -12.73 -64.96 -17.50
CA SER R 71 -11.50 -64.80 -16.73
C SER R 71 -11.10 -66.10 -16.00
N ALA R 72 -12.04 -66.96 -15.66
CA ALA R 72 -11.70 -68.23 -15.01
C ALA R 72 -10.95 -69.15 -15.98
N VAL R 73 -11.48 -69.31 -17.18
CA VAL R 73 -10.77 -70.02 -18.21
C VAL R 73 -9.41 -69.36 -18.44
N ARG R 74 -9.42 -68.04 -18.52
CA ARG R 74 -8.20 -67.25 -18.71
C ARG R 74 -7.12 -67.62 -17.68
N MET R 75 -7.54 -67.87 -16.44
CA MET R 75 -6.60 -68.16 -15.35
C MET R 75 -6.24 -69.65 -15.20
N ALA R 76 -7.27 -70.49 -15.11
CA ALA R 76 -7.10 -71.91 -14.86
C ALA R 76 -6.14 -72.55 -15.85
N ARG R 77 -6.27 -72.15 -17.10
CA ARG R 77 -5.42 -72.63 -18.17
C ARG R 77 -3.94 -72.36 -17.94
N LEU R 78 -3.60 -71.54 -16.94
CA LEU R 78 -2.21 -71.23 -16.67
C LEU R 78 -1.74 -71.83 -15.35
N LEU R 79 -2.65 -72.48 -14.64
CA LEU R 79 -2.28 -73.11 -13.38
C LEU R 79 -1.50 -74.39 -13.64
N GLN R 80 -0.49 -74.64 -12.80
CA GLN R 80 0.29 -75.87 -12.81
C GLN R 80 -0.60 -77.07 -12.48
N PRO R 81 -0.09 -78.30 -12.69
CA PRO R 81 -0.81 -79.51 -12.27
C PRO R 81 -1.01 -79.61 -10.75
N GLY R 82 -2.21 -80.00 -10.34
CA GLY R 82 -2.58 -80.02 -8.92
C GLY R 82 -3.33 -78.78 -8.51
N ALA R 83 -2.76 -77.61 -8.82
CA ALA R 83 -3.37 -76.31 -8.55
C ALA R 83 -4.84 -76.22 -8.97
N ARG R 84 -5.58 -75.40 -8.25
CA ARG R 84 -7.04 -75.37 -8.33
C ARG R 84 -7.57 -73.91 -8.23
N LEU R 85 -8.70 -73.63 -8.88
CA LEU R 85 -9.30 -72.30 -8.84
C LEU R 85 -10.75 -72.32 -8.35
N LEU R 86 -11.05 -71.57 -7.30
CA LEU R 86 -12.41 -71.37 -6.83
C LEU R 86 -12.96 -70.06 -7.34
N THR R 87 -14.14 -70.09 -7.93
CA THR R 87 -14.72 -68.85 -8.42
C THR R 87 -16.16 -68.66 -7.90
N MET R 88 -16.47 -67.43 -7.46
CA MET R 88 -17.77 -67.11 -6.88
C MET R 88 -18.60 -66.22 -7.80
N GLU R 89 -19.83 -66.63 -8.06
CA GLU R 89 -20.75 -65.87 -8.89
C GLU R 89 -22.08 -65.68 -8.18
N ILE R 90 -22.52 -64.44 -8.07
CA ILE R 90 -23.70 -64.12 -7.27
C ILE R 90 -24.99 -64.48 -8.04
N ASN R 91 -24.94 -64.40 -9.36
CA ASN R 91 -26.09 -64.72 -10.20
C ASN R 91 -26.11 -66.22 -10.57
N PRO R 92 -27.19 -66.92 -10.21
CA PRO R 92 -27.33 -68.35 -10.49
C PRO R 92 -27.31 -68.69 -11.97
N ASP R 93 -27.82 -67.80 -12.81
CA ASP R 93 -27.81 -68.05 -14.26
C ASP R 93 -26.39 -68.13 -14.78
N CYS R 94 -25.62 -67.10 -14.46
CA CYS R 94 -24.23 -67.00 -14.90
C CYS R 94 -23.38 -68.15 -14.39
N ALA R 95 -23.46 -68.43 -13.09
CA ALA R 95 -22.74 -69.53 -12.46
C ALA R 95 -22.94 -70.84 -13.20
N ALA R 96 -24.14 -71.02 -13.76
CA ALA R 96 -24.47 -72.22 -14.54
C ALA R 96 -23.86 -72.16 -15.94
N ILE R 97 -23.88 -70.97 -16.53
CA ILE R 97 -23.17 -70.73 -17.78
C ILE R 97 -21.68 -71.03 -17.59
N THR R 98 -21.13 -70.52 -16.49
CA THR R 98 -19.70 -70.61 -16.22
C THR R 98 -19.22 -72.06 -16.06
N GLN R 99 -20.11 -72.93 -15.59
CA GLN R 99 -19.76 -74.35 -15.46
C GLN R 99 -19.73 -74.98 -16.82
N GLN R 100 -20.77 -74.75 -17.61
CA GLN R 100 -20.84 -75.25 -18.97
C GLN R 100 -19.64 -74.75 -19.79
N MET R 101 -19.34 -73.47 -19.65
CA MET R 101 -18.16 -72.88 -20.25
C MET R 101 -16.88 -73.65 -19.87
N LEU R 102 -16.68 -73.89 -18.58
CA LEU R 102 -15.49 -74.60 -18.11
C LEU R 102 -15.52 -76.08 -18.50
N ASN R 103 -16.70 -76.68 -18.40
CA ASN R 103 -16.91 -78.07 -18.81
C ASN R 103 -16.48 -78.23 -20.25
N PHE R 104 -16.80 -77.24 -21.07
CA PHE R 104 -16.44 -77.29 -22.48
C PHE R 104 -14.93 -77.16 -22.65
N ALA R 105 -14.32 -76.23 -21.92
CA ALA R 105 -12.88 -75.99 -22.04
C ALA R 105 -12.03 -77.11 -21.44
N GLY R 106 -12.67 -78.11 -20.86
CA GLY R 106 -11.96 -79.23 -20.26
C GLY R 106 -11.24 -78.84 -18.99
N LEU R 107 -11.89 -77.99 -18.21
CA LEU R 107 -11.30 -77.48 -16.97
C LEU R 107 -12.19 -77.73 -15.74
N GLN R 108 -13.25 -78.52 -15.92
CA GLN R 108 -14.20 -78.84 -14.84
C GLN R 108 -13.55 -79.44 -13.60
N ASP R 109 -12.37 -80.03 -13.76
CA ASP R 109 -11.67 -80.69 -12.66
C ASP R 109 -10.63 -79.79 -12.01
N LYS R 110 -10.29 -78.71 -12.70
CA LYS R 110 -9.34 -77.73 -12.17
C LYS R 110 -10.06 -76.59 -11.45
N VAL R 111 -11.35 -76.41 -11.75
CA VAL R 111 -12.12 -75.27 -11.24
C VAL R 111 -13.45 -75.62 -10.58
N THR R 112 -13.68 -75.04 -9.41
CA THR R 112 -14.93 -75.13 -8.68
C THR R 112 -15.69 -73.79 -8.68
N ILE R 113 -16.97 -73.83 -9.05
CA ILE R 113 -17.77 -72.62 -9.17
C ILE R 113 -18.81 -72.50 -8.08
N LEU R 114 -18.61 -71.50 -7.22
CA LEU R 114 -19.50 -71.30 -6.09
C LEU R 114 -20.56 -70.26 -6.41
N ASN R 115 -21.82 -70.60 -6.14
CA ASN R 115 -22.91 -69.63 -6.28
C ASN R 115 -23.31 -68.99 -4.95
N GLY R 116 -23.10 -67.68 -4.83
CA GLY R 116 -23.52 -66.93 -3.66
C GLY R 116 -22.90 -65.55 -3.63
N ALA R 117 -23.28 -64.73 -2.65
CA ALA R 117 -22.56 -63.49 -2.43
C ALA R 117 -21.31 -63.81 -1.64
N SER R 118 -20.23 -63.09 -1.94
CA SER R 118 -18.93 -63.30 -1.31
C SER R 118 -18.94 -63.25 0.21
N GLN R 119 -19.65 -62.29 0.79
CA GLN R 119 -19.69 -62.14 2.25
C GLN R 119 -20.25 -63.39 2.91
N ASP R 120 -21.07 -64.15 2.20
CA ASP R 120 -21.61 -65.40 2.71
C ASP R 120 -20.64 -66.55 2.49
N LEU R 121 -20.05 -66.61 1.30
CA LEU R 121 -19.25 -67.77 0.88
C LEU R 121 -17.87 -67.86 1.55
N ILE R 122 -17.16 -66.73 1.58
CA ILE R 122 -15.80 -66.68 2.13
C ILE R 122 -15.72 -67.35 3.50
N PRO R 123 -16.61 -67.01 4.45
CA PRO R 123 -16.44 -67.65 5.76
C PRO R 123 -16.70 -69.14 5.74
N GLN R 124 -17.23 -69.69 4.64
CA GLN R 124 -17.45 -71.13 4.52
C GLN R 124 -16.28 -71.87 3.90
N LEU R 125 -15.29 -71.11 3.41
CA LEU R 125 -14.23 -71.71 2.58
C LEU R 125 -13.36 -72.71 3.33
N LYS R 126 -13.14 -72.49 4.63
CA LYS R 126 -12.26 -73.37 5.39
C LYS R 126 -12.97 -74.65 5.81
N LYS R 127 -14.17 -74.54 6.37
CA LYS R 127 -14.84 -75.73 6.88
C LYS R 127 -15.67 -76.47 5.83
N LYS R 128 -16.17 -75.76 4.82
CA LYS R 128 -17.04 -76.40 3.84
C LYS R 128 -16.36 -76.78 2.52
N TYR R 129 -15.25 -76.14 2.18
CA TYR R 129 -14.58 -76.42 0.90
C TYR R 129 -13.12 -76.81 1.07
N ASP R 130 -12.75 -77.15 2.31
CA ASP R 130 -11.43 -77.61 2.71
C ASP R 130 -10.27 -76.82 2.10
N VAL R 131 -10.10 -75.62 2.62
CA VAL R 131 -9.04 -74.72 2.19
C VAL R 131 -8.17 -74.38 3.39
N ASP R 132 -6.87 -74.50 3.24
CA ASP R 132 -5.97 -73.99 4.26
C ASP R 132 -5.82 -72.49 4.07
N THR R 133 -5.04 -72.10 3.08
CA THR R 133 -4.90 -70.69 2.71
C THR R 133 -4.92 -70.52 1.20
N LEU R 134 -5.31 -69.32 0.75
CA LEU R 134 -5.32 -68.99 -0.65
C LEU R 134 -3.94 -68.50 -1.08
N ASP R 135 -3.61 -68.72 -2.35
CA ASP R 135 -2.29 -68.34 -2.86
C ASP R 135 -2.41 -67.05 -3.67
N MET R 136 -3.59 -66.85 -4.22
CA MET R 136 -3.90 -65.69 -5.04
C MET R 136 -5.40 -65.43 -5.01
N VAL R 137 -5.78 -64.16 -4.94
CA VAL R 137 -7.17 -63.74 -5.02
C VAL R 137 -7.34 -62.73 -6.14
N PHE R 138 -8.29 -62.98 -7.04
CA PHE R 138 -8.62 -62.01 -8.10
C PHE R 138 -9.98 -61.33 -7.88
N LEU R 139 -9.98 -60.03 -7.68
CA LEU R 139 -11.20 -59.30 -7.33
C LEU R 139 -11.81 -58.63 -8.56
N ASP R 140 -13.02 -59.02 -8.91
CA ASP R 140 -13.69 -58.34 -9.99
C ASP R 140 -15.21 -58.35 -9.84
N HIS R 141 -15.67 -58.21 -8.59
CA HIS R 141 -17.09 -58.09 -8.29
C HIS R 141 -17.48 -56.65 -7.96
N TRP R 142 -18.32 -56.45 -6.95
CA TRP R 142 -18.83 -55.11 -6.66
C TRP R 142 -17.77 -54.19 -6.08
N LYS R 143 -17.70 -52.99 -6.64
CA LYS R 143 -16.77 -51.96 -6.20
C LYS R 143 -16.74 -51.82 -4.67
N ASP R 144 -17.91 -51.79 -4.04
CA ASP R 144 -17.98 -51.45 -2.61
C ASP R 144 -17.63 -52.61 -1.70
N ARG R 145 -17.46 -53.78 -2.28
CA ARG R 145 -17.20 -54.98 -1.49
C ARG R 145 -15.73 -55.38 -1.50
N TYR R 146 -14.90 -54.70 -2.31
CA TYR R 146 -13.46 -54.98 -2.35
C TYR R 146 -12.83 -54.89 -0.96
N LEU R 147 -12.96 -53.74 -0.31
CA LEU R 147 -12.30 -53.52 0.97
C LEU R 147 -12.88 -54.37 2.11
N PRO R 148 -14.22 -54.44 2.25
CA PRO R 148 -14.72 -55.34 3.31
C PRO R 148 -14.44 -56.82 3.10
N ASP R 149 -14.44 -57.29 1.86
CA ASP R 149 -14.13 -58.70 1.57
C ASP R 149 -12.65 -59.01 1.78
N THR R 150 -11.80 -57.99 1.64
CA THR R 150 -10.39 -58.17 1.91
C THR R 150 -10.22 -58.42 3.40
N LEU R 151 -10.72 -57.50 4.22
CA LEU R 151 -10.66 -57.70 5.66
C LEU R 151 -11.30 -59.01 6.06
N LEU R 152 -12.43 -59.34 5.44
CA LEU R 152 -13.08 -60.62 5.71
C LEU R 152 -12.10 -61.78 5.48
N LEU R 153 -11.35 -61.70 4.38
CA LEU R 153 -10.35 -62.71 4.07
C LEU R 153 -9.21 -62.76 5.11
N GLU R 154 -8.74 -61.62 5.62
CA GLU R 154 -7.74 -61.63 6.70
C GLU R 154 -8.29 -62.30 7.96
N GLU R 155 -9.50 -61.91 8.37
CA GLU R 155 -10.04 -62.37 9.63
C GLU R 155 -10.25 -63.87 9.64
N CYS R 156 -10.58 -64.44 8.49
CA CYS R 156 -10.80 -65.88 8.39
C CYS R 156 -9.49 -66.66 8.29
N GLY R 157 -8.36 -65.96 8.29
CA GLY R 157 -7.05 -66.58 8.23
C GLY R 157 -6.83 -67.33 6.94
N LEU R 158 -7.26 -66.70 5.85
CA LEU R 158 -7.18 -67.31 4.51
C LEU R 158 -5.98 -66.81 3.76
N LEU R 159 -5.44 -65.69 4.22
CA LEU R 159 -4.23 -65.13 3.65
C LEU R 159 -3.03 -65.60 4.45
N ARG R 160 -1.92 -65.82 3.76
CA ARG R 160 -0.64 -65.97 4.42
C ARG R 160 0.36 -65.10 3.68
N LYS R 161 1.46 -64.77 4.36
CA LYS R 161 2.54 -64.02 3.76
C LYS R 161 2.85 -64.56 2.38
N GLY R 162 2.68 -63.71 1.36
CA GLY R 162 2.89 -64.10 -0.01
C GLY R 162 1.61 -64.20 -0.84
N THR R 163 0.47 -64.32 -0.18
CA THR R 163 -0.79 -64.37 -0.90
C THR R 163 -0.93 -63.12 -1.77
N VAL R 164 -1.35 -63.33 -3.00
CA VAL R 164 -1.40 -62.25 -3.96
C VAL R 164 -2.81 -61.80 -4.24
N LEU R 165 -3.12 -60.55 -3.87
CA LEU R 165 -4.38 -59.94 -4.27
C LEU R 165 -4.20 -59.21 -5.60
N LEU R 166 -5.04 -59.54 -6.58
CA LEU R 166 -5.02 -58.79 -7.82
C LEU R 166 -6.42 -58.23 -8.10
N ALA R 167 -6.54 -56.91 -7.97
CA ALA R 167 -7.85 -56.27 -7.97
C ALA R 167 -8.07 -55.43 -9.23
N ASP R 168 -9.06 -55.80 -10.01
CA ASP R 168 -9.31 -55.12 -11.28
C ASP R 168 -10.18 -53.86 -11.13
N ASN R 169 -10.00 -52.91 -12.06
CA ASN R 169 -10.77 -51.68 -12.13
C ASN R 169 -10.53 -50.72 -10.98
N VAL R 170 -9.30 -50.63 -10.50
CA VAL R 170 -9.10 -49.80 -9.33
C VAL R 170 -9.10 -48.34 -9.70
N ILE R 171 -9.19 -48.03 -10.99
CA ILE R 171 -9.25 -46.63 -11.40
C ILE R 171 -10.57 -46.24 -12.11
N VAL R 172 -11.08 -47.13 -12.95
CA VAL R 172 -12.32 -46.89 -13.68
C VAL R 172 -13.29 -48.04 -13.43
N PRO R 173 -14.40 -47.80 -12.71
CA PRO R 173 -14.87 -46.52 -12.16
C PRO R 173 -14.07 -46.07 -10.94
N GLY R 174 -13.39 -47.02 -10.30
CA GLY R 174 -12.50 -46.73 -9.20
C GLY R 174 -12.79 -47.53 -7.93
N THR R 175 -11.76 -47.88 -7.19
CA THR R 175 -11.96 -48.51 -5.90
C THR R 175 -11.01 -47.83 -4.93
N PRO R 176 -11.24 -46.53 -4.67
CA PRO R 176 -10.31 -45.69 -3.90
C PRO R 176 -10.24 -46.08 -2.42
N ASP R 177 -11.36 -46.53 -1.84
CA ASP R 177 -11.35 -47.04 -0.47
C ASP R 177 -10.31 -48.15 -0.36
N PHE R 178 -10.52 -49.20 -1.14
CA PHE R 178 -9.59 -50.30 -1.26
C PHE R 178 -8.12 -49.92 -1.48
N LEU R 179 -7.86 -48.97 -2.38
CA LEU R 179 -6.47 -48.65 -2.73
C LEU R 179 -5.79 -48.05 -1.53
N ALA R 180 -6.47 -47.09 -0.89
CA ALA R 180 -5.94 -46.46 0.31
C ALA R 180 -5.56 -47.51 1.34
N TYR R 181 -6.43 -48.51 1.50
CA TYR R 181 -6.21 -49.50 2.53
C TYR R 181 -4.97 -50.35 2.24
N VAL R 182 -4.87 -50.91 1.04
CA VAL R 182 -3.74 -51.80 0.75
C VAL R 182 -2.47 -50.99 0.63
N ARG R 183 -2.57 -49.77 0.14
CA ARG R 183 -1.38 -48.96 -0.08
C ARG R 183 -0.83 -48.36 1.22
N GLY R 184 -1.70 -48.15 2.20
CA GLY R 184 -1.29 -47.55 3.45
C GLY R 184 -1.07 -48.55 4.57
N SER R 185 -1.67 -49.73 4.44
CA SER R 185 -1.46 -50.80 5.40
C SER R 185 -0.05 -51.31 5.30
N SER R 186 0.48 -51.81 6.40
CA SER R 186 1.77 -52.46 6.40
C SER R 186 1.61 -53.94 6.04
N SER R 187 0.37 -54.42 6.04
CA SER R 187 0.07 -55.81 5.69
C SER R 187 0.27 -56.10 4.20
N PHE R 188 0.23 -55.08 3.36
CA PHE R 188 0.31 -55.32 1.93
C PHE R 188 1.45 -54.57 1.28
N GLU R 189 2.09 -55.23 0.30
CA GLU R 189 3.04 -54.60 -0.61
C GLU R 189 2.37 -54.42 -1.95
N CYS R 190 2.35 -53.19 -2.45
CA CYS R 190 1.49 -52.86 -3.59
C CYS R 190 2.23 -52.46 -4.85
N THR R 191 1.69 -52.90 -5.97
CA THR R 191 2.18 -52.48 -7.28
C THR R 191 0.99 -52.17 -8.20
N HIS R 192 1.02 -51.04 -8.89
CA HIS R 192 -0.05 -50.72 -9.84
C HIS R 192 0.30 -51.11 -11.30
N TYR R 193 -0.61 -51.78 -11.99
CA TYR R 193 -0.42 -52.03 -13.41
C TYR R 193 -1.42 -51.26 -14.26
N SER R 194 -0.92 -50.36 -15.12
CA SER R 194 -1.75 -49.61 -16.05
C SER R 194 -2.42 -50.50 -17.08
N SER R 195 -3.56 -50.03 -17.55
CA SER R 195 -4.40 -50.78 -18.47
C SER R 195 -5.01 -49.81 -19.50
N TYR R 196 -4.38 -49.68 -20.65
CA TYR R 196 -4.79 -48.67 -21.63
C TYR R 196 -5.93 -49.15 -22.53
N LEU R 197 -7.14 -48.75 -22.19
CA LEU R 197 -8.35 -49.15 -22.89
C LEU R 197 -8.63 -48.23 -24.06
N GLU R 198 -8.20 -46.98 -23.95
CA GLU R 198 -8.41 -45.99 -24.99
C GLU R 198 -7.46 -44.81 -24.75
N TYR R 199 -6.80 -44.36 -25.80
CA TYR R 199 -5.85 -43.26 -25.73
C TYR R 199 -6.37 -42.09 -24.91
N MET R 200 -5.55 -41.66 -23.96
CA MET R 200 -5.76 -40.42 -23.17
C MET R 200 -6.96 -40.40 -22.25
N LYS R 201 -8.03 -41.12 -22.60
CA LYS R 201 -9.30 -40.91 -21.93
C LYS R 201 -9.83 -42.12 -21.14
N VAL R 202 -9.47 -43.33 -21.53
CA VAL R 202 -9.84 -44.48 -20.70
C VAL R 202 -8.58 -45.22 -20.29
N VAL R 203 -8.13 -44.95 -19.08
CA VAL R 203 -6.88 -45.51 -18.58
C VAL R 203 -7.11 -46.10 -17.21
N ASP R 204 -7.46 -47.39 -17.21
CA ASP R 204 -7.74 -48.10 -15.98
C ASP R 204 -6.46 -48.69 -15.39
N GLY R 205 -6.59 -49.80 -14.69
CA GLY R 205 -5.44 -50.43 -14.07
C GLY R 205 -5.89 -51.48 -13.08
N LEU R 206 -4.98 -52.38 -12.74
CA LEU R 206 -5.23 -53.34 -11.67
C LEU R 206 -4.23 -53.09 -10.57
N GLU R 207 -4.58 -53.46 -9.34
CA GLU R 207 -3.63 -53.34 -8.24
C GLU R 207 -3.18 -54.71 -7.79
N LYS R 208 -1.88 -54.83 -7.53
CA LYS R 208 -1.33 -56.07 -6.98
C LYS R 208 -0.90 -55.85 -5.54
N ALA R 209 -1.62 -56.49 -4.62
CA ALA R 209 -1.34 -56.37 -3.21
C ALA R 209 -0.89 -57.71 -2.65
N ILE R 210 0.37 -57.75 -2.20
CA ILE R 210 0.94 -58.97 -1.66
C ILE R 210 0.89 -58.98 -0.15
N TYR R 211 0.12 -59.88 0.43
CA TYR R 211 -0.09 -59.88 1.87
C TYR R 211 1.23 -60.26 2.55
N GLN R 212 1.53 -59.64 3.68
CA GLN R 212 2.86 -59.78 4.25
C GLN R 212 2.81 -60.53 5.56
N GLY R 213 1.67 -61.16 5.83
CA GLY R 213 1.47 -61.82 7.11
C GLY R 213 1.15 -60.83 8.20
N PRO R 214 0.52 -61.30 9.28
CA PRO R 214 0.36 -60.48 10.48
C PRO R 214 1.73 -60.15 11.03
N SER R 215 1.84 -59.09 11.85
CA SER R 215 3.15 -58.72 12.38
C SER R 215 3.42 -59.24 13.80
N SER R 216 4.67 -59.61 14.05
CA SER R 216 5.11 -60.09 15.36
C SER R 216 6.22 -59.20 15.91
N ASP R 217 6.59 -59.45 17.17
CA ASP R 217 7.57 -58.63 17.87
C ASP R 217 8.93 -59.32 17.94
N GLY S 1 -79.25 32.73 -61.59
CA GLY S 1 -79.27 32.46 -60.17
C GLY S 1 -79.88 33.58 -59.35
N ASP S 2 -80.21 33.30 -58.09
CA ASP S 2 -80.74 34.32 -57.18
C ASP S 2 -79.82 34.51 -55.98
N THR S 3 -79.10 35.64 -55.93
CA THR S 3 -78.18 35.90 -54.82
C THR S 3 -78.94 36.15 -53.53
N LYS S 4 -78.25 36.16 -52.39
CA LYS S 4 -78.94 36.34 -51.12
C LYS S 4 -79.48 37.75 -51.05
N GLU S 5 -78.67 38.70 -51.50
CA GLU S 5 -79.03 40.10 -51.56
C GLU S 5 -80.26 40.27 -52.43
N GLN S 6 -80.28 39.60 -53.58
CA GLN S 6 -81.49 39.61 -54.41
C GLN S 6 -82.68 39.12 -53.59
N ARG S 7 -82.51 38.00 -52.90
CA ARG S 7 -83.60 37.40 -52.14
C ARG S 7 -84.10 38.29 -50.99
N ILE S 8 -83.18 39.02 -50.35
CA ILE S 8 -83.56 39.98 -49.31
C ILE S 8 -84.43 41.11 -49.91
N LEU S 9 -83.90 41.81 -50.90
CA LEU S 9 -84.64 42.79 -51.67
C LEU S 9 -86.07 42.36 -52.06
N ARG S 10 -86.20 41.15 -52.60
CA ARG S 10 -87.52 40.59 -52.93
C ARG S 10 -88.38 40.43 -51.67
N TYR S 11 -87.77 40.01 -50.56
CA TYR S 11 -88.54 39.80 -49.35
C TYR S 11 -89.17 41.11 -48.92
N VAL S 12 -88.45 42.20 -49.17
CA VAL S 12 -88.95 43.51 -48.82
C VAL S 12 -90.09 43.95 -49.74
N GLN S 13 -89.83 43.95 -51.06
CA GLN S 13 -90.79 44.43 -52.04
C GLN S 13 -92.11 43.61 -51.98
N GLN S 14 -92.06 42.49 -51.29
CA GLN S 14 -93.24 41.65 -51.05
C GLN S 14 -93.94 41.95 -49.73
N ASN S 15 -93.17 42.31 -48.70
CA ASN S 15 -93.74 42.40 -47.36
C ASN S 15 -93.68 43.79 -46.73
N ALA S 16 -92.63 44.55 -47.03
CA ALA S 16 -92.55 45.90 -46.47
C ALA S 16 -93.58 46.82 -47.10
N LYS S 17 -93.89 47.90 -46.39
CA LYS S 17 -94.81 48.91 -46.90
C LYS S 17 -94.02 49.97 -47.65
N PRO S 18 -94.48 50.36 -48.84
CA PRO S 18 -93.80 51.41 -49.63
C PRO S 18 -93.66 52.70 -48.84
N GLY S 19 -92.64 53.49 -49.16
CA GLY S 19 -92.44 54.79 -48.54
C GLY S 19 -92.29 54.81 -47.02
N ASP S 20 -92.10 53.64 -46.42
CA ASP S 20 -91.93 53.51 -44.96
C ASP S 20 -90.61 52.81 -44.63
N PRO S 21 -89.53 53.60 -44.40
CA PRO S 21 -88.21 53.08 -44.06
C PRO S 21 -88.23 52.08 -42.89
N GLN S 22 -89.03 52.37 -41.88
CA GLN S 22 -89.14 51.49 -40.73
C GLN S 22 -89.56 50.10 -41.20
N SER S 23 -90.61 50.07 -42.01
CA SER S 23 -91.17 48.84 -42.50
C SER S 23 -90.09 48.06 -43.24
N VAL S 24 -89.29 48.79 -44.01
CA VAL S 24 -88.19 48.20 -44.77
C VAL S 24 -87.16 47.62 -43.80
N LEU S 25 -86.63 48.49 -42.96
CA LEU S 25 -85.70 48.09 -41.92
C LEU S 25 -86.18 46.84 -41.18
N GLU S 26 -87.46 46.84 -40.81
CA GLU S 26 -88.02 45.73 -40.04
C GLU S 26 -88.23 44.49 -40.89
N ALA S 27 -88.50 44.67 -42.18
CA ALA S 27 -88.62 43.54 -43.10
C ALA S 27 -87.28 42.84 -43.21
N ILE S 28 -86.24 43.62 -43.48
CA ILE S 28 -84.87 43.12 -43.60
C ILE S 28 -84.42 42.37 -42.36
N ASP S 29 -84.61 42.97 -41.19
CA ASP S 29 -84.18 42.38 -39.93
C ASP S 29 -84.81 41.02 -39.76
N THR S 30 -86.10 40.94 -40.07
CA THR S 30 -86.86 39.69 -39.99
C THR S 30 -86.28 38.63 -40.91
N TYR S 31 -86.16 38.93 -42.20
CA TYR S 31 -85.63 37.95 -43.15
C TYR S 31 -84.32 37.37 -42.64
N CYS S 32 -83.40 38.23 -42.21
CA CYS S 32 -82.13 37.79 -41.66
C CYS S 32 -82.28 36.79 -40.52
N THR S 33 -83.14 37.06 -39.54
CA THR S 33 -83.27 36.12 -38.43
C THR S 33 -83.87 34.79 -38.90
N GLN S 34 -84.80 34.85 -39.83
CA GLN S 34 -85.39 33.62 -40.34
C GLN S 34 -84.41 32.92 -41.28
N LYS S 35 -83.29 33.55 -41.59
CA LYS S 35 -82.40 33.00 -42.60
C LYS S 35 -80.95 32.92 -42.14
N GLU S 36 -80.72 33.10 -40.84
CA GLU S 36 -79.40 33.02 -40.23
C GLU S 36 -78.37 33.77 -41.08
N TRP S 37 -78.50 35.10 -41.06
CA TRP S 37 -77.72 36.02 -41.86
C TRP S 37 -77.69 37.32 -41.07
N ALA S 38 -76.89 38.27 -41.52
CA ALA S 38 -76.76 39.53 -40.80
C ALA S 38 -76.38 40.65 -41.75
N MET S 39 -76.83 41.86 -41.45
CA MET S 39 -76.55 42.98 -42.32
C MET S 39 -75.25 43.63 -41.86
N ASN S 40 -74.86 44.76 -42.43
CA ASN S 40 -73.56 45.31 -42.07
C ASN S 40 -73.57 46.07 -40.75
N VAL S 41 -74.75 46.50 -40.29
CA VAL S 41 -74.92 46.94 -38.91
C VAL S 41 -76.11 46.27 -38.25
N GLY S 42 -76.02 46.07 -36.95
CA GLY S 42 -77.10 45.46 -36.19
C GLY S 42 -78.00 46.49 -35.56
N ASP S 43 -78.83 46.07 -34.61
CA ASP S 43 -79.75 46.98 -33.99
C ASP S 43 -79.11 47.83 -32.88
N ALA S 44 -78.14 47.25 -32.17
CA ALA S 44 -77.37 48.02 -31.19
C ALA S 44 -76.65 49.15 -31.91
N LYS S 45 -75.93 48.81 -32.97
CA LYS S 45 -75.15 49.79 -33.70
C LYS S 45 -76.08 50.79 -34.36
N GLY S 46 -77.21 50.28 -34.85
CA GLY S 46 -78.19 51.11 -35.53
C GLY S 46 -78.68 52.21 -34.62
N GLN S 47 -79.01 51.84 -33.39
CA GLN S 47 -79.41 52.83 -32.40
C GLN S 47 -78.29 53.84 -32.12
N ILE S 48 -77.03 53.44 -32.25
CA ILE S 48 -75.94 54.41 -32.08
C ILE S 48 -75.83 55.34 -33.29
N MET S 49 -76.06 54.82 -34.50
CA MET S 49 -76.04 55.67 -35.69
C MET S 49 -77.14 56.74 -35.61
N ASP S 50 -78.34 56.27 -35.29
CA ASP S 50 -79.51 57.12 -35.10
C ASP S 50 -79.22 58.28 -34.18
N ALA S 51 -78.59 58.00 -33.05
CA ALA S 51 -78.34 59.02 -32.04
C ALA S 51 -77.39 60.12 -32.54
N VAL S 52 -76.36 59.71 -33.29
CA VAL S 52 -75.43 60.66 -33.90
C VAL S 52 -76.09 61.61 -34.93
N ILE S 53 -76.84 61.04 -35.87
CA ILE S 53 -77.54 61.83 -36.89
C ILE S 53 -78.42 62.89 -36.25
N ARG S 54 -79.12 62.47 -35.20
CA ARG S 54 -79.99 63.36 -34.46
C ARG S 54 -79.22 64.50 -33.78
N GLU S 55 -78.10 64.20 -33.14
CA GLU S 55 -77.33 65.27 -32.46
C GLU S 55 -76.70 66.28 -33.43
N TYR S 56 -76.30 65.83 -34.63
CA TYR S 56 -75.49 66.67 -35.51
C TYR S 56 -76.22 67.12 -36.78
N SER S 57 -77.42 66.57 -37.00
CA SER S 57 -78.30 66.93 -38.13
C SER S 57 -77.58 67.36 -39.40
N PRO S 58 -76.81 66.45 -39.99
CA PRO S 58 -75.92 66.76 -41.10
C PRO S 58 -76.69 67.03 -42.38
N SER S 59 -76.23 67.99 -43.16
CA SER S 59 -76.90 68.35 -44.40
C SER S 59 -76.34 67.52 -45.55
N LEU S 60 -75.14 66.96 -45.35
CA LEU S 60 -74.52 66.12 -46.35
C LEU S 60 -73.68 64.99 -45.72
N VAL S 61 -74.17 63.76 -45.86
CA VAL S 61 -73.50 62.58 -45.28
C VAL S 61 -72.88 61.66 -46.33
N LEU S 62 -71.63 61.23 -46.10
CA LEU S 62 -70.98 60.24 -46.97
C LEU S 62 -70.80 58.89 -46.29
N GLU S 63 -71.39 57.85 -46.86
CA GLU S 63 -71.24 56.48 -46.37
C GLU S 63 -70.30 55.63 -47.23
N LEU S 64 -69.33 54.98 -46.59
CA LEU S 64 -68.40 54.09 -47.30
C LEU S 64 -68.75 52.63 -47.08
N GLY S 65 -69.36 51.99 -48.08
CA GLY S 65 -69.65 50.57 -47.97
C GLY S 65 -71.12 50.21 -47.79
N ALA S 66 -71.94 50.65 -48.73
CA ALA S 66 -73.39 50.47 -48.70
C ALA S 66 -73.89 49.04 -48.47
N TYR S 67 -73.25 48.09 -49.15
CA TYR S 67 -73.74 46.72 -49.21
C TYR S 67 -75.18 46.73 -49.76
N CYS S 68 -76.15 46.29 -48.97
CA CYS S 68 -77.51 46.15 -49.48
C CYS S 68 -78.31 47.42 -49.38
N GLY S 69 -77.77 48.42 -48.70
CA GLY S 69 -78.45 49.68 -48.54
C GLY S 69 -79.16 49.82 -47.20
N TYR S 70 -79.07 48.79 -46.36
CA TYR S 70 -79.68 48.83 -45.03
C TYR S 70 -79.18 50.02 -44.20
N SER S 71 -77.86 50.22 -44.16
CA SER S 71 -77.31 51.34 -43.43
C SER S 71 -77.72 52.67 -44.05
N ALA S 72 -78.00 52.68 -45.35
CA ALA S 72 -78.37 53.92 -46.02
C ALA S 72 -79.79 54.29 -45.68
N VAL S 73 -80.69 53.32 -45.73
CA VAL S 73 -82.06 53.52 -45.32
C VAL S 73 -82.10 54.00 -43.87
N ARG S 74 -81.31 53.35 -43.02
CA ARG S 74 -81.26 53.71 -41.60
C ARG S 74 -80.82 55.16 -41.41
N MET S 75 -79.84 55.60 -42.20
CA MET S 75 -79.32 56.95 -42.05
C MET S 75 -80.19 58.01 -42.76
N ALA S 76 -80.64 57.71 -43.98
CA ALA S 76 -81.33 58.72 -44.78
C ALA S 76 -82.73 59.03 -44.26
N ARG S 77 -83.26 58.13 -43.44
CA ARG S 77 -84.63 58.26 -42.93
C ARG S 77 -84.73 59.34 -41.85
N LEU S 78 -83.59 59.71 -41.28
CA LEU S 78 -83.51 60.72 -40.23
C LEU S 78 -83.10 62.09 -40.76
N LEU S 79 -82.84 62.15 -42.06
CA LEU S 79 -82.34 63.34 -42.69
C LEU S 79 -83.47 64.35 -42.90
N GLN S 80 -83.17 65.62 -42.64
CA GLN S 80 -84.12 66.70 -42.90
C GLN S 80 -84.38 66.84 -44.39
N PRO S 81 -85.51 67.45 -44.76
CA PRO S 81 -85.67 67.82 -46.17
C PRO S 81 -84.46 68.61 -46.65
N GLY S 82 -83.97 68.29 -47.85
CA GLY S 82 -82.85 69.01 -48.43
C GLY S 82 -81.54 68.34 -48.15
N ALA S 83 -81.50 67.54 -47.08
CA ALA S 83 -80.29 66.82 -46.71
C ALA S 83 -80.06 65.67 -47.66
N ARG S 84 -78.79 65.44 -47.99
CA ARG S 84 -78.41 64.43 -48.93
C ARG S 84 -77.51 63.37 -48.30
N LEU S 85 -77.60 62.16 -48.83
CA LEU S 85 -76.66 61.10 -48.50
C LEU S 85 -75.95 60.65 -49.77
N LEU S 86 -74.62 60.60 -49.70
CA LEU S 86 -73.80 59.98 -50.74
C LEU S 86 -73.30 58.64 -50.27
N THR S 87 -73.77 57.55 -50.87
CA THR S 87 -73.27 56.24 -50.46
C THR S 87 -72.42 55.55 -51.56
N MET S 88 -71.31 54.93 -51.14
CA MET S 88 -70.43 54.21 -52.06
C MET S 88 -70.40 52.70 -51.80
N GLU S 89 -70.48 51.95 -52.89
CA GLU S 89 -70.40 50.50 -52.84
C GLU S 89 -69.48 50.06 -53.96
N ILE S 90 -68.67 49.02 -53.71
CA ILE S 90 -67.69 48.58 -54.69
C ILE S 90 -68.25 47.46 -55.61
N ASN S 91 -69.33 46.82 -55.19
CA ASN S 91 -69.99 45.77 -55.99
C ASN S 91 -71.22 46.24 -56.82
N PRO S 92 -71.08 46.23 -58.15
CA PRO S 92 -72.18 46.69 -59.02
C PRO S 92 -73.53 46.02 -58.72
N ASP S 93 -73.51 44.73 -58.38
CA ASP S 93 -74.75 44.03 -58.09
C ASP S 93 -75.38 44.63 -56.85
N CYS S 94 -74.58 44.83 -55.80
CA CYS S 94 -75.06 45.39 -54.53
C CYS S 94 -75.49 46.85 -54.65
N ALA S 95 -74.79 47.61 -55.50
CA ALA S 95 -75.20 48.96 -55.84
C ALA S 95 -76.65 48.97 -56.36
N ALA S 96 -76.94 48.07 -57.31
CA ALA S 96 -78.26 47.99 -57.91
C ALA S 96 -79.35 47.61 -56.89
N ILE S 97 -79.05 46.63 -56.04
CA ILE S 97 -79.97 46.31 -54.96
C ILE S 97 -80.27 47.53 -54.09
N THR S 98 -79.23 48.29 -53.77
CA THR S 98 -79.36 49.47 -52.92
C THR S 98 -80.33 50.50 -53.47
N GLN S 99 -80.34 50.74 -54.78
CA GLN S 99 -81.20 51.82 -55.31
C GLN S 99 -82.63 51.37 -55.31
N GLN S 100 -82.84 50.10 -55.60
CA GLN S 100 -84.14 49.45 -55.58
C GLN S 100 -84.66 49.44 -54.15
N MET S 101 -83.75 49.20 -53.20
CA MET S 101 -84.08 49.19 -51.78
C MET S 101 -84.41 50.59 -51.28
N LEU S 102 -83.66 51.57 -51.77
CA LEU S 102 -83.86 52.94 -51.35
C LEU S 102 -85.13 53.47 -51.99
N ASN S 103 -85.32 53.16 -53.27
CA ASN S 103 -86.52 53.58 -53.98
C ASN S 103 -87.77 53.08 -53.27
N PHE S 104 -87.79 51.81 -52.88
CA PHE S 104 -88.95 51.26 -52.18
C PHE S 104 -89.24 51.98 -50.86
N ALA S 105 -88.23 52.56 -50.23
CA ALA S 105 -88.43 53.19 -48.94
C ALA S 105 -88.77 54.68 -49.09
N GLY S 106 -89.03 55.11 -50.32
CA GLY S 106 -89.32 56.50 -50.62
C GLY S 106 -88.13 57.43 -50.44
N LEU S 107 -86.93 56.96 -50.73
CA LEU S 107 -85.72 57.72 -50.44
C LEU S 107 -84.89 58.03 -51.67
N GLN S 108 -85.41 57.69 -52.85
CA GLN S 108 -84.66 57.80 -54.11
C GLN S 108 -84.00 59.18 -54.31
N ASP S 109 -84.64 60.23 -53.81
CA ASP S 109 -84.20 61.59 -54.04
C ASP S 109 -83.29 62.13 -52.95
N LYS S 110 -83.15 61.38 -51.85
CA LYS S 110 -82.29 61.82 -50.76
C LYS S 110 -80.89 61.23 -50.90
N VAL S 111 -80.80 60.13 -51.62
CA VAL S 111 -79.56 59.36 -51.68
C VAL S 111 -79.00 59.17 -53.10
N THR S 112 -77.72 59.46 -53.26
CA THR S 112 -77.04 59.18 -54.51
C THR S 112 -76.03 58.05 -54.33
N ILE S 113 -76.18 57.01 -55.14
CA ILE S 113 -75.29 55.84 -55.09
C ILE S 113 -74.06 55.94 -56.01
N LEU S 114 -72.89 55.72 -55.43
CA LEU S 114 -71.66 55.81 -56.18
C LEU S 114 -71.04 54.45 -56.32
N ASN S 115 -71.02 53.94 -57.55
CA ASN S 115 -70.45 52.64 -57.84
C ASN S 115 -68.95 52.73 -58.12
N GLY S 116 -68.14 52.06 -57.29
CA GLY S 116 -66.70 52.09 -57.45
C GLY S 116 -65.93 51.98 -56.13
N ALA S 117 -64.64 52.30 -56.19
CA ALA S 117 -63.77 52.18 -55.03
C ALA S 117 -63.59 53.53 -54.39
N SER S 118 -63.51 53.55 -53.06
CA SER S 118 -63.50 54.81 -52.33
C SER S 118 -62.36 55.72 -52.79
N GLN S 119 -61.16 55.17 -52.93
CA GLN S 119 -60.00 55.99 -53.28
C GLN S 119 -60.09 56.52 -54.72
N ASP S 120 -60.94 55.92 -55.54
CA ASP S 120 -61.20 56.45 -56.88
C ASP S 120 -62.31 57.50 -56.88
N LEU S 121 -63.36 57.22 -56.11
CA LEU S 121 -64.53 58.09 -56.09
C LEU S 121 -64.34 59.32 -55.22
N ILE S 122 -63.69 59.15 -54.07
CA ILE S 122 -63.48 60.27 -53.15
C ILE S 122 -62.89 61.53 -53.82
N PRO S 123 -61.87 61.39 -54.69
CA PRO S 123 -61.35 62.64 -55.27
C PRO S 123 -62.30 63.31 -56.28
N GLN S 124 -63.11 62.53 -56.98
CA GLN S 124 -64.09 63.08 -57.92
C GLN S 124 -65.19 63.87 -57.23
N LEU S 125 -65.33 63.73 -55.90
CA LEU S 125 -66.50 64.24 -55.20
C LEU S 125 -66.73 65.73 -55.40
N LYS S 126 -65.65 66.51 -55.37
CA LYS S 126 -65.77 67.96 -55.50
C LYS S 126 -66.24 68.35 -56.90
N LYS S 127 -65.60 67.81 -57.92
CA LYS S 127 -65.85 68.28 -59.27
C LYS S 127 -67.00 67.54 -59.96
N LYS S 128 -66.99 66.21 -59.94
CA LYS S 128 -68.05 65.46 -60.59
C LYS S 128 -69.39 65.55 -59.82
N TYR S 129 -69.34 65.64 -58.50
CA TYR S 129 -70.58 65.62 -57.74
C TYR S 129 -70.82 66.92 -56.96
N ASP S 130 -70.16 67.99 -57.42
CA ASP S 130 -70.26 69.35 -56.86
C ASP S 130 -70.60 69.37 -55.37
N VAL S 131 -69.65 68.79 -54.62
CA VAL S 131 -69.69 68.69 -53.17
C VAL S 131 -68.78 69.75 -52.58
N ASP S 132 -69.26 70.47 -51.56
CA ASP S 132 -68.41 71.42 -50.85
C ASP S 132 -67.62 70.73 -49.74
N THR S 133 -68.28 70.49 -48.61
CA THR S 133 -67.68 69.71 -47.52
C THR S 133 -68.72 68.76 -46.95
N LEU S 134 -68.23 67.68 -46.36
CA LEU S 134 -69.09 66.68 -45.77
C LEU S 134 -69.38 67.05 -44.31
N ASP S 135 -70.55 66.66 -43.82
CA ASP S 135 -70.94 66.98 -42.45
C ASP S 135 -70.73 65.76 -41.56
N MET S 136 -70.89 64.59 -42.16
CA MET S 136 -70.73 63.33 -41.46
C MET S 136 -70.32 62.22 -42.43
N VAL S 137 -69.33 61.45 -42.02
CA VAL S 137 -68.88 60.29 -42.78
C VAL S 137 -69.10 59.00 -41.99
N PHE S 138 -69.72 58.00 -42.63
CA PHE S 138 -69.88 56.70 -41.99
C PHE S 138 -68.99 55.64 -42.66
N LEU S 139 -67.91 55.26 -41.97
CA LEU S 139 -66.92 54.35 -42.53
C LEU S 139 -67.24 52.90 -42.14
N ASP S 140 -67.49 52.06 -43.13
CA ASP S 140 -67.76 50.64 -42.90
C ASP S 140 -67.37 49.81 -44.13
N HIS S 141 -66.27 50.19 -44.77
CA HIS S 141 -65.83 49.46 -45.95
C HIS S 141 -64.64 48.55 -45.62
N TRP S 142 -63.55 48.60 -46.38
CA TRP S 142 -62.42 47.70 -46.08
C TRP S 142 -61.58 48.23 -44.94
N LYS S 143 -61.50 47.45 -43.87
CA LYS S 143 -60.68 47.74 -42.70
C LYS S 143 -59.35 48.42 -43.04
N ASP S 144 -58.69 47.95 -44.10
CA ASP S 144 -57.39 48.45 -44.56
C ASP S 144 -57.44 49.91 -44.98
N ARG S 145 -58.62 50.37 -45.38
CA ARG S 145 -58.76 51.68 -46.01
C ARG S 145 -59.32 52.79 -45.12
N TYR S 146 -59.58 52.50 -43.84
CA TYR S 146 -60.14 53.52 -42.96
C TYR S 146 -59.18 54.68 -42.81
N LEU S 147 -57.95 54.37 -42.37
CA LEU S 147 -56.92 55.39 -42.19
C LEU S 147 -56.62 56.17 -43.48
N PRO S 148 -56.22 55.48 -44.56
CA PRO S 148 -55.75 56.28 -45.70
C PRO S 148 -56.86 57.02 -46.43
N ASP S 149 -58.12 56.67 -46.20
CA ASP S 149 -59.22 57.40 -46.84
C ASP S 149 -59.55 58.65 -46.03
N THR S 150 -59.35 58.58 -44.72
CA THR S 150 -59.55 59.74 -43.86
C THR S 150 -58.56 60.81 -44.27
N LEU S 151 -57.28 60.45 -44.31
CA LEU S 151 -56.28 61.37 -44.81
C LEU S 151 -56.60 61.85 -46.21
N LEU S 152 -57.19 60.98 -47.04
CA LEU S 152 -57.59 61.39 -48.39
C LEU S 152 -58.71 62.42 -48.34
N LEU S 153 -59.62 62.29 -47.38
CA LEU S 153 -60.69 63.26 -47.23
C LEU S 153 -60.12 64.59 -46.76
N GLU S 154 -59.05 64.54 -45.96
CA GLU S 154 -58.40 65.76 -45.53
C GLU S 154 -57.83 66.55 -46.71
N GLU S 155 -56.80 66.02 -47.37
CA GLU S 155 -56.09 66.82 -48.37
C GLU S 155 -56.94 67.10 -49.62
N CYS S 156 -58.03 66.34 -49.78
CA CYS S 156 -59.00 66.63 -50.86
C CYS S 156 -59.92 67.77 -50.48
N GLY S 157 -59.73 68.32 -49.29
CA GLY S 157 -60.48 69.45 -48.79
C GLY S 157 -61.96 69.17 -48.57
N LEU S 158 -62.27 68.02 -47.99
CA LEU S 158 -63.68 67.65 -47.84
C LEU S 158 -64.25 67.72 -46.41
N LEU S 159 -63.39 67.82 -45.40
CA LEU S 159 -63.86 67.94 -44.02
C LEU S 159 -63.67 69.36 -43.52
N ARG S 160 -64.54 69.77 -42.63
CA ARG S 160 -64.43 71.09 -42.01
C ARG S 160 -64.59 70.97 -40.49
N LYS S 161 -64.43 72.09 -39.78
CA LYS S 161 -64.55 72.03 -38.34
C LYS S 161 -65.97 71.60 -38.02
N GLY S 162 -66.12 70.45 -37.37
CA GLY S 162 -67.43 69.95 -37.03
C GLY S 162 -67.86 68.71 -37.80
N THR S 163 -67.07 68.36 -38.82
CA THR S 163 -67.34 67.15 -39.60
C THR S 163 -67.22 65.92 -38.71
N VAL S 164 -68.25 65.09 -38.70
CA VAL S 164 -68.26 63.96 -37.80
C VAL S 164 -67.98 62.63 -38.51
N LEU S 165 -66.86 61.99 -38.19
CA LEU S 165 -66.59 60.64 -38.67
C LEU S 165 -67.14 59.64 -37.67
N LEU S 166 -67.74 58.58 -38.17
CA LEU S 166 -68.25 57.50 -37.34
C LEU S 166 -67.82 56.20 -37.94
N ALA S 167 -66.91 55.53 -37.27
CA ALA S 167 -66.28 54.33 -37.82
C ALA S 167 -66.78 53.06 -37.16
N ASP S 168 -67.35 52.17 -37.95
CA ASP S 168 -67.86 50.90 -37.45
C ASP S 168 -66.75 49.89 -37.29
N ASN S 169 -66.94 48.91 -36.40
CA ASN S 169 -66.00 47.82 -36.20
C ASN S 169 -64.56 48.23 -35.87
N VAL S 170 -64.37 49.27 -35.06
CA VAL S 170 -63.03 49.68 -34.66
C VAL S 170 -62.33 48.71 -33.67
N ILE S 171 -63.10 47.76 -33.13
CA ILE S 171 -62.57 46.77 -32.21
C ILE S 171 -62.52 45.37 -32.83
N VAL S 172 -63.60 45.01 -33.53
CA VAL S 172 -63.78 43.68 -34.08
C VAL S 172 -64.23 43.76 -35.53
N PRO S 173 -63.38 43.33 -36.47
CA PRO S 173 -62.05 42.74 -36.26
C PRO S 173 -61.01 43.74 -35.76
N GLY S 174 -61.33 45.02 -35.76
CA GLY S 174 -60.40 46.04 -35.34
C GLY S 174 -59.91 46.95 -36.46
N THR S 175 -59.71 48.21 -36.12
CA THR S 175 -59.08 49.16 -37.04
C THR S 175 -58.01 49.95 -36.27
N PRO S 176 -57.00 49.25 -35.71
CA PRO S 176 -56.04 49.87 -34.79
C PRO S 176 -55.26 51.06 -35.36
N ASP S 177 -54.81 50.97 -36.62
CA ASP S 177 -54.11 52.09 -37.28
C ASP S 177 -54.95 53.37 -37.31
N PHE S 178 -56.20 53.23 -37.72
CA PHE S 178 -57.14 54.33 -37.70
C PHE S 178 -57.36 54.89 -36.27
N LEU S 179 -57.68 54.03 -35.32
CA LEU S 179 -57.89 54.48 -33.93
C LEU S 179 -56.66 55.21 -33.41
N ALA S 180 -55.49 54.69 -33.71
CA ALA S 180 -54.28 55.31 -33.22
C ALA S 180 -54.21 56.76 -33.72
N TYR S 181 -54.55 56.96 -34.98
CA TYR S 181 -54.43 58.26 -35.61
C TYR S 181 -55.39 59.28 -35.00
N VAL S 182 -56.68 58.99 -35.10
CA VAL S 182 -57.69 59.95 -34.67
C VAL S 182 -57.58 60.26 -33.17
N ARG S 183 -57.17 59.28 -32.38
CA ARG S 183 -57.04 59.50 -30.94
C ARG S 183 -55.70 60.19 -30.60
N GLY S 184 -54.76 60.16 -31.53
CA GLY S 184 -53.45 60.74 -31.29
C GLY S 184 -53.27 62.05 -32.03
N SER S 185 -54.07 62.26 -33.07
CA SER S 185 -54.00 63.50 -33.84
C SER S 185 -54.73 64.60 -33.10
N SER S 186 -54.27 65.84 -33.28
CA SER S 186 -54.95 66.99 -32.73
C SER S 186 -56.15 67.36 -33.60
N SER S 187 -56.13 66.94 -34.85
CA SER S 187 -57.16 67.29 -35.82
C SER S 187 -58.51 66.67 -35.45
N PHE S 188 -58.49 65.69 -34.57
CA PHE S 188 -59.71 64.96 -34.23
C PHE S 188 -59.99 64.93 -32.74
N GLU S 189 -61.27 64.81 -32.40
CA GLU S 189 -61.73 64.73 -31.02
C GLU S 189 -62.66 63.54 -30.87
N CYS S 190 -62.14 62.48 -30.27
CA CYS S 190 -62.81 61.20 -30.36
C CYS S 190 -63.61 60.85 -29.15
N THR S 191 -64.54 59.93 -29.36
CA THR S 191 -65.45 59.42 -28.35
C THR S 191 -65.75 57.96 -28.71
N HIS S 192 -65.73 57.05 -27.75
CA HIS S 192 -66.00 55.66 -28.09
C HIS S 192 -67.37 55.17 -27.65
N TYR S 193 -68.10 54.55 -28.57
CA TYR S 193 -69.38 53.93 -28.23
C TYR S 193 -69.26 52.41 -28.32
N SER S 194 -69.51 51.71 -27.22
CA SER S 194 -69.41 50.27 -27.24
C SER S 194 -70.66 49.65 -27.85
N SER S 195 -70.52 48.44 -28.37
CA SER S 195 -71.65 47.72 -28.93
C SER S 195 -71.57 46.24 -28.56
N TYR S 196 -72.45 45.81 -27.68
CA TYR S 196 -72.38 44.46 -27.15
C TYR S 196 -73.11 43.50 -28.08
N LEU S 197 -72.34 42.78 -28.88
CA LEU S 197 -72.90 41.80 -29.83
C LEU S 197 -73.14 40.45 -29.16
N GLU S 198 -72.34 40.16 -28.14
CA GLU S 198 -72.46 38.92 -27.37
C GLU S 198 -71.76 39.04 -26.01
N TYR S 199 -72.44 38.63 -24.95
CA TYR S 199 -71.94 38.73 -23.58
C TYR S 199 -70.50 38.28 -23.40
N MET S 200 -69.67 39.18 -22.89
CA MET S 200 -68.24 38.96 -22.64
C MET S 200 -67.36 38.79 -23.89
N LYS S 201 -67.80 37.98 -24.86
CA LYS S 201 -66.88 37.53 -25.89
C LYS S 201 -66.89 38.31 -27.21
N VAL S 202 -67.97 39.03 -27.49
CA VAL S 202 -67.96 39.86 -28.68
C VAL S 202 -68.44 41.26 -28.34
N VAL S 203 -67.51 42.11 -27.95
CA VAL S 203 -67.83 43.49 -27.64
C VAL S 203 -67.13 44.37 -28.65
N ASP S 204 -67.88 44.82 -29.65
CA ASP S 204 -67.36 45.75 -30.64
C ASP S 204 -67.57 47.20 -30.21
N GLY S 205 -67.47 48.11 -31.17
CA GLY S 205 -67.69 49.52 -30.94
C GLY S 205 -67.63 50.34 -32.22
N LEU S 206 -68.27 51.50 -32.18
CA LEU S 206 -68.06 52.53 -33.19
C LEU S 206 -67.18 53.60 -32.60
N GLU S 207 -66.43 54.31 -33.44
CA GLU S 207 -65.66 55.45 -32.94
C GLU S 207 -66.18 56.71 -33.61
N LYS S 208 -66.43 57.74 -32.81
CA LYS S 208 -66.87 59.03 -33.32
C LYS S 208 -65.73 60.02 -33.29
N ALA S 209 -65.11 60.26 -34.44
CA ALA S 209 -64.04 61.25 -34.52
C ALA S 209 -64.51 62.53 -35.18
N ILE S 210 -64.42 63.65 -34.45
CA ILE S 210 -64.87 64.96 -34.92
C ILE S 210 -63.69 65.87 -35.34
N TYR S 211 -63.62 66.20 -36.62
CA TYR S 211 -62.55 67.01 -37.16
C TYR S 211 -62.57 68.43 -36.57
N GLN S 212 -61.38 69.00 -36.37
CA GLN S 212 -61.24 70.29 -35.71
C GLN S 212 -60.67 71.33 -36.68
N GLY S 213 -60.75 71.04 -37.97
CA GLY S 213 -60.15 71.90 -38.99
C GLY S 213 -58.63 71.87 -38.97
N PRO S 214 -58.01 72.54 -39.95
CA PRO S 214 -56.56 72.70 -39.96
C PRO S 214 -56.13 73.70 -38.88
N SER S 215 -54.82 73.93 -38.73
CA SER S 215 -54.34 74.83 -37.70
C SER S 215 -53.83 76.16 -38.28
N GLY T 1 -77.69 49.85 -6.96
CA GLY T 1 -77.74 48.69 -6.10
C GLY T 1 -78.53 47.52 -6.68
N ASP T 2 -78.99 47.67 -7.92
CA ASP T 2 -79.78 46.62 -8.59
C ASP T 2 -79.22 46.25 -9.97
N THR T 3 -78.47 45.15 -10.05
CA THR T 3 -77.74 44.75 -11.26
C THR T 3 -78.61 44.58 -12.51
N LYS T 4 -77.98 44.52 -13.68
CA LYS T 4 -78.74 44.41 -14.92
C LYS T 4 -79.16 42.96 -15.16
N GLU T 5 -78.51 42.04 -14.47
CA GLU T 5 -78.96 40.64 -14.48
C GLU T 5 -80.29 40.54 -13.71
N GLN T 6 -80.37 41.20 -12.55
CA GLN T 6 -81.63 41.31 -11.83
C GLN T 6 -82.72 41.93 -12.70
N ARG T 7 -82.42 43.07 -13.32
CA ARG T 7 -83.40 43.78 -14.13
C ARG T 7 -84.01 42.89 -15.21
N ILE T 8 -83.16 42.12 -15.89
CA ILE T 8 -83.57 41.12 -16.88
C ILE T 8 -84.51 40.07 -16.32
N LEU T 9 -84.14 39.51 -15.15
CA LEU T 9 -84.98 38.49 -14.52
C LEU T 9 -86.32 39.09 -14.15
N ARG T 10 -86.30 40.31 -13.64
CA ARG T 10 -87.54 40.97 -13.26
C ARG T 10 -88.40 41.24 -14.50
N TYR T 11 -87.77 41.67 -15.60
CA TYR T 11 -88.53 41.90 -16.82
C TYR T 11 -89.24 40.62 -17.24
N VAL T 12 -88.56 39.48 -17.10
CA VAL T 12 -89.18 38.21 -17.42
C VAL T 12 -90.37 37.93 -16.50
N GLN T 13 -90.18 38.17 -15.20
CA GLN T 13 -91.16 37.76 -14.22
C GLN T 13 -92.42 38.61 -14.29
N GLN T 14 -92.35 39.67 -15.09
CA GLN T 14 -93.46 40.59 -15.27
C GLN T 14 -94.17 40.38 -16.60
N ASN T 15 -93.44 39.84 -17.57
CA ASN T 15 -93.84 39.91 -18.97
C ASN T 15 -94.05 38.58 -19.67
N ALA T 16 -93.32 37.54 -19.26
CA ALA T 16 -93.42 36.27 -19.97
C ALA T 16 -94.51 35.39 -19.36
N LYS T 17 -95.09 34.52 -20.17
CA LYS T 17 -96.01 33.53 -19.66
C LYS T 17 -95.23 32.40 -18.98
N PRO T 18 -95.66 32.04 -17.78
CA PRO T 18 -95.03 31.04 -16.91
C PRO T 18 -95.05 29.63 -17.49
N GLY T 19 -93.95 28.89 -17.32
CA GLY T 19 -93.84 27.55 -17.87
C GLY T 19 -93.96 27.58 -19.39
N ASP T 20 -93.34 28.60 -19.99
CA ASP T 20 -93.32 28.77 -21.44
C ASP T 20 -91.94 29.31 -21.84
N PRO T 21 -91.00 28.40 -22.10
CA PRO T 21 -89.61 28.73 -22.41
C PRO T 21 -89.49 29.65 -23.61
N GLN T 22 -90.29 29.39 -24.65
CA GLN T 22 -90.32 30.25 -25.82
C GLN T 22 -90.63 31.70 -25.42
N SER T 23 -91.65 31.87 -24.58
CA SER T 23 -92.04 33.19 -24.09
C SER T 23 -90.89 33.85 -23.34
N VAL T 24 -90.26 33.07 -22.46
CA VAL T 24 -89.17 33.58 -21.63
C VAL T 24 -88.03 34.03 -22.52
N LEU T 25 -87.63 33.16 -23.42
CA LEU T 25 -86.57 33.46 -24.38
C LEU T 25 -86.88 34.76 -25.12
N GLU T 26 -88.12 34.89 -25.56
CA GLU T 26 -88.49 36.02 -26.37
C GLU T 26 -88.44 37.31 -25.54
N ALA T 27 -88.88 37.23 -24.29
CA ALA T 27 -88.88 38.38 -23.38
C ALA T 27 -87.45 38.86 -23.08
N ILE T 28 -86.54 37.91 -22.88
CA ILE T 28 -85.11 38.24 -22.69
C ILE T 28 -84.55 38.96 -23.91
N ASP T 29 -84.85 38.45 -25.10
CA ASP T 29 -84.46 39.09 -26.38
C ASP T 29 -84.98 40.54 -26.47
N THR T 30 -86.26 40.71 -26.15
CA THR T 30 -86.89 42.02 -26.18
C THR T 30 -86.19 43.02 -25.28
N TYR T 31 -86.01 42.62 -24.02
CA TYR T 31 -85.35 43.48 -23.06
C TYR T 31 -83.97 43.85 -23.57
N CYS T 32 -83.22 42.85 -24.00
CA CYS T 32 -81.87 43.09 -24.49
C CYS T 32 -81.82 44.07 -25.67
N THR T 33 -82.67 43.89 -26.69
CA THR T 33 -82.60 44.80 -27.83
C THR T 33 -83.00 46.22 -27.40
N GLN T 34 -83.88 46.33 -26.41
CA GLN T 34 -84.32 47.64 -25.95
C GLN T 34 -83.25 48.30 -25.11
N LYS T 35 -82.64 47.55 -24.21
CA LYS T 35 -81.71 48.14 -23.26
C LYS T 35 -80.28 47.92 -23.70
N GLU T 36 -80.12 47.65 -25.00
CA GLU T 36 -78.82 47.53 -25.65
C GLU T 36 -77.80 46.72 -24.84
N TRP T 37 -78.05 45.41 -24.82
CA TRP T 37 -77.30 44.43 -24.05
C TRP T 37 -77.38 43.13 -24.83
N ALA T 38 -76.52 42.16 -24.53
CA ALA T 38 -76.50 40.93 -25.31
C ALA T 38 -76.33 39.73 -24.43
N MET T 39 -77.08 38.69 -24.74
CA MET T 39 -77.05 37.49 -23.93
C MET T 39 -75.86 36.60 -24.27
N ASN T 40 -75.93 35.39 -23.73
CA ASN T 40 -74.89 34.37 -23.78
C ASN T 40 -74.54 33.96 -25.23
N VAL T 41 -75.57 33.48 -25.92
CA VAL T 41 -75.53 33.13 -27.32
C VAL T 41 -76.56 34.00 -28.06
N GLY T 42 -76.38 34.21 -29.36
CA GLY T 42 -77.35 34.95 -30.16
C GLY T 42 -78.60 34.14 -30.47
N ASP T 43 -79.36 34.54 -31.47
CA ASP T 43 -80.47 33.71 -31.95
C ASP T 43 -79.99 32.83 -33.09
N ALA T 44 -79.05 33.35 -33.86
CA ALA T 44 -78.40 32.56 -34.89
C ALA T 44 -77.74 31.34 -34.25
N LYS T 45 -76.93 31.57 -33.23
CA LYS T 45 -76.30 30.46 -32.55
C LYS T 45 -77.37 29.58 -31.88
N GLY T 46 -78.42 30.18 -31.34
CA GLY T 46 -79.47 29.42 -30.70
C GLY T 46 -80.07 28.35 -31.60
N GLN T 47 -80.19 28.66 -32.88
CA GLN T 47 -80.82 27.78 -33.86
C GLN T 47 -79.91 26.61 -34.25
N ILE T 48 -78.62 26.77 -34.00
CA ILE T 48 -77.66 25.69 -34.15
C ILE T 48 -77.72 24.71 -32.98
N MET T 49 -77.64 25.24 -31.76
CA MET T 49 -77.92 24.49 -30.54
C MET T 49 -79.19 23.67 -30.68
N ASP T 50 -80.26 24.32 -31.13
CA ASP T 50 -81.54 23.66 -31.34
C ASP T 50 -81.36 22.46 -32.26
N ALA T 51 -80.83 22.69 -33.46
CA ALA T 51 -80.57 21.64 -34.44
C ALA T 51 -79.81 20.46 -33.82
N VAL T 52 -78.65 20.76 -33.24
CA VAL T 52 -77.83 19.78 -32.53
C VAL T 52 -78.63 18.98 -31.48
N ILE T 53 -79.22 19.66 -30.49
CA ILE T 53 -80.01 19.00 -29.45
C ILE T 53 -81.07 18.04 -30.03
N ARG T 54 -81.85 18.55 -30.99
CA ARG T 54 -82.87 17.74 -31.67
C ARG T 54 -82.23 16.54 -32.35
N GLU T 55 -81.04 16.73 -32.89
CA GLU T 55 -80.42 15.70 -33.70
C GLU T 55 -79.93 14.55 -32.85
N TYR T 56 -79.50 14.83 -31.63
CA TYR T 56 -78.86 13.81 -30.81
C TYR T 56 -79.67 13.34 -29.60
N SER T 57 -80.76 14.06 -29.30
CA SER T 57 -81.65 13.72 -28.18
C SER T 57 -80.93 13.31 -26.89
N PRO T 58 -79.96 14.13 -26.45
CA PRO T 58 -79.13 13.72 -25.31
C PRO T 58 -79.93 13.52 -24.03
N SER T 59 -79.59 12.48 -23.27
CA SER T 59 -80.25 12.19 -22.02
C SER T 59 -79.66 13.00 -20.86
N LEU T 60 -78.35 13.25 -20.91
CA LEU T 60 -77.67 14.03 -19.89
C LEU T 60 -76.74 15.08 -20.50
N VAL T 61 -77.05 16.35 -20.28
CA VAL T 61 -76.33 17.44 -20.95
C VAL T 61 -75.55 18.25 -19.93
N LEU T 62 -74.34 18.70 -20.29
CA LEU T 62 -73.52 19.54 -19.42
C LEU T 62 -73.25 20.90 -20.05
N GLU T 63 -73.52 21.98 -19.32
CA GLU T 63 -73.25 23.31 -19.83
C GLU T 63 -72.19 23.98 -18.98
N LEU T 64 -71.19 24.57 -19.62
CA LEU T 64 -70.20 25.32 -18.89
C LEU T 64 -70.37 26.80 -19.16
N GLY T 65 -70.89 27.51 -18.16
CA GLY T 65 -71.14 28.94 -18.28
C GLY T 65 -72.61 29.23 -18.52
N ALA T 66 -73.38 29.30 -17.45
CA ALA T 66 -74.82 29.48 -17.58
C ALA T 66 -75.14 30.94 -17.87
N TYR T 67 -74.36 31.83 -17.25
CA TYR T 67 -74.68 33.24 -17.11
C TYR T 67 -76.04 33.33 -16.44
N CYS T 68 -77.02 33.85 -17.16
CA CYS T 68 -78.34 34.10 -16.59
C CYS T 68 -79.32 33.01 -16.94
N GLY T 69 -78.89 32.05 -17.72
CA GLY T 69 -79.70 30.88 -17.96
C GLY T 69 -80.47 30.95 -19.26
N TYR T 70 -80.08 31.88 -20.12
CA TYR T 70 -80.71 31.96 -21.43
C TYR T 70 -80.39 30.66 -22.20
N SER T 71 -79.11 30.32 -22.26
CA SER T 71 -78.70 29.11 -22.97
C SER T 71 -79.26 27.86 -22.33
N ALA T 72 -79.46 27.91 -21.01
CA ALA T 72 -79.96 26.77 -20.28
C ALA T 72 -81.44 26.58 -20.58
N VAL T 73 -82.18 27.67 -20.66
CA VAL T 73 -83.58 27.61 -21.02
C VAL T 73 -83.69 27.16 -22.46
N ARG T 74 -82.81 27.71 -23.30
CA ARG T 74 -82.75 27.32 -24.71
C ARG T 74 -82.62 25.83 -24.86
N MET T 75 -81.67 25.23 -24.15
CA MET T 75 -81.39 23.81 -24.31
C MET T 75 -82.43 22.93 -23.62
N ALA T 76 -82.71 23.21 -22.35
CA ALA T 76 -83.61 22.36 -21.58
C ALA T 76 -85.01 22.25 -22.20
N ARG T 77 -85.41 23.28 -22.94
CA ARG T 77 -86.77 23.31 -23.48
C ARG T 77 -86.95 22.25 -24.58
N LEU T 78 -85.84 21.69 -25.06
CA LEU T 78 -85.90 20.68 -26.11
C LEU T 78 -85.64 19.26 -25.59
N LEU T 79 -85.30 19.15 -24.31
CA LEU T 79 -85.04 17.86 -23.71
C LEU T 79 -86.32 17.05 -23.52
N GLN T 80 -86.28 15.79 -23.95
CA GLN T 80 -87.40 14.86 -23.82
C GLN T 80 -87.69 14.54 -22.35
N PRO T 81 -88.89 14.01 -22.04
CA PRO T 81 -89.19 13.67 -20.65
C PRO T 81 -88.19 12.69 -20.06
N GLY T 82 -87.61 13.06 -18.93
CA GLY T 82 -86.66 12.20 -18.24
C GLY T 82 -85.22 12.69 -18.36
N ALA T 83 -84.91 13.26 -19.51
CA ALA T 83 -83.59 13.85 -19.77
C ALA T 83 -83.30 15.01 -18.82
N ARG T 84 -82.01 15.24 -18.54
CA ARG T 84 -81.61 16.29 -17.60
C ARG T 84 -80.49 17.16 -18.15
N LEU T 85 -80.09 18.16 -17.36
CA LEU T 85 -79.10 19.13 -17.76
C LEU T 85 -78.41 19.74 -16.54
N LEU T 86 -77.11 19.50 -16.40
CA LEU T 86 -76.28 20.09 -15.36
C LEU T 86 -75.62 21.34 -15.91
N THR T 87 -75.66 22.44 -15.18
CA THR T 87 -75.10 23.66 -15.71
C THR T 87 -74.27 24.36 -14.64
N MET T 88 -73.02 24.64 -14.98
CA MET T 88 -72.08 25.27 -14.07
C MET T 88 -71.95 26.75 -14.32
N GLU T 89 -72.16 27.53 -13.27
CA GLU T 89 -71.91 28.96 -13.31
C GLU T 89 -70.92 29.26 -12.20
N ILE T 90 -69.95 30.13 -12.46
CA ILE T 90 -68.91 30.42 -11.47
C ILE T 90 -69.30 31.53 -10.47
N ASN T 91 -70.11 32.47 -10.91
CA ASN T 91 -70.62 33.54 -10.05
C ASN T 91 -71.91 33.15 -9.33
N PRO T 92 -71.93 33.24 -8.00
CA PRO T 92 -73.11 32.97 -7.16
C PRO T 92 -74.39 33.71 -7.58
N ASP T 93 -74.30 35.03 -7.69
CA ASP T 93 -75.45 35.83 -8.13
C ASP T 93 -76.03 35.37 -9.47
N CYS T 94 -75.17 35.12 -10.45
CA CYS T 94 -75.66 34.62 -11.73
C CYS T 94 -76.33 33.24 -11.60
N ALA T 95 -75.80 32.41 -10.72
CA ALA T 95 -76.37 31.09 -10.48
C ALA T 95 -77.74 31.20 -9.79
N ALA T 96 -77.94 32.27 -9.03
CA ALA T 96 -79.24 32.48 -8.39
C ALA T 96 -80.28 32.99 -9.40
N ILE T 97 -79.86 33.89 -10.29
CA ILE T 97 -80.75 34.37 -11.34
C ILE T 97 -81.17 33.19 -12.21
N THR T 98 -80.19 32.39 -12.64
CA THR T 98 -80.46 31.23 -13.49
C THR T 98 -81.50 30.34 -12.83
N GLN T 99 -81.36 30.15 -11.52
CA GLN T 99 -82.34 29.39 -10.73
C GLN T 99 -83.76 29.87 -10.96
N GLN T 100 -83.96 31.18 -10.87
CA GLN T 100 -85.30 31.76 -11.00
C GLN T 100 -85.78 31.73 -12.44
N MET T 101 -84.93 32.17 -13.36
CA MET T 101 -85.20 32.07 -14.78
C MET T 101 -85.65 30.67 -15.20
N LEU T 102 -84.94 29.65 -14.72
CA LEU T 102 -85.29 28.28 -15.05
C LEU T 102 -86.58 27.86 -14.39
N ASN T 103 -86.82 28.34 -13.16
CA ASN T 103 -88.04 27.96 -12.48
C ASN T 103 -89.27 28.57 -13.13
N PHE T 104 -89.21 29.87 -13.40
CA PHE T 104 -90.26 30.55 -14.14
C PHE T 104 -90.58 29.80 -15.41
N ALA T 105 -89.53 29.34 -16.10
CA ALA T 105 -89.70 28.69 -17.39
C ALA T 105 -90.27 27.29 -17.22
N GLY T 106 -90.37 26.84 -15.97
CA GLY T 106 -90.95 25.55 -15.66
C GLY T 106 -90.04 24.40 -16.02
N LEU T 107 -88.76 24.57 -15.75
CA LEU T 107 -87.74 23.58 -16.08
C LEU T 107 -86.90 23.19 -14.89
N GLN T 108 -87.32 23.54 -13.69
CA GLN T 108 -86.48 23.36 -12.53
C GLN T 108 -86.28 21.88 -12.28
N ASP T 109 -87.30 21.09 -12.62
CA ASP T 109 -87.25 19.64 -12.52
C ASP T 109 -86.19 19.05 -13.46
N LYS T 110 -85.96 19.74 -14.57
CA LYS T 110 -85.09 19.23 -15.63
C LYS T 110 -83.64 19.69 -15.51
N VAL T 111 -83.39 20.71 -14.69
CA VAL T 111 -82.06 21.34 -14.66
C VAL T 111 -81.46 21.46 -13.25
N THR T 112 -80.21 21.05 -13.13
CA THR T 112 -79.42 21.26 -11.92
C THR T 112 -78.36 22.33 -12.16
N ILE T 113 -78.21 23.23 -11.19
CA ILE T 113 -77.27 24.35 -11.29
C ILE T 113 -76.15 24.14 -10.30
N LEU T 114 -74.92 24.03 -10.81
CA LEU T 114 -73.76 23.90 -9.94
C LEU T 114 -73.01 25.24 -9.84
N ASN T 115 -72.92 25.79 -8.64
CA ASN T 115 -72.13 26.99 -8.46
C ASN T 115 -70.69 26.62 -8.13
N GLY T 116 -69.76 27.07 -8.96
CA GLY T 116 -68.36 26.83 -8.72
C GLY T 116 -67.58 26.99 -10.00
N ALA T 117 -66.30 26.64 -9.97
CA ALA T 117 -65.48 26.61 -11.17
C ALA T 117 -65.52 25.22 -11.78
N SER T 118 -65.40 25.16 -13.12
CA SER T 118 -65.40 23.89 -13.84
C SER T 118 -64.31 22.89 -13.40
N GLN T 119 -63.08 23.36 -13.19
CA GLN T 119 -62.00 22.44 -12.86
C GLN T 119 -62.22 21.83 -11.48
N ASP T 120 -62.88 22.59 -10.60
CA ASP T 120 -63.19 22.09 -9.27
C ASP T 120 -64.40 21.17 -9.32
N LEU T 121 -65.32 21.44 -10.24
CA LEU T 121 -66.62 20.75 -10.24
C LEU T 121 -66.67 19.46 -11.06
N ILE T 122 -65.88 19.40 -12.13
CA ILE T 122 -65.93 18.25 -13.02
C ILE T 122 -65.50 16.93 -12.34
N PRO T 123 -64.38 16.94 -11.58
CA PRO T 123 -64.01 15.73 -10.82
C PRO T 123 -65.13 15.14 -9.94
N GLN T 124 -65.92 16.02 -9.33
CA GLN T 124 -67.00 15.61 -8.44
C GLN T 124 -68.26 15.09 -9.16
N LEU T 125 -68.36 15.31 -10.47
CA LEU T 125 -69.57 14.93 -11.21
C LEU T 125 -69.94 13.46 -11.01
N LYS T 126 -68.94 12.58 -11.05
CA LYS T 126 -69.22 11.16 -11.03
C LYS T 126 -69.65 10.64 -9.66
N LYS T 127 -69.00 11.12 -8.61
CA LYS T 127 -69.29 10.62 -7.26
C LYS T 127 -70.36 11.42 -6.53
N LYS T 128 -70.29 12.74 -6.60
CA LYS T 128 -71.23 13.56 -5.86
C LYS T 128 -72.58 13.76 -6.55
N TYR T 129 -72.60 13.84 -7.89
CA TYR T 129 -73.86 14.12 -8.60
C TYR T 129 -74.39 12.95 -9.43
N ASP T 130 -73.85 11.75 -9.19
CA ASP T 130 -74.35 10.49 -9.77
C ASP T 130 -74.29 10.40 -11.28
N VAL T 131 -73.33 11.07 -11.88
CA VAL T 131 -73.18 11.05 -13.34
C VAL T 131 -72.40 9.83 -13.79
N ASP T 132 -72.90 9.18 -14.83
CA ASP T 132 -72.17 8.11 -15.47
C ASP T 132 -71.42 8.70 -16.66
N THR T 133 -72.10 8.82 -17.79
CA THR T 133 -71.51 9.44 -18.98
C THR T 133 -72.35 10.63 -19.39
N LEU T 134 -71.69 11.68 -19.85
CA LEU T 134 -72.39 12.80 -20.45
C LEU T 134 -72.73 12.46 -21.89
N ASP T 135 -73.91 12.86 -22.33
CA ASP T 135 -74.32 12.61 -23.71
C ASP T 135 -73.96 13.80 -24.60
N MET T 136 -73.72 14.95 -23.98
CA MET T 136 -73.43 16.20 -24.70
C MET T 136 -72.96 17.33 -23.77
N VAL T 137 -72.03 18.16 -24.25
CA VAL T 137 -71.40 19.19 -23.44
C VAL T 137 -71.37 20.52 -24.20
N PHE T 138 -72.04 21.54 -23.69
CA PHE T 138 -71.98 22.84 -24.34
C PHE T 138 -70.92 23.70 -23.66
N LEU T 139 -69.92 24.15 -24.42
CA LEU T 139 -68.86 24.97 -23.84
C LEU T 139 -69.05 26.45 -24.15
N ASP T 140 -69.17 27.28 -23.10
CA ASP T 140 -69.19 28.73 -23.28
C ASP T 140 -68.58 29.49 -22.09
N HIS T 141 -67.56 28.93 -21.46
CA HIS T 141 -66.95 29.62 -20.34
C HIS T 141 -65.65 30.29 -20.74
N TRP T 142 -64.64 30.24 -19.88
CA TRP T 142 -63.39 30.95 -20.16
C TRP T 142 -62.63 30.30 -21.29
N LYS T 143 -62.23 31.07 -22.31
CA LYS T 143 -61.62 30.46 -23.51
C LYS T 143 -60.43 29.55 -23.15
N ASP T 144 -59.53 30.06 -22.31
CA ASP T 144 -58.29 29.36 -21.96
C ASP T 144 -58.54 28.05 -21.19
N ARG T 145 -59.80 27.76 -20.87
CA ARG T 145 -60.07 26.52 -20.17
C ARG T 145 -60.80 25.50 -21.05
N TYR T 146 -61.11 25.85 -22.30
CA TYR T 146 -61.75 24.89 -23.20
C TYR T 146 -60.92 23.61 -23.35
N LEU T 147 -59.65 23.76 -23.70
CA LEU T 147 -58.83 22.59 -23.94
C LEU T 147 -58.55 21.78 -22.66
N PRO T 148 -58.09 22.43 -21.57
CA PRO T 148 -57.93 21.64 -20.35
C PRO T 148 -59.20 20.94 -19.88
N ASP T 149 -60.33 21.62 -19.87
CA ASP T 149 -61.54 21.03 -19.29
C ASP T 149 -62.05 19.86 -20.15
N THR T 150 -61.75 19.87 -21.44
CA THR T 150 -62.04 18.75 -22.33
C THR T 150 -61.25 17.51 -21.94
N LEU T 151 -59.96 17.69 -21.71
CA LEU T 151 -59.14 16.59 -21.25
C LEU T 151 -59.56 16.17 -19.87
N LEU T 152 -59.89 17.16 -19.05
CA LEU T 152 -60.29 16.88 -17.69
C LEU T 152 -61.55 16.00 -17.74
N LEU T 153 -62.45 16.33 -18.65
CA LEU T 153 -63.61 15.47 -18.89
C LEU T 153 -63.18 14.05 -19.32
N GLU T 154 -62.28 13.94 -20.30
CA GLU T 154 -61.78 12.64 -20.77
C GLU T 154 -61.24 11.73 -19.67
N GLU T 155 -60.35 12.28 -18.85
CA GLU T 155 -59.63 11.50 -17.87
C GLU T 155 -60.50 11.12 -16.71
N CYS T 156 -61.58 11.87 -16.51
CA CYS T 156 -62.56 11.51 -15.48
C CYS T 156 -63.58 10.52 -16.01
N GLY T 157 -63.46 10.15 -17.28
CA GLY T 157 -64.27 9.10 -17.87
C GLY T 157 -65.72 9.46 -18.06
N LEU T 158 -65.97 10.74 -18.34
CA LEU T 158 -67.32 11.29 -18.46
C LEU T 158 -67.80 11.30 -19.90
N LEU T 159 -66.88 11.20 -20.85
CA LEU T 159 -67.25 11.12 -22.27
C LEU T 159 -67.35 9.68 -22.68
N ARG T 160 -68.18 9.43 -23.68
CA ARG T 160 -68.30 8.11 -24.28
C ARG T 160 -68.37 8.24 -25.80
N LYS T 161 -68.28 7.11 -26.50
CA LYS T 161 -68.42 7.08 -27.94
C LYS T 161 -69.76 7.71 -28.33
N GLY T 162 -69.71 8.80 -29.07
CA GLY T 162 -70.91 9.48 -29.50
C GLY T 162 -71.24 10.72 -28.68
N THR T 163 -70.51 10.94 -27.59
CA THR T 163 -70.73 12.13 -26.79
C THR T 163 -70.39 13.37 -27.59
N VAL T 164 -71.33 14.31 -27.66
CA VAL T 164 -71.17 15.55 -28.44
C VAL T 164 -70.63 16.74 -27.65
N LEU T 165 -69.47 17.26 -28.02
CA LEU T 165 -69.05 18.58 -27.54
C LEU T 165 -69.51 19.63 -28.52
N LEU T 166 -70.11 20.70 -28.02
CA LEU T 166 -70.47 21.85 -28.85
C LEU T 166 -69.80 23.10 -28.29
N ALA T 167 -68.70 23.54 -28.89
CA ALA T 167 -67.96 24.68 -28.33
C ALA T 167 -68.34 26.01 -28.98
N ASP T 168 -68.47 27.06 -28.19
CA ASP T 168 -68.88 28.36 -28.73
C ASP T 168 -67.71 29.35 -28.76
N ASN T 169 -67.79 30.31 -29.67
CA ASN T 169 -66.79 31.37 -29.80
C ASN T 169 -65.42 30.85 -30.18
N VAL T 170 -65.39 29.80 -30.99
CA VAL T 170 -64.12 29.19 -31.40
C VAL T 170 -63.40 30.06 -32.42
N ILE T 171 -64.12 31.02 -33.01
CA ILE T 171 -63.52 31.97 -33.96
C ILE T 171 -63.44 33.39 -33.38
N VAL T 172 -64.52 33.83 -32.75
CA VAL T 172 -64.55 35.12 -32.07
C VAL T 172 -64.84 34.99 -30.58
N PRO T 173 -63.86 35.31 -29.73
CA PRO T 173 -62.53 35.82 -30.08
C PRO T 173 -61.55 34.70 -30.43
N GLY T 174 -62.02 33.47 -30.34
CA GLY T 174 -61.29 32.31 -30.79
C GLY T 174 -60.79 31.40 -29.69
N THR T 175 -60.90 30.09 -29.91
CA THR T 175 -60.23 29.09 -29.09
C THR T 175 -59.28 28.24 -29.95
N PRO T 176 -58.16 28.82 -30.38
CA PRO T 176 -57.26 28.16 -31.34
C PRO T 176 -56.65 26.85 -30.81
N ASP T 177 -56.20 26.83 -29.57
CA ASP T 177 -55.65 25.61 -28.97
C ASP T 177 -56.69 24.49 -28.88
N PHE T 178 -57.89 24.81 -28.40
CA PHE T 178 -58.96 23.83 -28.33
C PHE T 178 -59.28 23.25 -29.71
N LEU T 179 -59.30 24.10 -30.72
CA LEU T 179 -59.75 23.68 -32.04
C LEU T 179 -58.73 22.74 -32.65
N ALA T 180 -57.48 23.16 -32.57
CA ALA T 180 -56.35 22.39 -33.06
C ALA T 180 -56.46 20.99 -32.51
N TYR T 181 -56.76 20.92 -31.21
CA TYR T 181 -56.77 19.66 -30.52
C TYR T 181 -57.87 18.74 -31.05
N VAL T 182 -59.11 19.23 -31.12
CA VAL T 182 -60.22 18.35 -31.51
C VAL T 182 -60.23 18.05 -32.99
N ARG T 183 -59.68 18.95 -33.82
CA ARG T 183 -59.58 18.69 -35.26
C ARG T 183 -58.39 17.79 -35.63
N GLY T 184 -57.34 17.82 -34.81
CA GLY T 184 -56.19 16.97 -35.05
C GLY T 184 -56.26 15.61 -34.38
N SER T 185 -57.02 15.50 -33.31
CA SER T 185 -57.11 14.26 -32.57
C SER T 185 -57.95 13.22 -33.29
N SER T 186 -57.51 11.96 -33.21
CA SER T 186 -58.27 10.88 -33.79
C SER T 186 -59.41 10.50 -32.86
N SER T 187 -59.49 11.18 -31.71
CA SER T 187 -60.54 10.94 -30.72
C SER T 187 -61.83 11.70 -31.01
N PHE T 188 -61.72 12.76 -31.82
CA PHE T 188 -62.87 13.59 -32.16
C PHE T 188 -63.14 13.69 -33.67
N GLU T 189 -64.41 13.59 -34.03
CA GLU T 189 -64.88 13.86 -35.39
C GLU T 189 -65.62 15.19 -35.41
N CYS T 190 -65.08 16.17 -36.15
CA CYS T 190 -65.49 17.56 -36.01
C CYS T 190 -66.25 18.19 -37.16
N THR T 191 -67.03 19.19 -36.82
CA THR T 191 -67.83 19.95 -37.77
C THR T 191 -67.89 21.40 -37.34
N HIS T 192 -67.72 22.33 -38.27
CA HIS T 192 -67.88 23.74 -37.95
C HIS T 192 -69.26 24.24 -38.38
N TYR T 193 -69.87 25.08 -37.56
CA TYR T 193 -71.11 25.76 -37.95
C TYR T 193 -70.87 27.26 -37.87
N SER T 194 -70.93 27.91 -39.02
CA SER T 194 -70.73 29.35 -39.04
C SER T 194 -71.93 30.07 -38.44
N SER T 195 -71.63 31.18 -37.79
CA SER T 195 -72.64 32.01 -37.16
C SER T 195 -72.43 33.47 -37.56
N TYR T 196 -73.27 33.98 -38.47
CA TYR T 196 -73.09 35.33 -39.00
C TYR T 196 -73.72 36.40 -38.11
N LEU T 197 -72.87 37.13 -37.40
CA LEU T 197 -73.33 38.16 -36.46
C LEU T 197 -73.40 39.52 -37.13
N GLU T 198 -72.47 39.76 -38.04
CA GLU T 198 -72.44 41.00 -38.80
C GLU T 198 -71.73 40.77 -40.15
N TYR T 199 -72.37 41.23 -41.23
CA TYR T 199 -71.87 41.08 -42.58
C TYR T 199 -70.36 41.30 -42.64
N MET T 200 -69.68 40.31 -43.22
CA MET T 200 -68.25 40.32 -43.47
C MET T 200 -67.33 40.35 -42.23
N LYS T 201 -67.64 41.16 -41.22
CA LYS T 201 -66.65 41.45 -40.19
C LYS T 201 -66.86 40.76 -38.82
N VAL T 202 -68.07 40.30 -38.55
CA VAL T 202 -68.22 39.50 -37.35
C VAL T 202 -68.83 38.18 -37.74
N VAL T 203 -67.95 37.28 -38.17
CA VAL T 203 -68.34 35.91 -38.48
C VAL T 203 -67.72 35.03 -37.42
N ASP T 204 -68.57 34.36 -36.65
CA ASP T 204 -68.13 33.49 -35.57
C ASP T 204 -68.53 32.07 -35.90
N GLY T 205 -68.51 31.20 -34.90
CA GLY T 205 -68.90 29.82 -35.10
C GLY T 205 -68.84 28.95 -33.88
N LEU T 206 -69.54 27.82 -33.97
CA LEU T 206 -69.50 26.80 -32.96
C LEU T 206 -68.82 25.60 -33.59
N GLU T 207 -67.96 24.90 -32.83
CA GLU T 207 -67.44 23.63 -33.33
C GLU T 207 -68.15 22.48 -32.66
N LYS T 208 -68.75 21.60 -33.45
CA LYS T 208 -69.22 20.32 -32.92
C LYS T 208 -68.13 19.26 -33.00
N ALA T 209 -67.79 18.68 -31.86
CA ALA T 209 -66.76 17.65 -31.84
C ALA T 209 -67.31 16.38 -31.21
N ILE T 210 -67.42 15.29 -31.96
CA ILE T 210 -67.98 14.08 -31.38
C ILE T 210 -66.90 13.08 -30.93
N TYR T 211 -66.90 12.78 -29.63
CA TYR T 211 -65.94 11.84 -29.05
C TYR T 211 -66.09 10.47 -29.67
N GLN T 212 -64.95 9.91 -30.08
CA GLN T 212 -64.95 8.63 -30.76
C GLN T 212 -64.51 7.51 -29.84
N GLY T 213 -64.20 7.86 -28.60
CA GLY T 213 -63.89 6.89 -27.57
C GLY T 213 -62.41 6.58 -27.53
N PRO T 214 -62.01 5.63 -26.67
CA PRO T 214 -60.64 5.09 -26.77
C PRO T 214 -60.53 4.03 -27.87
N SER T 215 -59.31 3.56 -28.12
CA SER T 215 -59.09 2.50 -29.11
C SER T 215 -58.71 1.18 -28.43
N GLY U 1 50.40 1.53 17.65
CA GLY U 1 51.00 0.59 18.59
C GLY U 1 52.42 0.97 18.98
N ASP U 2 53.07 0.11 19.75
CA ASP U 2 54.44 0.35 20.20
C ASP U 2 55.17 -0.96 20.46
N THR U 3 55.58 -1.64 19.38
CA THR U 3 56.20 -2.96 19.47
C THR U 3 57.35 -2.96 20.46
N LYS U 4 57.64 -4.13 21.04
CA LYS U 4 58.68 -4.20 22.04
C LYS U 4 60.06 -4.20 21.38
N GLU U 5 60.09 -4.38 20.07
CA GLU U 5 61.31 -4.19 19.29
C GLU U 5 61.60 -2.71 19.15
N GLN U 6 60.56 -1.91 19.23
CA GLN U 6 60.72 -0.46 19.21
C GLN U 6 61.11 0.04 20.58
N ARG U 7 60.66 -0.66 21.61
CA ARG U 7 61.04 -0.30 22.97
C ARG U 7 62.53 -0.61 23.21
N ILE U 8 63.04 -1.67 22.59
CA ILE U 8 64.46 -2.02 22.70
C ILE U 8 65.33 -0.97 22.03
N LEU U 9 64.99 -0.62 20.79
CA LEU U 9 65.73 0.35 20.01
C LEU U 9 65.86 1.67 20.76
N ARG U 10 64.77 2.05 21.41
CA ARG U 10 64.68 3.31 22.14
C ARG U 10 65.54 3.26 23.41
N TYR U 11 65.62 2.08 24.01
CA TYR U 11 66.46 1.90 25.19
C TYR U 11 67.92 2.08 24.82
N VAL U 12 68.28 1.50 23.67
CA VAL U 12 69.65 1.58 23.18
C VAL U 12 70.11 3.02 23.03
N GLN U 13 69.35 3.82 22.28
CA GLN U 13 69.76 5.19 21.99
C GLN U 13 69.89 6.06 23.25
N GLN U 14 68.99 5.88 24.21
CA GLN U 14 68.97 6.75 25.38
C GLN U 14 69.85 6.25 26.51
N ASN U 15 70.60 5.18 26.29
CA ASN U 15 71.43 4.60 27.34
C ASN U 15 72.85 4.23 26.92
N ALA U 16 73.05 3.93 25.64
CA ALA U 16 74.35 3.44 25.16
C ALA U 16 75.07 4.46 24.29
N LYS U 17 76.41 4.39 24.28
CA LYS U 17 77.24 5.32 23.51
C LYS U 17 77.26 4.97 22.02
N PRO U 18 77.12 5.99 21.14
CA PRO U 18 77.06 5.76 19.71
C PRO U 18 78.33 5.11 19.17
N GLY U 19 78.26 4.52 17.99
CA GLY U 19 79.43 3.97 17.33
C GLY U 19 80.09 2.76 17.98
N ASP U 20 79.85 2.58 19.28
CA ASP U 20 80.46 1.50 20.06
C ASP U 20 79.55 0.26 20.11
N PRO U 21 79.87 -0.76 19.29
CA PRO U 21 79.03 -1.95 19.23
C PRO U 21 78.98 -2.67 20.56
N GLN U 22 80.11 -2.64 21.28
CA GLN U 22 80.20 -3.26 22.60
C GLN U 22 79.14 -2.71 23.55
N SER U 23 78.88 -1.41 23.48
CA SER U 23 77.95 -0.76 24.39
C SER U 23 76.51 -0.99 23.98
N VAL U 24 76.25 -0.96 22.67
CA VAL U 24 74.94 -1.30 22.14
C VAL U 24 74.55 -2.70 22.57
N LEU U 25 75.52 -3.61 22.53
CA LEU U 25 75.31 -5.01 22.94
C LEU U 25 75.01 -5.10 24.42
N GLU U 26 75.80 -4.40 25.23
CA GLU U 26 75.61 -4.42 26.67
C GLU U 26 74.29 -3.76 27.03
N ALA U 27 73.88 -2.76 26.24
CA ALA U 27 72.59 -2.10 26.43
C ALA U 27 71.43 -3.06 26.24
N ILE U 28 71.35 -3.63 25.04
CA ILE U 28 70.31 -4.62 24.71
C ILE U 28 70.28 -5.72 25.77
N ASP U 29 71.45 -6.12 26.27
CA ASP U 29 71.57 -7.16 27.29
C ASP U 29 70.91 -6.75 28.60
N THR U 30 71.06 -5.48 28.95
CA THR U 30 70.51 -4.95 30.18
C THR U 30 68.99 -4.84 30.07
N TYR U 31 68.52 -4.44 28.89
CA TYR U 31 67.09 -4.33 28.67
C TYR U 31 66.43 -5.68 28.89
N CYS U 32 67.13 -6.73 28.46
CA CYS U 32 66.54 -8.05 28.43
C CYS U 32 66.38 -8.70 29.82
N THR U 33 67.37 -8.54 30.69
CA THR U 33 67.20 -9.02 32.07
C THR U 33 66.18 -8.17 32.81
N GLN U 34 66.10 -6.89 32.46
CA GLN U 34 65.23 -5.94 33.16
C GLN U 34 63.76 -6.03 32.78
N LYS U 35 63.48 -6.34 31.52
CA LYS U 35 62.09 -6.43 31.06
C LYS U 35 61.73 -7.87 30.68
N GLU U 36 62.46 -8.82 31.26
CA GLU U 36 62.21 -10.26 31.08
C GLU U 36 61.90 -10.66 29.63
N TRP U 37 62.92 -10.47 28.80
CA TRP U 37 62.90 -10.83 27.40
C TRP U 37 64.26 -11.45 27.13
N ALA U 38 64.40 -12.22 26.07
CA ALA U 38 65.70 -12.75 25.72
C ALA U 38 65.98 -12.49 24.27
N MET U 39 67.25 -12.46 23.88
CA MET U 39 67.54 -12.17 22.51
C MET U 39 67.70 -13.46 21.67
N ASN U 40 68.25 -13.28 20.48
CA ASN U 40 68.42 -14.33 19.51
C ASN U 40 69.42 -15.39 19.99
N VAL U 41 70.52 -14.93 20.59
CA VAL U 41 71.53 -15.82 21.17
C VAL U 41 71.92 -15.37 22.58
N GLY U 42 72.10 -16.33 23.49
CA GLY U 42 72.53 -16.02 24.85
C GLY U 42 73.97 -15.54 24.94
N ASP U 43 74.51 -15.46 26.16
CA ASP U 43 75.89 -15.05 26.32
C ASP U 43 76.84 -16.17 25.92
N ALA U 44 76.54 -17.38 26.37
CA ALA U 44 77.35 -18.55 26.08
C ALA U 44 77.51 -18.76 24.56
N LYS U 45 76.39 -18.81 23.85
CA LYS U 45 76.42 -18.96 22.39
C LYS U 45 77.13 -17.77 21.78
N GLY U 46 77.05 -16.64 22.46
CA GLY U 46 77.67 -15.42 21.97
C GLY U 46 79.16 -15.61 21.89
N GLN U 47 79.71 -16.26 22.91
CA GLN U 47 81.15 -16.49 22.99
C GLN U 47 81.59 -17.48 21.91
N ILE U 48 80.78 -18.51 21.68
CA ILE U 48 81.05 -19.47 20.62
C ILE U 48 81.00 -18.78 19.26
N MET U 49 80.08 -17.83 19.10
CA MET U 49 80.00 -17.05 17.87
C MET U 49 81.29 -16.27 17.68
N ASP U 50 81.61 -15.43 18.66
CA ASP U 50 82.84 -14.64 18.65
C ASP U 50 84.05 -15.49 18.25
N ALA U 51 84.21 -16.63 18.94
CA ALA U 51 85.35 -17.53 18.74
C ALA U 51 85.47 -18.01 17.31
N VAL U 52 84.35 -18.45 16.74
CA VAL U 52 84.34 -18.89 15.35
C VAL U 52 84.80 -17.76 14.43
N ILE U 53 84.08 -16.64 14.48
CA ILE U 53 84.37 -15.48 13.65
C ILE U 53 85.87 -15.16 13.64
N ARG U 54 86.45 -15.10 14.83
CA ARG U 54 87.86 -14.77 14.98
C ARG U 54 88.77 -15.78 14.28
N GLU U 55 88.53 -17.06 14.51
CA GLU U 55 89.41 -18.10 13.99
C GLU U 55 89.48 -18.12 12.46
N TYR U 56 88.40 -17.72 11.79
CA TYR U 56 88.33 -17.84 10.33
C TYR U 56 88.36 -16.50 9.61
N SER U 57 88.30 -15.41 10.38
CA SER U 57 88.31 -14.03 9.85
C SER U 57 87.65 -13.89 8.49
N PRO U 58 86.34 -14.19 8.40
CA PRO U 58 85.65 -14.18 7.12
C PRO U 58 85.55 -12.81 6.46
N SER U 59 85.54 -12.82 5.14
CA SER U 59 85.45 -11.62 4.33
C SER U 59 83.99 -11.33 3.98
N LEU U 60 83.16 -12.36 4.08
CA LEU U 60 81.74 -12.22 3.76
C LEU U 60 80.87 -13.21 4.52
N VAL U 61 79.99 -12.69 5.35
CA VAL U 61 79.10 -13.52 6.17
C VAL U 61 77.64 -13.40 5.70
N LEU U 62 76.93 -14.52 5.66
CA LEU U 62 75.50 -14.48 5.47
C LEU U 62 74.80 -14.92 6.74
N GLU U 63 74.00 -14.03 7.35
CA GLU U 63 73.23 -14.42 8.55
C GLU U 63 71.74 -14.58 8.25
N LEU U 64 71.18 -15.73 8.61
CA LEU U 64 69.76 -15.95 8.39
C LEU U 64 68.98 -15.82 9.69
N GLY U 65 68.11 -14.82 9.75
CA GLY U 65 67.26 -14.59 10.91
C GLY U 65 67.79 -13.51 11.83
N ALA U 66 67.85 -12.29 11.31
CA ALA U 66 68.50 -11.18 12.01
C ALA U 66 67.79 -10.77 13.30
N TYR U 67 66.46 -10.90 13.32
CA TYR U 67 65.63 -10.33 14.39
C TYR U 67 65.87 -8.80 14.50
N CYS U 68 66.48 -8.34 15.59
CA CYS U 68 66.83 -6.93 15.78
C CYS U 68 68.28 -6.63 15.46
N GLY U 69 68.98 -7.64 14.94
CA GLY U 69 70.39 -7.51 14.59
C GLY U 69 71.33 -7.50 15.78
N TYR U 70 70.89 -8.10 16.88
CA TYR U 70 71.74 -8.23 18.04
C TYR U 70 72.90 -9.11 17.63
N SER U 71 72.58 -10.20 16.94
CA SER U 71 73.60 -11.10 16.44
C SER U 71 74.37 -10.46 15.28
N ALA U 72 73.76 -9.48 14.61
CA ALA U 72 74.43 -8.80 13.51
C ALA U 72 75.47 -7.81 14.04
N VAL U 73 75.16 -7.15 15.15
CA VAL U 73 76.12 -6.26 15.81
C VAL U 73 77.24 -7.08 16.44
N ARG U 74 76.87 -8.23 17.01
CA ARG U 74 77.83 -9.14 17.60
C ARG U 74 78.88 -9.51 16.56
N MET U 75 78.42 -10.08 15.44
CA MET U 75 79.31 -10.61 14.40
C MET U 75 80.13 -9.54 13.68
N ALA U 76 79.46 -8.45 13.27
CA ALA U 76 80.08 -7.45 12.43
C ALA U 76 81.22 -6.73 13.15
N ARG U 77 81.10 -6.58 14.46
CA ARG U 77 82.08 -5.81 15.22
C ARG U 77 83.46 -6.49 15.18
N LEU U 78 83.47 -7.76 14.78
CA LEU U 78 84.70 -8.52 14.67
C LEU U 78 85.17 -8.65 13.21
N LEU U 79 84.52 -7.92 12.31
CA LEU U 79 84.84 -8.06 10.90
C LEU U 79 86.02 -7.18 10.51
N GLN U 80 86.90 -7.75 9.68
CA GLN U 80 88.09 -7.07 9.22
C GLN U 80 87.75 -5.83 8.39
N PRO U 81 88.63 -4.82 8.40
CA PRO U 81 88.39 -3.63 7.56
C PRO U 81 88.13 -3.98 6.10
N GLY U 82 86.92 -3.67 5.62
CA GLY U 82 86.54 -4.01 4.26
C GLY U 82 85.69 -5.27 4.15
N ALA U 83 85.62 -6.05 5.23
CA ALA U 83 84.78 -7.25 5.25
C ALA U 83 83.32 -6.88 5.41
N ARG U 84 82.43 -7.66 4.80
CA ARG U 84 81.00 -7.34 4.87
C ARG U 84 80.18 -8.49 5.43
N LEU U 85 78.94 -8.18 5.81
CA LEU U 85 77.99 -9.17 6.29
C LEU U 85 76.63 -8.91 5.64
N LEU U 86 76.06 -9.97 5.06
CA LEU U 86 74.70 -9.93 4.58
C LEU U 86 73.81 -10.57 5.63
N THR U 87 72.75 -9.87 6.01
CA THR U 87 71.81 -10.43 6.98
C THR U 87 70.38 -10.33 6.48
N MET U 88 69.67 -11.45 6.53
CA MET U 88 68.29 -11.54 6.04
C MET U 88 67.29 -11.61 7.19
N GLU U 89 66.20 -10.85 7.10
CA GLU U 89 65.13 -10.88 8.08
C GLU U 89 63.77 -10.89 7.40
N ILE U 90 62.94 -11.87 7.74
CA ILE U 90 61.66 -12.05 7.03
C ILE U 90 60.59 -11.01 7.39
N ASN U 91 60.71 -10.39 8.56
CA ASN U 91 59.74 -9.38 8.99
C ASN U 91 60.22 -7.98 8.68
N PRO U 92 59.41 -7.20 7.95
CA PRO U 92 59.80 -5.84 7.54
C PRO U 92 60.10 -4.91 8.71
N ASP U 93 59.34 -5.05 9.81
CA ASP U 93 59.53 -4.23 11.01
C ASP U 93 60.91 -4.48 11.62
N CYS U 94 61.16 -5.74 11.97
CA CYS U 94 62.42 -6.14 12.56
C CYS U 94 63.58 -5.78 11.63
N ALA U 95 63.38 -5.97 10.32
CA ALA U 95 64.40 -5.61 9.35
C ALA U 95 64.71 -4.11 9.43
N ALA U 96 63.66 -3.31 9.53
CA ALA U 96 63.84 -1.87 9.67
C ALA U 96 64.48 -1.55 11.02
N ILE U 97 63.98 -2.19 12.07
CA ILE U 97 64.55 -2.05 13.40
C ILE U 97 66.06 -2.31 13.36
N THR U 98 66.44 -3.38 12.68
CA THR U 98 67.82 -3.79 12.57
C THR U 98 68.67 -2.75 11.85
N GLN U 99 68.11 -2.11 10.83
CA GLN U 99 68.83 -1.08 10.10
C GLN U 99 69.28 0.05 11.02
N GLN U 100 68.39 0.46 11.91
CA GLN U 100 68.71 1.54 12.85
C GLN U 100 69.60 1.09 14.01
N MET U 101 69.48 -0.17 14.41
CA MET U 101 70.34 -0.69 15.47
C MET U 101 71.80 -0.72 15.03
N LEU U 102 72.00 -0.91 13.73
CA LEU U 102 73.33 -0.94 13.15
C LEU U 102 73.83 0.46 12.80
N ASN U 103 72.92 1.31 12.32
CA ASN U 103 73.28 2.69 12.04
C ASN U 103 73.80 3.34 13.30
N PHE U 104 73.18 3.00 14.42
CA PHE U 104 73.56 3.53 15.71
C PHE U 104 74.92 2.99 16.16
N ALA U 105 75.19 1.73 15.82
CA ALA U 105 76.43 1.08 16.24
C ALA U 105 77.60 1.44 15.34
N GLY U 106 77.34 2.29 14.35
CA GLY U 106 78.37 2.74 13.43
C GLY U 106 78.84 1.62 12.53
N LEU U 107 77.90 0.77 12.12
CA LEU U 107 78.25 -0.40 11.30
C LEU U 107 77.42 -0.49 10.03
N GLN U 108 76.81 0.62 9.62
CA GLN U 108 75.90 0.61 8.48
C GLN U 108 76.60 0.28 7.18
N ASP U 109 77.92 0.44 7.18
CA ASP U 109 78.73 0.28 5.97
C ASP U 109 79.27 -1.14 5.84
N LYS U 110 79.45 -1.82 6.98
CA LYS U 110 79.94 -3.19 6.96
C LYS U 110 78.80 -4.17 6.75
N VAL U 111 77.57 -3.68 6.85
CA VAL U 111 76.41 -4.57 6.84
C VAL U 111 75.38 -4.16 5.80
N THR U 112 74.83 -5.16 5.12
CA THR U 112 73.69 -4.96 4.21
C THR U 112 72.51 -5.74 4.74
N ILE U 113 71.36 -5.10 4.85
CA ILE U 113 70.18 -5.77 5.39
C ILE U 113 69.14 -6.05 4.31
N LEU U 114 68.76 -7.31 4.20
CA LEU U 114 67.81 -7.76 3.20
C LEU U 114 66.50 -8.20 3.83
N ASN U 115 65.41 -7.54 3.46
CA ASN U 115 64.08 -7.93 3.89
C ASN U 115 63.43 -8.87 2.88
N GLY U 116 63.02 -10.04 3.37
CA GLY U 116 62.42 -11.06 2.54
C GLY U 116 62.72 -12.46 3.03
N ALA U 117 62.11 -13.47 2.38
CA ALA U 117 62.31 -14.85 2.79
C ALA U 117 63.66 -15.37 2.30
N SER U 118 64.21 -16.34 3.04
CA SER U 118 65.48 -16.93 2.69
C SER U 118 65.48 -17.54 1.29
N GLN U 119 64.48 -18.37 0.99
CA GLN U 119 64.45 -19.12 -0.25
C GLN U 119 64.27 -18.23 -1.48
N ASP U 120 63.81 -17.00 -1.27
CA ASP U 120 63.57 -16.05 -2.35
C ASP U 120 64.76 -15.10 -2.52
N LEU U 121 65.56 -15.00 -1.47
CA LEU U 121 66.68 -14.07 -1.47
C LEU U 121 68.00 -14.73 -1.82
N ILE U 122 68.17 -15.97 -1.39
CA ILE U 122 69.40 -16.71 -1.66
C ILE U 122 69.67 -16.84 -3.17
N PRO U 123 68.65 -17.17 -3.98
CA PRO U 123 68.96 -17.29 -5.42
C PRO U 123 69.31 -15.97 -6.11
N GLN U 124 68.93 -14.84 -5.52
CA GLN U 124 69.26 -13.54 -6.08
C GLN U 124 70.56 -12.98 -5.51
N LEU U 125 71.23 -13.77 -4.68
CA LEU U 125 72.46 -13.30 -4.03
C LEU U 125 73.56 -13.02 -5.02
N LYS U 126 73.71 -13.89 -6.02
CA LYS U 126 74.68 -13.66 -7.07
C LYS U 126 74.24 -12.52 -7.98
N LYS U 127 73.03 -12.65 -8.54
CA LYS U 127 72.51 -11.70 -9.52
C LYS U 127 72.52 -10.24 -9.08
N LYS U 128 71.86 -9.96 -7.96
CA LYS U 128 71.60 -8.60 -7.53
C LYS U 128 72.66 -8.02 -6.59
N TYR U 129 73.13 -8.81 -5.63
CA TYR U 129 74.05 -8.29 -4.62
C TYR U 129 75.49 -8.73 -4.86
N ASP U 130 75.76 -9.17 -6.08
CA ASP U 130 77.10 -9.50 -6.58
C ASP U 130 78.01 -10.20 -5.57
N VAL U 131 77.52 -11.33 -5.07
CA VAL U 131 78.28 -12.17 -4.18
C VAL U 131 78.87 -13.33 -4.98
N ASP U 132 80.14 -13.63 -4.75
CA ASP U 132 80.74 -14.78 -5.41
C ASP U 132 80.55 -16.01 -4.55
N THR U 133 81.32 -16.12 -3.47
CA THR U 133 81.05 -17.16 -2.49
C THR U 133 81.01 -16.56 -1.10
N LEU U 134 80.21 -17.17 -0.25
CA LEU U 134 80.13 -16.80 1.15
C LEU U 134 81.23 -17.51 1.91
N ASP U 135 81.83 -16.81 2.86
CA ASP U 135 82.92 -17.37 3.63
C ASP U 135 82.36 -18.04 4.89
N MET U 136 81.27 -17.50 5.42
CA MET U 136 80.62 -18.06 6.60
C MET U 136 79.12 -17.78 6.65
N VAL U 137 78.34 -18.81 6.97
CA VAL U 137 76.88 -18.66 7.05
C VAL U 137 76.39 -18.97 8.45
N PHE U 138 75.72 -18.01 9.08
CA PHE U 138 75.11 -18.22 10.40
C PHE U 138 73.61 -18.48 10.25
N LEU U 139 73.16 -19.65 10.69
CA LEU U 139 71.75 -20.03 10.55
C LEU U 139 70.98 -19.95 11.85
N ASP U 140 69.90 -19.17 11.86
CA ASP U 140 69.09 -19.03 13.06
C ASP U 140 67.63 -18.68 12.76
N HIS U 141 67.19 -18.99 11.55
CA HIS U 141 65.81 -18.69 11.17
C HIS U 141 64.92 -19.89 11.46
N TRP U 142 63.85 -20.07 10.68
CA TRP U 142 62.96 -21.21 10.91
C TRP U 142 63.71 -22.55 10.84
N LYS U 143 63.53 -23.36 11.87
CA LYS U 143 64.07 -24.71 11.97
C LYS U 143 63.97 -25.58 10.70
N ASP U 144 62.76 -25.71 10.16
CA ASP U 144 62.51 -26.62 9.06
C ASP U 144 63.01 -26.08 7.71
N ARG U 145 63.81 -25.03 7.74
CA ARG U 145 64.36 -24.51 6.51
C ARG U 145 65.88 -24.50 6.56
N TYR U 146 66.44 -25.08 7.61
CA TYR U 146 67.89 -25.23 7.69
C TYR U 146 68.40 -26.12 6.58
N LEU U 147 67.78 -27.30 6.46
CA LEU U 147 68.28 -28.26 5.49
C LEU U 147 68.04 -27.73 4.08
N PRO U 148 66.79 -27.36 3.74
CA PRO U 148 66.62 -26.94 2.34
C PRO U 148 67.40 -25.70 1.92
N ASP U 149 67.70 -24.76 2.83
CA ASP U 149 68.45 -23.57 2.43
C ASP U 149 69.93 -23.91 2.36
N THR U 150 70.34 -24.96 3.07
CA THR U 150 71.71 -25.45 2.97
C THR U 150 71.94 -25.99 1.57
N LEU U 151 70.99 -26.77 1.07
CA LEU U 151 71.11 -27.28 -0.27
C LEU U 151 70.96 -26.17 -1.28
N LEU U 152 70.07 -25.23 -1.02
CA LEU U 152 69.87 -24.12 -1.93
C LEU U 152 71.19 -23.38 -2.10
N LEU U 153 71.94 -23.24 -1.01
CA LEU U 153 73.23 -22.56 -1.06
C LEU U 153 74.25 -23.34 -1.90
N GLU U 154 74.11 -24.67 -1.90
CA GLU U 154 74.95 -25.50 -2.75
C GLU U 154 74.60 -25.33 -4.22
N GLU U 155 73.36 -25.64 -4.57
CA GLU U 155 72.91 -25.56 -5.95
C GLU U 155 73.20 -24.19 -6.54
N CYS U 156 73.05 -23.15 -5.72
CA CYS U 156 73.24 -21.79 -6.18
C CYS U 156 74.71 -21.45 -6.33
N GLY U 157 75.58 -22.29 -5.78
CA GLY U 157 77.02 -22.10 -5.92
C GLY U 157 77.59 -21.01 -5.02
N LEU U 158 77.10 -20.93 -3.79
CA LEU U 158 77.55 -19.88 -2.88
C LEU U 158 78.56 -20.37 -1.84
N LEU U 159 78.65 -21.68 -1.67
CA LEU U 159 79.60 -22.26 -0.73
C LEU U 159 80.88 -22.65 -1.46
N ARG U 160 82.02 -22.42 -0.82
CA ARG U 160 83.29 -22.82 -1.39
C ARG U 160 84.04 -23.66 -0.35
N LYS U 161 85.03 -24.42 -0.78
CA LYS U 161 85.79 -25.25 0.15
C LYS U 161 86.29 -24.41 1.31
N GLY U 162 85.74 -24.65 2.49
CA GLY U 162 86.17 -23.95 3.68
C GLY U 162 85.13 -22.98 4.20
N THR U 163 84.05 -22.79 3.44
CA THR U 163 82.93 -21.98 3.91
C THR U 163 82.41 -22.59 5.20
N VAL U 164 82.15 -21.75 6.20
CA VAL U 164 81.71 -22.24 7.51
C VAL U 164 80.24 -21.98 7.74
N LEU U 165 79.48 -23.07 7.86
CA LEU U 165 78.09 -22.96 8.32
C LEU U 165 78.05 -23.08 9.82
N LEU U 166 77.47 -22.10 10.47
CA LEU U 166 77.23 -22.20 11.91
C LEU U 166 75.72 -22.15 12.20
N ALA U 167 75.17 -23.28 12.62
CA ALA U 167 73.73 -23.41 12.90
C ALA U 167 73.40 -23.36 14.41
N ASP U 168 72.47 -22.48 14.77
CA ASP U 168 71.99 -22.37 16.14
C ASP U 168 70.80 -23.31 16.40
N ASN U 169 70.59 -23.68 17.66
CA ASN U 169 69.41 -24.43 18.13
C ASN U 169 69.21 -25.76 17.43
N VAL U 170 70.33 -26.43 17.17
CA VAL U 170 70.34 -27.75 16.54
C VAL U 170 69.94 -28.87 17.49
N ILE U 171 69.95 -28.59 18.80
CA ILE U 171 69.45 -29.54 19.80
C ILE U 171 68.06 -29.14 20.31
N VAL U 172 67.91 -27.89 20.75
CA VAL U 172 66.65 -27.37 21.34
C VAL U 172 66.08 -26.18 20.57
N PRO U 173 64.92 -26.36 19.91
CA PRO U 173 64.08 -27.55 19.84
C PRO U 173 64.61 -28.58 18.86
N GLY U 174 65.68 -28.23 18.17
CA GLY U 174 66.46 -29.18 17.39
C GLY U 174 66.26 -29.14 15.89
N THR U 175 67.36 -29.28 15.18
CA THR U 175 67.32 -29.41 13.73
C THR U 175 67.83 -30.79 13.32
N PRO U 176 67.05 -31.83 13.63
CA PRO U 176 67.57 -33.20 13.48
C PRO U 176 67.93 -33.59 12.04
N ASP U 177 67.13 -33.18 11.06
CA ASP U 177 67.40 -33.51 9.66
C ASP U 177 68.67 -32.84 9.14
N PHE U 178 68.85 -31.58 9.50
CA PHE U 178 70.04 -30.84 9.10
C PHE U 178 71.29 -31.57 9.66
N LEU U 179 71.25 -31.90 10.94
CA LEU U 179 72.37 -32.56 11.58
C LEU U 179 72.69 -33.87 10.87
N ALA U 180 71.65 -34.65 10.57
CA ALA U 180 71.85 -35.90 9.87
C ALA U 180 72.56 -35.65 8.53
N TYR U 181 72.14 -34.60 7.82
CA TYR U 181 72.70 -34.31 6.52
C TYR U 181 74.15 -33.85 6.57
N VAL U 182 74.44 -32.83 7.38
CA VAL U 182 75.80 -32.34 7.41
C VAL U 182 76.77 -33.39 7.98
N ARG U 183 76.35 -34.13 9.01
CA ARG U 183 77.25 -35.11 9.63
C ARG U 183 77.44 -36.33 8.76
N GLY U 184 76.43 -36.68 7.96
CA GLY U 184 76.51 -37.83 7.09
C GLY U 184 77.14 -37.57 5.73
N SER U 185 76.93 -36.36 5.20
CA SER U 185 77.43 -35.98 3.88
C SER U 185 78.94 -35.89 3.90
N SER U 186 79.58 -36.37 2.83
CA SER U 186 81.02 -36.30 2.74
C SER U 186 81.48 -34.89 2.33
N SER U 187 80.53 -33.98 2.14
CA SER U 187 80.82 -32.60 1.79
C SER U 187 81.02 -31.70 3.01
N PHE U 188 80.84 -32.24 4.22
CA PHE U 188 80.91 -31.46 5.43
C PHE U 188 81.69 -32.14 6.56
N GLU U 189 82.69 -31.46 7.12
CA GLU U 189 83.24 -31.86 8.42
C GLU U 189 82.56 -31.04 9.51
N CYS U 190 82.00 -31.70 10.52
CA CYS U 190 81.28 -30.97 11.58
C CYS U 190 81.87 -31.11 12.98
N THR U 191 81.74 -30.03 13.74
CA THR U 191 82.04 -30.00 15.16
C THR U 191 80.80 -29.53 15.92
N HIS U 192 80.53 -30.11 17.08
CA HIS U 192 79.39 -29.67 17.89
C HIS U 192 79.88 -28.86 19.09
N TYR U 193 79.22 -27.72 19.30
CA TYR U 193 79.56 -26.84 20.40
C TYR U 193 78.40 -26.75 21.38
N SER U 194 78.57 -27.36 22.54
CA SER U 194 77.50 -27.39 23.53
C SER U 194 77.32 -26.05 24.20
N SER U 195 76.07 -25.76 24.52
CA SER U 195 75.72 -24.52 25.18
C SER U 195 74.81 -24.79 26.38
N TYR U 196 75.36 -24.63 27.58
CA TYR U 196 74.62 -24.94 28.80
C TYR U 196 73.77 -23.76 29.26
N LEU U 197 72.50 -23.76 28.85
CA LEU U 197 71.59 -22.69 29.22
C LEU U 197 71.07 -22.86 30.66
N GLU U 198 70.73 -24.09 31.03
CA GLU U 198 70.27 -24.40 32.38
C GLU U 198 70.70 -25.82 32.75
N TYR U 199 71.18 -25.97 33.98
CA TYR U 199 71.73 -27.24 34.46
C TYR U 199 70.85 -28.43 34.14
N MET U 200 71.48 -29.44 33.56
CA MET U 200 70.89 -30.75 33.30
C MET U 200 69.71 -30.78 32.33
N LYS U 201 69.01 -29.66 32.17
CA LYS U 201 67.67 -29.73 31.60
C LYS U 201 67.48 -28.90 30.34
N VAL U 202 68.35 -27.92 30.14
CA VAL U 202 68.36 -27.16 28.89
C VAL U 202 69.79 -27.08 28.35
N VAL U 203 70.18 -28.10 27.60
CA VAL U 203 71.48 -28.10 26.98
C VAL U 203 71.30 -28.09 25.47
N ASP U 204 71.49 -26.92 24.89
CA ASP U 204 71.41 -26.74 23.44
C ASP U 204 72.83 -26.74 22.85
N GLY U 205 72.93 -26.60 21.53
CA GLY U 205 74.24 -26.50 20.90
C GLY U 205 74.28 -25.84 19.53
N LEU U 206 75.50 -25.54 19.09
CA LEU U 206 75.72 -25.07 17.74
C LEU U 206 76.45 -26.15 16.96
N GLU U 207 76.10 -26.31 15.70
CA GLU U 207 76.84 -27.20 14.84
C GLU U 207 77.66 -26.40 13.86
N LYS U 208 78.97 -26.56 13.91
CA LYS U 208 79.78 -25.97 12.87
C LYS U 208 79.95 -26.97 11.75
N ALA U 209 79.45 -26.64 10.56
CA ALA U 209 79.68 -27.51 9.41
C ALA U 209 80.58 -26.81 8.41
N ILE U 210 81.72 -27.42 8.12
CA ILE U 210 82.63 -26.83 7.16
C ILE U 210 82.52 -27.51 5.81
N TYR U 211 82.22 -26.70 4.78
CA TYR U 211 82.05 -27.22 3.43
C TYR U 211 83.38 -27.63 2.82
N GLN U 212 83.38 -28.82 2.24
CA GLN U 212 84.54 -29.44 1.65
C GLN U 212 84.66 -29.15 0.16
N GLY U 213 83.51 -28.90 -0.46
CA GLY U 213 83.42 -28.73 -1.90
C GLY U 213 83.01 -30.04 -2.56
N PRO U 214 82.89 -30.03 -3.90
CA PRO U 214 82.68 -31.25 -4.70
C PRO U 214 83.96 -32.10 -4.83
N SER U 215 83.86 -33.28 -5.44
CA SER U 215 85.01 -34.18 -5.58
C SER U 215 85.32 -34.51 -7.04
N GLY V 1 88.29 -36.16 40.31
CA GLY V 1 89.35 -35.72 41.19
C GLY V 1 89.07 -34.34 41.76
N ASP V 2 88.59 -33.44 40.90
CA ASP V 2 88.20 -32.10 41.31
C ASP V 2 86.96 -31.63 40.53
N THR V 3 85.79 -31.94 41.06
CA THR V 3 84.51 -31.67 40.39
C THR V 3 84.27 -30.18 40.21
N LYS V 4 83.45 -29.82 39.23
CA LYS V 4 83.19 -28.41 39.02
C LYS V 4 82.36 -27.86 40.16
N GLU V 5 81.52 -28.70 40.76
CA GLU V 5 80.74 -28.25 41.91
C GLU V 5 81.68 -27.82 43.05
N GLN V 6 82.75 -28.56 43.26
CA GLN V 6 83.76 -28.18 44.25
C GLN V 6 84.44 -26.88 43.88
N ARG V 7 84.74 -26.70 42.60
CA ARG V 7 85.42 -25.49 42.14
C ARG V 7 84.55 -24.28 42.40
N ILE V 8 83.27 -24.44 42.12
CA ILE V 8 82.29 -23.40 42.39
C ILE V 8 82.33 -23.03 43.86
N LEU V 9 82.21 -24.05 44.71
CA LEU V 9 82.20 -23.87 46.15
C LEU V 9 83.45 -23.14 46.61
N ARG V 10 84.60 -23.58 46.13
CA ARG V 10 85.85 -22.95 46.54
C ARG V 10 85.84 -21.49 46.09
N TYR V 11 85.35 -21.24 44.88
CA TYR V 11 85.26 -19.88 44.36
C TYR V 11 84.41 -18.96 45.24
N VAL V 12 83.28 -19.49 45.74
CA VAL V 12 82.45 -18.77 46.70
C VAL V 12 83.17 -18.58 48.04
N GLN V 13 83.71 -19.66 48.59
CA GLN V 13 84.45 -19.61 49.86
C GLN V 13 85.73 -18.79 49.80
N GLN V 14 86.06 -18.27 48.62
CA GLN V 14 87.23 -17.42 48.45
C GLN V 14 86.86 -15.95 48.20
N ASN V 15 85.75 -15.74 47.50
CA ASN V 15 85.42 -14.39 47.01
C ASN V 15 84.14 -13.80 47.59
N ALA V 16 83.14 -14.65 47.81
CA ALA V 16 81.89 -14.21 48.40
C ALA V 16 82.07 -13.70 49.83
N LYS V 17 81.34 -12.64 50.17
CA LYS V 17 81.28 -12.13 51.54
C LYS V 17 80.55 -13.14 52.44
N PRO V 18 81.13 -13.45 53.60
CA PRO V 18 80.58 -14.46 54.51
C PRO V 18 79.23 -14.09 55.10
N GLY V 19 78.23 -14.94 54.90
CA GLY V 19 76.92 -14.72 55.49
C GLY V 19 76.11 -13.65 54.77
N ASP V 20 76.44 -13.44 53.51
CA ASP V 20 75.73 -12.50 52.65
C ASP V 20 75.21 -13.25 51.43
N PRO V 21 73.97 -13.77 51.53
CA PRO V 21 73.44 -14.63 50.47
C PRO V 21 73.45 -13.96 49.10
N GLN V 22 73.32 -12.63 49.04
CA GLN V 22 73.40 -11.94 47.76
C GLN V 22 74.77 -12.15 47.14
N SER V 23 75.81 -11.88 47.92
CA SER V 23 77.17 -12.00 47.45
C SER V 23 77.49 -13.41 46.98
N VAL V 24 76.94 -14.41 47.66
CA VAL V 24 77.19 -15.81 47.31
C VAL V 24 76.62 -16.08 45.95
N LEU V 25 75.37 -15.66 45.79
CA LEU V 25 74.62 -15.84 44.57
C LEU V 25 75.32 -15.16 43.40
N GLU V 26 75.71 -13.91 43.60
CA GLU V 26 76.44 -13.18 42.57
C GLU V 26 77.73 -13.90 42.22
N ALA V 27 78.46 -14.35 43.23
CA ALA V 27 79.72 -15.06 43.01
C ALA V 27 79.51 -16.31 42.16
N ILE V 28 78.47 -17.06 42.47
CA ILE V 28 78.15 -18.25 41.71
C ILE V 28 77.82 -17.89 40.27
N ASP V 29 77.07 -16.81 40.09
CA ASP V 29 76.74 -16.34 38.74
C ASP V 29 78.01 -15.98 37.97
N THR V 30 78.86 -15.18 38.59
CA THR V 30 80.10 -14.80 37.93
C THR V 30 80.93 -16.03 37.56
N TYR V 31 81.02 -17.01 38.46
CA TYR V 31 81.79 -18.20 38.12
C TYR V 31 81.17 -18.93 36.94
N CYS V 32 79.85 -19.00 36.92
CA CYS V 32 79.16 -19.77 35.90
C CYS V 32 79.23 -19.12 34.52
N THR V 33 79.39 -17.80 34.47
CA THR V 33 79.50 -17.14 33.16
C THR V 33 80.94 -17.19 32.62
N GLN V 34 81.92 -17.10 33.52
CA GLN V 34 83.32 -17.15 33.13
C GLN V 34 83.73 -18.56 32.71
N LYS V 35 82.97 -19.54 33.18
CA LYS V 35 83.31 -20.95 32.93
C LYS V 35 82.22 -21.67 32.12
N GLU V 36 81.41 -20.86 31.43
CA GLU V 36 80.41 -21.34 30.47
C GLU V 36 79.53 -22.47 31.03
N TRP V 37 79.01 -22.27 32.24
CA TRP V 37 78.24 -23.30 32.94
C TRP V 37 76.93 -22.68 33.42
N ALA V 38 75.91 -23.51 33.61
CA ALA V 38 74.61 -22.97 34.05
C ALA V 38 74.13 -23.63 35.35
N MET V 39 73.34 -22.88 36.10
CA MET V 39 72.81 -23.36 37.36
C MET V 39 71.47 -24.06 37.20
N ASN V 40 71.01 -24.58 38.33
CA ASN V 40 69.65 -25.05 38.53
C ASN V 40 68.57 -24.14 37.87
N VAL V 41 68.52 -22.86 38.25
CA VAL V 41 67.58 -21.92 37.65
C VAL V 41 68.30 -20.65 37.17
N GLY V 42 67.78 -20.09 36.07
CA GLY V 42 68.35 -18.91 35.45
C GLY V 42 68.02 -17.64 36.22
N ASP V 43 68.26 -16.49 35.61
CA ASP V 43 67.98 -15.23 36.29
C ASP V 43 66.50 -14.95 36.24
N ALA V 44 65.92 -15.15 35.07
CA ALA V 44 64.50 -14.97 34.86
C ALA V 44 63.69 -15.85 35.83
N LYS V 45 64.03 -17.14 35.86
CA LYS V 45 63.31 -18.06 36.72
C LYS V 45 63.48 -17.71 38.19
N GLY V 46 64.58 -17.04 38.53
CA GLY V 46 64.84 -16.66 39.90
C GLY V 46 63.89 -15.56 40.32
N GLN V 47 63.77 -14.55 39.46
CA GLN V 47 62.86 -13.45 39.68
C GLN V 47 61.43 -13.95 39.89
N ILE V 48 61.06 -15.00 39.16
CA ILE V 48 59.76 -15.61 39.35
C ILE V 48 59.70 -16.28 40.71
N MET V 49 60.72 -17.08 41.03
CA MET V 49 60.79 -17.78 42.32
C MET V 49 60.60 -16.79 43.46
N ASP V 50 61.37 -15.70 43.40
CA ASP V 50 61.34 -14.68 44.43
C ASP V 50 59.95 -14.09 44.57
N ALA V 51 59.32 -13.78 43.45
CA ALA V 51 57.96 -13.24 43.47
C ALA V 51 57.01 -14.19 44.19
N VAL V 52 57.24 -15.50 44.02
CA VAL V 52 56.39 -16.51 44.63
C VAL V 52 56.68 -16.71 46.11
N ILE V 53 57.95 -16.72 46.50
CA ILE V 53 58.28 -16.85 47.92
C ILE V 53 57.81 -15.61 48.68
N ARG V 54 57.96 -14.44 48.09
CA ARG V 54 57.46 -13.22 48.73
C ARG V 54 55.94 -13.21 48.82
N GLU V 55 55.25 -13.57 47.76
CA GLU V 55 53.80 -13.51 47.75
C GLU V 55 53.15 -14.44 48.78
N TYR V 56 53.70 -15.64 48.98
CA TYR V 56 53.03 -16.61 49.85
C TYR V 56 53.74 -16.87 51.19
N SER V 57 54.73 -16.04 51.53
CA SER V 57 55.47 -16.07 52.81
C SER V 57 55.46 -17.41 53.55
N PRO V 58 55.95 -18.46 52.89
CA PRO V 58 55.74 -19.80 53.42
C PRO V 58 56.58 -20.02 54.68
N SER V 59 56.06 -20.86 55.59
CA SER V 59 56.73 -21.15 56.86
C SER V 59 57.58 -22.43 56.78
N LEU V 60 57.19 -23.33 55.89
CA LEU V 60 57.94 -24.55 55.68
C LEU V 60 58.01 -24.88 54.18
N VAL V 61 59.20 -24.77 53.61
CA VAL V 61 59.36 -25.04 52.18
C VAL V 61 60.12 -26.34 51.92
N LEU V 62 59.56 -27.16 51.07
CA LEU V 62 60.26 -28.35 50.60
C LEU V 62 60.82 -28.14 49.19
N GLU V 63 62.14 -28.33 49.02
CA GLU V 63 62.74 -28.30 47.68
C GLU V 63 63.21 -29.68 47.20
N LEU V 64 62.80 -30.07 45.99
CA LEU V 64 63.28 -31.32 45.38
C LEU V 64 64.35 -31.04 44.32
N GLY V 65 65.60 -31.38 44.65
CA GLY V 65 66.71 -31.30 43.71
C GLY V 65 67.65 -30.12 43.87
N ALA V 66 68.44 -30.12 44.94
CA ALA V 66 69.18 -28.92 45.35
C ALA V 66 70.40 -28.58 44.49
N TYR V 67 70.93 -29.59 43.80
CA TYR V 67 72.19 -29.45 43.06
C TYR V 67 73.27 -28.82 43.96
N CYS V 68 73.67 -27.58 43.69
CA CYS V 68 74.72 -26.95 44.49
C CYS V 68 74.19 -26.18 45.68
N GLY V 69 72.90 -25.88 45.64
CA GLY V 69 72.27 -25.10 46.69
C GLY V 69 72.01 -23.68 46.24
N TYR V 70 72.15 -23.46 44.93
CA TYR V 70 71.90 -22.15 44.35
C TYR V 70 70.48 -21.74 44.61
N SER V 71 69.54 -22.53 44.09
CA SER V 71 68.13 -22.35 44.35
C SER V 71 67.84 -22.26 45.85
N ALA V 72 68.55 -23.05 46.65
CA ALA V 72 68.28 -23.11 48.08
C ALA V 72 68.64 -21.79 48.78
N VAL V 73 69.81 -21.26 48.48
CA VAL V 73 70.22 -19.98 49.01
C VAL V 73 69.22 -18.93 48.56
N ARG V 74 68.99 -18.91 47.25
CA ARG V 74 68.06 -17.96 46.64
C ARG V 74 66.74 -17.92 47.39
N MET V 75 66.17 -19.09 47.60
CA MET V 75 64.88 -19.20 48.26
C MET V 75 64.98 -18.85 49.75
N ALA V 76 65.93 -19.45 50.44
CA ALA V 76 66.01 -19.34 51.89
C ALA V 76 66.39 -17.93 52.38
N ARG V 77 67.07 -17.17 51.52
CA ARG V 77 67.44 -15.80 51.84
C ARG V 77 66.21 -14.91 51.99
N LEU V 78 65.04 -15.44 51.61
CA LEU V 78 63.80 -14.68 51.72
C LEU V 78 62.84 -15.18 52.82
N LEU V 79 63.14 -16.31 53.43
CA LEU V 79 62.28 -16.80 54.51
C LEU V 79 62.28 -15.85 55.71
N GLN V 80 61.12 -15.72 56.35
CA GLN V 80 60.98 -14.89 57.54
C GLN V 80 61.60 -15.61 58.72
N PRO V 81 61.81 -14.90 59.85
CA PRO V 81 62.27 -15.56 61.08
C PRO V 81 61.38 -16.75 61.49
N GLY V 82 61.96 -17.95 61.59
CA GLY V 82 61.25 -19.15 62.01
C GLY V 82 60.88 -20.10 60.88
N ALA V 83 60.91 -19.59 59.66
CA ALA V 83 60.59 -20.37 58.48
C ALA V 83 61.75 -21.31 58.15
N ARG V 84 61.42 -22.53 57.73
CA ARG V 84 62.43 -23.55 57.53
C ARG V 84 62.37 -24.15 56.14
N LEU V 85 63.53 -24.31 55.52
CA LEU V 85 63.63 -25.00 54.24
C LEU V 85 64.12 -26.45 54.43
N LEU V 86 63.40 -27.41 53.86
CA LEU V 86 63.92 -28.76 53.69
C LEU V 86 64.30 -28.96 52.24
N THR V 87 65.55 -29.25 51.95
CA THR V 87 65.93 -29.47 50.56
C THR V 87 66.47 -30.90 50.35
N MET V 88 66.01 -31.57 49.31
CA MET V 88 66.45 -32.95 49.05
C MET V 88 67.39 -33.03 47.86
N GLU V 89 68.53 -33.69 48.05
CA GLU V 89 69.51 -33.88 46.98
C GLU V 89 69.88 -35.37 46.89
N ILE V 90 70.00 -35.91 45.68
CA ILE V 90 70.19 -37.36 45.58
C ILE V 90 71.67 -37.72 45.66
N ASN V 91 72.52 -36.84 45.14
CA ASN V 91 73.96 -37.05 45.10
C ASN V 91 74.63 -36.63 46.39
N PRO V 92 75.33 -37.55 47.05
CA PRO V 92 76.00 -37.22 48.33
C PRO V 92 77.01 -36.06 48.20
N ASP V 93 77.72 -35.96 47.07
CA ASP V 93 78.78 -34.97 46.92
C ASP V 93 78.16 -33.59 46.88
N CYS V 94 77.11 -33.47 46.07
CA CYS V 94 76.34 -32.24 45.94
C CYS V 94 75.65 -31.82 47.24
N ALA V 95 74.96 -32.76 47.87
CA ALA V 95 74.37 -32.55 49.19
C ALA V 95 75.38 -31.96 50.15
N ALA V 96 76.60 -32.48 50.10
CA ALA V 96 77.67 -31.95 50.94
C ALA V 96 78.04 -30.53 50.51
N ILE V 97 78.15 -30.31 49.20
CA ILE V 97 78.47 -29.00 48.67
C ILE V 97 77.43 -27.99 49.15
N THR V 98 76.16 -28.38 49.04
CA THR V 98 75.03 -27.54 49.38
C THR V 98 75.10 -27.03 50.82
N GLN V 99 75.54 -27.90 51.72
CA GLN V 99 75.60 -27.57 53.13
C GLN V 99 76.60 -26.46 53.38
N GLN V 100 77.74 -26.51 52.68
CA GLN V 100 78.80 -25.55 52.95
C GLN V 100 78.48 -24.23 52.31
N MET V 101 77.67 -24.32 51.26
CA MET V 101 77.18 -23.18 50.52
C MET V 101 76.18 -22.41 51.38
N LEU V 102 75.21 -23.14 51.91
CA LEU V 102 74.20 -22.54 52.79
C LEU V 102 74.86 -22.05 54.09
N ASN V 103 75.75 -22.85 54.65
CA ASN V 103 76.43 -22.47 55.88
C ASN V 103 77.41 -21.33 55.63
N PHE V 104 77.81 -21.13 54.39
CA PHE V 104 78.61 -19.96 54.07
C PHE V 104 77.71 -18.74 54.04
N ALA V 105 76.56 -18.90 53.38
CA ALA V 105 75.57 -17.84 53.19
C ALA V 105 74.98 -17.35 54.51
N GLY V 106 75.17 -18.13 55.58
CA GLY V 106 74.63 -17.78 56.88
C GLY V 106 73.25 -18.37 57.11
N LEU V 107 72.87 -19.31 56.26
CA LEU V 107 71.53 -19.87 56.26
C LEU V 107 71.44 -21.29 56.83
N GLN V 108 72.47 -21.72 57.55
CA GLN V 108 72.50 -23.09 58.08
C GLN V 108 71.34 -23.40 59.01
N ASP V 109 70.86 -22.37 59.72
CA ASP V 109 69.82 -22.55 60.73
C ASP V 109 68.43 -22.59 60.13
N LYS V 110 68.32 -22.04 58.93
CA LYS V 110 67.04 -21.97 58.25
C LYS V 110 66.79 -23.22 57.43
N VAL V 111 67.86 -23.94 57.12
CA VAL V 111 67.81 -24.98 56.12
C VAL V 111 68.31 -26.34 56.61
N THR V 112 67.58 -27.39 56.25
CA THR V 112 68.02 -28.76 56.49
C THR V 112 68.11 -29.53 55.19
N ILE V 113 69.23 -30.22 54.98
CA ILE V 113 69.46 -30.94 53.74
C ILE V 113 69.31 -32.44 53.94
N LEU V 114 68.43 -33.05 53.16
CA LEU V 114 68.32 -34.48 53.20
C LEU V 114 69.07 -35.03 52.00
N ASN V 115 69.65 -36.21 52.17
CA ASN V 115 70.39 -36.84 51.11
C ASN V 115 69.82 -38.22 50.82
N GLY V 116 69.14 -38.34 49.68
CA GLY V 116 68.48 -39.58 49.30
C GLY V 116 67.53 -39.32 48.16
N ALA V 117 66.79 -40.34 47.75
CA ALA V 117 65.80 -40.19 46.70
C ALA V 117 64.43 -39.76 47.27
N SER V 118 63.75 -38.87 46.55
CA SER V 118 62.52 -38.26 47.01
C SER V 118 61.44 -39.29 47.39
N GLN V 119 61.38 -40.40 46.66
CA GLN V 119 60.36 -41.39 47.00
C GLN V 119 60.66 -42.08 48.33
N ASP V 120 61.92 -42.06 48.75
CA ASP V 120 62.35 -42.66 50.02
C ASP V 120 62.17 -41.73 51.21
N LEU V 121 62.63 -40.50 51.03
CA LEU V 121 62.62 -39.48 52.06
C LEU V 121 61.23 -38.91 52.40
N ILE V 122 60.45 -38.54 51.38
CA ILE V 122 59.14 -37.95 51.61
C ILE V 122 58.27 -38.72 52.61
N PRO V 123 58.22 -40.07 52.51
CA PRO V 123 57.40 -40.78 53.50
C PRO V 123 57.91 -40.71 54.96
N GLN V 124 59.15 -40.27 55.17
CA GLN V 124 59.67 -40.16 56.53
C GLN V 124 59.60 -38.73 57.07
N LEU V 125 59.10 -37.80 56.26
CA LEU V 125 59.10 -36.39 56.63
C LEU V 125 58.26 -36.13 57.88
N LYS V 126 57.18 -36.87 58.04
CA LYS V 126 56.37 -36.69 59.25
C LYS V 126 57.02 -37.38 60.45
N LYS V 127 57.26 -38.68 60.36
CA LYS V 127 57.75 -39.43 61.50
C LYS V 127 59.14 -39.02 61.99
N LYS V 128 60.03 -38.62 61.07
CA LYS V 128 61.43 -38.36 61.41
C LYS V 128 61.85 -36.88 61.51
N TYR V 129 61.18 -35.99 60.79
CA TYR V 129 61.56 -34.58 60.80
C TYR V 129 60.40 -33.71 61.27
N ASP V 130 59.35 -34.38 61.74
CA ASP V 130 58.20 -33.74 62.39
C ASP V 130 57.57 -32.67 61.53
N VAL V 131 57.53 -32.93 60.23
CA VAL V 131 56.77 -32.09 59.35
C VAL V 131 55.32 -32.32 59.69
N ASP V 132 54.55 -31.25 59.77
CA ASP V 132 53.11 -31.35 59.76
C ASP V 132 52.63 -31.25 58.32
N THR V 133 52.56 -30.02 57.82
CA THR V 133 52.26 -29.79 56.42
C THR V 133 53.26 -28.81 55.83
N LEU V 134 53.58 -29.03 54.57
CA LEU V 134 54.41 -28.13 53.81
C LEU V 134 53.58 -26.97 53.30
N ASP V 135 54.19 -25.80 53.28
CA ASP V 135 53.50 -24.62 52.79
C ASP V 135 53.83 -24.40 51.32
N MET V 136 55.06 -24.73 50.93
CA MET V 136 55.49 -24.57 49.55
C MET V 136 56.44 -25.68 49.12
N VAL V 137 56.24 -26.15 47.89
CA VAL V 137 57.06 -27.21 47.31
C VAL V 137 57.69 -26.77 46.01
N PHE V 138 59.01 -26.86 45.88
CA PHE V 138 59.67 -26.51 44.62
C PHE V 138 60.27 -27.74 43.96
N LEU V 139 59.95 -27.96 42.69
CA LEU V 139 60.28 -29.20 42.01
C LEU V 139 61.27 -28.99 40.88
N ASP V 140 62.50 -29.44 41.06
CA ASP V 140 63.50 -29.34 39.98
C ASP V 140 64.38 -30.58 39.86
N HIS V 141 63.82 -31.74 40.17
CA HIS V 141 64.57 -32.99 40.10
C HIS V 141 64.14 -33.78 38.86
N TRP V 142 64.23 -35.10 38.89
CA TRP V 142 63.93 -35.91 37.71
C TRP V 142 62.51 -35.69 37.19
N LYS V 143 62.38 -35.33 35.92
CA LYS V 143 61.07 -34.97 35.35
C LYS V 143 60.03 -36.09 35.53
N ASP V 144 60.43 -37.34 35.33
CA ASP V 144 59.48 -38.44 35.44
C ASP V 144 59.10 -38.73 36.89
N ARG V 145 59.55 -37.91 37.83
CA ARG V 145 59.20 -38.13 39.23
C ARG V 145 58.40 -36.95 39.81
N TYR V 146 58.12 -35.94 38.98
CA TYR V 146 57.25 -34.85 39.39
C TYR V 146 55.88 -35.37 39.77
N LEU V 147 55.19 -36.00 38.81
CA LEU V 147 53.82 -36.40 39.05
C LEU V 147 53.70 -37.42 40.19
N PRO V 148 54.51 -38.50 40.18
CA PRO V 148 54.24 -39.45 41.26
C PRO V 148 54.66 -38.96 42.65
N ASP V 149 55.60 -38.03 42.74
CA ASP V 149 55.99 -37.48 44.04
C ASP V 149 54.92 -36.53 44.56
N THR V 150 54.17 -35.94 43.63
CA THR V 150 53.09 -35.04 44.02
C THR V 150 51.99 -35.80 44.72
N LEU V 151 51.64 -36.99 44.23
CA LEU V 151 50.67 -37.82 44.94
C LEU V 151 51.27 -38.44 46.18
N LEU V 152 52.57 -38.67 46.17
CA LEU V 152 53.19 -39.20 47.35
C LEU V 152 53.08 -38.17 48.47
N LEU V 153 53.19 -36.89 48.09
CA LEU V 153 53.02 -35.81 49.03
C LEU V 153 51.57 -35.75 49.50
N GLU V 154 50.63 -35.92 48.57
CA GLU V 154 49.21 -35.98 48.92
C GLU V 154 48.93 -37.17 49.83
N GLU V 155 49.22 -38.38 49.36
CA GLU V 155 48.89 -39.60 50.08
C GLU V 155 49.45 -39.61 51.52
N CYS V 156 50.60 -38.97 51.70
CA CYS V 156 51.24 -38.92 53.01
C CYS V 156 50.64 -37.86 53.93
N GLY V 157 49.89 -36.93 53.36
CA GLY V 157 49.22 -35.88 54.13
C GLY V 157 50.05 -34.64 54.38
N LEU V 158 51.00 -34.35 53.50
CA LEU V 158 51.90 -33.22 53.68
C LEU V 158 51.41 -31.96 52.98
N LEU V 159 50.28 -32.06 52.28
CA LEU V 159 49.73 -30.90 51.63
C LEU V 159 48.46 -30.49 52.36
N ARG V 160 48.34 -29.19 52.63
CA ARG V 160 47.11 -28.62 53.16
C ARG V 160 46.52 -27.65 52.16
N LYS V 161 45.29 -27.22 52.39
CA LYS V 161 44.64 -26.28 51.49
C LYS V 161 45.46 -24.99 51.38
N GLY V 162 45.89 -24.66 50.17
CA GLY V 162 46.67 -23.46 49.95
C GLY V 162 48.17 -23.68 49.79
N THR V 163 48.59 -24.95 49.79
CA THR V 163 50.00 -25.23 49.59
C THR V 163 50.38 -24.91 48.14
N VAL V 164 51.58 -24.37 47.95
CA VAL V 164 52.01 -23.94 46.64
C VAL V 164 53.03 -24.90 46.03
N LEU V 165 52.68 -25.56 44.93
CA LEU V 165 53.71 -26.25 44.13
C LEU V 165 54.25 -25.31 43.08
N LEU V 166 55.56 -25.07 43.12
CA LEU V 166 56.25 -24.42 42.03
C LEU V 166 57.06 -25.48 41.35
N ALA V 167 56.67 -25.81 40.12
CA ALA V 167 57.35 -26.81 39.29
C ALA V 167 58.18 -26.10 38.23
N ASP V 168 59.36 -26.63 37.95
CA ASP V 168 60.25 -26.03 36.96
C ASP V 168 60.39 -26.95 35.73
N ASN V 169 60.73 -26.38 34.58
CA ASN V 169 61.05 -27.11 33.36
C ASN V 169 59.89 -27.93 32.80
N VAL V 170 58.66 -27.49 33.06
CA VAL V 170 57.47 -28.18 32.60
C VAL V 170 57.21 -28.01 31.09
N ILE V 171 58.05 -27.22 30.40
CA ILE V 171 57.94 -27.06 28.94
C ILE V 171 59.20 -27.57 28.21
N VAL V 172 60.36 -27.26 28.77
CA VAL V 172 61.66 -27.64 28.23
C VAL V 172 62.53 -28.26 29.33
N PRO V 173 62.76 -29.59 29.28
CA PRO V 173 62.37 -30.61 28.30
C PRO V 173 60.89 -30.94 28.34
N GLY V 174 60.20 -30.45 29.36
CA GLY V 174 58.78 -30.68 29.50
C GLY V 174 58.47 -31.69 30.58
N THR V 175 57.33 -31.50 31.24
CA THR V 175 56.81 -32.52 32.16
C THR V 175 55.33 -32.67 31.90
N PRO V 176 54.99 -33.19 30.72
CA PRO V 176 53.62 -33.26 30.19
C PRO V 176 52.63 -33.91 31.13
N ASP V 177 52.99 -35.06 31.71
CA ASP V 177 52.14 -35.82 32.63
C ASP V 177 51.70 -35.02 33.85
N PHE V 178 52.68 -34.42 34.53
CA PHE V 178 52.41 -33.59 35.71
C PHE V 178 51.46 -32.43 35.36
N LEU V 179 51.72 -31.78 34.23
CA LEU V 179 50.91 -30.66 33.78
C LEU V 179 49.47 -31.06 33.48
N ALA V 180 49.28 -32.28 33.01
CA ALA V 180 47.92 -32.76 32.77
C ALA V 180 47.21 -32.97 34.09
N TYR V 181 47.93 -33.48 35.08
CA TYR V 181 47.31 -33.79 36.37
C TYR V 181 46.93 -32.54 37.17
N VAL V 182 47.88 -31.64 37.39
CA VAL V 182 47.55 -30.48 38.21
C VAL V 182 46.61 -29.56 37.47
N ARG V 183 46.57 -29.60 36.15
CA ARG V 183 45.66 -28.72 35.41
C ARG V 183 44.27 -29.28 35.21
N GLY V 184 44.13 -30.59 35.32
CA GLY V 184 42.85 -31.21 35.09
C GLY V 184 42.16 -31.69 36.35
N SER V 185 42.86 -31.62 37.47
CA SER V 185 42.33 -32.14 38.72
C SER V 185 41.69 -31.06 39.56
N SER V 186 40.58 -31.41 40.19
CA SER V 186 39.85 -30.47 41.03
C SER V 186 40.61 -30.12 42.31
N SER V 187 41.71 -30.79 42.56
CA SER V 187 42.44 -30.54 43.79
C SER V 187 43.53 -29.47 43.62
N PHE V 188 43.62 -28.88 42.42
CA PHE V 188 44.67 -27.91 42.14
C PHE V 188 44.22 -26.73 41.31
N GLU V 189 44.75 -25.54 41.64
CA GLU V 189 44.48 -24.32 40.88
C GLU V 189 45.78 -23.76 40.33
N CYS V 190 45.86 -23.69 39.00
CA CYS V 190 47.16 -23.50 38.34
C CYS V 190 47.33 -22.18 37.63
N THR V 191 48.53 -21.64 37.75
CA THR V 191 48.97 -20.50 36.96
C THR V 191 50.26 -20.88 36.26
N HIS V 192 50.40 -20.53 34.98
CA HIS V 192 51.66 -20.77 34.29
C HIS V 192 52.47 -19.48 34.14
N TYR V 193 53.74 -19.56 34.50
CA TYR V 193 54.69 -18.47 34.33
C TYR V 193 55.73 -18.82 33.28
N SER V 194 55.76 -18.09 32.18
CA SER V 194 56.76 -18.33 31.13
C SER V 194 58.14 -17.86 31.53
N SER V 195 59.15 -18.42 30.89
CA SER V 195 60.52 -18.02 31.08
C SER V 195 61.15 -17.93 29.70
N TYR V 196 61.50 -16.73 29.27
CA TYR V 196 62.04 -16.59 27.92
C TYR V 196 63.54 -16.70 27.97
N LEU V 197 64.05 -17.91 27.77
CA LEU V 197 65.48 -18.16 27.83
C LEU V 197 66.19 -17.75 26.54
N GLU V 198 65.53 -17.97 25.39
CA GLU V 198 66.06 -17.52 24.10
C GLU V 198 64.94 -17.28 23.08
N TYR V 199 65.06 -16.20 22.32
CA TYR V 199 63.99 -15.70 21.43
C TYR V 199 63.40 -16.77 20.53
N MET V 200 62.07 -16.89 20.56
CA MET V 200 61.31 -17.83 19.73
C MET V 200 61.52 -19.33 19.98
N LYS V 201 62.76 -19.75 20.24
CA LYS V 201 63.09 -21.19 20.20
C LYS V 201 63.27 -21.87 21.56
N VAL V 202 63.55 -21.11 22.61
CA VAL V 202 63.73 -21.71 23.93
C VAL V 202 62.83 -21.01 24.94
N VAL V 203 61.56 -21.44 24.97
CA VAL V 203 60.58 -20.83 25.85
C VAL V 203 60.15 -21.84 26.90
N ASP V 204 60.70 -21.72 28.10
CA ASP V 204 60.32 -22.60 29.18
C ASP V 204 59.27 -21.96 30.07
N GLY V 205 59.11 -22.50 31.27
CA GLY V 205 58.24 -21.90 32.24
C GLY V 205 58.08 -22.71 33.50
N LEU V 206 57.52 -22.06 34.52
CA LEU V 206 57.18 -22.74 35.74
C LEU V 206 55.67 -22.87 35.89
N GLU V 207 55.20 -23.96 36.51
CA GLU V 207 53.80 -24.04 36.83
C GLU V 207 53.60 -23.83 38.32
N LYS V 208 52.82 -22.81 38.68
CA LYS V 208 52.39 -22.62 40.04
C LYS V 208 51.07 -23.34 40.22
N ALA V 209 51.03 -24.28 41.14
CA ALA V 209 49.86 -25.10 41.35
C ALA V 209 49.53 -25.05 42.82
N ILE V 210 48.27 -24.78 43.14
CA ILE V 210 47.90 -24.60 44.52
C ILE V 210 46.90 -25.66 45.00
N TYR V 211 47.30 -26.44 46.00
CA TYR V 211 46.44 -27.47 46.54
C TYR V 211 45.17 -26.86 47.16
N GLN V 212 44.06 -27.62 47.13
CA GLN V 212 42.79 -27.13 47.66
C GLN V 212 42.23 -28.03 48.77
N GLY V 213 43.08 -28.88 49.33
CA GLY V 213 42.62 -29.86 50.30
C GLY V 213 41.82 -30.93 49.60
N PRO V 214 41.35 -31.94 50.36
CA PRO V 214 40.39 -32.93 49.83
C PRO V 214 38.99 -32.34 49.53
N SER V 215 37.99 -33.20 49.36
CA SER V 215 36.59 -32.76 49.19
C SER V 215 35.61 -33.88 49.54
N GLY W 1 15.87 69.95 36.25
CA GLY W 1 16.28 68.55 36.22
C GLY W 1 17.77 68.38 35.99
N ASP W 2 18.27 67.18 36.27
CA ASP W 2 19.68 66.89 36.12
C ASP W 2 19.89 65.46 35.64
N THR W 3 20.32 65.28 34.39
CA THR W 3 20.45 63.95 33.81
C THR W 3 21.40 63.14 34.68
N LYS W 4 21.20 61.83 34.76
CA LYS W 4 22.02 61.05 35.66
C LYS W 4 23.42 60.95 35.06
N GLU W 5 23.49 60.96 33.74
CA GLU W 5 24.77 61.05 33.06
C GLU W 5 25.48 62.35 33.44
N GLN W 6 24.74 63.35 33.91
CA GLN W 6 25.35 64.56 34.44
C GLN W 6 25.73 64.40 35.92
N ARG W 7 24.97 63.58 36.64
CA ARG W 7 25.32 63.30 38.03
C ARG W 7 26.58 62.45 38.10
N ILE W 8 26.72 61.56 37.13
CA ILE W 8 27.91 60.73 37.04
C ILE W 8 29.14 61.56 36.73
N LEU W 9 29.03 62.51 35.80
CA LEU W 9 30.15 63.37 35.50
C LEU W 9 30.52 64.16 36.74
N ARG W 10 29.52 64.48 37.55
CA ARG W 10 29.73 65.17 38.81
C ARG W 10 30.49 64.29 39.82
N TYR W 11 30.04 63.06 40.02
CA TYR W 11 30.67 62.17 41.00
C TYR W 11 32.13 61.92 40.64
N VAL W 12 32.39 61.72 39.35
CA VAL W 12 33.76 61.54 38.86
C VAL W 12 34.63 62.77 39.16
N GLN W 13 34.19 63.93 38.70
CA GLN W 13 34.96 65.16 38.90
C GLN W 13 35.22 65.48 40.38
N GLN W 14 34.29 65.11 41.25
CA GLN W 14 34.44 65.37 42.68
C GLN W 14 34.96 64.17 43.49
N ASN W 15 35.53 63.17 42.81
CA ASN W 15 36.09 62.01 43.53
C ASN W 15 37.32 61.37 42.87
N ALA W 16 37.29 61.16 41.57
CA ALA W 16 38.43 60.57 40.89
C ALA W 16 39.66 61.49 40.89
N LYS W 17 40.80 60.97 40.45
CA LYS W 17 42.02 61.77 40.36
C LYS W 17 42.20 62.33 38.97
N PRO W 18 42.10 63.66 38.82
CA PRO W 18 42.31 64.40 37.58
C PRO W 18 43.49 63.90 36.76
N GLY W 19 43.22 63.20 35.65
CA GLY W 19 44.26 62.81 34.73
C GLY W 19 44.52 61.32 34.68
N ASP W 20 44.01 60.61 35.66
CA ASP W 20 44.25 59.18 35.81
C ASP W 20 43.03 58.35 35.43
N PRO W 21 43.06 57.75 34.22
CA PRO W 21 42.03 56.90 33.65
C PRO W 21 41.55 55.81 34.60
N GLN W 22 42.47 55.20 35.34
CA GLN W 22 42.11 54.15 36.29
C GLN W 22 41.15 54.69 37.36
N SER W 23 41.47 55.85 37.92
CA SER W 23 40.66 56.45 38.98
C SER W 23 39.25 56.76 38.48
N VAL W 24 39.17 57.32 37.28
CA VAL W 24 37.89 57.67 36.68
C VAL W 24 37.00 56.43 36.53
N LEU W 25 37.56 55.40 35.90
CA LEU W 25 36.86 54.12 35.76
C LEU W 25 36.37 53.61 37.10
N GLU W 26 37.23 53.65 38.11
CA GLU W 26 36.88 53.21 39.47
C GLU W 26 35.77 54.07 40.07
N ALA W 27 35.86 55.38 39.88
CA ALA W 27 34.85 56.28 40.42
C ALA W 27 33.47 55.96 39.85
N ILE W 28 33.43 55.74 38.53
CA ILE W 28 32.19 55.43 37.84
C ILE W 28 31.60 54.15 38.40
N ASP W 29 32.44 53.14 38.59
CA ASP W 29 32.00 51.87 39.14
C ASP W 29 31.34 52.06 40.50
N THR W 30 31.94 52.91 41.32
CA THR W 30 31.45 53.17 42.66
C THR W 30 30.06 53.78 42.63
N TYR W 31 29.92 54.82 41.82
CA TYR W 31 28.64 55.47 41.64
C TYR W 31 27.55 54.50 41.18
N CYS W 32 27.87 53.67 40.20
CA CYS W 32 26.88 52.76 39.63
C CYS W 32 26.38 51.73 40.63
N THR W 33 27.24 51.30 41.55
CA THR W 33 26.79 50.34 42.54
C THR W 33 26.19 51.07 43.74
N GLN W 34 26.55 52.34 43.94
CA GLN W 34 26.06 53.10 45.08
C GLN W 34 24.66 53.68 44.83
N LYS W 35 24.40 54.09 43.58
CA LYS W 35 23.10 54.62 43.22
C LYS W 35 22.38 53.71 42.24
N GLU W 36 22.57 52.39 42.39
CA GLU W 36 21.86 51.35 41.64
C GLU W 36 21.69 51.68 40.15
N TRP W 37 22.73 51.35 39.38
CA TRP W 37 22.79 51.69 37.97
C TRP W 37 23.91 50.84 37.39
N ALA W 38 24.13 50.96 36.09
CA ALA W 38 25.10 50.10 35.43
C ALA W 38 25.48 50.67 34.07
N MET W 39 26.73 50.50 33.69
CA MET W 39 27.20 51.09 32.46
C MET W 39 27.02 50.20 31.25
N ASN W 40 27.63 50.68 30.18
CA ASN W 40 27.92 50.00 28.94
C ASN W 40 28.34 48.51 29.08
N VAL W 41 29.45 48.28 29.79
CA VAL W 41 30.01 46.94 29.98
C VAL W 41 30.31 46.68 31.45
N GLY W 42 30.19 45.42 31.88
CA GLY W 42 30.46 45.07 33.26
C GLY W 42 31.94 44.94 33.57
N ASP W 43 32.26 44.37 34.73
CA ASP W 43 33.67 44.16 35.08
C ASP W 43 34.25 42.99 34.32
N ALA W 44 33.49 41.89 34.26
CA ALA W 44 33.85 40.76 33.43
C ALA W 44 34.12 41.19 32.00
N LYS W 45 33.13 41.82 31.37
CA LYS W 45 33.25 42.25 29.98
C LYS W 45 34.41 43.24 29.76
N GLY W 46 34.63 44.12 30.73
CA GLY W 46 35.77 45.03 30.66
C GLY W 46 37.09 44.29 30.54
N GLN W 47 37.23 43.22 31.31
CA GLN W 47 38.45 42.44 31.30
C GLN W 47 38.68 41.74 29.95
N ILE W 48 37.62 41.29 29.31
CA ILE W 48 37.74 40.74 27.96
C ILE W 48 38.18 41.83 27.00
N MET W 49 37.65 43.04 27.18
CA MET W 49 38.07 44.17 26.37
C MET W 49 39.56 44.49 26.53
N ASP W 50 40.01 44.63 27.78
CA ASP W 50 41.41 44.92 28.07
C ASP W 50 42.31 43.88 27.39
N ALA W 51 41.92 42.61 27.52
CA ALA W 51 42.67 41.51 26.94
C ALA W 51 42.94 41.73 25.45
N VAL W 52 41.87 41.91 24.69
CA VAL W 52 41.97 42.07 23.23
C VAL W 52 42.83 43.26 22.82
N ILE W 53 42.62 44.40 23.44
CA ILE W 53 43.45 45.55 23.15
C ILE W 53 44.93 45.27 23.43
N ARG W 54 45.20 44.59 24.54
CA ARG W 54 46.57 44.19 24.87
C ARG W 54 47.16 43.23 23.84
N GLU W 55 46.34 42.32 23.34
CA GLU W 55 46.80 41.32 22.40
C GLU W 55 47.02 41.89 20.98
N TYR W 56 46.17 42.82 20.56
CA TYR W 56 46.20 43.29 19.16
C TYR W 56 46.79 44.68 18.93
N SER W 57 47.25 45.34 19.99
CA SER W 57 47.79 46.71 19.93
C SER W 57 47.25 47.55 18.78
N PRO W 58 45.92 47.76 18.73
CA PRO W 58 45.32 48.50 17.64
C PRO W 58 45.77 49.96 17.57
N SER W 59 46.09 50.42 16.37
CA SER W 59 46.52 51.79 16.15
C SER W 59 45.34 52.69 15.82
N LEU W 60 44.23 52.08 15.40
CA LEU W 60 43.01 52.83 15.14
C LEU W 60 41.78 52.04 15.54
N VAL W 61 41.04 52.56 16.52
CA VAL W 61 39.88 51.86 17.03
C VAL W 61 38.60 52.67 16.91
N LEU W 62 37.62 52.07 16.25
CA LEU W 62 36.29 52.67 16.11
C LEU W 62 35.35 52.05 17.13
N GLU W 63 34.74 52.87 17.98
CA GLU W 63 33.74 52.36 18.93
C GLU W 63 32.33 52.86 18.61
N LEU W 64 31.41 51.93 18.38
CA LEU W 64 30.05 52.29 18.05
C LEU W 64 29.14 52.31 19.27
N GLY W 65 29.00 53.48 19.90
CA GLY W 65 28.06 53.66 20.99
C GLY W 65 28.64 53.96 22.37
N ALA W 66 29.31 55.09 22.48
CA ALA W 66 30.08 55.46 23.67
C ALA W 66 29.27 55.55 24.97
N TYR W 67 28.01 55.97 24.89
CA TYR W 67 27.24 56.35 26.07
C TYR W 67 28.04 57.41 26.86
N CYS W 68 28.41 57.11 28.09
CA CYS W 68 29.01 58.11 28.97
C CYS W 68 30.51 58.25 28.76
N GLY W 69 31.08 57.32 28.01
CA GLY W 69 32.53 57.30 27.79
C GLY W 69 33.28 56.27 28.61
N TYR W 70 32.56 55.47 29.38
CA TYR W 70 33.17 54.47 30.25
C TYR W 70 34.00 53.48 29.46
N SER W 71 33.43 52.92 28.39
CA SER W 71 34.16 51.97 27.57
C SER W 71 35.25 52.68 26.79
N ALA W 72 35.03 53.94 26.46
CA ALA W 72 36.01 54.70 25.70
C ALA W 72 37.23 55.00 26.56
N VAL W 73 36.99 55.32 27.83
CA VAL W 73 38.08 55.53 28.77
C VAL W 73 38.84 54.22 28.97
N ARG W 74 38.08 53.15 29.22
CA ARG W 74 38.64 51.82 29.39
C ARG W 74 39.61 51.46 28.27
N MET W 75 39.15 51.58 27.03
CA MET W 75 39.98 51.21 25.89
C MET W 75 41.15 52.17 25.67
N ALA W 76 40.88 53.47 25.60
CA ALA W 76 41.91 54.43 25.23
C ALA W 76 43.08 54.49 26.22
N ARG W 77 42.83 54.08 27.46
CA ARG W 77 43.89 54.06 28.48
C ARG W 77 44.94 53.00 28.16
N LEU W 78 44.57 52.04 27.30
CA LEU W 78 45.43 50.91 26.98
C LEU W 78 46.07 51.02 25.60
N LEU W 79 45.79 52.10 24.88
CA LEU W 79 46.40 52.29 23.56
C LEU W 79 47.83 52.81 23.69
N GLN W 80 48.72 52.33 22.82
CA GLN W 80 50.11 52.80 22.77
C GLN W 80 50.14 54.25 22.32
N PRO W 81 51.24 54.97 22.62
CA PRO W 81 51.38 56.34 22.08
C PRO W 81 51.33 56.38 20.55
N GLY W 82 50.44 57.20 20.01
CA GLY W 82 50.27 57.31 18.58
C GLY W 82 48.90 56.83 18.13
N ALA W 83 48.39 55.81 18.81
CA ALA W 83 47.10 55.22 18.44
C ALA W 83 45.98 56.18 18.78
N ARG W 84 44.94 56.16 17.97
CA ARG W 84 43.78 57.01 18.19
C ARG W 84 42.52 56.17 18.35
N LEU W 85 41.50 56.78 18.95
CA LEU W 85 40.23 56.12 19.13
C LEU W 85 39.13 56.99 18.55
N LEU W 86 38.37 56.43 17.62
CA LEU W 86 37.18 57.10 17.13
C LEU W 86 35.97 56.50 17.79
N THR W 87 35.17 57.34 18.44
CA THR W 87 33.98 56.84 19.08
C THR W 87 32.72 57.62 18.64
N MET W 88 31.66 56.88 18.30
CA MET W 88 30.41 57.49 17.85
C MET W 88 29.31 57.37 18.90
N GLU W 89 28.66 58.48 19.20
CA GLU W 89 27.49 58.48 20.07
C GLU W 89 26.31 59.21 19.40
N ILE W 90 25.14 58.59 19.41
CA ILE W 90 24.01 59.17 18.67
C ILE W 90 23.38 60.33 19.45
N ASN W 91 23.26 60.18 20.77
CA ASN W 91 22.61 61.20 21.58
C ASN W 91 23.57 62.31 21.95
N PRO W 92 23.20 63.56 21.59
CA PRO W 92 24.06 64.75 21.73
C PRO W 92 24.49 65.06 23.17
N ASP W 93 23.65 64.77 24.15
CA ASP W 93 23.98 65.07 25.54
C ASP W 93 24.99 64.06 26.08
N CYS W 94 24.80 62.79 25.79
CA CYS W 94 25.75 61.77 26.21
C CYS W 94 27.09 61.99 25.53
N ALA W 95 27.03 62.42 24.27
CA ALA W 95 28.25 62.72 23.52
C ALA W 95 29.00 63.88 24.16
N ALA W 96 28.25 64.79 24.78
CA ALA W 96 28.85 65.92 25.47
C ALA W 96 29.45 65.48 26.78
N ILE W 97 28.82 64.51 27.43
CA ILE W 97 29.38 63.98 28.68
C ILE W 97 30.67 63.22 28.38
N THR W 98 30.63 62.39 27.34
CA THR W 98 31.78 61.59 26.92
C THR W 98 33.01 62.46 26.67
N GLN W 99 32.80 63.60 26.04
CA GLN W 99 33.89 64.51 25.73
C GLN W 99 34.57 64.96 27.01
N GLN W 100 33.78 65.26 28.04
CA GLN W 100 34.34 65.78 29.28
C GLN W 100 34.83 64.65 30.18
N MET W 101 34.16 63.52 30.08
CA MET W 101 34.56 62.36 30.85
C MET W 101 35.97 61.98 30.42
N LEU W 102 36.20 62.02 29.12
CA LEU W 102 37.53 61.80 28.56
C LEU W 102 38.50 62.89 28.97
N ASN W 103 38.04 64.13 28.87
CA ASN W 103 38.88 65.27 29.19
C ASN W 103 39.37 65.23 30.63
N PHE W 104 38.50 64.76 31.53
CA PHE W 104 38.88 64.69 32.93
C PHE W 104 39.98 63.65 33.13
N ALA W 105 39.99 62.62 32.30
CA ALA W 105 41.01 61.58 32.38
C ALA W 105 42.18 61.86 31.44
N GLY W 106 42.27 63.10 30.94
CA GLY W 106 43.37 63.53 30.09
C GLY W 106 43.61 62.63 28.89
N LEU W 107 42.56 62.40 28.11
CA LEU W 107 42.61 61.49 26.98
C LEU W 107 42.05 62.13 25.72
N GLN W 108 41.87 63.44 25.73
CA GLN W 108 41.27 64.12 24.59
C GLN W 108 42.27 64.23 23.44
N ASP W 109 43.48 63.69 23.65
CA ASP W 109 44.48 63.64 22.61
C ASP W 109 44.62 62.24 22.01
N LYS W 110 43.88 61.29 22.57
CA LYS W 110 43.81 59.96 22.00
C LYS W 110 42.42 59.68 21.44
N VAL W 111 41.44 60.49 21.83
CA VAL W 111 40.07 60.25 21.43
C VAL W 111 39.45 61.38 20.64
N THR W 112 38.77 61.01 19.55
CA THR W 112 37.90 61.94 18.85
C THR W 112 36.47 61.41 18.91
N ILE W 113 35.58 62.17 19.52
CA ILE W 113 34.16 61.79 19.60
C ILE W 113 33.34 62.29 18.43
N LEU W 114 32.44 61.47 17.92
CA LEU W 114 31.58 61.91 16.85
C LEU W 114 30.14 61.87 17.32
N ASN W 115 29.37 62.87 16.92
CA ASN W 115 27.97 62.91 17.25
C ASN W 115 27.11 62.70 16.02
N GLY W 116 26.54 61.51 15.89
CA GLY W 116 25.66 61.18 14.79
C GLY W 116 25.37 59.70 14.82
N ALA W 117 24.48 59.26 13.93
CA ALA W 117 24.20 57.85 13.78
C ALA W 117 25.32 57.16 12.98
N SER W 118 25.62 55.90 13.36
CA SER W 118 26.66 55.13 12.74
C SER W 118 26.60 55.08 11.20
N GLN W 119 25.40 55.05 10.64
CA GLN W 119 25.26 54.90 9.18
C GLN W 119 25.61 56.19 8.42
N ASP W 120 25.33 57.33 9.03
CA ASP W 120 25.62 58.62 8.42
C ASP W 120 27.08 58.98 8.63
N LEU W 121 27.67 58.44 9.68
CA LEU W 121 29.04 58.77 10.07
C LEU W 121 30.09 57.90 9.38
N ILE W 122 29.84 56.59 9.31
CA ILE W 122 30.82 55.64 8.78
C ILE W 122 31.34 55.98 7.36
N PRO W 123 30.46 56.40 6.43
CA PRO W 123 31.03 56.71 5.12
C PRO W 123 31.92 57.97 5.10
N GLN W 124 31.74 58.83 6.10
CA GLN W 124 32.57 60.03 6.20
C GLN W 124 33.96 59.77 6.77
N LEU W 125 34.17 58.59 7.35
CA LEU W 125 35.42 58.32 8.06
C LEU W 125 36.63 58.54 7.16
N LYS W 126 36.51 58.07 5.92
CA LYS W 126 37.61 58.17 4.97
C LYS W 126 37.89 59.61 4.56
N LYS W 127 36.90 60.27 3.97
CA LYS W 127 37.11 61.65 3.51
C LYS W 127 37.35 62.63 4.67
N LYS W 128 36.32 62.90 5.48
CA LYS W 128 36.38 63.99 6.46
C LYS W 128 37.38 63.79 7.60
N TYR W 129 37.51 62.57 8.12
CA TYR W 129 38.37 62.30 9.28
C TYR W 129 39.65 61.55 8.91
N ASP W 130 39.89 61.42 7.60
CA ASP W 130 41.11 60.81 7.05
C ASP W 130 41.48 59.48 7.70
N VAL W 131 40.60 58.50 7.57
CA VAL W 131 40.86 57.19 8.09
C VAL W 131 41.16 56.25 6.94
N ASP W 132 42.27 55.52 7.04
CA ASP W 132 42.61 54.56 6.00
C ASP W 132 41.86 53.29 6.26
N THR W 133 42.38 52.48 7.18
CA THR W 133 41.68 51.28 7.61
C THR W 133 41.67 51.20 9.13
N LEU W 134 40.51 50.84 9.69
CA LEU W 134 40.37 50.59 11.11
C LEU W 134 41.07 49.29 11.49
N ASP W 135 41.71 49.28 12.65
CA ASP W 135 42.40 48.09 13.12
C ASP W 135 41.50 47.28 14.06
N MET W 136 40.66 47.97 14.82
CA MET W 136 39.68 47.32 15.71
C MET W 136 38.35 48.08 15.75
N VAL W 137 37.25 47.35 15.93
CA VAL W 137 35.91 47.93 15.99
C VAL W 137 35.11 47.42 17.18
N PHE W 138 34.71 48.32 18.08
CA PHE W 138 33.83 47.92 19.18
C PHE W 138 32.38 48.20 18.83
N LEU W 139 31.53 47.18 18.91
CA LEU W 139 30.11 47.34 18.61
C LEU W 139 29.25 47.23 19.86
N ASP W 140 28.64 48.33 20.30
CA ASP W 140 27.68 48.28 21.41
C ASP W 140 26.49 49.21 21.24
N HIS W 141 26.06 49.44 19.99
CA HIS W 141 24.87 50.27 19.75
C HIS W 141 23.64 49.42 19.51
N TRP W 142 22.73 49.89 18.68
CA TRP W 142 21.47 49.18 18.45
C TRP W 142 21.70 47.84 17.78
N LYS W 143 21.23 46.75 18.38
CA LYS W 143 21.41 45.40 17.80
C LYS W 143 21.04 45.30 16.32
N ASP W 144 20.01 46.03 15.92
CA ASP W 144 19.48 45.97 14.57
C ASP W 144 20.51 46.47 13.57
N ARG W 145 21.50 47.21 14.05
CA ARG W 145 22.46 47.82 13.15
C ARG W 145 23.83 47.14 13.20
N TYR W 146 23.93 46.00 13.90
CA TYR W 146 25.21 45.30 13.97
C TYR W 146 25.55 44.78 12.59
N LEU W 147 24.63 44.01 12.04
CA LEU W 147 24.87 43.45 10.72
C LEU W 147 25.04 44.54 9.66
N PRO W 148 24.06 45.45 9.50
CA PRO W 148 24.20 46.36 8.36
C PRO W 148 25.34 47.36 8.49
N ASP W 149 25.80 47.68 9.70
CA ASP W 149 26.96 48.55 9.80
C ASP W 149 28.25 47.77 9.58
N THR W 150 28.21 46.47 9.87
CA THR W 150 29.36 45.60 9.60
C THR W 150 29.66 45.62 8.13
N LEU W 151 28.61 45.42 7.34
CA LEU W 151 28.72 45.47 5.89
C LEU W 151 29.04 46.85 5.39
N LEU W 152 28.46 47.86 6.02
CA LEU W 152 28.74 49.24 5.64
C LEU W 152 30.24 49.52 5.87
N LEU W 153 30.79 48.90 6.91
CA LEU W 153 32.23 49.02 7.18
C LEU W 153 33.00 48.32 6.09
N GLU W 154 32.57 47.13 5.72
CA GLU W 154 33.14 46.42 4.59
C GLU W 154 33.12 47.28 3.33
N GLU W 155 31.92 47.68 2.91
CA GLU W 155 31.72 48.34 1.62
C GLU W 155 32.57 49.60 1.53
N CYS W 156 32.64 50.34 2.63
CA CYS W 156 33.38 51.59 2.61
C CYS W 156 34.89 51.37 2.59
N GLY W 157 35.31 50.12 2.75
CA GLY W 157 36.72 49.74 2.67
C GLY W 157 37.60 50.03 3.87
N LEU W 158 37.00 50.14 5.06
CA LEU W 158 37.74 50.45 6.30
C LEU W 158 38.24 49.21 7.05
N LEU W 159 37.88 48.04 6.56
CA LEU W 159 38.40 46.79 7.12
C LEU W 159 39.60 46.28 6.32
N ARG W 160 40.63 45.82 7.02
CA ARG W 160 41.75 45.19 6.34
C ARG W 160 41.94 43.79 6.88
N LYS W 161 42.79 43.00 6.20
CA LYS W 161 43.12 41.67 6.68
C LYS W 161 43.70 41.81 8.08
N GLY W 162 43.01 41.27 9.07
CA GLY W 162 43.50 41.33 10.44
C GLY W 162 42.66 42.15 11.40
N THR W 163 41.82 43.03 10.85
CA THR W 163 40.96 43.87 11.66
C THR W 163 40.08 43.05 12.58
N VAL W 164 40.00 43.47 13.85
CA VAL W 164 39.16 42.80 14.83
C VAL W 164 37.81 43.49 15.00
N LEU W 165 36.72 42.74 14.84
CA LEU W 165 35.40 43.21 15.29
C LEU W 165 35.08 42.63 16.66
N LEU W 166 34.91 43.48 17.67
CA LEU W 166 34.49 42.98 18.98
C LEU W 166 33.06 43.45 19.25
N ALA W 167 32.13 42.51 19.15
CA ALA W 167 30.71 42.83 19.28
C ALA W 167 30.19 42.45 20.66
N ASP W 168 29.42 43.35 21.26
CA ASP W 168 28.89 43.09 22.58
C ASP W 168 27.42 42.65 22.55
N ASN W 169 26.98 41.99 23.61
CA ASN W 169 25.61 41.55 23.79
C ASN W 169 25.10 40.66 22.69
N VAL W 170 25.94 39.78 22.18
CA VAL W 170 25.56 38.92 21.07
C VAL W 170 24.67 37.75 21.55
N ILE W 171 24.49 37.62 22.86
CA ILE W 171 23.59 36.59 23.38
C ILE W 171 22.35 37.20 24.08
N VAL W 172 22.58 38.25 24.87
CA VAL W 172 21.52 38.92 25.63
C VAL W 172 21.57 40.43 25.39
N PRO W 173 20.54 40.97 24.72
CA PRO W 173 19.32 40.32 24.23
C PRO W 173 19.53 39.50 22.94
N GLY W 174 20.75 39.55 22.41
CA GLY W 174 21.07 38.75 21.24
C GLY W 174 21.23 39.54 19.97
N THR W 175 22.20 39.15 19.16
CA THR W 175 22.34 39.65 17.81
C THR W 175 22.56 38.47 16.88
N PRO W 176 21.51 37.65 16.70
CA PRO W 176 21.70 36.35 16.02
C PRO W 176 21.99 36.47 14.52
N ASP W 177 21.47 37.50 13.84
CA ASP W 177 21.78 37.75 12.44
C ASP W 177 23.25 38.03 12.23
N PHE W 178 23.74 39.07 12.89
CA PHE W 178 25.17 39.41 12.86
C PHE W 178 26.03 38.19 13.16
N LEU W 179 25.65 37.42 14.18
CA LEU W 179 26.40 36.22 14.53
C LEU W 179 26.39 35.24 13.37
N ALA W 180 25.20 34.93 12.86
CA ALA W 180 25.05 34.06 11.70
C ALA W 180 25.96 34.51 10.55
N TYR W 181 26.03 35.82 10.30
CA TYR W 181 26.84 36.34 9.21
C TYR W 181 28.31 36.07 9.43
N VAL W 182 28.89 36.61 10.50
CA VAL W 182 30.33 36.55 10.71
C VAL W 182 30.80 35.11 10.90
N ARG W 183 29.95 34.25 11.47
CA ARG W 183 30.33 32.86 11.69
C ARG W 183 30.19 32.02 10.44
N GLY W 184 29.28 32.41 9.55
CA GLY W 184 29.07 31.67 8.32
C GLY W 184 29.90 32.19 7.17
N SER W 185 30.25 33.48 7.23
CA SER W 185 30.99 34.05 6.12
C SER W 185 32.43 33.58 6.15
N SER W 186 32.97 33.35 4.97
CA SER W 186 34.37 33.00 4.82
C SER W 186 35.22 34.25 4.93
N SER W 187 34.61 35.37 5.28
CA SER W 187 35.32 36.64 5.39
C SER W 187 35.81 36.88 6.81
N PHE W 188 35.27 36.12 7.76
CA PHE W 188 35.60 36.31 9.18
C PHE W 188 36.00 35.00 9.89
N GLU W 189 36.95 35.07 10.81
CA GLU W 189 37.19 33.95 11.72
C GLU W 189 36.77 34.34 13.15
N CYS W 190 35.96 33.49 13.79
CA CYS W 190 35.22 33.91 15.00
C CYS W 190 35.52 33.17 16.30
N THR W 191 35.51 33.93 17.38
CA THR W 191 35.67 33.39 18.72
C THR W 191 34.60 33.97 19.66
N HIS W 192 34.01 33.12 20.49
CA HIS W 192 33.03 33.58 21.47
C HIS W 192 33.63 33.63 22.88
N TYR W 193 33.41 34.73 23.58
CA TYR W 193 33.82 34.87 24.97
C TYR W 193 32.59 35.01 25.85
N SER W 194 32.30 34.02 26.67
CA SER W 194 31.11 34.09 27.52
C SER W 194 31.27 35.06 28.68
N SER W 195 30.20 35.77 28.98
CA SER W 195 30.20 36.71 30.08
C SER W 195 29.19 36.26 31.13
N TYR W 196 29.65 35.99 32.35
CA TYR W 196 28.72 35.48 33.37
C TYR W 196 28.18 36.59 34.24
N LEU W 197 27.10 37.21 33.79
CA LEU W 197 26.37 38.21 34.55
C LEU W 197 25.67 37.62 35.77
N GLU W 198 25.00 36.48 35.60
CA GLU W 198 24.31 35.84 36.71
C GLU W 198 24.24 34.32 36.52
N TYR W 199 24.54 33.58 37.60
CA TYR W 199 24.55 32.12 37.60
C TYR W 199 23.32 31.48 36.96
N MET W 200 23.57 30.56 36.04
CA MET W 200 22.53 29.85 35.28
C MET W 200 21.65 30.73 34.37
N LYS W 201 21.21 31.89 34.84
CA LYS W 201 20.10 32.58 34.18
C LYS W 201 20.46 33.77 33.29
N VAL W 202 21.57 34.43 33.56
CA VAL W 202 21.99 35.53 32.68
C VAL W 202 23.44 35.33 32.21
N VAL W 203 23.57 34.68 31.06
CA VAL W 203 24.88 34.41 30.49
C VAL W 203 24.93 35.04 29.11
N ASP W 204 25.69 36.12 29.01
CA ASP W 204 25.83 36.86 27.77
C ASP W 204 27.11 36.42 27.10
N GLY W 205 27.73 37.34 26.37
CA GLY W 205 28.97 37.05 25.69
C GLY W 205 29.33 38.05 24.62
N LEU W 206 30.62 38.09 24.29
CA LEU W 206 31.10 38.90 23.18
C LEU W 206 31.49 37.99 22.06
N GLU W 207 31.39 38.49 20.83
CA GLU W 207 31.96 37.78 19.69
C GLU W 207 33.18 38.53 19.21
N LYS W 208 34.31 37.84 19.09
CA LYS W 208 35.46 38.42 18.41
C LYS W 208 35.46 37.90 16.98
N ALA W 209 35.40 38.81 16.02
CA ALA W 209 35.42 38.42 14.59
C ALA W 209 36.49 39.20 13.82
N ILE W 210 37.43 38.45 13.27
CA ILE W 210 38.60 39.02 12.59
C ILE W 210 38.49 38.95 11.07
N TYR W 211 38.47 40.12 10.42
CA TYR W 211 38.28 40.19 8.97
C TYR W 211 39.44 39.55 8.22
N GLN W 212 39.15 38.87 7.11
CA GLN W 212 40.19 38.13 6.38
C GLN W 212 40.55 38.78 5.04
N GLY W 213 40.27 40.07 4.90
CA GLY W 213 40.49 40.76 3.64
C GLY W 213 39.46 40.34 2.60
N PRO W 214 39.30 41.15 1.56
CA PRO W 214 38.38 40.77 0.47
C PRO W 214 38.92 39.61 -0.40
N SER W 215 38.79 39.74 -1.72
CA SER W 215 39.33 38.75 -2.67
C SER W 215 39.42 39.38 -4.07
N GLY X 1 -58.91 75.22 -30.81
CA GLY X 1 -57.96 75.34 -29.71
C GLY X 1 -56.54 75.58 -30.18
N ASP X 2 -55.59 74.82 -29.60
CA ASP X 2 -54.18 74.95 -29.94
C ASP X 2 -53.48 73.59 -29.82
N THR X 3 -53.05 73.03 -30.95
CA THR X 3 -52.54 71.65 -30.99
C THR X 3 -51.36 71.44 -30.04
N LYS X 4 -51.18 70.20 -29.60
CA LYS X 4 -50.09 69.87 -28.68
C LYS X 4 -48.73 69.86 -29.38
N GLU X 5 -48.70 69.57 -30.69
CA GLU X 5 -47.47 69.73 -31.47
C GLU X 5 -47.06 71.20 -31.47
N GLN X 6 -48.07 72.07 -31.40
CA GLN X 6 -47.86 73.51 -31.26
C GLN X 6 -47.40 73.85 -29.85
N ARG X 7 -48.06 73.28 -28.85
CA ARG X 7 -47.67 73.49 -27.45
C ARG X 7 -46.20 73.07 -27.26
N ILE X 8 -45.80 72.01 -27.96
CA ILE X 8 -44.43 71.52 -27.88
C ILE X 8 -43.43 72.52 -28.46
N LEU X 9 -43.66 72.94 -29.70
CA LEU X 9 -42.78 73.91 -30.34
C LEU X 9 -42.55 75.09 -29.41
N ARG X 10 -43.63 75.64 -28.87
CA ARG X 10 -43.56 76.77 -27.95
C ARG X 10 -42.68 76.49 -26.73
N TYR X 11 -42.84 75.31 -26.14
CA TYR X 11 -42.03 74.94 -24.98
C TYR X 11 -40.56 74.84 -25.37
N VAL X 12 -40.28 74.34 -26.58
CA VAL X 12 -38.91 74.22 -27.05
C VAL X 12 -38.26 75.60 -27.10
N GLN X 13 -39.04 76.58 -27.56
CA GLN X 13 -38.52 77.92 -27.80
C GLN X 13 -38.22 78.68 -26.51
N GLN X 14 -38.87 78.29 -25.42
CA GLN X 14 -38.76 79.01 -24.16
C GLN X 14 -37.77 78.42 -23.16
N ASN X 15 -37.21 77.26 -23.48
CA ASN X 15 -36.33 76.58 -22.54
C ASN X 15 -35.04 76.01 -23.15
N ALA X 16 -34.95 75.96 -24.48
CA ALA X 16 -33.78 75.34 -25.12
C ALA X 16 -33.01 76.32 -25.98
N LYS X 17 -31.68 76.33 -25.82
CA LYS X 17 -30.80 77.20 -26.60
C LYS X 17 -30.96 76.96 -28.10
N PRO X 18 -31.26 78.01 -28.88
CA PRO X 18 -31.33 77.90 -30.35
C PRO X 18 -29.96 77.79 -31.00
N GLY X 19 -29.66 76.63 -31.58
CA GLY X 19 -28.34 76.37 -32.16
C GLY X 19 -27.72 75.19 -31.46
N ASP X 20 -28.47 74.62 -30.52
CA ASP X 20 -28.05 73.45 -29.79
C ASP X 20 -29.05 72.32 -30.01
N PRO X 21 -28.70 71.37 -30.90
CA PRO X 21 -29.61 70.26 -31.17
C PRO X 21 -29.89 69.47 -29.89
N GLN X 22 -28.83 69.31 -29.09
CA GLN X 22 -28.91 68.57 -27.84
C GLN X 22 -29.94 69.16 -26.87
N SER X 23 -29.94 70.48 -26.69
CA SER X 23 -30.84 71.09 -25.71
C SER X 23 -32.29 71.01 -26.20
N VAL X 24 -32.48 71.08 -27.52
CA VAL X 24 -33.80 70.95 -28.13
C VAL X 24 -34.40 69.60 -27.78
N LEU X 25 -33.63 68.54 -27.98
CA LEU X 25 -34.06 67.19 -27.65
C LEU X 25 -34.36 67.06 -26.17
N GLU X 26 -33.40 67.47 -25.35
CA GLU X 26 -33.55 67.40 -23.90
C GLU X 26 -34.82 68.10 -23.45
N ALA X 27 -35.08 69.28 -24.02
CA ALA X 27 -36.30 70.03 -23.73
C ALA X 27 -37.56 69.21 -24.00
N ILE X 28 -37.68 68.71 -25.22
CA ILE X 28 -38.80 67.89 -25.65
C ILE X 28 -39.04 66.71 -24.68
N ASP X 29 -37.95 66.02 -24.33
CA ASP X 29 -37.98 64.95 -23.31
C ASP X 29 -38.56 65.43 -21.98
N THR X 30 -38.07 66.59 -21.54
CA THR X 30 -38.56 67.22 -20.31
C THR X 30 -40.05 67.52 -20.40
N TYR X 31 -40.46 68.11 -21.53
CA TYR X 31 -41.86 68.40 -21.75
C TYR X 31 -42.71 67.15 -21.65
N CYS X 32 -42.33 66.13 -22.41
CA CYS X 32 -43.13 64.90 -22.55
C CYS X 32 -43.40 64.19 -21.21
N THR X 33 -42.39 64.06 -20.36
CA THR X 33 -42.58 63.37 -19.10
C THR X 33 -43.37 64.25 -18.11
N GLN X 34 -43.37 65.54 -18.35
CA GLN X 34 -44.16 66.46 -17.52
C GLN X 34 -45.60 66.47 -18.00
N LYS X 35 -45.78 66.51 -19.31
CA LYS X 35 -47.12 66.64 -19.87
C LYS X 35 -47.59 65.37 -20.61
N GLU X 36 -47.52 64.23 -19.92
CA GLU X 36 -48.19 62.98 -20.29
C GLU X 36 -48.11 62.58 -21.77
N TRP X 37 -46.90 62.53 -22.33
CA TRP X 37 -46.77 62.35 -23.78
C TRP X 37 -45.46 61.65 -24.13
N ALA X 38 -45.36 61.22 -25.37
CA ALA X 38 -44.16 60.53 -25.82
C ALA X 38 -43.91 60.80 -27.29
N MET X 39 -42.64 60.93 -27.66
CA MET X 39 -42.31 61.16 -29.05
C MET X 39 -42.27 59.88 -29.88
N ASN X 40 -42.02 60.14 -31.16
CA ASN X 40 -41.68 59.18 -32.18
C ASN X 40 -40.80 58.01 -31.71
N VAL X 41 -39.73 58.32 -30.98
CA VAL X 41 -38.79 57.28 -30.57
C VAL X 41 -38.34 57.49 -29.11
N GLY X 42 -38.14 56.39 -28.40
CA GLY X 42 -37.72 56.44 -26.99
C GLY X 42 -36.31 56.94 -26.80
N ASP X 43 -35.77 56.79 -25.58
CA ASP X 43 -34.37 57.11 -25.35
C ASP X 43 -33.48 55.91 -25.68
N ALA X 44 -33.92 54.74 -25.26
CA ALA X 44 -33.23 53.50 -25.61
C ALA X 44 -33.12 53.40 -27.11
N LYS X 45 -34.24 53.61 -27.80
CA LYS X 45 -34.24 53.59 -29.25
C LYS X 45 -33.37 54.69 -29.79
N GLY X 46 -33.35 55.81 -29.09
CA GLY X 46 -32.53 56.94 -29.47
C GLY X 46 -31.09 56.51 -29.62
N GLN X 47 -30.56 55.87 -28.58
CA GLN X 47 -29.15 55.50 -28.53
C GLN X 47 -28.75 54.48 -29.61
N ILE X 48 -29.72 53.72 -30.10
CA ILE X 48 -29.45 52.81 -31.23
C ILE X 48 -29.27 53.62 -32.52
N MET X 49 -30.20 54.54 -32.78
CA MET X 49 -30.10 55.40 -33.96
C MET X 49 -28.79 56.15 -33.95
N ASP X 50 -28.39 56.65 -32.78
CA ASP X 50 -27.14 57.38 -32.66
C ASP X 50 -26.02 56.47 -33.11
N ALA X 51 -25.88 55.34 -32.43
CA ALA X 51 -24.85 54.34 -32.67
C ALA X 51 -24.69 53.96 -34.14
N VAL X 52 -25.80 53.75 -34.82
CA VAL X 52 -25.77 53.38 -36.23
C VAL X 52 -25.15 54.50 -37.09
N ILE X 53 -25.65 55.73 -36.94
CA ILE X 53 -25.16 56.88 -37.70
C ILE X 53 -23.66 57.14 -37.45
N ARG X 54 -23.20 56.82 -36.24
CA ARG X 54 -21.77 56.88 -35.95
C ARG X 54 -20.99 55.89 -36.80
N GLU X 55 -21.53 54.68 -36.93
CA GLU X 55 -20.85 53.61 -37.64
C GLU X 55 -20.78 53.80 -39.16
N TYR X 56 -21.84 54.34 -39.77
CA TYR X 56 -21.93 54.42 -41.23
C TYR X 56 -21.80 55.82 -41.82
N SER X 57 -21.46 56.79 -40.99
CA SER X 57 -21.34 58.22 -41.37
C SER X 57 -21.99 58.64 -42.69
N PRO X 58 -23.31 58.42 -42.83
CA PRO X 58 -23.98 58.63 -44.11
C PRO X 58 -24.00 60.09 -44.57
N SER X 59 -24.00 60.27 -45.89
CA SER X 59 -23.97 61.59 -46.49
C SER X 59 -25.38 62.04 -46.85
N LEU X 60 -26.27 61.08 -47.08
CA LEU X 60 -27.63 61.39 -47.49
C LEU X 60 -28.58 60.43 -46.78
N VAL X 61 -29.44 60.97 -45.93
CA VAL X 61 -30.33 60.13 -45.15
C VAL X 61 -31.78 60.42 -45.48
N LEU X 62 -32.57 59.37 -45.63
CA LEU X 62 -34.00 59.53 -45.84
C LEU X 62 -34.78 59.04 -44.62
N GLU X 63 -35.62 59.91 -44.07
CA GLU X 63 -36.49 59.55 -42.97
C GLU X 63 -37.96 59.57 -43.40
N LEU X 64 -38.65 58.45 -43.19
CA LEU X 64 -40.08 58.39 -43.44
C LEU X 64 -40.86 58.53 -42.14
N GLY X 65 -41.58 59.64 -41.98
CA GLY X 65 -42.42 59.86 -40.82
C GLY X 65 -41.84 60.80 -39.77
N ALA X 66 -41.66 62.07 -40.14
CA ALA X 66 -40.95 63.04 -39.30
C ALA X 66 -41.59 63.35 -37.95
N TYR X 67 -42.92 63.30 -37.89
CA TYR X 67 -43.70 63.84 -36.76
C TYR X 67 -43.33 65.30 -36.46
N CYS X 68 -42.55 65.52 -35.40
CA CYS X 68 -42.23 66.87 -34.96
C CYS X 68 -40.83 67.29 -35.36
N GLY X 69 -40.04 66.30 -35.76
CA GLY X 69 -38.65 66.53 -36.08
C GLY X 69 -37.74 66.10 -34.93
N TYR X 70 -38.32 65.42 -33.95
CA TYR X 70 -37.54 64.88 -32.85
C TYR X 70 -36.49 63.91 -33.39
N SER X 71 -36.91 63.00 -34.26
CA SER X 71 -35.98 62.03 -34.81
C SER X 71 -35.19 62.68 -35.93
N ALA X 72 -35.77 63.69 -36.57
CA ALA X 72 -35.04 64.42 -37.60
C ALA X 72 -33.86 65.17 -36.97
N VAL X 73 -34.13 65.85 -35.86
CA VAL X 73 -33.09 66.58 -35.13
C VAL X 73 -32.03 65.66 -34.56
N ARG X 74 -32.48 64.53 -34.00
CA ARG X 74 -31.56 63.58 -33.40
C ARG X 74 -30.57 63.11 -34.44
N MET X 75 -31.07 62.67 -35.58
CA MET X 75 -30.24 62.15 -36.65
C MET X 75 -29.35 63.24 -37.28
N ALA X 76 -29.97 64.35 -37.66
CA ALA X 76 -29.26 65.41 -38.36
C ALA X 76 -28.03 65.90 -37.60
N ARG X 77 -28.18 66.09 -36.29
CA ARG X 77 -27.11 66.66 -35.48
C ARG X 77 -25.84 65.82 -35.56
N LEU X 78 -26.00 64.52 -35.82
CA LEU X 78 -24.87 63.61 -35.92
C LEU X 78 -24.32 63.48 -37.34
N LEU X 79 -25.07 63.94 -38.34
CA LEU X 79 -24.56 64.00 -39.71
C LEU X 79 -23.30 64.86 -39.76
N GLN X 80 -22.44 64.58 -40.74
CA GLN X 80 -21.20 65.32 -40.88
C GLN X 80 -21.30 66.47 -41.89
N PRO X 81 -20.37 67.43 -41.83
CA PRO X 81 -20.44 68.59 -42.73
C PRO X 81 -20.60 68.22 -44.21
N GLY X 82 -21.67 68.71 -44.83
CA GLY X 82 -21.93 68.46 -46.24
C GLY X 82 -23.09 67.51 -46.45
N ALA X 83 -23.33 66.67 -45.44
CA ALA X 83 -24.39 65.67 -45.51
C ALA X 83 -25.77 66.32 -45.50
N ARG X 84 -26.76 65.55 -45.92
CA ARG X 84 -28.09 66.07 -46.20
C ARG X 84 -29.15 65.05 -45.81
N LEU X 85 -30.12 65.48 -45.02
CA LEU X 85 -31.19 64.60 -44.57
C LEU X 85 -32.53 65.03 -45.16
N LEU X 86 -33.19 64.08 -45.82
CA LEU X 86 -34.53 64.29 -46.31
C LEU X 86 -35.51 63.60 -45.38
N THR X 87 -36.58 64.30 -45.01
CA THR X 87 -37.62 63.69 -44.17
C THR X 87 -39.02 63.91 -44.78
N MET X 88 -39.89 62.91 -44.62
CA MET X 88 -41.23 63.03 -45.19
C MET X 88 -42.30 62.92 -44.12
N GLU X 89 -43.09 63.98 -43.97
CA GLU X 89 -44.27 63.95 -43.12
C GLU X 89 -45.52 64.00 -43.99
N ILE X 90 -46.57 63.28 -43.60
CA ILE X 90 -47.75 63.22 -44.44
C ILE X 90 -48.81 64.28 -44.05
N ASN X 91 -48.81 64.69 -42.79
CA ASN X 91 -49.72 65.75 -42.35
C ASN X 91 -49.03 67.12 -42.41
N PRO X 92 -49.68 68.10 -43.06
CA PRO X 92 -49.09 69.42 -43.29
C PRO X 92 -48.80 70.20 -42.01
N ASP X 93 -49.61 69.99 -40.98
CA ASP X 93 -49.41 70.70 -39.73
C ASP X 93 -48.10 70.28 -39.06
N CYS X 94 -47.94 68.99 -38.81
CA CYS X 94 -46.69 68.46 -38.24
C CYS X 94 -45.49 68.86 -39.09
N ALA X 95 -45.68 68.81 -40.40
CA ALA X 95 -44.65 69.16 -41.35
C ALA X 95 -44.14 70.57 -41.11
N ALA X 96 -45.08 71.48 -40.85
CA ALA X 96 -44.73 72.90 -40.59
C ALA X 96 -44.00 73.08 -39.27
N ILE X 97 -44.37 72.26 -38.28
CA ILE X 97 -43.73 72.27 -36.97
C ILE X 97 -42.30 71.78 -37.05
N THR X 98 -42.09 70.76 -37.90
CA THR X 98 -40.77 70.16 -38.07
C THR X 98 -39.75 71.18 -38.54
N GLN X 99 -40.21 72.18 -39.29
CA GLN X 99 -39.29 73.15 -39.84
C GLN X 99 -38.72 74.04 -38.75
N GLN X 100 -39.58 74.68 -37.97
CA GLN X 100 -39.08 75.65 -37.00
C GLN X 100 -38.35 74.99 -35.82
N MET X 101 -38.31 73.66 -35.80
CA MET X 101 -37.58 72.97 -34.74
C MET X 101 -36.15 72.65 -35.18
N LEU X 102 -36.00 72.35 -36.46
CA LEU X 102 -34.68 72.24 -37.06
C LEU X 102 -34.08 73.62 -37.26
N ASN X 103 -34.92 74.55 -37.73
CA ASN X 103 -34.57 75.97 -37.84
C ASN X 103 -34.05 76.49 -36.51
N PHE X 104 -34.64 75.97 -35.43
CA PHE X 104 -34.26 76.34 -34.08
C PHE X 104 -32.95 75.70 -33.63
N ALA X 105 -32.75 74.42 -33.98
CA ALA X 105 -31.51 73.73 -33.61
C ALA X 105 -30.32 74.15 -34.47
N GLY X 106 -30.56 75.05 -35.42
CA GLY X 106 -29.51 75.51 -36.31
C GLY X 106 -29.15 74.43 -37.30
N LEU X 107 -30.16 73.65 -37.69
CA LEU X 107 -29.97 72.54 -38.61
C LEU X 107 -30.77 72.69 -39.89
N GLN X 108 -31.39 73.85 -40.09
CA GLN X 108 -32.30 74.03 -41.22
C GLN X 108 -31.57 73.88 -42.53
N ASP X 109 -30.25 74.08 -42.48
CA ASP X 109 -29.41 73.92 -43.66
C ASP X 109 -29.32 72.45 -44.07
N LYS X 110 -28.91 71.60 -43.13
CA LYS X 110 -28.66 70.18 -43.41
C LYS X 110 -29.94 69.40 -43.72
N VAL X 111 -31.08 69.93 -43.30
CA VAL X 111 -32.32 69.14 -43.30
C VAL X 111 -33.42 69.67 -44.21
N THR X 112 -33.76 68.90 -45.23
CA THR X 112 -34.86 69.21 -46.12
C THR X 112 -36.14 68.49 -45.71
N ILE X 113 -37.25 69.21 -45.57
CA ILE X 113 -38.53 68.63 -45.16
C ILE X 113 -39.57 68.57 -46.27
N LEU X 114 -40.11 67.38 -46.52
CA LEU X 114 -41.07 67.19 -47.61
C LEU X 114 -42.45 66.90 -47.09
N ASN X 115 -43.46 67.46 -47.75
CA ASN X 115 -44.84 67.28 -47.35
C ASN X 115 -45.61 66.46 -48.38
N GLY X 116 -45.99 65.24 -48.00
CA GLY X 116 -46.72 64.36 -48.89
C GLY X 116 -46.68 62.93 -48.40
N ALA X 117 -47.26 62.03 -49.18
CA ALA X 117 -47.25 60.62 -48.85
C ALA X 117 -45.94 60.00 -49.37
N SER X 118 -45.44 58.99 -48.69
CA SER X 118 -44.16 58.40 -49.04
C SER X 118 -44.14 57.88 -50.49
N GLN X 119 -45.23 57.23 -50.91
CA GLN X 119 -45.24 56.58 -52.22
C GLN X 119 -45.43 57.56 -53.38
N ASP X 120 -45.81 58.80 -53.08
CA ASP X 120 -45.89 59.86 -54.09
C ASP X 120 -44.60 60.64 -54.18
N LEU X 121 -43.90 60.74 -53.05
CA LEU X 121 -42.66 61.52 -52.97
C LEU X 121 -41.41 60.71 -53.32
N ILE X 122 -41.40 59.43 -52.97
CA ILE X 122 -40.26 58.59 -53.28
C ILE X 122 -39.91 58.61 -54.79
N PRO X 123 -40.90 58.37 -55.68
CA PRO X 123 -40.57 58.39 -57.13
C PRO X 123 -40.17 59.75 -57.69
N GLN X 124 -40.14 60.79 -56.86
CA GLN X 124 -39.76 62.13 -57.33
C GLN X 124 -38.37 62.56 -56.86
N LEU X 125 -37.77 61.74 -56.00
CA LEU X 125 -36.49 62.10 -55.37
C LEU X 125 -35.39 62.33 -56.38
N LYS X 126 -35.40 61.59 -57.48
CA LYS X 126 -34.37 61.76 -58.50
C LYS X 126 -34.65 62.97 -59.38
N LYS X 127 -35.88 63.10 -59.85
CA LYS X 127 -36.22 64.20 -60.75
C LYS X 127 -36.17 65.57 -60.04
N LYS X 128 -37.01 65.77 -59.03
CA LYS X 128 -37.14 67.09 -58.41
C LYS X 128 -36.33 67.28 -57.11
N TYR X 129 -35.49 66.32 -56.74
CA TYR X 129 -34.61 66.54 -55.59
C TYR X 129 -33.18 66.07 -55.87
N ASP X 130 -32.93 65.74 -57.14
CA ASP X 130 -31.62 65.34 -57.64
C ASP X 130 -30.86 64.44 -56.68
N VAL X 131 -31.58 63.48 -56.14
CA VAL X 131 -31.02 62.43 -55.33
C VAL X 131 -30.47 61.39 -56.29
N ASP X 132 -29.30 60.84 -55.99
CA ASP X 132 -28.78 59.72 -56.75
C ASP X 132 -29.11 58.43 -56.02
N THR X 133 -28.32 58.13 -54.98
CA THR X 133 -28.60 56.98 -54.14
C THR X 133 -28.60 57.41 -52.68
N LEU X 134 -29.47 56.78 -51.89
CA LEU X 134 -29.58 57.05 -50.48
C LEU X 134 -28.55 56.25 -49.69
N ASP X 135 -27.92 56.88 -48.72
CA ASP X 135 -26.95 56.20 -47.86
C ASP X 135 -27.65 55.40 -46.76
N MET X 136 -28.66 56.01 -46.16
CA MET X 136 -29.41 55.37 -45.09
C MET X 136 -30.89 55.72 -45.16
N VAL X 137 -31.75 54.76 -44.87
CA VAL X 137 -33.18 55.07 -44.72
C VAL X 137 -33.66 54.75 -43.32
N PHE X 138 -34.32 55.72 -42.69
CA PHE X 138 -34.94 55.47 -41.39
C PHE X 138 -36.45 55.36 -41.57
N LEU X 139 -37.03 54.23 -41.14
CA LEU X 139 -38.46 54.01 -41.31
C LEU X 139 -39.22 54.16 -40.01
N ASP X 140 -40.26 54.99 -40.00
CA ASP X 140 -41.15 55.07 -38.86
C ASP X 140 -42.53 55.58 -39.22
N HIS X 141 -43.00 55.28 -40.43
CA HIS X 141 -44.34 55.72 -40.83
C HIS X 141 -45.35 54.58 -40.67
N TRP X 142 -46.38 54.55 -41.50
CA TRP X 142 -47.41 53.52 -41.38
C TRP X 142 -46.84 52.12 -41.55
N LYS X 143 -47.21 51.22 -40.64
CA LYS X 143 -46.65 49.87 -40.64
C LYS X 143 -46.85 49.21 -41.98
N ASP X 144 -48.03 49.37 -42.59
CA ASP X 144 -48.34 48.61 -43.80
C ASP X 144 -47.70 49.19 -45.09
N ARG X 145 -46.89 50.24 -44.94
CA ARG X 145 -46.23 50.84 -46.09
C ARG X 145 -44.74 50.48 -46.09
N TYR X 146 -44.30 49.80 -45.03
CA TYR X 146 -42.89 49.43 -44.89
C TYR X 146 -42.41 48.59 -46.06
N LEU X 147 -43.11 47.50 -46.31
CA LEU X 147 -42.73 46.60 -47.40
C LEU X 147 -42.85 47.30 -48.75
N PRO X 148 -44.04 47.83 -49.11
CA PRO X 148 -44.10 48.47 -50.43
C PRO X 148 -43.14 49.66 -50.63
N ASP X 149 -42.89 50.45 -49.59
CA ASP X 149 -42.00 51.60 -49.79
C ASP X 149 -40.56 51.16 -49.86
N THR X 150 -40.24 50.01 -49.29
CA THR X 150 -38.89 49.47 -49.36
C THR X 150 -38.59 49.03 -50.79
N LEU X 151 -39.60 48.43 -51.43
CA LEU X 151 -39.48 47.97 -52.81
C LEU X 151 -39.52 49.11 -53.80
N LEU X 152 -40.35 50.09 -53.50
CA LEU X 152 -40.41 51.31 -54.28
C LEU X 152 -39.02 51.91 -54.33
N LEU X 153 -38.37 51.93 -53.17
CA LEU X 153 -37.03 52.46 -53.08
C LEU X 153 -36.07 51.67 -53.97
N GLU X 154 -36.31 50.36 -54.08
CA GLU X 154 -35.51 49.51 -54.96
C GLU X 154 -35.70 49.84 -56.44
N GLU X 155 -36.94 49.75 -56.92
CA GLU X 155 -37.22 49.98 -58.32
C GLU X 155 -36.69 51.33 -58.84
N CYS X 156 -36.93 52.39 -58.08
CA CYS X 156 -36.50 53.74 -58.50
C CYS X 156 -34.98 53.93 -58.45
N GLY X 157 -34.26 52.88 -58.06
CA GLY X 157 -32.81 52.89 -58.03
C GLY X 157 -32.23 53.80 -56.97
N LEU X 158 -32.86 53.81 -55.79
CA LEU X 158 -32.46 54.74 -54.75
C LEU X 158 -31.57 54.10 -53.68
N LEU X 159 -31.38 52.79 -53.79
CA LEU X 159 -30.53 52.07 -52.86
C LEU X 159 -29.28 51.58 -53.60
N ARG X 160 -28.13 51.67 -52.93
CA ARG X 160 -26.89 51.11 -53.48
C ARG X 160 -26.31 50.09 -52.49
N LYS X 161 -25.21 49.45 -52.87
CA LYS X 161 -24.60 48.48 -51.96
C LYS X 161 -24.12 49.21 -50.71
N GLY X 162 -24.66 48.83 -49.56
CA GLY X 162 -24.24 49.41 -48.30
C GLY X 162 -25.29 50.31 -47.69
N THR X 163 -26.30 50.65 -48.48
CA THR X 163 -27.41 51.48 -48.01
C THR X 163 -28.09 50.78 -46.84
N VAL X 164 -28.10 51.46 -45.71
CA VAL X 164 -28.67 50.92 -44.48
C VAL X 164 -30.16 51.24 -44.33
N LEU X 165 -30.99 50.22 -44.19
CA LEU X 165 -32.36 50.43 -43.75
C LEU X 165 -32.45 50.16 -42.26
N LEU X 166 -32.83 51.15 -41.49
CA LEU X 166 -33.17 50.94 -40.10
C LEU X 166 -34.67 51.15 -39.92
N ALA X 167 -35.39 50.09 -39.59
CA ALA X 167 -36.83 50.18 -39.46
C ALA X 167 -37.29 50.04 -38.01
N ASP X 168 -38.20 50.92 -37.61
CA ASP X 168 -38.68 50.97 -36.22
C ASP X 168 -40.02 50.27 -36.00
N ASN X 169 -40.25 49.82 -34.76
CA ASN X 169 -41.50 49.16 -34.36
C ASN X 169 -41.76 47.90 -35.15
N VAL X 170 -40.70 47.15 -35.43
CA VAL X 170 -40.83 45.92 -36.23
C VAL X 170 -41.42 44.80 -35.38
N ILE X 171 -41.48 45.00 -34.06
CA ILE X 171 -42.03 43.98 -33.16
C ILE X 171 -43.34 44.44 -32.51
N VAL X 172 -43.36 45.68 -32.03
CA VAL X 172 -44.58 46.28 -31.49
C VAL X 172 -44.92 47.58 -32.22
N PRO X 173 -46.09 47.62 -32.88
CA PRO X 173 -47.09 46.55 -32.95
C PRO X 173 -46.72 45.46 -33.96
N GLY X 174 -45.63 45.71 -34.70
CA GLY X 174 -45.08 44.72 -35.58
C GLY X 174 -45.14 45.06 -37.05
N THR X 175 -44.08 44.69 -37.77
CA THR X 175 -44.04 44.68 -39.23
C THR X 175 -43.64 43.29 -39.72
N PRO X 176 -44.52 42.31 -39.55
CA PRO X 176 -44.10 40.93 -39.85
C PRO X 176 -43.82 40.69 -41.35
N ASP X 177 -44.46 41.45 -42.23
CA ASP X 177 -44.26 41.31 -43.67
C ASP X 177 -42.91 41.87 -44.07
N PHE X 178 -42.65 43.11 -43.65
CA PHE X 178 -41.37 43.74 -43.91
C PHE X 178 -40.27 42.84 -43.41
N LEU X 179 -40.39 42.42 -42.16
CA LEU X 179 -39.38 41.60 -41.53
C LEU X 179 -39.14 40.31 -42.29
N ALA X 180 -40.22 39.62 -42.67
CA ALA X 180 -40.08 38.41 -43.48
C ALA X 180 -39.28 38.72 -44.73
N TYR X 181 -39.67 39.79 -45.41
CA TYR X 181 -39.05 40.17 -46.67
C TYR X 181 -37.56 40.44 -46.55
N VAL X 182 -37.15 41.39 -45.72
CA VAL X 182 -35.73 41.66 -45.61
C VAL X 182 -34.99 40.40 -45.13
N ARG X 183 -35.49 39.72 -44.11
CA ARG X 183 -34.79 38.55 -43.56
C ARG X 183 -34.64 37.41 -44.58
N GLY X 184 -35.68 37.16 -45.37
CA GLY X 184 -35.65 36.09 -46.35
C GLY X 184 -35.02 36.40 -47.70
N SER X 185 -34.74 37.67 -47.96
CA SER X 185 -34.26 38.08 -49.29
C SER X 185 -32.75 38.12 -49.31
N SER X 186 -32.17 37.67 -50.42
CA SER X 186 -30.73 37.68 -50.57
C SER X 186 -30.22 39.09 -50.90
N SER X 187 -31.13 40.07 -50.86
CA SER X 187 -30.77 41.45 -51.16
C SER X 187 -30.36 42.22 -49.90
N PHE X 188 -30.81 41.74 -48.75
CA PHE X 188 -30.55 42.43 -47.49
C PHE X 188 -29.84 41.54 -46.48
N GLU X 189 -28.99 42.15 -45.66
CA GLU X 189 -28.35 41.47 -44.54
C GLU X 189 -28.78 42.13 -43.24
N CYS X 190 -29.55 41.42 -42.44
CA CYS X 190 -30.26 42.04 -41.32
C CYS X 190 -29.63 41.78 -39.95
N THR X 191 -29.84 42.74 -39.06
CA THR X 191 -29.45 42.64 -37.66
C THR X 191 -30.58 43.24 -36.83
N HIS X 192 -31.06 42.49 -35.83
CA HIS X 192 -32.12 43.00 -34.97
C HIS X 192 -31.55 43.67 -33.70
N TYR X 193 -32.04 44.87 -33.41
CA TYR X 193 -31.60 45.61 -32.24
C TYR X 193 -32.77 45.74 -31.29
N SER X 194 -32.63 45.17 -30.10
CA SER X 194 -33.74 45.16 -29.16
C SER X 194 -33.87 46.44 -28.35
N SER X 195 -35.11 46.75 -28.02
CA SER X 195 -35.44 47.98 -27.33
C SER X 195 -36.34 47.63 -26.16
N TYR X 196 -35.76 47.58 -24.98
CA TYR X 196 -36.51 47.21 -23.78
C TYR X 196 -37.26 48.45 -23.25
N LEU X 197 -38.57 48.50 -23.52
CA LEU X 197 -39.38 49.66 -23.16
C LEU X 197 -40.04 49.49 -21.79
N GLU X 198 -40.33 48.24 -21.44
CA GLU X 198 -40.91 47.92 -20.16
C GLU X 198 -40.66 46.44 -19.87
N TYR X 199 -40.17 46.16 -18.65
CA TYR X 199 -39.71 44.82 -18.26
C TYR X 199 -40.71 43.73 -18.62
N MET X 200 -40.20 42.73 -19.35
CA MET X 200 -40.94 41.53 -19.70
C MET X 200 -42.11 41.68 -20.68
N LYS X 201 -42.71 42.88 -20.79
CA LYS X 201 -44.03 42.99 -21.42
C LYS X 201 -44.07 43.92 -22.65
N VAL X 202 -43.15 44.86 -22.70
CA VAL X 202 -43.08 45.75 -23.85
C VAL X 202 -41.64 45.77 -24.35
N VAL X 203 -41.32 44.75 -25.13
CA VAL X 203 -40.00 44.64 -25.74
C VAL X 203 -40.12 44.83 -27.24
N ASP X 204 -39.56 45.92 -27.72
CA ASP X 204 -39.65 46.28 -29.13
C ASP X 204 -38.28 46.15 -29.80
N GLY X 205 -38.17 46.62 -31.03
CA GLY X 205 -36.90 46.55 -31.69
C GLY X 205 -36.80 47.34 -32.98
N LEU X 206 -35.57 47.53 -33.44
CA LEU X 206 -35.35 48.06 -34.76
C LEU X 206 -34.68 46.99 -35.58
N GLU X 207 -34.92 47.01 -36.88
CA GLU X 207 -34.20 46.10 -37.75
C GLU X 207 -33.30 46.93 -38.62
N LYS X 208 -32.06 46.49 -38.74
CA LYS X 208 -31.17 47.13 -39.66
C LYS X 208 -30.93 46.20 -40.85
N ALA X 209 -31.59 46.50 -41.97
CA ALA X 209 -31.34 45.74 -43.19
C ALA X 209 -30.40 46.49 -44.12
N ILE X 210 -29.23 45.92 -44.37
CA ILE X 210 -28.26 46.52 -45.29
C ILE X 210 -28.42 45.98 -46.73
N TYR X 211 -28.70 46.86 -47.68
CA TYR X 211 -28.86 46.45 -49.08
C TYR X 211 -27.57 45.84 -49.63
N GLN X 212 -27.70 44.87 -50.53
CA GLN X 212 -26.53 44.23 -51.13
C GLN X 212 -26.40 44.60 -52.60
N GLY X 213 -27.29 45.46 -53.08
CA GLY X 213 -27.36 45.76 -54.50
C GLY X 213 -28.04 44.61 -55.21
N PRO X 214 -28.29 44.74 -56.53
CA PRO X 214 -28.80 43.62 -57.32
C PRO X 214 -27.69 42.62 -57.68
N SER X 215 -28.04 41.44 -58.23
CA SER X 215 -27.04 40.50 -58.74
C SER X 215 -27.64 39.48 -59.72
C01 6PQ Y . 4.06 53.31 8.25
C02 6PQ Y . 2.66 52.79 8.38
N03 6PQ Y . 5.88 54.77 7.99
C04 6PQ Y . 4.52 54.65 8.10
C07 6PQ Y . 2.28 51.70 9.21
C10 6PQ Y . 0.89 51.58 8.99
C11 6PQ Y . 0.00 50.57 9.65
C13 6PQ Y . 2.23 46.94 9.90
C15 6PQ Y . 1.36 48.90 10.98
C16 6PQ Y . 0.94 48.52 8.63
C17 6PQ Y . 1.66 47.35 8.71
C18 6PQ Y . 2.09 47.71 11.05
C19 6PQ Y . 8.06 53.48 7.89
C21 6PQ Y . 2.64 44.86 10.97
S05 6PQ Y . 5.45 52.34 8.20
N06 6PQ Y . 1.58 53.22 7.74
N08 6PQ Y . 0.55 52.51 8.10
C09 6PQ Y . 6.56 53.61 8.01
C12 6PQ Y . 0.79 49.29 9.76
C14 6PQ Y . 3.60 55.85 8.09
O20 6PQ Y . 2.95 45.75 9.92
K K Z . -2.09 48.92 17.29
K K AA . 13.44 57.59 31.99
K K BA . -2.82 73.61 24.31
C01 6PQ CA . -23.18 -17.66 -21.28
C02 6PQ CA . -24.61 -18.15 -21.13
N03 6PQ CA . -21.31 -16.25 -21.47
C04 6PQ CA . -22.67 -16.34 -21.30
C07 6PQ CA . -24.98 -19.41 -20.58
C10 6PQ CA . -26.40 -19.44 -20.69
C11 6PQ CA . -27.32 -20.55 -20.21
C13 6PQ CA . -25.36 -24.39 -19.95
C15 6PQ CA . -25.94 -22.28 -18.93
C16 6PQ CA . -26.66 -22.76 -21.17
C17 6PQ CA . -26.03 -24.00 -21.10
C18 6PQ CA . -25.31 -23.53 -18.85
C19 6PQ CA . -19.19 -17.56 -21.80
C21 6PQ CA . -24.63 -26.28 -18.69
S05 6PQ CA . -21.81 -18.65 -21.50
N06 6PQ CA . -25.72 -17.53 -21.53
N08 6PQ CA . -26.75 -18.29 -21.26
C09 6PQ CA . -20.67 -17.41 -21.60
C12 6PQ CA . -26.61 -21.89 -20.08
C14 6PQ CA . -23.53 -15.12 -21.13
O20 6PQ CA . -24.75 -25.66 -19.95
K K DA . -29.72 -22.01 -12.51
K K EA . -13.73 -15.47 2.32
C01 6PQ FA . 21.41 41.01 0.58
C02 6PQ FA . 21.98 39.62 0.50
N03 6PQ FA . 20.50 43.07 -0.04
C04 6PQ FA . 20.96 41.86 -0.47
C07 6PQ FA . 21.85 38.63 1.50
C10 6PQ FA . 22.58 37.54 0.98
C11 6PQ FA . 22.77 36.20 1.63
C13 6PQ FA . 21.97 36.38 5.85
C15 6PQ FA . 21.21 35.94 3.60
C16 6PQ FA . 23.47 36.65 4.01
C17 6PQ FA . 23.23 36.71 5.38
C18 6PQ FA . 20.98 36.00 4.96
C19 6PQ FA . 20.06 44.51 2.01
C21 6PQ FA . 22.75 36.95 7.98
S05 6PQ FA . 21.15 41.89 1.99
N06 6PQ FA . 22.72 39.12 -0.47
N08 6PQ FA . 23.06 37.89 -0.19
C09 6PQ FA . 20.51 43.28 1.29
C12 6PQ FA . 22.47 36.27 3.12
C14 6PQ FA . 21.02 41.48 -1.92
O20 6PQ FA . 21.69 36.42 7.22
K K GA . 16.78 30.25 2.86
K K HA . -4.22 39.11 2.48
P PO4 IA . 16.75 32.02 -24.51
O1 PO4 IA . 16.27 32.97 -25.58
O2 PO4 IA . 15.94 32.23 -23.26
O3 PO4 IA . 16.57 30.58 -24.95
O4 PO4 IA . 18.20 32.28 -24.21
C01 6PQ JA . -5.73 25.05 35.35
C02 6PQ JA . -6.48 26.33 35.18
N03 6PQ JA . -5.28 22.76 35.56
C04 6PQ JA . -6.24 23.72 35.42
C07 6PQ JA . -5.97 27.48 34.50
C10 6PQ JA . -7.00 28.43 34.60
C11 6PQ JA . -7.01 29.84 34.05
C13 6PQ JA . -3.06 31.29 33.19
C15 6PQ JA . -5.08 30.18 32.47
C16 6PQ JA . -4.87 31.00 34.71
C17 6PQ JA . -3.60 31.46 34.45
C18 6PQ JA . -3.80 30.65 32.20
C19 6PQ JA . -2.78 22.39 35.79
C21 6PQ JA . -0.94 32.07 34.00
S05 6PQ JA . -4.05 24.91 35.48
N06 6PQ JA . -7.69 26.62 35.61
N08 6PQ JA . -7.99 27.84 35.27
C09 6PQ JA . -4.02 23.23 35.62
C12 6PQ JA . -5.61 30.35 33.73
C14 6PQ JA . -7.72 23.39 35.34
O20 6PQ JA . -1.76 31.77 32.90
K K KA . -7.83 32.24 26.11
K K LA . -1.25 16.01 11.67
P PO4 MA . -31.35 18.37 29.83
O1 PO4 MA . -32.23 19.59 29.74
O2 PO4 MA . -30.51 18.27 28.58
O3 PO4 MA . -32.14 17.08 29.99
O4 PO4 MA . -30.44 18.51 31.03
C01 6PQ NA . 15.49 23.40 42.00
C02 6PQ NA . 16.80 24.13 42.12
N03 6PQ NA . 13.50 22.32 42.60
C04 6PQ NA . 14.64 22.96 43.02
C07 6PQ NA . 17.35 25.00 41.14
C10 6PQ NA . 18.56 25.44 41.69
C11 6PQ NA . 19.55 26.39 41.05
C13 6PQ NA . 18.83 26.64 36.82
C15 6PQ NA . 18.73 27.61 39.02
C16 6PQ NA . 19.63 25.42 38.74
C17 6PQ NA . 19.40 25.51 37.38
C18 6PQ NA . 18.50 27.69 37.66
C19 6PQ NA . 12.24 21.52 40.55
C21 6PQ NA . 19.62 26.24 34.61
S05 6PQ NA . 14.72 22.90 40.56
N06 6PQ NA . 17.64 24.09 43.14
N08 6PQ NA . 18.67 24.86 42.89
C09 6PQ NA . 13.38 22.18 41.27
C12 6PQ NA . 19.29 26.48 39.57
C14 6PQ NA . 14.95 23.18 44.48
O20 6PQ NA . 18.58 26.72 35.43
K K OA . 18.99 34.22 39.85
K K PA . -2.91 41.32 41.15
C01 6PQ QA . -49.14 17.52 -22.62
C02 6PQ QA . -49.02 16.94 -24.01
N03 6PQ QA . -48.72 17.90 -20.36
C04 6PQ QA . -48.35 17.23 -21.50
C07 6PQ QA . -49.13 17.65 -25.23
C10 6PQ QA . -48.95 16.61 -26.19
C11 6PQ QA . -48.99 16.80 -27.69
C13 6PQ QA . -51.37 20.26 -28.67
C15 6PQ QA . -49.26 19.29 -28.04
C16 6PQ QA . -51.18 17.88 -28.35
C17 6PQ QA . -51.95 19.00 -28.67
C18 6PQ QA . -50.03 20.40 -28.35
C19 6PQ QA . -50.35 19.53 -19.36
C21 6PQ QA . -53.49 21.34 -28.60
S05 6PQ QA . -50.31 18.62 -22.08
N06 6PQ QA . -48.82 15.64 -24.27
N08 6PQ QA . -48.79 15.47 -25.55
C09 6PQ QA . -49.77 18.71 -20.48
C12 6PQ QA . -49.83 18.02 -28.03
C14 6PQ QA . -47.18 16.27 -21.56
O20 6PQ QA . -52.15 21.41 -28.99
K K RA . -44.03 20.83 -32.73
K K SA . -31.31 36.17 -20.85
C01 6PQ TA . 8.77 11.11 24.79
C02 6PQ TA . 8.81 10.96 23.30
N03 6PQ TA . 8.95 10.78 27.09
C04 6PQ TA . 9.21 10.27 25.84
C07 6PQ TA . 8.91 12.05 22.39
C10 6PQ TA . 8.89 11.41 21.12
C11 6PQ TA . 8.98 12.08 19.77
C13 6PQ TA . 7.76 16.18 20.05
C15 6PQ TA . 9.49 14.50 20.20
C16 6PQ TA . 7.26 13.86 19.64
C17 6PQ TA . 6.84 15.19 19.72
C18 6PQ TA . 9.08 15.83 20.28
C19 6PQ TA . 7.89 12.75 28.36
C21 6PQ TA . 5.99 17.70 20.46
S05 6PQ TA . 8.06 12.43 25.54
N06 6PQ TA . 8.72 9.83 22.62
N08 6PQ TA . 8.77 10.10 21.34
C09 6PQ TA . 8.31 11.95 27.13
C12 6PQ TA . 8.57 13.52 19.87
C14 6PQ TA . 9.90 8.95 25.62
O20 6PQ TA . 7.34 17.51 20.13
K K UA . 33.32 -0.26 25.61
K K VA . 30.12 22.60 32.65
K K WA . 15.87 16.09 16.44
C01 6PQ XA . -6.63 -30.58 -29.55
C02 6PQ XA . -6.13 -31.99 -29.66
N03 6PQ XA . -7.46 -28.48 -30.13
C04 6PQ XA . -7.07 -29.70 -30.59
C07 6PQ XA . -6.34 -33.02 -28.72
C10 6PQ XA . -5.64 -34.14 -29.29
C11 6PQ XA . -5.52 -35.54 -28.72
C13 6PQ XA . -6.31 -35.33 -24.52
C15 6PQ XA . -7.10 -35.66 -26.77
C16 6PQ XA . -4.78 -35.21 -26.35
C17 6PQ XA . -5.01 -35.14 -25.00
C18 6PQ XA . -7.35 -35.58 -25.41
C19 6PQ XA . -7.75 -27.02 -28.10
C21 6PQ XA . -5.42 -35.32 -22.33
S05 6PQ XA . -6.78 -29.71 -28.11
N06 6PQ XA . -5.37 -32.46 -30.64
N08 6PQ XA . -5.10 -33.70 -30.42
C09 6PQ XA . -7.38 -28.29 -28.81
C12 6PQ XA . -5.81 -35.47 -27.24
C14 6PQ XA . -7.12 -30.08 -32.05
O20 6PQ XA . -6.57 -35.25 -23.15
K K YA . -11.66 -41.30 -27.92
K K ZA . -32.06 -31.15 -27.56
P PO4 AB . -11.35 -37.81 -55.20
O1 PO4 AB . -11.80 -36.68 -56.10
O2 PO4 AB . -12.28 -37.90 -54.00
O3 PO4 AB . -9.95 -37.55 -54.69
O4 PO4 AB . -11.40 -39.11 -55.95
C01 6PQ BB . -45.52 40.21 -55.81
C02 6PQ BB . -44.62 39.03 -55.47
N03 6PQ BB . -46.91 41.72 -56.98
C04 6PQ BB . -46.13 40.58 -57.03
C07 6PQ BB . -44.54 38.43 -54.17
C10 6PQ BB . -43.59 37.41 -54.32
C11 6PQ BB . -43.12 36.43 -53.26
C13 6PQ BB . -43.58 38.24 -49.41
C15 6PQ BB . -44.38 36.74 -51.11
C16 6PQ BB . -42.35 37.98 -51.44
C17 6PQ BB . -42.49 38.57 -50.20
C18 6PQ BB . -44.53 37.34 -49.87
C19 6PQ BB . -47.74 43.53 -55.40
C21 6PQ BB . -43.14 38.15 -47.08
S05 6PQ BB . -46.04 41.39 -54.71
N06 6PQ BB . -43.80 38.38 -56.27
N08 6PQ BB . -43.21 37.44 -55.60
C09 6PQ BB . -46.99 42.29 -55.77
C12 6PQ BB . -43.29 37.06 -51.90
C14 6PQ BB . -45.94 39.80 -58.30
O20 6PQ BB . -43.74 38.84 -48.16
K K CB . -46.89 30.10 -50.03
K K DB . -69.67 32.59 -50.74
P PO4 EB . -47.97 23.35 -77.05
O1 PO4 EB . -47.34 24.72 -77.09
O2 PO4 EB . -49.14 23.32 -76.09
O3 PO4 EB . -48.45 22.99 -78.44
O4 PO4 EB . -46.95 22.35 -76.56
C01 6PQ FB . 64.72 -55.78 32.52
C02 6PQ FB . 64.88 -56.48 31.19
N03 6PQ FB . 64.98 -55.19 34.78
C04 6PQ FB . 65.38 -56.01 33.75
C07 6PQ FB . 64.70 -55.88 29.93
C10 6PQ FB . 64.89 -56.94 29.01
C11 6PQ FB . 64.81 -56.80 27.50
C13 6PQ FB . 62.34 -53.44 26.39
C15 6PQ FB . 64.47 -54.36 27.03
C16 6PQ FB . 62.58 -55.81 26.81
C17 6PQ FB . 61.78 -54.72 26.45
C18 6PQ FB . 63.69 -53.26 26.67
C19 6PQ FB . 63.44 -53.27 35.43
C21 6PQ FB . 60.19 -52.57 25.87
S05 6PQ FB . 63.64 -54.49 32.86
N06 6PQ FB . 65.12 -57.78 30.99
N08 6PQ FB . 65.14 -58.04 29.71
C09 6PQ FB . 64.04 -54.28 34.48
C12 6PQ FB . 63.92 -55.62 27.10
C14 6PQ FB . 66.43 -57.07 33.92
O20 6PQ FB . 61.56 -52.31 26.03
K K GB . 69.65 -52.66 22.02
K K HB . 80.66 -35.55 32.49
K K IB . 91.03 -57.29 34.58
C01 6PQ JB . -3.40 -17.76 -11.23
C02 6PQ JB . -3.16 -17.83 -9.74
N03 6PQ JB . -3.03 -17.44 -13.51
C04 6PQ JB . -2.51 -17.36 -12.25
C07 6PQ JB . -3.77 -18.79 -8.89
C10 6PQ JB . -3.27 -18.46 -7.62
C11 6PQ JB . -3.58 -19.15 -6.31
C13 6PQ JB . -7.30 -21.22 -6.64
C15 6PQ JB . -4.90 -21.27 -6.68
C16 6PQ JB . -6.07 -19.21 -6.29
C17 6PQ JB . -7.28 -19.86 -6.40
C18 6PQ JB . -6.11 -21.93 -6.79
C19 6PQ JB . -5.05 -18.10 -14.86
C21 6PQ JB . -9.60 -21.22 -6.12
S05 6PQ JB . -4.81 -18.24 -12.02
N06 6PQ JB . -2.39 -17.04 -9.03
N08 6PQ JB . -2.45 -17.42 -7.78
C09 6PQ JB . -4.27 -17.92 -13.59
C12 6PQ JB . -4.88 -19.91 -6.43
C14 6PQ JB . -1.11 -16.84 -12.03
O20 6PQ JB . -8.54 -21.88 -6.76
K K KB . -0.82 -26.47 -3.67
K K LB . 4.73 -40.11 -21.00
K K MB . 22.44 -25.11 -14.52
P PO4 NB . 22.86 -13.49 -7.42
O1 PO4 NB . 22.60 -12.60 -8.61
O2 PO4 NB . 22.21 -12.92 -6.18
O3 PO4 NB . 24.35 -13.61 -7.23
O4 PO4 NB . 22.28 -14.87 -7.70
C01 6PQ OB . 45.23 -27.85 2.40
C02 6PQ OB . 44.12 -28.73 2.93
N03 6PQ OB . 46.35 -26.05 1.36
C04 6PQ OB . 45.15 -26.63 1.68
C07 6PQ OB . 44.26 -29.64 4.00
C10 6PQ OB . 42.99 -30.24 4.14
C11 6PQ OB . 42.59 -31.29 5.15
C13 6PQ OB . 46.01 -33.14 7.03
C15 6PQ OB . 44.41 -31.32 6.89
C16 6PQ OB . 44.29 -33.15 5.34
C17 6PQ OB . 45.39 -33.76 5.94
C18 6PQ OB . 45.51 -31.93 7.49
C19 6PQ OB . 48.88 -26.31 1.53
C21 6PQ OB . 47.81 -34.69 6.89
S05 6PQ OB . 46.91 -28.09 2.57
N06 6PQ OB . 42.86 -28.81 2.51
N08 6PQ OB . 42.20 -29.69 3.22
C09 6PQ OB . 47.45 -26.71 1.76
C12 6PQ OB . 43.80 -31.94 5.81
C14 6PQ OB . 43.84 -25.99 1.29
O20 6PQ OB . 47.11 -33.73 7.66
K K PB . 40.98 -29.93 13.23
K K QB . 30.65 -7.30 10.57
K K RB . 52.32 -11.30 21.21
C01 6PQ SB . 46.23 -44.64 39.04
C02 6PQ SB . 45.05 -43.85 38.53
N03 6PQ SB . 47.57 -46.32 39.98
C04 6PQ SB . 46.31 -45.92 39.65
C07 6PQ SB . 45.09 -42.98 37.42
C10 6PQ SB . 43.77 -42.49 37.32
C11 6PQ SB . 43.24 -41.50 36.30
C13 6PQ SB . 46.46 -39.33 34.43
C15 6PQ SB . 44.89 -41.17 34.44
C16 6PQ SB . 44.90 -39.59 36.24
C17 6PQ SB . 45.93 -38.88 35.65
C18 6PQ SB . 45.93 -40.46 33.85
C19 6PQ SB . 50.03 -45.65 39.96
C21 6PQ SB . 47.90 -37.42 34.37
S05 6PQ SB . 47.83 -44.09 39.00
N06 6PQ SB . 43.82 -43.84 39.02
N08 6PQ SB . 43.07 -43.05 38.31
C09 6PQ SB . 48.55 -45.45 39.69
C12 6PQ SB . 44.38 -40.74 35.65
C14 6PQ SB . 45.11 -46.81 39.92
O20 6PQ SB . 47.50 -38.64 33.78
K K TB . 41.64 -42.88 28.23
K K UB . 53.55 -60.57 20.22
K K VB . 32.90 -66.81 31.03
P PO4 WB . 24.43 -61.36 39.93
O1 PO4 WB . 23.73 -61.30 38.60
O2 PO4 WB . 23.52 -60.87 41.02
O3 PO4 WB . 25.67 -60.49 39.89
O4 PO4 WB . 24.85 -62.80 40.23
C01 6PQ XB . -13.37 -49.68 11.11
C02 6PQ XB . -12.06 -49.03 11.20
N03 6PQ XB . -15.42 -50.67 11.69
C04 6PQ XB . -14.24 -50.12 12.14
C07 6PQ XB . -11.60 -48.08 10.25
C10 6PQ XB . -10.32 -47.70 10.72
C11 6PQ XB . -9.40 -46.70 10.10
C13 6PQ XB . -9.65 -46.52 5.81
C15 6PQ XB . -10.11 -45.53 7.98
C16 6PQ XB . -9.00 -47.64 7.81
C17 6PQ XB . -9.07 -47.60 6.44
C18 6PQ XB . -10.18 -45.49 6.59
C19 6PQ XB . -16.73 -51.22 9.59
C21 6PQ XB . -10.96 -46.79 3.85
S05 6PQ XB . -14.18 -49.99 9.65
N06 6PQ XB . -11.13 -49.17 12.12
N08 6PQ XB . -10.12 -48.40 11.84
C09 6PQ XB . -15.55 -50.69 10.35
C12 6PQ XB . -9.52 -46.62 8.59
C14 6PQ XB . -13.91 -50.02 13.61
O20 6PQ XB . -9.71 -46.47 4.40
K K YB . -9.37 -38.46 9.59
K K ZB . -31.01 -30.97 10.66
K K AC . -20.14 -34.80 32.09
P PO4 BC . -10.10 -41.55 36.58
O1 PO4 BC . -10.98 -41.06 35.46
O2 PO4 BC . -10.96 -42.25 37.60
O3 PO4 BC . -9.35 -40.36 37.16
O4 PO4 BC . -9.13 -42.58 36.06
C01 6PQ CC . 66.07 -35.57 -2.37
C02 6PQ CC . 67.05 -36.65 -1.98
N03 6PQ CC . 64.54 -34.26 -3.59
C04 6PQ CC . 65.34 -35.37 -3.58
C07 6PQ CC . 67.25 -37.17 -0.68
C10 6PQ CC . 68.28 -38.14 -0.84
C11 6PQ CC . 68.90 -39.00 0.24
C13 6PQ CC . 68.12 -37.27 4.10
C15 6PQ CC . 67.52 -38.76 2.34
C16 6PQ CC . 69.51 -37.44 2.13
C17 6PQ CC . 69.24 -36.88 3.39
C18 6PQ CC . 67.25 -38.21 3.58
C19 6PQ CC . 63.78 -32.27 -2.20
C21 6PQ CC . 68.49 -35.49 5.65
S05 6PQ CC . 65.62 -34.27 -1.38
N06 6PQ CC . 67.91 -37.25 -2.78
N08 6PQ CC . 68.62 -38.12 -2.11
C09 6PQ CC . 64.56 -33.54 -2.47
C12 6PQ CC . 68.63 -38.38 1.60
C14 6PQ CC . 65.42 -36.29 -4.77
O20 6PQ CC . 67.83 -36.72 5.37
K K DC . 65.40 -45.67 4.21
K K EC . 42.84 -44.82 3.72
K K FC . 53.69 -54.89 -15.88
C01 6PQ GC . -45.98 35.69 -10.62
C02 6PQ GC . -44.90 36.67 -10.96
N03 6PQ GC . -47.59 34.42 -9.48
C04 6PQ GC . -46.65 35.42 -9.40
C07 6PQ GC . -44.73 37.32 -12.22
C10 6PQ GC . -43.56 38.10 -12.02
C11 6PQ GC . -42.87 39.03 -13.00
C13 6PQ GC . -43.53 37.96 -17.09
C15 6PQ GC . -44.31 39.05 -15.07
C16 6PQ GC . -42.17 37.94 -15.14
C17 6PQ GC . -42.35 37.59 -16.46
C18 6PQ GC . -44.50 38.68 -16.40
C19 6PQ GC . -48.69 32.72 -11.03
C21 6PQ GC . -44.14 36.29 -18.58
S05 6PQ GC . -46.66 34.59 -11.71
N06 6PQ GC . -43.91 37.04 -10.15
N08 6PQ GC . -43.14 37.88 -10.78
C09 6PQ GC . -47.74 33.83 -10.68
C12 6PQ GC . -43.14 38.66 -14.43
C14 6PQ GC . -46.37 36.17 -8.11
O20 6PQ GC . -43.71 37.61 -18.43
K K HC . -45.67 46.76 -16.29
K K IC . -68.61 46.83 -15.13
C01 6PQ JC . -34.41 -46.55 4.41
C02 6PQ JC . -35.17 -45.24 4.31
N03 6PQ JC . -33.96 -48.84 4.46
C04 6PQ JC . -34.92 -47.86 4.35
C07 6PQ JC . -34.67 -44.08 3.69
C10 6PQ JC . -35.71 -43.13 3.82
C11 6PQ JC . -35.67 -41.72 3.31
C13 6PQ JC . -31.59 -40.54 2.53
C15 6PQ JC . -33.69 -41.44 1.74
C16 6PQ JC . -33.43 -40.80 4.05
C17 6PQ JC . -32.12 -40.41 3.80
C18 6PQ JC . -32.38 -41.06 1.51
C19 6PQ JC . -31.49 -49.29 4.72
C21 6PQ JC . -29.51 -39.74 3.38
S05 6PQ JC . -32.74 -46.73 4.57
N06 6PQ JC . -36.39 -44.96 4.75
N08 6PQ JC . -36.70 -43.73 4.46
C09 6PQ JC . -32.71 -48.42 4.59
C12 6PQ JC . -34.23 -41.31 3.02
C14 6PQ JC . -36.39 -48.19 4.20
O20 6PQ JC . -30.26 -40.16 2.27
K K KC . -36.32 -38.99 -4.36
K K LC . -30.74 -55.14 -19.89
P PO4 MC . -60.43 -52.08 -1.65
O1 PO4 MC . -60.87 -50.67 -2.00
O2 PO4 MC . -60.35 -52.26 -0.15
O3 PO4 MC . -61.43 -53.06 -2.21
O4 PO4 MC . -59.07 -52.31 -2.23
C01 6PQ NC . -20.55 -60.73 -6.66
C02 6PQ NC . -20.49 -60.78 -8.16
N03 6PQ NC . -20.36 -61.27 -4.38
C04 6PQ NC . -20.15 -61.67 -5.68
C07 6PQ NC . -20.36 -59.62 -8.97
C10 6PQ NC . -20.37 -60.12 -10.28
C11 6PQ NC . -20.26 -59.33 -11.56
C13 6PQ NC . -21.32 -55.23 -10.95
C15 6PQ NC . -19.69 -56.98 -10.87
C16 6PQ NC . -21.92 -57.46 -11.61
C17 6PQ NC . -22.26 -56.14 -11.42
C18 6PQ NC . -20.03 -55.65 -10.67
C19 6PQ NC . -21.25 -59.36 -2.94
C21 6PQ NC . -22.94 -53.53 -11.28
S05 6PQ NC . -21.18 -59.42 -5.78
N06 6PQ NC . -20.56 -61.84 -8.96
N08 6PQ NC . -20.49 -61.44 -10.20
C09 6PQ NC . -20.91 -60.06 -4.24
C12 6PQ NC . -20.63 -57.87 -11.33
C14 6PQ NC . -19.55 -63.01 -6.03
O20 6PQ NC . -21.67 -53.87 -10.77
K K OC . -13.41 -56.13 -14.56
K K PC . 3.38 -72.84 -6.23
K K QC . 1.45 -50.72 1.74
C01 6PQ RC . -65.61 49.33 -50.65
C02 6PQ RC . -66.78 48.52 -50.18
N03 6PQ RC . -64.31 51.03 -51.58
C04 6PQ RC . -65.57 50.60 -51.27
C07 6PQ RC . -66.72 47.53 -49.16
C10 6PQ RC . -68.05 47.05 -49.09
C11 6PQ RC . -68.58 45.97 -48.18
C13 6PQ RC . -65.46 43.61 -46.42
C15 6PQ RC . -66.77 45.61 -46.46
C16 6PQ RC . -67.17 43.91 -48.09
C17 6PQ RC . -66.16 43.14 -47.52
C18 6PQ RC . -65.76 44.85 -45.89
C19 6PQ RC . -61.83 50.41 -51.47
C21 6PQ RC . -63.66 42.15 -46.81
S05 6PQ RC . -64.01 48.82 -50.53
N06 6PQ RC . -68.03 48.59 -50.63
N08 6PQ RC . -68.76 47.73 -49.99
C09 6PQ RC . -63.31 50.18 -51.24
C12 6PQ RC . -67.48 45.14 -47.56
C14 6PQ RC . -66.80 51.41 -51.58
O20 6PQ RC . -64.45 42.82 -45.86
K K SC . -70.12 46.73 -40.17
K K TC . -77.92 71.14 -40.85
K K UC . -57.46 63.22 -30.36
P PO4 VC . -86.15 66.85 -50.60
O1 PO4 VC . -86.01 68.36 -50.49
O2 PO4 VC . -85.13 66.37 -51.61
O3 PO4 VC . -87.53 66.46 -51.07
O4 PO4 VC . -85.90 66.22 -49.25
C01 6PQ WC . -66.80 29.60 -15.56
C02 6PQ WC . -67.89 30.51 -16.02
N03 6PQ WC . -65.66 27.74 -14.70
C04 6PQ WC . -66.88 28.29 -15.02
C07 6PQ WC . -67.71 31.61 -16.91
C10 6PQ WC . -69.01 32.15 -17.01
C11 6PQ WC . -69.41 33.34 -17.84
C13 6PQ WC . -65.93 35.26 -19.47
C15 6PQ WC . -67.67 33.59 -19.64
C16 6PQ WC . -67.54 35.04 -17.73
C17 6PQ WC . -66.43 35.67 -18.25
C18 6PQ WC . -66.55 34.22 -20.17
C19 6PQ WC . -63.17 28.17 -14.65
C21 6PQ WC . -64.15 36.86 -19.27
S05 6PQ WC . -65.15 29.97 -15.57
N06 6PQ WC . -69.17 30.47 -15.68
N08 6PQ WC . -69.82 31.43 -16.27
C09 6PQ WC . -64.60 28.53 -14.92
C12 6PQ WC . -68.16 34.00 -18.42
C14 6PQ WC . -68.18 27.53 -14.81
O20 6PQ WC . -64.79 35.87 -20.04
K K XC . -70.99 32.76 -26.37
K K YC . -60.21 15.17 -35.64
P PO4 ZC . -89.85 15.24 -16.54
O1 PO4 ZC . -91.05 15.22 -17.45
O2 PO4 ZC . -89.90 16.47 -15.66
O3 PO4 ZC . -88.60 15.29 -17.38
O4 PO4 ZC . -89.82 14.00 -15.68
C01 6PQ AD . 63.29 -16.24 8.16
C02 6PQ AD . 63.43 -15.55 9.48
N03 6PQ AD . 63.54 -16.80 5.90
C04 6PQ AD . 63.93 -15.98 6.91
C07 6PQ AD . 63.15 -16.15 10.73
C10 6PQ AD . 63.41 -15.09 11.64
C11 6PQ AD . 63.30 -15.13 13.15
C13 6PQ AD . 61.02 -18.42 14.65
C15 6PQ AD . 63.13 -17.53 13.90
C16 6PQ AD . 61.16 -16.13 13.94
C17 6PQ AD . 60.41 -17.19 14.42
C18 6PQ AD . 62.37 -18.58 14.39
C19 6PQ AD . 62.01 -18.74 5.31
C21 6PQ AD . 59.17 -19.92 14.36
S05 6PQ AD . 62.24 -17.53 7.88
N06 6PQ AD . 63.80 -14.29 9.66
N08 6PQ AD . 63.79 -14.03 10.93
C09 6PQ AD . 62.62 -17.72 6.25
C12 6PQ AD . 62.51 -16.30 13.66
C14 6PQ AD . 64.96 -14.89 6.71
O20 6PQ AD . 60.25 -19.48 15.15
K K BD . 68.98 -18.70 18.30
K K CD . 80.27 -35.46 7.39
C01 6PQ DD . 66.63 -36.29 42.83
C02 6PQ DD . 67.57 -35.21 42.40
N03 6PQ DD . 65.22 -37.65 44.13
C04 6PQ DD . 66.02 -36.53 44.09
C07 6PQ DD . 67.73 -34.73 41.08
C10 6PQ DD . 68.76 -33.76 41.20
C11 6PQ DD . 69.33 -32.92 40.08
C13 6PQ DD . 68.43 -34.50 36.21
C15 6PQ DD . 67.87 -33.07 38.03
C16 6PQ DD . 69.85 -34.40 38.14
C17 6PQ DD . 69.57 -34.90 36.89
C18 6PQ DD . 67.58 -33.57 36.78
C19 6PQ DD . 64.33 -39.61 42.79
C21 6PQ DD . 68.82 -36.23 34.65
S05 6PQ DD . 66.09 -37.58 41.85
N06 6PQ DD . 68.44 -34.57 43.19
N08 6PQ DD . 69.11 -33.70 42.49
C09 6PQ DD . 65.14 -38.35 43.00
C12 6PQ DD . 69.00 -33.49 38.71
C14 6PQ DD . 66.22 -35.62 45.28
O20 6PQ DD . 68.15 -35.01 34.93
K K ED . 65.77 -26.25 36.38
K K FD . 42.75 -28.00 37.92
P PO4 GD . 65.71 -18.05 62.69
O1 PO4 GD . 65.84 -16.58 62.37
O2 PO4 GD . 65.18 -18.24 64.09
O3 PO4 GD . 64.76 -18.71 61.72
O4 PO4 GD . 67.08 -18.70 62.58
C01 6PQ HD . 23.95 54.59 18.03
C02 6PQ HD . 24.12 54.63 19.52
N03 6PQ HD . 24.46 54.85 15.76
C04 6PQ HD . 24.90 55.01 17.05
C07 6PQ HD . 23.65 53.66 20.46
C10 6PQ HD . 24.05 54.17 21.71
C11 6PQ HD . 23.83 53.56 23.07
C13 6PQ HD . 20.21 51.29 22.96
C15 6PQ HD . 22.61 51.38 22.80
C16 6PQ HD . 21.35 53.37 23.21
C17 6PQ HD . 20.18 52.66 23.18
C18 6PQ HD . 21.43 50.66 22.77
C19 6PQ HD . 22.57 54.10 14.29
C21 6PQ HD . 17.96 51.07 23.70
S05 6PQ HD . 22.59 54.06 17.16
N06 6PQ HD . 24.73 55.57 20.22
N08 6PQ HD . 24.68 55.31 21.49
C09 6PQ HD . 23.23 54.35 15.62
C12 6PQ HD . 22.56 52.75 23.02
C14 6PQ HD . 26.26 55.57 17.36
O20 6PQ HD . 19.02 50.56 22.92
K K ID . 26.66 46.39 26.34
K K JD . 33.34 32.25 9.63
P PO4 KD . 50.11 60.86 22.03
O1 PO4 KD . 49.52 61.10 20.66
O2 PO4 KD . 49.02 60.79 23.07
O3 PO4 KD . 51.07 61.97 22.37
O4 PO4 KD . 50.87 59.54 22.01
C01 6PQ LD . -46.68 58.81 -43.74
C02 6PQ LD . -46.41 59.35 -42.35
N03 6PQ LD . -46.58 58.46 -46.06
C04 6PQ LD . -46.08 59.13 -44.98
C07 6PQ LD . -46.65 58.64 -41.13
C10 6PQ LD . -46.27 59.59 -40.13
C11 6PQ LD . -46.28 59.37 -38.63
C13 6PQ LD . -49.20 56.46 -37.54
C15 6PQ LD . -46.93 57.02 -38.03
C16 6PQ LD . -48.62 58.71 -38.10
C17 6PQ LD . -49.58 57.77 -37.74
C18 6PQ LD . -47.89 56.08 -37.68
C19 6PQ LD . -48.32 56.72 -46.77
C21 6PQ LD . -51.45 55.69 -37.75
S05 6PQ LD . -47.86 57.65 -44.13
N06 6PQ LD . -45.97 60.55 -42.05
N08 6PQ LD . -45.87 60.69 -40.76
C09 6PQ LD . -47.57 57.60 -45.78
C12 6PQ LD . -47.30 58.34 -38.25
C14 6PQ LD . -44.95 60.12 -45.14
O20 6PQ LD . -50.17 55.51 -37.17
K K MD . -41.54 54.81 -33.46
K K ND . -31.56 38.15 -45.74
#